data_8FZ6
#
_entry.id   8FZ6
#
_cell.length_a   1.00
_cell.length_b   1.00
_cell.length_c   1.00
_cell.angle_alpha   90.00
_cell.angle_beta   90.00
_cell.angle_gamma   90.00
#
_symmetry.space_group_name_H-M   'P 1'
#
loop_
_entity.id
_entity.type
_entity.pdbx_description
1 polymer 'Proteasome subunit alpha type-6'
2 polymer 'Proteasome subunit alpha type-2'
3 polymer 'Proteasome subunit alpha type-4'
4 polymer 'Proteasome subunit alpha type-7'
5 polymer 'Proteasome subunit alpha type-5'
6 polymer 'Proteasome subunit alpha type-1'
7 polymer 'Proteasome subunit alpha type-3'
8 polymer 'Proteasome subunit beta type-6'
9 polymer 'Proteasome subunit beta type-7'
10 polymer 'Proteasome subunit beta type-3'
11 polymer 'Proteasome subunit beta type-2'
12 polymer 'Proteasome subunit beta type-5'
13 polymer 'Proteasome subunit beta type-1'
14 polymer 'Proteasome subunit beta type-4'
15 polymer 'Proteasome inhibitor PI31 subunit'
#
loop_
_entity_poly.entity_id
_entity_poly.type
_entity_poly.pdbx_seq_one_letter_code
_entity_poly.pdbx_strand_id
1 'polypeptide(L)'
;MSRGSSAGFDRHITIFSPEGRLYQVEYAFKAINQGGLTSVAVRGKDCAVIVTQKKVPDKLLDSSTVTHLFKITENIGCVM
TGMTADSRSQVQRARYEAANWKYKYGYEIPVDMLCKRIADISQVYTQNAEMRPLGCCMILIGIDEEQGPQVYKCDPAGYY
CGFKATAAGVKQTESTSFLEKKVKKKFDWTFEQTVETAITCLSTVLSIDFKPSEIEVGVVTVENPKFRILTEAEIDAHLV
ALAERD
;
A,O
2 'polypeptide(L)'
;MAERGYSFSLTTFSPSGKLVQIEYALAAVAGGAPSVGIKAANGVVLATEKKQKSILYDERSVHKVEPITKHIGLVYSGMG
PDYRVLVHRARKLAQQYYLVYQEPIPTAQLVQRVASVMQEYTQSGGVRPFGVSLLICGWNEGRPYLFQSDPSGAYFAWKA
TAMGKNYVNGKTFLEKRYNEDLELEDAIHTAILTLKESFEGQMTEDNIEVGICNEAGFRRLTPTEVKDYLAAIA
;
B,P
3 'polypeptide(L)'
;MSRRYDSRTTIFSPEGRLYQVEYAMEAIGHAGTCLGILANDGVLLAAERRNIHKLLDEVFFSEKIYKLNEDMACSVAGIT
SDANVLTNELRLIAQRYLLQYQEPIPCEQLVTALCDIKQAYTQFGGKRPFGVSLLYIGWDKHYGFQLYQSDPSGNYGGWK
ATCIGNNSAAAVSMLKQDYKEGEMTLKSALALAIKVLNKTMDVSKLSAEKVEIATLTRENGKTVIRVLKQKEVEQLIKKH
EEEEAKAEREKKEKEQKEKDK
;
C,Q
4 'polypeptide(L)'
;MSYDRAITVFSPDGHLFQVEYAQEAVKKGSTAVGVRGKDIVVLGVEKKSVAKLQDERTVRKICALDDNVCMAFAGLTADA
RIVINRARVECQSHRLTVEDPVTVEYITRYIASLKQRYTQSNGRRPFGISALIVGFDFDGTPRLYQTDPSGTYHAWKANA
IGRGAKSVREFLEKNYTDEAIETDDLTIKLVIKALLEVVQSGGKNIELAVMRRDQPLKILNPEEIEKYVAEIEKEKEENE
KKKQKKAS
;
D,R
5 'polypeptide(L)'
;MFLTRSEYDRGVNTFSPEGRLFQVEYAIEAIKLGSTAIGIQTSEGVCLAVEKRITSPLMEPSSIEKIVEIDAHIGCAMSG
LIADAKTLIDKARVETQNHWFTYNETMTVESVTQAVSNLALQFGEEDADPGAMSRPFGVALLFGGVDEKGPQLFHMDPSG
TFVQCDARAIGSASEGAQSSLQEVYHKSMTLKEAIKSSLIILKQVMEEKLNATNIELATVQPGQNFHMFTKEELEEVIKD
I
;
E,S
6 'polypeptide(L)'
;MFRNQYDNDVTVWSPQGRIHQIEYAMEAVKQGSATVGLKSKTHAVLVALKRAQSELAAHQKKILHVDNHIGISIAGLTAD
ARLLCNFMRQECLDSRFVFDRPLPVSRLVSLIGSKTQIPTQRYGRRPYGVGLLIAGYDDMGPHIFQTCPSANYFDCRAMS
IGARSQSARTYLERHMSEFMECNLNELVKHGLRALRETLPAEQDLTTKNVSIGIVGKDLEFTIYDDDDVSPFLEGLEERP
QRKAQPTQPADEPAEKADEPMEH
;
F,T
7 'polypeptide(L)'
;MSSIGTGYDLSASTFSPDGRVFQVEYAMKAVENSSTAIGIRCKDGVVFGVEKLVLSKLYEEGSNKRLFNVDRHVGMAVAG
LLADARSLADIAREEASNFRSNFGYNIPLKHLADRVAMYVHAYTLYSAVRPFGCSFMLGSYSVNDGAQLYMIDPSGVSYG
YWGCAIGKARQAAKTEIEKLQMKEMTCRDVVKEVAKIIYIVHDEVKDKAFELELSWVGEITNGRHEIVPKDVREEAEKYA
KESLKEEDESDDDNM
;
G,U
8 'polypeptide(L)'
;MAATLVAARGTRPAPAWGPEAIAPDWENREVSTGTTIMAVQFDGGVVLGADSRTTTGSYIANRVTDKLTPIHDRIFCCRS
GSAADTQAVADAVTYQLGFHSIELNEPPLVHTAASLFKEMCYRYREDLMAGIIIAGWDPQEGGQVYSVPMGGMMVRQPFA
IGGSGSSYIYGYVDATYREGMTKEECLQFTANALALAMERDGSSGGVIRLAAIAEPGVERQVLLGDQIPKFTIATLPPL
;
H,V
9 'polypeptide(L)'
;MAAVSVYERPVGGFSFDNCRRNAVLEADFAKKGYKLPTARKTGTTIAGVVYKDGIVLGADTRATEGMVVADKNCSKIHFI
SPNIYCCGAGTAADTDMTTQLISSNLELHSLSTGRLPRVVTANRMLKQMLFRYQGYIGAALVLGGVDVTGPHLYSIYPHG
STDKLPYVTMGSGSLAAMAVFEDKFRPDMEEEEAKKLVSEAIAAGIFNDLGSGSNIDLCVISKSKLDFLRPYSVPNKKGT
RFGRYRCEKGTNAVLTEKVTTLEIEVLEETVQTMDTS
;
I,W
10 'polypeptide(L)'
;MSIMSYNGGAVMAMKGKNCVAIAADRRFGIQAQMVTTDFQKIFPMGDRLYIGLAGLATDVQTVAQRLKFRLNLYELKEGR
QIKPYTLMSMVANLLYEKRFGPYYTEPVIAGLDPKTFKPFICSLDLIGCPMVTDDFVVSGTCTEQMYGMCESLWEPNMDP
EHLFETISQAMLNAVDRDAVSGMGVIVHIIEKDKITTRTLKARMD
;
J,X
11 'polypeptide(L)'
;MEYLIGIQGPDYVLVASDRVAASNIVQMKDDHDKMFKMSEKILLLCVGEAGDTVQFAEYIQKNVQLYKMRNGYELSPTAA
ANFTRRNLADYLRSRTPYHVNLLLAGYDEHEGPALYYMDYLAALAKAPFAAHGYGAFLTLSILDRYYTPTISREKAVELL
RKCLEELQKRFILNLPTFSVRIIDRNGIHDLDNISFPKQGS
;
K,Y
12 'polypeptide(L)'
;MALASVLERPLSVNRRGFFGLGGRADLLDLGPGSPSDGLSLAAPSWGVPEEPRIEILHGTTTLAFKFRHGVIVAADSRAT
AGAYIASQTVKKVIEINPYLLGTMAGGAADCSFWERLLARQCRIYELRNKERISVAAASKLLANMVYQYKGMGLSMGTMI
CGWDKRGPGLYYVDSEGNRISGATFSVGSGSVYAYGVMDRGYSYDLEVEEAYDLARRAIYQATYRDAYSGGSVSLYHVRE
DGWIRVSSDNVADLHDKYSGSTH
;
L,Z
13 'polypeptide(L)'
;MLSSVAAYSGAGRDLAMEPHSSVGPLQLRFSPYAFNGGTVLAIAGEDFSIVASDTRLSEGFSIHTRDSPKCYKLTDKTVI
GCSGFHGDCLTLTKIIEARLKMYKHSNNKAMTTGAIAAMLSTILYSRRFFPYYVYNIIGGLDEEGKGAVYSFDPVGSYQR
DSFKAGGSASAMLQPLLDNQVGFKNMQNVEHVPLSLDRAMRLVKDVFISAAERDVYTGDALKVCIVTKEGIRGETVPLRK
D
;
M,a
14 'polypeptide(L)'
;MEALLESRSGLWAGGPAPGQFYRIPPTPGSSVDPVSALYGSPITRTQNPMVTGTSVLGLKFEGGVVIAADMLGSYGSLAR
FRNISRIMRVNNSTMLGASGDYADFQYLKQVLGQMVIDEELLGDGHSYSPKAIHSWLTRAMYSRRSKMNPLWNTMVIGGY
ADGESFLGYVDMLGVAYEAPSLATGYGAYLAQPLLREVLEKQPVLSQTEARELVERCMRVLYYRDARSYNRFQIATVTEK
GVEIEGPLSAETNWDIAHMISGFE
;
N,b
15 'polypeptide(L)'
;MAGLEVLFASAAPAITCRQDALVCFLHWEVVTHGYFGLGVGDQPGPNDKKSELLPAGWNNNKDLYVLRYEYKDGSRKLLV
KAITVESSMILNVLEYGSQQVADLTLNLDDYIDAEHLGDFHRTYKNSEELRSRIVSGIITPIHEQWEKANVSSPHREFPP
ATAREVDPLRIPPHHPHTSRQPPWCDPLGPFVVGGEDLDPFGPRRGGMIVDPLRSGFPRALIDPSSGLPNRLPPGAVPPG
ARFDPFGPIGTSPPGPNPDHLPPPGYDDMYL
;
c,d
#
# COMPACT_ATOMS: atom_id res chain seq x y z
N MET A 1 38.11 -15.11 70.29
CA MET A 1 38.90 -13.89 70.16
C MET A 1 40.36 -14.15 70.50
N SER A 2 40.62 -15.30 71.10
CA SER A 2 41.99 -15.67 71.43
C SER A 2 42.77 -16.00 70.16
N ARG A 3 44.10 -15.87 70.25
CA ARG A 3 44.94 -16.12 69.09
C ARG A 3 44.91 -17.59 68.70
N GLY A 4 44.74 -17.87 67.42
CA GLY A 4 44.67 -19.22 66.94
C GLY A 4 43.38 -19.95 67.20
N SER A 5 42.35 -19.25 67.65
CA SER A 5 41.06 -19.89 67.90
C SER A 5 40.35 -20.21 66.59
N SER A 6 39.62 -21.33 66.60
CA SER A 6 38.90 -21.79 65.43
C SER A 6 37.48 -22.19 65.82
N ALA A 7 36.55 -22.04 64.88
CA ALA A 7 35.17 -22.40 65.11
C ALA A 7 34.52 -22.80 63.80
N GLY A 8 33.80 -23.91 63.81
CA GLY A 8 33.07 -24.34 62.63
C GLY A 8 33.99 -24.69 61.48
N PHE A 9 33.79 -24.02 60.34
CA PHE A 9 34.53 -24.31 59.11
C PHE A 9 35.43 -23.14 58.72
N ASP A 10 35.89 -22.35 59.70
CA ASP A 10 36.69 -21.18 59.38
C ASP A 10 38.06 -21.54 58.82
N ARG A 11 38.53 -22.77 59.03
CA ARG A 11 39.77 -23.23 58.43
C ARG A 11 39.58 -23.78 57.01
N HIS A 12 38.35 -24.03 56.59
CA HIS A 12 38.09 -24.67 55.31
C HIS A 12 37.46 -23.76 54.27
N ILE A 13 36.69 -22.75 54.69
CA ILE A 13 36.08 -21.80 53.79
C ILE A 13 36.37 -20.40 54.30
N THR A 14 36.15 -19.41 53.43
CA THR A 14 36.48 -18.02 53.75
C THR A 14 35.35 -17.40 54.59
N ILE A 15 35.33 -17.81 55.86
CA ILE A 15 34.45 -17.21 56.85
C ILE A 15 35.32 -16.78 58.02
N PHE A 16 34.78 -15.86 58.82
CA PHE A 16 35.57 -15.27 59.89
C PHE A 16 35.81 -16.26 61.02
N SER A 17 37.01 -16.23 61.56
CA SER A 17 37.35 -16.94 62.79
C SER A 17 36.93 -16.09 63.98
N PRO A 18 36.91 -16.67 65.19
CA PRO A 18 36.56 -15.86 66.36
C PRO A 18 37.44 -14.63 66.54
N GLU A 19 38.70 -14.70 66.10
CA GLU A 19 39.57 -13.53 66.15
C GLU A 19 39.29 -12.54 65.02
N GLY A 20 38.52 -12.94 64.01
CA GLY A 20 38.21 -12.06 62.90
C GLY A 20 39.06 -12.24 61.68
N ARG A 21 39.80 -13.34 61.57
CA ARG A 21 40.70 -13.58 60.45
C ARG A 21 40.06 -14.50 59.41
N LEU A 22 40.72 -14.60 58.26
CA LEU A 22 40.37 -15.53 57.20
C LEU A 22 41.58 -16.41 56.94
N TYR A 23 41.52 -17.66 57.41
CA TYR A 23 42.69 -18.54 57.33
C TYR A 23 42.99 -18.98 55.91
N GLN A 24 41.97 -19.09 55.05
CA GLN A 24 42.19 -19.54 53.68
C GLN A 24 43.03 -18.54 52.90
N VAL A 25 42.86 -17.24 53.19
CA VAL A 25 43.68 -16.23 52.52
C VAL A 25 45.14 -16.36 52.93
N GLU A 26 45.39 -16.60 54.23
CA GLU A 26 46.76 -16.81 54.67
C GLU A 26 47.35 -18.07 54.06
N TYR A 27 46.54 -19.10 53.90
CA TYR A 27 47.00 -20.33 53.26
C TYR A 27 47.35 -20.07 51.79
N ALA A 28 46.59 -19.21 51.12
CA ALA A 28 46.95 -18.82 49.76
C ALA A 28 48.25 -18.02 49.74
N PHE A 29 48.47 -17.19 50.76
CA PHE A 29 49.74 -16.49 50.87
C PHE A 29 50.90 -17.47 51.00
N LYS A 30 50.70 -18.55 51.76
CA LYS A 30 51.72 -19.60 51.83
C LYS A 30 51.86 -20.34 50.51
N ALA A 31 50.76 -20.52 49.78
CA ALA A 31 50.82 -21.11 48.45
C ALA A 31 51.68 -20.27 47.52
N ILE A 32 51.71 -18.96 47.73
CA ILE A 32 52.62 -18.12 46.95
C ILE A 32 54.06 -18.58 47.14
N ASN A 33 54.48 -18.77 48.39
CA ASN A 33 55.84 -19.21 48.66
C ASN A 33 56.06 -20.68 48.28
N GLN A 34 54.98 -21.43 48.10
CA GLN A 34 55.11 -22.83 47.66
C GLN A 34 55.85 -22.94 46.33
N GLY A 35 55.83 -21.88 45.51
CA GLY A 35 56.53 -21.92 44.24
C GLY A 35 58.03 -22.03 44.37
N GLY A 36 58.61 -21.40 45.39
CA GLY A 36 60.03 -21.46 45.63
C GLY A 36 60.87 -20.38 44.99
N LEU A 37 60.26 -19.49 44.21
CA LEU A 37 60.99 -18.44 43.51
C LEU A 37 60.83 -17.11 44.24
N THR A 38 61.63 -16.13 43.81
CA THR A 38 61.62 -14.79 44.39
C THR A 38 61.77 -13.76 43.28
N SER A 39 61.01 -12.67 43.38
CA SER A 39 61.05 -11.60 42.41
C SER A 39 61.19 -10.26 43.12
N VAL A 40 61.89 -9.33 42.47
CA VAL A 40 62.16 -8.01 43.03
C VAL A 40 61.82 -6.95 41.99
N ALA A 41 61.10 -5.92 42.41
CA ALA A 41 60.75 -4.79 41.55
C ALA A 41 61.26 -3.51 42.18
N VAL A 42 61.91 -2.67 41.39
CA VAL A 42 62.48 -1.41 41.87
C VAL A 42 62.06 -0.30 40.92
N ARG A 43 61.75 0.87 41.48
CA ARG A 43 61.34 2.05 40.72
C ARG A 43 62.48 3.06 40.70
N GLY A 44 62.81 3.56 39.52
CA GLY A 44 63.75 4.64 39.36
C GLY A 44 63.07 5.98 39.15
N LYS A 45 63.88 6.99 38.86
CA LYS A 45 63.33 8.31 38.56
C LYS A 45 62.74 8.38 37.17
N ASP A 46 63.26 7.57 36.24
CA ASP A 46 62.75 7.52 34.87
C ASP A 46 62.53 6.11 34.37
N CYS A 47 62.61 5.11 35.24
CA CYS A 47 62.52 3.73 34.81
C CYS A 47 61.93 2.87 35.92
N ALA A 48 61.56 1.64 35.56
CA ALA A 48 61.07 0.65 36.51
C ALA A 48 61.53 -0.72 36.04
N VAL A 49 62.03 -1.53 36.97
CA VAL A 49 62.69 -2.78 36.65
C VAL A 49 62.10 -3.91 37.49
N ILE A 50 61.85 -5.05 36.87
CA ILE A 50 61.46 -6.27 37.56
C ILE A 50 62.50 -7.34 37.26
N VAL A 51 63.00 -7.99 38.31
CA VAL A 51 63.96 -9.08 38.17
C VAL A 51 63.44 -10.27 38.96
N THR A 52 63.38 -11.43 38.30
CA THR A 52 62.99 -12.67 38.93
C THR A 52 63.98 -13.77 38.55
N GLN A 53 64.16 -14.74 39.45
CA GLN A 53 65.08 -15.82 39.19
C GLN A 53 64.45 -16.85 38.26
N LYS A 54 65.25 -17.35 37.32
CA LYS A 54 64.81 -18.30 36.31
C LYS A 54 65.45 -19.65 36.62
N LYS A 55 64.63 -20.62 37.05
CA LYS A 55 65.11 -21.95 37.39
C LYS A 55 64.63 -22.94 36.34
N VAL A 56 65.57 -23.55 35.63
CA VAL A 56 65.29 -24.61 34.67
C VAL A 56 66.05 -25.85 35.12
N PRO A 57 65.46 -26.69 35.97
CA PRO A 57 66.22 -27.81 36.55
C PRO A 57 66.76 -28.80 35.53
N ASP A 58 66.05 -29.05 34.44
CA ASP A 58 66.44 -30.08 33.48
C ASP A 58 66.66 -29.48 32.10
N LYS A 59 67.60 -30.07 31.36
CA LYS A 59 67.88 -29.63 30.00
C LYS A 59 66.78 -30.01 29.02
N LEU A 60 65.92 -30.97 29.39
CA LEU A 60 64.82 -31.35 28.52
C LEU A 60 63.75 -30.26 28.44
N LEU A 61 63.78 -29.29 29.34
CA LEU A 61 62.81 -28.21 29.36
C LEU A 61 63.28 -27.08 28.46
N ASP A 62 62.44 -26.69 27.50
CA ASP A 62 62.74 -25.56 26.64
C ASP A 62 62.73 -24.29 27.48
N SER A 63 63.91 -23.68 27.63
CA SER A 63 64.05 -22.55 28.55
C SER A 63 63.26 -21.34 28.08
N SER A 64 63.02 -21.20 26.78
CA SER A 64 62.29 -20.04 26.27
C SER A 64 60.83 -20.03 26.66
N THR A 65 60.31 -21.13 27.22
CA THR A 65 58.92 -21.19 27.64
C THR A 65 58.73 -21.05 29.14
N VAL A 66 59.82 -21.09 29.92
CA VAL A 66 59.73 -20.95 31.38
C VAL A 66 59.99 -19.47 31.67
N THR A 67 58.93 -18.68 31.62
CA THR A 67 59.02 -17.24 31.85
C THR A 67 58.02 -16.84 32.90
N HIS A 68 58.47 -16.04 33.86
CA HIS A 68 57.58 -15.40 34.82
C HIS A 68 57.38 -13.92 34.54
N LEU A 69 57.92 -13.41 33.44
CA LEU A 69 57.67 -12.06 32.99
C LEU A 69 56.66 -12.08 31.85
N PHE A 70 55.61 -11.27 31.97
CA PHE A 70 54.58 -11.18 30.96
C PHE A 70 54.30 -9.71 30.67
N LYS A 71 53.89 -9.44 29.44
CA LYS A 71 53.45 -8.11 29.06
C LYS A 71 51.93 -8.11 28.94
N ILE A 72 51.29 -7.17 29.63
CA ILE A 72 49.84 -7.04 29.59
C ILE A 72 49.40 -6.19 28.40
N THR A 73 50.03 -5.03 28.24
CA THR A 73 49.85 -4.19 27.06
C THR A 73 51.22 -3.90 26.46
N GLU A 74 51.27 -2.99 25.49
CA GLU A 74 52.56 -2.57 24.94
C GLU A 74 53.43 -1.88 25.99
N ASN A 75 52.80 -1.22 26.96
CA ASN A 75 53.53 -0.40 27.93
C ASN A 75 53.47 -0.96 29.35
N ILE A 76 52.75 -2.04 29.59
CA ILE A 76 52.61 -2.60 30.93
C ILE A 76 53.18 -4.02 30.93
N GLY A 77 54.09 -4.29 31.85
CA GLY A 77 54.62 -5.62 32.03
C GLY A 77 54.45 -6.07 33.47
N CYS A 78 54.43 -7.38 33.66
CA CYS A 78 54.19 -7.95 34.97
C CYS A 78 55.16 -9.09 35.23
N VAL A 79 55.39 -9.35 36.52
CA VAL A 79 56.10 -10.54 36.99
C VAL A 79 55.19 -11.27 37.96
N MET A 80 55.07 -12.57 37.80
CA MET A 80 54.18 -13.39 38.61
C MET A 80 54.98 -14.26 39.56
N THR A 81 54.50 -14.37 40.79
CA THR A 81 55.11 -15.21 41.81
C THR A 81 54.03 -16.10 42.41
N GLY A 82 54.35 -17.38 42.60
CA GLY A 82 53.43 -18.34 43.18
C GLY A 82 53.12 -19.48 42.23
N MET A 83 51.89 -19.97 42.31
CA MET A 83 51.46 -21.09 41.49
C MET A 83 51.40 -20.68 40.02
N THR A 84 51.92 -21.56 39.15
CA THR A 84 52.11 -21.19 37.75
C THR A 84 50.79 -21.06 37.01
N ALA A 85 49.88 -22.03 37.18
CA ALA A 85 48.61 -21.98 36.46
C ALA A 85 47.74 -20.83 36.95
N ASP A 86 47.74 -20.58 38.27
CA ASP A 86 47.03 -19.42 38.80
C ASP A 86 47.62 -18.13 38.26
N SER A 87 48.95 -18.06 38.17
CA SER A 87 49.60 -16.88 37.62
C SER A 87 49.22 -16.65 36.17
N ARG A 88 49.16 -17.72 35.38
CA ARG A 88 48.78 -17.58 33.98
C ARG A 88 47.33 -17.16 33.83
N SER A 89 46.44 -17.70 34.67
CA SER A 89 45.05 -17.27 34.61
C SER A 89 44.90 -15.80 34.99
N GLN A 90 45.65 -15.36 36.00
CA GLN A 90 45.60 -13.95 36.38
C GLN A 90 46.18 -13.05 35.30
N VAL A 91 47.23 -13.51 34.62
CA VAL A 91 47.80 -12.74 33.52
C VAL A 91 46.80 -12.61 32.39
N GLN A 92 46.09 -13.70 32.06
CA GLN A 92 45.06 -13.63 31.03
C GLN A 92 43.95 -12.67 31.43
N ARG A 93 43.53 -12.71 32.70
CA ARG A 93 42.51 -11.79 33.17
C ARG A 93 42.98 -10.34 33.06
N ALA A 94 44.23 -10.07 33.43
CA ALA A 94 44.75 -8.71 33.35
C ALA A 94 44.81 -8.22 31.90
N ARG A 95 45.23 -9.09 30.99
CA ARG A 95 45.27 -8.73 29.57
C ARG A 95 43.86 -8.41 29.07
N TYR A 96 42.88 -9.23 29.45
CA TYR A 96 41.50 -8.95 29.04
C TYR A 96 41.01 -7.63 29.62
N GLU A 97 41.31 -7.37 30.89
CA GLU A 97 40.85 -6.13 31.52
C GLU A 97 41.47 -4.91 30.84
N ALA A 98 42.76 -4.97 30.53
CA ALA A 98 43.40 -3.86 29.84
C ALA A 98 42.83 -3.64 28.46
N ALA A 99 42.62 -4.72 27.71
CA ALA A 99 42.07 -4.59 26.35
C ALA A 99 40.66 -4.01 26.41
N ASN A 100 39.84 -4.49 27.35
CA ASN A 100 38.48 -3.98 27.48
C ASN A 100 38.47 -2.52 27.90
N TRP A 101 39.38 -2.13 28.79
CA TRP A 101 39.48 -0.73 29.19
C TRP A 101 39.82 0.16 28.00
N LYS A 102 40.78 -0.28 27.18
CA LYS A 102 41.14 0.50 26.00
C LYS A 102 39.96 0.58 25.03
N TYR A 103 39.24 -0.52 24.85
CA TYR A 103 38.09 -0.52 23.95
C TYR A 103 36.99 0.42 24.44
N LYS A 104 36.74 0.43 25.75
CA LYS A 104 35.58 1.14 26.28
C LYS A 104 35.87 2.62 26.52
N TYR A 105 37.09 2.98 26.88
CA TYR A 105 37.39 4.34 27.30
C TYR A 105 38.27 5.11 26.33
N GLY A 106 38.88 4.44 25.35
CA GLY A 106 39.62 5.14 24.32
C GLY A 106 41.03 5.52 24.67
N TYR A 107 41.56 5.07 25.81
CA TYR A 107 42.94 5.33 26.17
C TYR A 107 43.46 4.16 27.00
N GLU A 108 44.77 4.04 27.05
CA GLU A 108 45.40 2.91 27.72
C GLU A 108 45.13 2.96 29.23
N ILE A 109 44.96 1.79 29.81
CA ILE A 109 44.67 1.69 31.25
C ILE A 109 45.90 2.10 32.04
N PRO A 110 45.75 2.87 33.12
CA PRO A 110 46.87 3.10 34.03
C PRO A 110 47.19 1.84 34.82
N VAL A 111 48.44 1.77 35.29
CA VAL A 111 48.89 0.61 36.05
C VAL A 111 48.10 0.48 37.35
N ASP A 112 47.82 1.61 38.00
CA ASP A 112 47.07 1.59 39.25
C ASP A 112 45.65 1.08 39.02
N MET A 113 45.01 1.47 37.92
CA MET A 113 43.67 1.00 37.64
C MET A 113 43.63 -0.51 37.38
N LEU A 114 44.62 -1.02 36.64
CA LEU A 114 44.69 -2.46 36.40
C LEU A 114 44.93 -3.23 37.69
N CYS A 115 45.83 -2.73 38.55
CA CYS A 115 46.06 -3.38 39.83
C CYS A 115 44.80 -3.36 40.69
N LYS A 116 44.08 -2.24 40.67
CA LYS A 116 42.83 -2.14 41.42
C LYS A 116 41.80 -3.14 40.93
N ARG A 117 41.69 -3.30 39.61
CA ARG A 117 40.74 -4.27 39.05
C ARG A 117 41.10 -5.70 39.45
N ILE A 118 42.38 -6.05 39.35
CA ILE A 118 42.82 -7.39 39.74
C ILE A 118 42.56 -7.62 41.23
N ALA A 119 42.84 -6.61 42.06
CA ALA A 119 42.60 -6.73 43.48
C ALA A 119 41.11 -6.89 43.79
N ASP A 120 40.26 -6.20 43.04
CA ASP A 120 38.82 -6.37 43.22
C ASP A 120 38.38 -7.79 42.90
N ILE A 121 38.90 -8.36 41.80
CA ILE A 121 38.55 -9.73 41.45
C ILE A 121 39.02 -10.69 42.54
N SER A 122 40.24 -10.51 43.03
CA SER A 122 40.75 -11.39 44.08
C SER A 122 39.97 -11.21 45.39
N GLN A 123 39.49 -10.00 45.67
CA GLN A 123 38.62 -9.81 46.84
C GLN A 123 37.31 -10.58 46.68
N VAL A 124 36.73 -10.55 45.48
CA VAL A 124 35.53 -11.34 45.22
C VAL A 124 35.79 -12.81 45.50
N TYR A 125 36.99 -13.29 45.11
CA TYR A 125 37.35 -14.66 45.46
C TYR A 125 37.49 -14.85 46.97
N THR A 126 37.92 -13.82 47.69
CA THR A 126 38.07 -13.95 49.15
C THR A 126 36.75 -13.90 49.89
N GLN A 127 35.70 -13.33 49.30
CA GLN A 127 34.44 -13.21 50.03
C GLN A 127 33.49 -14.38 49.80
N ASN A 128 33.51 -14.99 48.62
CA ASN A 128 32.62 -16.09 48.31
C ASN A 128 33.29 -17.41 48.67
N ALA A 129 32.51 -18.32 49.27
CA ALA A 129 33.03 -19.56 49.82
C ALA A 129 33.13 -20.69 48.81
N GLU A 130 32.52 -20.55 47.64
CA GLU A 130 32.45 -21.66 46.69
C GLU A 130 33.73 -21.86 45.89
N MET A 131 34.64 -20.89 45.87
CA MET A 131 35.82 -20.96 45.02
C MET A 131 37.07 -20.68 45.83
N ARG A 132 38.18 -21.23 45.37
CA ARG A 132 39.51 -21.04 45.93
C ARG A 132 40.08 -19.69 45.51
N PRO A 133 40.74 -18.98 46.41
CA PRO A 133 41.56 -17.84 45.98
C PRO A 133 42.79 -18.31 45.23
N LEU A 134 43.35 -17.40 44.45
CA LEU A 134 44.52 -17.72 43.65
C LEU A 134 45.79 -17.57 44.49
N GLY A 135 46.63 -18.60 44.45
CA GLY A 135 47.88 -18.57 45.20
C GLY A 135 49.01 -17.95 44.39
N CYS A 136 48.81 -16.73 43.91
CA CYS A 136 49.78 -16.05 43.08
C CYS A 136 49.85 -14.59 43.47
N CYS A 137 51.01 -13.97 43.22
CA CYS A 137 51.24 -12.56 43.46
C CYS A 137 51.65 -11.89 42.16
N MET A 138 51.07 -10.73 41.89
CA MET A 138 51.32 -9.99 40.65
C MET A 138 51.94 -8.64 40.96
N ILE A 139 53.03 -8.33 40.29
CA ILE A 139 53.67 -7.02 40.36
C ILE A 139 53.59 -6.40 38.97
N LEU A 140 53.03 -5.20 38.90
CA LEU A 140 52.80 -4.52 37.63
C LEU A 140 53.82 -3.40 37.44
N ILE A 141 54.20 -3.18 36.19
CA ILE A 141 55.26 -2.25 35.82
C ILE A 141 54.81 -1.43 34.62
N GLY A 142 54.91 -0.11 34.73
CA GLY A 142 54.48 0.74 33.64
C GLY A 142 54.88 2.18 33.87
N ILE A 143 54.62 3.00 32.86
CA ILE A 143 54.96 4.42 32.88
C ILE A 143 53.66 5.22 32.77
N ASP A 144 53.46 6.13 33.72
CA ASP A 144 52.35 7.07 33.68
C ASP A 144 52.84 8.42 33.18
N GLU A 145 52.05 9.04 32.30
CA GLU A 145 52.46 10.32 31.72
C GLU A 145 52.61 11.39 32.80
N GLU A 146 51.65 11.48 33.72
CA GLU A 146 51.71 12.52 34.74
C GLU A 146 52.74 12.19 35.81
N GLN A 147 52.76 10.95 36.30
CA GLN A 147 53.53 10.61 37.48
C GLN A 147 54.82 9.86 37.20
N GLY A 148 54.96 9.23 36.04
CA GLY A 148 56.18 8.54 35.70
C GLY A 148 56.11 7.05 35.92
N PRO A 149 57.25 6.44 36.24
CA PRO A 149 57.28 4.99 36.47
C PRO A 149 56.39 4.59 37.64
N GLN A 150 55.75 3.43 37.51
CA GLN A 150 54.81 2.93 38.50
C GLN A 150 55.13 1.47 38.81
N VAL A 151 55.16 1.14 40.10
CA VAL A 151 55.34 -0.23 40.57
C VAL A 151 54.18 -0.55 41.49
N TYR A 152 53.35 -1.51 41.09
CA TYR A 152 52.17 -1.89 41.84
C TYR A 152 52.14 -3.39 42.04
N LYS A 153 51.77 -3.81 43.25
CA LYS A 153 51.72 -5.22 43.60
C LYS A 153 50.38 -5.53 44.25
N CYS A 154 49.72 -6.60 43.79
CA CYS A 154 48.47 -7.06 44.36
C CYS A 154 48.65 -8.48 44.90
N ASP A 155 47.92 -8.79 45.96
CA ASP A 155 48.05 -10.07 46.65
C ASP A 155 46.73 -10.83 46.65
N PRO A 156 46.71 -12.11 47.06
CA PRO A 156 45.44 -12.85 47.08
C PRO A 156 44.40 -12.27 48.02
N ALA A 157 44.80 -11.45 49.00
CA ALA A 157 43.85 -10.89 49.96
C ALA A 157 42.98 -9.79 49.37
N GLY A 158 43.25 -9.36 48.13
CA GLY A 158 42.59 -8.20 47.58
C GLY A 158 43.30 -6.89 47.85
N TYR A 159 44.46 -6.92 48.49
CA TYR A 159 45.21 -5.72 48.80
C TYR A 159 46.17 -5.37 47.66
N TYR A 160 46.24 -4.08 47.33
CA TYR A 160 47.16 -3.60 46.33
C TYR A 160 47.72 -2.25 46.79
N CYS A 161 48.91 -1.92 46.32
CA CYS A 161 49.55 -0.66 46.70
C CYS A 161 50.66 -0.35 45.70
N GLY A 162 51.05 0.92 45.67
CA GLY A 162 52.21 1.34 44.91
C GLY A 162 53.46 1.29 45.76
N PHE A 163 54.60 1.07 45.11
CA PHE A 163 55.85 0.89 45.82
C PHE A 163 56.97 1.66 45.14
N LYS A 164 57.93 2.11 45.95
CA LYS A 164 59.23 2.52 45.42
C LYS A 164 60.06 1.29 45.06
N ALA A 165 59.98 0.26 45.88
CA ALA A 165 60.59 -1.03 45.59
C ALA A 165 59.81 -2.08 46.36
N THR A 166 59.74 -3.29 45.80
CA THR A 166 58.96 -4.35 46.42
C THR A 166 59.52 -5.71 46.00
N ALA A 167 59.14 -6.73 46.74
CA ALA A 167 59.58 -8.10 46.49
C ALA A 167 58.41 -9.05 46.71
N ALA A 168 58.55 -10.25 46.16
CA ALA A 168 57.56 -11.29 46.34
C ALA A 168 58.24 -12.65 46.20
N GLY A 169 57.81 -13.61 47.01
CA GLY A 169 58.32 -14.96 46.93
C GLY A 169 58.79 -15.43 48.29
N VAL A 170 59.67 -16.44 48.26
CA VAL A 170 60.16 -17.05 49.50
C VAL A 170 60.97 -16.04 50.30
N LYS A 171 61.84 -15.30 49.65
CA LYS A 171 62.77 -14.38 50.31
C LYS A 171 62.31 -12.93 50.21
N GLN A 172 61.00 -12.69 50.30
CA GLN A 172 60.50 -11.33 50.15
C GLN A 172 60.79 -10.48 51.38
N THR A 173 60.89 -11.09 52.56
CA THR A 173 61.19 -10.33 53.76
C THR A 173 62.62 -9.80 53.75
N GLU A 174 63.58 -10.67 53.42
CA GLU A 174 64.97 -10.23 53.35
C GLU A 174 65.17 -9.21 52.24
N SER A 175 64.51 -9.42 51.09
CA SER A 175 64.61 -8.47 50.00
C SER A 175 64.00 -7.13 50.37
N THR A 176 62.88 -7.14 51.08
CA THR A 176 62.27 -5.88 51.51
C THR A 176 63.16 -5.15 52.52
N SER A 177 63.82 -5.89 53.41
CA SER A 177 64.77 -5.25 54.33
C SER A 177 65.94 -4.64 53.57
N PHE A 178 66.50 -5.36 52.60
CA PHE A 178 67.60 -4.84 51.81
C PHE A 178 67.19 -3.59 51.05
N LEU A 179 66.00 -3.62 50.44
CA LEU A 179 65.51 -2.45 49.71
C LEU A 179 65.20 -1.29 50.64
N GLU A 180 64.75 -1.58 51.87
CA GLU A 180 64.58 -0.53 52.86
C GLU A 180 65.90 0.16 53.14
N LYS A 181 66.96 -0.64 53.36
CA LYS A 181 68.27 -0.06 53.61
C LYS A 181 68.75 0.77 52.42
N LYS A 182 68.55 0.26 51.21
CA LYS A 182 68.99 1.00 50.02
C LYS A 182 68.23 2.30 49.85
N VAL A 183 66.90 2.27 50.04
CA VAL A 183 66.08 3.45 49.81
C VAL A 183 66.32 4.51 50.88
N LYS A 184 66.51 4.07 52.13
CA LYS A 184 66.77 5.01 53.21
C LYS A 184 68.00 5.87 52.91
N LYS A 185 69.08 5.23 52.45
CA LYS A 185 70.25 5.94 51.94
C LYS A 185 69.92 6.45 50.53
N LYS A 186 69.04 7.44 50.49
CA LYS A 186 68.50 7.91 49.22
C LYS A 186 69.57 8.60 48.38
N PHE A 187 69.65 8.21 47.10
CA PHE A 187 70.51 8.87 46.14
C PHE A 187 69.93 8.65 44.75
N ASP A 188 70.40 9.46 43.80
CA ASP A 188 69.84 9.43 42.45
C ASP A 188 70.01 8.06 41.82
N TRP A 189 68.92 7.52 41.29
CA TRP A 189 68.91 6.20 40.65
C TRP A 189 68.62 6.38 39.17
N THR A 190 69.64 6.18 38.34
CA THR A 190 69.43 6.11 36.91
C THR A 190 68.95 4.70 36.54
N PHE A 191 68.78 4.46 35.23
CA PHE A 191 68.33 3.15 34.79
C PHE A 191 69.34 2.06 35.17
N GLU A 192 70.62 2.33 34.93
CA GLU A 192 71.65 1.36 35.28
C GLU A 192 71.69 1.11 36.78
N GLN A 193 71.60 2.17 37.58
CA GLN A 193 71.63 2.01 39.03
C GLN A 193 70.43 1.23 39.53
N THR A 194 69.25 1.47 38.96
CA THR A 194 68.07 0.72 39.36
C THR A 194 68.20 -0.76 39.01
N VAL A 195 68.69 -1.05 37.80
CA VAL A 195 68.86 -2.45 37.40
C VAL A 195 69.87 -3.15 38.32
N GLU A 196 70.99 -2.48 38.60
CA GLU A 196 71.99 -3.06 39.48
C GLU A 196 71.45 -3.24 40.89
N THR A 197 70.63 -2.30 41.37
CA THR A 197 70.04 -2.43 42.70
C THR A 197 69.16 -3.66 42.78
N ALA A 198 68.28 -3.85 41.79
CA ALA A 198 67.41 -5.03 41.79
C ALA A 198 68.22 -6.31 41.70
N ILE A 199 69.21 -6.34 40.81
CA ILE A 199 70.01 -7.56 40.62
C ILE A 199 70.79 -7.90 41.87
N THR A 200 71.42 -6.90 42.49
CA THR A 200 72.20 -7.16 43.70
C THR A 200 71.31 -7.50 44.88
N CYS A 201 70.08 -6.96 44.93
CA CYS A 201 69.14 -7.38 45.97
C CYS A 201 68.82 -8.86 45.84
N LEU A 202 68.48 -9.29 44.62
CA LEU A 202 68.21 -10.71 44.42
C LEU A 202 69.42 -11.57 44.74
N SER A 203 70.60 -11.14 44.31
CA SER A 203 71.81 -11.92 44.54
C SER A 203 72.15 -12.04 46.02
N THR A 204 71.99 -10.94 46.78
CA THR A 204 72.35 -10.97 48.19
C THR A 204 71.30 -11.68 49.04
N VAL A 205 70.03 -11.67 48.62
CA VAL A 205 69.05 -12.43 49.40
C VAL A 205 69.12 -13.91 49.04
N LEU A 206 69.57 -14.24 47.83
CA LEU A 206 69.78 -15.63 47.47
C LEU A 206 71.20 -16.12 47.74
N SER A 207 72.13 -15.20 48.02
CA SER A 207 73.51 -15.54 48.40
C SER A 207 74.19 -16.41 47.35
N ILE A 208 73.92 -16.11 46.07
CA ILE A 208 74.52 -16.83 44.96
C ILE A 208 74.93 -15.82 43.89
N ASP A 209 76.09 -16.05 43.30
CA ASP A 209 76.51 -15.24 42.15
C ASP A 209 75.68 -15.64 40.93
N PHE A 210 75.18 -14.64 40.21
CA PHE A 210 74.22 -14.88 39.14
C PHE A 210 74.91 -15.04 37.80
N LYS A 211 74.38 -15.92 36.98
CA LYS A 211 74.65 -16.11 35.57
C LYS A 211 73.53 -15.51 34.74
N PRO A 212 73.80 -15.07 33.51
CA PRO A 212 72.75 -14.37 32.74
C PRO A 212 71.52 -15.21 32.46
N SER A 213 71.62 -16.54 32.51
CA SER A 213 70.46 -17.40 32.27
C SER A 213 69.68 -17.73 33.54
N GLU A 214 70.17 -17.34 34.71
CA GLU A 214 69.51 -17.67 35.96
C GLU A 214 68.55 -16.60 36.45
N ILE A 215 68.45 -15.46 35.76
CA ILE A 215 67.54 -14.39 36.14
C ILE A 215 66.76 -13.95 34.91
N GLU A 216 65.79 -13.07 35.14
CA GLU A 216 64.91 -12.57 34.09
C GLU A 216 64.58 -11.12 34.41
N VAL A 217 64.91 -10.21 33.50
CA VAL A 217 64.82 -8.78 33.75
C VAL A 217 63.91 -8.14 32.70
N GLY A 218 62.96 -7.35 33.16
CA GLY A 218 62.12 -6.55 32.28
C GLY A 218 62.06 -5.13 32.77
N VAL A 219 62.04 -4.18 31.82
CA VAL A 219 62.16 -2.77 32.14
C VAL A 219 61.16 -1.96 31.33
N VAL A 220 60.77 -0.82 31.89
CA VAL A 220 60.12 0.26 31.16
C VAL A 220 60.84 1.56 31.51
N THR A 221 61.02 2.42 30.51
CA THR A 221 61.70 3.69 30.72
C THR A 221 60.85 4.81 30.14
N VAL A 222 61.15 6.04 30.57
CA VAL A 222 60.41 7.19 30.07
C VAL A 222 60.71 7.42 28.59
N GLU A 223 61.97 7.25 28.18
CA GLU A 223 62.31 7.41 26.77
C GLU A 223 61.62 6.37 25.91
N ASN A 224 61.62 5.12 26.34
CA ASN A 224 60.98 4.01 25.63
C ASN A 224 59.96 3.38 26.56
N PRO A 225 58.72 3.86 26.57
CA PRO A 225 57.72 3.32 27.52
C PRO A 225 57.29 1.90 27.23
N LYS A 226 57.65 1.34 26.08
CA LYS A 226 57.28 -0.04 25.77
C LYS A 226 57.97 -1.01 26.72
N PHE A 227 57.21 -1.98 27.22
CA PHE A 227 57.78 -3.00 28.09
C PHE A 227 58.61 -3.98 27.25
N ARG A 228 59.81 -4.28 27.73
CA ARG A 228 60.71 -5.17 27.02
C ARG A 228 61.40 -6.09 28.02
N ILE A 229 61.82 -7.26 27.53
CA ILE A 229 62.56 -8.23 28.33
C ILE A 229 64.00 -8.23 27.84
N LEU A 230 64.94 -8.06 28.78
CA LEU A 230 66.34 -8.02 28.42
C LEU A 230 66.81 -9.39 27.94
N THR A 231 67.64 -9.38 26.91
CA THR A 231 68.23 -10.61 26.39
C THR A 231 69.38 -11.04 27.30
N GLU A 232 69.97 -12.20 26.98
CA GLU A 232 71.08 -12.69 27.79
C GLU A 232 72.32 -11.83 27.65
N ALA A 233 72.50 -11.17 26.50
CA ALA A 233 73.66 -10.31 26.31
C ALA A 233 73.60 -9.07 27.20
N GLU A 234 72.44 -8.42 27.27
CA GLU A 234 72.30 -7.23 28.11
C GLU A 234 72.39 -7.59 29.59
N ILE A 235 71.77 -8.71 29.98
CA ILE A 235 71.89 -9.18 31.36
C ILE A 235 73.34 -9.49 31.69
N ASP A 236 74.07 -10.07 30.73
CA ASP A 236 75.48 -10.35 30.94
C ASP A 236 76.29 -9.07 31.11
N ALA A 237 75.98 -8.05 30.31
CA ALA A 237 76.66 -6.76 30.46
C ALA A 237 76.40 -6.17 31.84
N HIS A 238 75.14 -6.20 32.29
CA HIS A 238 74.83 -5.69 33.62
C HIS A 238 75.54 -6.49 34.71
N LEU A 239 75.59 -7.82 34.55
CA LEU A 239 76.26 -8.65 35.54
C LEU A 239 77.76 -8.38 35.58
N VAL A 240 78.37 -8.15 34.41
CA VAL A 240 79.79 -7.83 34.36
C VAL A 240 80.04 -6.48 35.04
N ALA A 241 79.19 -5.49 34.77
CA ALA A 241 79.32 -4.19 35.42
C ALA A 241 79.18 -4.32 36.94
N LEU A 242 78.27 -5.17 37.39
CA LEU A 242 78.13 -5.41 38.82
C LEU A 242 79.37 -6.10 39.40
N ALA A 243 79.92 -7.08 38.67
CA ALA A 243 80.99 -7.90 39.21
C ALA A 243 82.33 -7.18 39.23
N GLU A 244 82.56 -6.25 38.29
CA GLU A 244 83.82 -5.53 38.29
C GLU A 244 83.96 -4.68 39.55
N ARG A 245 82.86 -4.13 40.05
CA ARG A 245 82.88 -3.33 41.26
C ARG A 245 82.23 -4.08 42.42
N MET B 1 35.04 -26.40 36.08
CA MET B 1 34.50 -25.06 36.25
C MET B 1 32.99 -25.09 36.39
N ALA B 2 32.49 -24.42 37.43
CA ALA B 2 31.05 -24.27 37.64
C ALA B 2 30.82 -22.92 38.30
N GLU B 3 30.02 -22.07 37.66
CA GLU B 3 29.83 -20.70 38.12
C GLU B 3 28.77 -20.57 39.21
N ARG B 4 28.13 -21.67 39.60
CA ARG B 4 27.13 -21.60 40.66
C ARG B 4 27.81 -21.36 42.01
N GLY B 5 27.11 -20.64 42.88
CA GLY B 5 27.56 -20.44 44.25
C GLY B 5 26.73 -21.24 45.24
N TYR B 6 27.12 -21.13 46.51
CA TYR B 6 26.37 -21.77 47.57
C TYR B 6 25.07 -21.00 47.81
N SER B 7 23.97 -21.72 47.93
CA SER B 7 22.65 -21.12 48.07
C SER B 7 22.15 -21.10 49.51
N PHE B 8 22.98 -21.51 50.46
CA PHE B 8 22.60 -21.53 51.87
C PHE B 8 23.34 -20.45 52.63
N SER B 9 22.71 -19.94 53.68
CA SER B 9 23.30 -18.87 54.47
C SER B 9 24.49 -19.40 55.26
N LEU B 10 25.57 -18.62 55.27
CA LEU B 10 26.73 -18.91 56.11
C LEU B 10 26.64 -18.26 57.47
N THR B 11 25.73 -17.29 57.65
CA THR B 11 25.46 -16.67 58.94
C THR B 11 24.12 -17.20 59.44
N THR B 12 24.14 -17.87 60.59
CA THR B 12 22.95 -18.49 61.15
C THR B 12 22.88 -18.19 62.64
N PHE B 13 21.67 -18.31 63.18
CA PHE B 13 21.46 -18.04 64.59
C PHE B 13 22.06 -19.15 65.46
N SER B 14 22.51 -18.77 66.63
CA SER B 14 23.07 -19.67 67.62
C SER B 14 22.02 -19.99 68.69
N PRO B 15 22.25 -21.01 69.51
CA PRO B 15 21.27 -21.31 70.57
C PRO B 15 21.00 -20.16 71.51
N SER B 16 21.96 -19.25 71.68
CA SER B 16 21.75 -18.05 72.48
C SER B 16 21.08 -16.93 71.69
N GLY B 17 20.81 -17.14 70.41
CA GLY B 17 20.17 -16.13 69.60
C GLY B 17 21.10 -15.11 68.98
N LYS B 18 22.38 -15.43 68.83
CA LYS B 18 23.37 -14.50 68.31
C LYS B 18 23.88 -14.97 66.96
N LEU B 19 24.14 -14.02 66.07
CA LEU B 19 24.79 -14.30 64.79
C LEU B 19 26.29 -14.13 64.99
N VAL B 20 27.00 -15.24 65.20
CA VAL B 20 28.40 -15.17 65.58
C VAL B 20 29.29 -14.71 64.44
N GLN B 21 28.86 -14.90 63.19
CA GLN B 21 29.64 -14.38 62.07
C GLN B 21 29.70 -12.86 62.10
N ILE B 22 28.59 -12.21 62.46
CA ILE B 22 28.58 -10.76 62.60
C ILE B 22 29.50 -10.33 63.73
N GLU B 23 29.50 -11.07 64.85
CA GLU B 23 30.40 -10.73 65.95
C GLU B 23 31.86 -10.90 65.56
N TYR B 24 32.17 -11.91 64.74
CA TYR B 24 33.54 -12.10 64.30
C TYR B 24 33.95 -11.02 63.29
N ALA B 25 33.02 -10.59 62.44
CA ALA B 25 33.29 -9.43 61.58
C ALA B 25 33.53 -8.18 62.41
N LEU B 26 32.78 -8.02 63.51
CA LEU B 26 33.01 -6.89 64.40
C LEU B 26 34.37 -6.98 65.07
N ALA B 27 34.81 -8.20 65.40
CA ALA B 27 36.15 -8.38 65.94
C ALA B 27 37.21 -7.99 64.92
N ALA B 28 36.99 -8.37 63.65
CA ALA B 28 37.90 -7.97 62.58
C ALA B 28 37.96 -6.45 62.46
N VAL B 29 36.81 -5.79 62.59
CA VAL B 29 36.78 -4.32 62.59
C VAL B 29 37.57 -3.77 63.77
N ALA B 30 37.34 -4.33 64.96
CA ALA B 30 38.01 -3.86 66.16
C ALA B 30 39.51 -4.07 66.11
N GLY B 31 39.99 -5.01 65.30
CA GLY B 31 41.41 -5.15 65.09
C GLY B 31 42.01 -4.22 64.06
N GLY B 32 41.19 -3.37 63.44
CA GLY B 32 41.65 -2.49 62.40
C GLY B 32 42.30 -1.22 62.93
N ALA B 33 42.73 -0.38 62.00
CA ALA B 33 43.38 0.87 62.34
C ALA B 33 42.38 1.87 62.92
N PRO B 34 42.82 2.72 63.85
CA PRO B 34 41.90 3.69 64.45
C PRO B 34 41.34 4.66 63.42
N SER B 35 40.07 5.02 63.60
CA SER B 35 39.40 6.03 62.79
C SER B 35 38.54 6.88 63.69
N VAL B 36 38.53 8.19 63.42
CA VAL B 36 37.81 9.16 64.25
C VAL B 36 36.95 10.04 63.36
N GLY B 37 35.72 10.30 63.80
CA GLY B 37 34.86 11.26 63.14
C GLY B 37 34.24 12.21 64.15
N ILE B 38 34.27 13.51 63.87
CA ILE B 38 33.74 14.52 64.76
C ILE B 38 32.85 15.46 63.96
N LYS B 39 31.62 15.62 64.42
CA LYS B 39 30.67 16.55 63.80
C LYS B 39 30.79 17.90 64.50
N ALA B 40 31.27 18.90 63.77
CA ALA B 40 31.38 20.25 64.30
C ALA B 40 30.13 21.05 63.94
N ALA B 41 30.09 22.32 64.37
CA ALA B 41 28.93 23.15 64.08
C ALA B 41 28.79 23.41 62.58
N ASN B 42 29.91 23.60 61.88
CA ASN B 42 29.88 23.95 60.46
C ASN B 42 30.51 22.88 59.58
N GLY B 43 30.70 21.67 60.09
CA GLY B 43 31.26 20.63 59.26
C GLY B 43 31.58 19.38 60.05
N VAL B 44 32.11 18.40 59.32
CA VAL B 44 32.52 17.12 59.88
C VAL B 44 33.96 16.86 59.47
N VAL B 45 34.74 16.27 60.37
CA VAL B 45 36.12 15.88 60.10
C VAL B 45 36.23 14.37 60.27
N LEU B 46 36.75 13.70 59.25
CA LEU B 46 37.07 12.28 59.31
C LEU B 46 38.58 12.12 59.35
N ALA B 47 39.08 11.40 60.34
CA ALA B 47 40.51 11.20 60.51
C ALA B 47 40.80 9.72 60.74
N THR B 48 41.97 9.30 60.28
CA THR B 48 42.39 7.91 60.41
C THR B 48 43.90 7.85 60.34
N GLU B 49 44.46 6.73 60.79
CA GLU B 49 45.89 6.48 60.71
C GLU B 49 46.18 5.54 59.55
N LYS B 50 47.20 5.87 58.76
CA LYS B 50 47.68 5.01 57.69
C LYS B 50 49.20 4.93 57.80
N LYS B 51 49.68 4.01 58.62
CA LYS B 51 51.11 3.77 58.78
C LYS B 51 51.46 2.49 58.06
N GLN B 52 52.20 2.61 56.96
CA GLN B 52 52.63 1.43 56.22
C GLN B 52 53.71 0.69 57.01
N LYS B 53 53.75 -0.63 56.81
CA LYS B 53 54.73 -1.45 57.52
C LYS B 53 56.15 -1.22 57.04
N SER B 54 56.33 -0.49 55.94
CA SER B 54 57.66 -0.22 55.41
C SER B 54 57.64 1.14 54.72
N ILE B 55 58.83 1.73 54.58
CA ILE B 55 58.98 2.97 53.83
C ILE B 55 59.00 2.74 52.33
N LEU B 56 58.97 1.48 51.88
CA LEU B 56 58.95 1.19 50.45
C LEU B 56 57.58 1.45 49.84
N TYR B 57 56.53 1.52 50.66
CA TYR B 57 55.20 1.78 50.16
C TYR B 57 55.08 3.21 49.67
N ASP B 58 54.14 3.44 48.76
CA ASP B 58 53.84 4.77 48.24
C ASP B 58 52.63 5.30 49.01
N GLU B 59 52.87 6.30 49.87
CA GLU B 59 51.80 6.85 50.69
C GLU B 59 50.73 7.54 49.87
N ARG B 60 51.07 8.00 48.68
CA ARG B 60 50.18 8.81 47.86
C ARG B 60 49.37 7.98 46.86
N SER B 61 49.45 6.65 46.92
CA SER B 61 48.79 5.78 45.95
C SER B 61 47.46 5.24 46.44
N VAL B 62 47.35 4.90 47.72
CA VAL B 62 46.13 4.31 48.28
C VAL B 62 45.60 5.24 49.35
N HIS B 63 44.32 5.58 49.26
CA HIS B 63 43.69 6.53 50.17
C HIS B 63 42.64 5.81 51.01
N LYS B 64 42.73 5.97 52.33
CA LYS B 64 41.73 5.42 53.22
C LYS B 64 40.50 6.31 53.36
N VAL B 65 40.66 7.61 53.12
CA VAL B 65 39.55 8.56 53.12
C VAL B 65 39.14 8.80 51.68
N GLU B 66 37.89 8.49 51.35
CA GLU B 66 37.45 8.52 49.96
C GLU B 66 36.20 9.37 49.81
N PRO B 67 36.09 10.12 48.71
CA PRO B 67 34.83 10.83 48.42
C PRO B 67 33.83 9.94 47.69
N ILE B 68 32.59 10.02 48.13
CA ILE B 68 31.48 9.35 47.47
C ILE B 68 30.79 10.28 46.48
N THR B 69 30.43 11.48 46.94
CA THR B 69 29.90 12.52 46.08
C THR B 69 30.70 13.79 46.28
N LYS B 70 30.20 14.91 45.76
CA LYS B 70 30.82 16.19 46.06
C LYS B 70 30.57 16.64 47.50
N HIS B 71 29.66 15.98 48.22
CA HIS B 71 29.31 16.39 49.57
C HIS B 71 29.35 15.24 50.58
N ILE B 72 29.80 14.05 50.19
CA ILE B 72 29.85 12.90 51.08
C ILE B 72 31.22 12.28 51.03
N GLY B 73 31.77 11.95 52.21
CA GLY B 73 33.06 11.31 52.30
C GLY B 73 32.99 10.06 53.15
N LEU B 74 34.01 9.20 52.98
CA LEU B 74 34.04 7.90 53.63
C LEU B 74 35.39 7.65 54.28
N VAL B 75 35.36 6.89 55.38
CA VAL B 75 36.55 6.32 56.01
C VAL B 75 36.11 5.07 56.75
N TYR B 76 37.05 4.15 56.97
CA TYR B 76 36.69 2.83 57.45
C TYR B 76 37.64 2.37 58.54
N SER B 77 37.31 1.22 59.11
CA SER B 77 38.21 0.46 59.97
C SER B 77 37.96 -1.01 59.70
N GLY B 78 39.03 -1.78 59.51
CA GLY B 78 38.89 -3.19 59.21
C GLY B 78 39.70 -3.68 58.03
N MET B 79 39.02 -4.20 57.01
CA MET B 79 39.66 -4.82 55.85
C MET B 79 39.55 -3.89 54.65
N GLY B 80 40.70 -3.53 54.09
CA GLY B 80 40.76 -2.56 53.01
C GLY B 80 40.02 -2.93 51.74
N PRO B 81 40.22 -4.14 51.21
CA PRO B 81 39.49 -4.53 50.00
C PRO B 81 37.98 -4.53 50.15
N ASP B 82 37.47 -4.93 51.32
CA ASP B 82 36.04 -4.81 51.58
C ASP B 82 35.60 -3.36 51.53
N TYR B 83 36.42 -2.46 52.08
CA TYR B 83 36.14 -1.04 52.01
C TYR B 83 36.10 -0.55 50.57
N ARG B 84 37.01 -1.06 49.73
CA ARG B 84 36.99 -0.68 48.31
C ARG B 84 35.68 -1.12 47.65
N VAL B 85 35.24 -2.33 47.94
CA VAL B 85 33.99 -2.84 47.37
C VAL B 85 32.83 -1.94 47.81
N LEU B 86 32.78 -1.62 49.11
CA LEU B 86 31.69 -0.79 49.60
C LEU B 86 31.75 0.62 49.06
N VAL B 87 32.95 1.17 48.84
CA VAL B 87 33.09 2.49 48.25
C VAL B 87 32.55 2.50 46.82
N HIS B 88 32.89 1.47 46.04
CA HIS B 88 32.37 1.37 44.69
C HIS B 88 30.85 1.29 44.69
N ARG B 89 30.30 0.46 45.58
CA ARG B 89 28.84 0.33 45.63
C ARG B 89 28.17 1.61 46.09
N ALA B 90 28.76 2.31 47.06
CA ALA B 90 28.19 3.57 47.53
C ALA B 90 28.20 4.63 46.43
N ARG B 91 29.31 4.72 45.68
CA ARG B 91 29.35 5.66 44.57
C ARG B 91 28.30 5.33 43.52
N LYS B 92 28.14 4.04 43.20
CA LYS B 92 27.12 3.64 42.24
C LYS B 92 25.72 3.98 42.73
N LEU B 93 25.45 3.74 44.02
CA LEU B 93 24.13 4.06 44.57
C LEU B 93 23.86 5.55 44.54
N ALA B 94 24.86 6.37 44.89
CA ALA B 94 24.68 7.82 44.84
C ALA B 94 24.44 8.30 43.42
N GLN B 95 25.16 7.73 42.46
CA GLN B 95 24.95 8.13 41.07
C GLN B 95 23.57 7.71 40.56
N GLN B 96 23.08 6.54 41.00
CA GLN B 96 21.72 6.14 40.63
C GLN B 96 20.70 7.09 41.22
N TYR B 97 20.89 7.48 42.48
CA TYR B 97 19.98 8.45 43.10
C TYR B 97 19.99 9.77 42.34
N TYR B 98 21.17 10.25 41.94
CA TYR B 98 21.24 11.48 41.18
C TYR B 98 20.58 11.33 39.81
N LEU B 99 20.73 10.17 39.18
CA LEU B 99 20.09 9.93 37.89
C LEU B 99 18.57 9.97 38.03
N VAL B 100 18.04 9.47 39.15
CA VAL B 100 16.59 9.42 39.31
C VAL B 100 16.05 10.80 39.70
N TYR B 101 16.62 11.43 40.72
CA TYR B 101 16.04 12.64 41.29
C TYR B 101 16.74 13.92 40.87
N GLN B 102 17.88 13.84 40.19
CA GLN B 102 18.62 14.99 39.68
C GLN B 102 19.04 15.97 40.79
N GLU B 103 19.10 15.49 42.02
CA GLU B 103 19.66 16.23 43.14
C GLU B 103 20.61 15.32 43.90
N PRO B 104 21.65 15.88 44.52
CA PRO B 104 22.61 15.03 45.24
C PRO B 104 21.95 14.29 46.39
N ILE B 105 22.38 13.04 46.58
CA ILE B 105 21.73 12.17 47.58
C ILE B 105 21.99 12.72 48.97
N PRO B 106 21.00 12.73 49.86
CA PRO B 106 21.26 13.06 51.26
C PRO B 106 22.11 11.98 51.90
N THR B 107 22.86 12.38 52.94
CA THR B 107 23.75 11.45 53.61
C THR B 107 22.98 10.28 54.20
N ALA B 108 21.80 10.56 54.78
CA ALA B 108 21.02 9.50 55.41
C ALA B 108 20.57 8.45 54.40
N GLN B 109 20.16 8.86 53.21
CA GLN B 109 19.71 7.92 52.21
C GLN B 109 20.86 7.01 51.75
N LEU B 110 22.04 7.59 51.51
CA LEU B 110 23.18 6.79 51.13
C LEU B 110 23.59 5.82 52.23
N VAL B 111 23.55 6.29 53.49
CA VAL B 111 23.86 5.40 54.61
C VAL B 111 22.87 4.26 54.66
N GLN B 112 21.59 4.54 54.45
CA GLN B 112 20.57 3.50 54.45
C GLN B 112 20.81 2.48 53.35
N ARG B 113 21.16 2.94 52.15
CA ARG B 113 21.39 2.03 51.04
C ARG B 113 22.62 1.15 51.26
N VAL B 114 23.71 1.75 51.76
CA VAL B 114 24.92 0.97 52.04
C VAL B 114 24.66 -0.04 53.14
N ALA B 115 23.91 0.35 54.18
CA ALA B 115 23.56 -0.59 55.23
C ALA B 115 22.67 -1.70 54.71
N SER B 116 21.79 -1.40 53.75
CA SER B 116 21.00 -2.44 53.12
C SER B 116 21.88 -3.44 52.38
N VAL B 117 22.89 -2.94 51.67
CA VAL B 117 23.83 -3.84 50.98
C VAL B 117 24.56 -4.73 51.99
N MET B 118 25.00 -4.13 53.11
CA MET B 118 25.72 -4.91 54.12
C MET B 118 24.81 -5.96 54.75
N GLN B 119 23.54 -5.63 54.98
CA GLN B 119 22.59 -6.62 55.46
C GLN B 119 22.39 -7.74 54.44
N GLU B 120 22.29 -7.37 53.16
CA GLU B 120 22.16 -8.38 52.11
C GLU B 120 23.31 -9.38 52.18
N TYR B 121 24.54 -8.87 52.32
CA TYR B 121 25.67 -9.78 52.47
C TYR B 121 25.66 -10.53 53.80
N THR B 122 24.99 -9.99 54.82
CA THR B 122 24.88 -10.69 56.08
C THR B 122 23.84 -11.81 56.05
N GLN B 123 22.90 -11.77 55.11
CA GLN B 123 21.83 -12.77 55.06
C GLN B 123 21.88 -13.67 53.84
N SER B 124 22.45 -13.22 52.72
CA SER B 124 22.40 -14.00 51.49
C SER B 124 23.28 -15.25 51.62
N GLY B 125 23.23 -16.09 50.60
CA GLY B 125 23.86 -17.40 50.65
C GLY B 125 25.25 -17.42 50.05
N GLY B 126 26.13 -18.18 50.69
CA GLY B 126 27.47 -18.42 50.17
C GLY B 126 28.46 -17.30 50.36
N VAL B 127 28.16 -16.31 51.21
CA VAL B 127 29.02 -15.17 51.42
C VAL B 127 29.18 -14.93 52.92
N ARG B 128 30.22 -14.21 53.27
CA ARG B 128 30.46 -13.75 54.63
C ARG B 128 30.13 -12.27 54.74
N PRO B 129 29.80 -11.78 55.93
CA PRO B 129 29.58 -10.35 56.10
C PRO B 129 30.87 -9.56 55.91
N PHE B 130 30.71 -8.28 55.55
CA PHE B 130 31.86 -7.41 55.38
C PHE B 130 32.60 -7.24 56.69
N GLY B 131 33.93 -7.13 56.61
CA GLY B 131 34.73 -6.96 57.81
C GLY B 131 35.14 -5.52 58.04
N VAL B 132 34.22 -4.58 57.81
CA VAL B 132 34.51 -3.16 57.94
C VAL B 132 33.35 -2.44 58.59
N SER B 133 33.68 -1.41 59.36
CA SER B 133 32.74 -0.40 59.79
C SER B 133 33.08 0.91 59.09
N LEU B 134 32.05 1.63 58.65
CA LEU B 134 32.22 2.83 57.86
C LEU B 134 31.83 4.06 58.67
N LEU B 135 32.61 5.13 58.53
CA LEU B 135 32.28 6.43 59.08
C LEU B 135 31.95 7.35 57.91
N ILE B 136 30.68 7.75 57.82
CA ILE B 136 30.17 8.48 56.67
C ILE B 136 29.80 9.88 57.12
N CYS B 137 30.40 10.88 56.48
CA CYS B 137 30.12 12.28 56.75
C CYS B 137 29.46 12.91 55.53
N GLY B 138 28.69 13.96 55.76
CA GLY B 138 28.03 14.64 54.65
C GLY B 138 27.51 15.99 55.09
N TRP B 139 27.17 16.80 54.09
CA TRP B 139 26.60 18.12 54.30
C TRP B 139 25.35 18.24 53.45
N ASN B 140 24.19 18.37 54.10
CA ASN B 140 22.92 18.45 53.41
C ASN B 140 22.04 19.50 54.07
N GLU B 141 21.38 20.30 53.24
CA GLU B 141 20.40 21.29 53.70
C GLU B 141 21.03 22.27 54.70
N GLY B 142 22.28 22.62 54.47
CA GLY B 142 22.99 23.49 55.40
C GLY B 142 23.17 22.89 56.77
N ARG B 143 23.51 21.60 56.84
CA ARG B 143 23.63 20.89 58.10
C ARG B 143 24.59 19.73 57.93
N PRO B 144 25.50 19.49 58.87
CA PRO B 144 26.42 18.36 58.76
C PRO B 144 25.87 17.09 59.38
N TYR B 145 26.31 15.96 58.83
CA TYR B 145 25.90 14.65 59.29
C TYR B 145 27.13 13.76 59.48
N LEU B 146 27.05 12.89 60.49
CA LEU B 146 28.06 11.88 60.74
C LEU B 146 27.37 10.57 61.06
N PHE B 147 27.72 9.51 60.34
CA PHE B 147 27.08 8.21 60.48
C PHE B 147 28.14 7.12 60.61
N GLN B 148 27.76 6.05 61.31
CA GLN B 148 28.59 4.85 61.42
C GLN B 148 27.76 3.65 61.03
N SER B 149 28.25 2.89 60.05
CA SER B 149 27.61 1.65 59.62
C SER B 149 28.52 0.48 59.98
N ASP B 150 27.95 -0.51 60.66
CA ASP B 150 28.68 -1.67 61.16
C ASP B 150 28.52 -2.84 60.20
N PRO B 151 29.32 -3.90 60.38
CA PRO B 151 29.21 -5.05 59.46
C PRO B 151 27.84 -5.70 59.42
N SER B 152 27.03 -5.56 60.48
CA SER B 152 25.72 -6.19 60.50
C SER B 152 24.69 -5.49 59.63
N GLY B 153 24.98 -4.27 59.16
CA GLY B 153 24.02 -3.49 58.42
C GLY B 153 23.24 -2.48 59.22
N ALA B 154 23.63 -2.23 60.47
CA ALA B 154 22.98 -1.24 61.31
C ALA B 154 23.78 0.05 61.30
N TYR B 155 23.10 1.18 61.31
CA TYR B 155 23.74 2.48 61.24
C TYR B 155 23.29 3.37 62.39
N PHE B 156 24.18 4.26 62.81
CA PHE B 156 23.92 5.18 63.91
C PHE B 156 24.38 6.58 63.52
N ALA B 157 23.66 7.57 64.03
CA ALA B 157 24.04 8.97 63.86
C ALA B 157 24.83 9.42 65.08
N TRP B 158 26.01 9.99 64.85
CA TRP B 158 26.95 10.30 65.92
C TRP B 158 27.28 11.78 65.93
N LYS B 159 27.53 12.30 67.13
CA LYS B 159 28.22 13.58 67.26
C LYS B 159 29.73 13.40 67.11
N ALA B 160 30.28 12.39 67.78
CA ALA B 160 31.68 12.02 67.66
C ALA B 160 31.80 10.55 68.05
N THR B 161 32.68 9.84 67.35
CA THR B 161 32.86 8.42 67.61
C THR B 161 34.22 7.98 67.08
N ALA B 162 34.64 6.80 67.52
CA ALA B 162 35.92 6.23 67.11
C ALA B 162 35.72 4.76 66.77
N MET B 163 36.57 4.25 65.88
CA MET B 163 36.53 2.86 65.45
C MET B 163 37.93 2.28 65.51
N GLY B 164 38.01 0.96 65.37
CA GLY B 164 39.30 0.29 65.31
C GLY B 164 39.92 0.05 66.68
N LYS B 165 41.24 -0.01 66.69
CA LYS B 165 41.96 -0.28 67.93
C LYS B 165 41.79 0.86 68.92
N ASN B 166 41.60 0.51 70.19
CA ASN B 166 41.45 1.46 71.29
C ASN B 166 40.30 2.43 71.02
N TYR B 167 39.22 1.93 70.41
CA TYR B 167 38.08 2.77 70.12
C TYR B 167 37.26 3.09 71.36
N VAL B 168 37.31 2.25 72.40
CA VAL B 168 36.64 2.58 73.65
C VAL B 168 37.36 3.74 74.34
N ASN B 169 38.70 3.68 74.39
CA ASN B 169 39.46 4.79 74.96
C ASN B 169 39.26 6.05 74.14
N GLY B 170 39.23 5.93 72.81
CA GLY B 170 38.94 7.08 71.97
C GLY B 170 37.56 7.66 72.21
N LYS B 171 36.57 6.78 72.42
CA LYS B 171 35.22 7.25 72.73
C LYS B 171 35.19 8.00 74.06
N THR B 172 35.90 7.49 75.07
CA THR B 172 35.95 8.19 76.35
C THR B 172 36.66 9.54 76.21
N PHE B 173 37.74 9.58 75.43
CA PHE B 173 38.43 10.84 75.18
C PHE B 173 37.52 11.84 74.48
N LEU B 174 36.75 11.38 73.49
CA LEU B 174 35.82 12.25 72.79
C LEU B 174 34.73 12.76 73.74
N GLU B 175 34.22 11.89 74.62
CA GLU B 175 33.24 12.33 75.61
C GLU B 175 33.83 13.42 76.48
N LYS B 176 35.09 13.27 76.88
CA LYS B 176 35.74 14.30 77.69
C LYS B 176 35.90 15.60 76.92
N ARG B 177 36.24 15.53 75.64
CA ARG B 177 36.64 16.73 74.89
C ARG B 177 35.56 17.30 73.98
N TYR B 178 34.61 16.48 73.52
CA TYR B 178 33.62 16.99 72.56
C TYR B 178 32.63 17.93 73.23
N ASN B 179 32.23 18.96 72.49
CA ASN B 179 31.13 19.83 72.89
C ASN B 179 30.47 20.37 71.63
N GLU B 180 29.21 20.77 71.77
CA GLU B 180 28.51 21.37 70.66
C GLU B 180 29.07 22.76 70.38
N ASP B 181 28.59 23.37 69.28
CA ASP B 181 29.05 24.66 68.80
C ASP B 181 30.54 24.66 68.43
N LEU B 182 31.12 23.47 68.26
CA LEU B 182 32.53 23.37 67.92
C LEU B 182 32.77 23.82 66.49
N GLU B 183 33.85 24.57 66.29
CA GLU B 183 34.24 24.98 64.96
C GLU B 183 35.04 23.88 64.29
N LEU B 184 35.14 23.94 62.96
CA LEU B 184 35.75 22.86 62.20
C LEU B 184 37.23 22.68 62.55
N GLU B 185 37.96 23.77 62.73
CA GLU B 185 39.37 23.67 63.06
C GLU B 185 39.58 23.01 64.42
N ASP B 186 38.76 23.38 65.41
CA ASP B 186 38.85 22.73 66.71
C ASP B 186 38.48 21.26 66.62
N ALA B 187 37.52 20.92 65.74
CA ALA B 187 37.17 19.53 65.53
C ALA B 187 38.35 18.75 64.93
N ILE B 188 39.07 19.37 63.99
CA ILE B 188 40.24 18.71 63.41
C ILE B 188 41.32 18.52 64.47
N HIS B 189 41.52 19.52 65.32
CA HIS B 189 42.49 19.39 66.39
C HIS B 189 42.11 18.25 67.34
N THR B 190 40.82 18.16 67.68
CA THR B 190 40.37 17.11 68.59
C THR B 190 40.51 15.73 67.95
N ALA B 191 40.22 15.62 66.65
CA ALA B 191 40.38 14.34 65.96
C ALA B 191 41.83 13.91 65.91
N ILE B 192 42.74 14.85 65.63
CA ILE B 192 44.16 14.52 65.61
C ILE B 192 44.64 14.13 67.01
N LEU B 193 44.14 14.80 68.04
CA LEU B 193 44.51 14.41 69.41
C LEU B 193 43.96 13.03 69.76
N THR B 194 42.75 12.71 69.30
CA THR B 194 42.19 11.38 69.53
C THR B 194 43.04 10.31 68.85
N LEU B 195 43.50 10.58 67.63
CA LEU B 195 44.42 9.66 66.97
C LEU B 195 45.72 9.53 67.74
N LYS B 196 46.25 10.65 68.24
CA LYS B 196 47.50 10.63 69.00
C LYS B 196 47.35 9.82 70.29
N GLU B 197 46.15 9.80 70.87
CA GLU B 197 45.94 9.08 72.12
C GLU B 197 46.33 7.61 72.01
N SER B 198 46.12 7.00 70.85
CA SER B 198 46.46 5.60 70.64
C SER B 198 47.58 5.39 69.61
N PHE B 199 48.03 6.45 68.95
CA PHE B 199 49.05 6.31 67.92
C PHE B 199 50.36 5.82 68.52
N GLU B 200 50.97 4.84 67.85
CA GLU B 200 52.24 4.26 68.27
C GLU B 200 53.34 4.79 67.35
N GLY B 201 54.35 5.42 67.95
CA GLY B 201 55.43 6.00 67.18
C GLY B 201 55.29 7.49 67.01
N GLN B 202 55.76 8.02 65.88
CA GLN B 202 55.71 9.45 65.59
C GLN B 202 54.66 9.70 64.52
N MET B 203 53.77 10.66 64.77
CA MET B 203 52.71 11.01 63.84
C MET B 203 53.18 12.17 62.97
N THR B 204 53.20 11.95 61.66
CA THR B 204 53.59 12.96 60.68
C THR B 204 52.41 13.24 59.76
N GLU B 205 52.65 14.06 58.74
CA GLU B 205 51.62 14.41 57.77
C GLU B 205 51.35 13.30 56.77
N ASP B 206 52.10 12.21 56.82
CA ASP B 206 51.86 11.06 55.96
C ASP B 206 51.36 9.83 56.72
N ASN B 207 51.54 9.80 58.04
CA ASN B 207 51.06 8.67 58.83
C ASN B 207 49.54 8.69 59.01
N ILE B 208 48.91 9.86 58.86
CA ILE B 208 47.48 10.00 59.08
C ILE B 208 46.84 10.60 57.84
N GLU B 209 45.54 10.34 57.69
CA GLU B 209 44.74 10.89 56.60
C GLU B 209 43.53 11.60 57.19
N VAL B 210 43.29 12.82 56.74
CA VAL B 210 42.20 13.65 57.27
C VAL B 210 41.33 14.09 56.10
N GLY B 211 40.02 13.96 56.27
CA GLY B 211 39.08 14.49 55.32
C GLY B 211 38.03 15.33 56.02
N ILE B 212 37.62 16.41 55.38
CA ILE B 212 36.67 17.34 55.98
C ILE B 212 35.50 17.54 55.02
N CYS B 213 34.33 17.78 55.61
CA CYS B 213 33.12 18.08 54.85
C CYS B 213 32.49 19.34 55.42
N ASN B 214 32.14 20.28 54.56
CA ASN B 214 31.50 21.52 54.97
C ASN B 214 30.58 21.98 53.84
N GLU B 215 30.15 23.25 53.91
CA GLU B 215 29.26 23.77 52.88
C GLU B 215 29.89 23.73 51.50
N ALA B 216 31.21 23.93 51.41
CA ALA B 216 31.88 23.89 50.12
C ALA B 216 31.96 22.48 49.55
N GLY B 217 31.74 21.46 50.35
CA GLY B 217 31.76 20.08 49.93
C GLY B 217 32.72 19.26 50.76
N PHE B 218 32.97 18.04 50.30
CA PHE B 218 33.92 17.16 50.95
C PHE B 218 35.22 17.13 50.16
N ARG B 219 36.35 17.15 50.88
CA ARG B 219 37.65 17.05 50.25
C ARG B 219 38.63 16.42 51.23
N ARG B 220 39.60 15.70 50.66
CA ARG B 220 40.71 15.19 51.46
C ARG B 220 41.67 16.33 51.79
N LEU B 221 42.26 16.27 52.98
CA LEU B 221 43.24 17.27 53.37
C LEU B 221 44.61 16.88 52.82
N THR B 222 45.25 17.81 52.12
CA THR B 222 46.56 17.57 51.56
C THR B 222 47.59 17.44 52.69
N PRO B 223 48.70 16.74 52.44
CA PRO B 223 49.71 16.57 53.49
C PRO B 223 50.26 17.88 54.02
N THR B 224 50.27 18.95 53.22
CA THR B 224 50.75 20.24 53.72
C THR B 224 49.81 20.80 54.78
N GLU B 225 48.50 20.73 54.54
CA GLU B 225 47.54 21.19 55.53
C GLU B 225 47.59 20.34 56.80
N VAL B 226 47.76 19.02 56.65
CA VAL B 226 47.90 18.15 57.82
C VAL B 226 49.15 18.51 58.59
N LYS B 227 50.24 18.83 57.89
CA LYS B 227 51.46 19.27 58.56
C LYS B 227 51.24 20.57 59.31
N ASP B 228 50.50 21.50 58.72
CA ASP B 228 50.19 22.75 59.41
C ASP B 228 49.37 22.51 60.66
N TYR B 229 48.37 21.63 60.58
CA TYR B 229 47.57 21.31 61.75
C TYR B 229 48.39 20.63 62.83
N LEU B 230 49.29 19.73 62.44
CA LEU B 230 50.15 19.05 63.41
C LEU B 230 51.10 20.03 64.08
N ALA B 231 51.66 20.97 63.33
CA ALA B 231 52.51 22.00 63.91
C ALA B 231 51.71 22.89 64.87
N ALA B 232 50.46 23.18 64.51
CA ALA B 232 49.59 23.97 65.38
C ALA B 232 49.13 23.19 66.61
N ILE B 233 49.38 21.89 66.67
CA ILE B 233 48.97 21.08 67.82
C ILE B 233 50.16 20.81 68.73
N SER C 2 30.08 -28.69 49.54
CA SER C 2 28.88 -27.87 49.57
C SER C 2 27.87 -28.42 50.57
N ARG C 3 27.60 -29.72 50.48
CA ARG C 3 26.71 -30.37 51.43
C ARG C 3 27.29 -30.32 52.84
N ARG C 4 28.62 -30.38 52.96
CA ARG C 4 29.26 -30.41 54.26
C ARG C 4 29.11 -29.08 55.00
N TYR C 5 29.06 -27.97 54.28
CA TYR C 5 28.98 -26.66 54.88
C TYR C 5 27.55 -26.16 55.08
N ASP C 6 26.56 -26.90 54.58
CA ASP C 6 25.17 -26.49 54.71
C ASP C 6 24.72 -26.64 56.16
N SER C 7 24.04 -25.61 56.68
CA SER C 7 23.53 -25.62 58.04
C SER C 7 22.13 -26.19 58.16
N ARG C 8 21.40 -26.30 57.05
CA ARG C 8 20.03 -26.84 57.04
C ARG C 8 19.12 -26.03 57.97
N THR C 9 18.94 -24.76 57.63
CA THR C 9 18.19 -23.85 58.48
C THR C 9 16.68 -24.07 58.41
N THR C 10 16.20 -24.79 57.39
CA THR C 10 14.76 -24.98 57.22
C THR C 10 14.39 -26.46 57.29
N ILE C 11 14.90 -27.17 58.29
CA ILE C 11 14.57 -28.58 58.49
C ILE C 11 13.92 -28.75 59.86
N PHE C 12 13.12 -29.80 59.98
CA PHE C 12 12.49 -30.12 61.24
C PHE C 12 13.47 -30.78 62.20
N SER C 13 13.19 -30.65 63.48
CA SER C 13 13.92 -31.34 64.54
C SER C 13 13.20 -32.61 64.92
N PRO C 14 13.87 -33.55 65.61
CA PRO C 14 13.20 -34.80 66.00
C PRO C 14 11.94 -34.59 66.82
N GLU C 15 11.77 -33.45 67.48
CA GLU C 15 10.57 -33.15 68.25
C GLU C 15 9.58 -32.28 67.49
N GLY C 16 9.81 -32.07 66.19
CA GLY C 16 8.91 -31.24 65.41
C GLY C 16 9.13 -29.76 65.56
N ARG C 17 10.34 -29.33 65.89
CA ARG C 17 10.65 -27.93 66.13
C ARG C 17 11.57 -27.40 65.04
N LEU C 18 11.46 -26.10 64.77
CA LEU C 18 12.36 -25.40 63.86
C LEU C 18 13.36 -24.62 64.71
N TYR C 19 14.60 -25.10 64.75
CA TYR C 19 15.57 -24.55 65.70
C TYR C 19 15.92 -23.10 65.37
N GLN C 20 16.04 -22.77 64.08
CA GLN C 20 16.39 -21.40 63.70
C GLN C 20 15.34 -20.41 64.15
N VAL C 21 14.06 -20.79 64.08
CA VAL C 21 12.99 -19.91 64.53
C VAL C 21 13.09 -19.67 66.03
N GLU C 22 13.34 -20.72 66.80
CA GLU C 22 13.47 -20.57 68.25
C GLU C 22 14.68 -19.71 68.61
N TYR C 23 15.77 -19.86 67.87
CA TYR C 23 16.96 -19.04 68.13
C TYR C 23 16.70 -17.57 67.77
N ALA C 24 15.96 -17.34 66.68
CA ALA C 24 15.56 -15.97 66.35
C ALA C 24 14.65 -15.39 67.43
N MET C 25 13.79 -16.22 68.02
CA MET C 25 12.95 -15.74 69.11
C MET C 25 13.77 -15.43 70.36
N GLU C 26 14.84 -16.20 70.61
CA GLU C 26 15.78 -15.83 71.66
C GLU C 26 16.42 -14.48 71.38
N ALA C 27 16.81 -14.24 70.12
CA ALA C 27 17.32 -12.94 69.72
C ALA C 27 16.29 -11.84 70.01
N ILE C 28 15.02 -12.11 69.74
CA ILE C 28 13.95 -11.17 70.07
C ILE C 28 13.95 -10.89 71.57
N GLY C 29 14.01 -11.95 72.37
CA GLY C 29 14.03 -11.80 73.81
C GLY C 29 15.22 -11.02 74.32
N HIS C 30 16.31 -10.97 73.56
CA HIS C 30 17.47 -10.18 73.95
C HIS C 30 17.37 -8.72 73.52
N ALA C 31 16.31 -8.34 72.80
CA ALA C 31 16.20 -6.99 72.25
C ALA C 31 15.55 -6.05 73.26
N GLY C 32 15.23 -4.83 72.82
CA GLY C 32 14.62 -3.86 73.69
C GLY C 32 13.11 -4.00 73.77
N THR C 33 12.55 -3.53 74.88
CA THR C 33 11.13 -3.68 75.13
C THR C 33 10.30 -2.77 74.23
N CYS C 34 9.32 -3.34 73.55
CA CYS C 34 8.34 -2.59 72.77
C CYS C 34 6.96 -2.92 73.33
N LEU C 35 6.17 -1.87 73.59
CA LEU C 35 4.89 -2.02 74.26
C LEU C 35 3.79 -1.39 73.42
N GLY C 36 2.65 -2.07 73.33
CA GLY C 36 1.50 -1.53 72.61
C GLY C 36 0.22 -1.71 73.38
N ILE C 37 -0.55 -0.63 73.54
CA ILE C 37 -1.82 -0.66 74.26
C ILE C 37 -2.89 -0.06 73.37
N LEU C 38 -4.05 -0.73 73.32
CA LEU C 38 -5.18 -0.28 72.52
C LEU C 38 -6.22 0.36 73.43
N ALA C 39 -6.62 1.58 73.10
CA ALA C 39 -7.62 2.33 73.85
C ALA C 39 -8.87 2.51 73.00
N ASN C 40 -9.87 3.20 73.58
CA ASN C 40 -11.12 3.42 72.86
C ASN C 40 -10.95 4.48 71.78
N ASP C 41 -10.23 5.55 72.07
CA ASP C 41 -10.06 6.65 71.14
C ASP C 41 -8.73 6.61 70.40
N GLY C 42 -7.95 5.54 70.56
CA GLY C 42 -6.68 5.46 69.86
C GLY C 42 -5.90 4.24 70.30
N VAL C 43 -4.69 4.15 69.77
CA VAL C 43 -3.76 3.07 70.08
C VAL C 43 -2.35 3.64 70.07
N LEU C 44 -1.51 3.15 70.99
CA LEU C 44 -0.19 3.73 71.19
C LEU C 44 0.88 2.64 71.14
N LEU C 45 2.11 3.09 70.89
CA LEU C 45 3.31 2.27 70.98
C LEU C 45 4.27 2.92 71.97
N ALA C 46 4.90 2.11 72.81
CA ALA C 46 5.85 2.61 73.81
C ALA C 46 7.07 1.70 73.80
N ALA C 47 8.11 2.12 73.09
CA ALA C 47 9.33 1.34 72.96
C ALA C 47 10.42 1.90 73.88
N GLU C 48 11.33 1.01 74.29
CA GLU C 48 12.47 1.39 75.10
C GLU C 48 13.64 1.73 74.19
N ARG C 49 14.28 2.88 74.43
CA ARG C 49 15.39 3.33 73.61
C ARG C 49 16.65 2.59 74.08
N ARG C 50 17.05 1.56 73.33
CA ARG C 50 18.26 0.82 73.62
C ARG C 50 19.50 1.48 73.03
N ASN C 51 19.33 2.50 72.19
CA ASN C 51 20.43 3.21 71.57
C ASN C 51 20.62 4.53 72.32
N ILE C 52 21.34 4.47 73.44
CA ILE C 52 21.54 5.61 74.32
C ILE C 52 23.03 5.82 74.50
N HIS C 53 23.48 7.06 74.26
CA HIS C 53 24.86 7.47 74.45
C HIS C 53 24.92 8.98 74.31
N LYS C 54 25.74 9.62 75.15
CA LYS C 54 25.83 11.08 75.11
C LYS C 54 26.41 11.59 73.80
N LEU C 55 27.18 10.77 73.08
CA LEU C 55 27.76 11.16 71.80
C LEU C 55 26.87 10.79 70.62
N LEU C 56 25.72 10.19 70.86
CA LEU C 56 24.77 9.90 69.80
C LEU C 56 24.03 11.16 69.39
N ASP C 57 23.75 11.28 68.10
CA ASP C 57 23.02 12.43 67.60
C ASP C 57 21.53 12.26 67.83
N GLU C 58 20.80 13.36 67.75
CA GLU C 58 19.36 13.33 67.90
C GLU C 58 18.72 12.58 66.74
N VAL C 59 17.72 11.76 67.04
CA VAL C 59 17.09 10.94 66.02
C VAL C 59 16.25 11.82 65.09
N PHE C 60 16.17 11.42 63.82
CA PHE C 60 15.41 12.18 62.84
C PHE C 60 13.93 12.20 63.20
N PHE C 61 13.28 11.04 63.15
CA PHE C 61 11.86 10.94 63.50
C PHE C 61 11.66 10.05 64.73
N SER C 62 12.17 8.82 64.70
CA SER C 62 12.08 7.90 65.82
C SER C 62 13.06 6.76 65.60
N GLU C 63 13.62 6.25 66.70
CA GLU C 63 14.61 5.19 66.59
C GLU C 63 13.97 3.85 66.25
N LYS C 64 12.83 3.55 66.86
CA LYS C 64 12.24 2.21 66.77
C LYS C 64 10.81 2.20 66.23
N ILE C 65 10.21 3.35 65.98
CA ILE C 65 8.84 3.44 65.49
C ILE C 65 8.87 3.93 64.06
N TYR C 66 8.28 3.17 63.16
CA TYR C 66 8.32 3.46 61.73
C TYR C 66 6.90 3.63 61.20
N LYS C 67 6.67 4.72 60.47
CA LYS C 67 5.40 4.93 59.80
C LYS C 67 5.34 4.07 58.54
N LEU C 68 4.26 3.31 58.39
CA LEU C 68 4.09 2.41 57.26
C LEU C 68 3.27 3.01 56.13
N ASN C 69 2.21 3.73 56.47
CA ASN C 69 1.43 4.51 55.51
C ASN C 69 0.71 5.60 56.31
N GLU C 70 -0.27 6.24 55.68
CA GLU C 70 -0.98 7.33 56.34
C GLU C 70 -1.78 6.87 57.55
N ASP C 71 -2.03 5.56 57.69
CA ASP C 71 -2.92 5.06 58.74
C ASP C 71 -2.27 4.04 59.68
N MET C 72 -1.02 3.65 59.45
CA MET C 72 -0.40 2.59 60.23
C MET C 72 1.01 2.98 60.66
N ALA C 73 1.44 2.41 61.77
CA ALA C 73 2.80 2.53 62.26
C ALA C 73 3.21 1.19 62.87
N CYS C 74 4.52 0.96 62.94
CA CYS C 74 5.04 -0.29 63.47
C CYS C 74 6.22 -0.02 64.40
N SER C 75 6.45 -0.97 65.30
CA SER C 75 7.60 -0.98 66.19
C SER C 75 8.27 -2.33 66.08
N VAL C 76 9.60 -2.34 66.16
CA VAL C 76 10.38 -3.54 65.87
C VAL C 76 11.23 -3.90 67.07
N ALA C 77 11.41 -5.21 67.28
CA ALA C 77 12.30 -5.74 68.29
C ALA C 77 13.12 -6.86 67.67
N GLY C 78 14.43 -6.80 67.81
CA GLY C 78 15.31 -7.81 67.24
C GLY C 78 16.46 -7.21 66.46
N ILE C 79 16.89 -7.90 65.40
CA ILE C 79 17.96 -7.38 64.55
C ILE C 79 17.48 -6.14 63.84
N THR C 80 18.29 -5.07 63.87
CA THR C 80 17.84 -3.78 63.37
C THR C 80 17.78 -3.75 61.84
N SER C 81 18.77 -4.34 61.17
CA SER C 81 18.83 -4.27 59.71
C SER C 81 17.76 -5.15 59.08
N ASP C 82 17.49 -6.31 59.67
CA ASP C 82 16.36 -7.12 59.23
C ASP C 82 15.06 -6.36 59.42
N ALA C 83 14.95 -5.59 60.51
CA ALA C 83 13.78 -4.75 60.72
C ALA C 83 13.67 -3.69 59.64
N ASN C 84 14.79 -3.12 59.22
CA ASN C 84 14.76 -2.15 58.13
C ASN C 84 14.25 -2.78 56.84
N VAL C 85 14.74 -3.98 56.54
CA VAL C 85 14.27 -4.69 55.35
C VAL C 85 12.77 -4.94 55.42
N LEU C 86 12.31 -5.41 56.58
CA LEU C 86 10.90 -5.75 56.74
C LEU C 86 10.01 -4.51 56.67
N THR C 87 10.47 -3.38 57.21
CA THR C 87 9.68 -2.16 57.13
C THR C 87 9.61 -1.62 55.71
N ASN C 88 10.73 -1.71 54.97
CA ASN C 88 10.69 -1.34 53.56
C ASN C 88 9.69 -2.21 52.80
N GLU C 89 9.71 -3.52 53.06
CA GLU C 89 8.77 -4.42 52.40
C GLU C 89 7.33 -4.09 52.79
N LEU C 90 7.09 -3.75 54.05
CA LEU C 90 5.75 -3.39 54.50
C LEU C 90 5.25 -2.15 53.78
N ARG C 91 6.09 -1.13 53.66
CA ARG C 91 5.71 0.07 52.93
C ARG C 91 5.42 -0.25 51.47
N LEU C 92 6.23 -1.11 50.86
CA LEU C 92 5.98 -1.51 49.48
C LEU C 92 4.64 -2.21 49.34
N ILE C 93 4.30 -3.10 50.27
CA ILE C 93 3.03 -3.83 50.20
C ILE C 93 1.86 -2.85 50.34
N ALA C 94 1.97 -1.92 51.29
CA ALA C 94 0.89 -0.94 51.48
C ALA C 94 0.70 -0.10 50.23
N GLN C 95 1.79 0.36 49.63
CA GLN C 95 1.67 1.17 48.42
C GLN C 95 1.11 0.35 47.26
N ARG C 96 1.47 -0.92 47.16
CA ARG C 96 0.92 -1.76 46.11
C ARG C 96 -0.58 -1.94 46.27
N TYR C 97 -1.04 -2.18 47.50
CA TYR C 97 -2.48 -2.29 47.72
C TYR C 97 -3.18 -0.99 47.37
N LEU C 98 -2.61 0.16 47.78
CA LEU C 98 -3.21 1.43 47.46
C LEU C 98 -3.28 1.65 45.95
N LEU C 99 -2.23 1.26 45.23
CA LEU C 99 -2.24 1.38 43.77
C LEU C 99 -3.32 0.51 43.15
N GLN C 100 -3.49 -0.72 43.66
CA GLN C 100 -4.45 -1.63 43.05
C GLN C 100 -5.89 -1.22 43.33
N TYR C 101 -6.19 -0.81 44.56
CA TYR C 101 -7.57 -0.57 44.97
C TYR C 101 -7.93 0.89 45.21
N GLN C 102 -6.95 1.79 45.25
CA GLN C 102 -7.16 3.20 45.54
C GLN C 102 -7.82 3.40 46.91
N GLU C 103 -7.58 2.47 47.83
CA GLU C 103 -8.01 2.56 49.21
C GLU C 103 -6.85 2.15 50.10
N PRO C 104 -6.76 2.72 51.30
CA PRO C 104 -5.70 2.28 52.23
C PRO C 104 -5.89 0.83 52.66
N ILE C 105 -4.78 0.13 52.80
CA ILE C 105 -4.84 -1.30 53.11
C ILE C 105 -5.33 -1.50 54.53
N PRO C 106 -6.22 -2.47 54.78
CA PRO C 106 -6.53 -2.84 56.16
C PRO C 106 -5.30 -3.42 56.84
N CYS C 107 -5.22 -3.21 58.16
CA CYS C 107 -4.01 -3.56 58.90
C CYS C 107 -3.72 -5.05 58.85
N GLU C 108 -4.75 -5.88 59.01
CA GLU C 108 -4.54 -7.32 59.06
C GLU C 108 -4.00 -7.87 57.76
N GLN C 109 -4.40 -7.28 56.62
CA GLN C 109 -3.86 -7.73 55.34
C GLN C 109 -2.37 -7.45 55.23
N LEU C 110 -1.93 -6.27 55.70
CA LEU C 110 -0.50 -5.95 55.69
C LEU C 110 0.28 -6.90 56.59
N VAL C 111 -0.25 -7.14 57.80
CA VAL C 111 0.41 -8.08 58.71
C VAL C 111 0.48 -9.46 58.10
N THR C 112 -0.60 -9.88 57.42
CA THR C 112 -0.63 -11.19 56.78
C THR C 112 0.40 -11.30 55.68
N ALA C 113 0.56 -10.24 54.88
CA ALA C 113 1.56 -10.27 53.81
C ALA C 113 2.98 -10.39 54.38
N LEU C 114 3.29 -9.59 55.40
CA LEU C 114 4.63 -9.69 55.98
C LEU C 114 4.86 -11.05 56.63
N CYS C 115 3.82 -11.59 57.28
CA CYS C 115 3.94 -12.91 57.89
C CYS C 115 4.09 -14.01 56.84
N ASP C 116 3.46 -13.85 55.68
CA ASP C 116 3.66 -14.78 54.58
C ASP C 116 5.12 -14.76 54.12
N ILE C 117 5.71 -13.57 54.03
CA ILE C 117 7.12 -13.47 53.68
C ILE C 117 7.98 -14.18 54.73
N LYS C 118 7.69 -13.96 56.00
CA LYS C 118 8.44 -14.61 57.08
C LYS C 118 8.33 -16.13 56.99
N GLN C 119 7.12 -16.64 56.78
CA GLN C 119 6.92 -18.08 56.67
C GLN C 119 7.66 -18.64 55.47
N ALA C 120 7.63 -17.92 54.35
CA ALA C 120 8.38 -18.36 53.17
C ALA C 120 9.87 -18.49 53.49
N TYR C 121 10.40 -17.55 54.27
CA TYR C 121 11.80 -17.67 54.69
C TYR C 121 12.00 -18.85 55.64
N THR C 122 11.02 -19.16 56.49
CA THR C 122 11.18 -20.27 57.41
C THR C 122 10.94 -21.64 56.77
N GLN C 123 10.38 -21.71 55.56
CA GLN C 123 10.07 -23.00 54.96
C GLN C 123 11.10 -23.45 53.92
N PHE C 124 11.56 -22.56 53.05
CA PHE C 124 12.45 -22.95 51.97
C PHE C 124 13.48 -21.85 51.75
N GLY C 125 14.46 -22.16 50.90
CA GLY C 125 15.47 -21.22 50.48
C GLY C 125 16.83 -21.44 51.08
N GLY C 126 16.91 -22.10 52.24
CA GLY C 126 18.18 -22.31 52.90
C GLY C 126 18.75 -21.10 53.60
N LYS C 127 18.00 -20.00 53.67
CA LYS C 127 18.43 -18.79 54.34
C LYS C 127 17.99 -18.79 55.80
N ARG C 128 18.70 -18.02 56.61
CA ARG C 128 18.29 -17.84 57.99
C ARG C 128 17.05 -16.96 58.06
N PRO C 129 16.19 -17.17 59.06
CA PRO C 129 14.99 -16.34 59.18
C PRO C 129 15.32 -14.94 59.65
N PHE C 130 14.38 -14.02 59.43
CA PHE C 130 14.50 -12.69 59.99
C PHE C 130 14.33 -12.75 61.50
N GLY C 131 15.27 -12.16 62.23
CA GLY C 131 15.17 -12.10 63.66
C GLY C 131 14.51 -10.84 64.15
N VAL C 132 13.26 -10.61 63.74
CA VAL C 132 12.51 -9.41 64.10
C VAL C 132 11.11 -9.82 64.53
N SER C 133 10.65 -9.28 65.66
CA SER C 133 9.25 -9.29 66.03
C SER C 133 8.70 -7.87 65.89
N LEU C 134 7.49 -7.76 65.38
CA LEU C 134 6.91 -6.46 65.07
C LEU C 134 5.61 -6.25 65.82
N LEU C 135 5.38 -5.01 66.22
CA LEU C 135 4.10 -4.56 66.76
C LEU C 135 3.48 -3.61 65.74
N TYR C 136 2.20 -3.80 65.44
CA TYR C 136 1.50 -3.01 64.44
C TYR C 136 0.34 -2.28 65.11
N ILE C 137 0.23 -0.99 64.83
CA ILE C 137 -0.92 -0.19 65.24
C ILE C 137 -1.45 0.53 64.01
N GLY C 138 -2.77 0.73 63.98
CA GLY C 138 -3.37 1.40 62.84
C GLY C 138 -4.86 1.53 63.02
N TRP C 139 -5.48 2.17 62.03
CA TRP C 139 -6.92 2.35 61.97
C TRP C 139 -7.39 2.04 60.56
N ASP C 140 -8.52 1.36 60.44
CA ASP C 140 -9.13 1.12 59.14
C ASP C 140 -10.64 1.15 59.29
N LYS C 141 -11.32 1.28 58.14
CA LYS C 141 -12.76 1.46 58.13
C LYS C 141 -13.52 0.21 58.57
N HIS C 142 -12.88 -0.95 58.58
CA HIS C 142 -13.56 -2.19 58.92
C HIS C 142 -13.58 -2.44 60.43
N TYR C 143 -12.44 -2.33 61.09
CA TYR C 143 -12.32 -2.70 62.50
C TYR C 143 -11.81 -1.58 63.38
N GLY C 144 -11.69 -0.36 62.86
CA GLY C 144 -11.26 0.75 63.69
C GLY C 144 -9.82 0.59 64.13
N PHE C 145 -9.56 0.98 65.38
CA PHE C 145 -8.21 0.89 65.94
C PHE C 145 -7.85 -0.56 66.19
N GLN C 146 -6.63 -0.94 65.80
CA GLN C 146 -6.18 -2.31 65.90
C GLN C 146 -4.74 -2.35 66.39
N LEU C 147 -4.36 -3.49 66.98
CA LEU C 147 -3.00 -3.72 67.47
C LEU C 147 -2.64 -5.17 67.17
N TYR C 148 -1.54 -5.36 66.43
CA TYR C 148 -1.11 -6.69 66.02
C TYR C 148 0.34 -6.92 66.42
N GLN C 149 0.69 -8.19 66.59
CA GLN C 149 2.04 -8.62 66.91
C GLN C 149 2.41 -9.78 66.02
N SER C 150 3.62 -9.75 65.46
CA SER C 150 4.10 -10.79 64.56
C SER C 150 5.41 -11.37 65.08
N ASP C 151 5.61 -12.64 64.82
CA ASP C 151 6.78 -13.40 65.26
C ASP C 151 7.68 -13.72 64.07
N PRO C 152 8.96 -14.02 64.32
CA PRO C 152 9.83 -14.47 63.22
C PRO C 152 9.35 -15.74 62.55
N SER C 153 8.59 -16.58 63.26
CA SER C 153 8.03 -17.78 62.65
C SER C 153 6.99 -17.47 61.59
N GLY C 154 6.44 -16.26 61.59
CA GLY C 154 5.34 -15.92 60.72
C GLY C 154 3.99 -15.92 61.40
N ASN C 155 3.93 -16.22 62.70
CA ASN C 155 2.67 -16.21 63.43
C ASN C 155 2.34 -14.80 63.89
N TYR C 156 1.09 -14.40 63.70
CA TYR C 156 0.62 -13.10 64.15
C TYR C 156 -0.68 -13.28 64.92
N GLY C 157 -1.12 -12.18 65.54
CA GLY C 157 -2.36 -12.17 66.27
C GLY C 157 -2.77 -10.79 66.72
N GLY C 158 -4.07 -10.57 66.90
CA GLY C 158 -4.56 -9.31 67.39
C GLY C 158 -4.57 -9.25 68.90
N TRP C 159 -4.36 -8.07 69.45
CA TRP C 159 -4.24 -7.90 70.89
C TRP C 159 -4.90 -6.60 71.32
N LYS C 160 -5.28 -6.56 72.60
CA LYS C 160 -5.66 -5.32 73.24
C LYS C 160 -4.47 -4.64 73.92
N ALA C 161 -3.53 -5.44 74.43
CA ALA C 161 -2.30 -4.92 75.02
C ALA C 161 -1.28 -6.04 75.01
N THR C 162 -0.08 -5.75 74.53
CA THR C 162 0.96 -6.77 74.39
C THR C 162 2.33 -6.10 74.48
N CYS C 163 3.34 -6.93 74.71
CA CYS C 163 4.71 -6.46 74.81
C CYS C 163 5.66 -7.48 74.19
N ILE C 164 6.73 -6.99 73.56
CA ILE C 164 7.78 -7.82 73.02
C ILE C 164 9.12 -7.26 73.46
N GLY C 165 10.15 -8.10 73.41
CA GLY C 165 11.49 -7.68 73.77
C GLY C 165 11.90 -8.11 75.17
N ASN C 166 12.74 -7.29 75.80
CA ASN C 166 13.26 -7.63 77.12
C ASN C 166 12.17 -7.52 78.17
N ASN C 167 12.14 -8.51 79.08
CA ASN C 167 11.19 -8.55 80.20
C ASN C 167 9.75 -8.46 79.71
N SER C 168 9.46 -9.13 78.59
CA SER C 168 8.12 -9.04 78.02
C SER C 168 7.10 -9.81 78.84
N ALA C 169 7.53 -10.88 79.53
CA ALA C 169 6.59 -11.66 80.34
C ALA C 169 6.06 -10.86 81.52
N ALA C 170 6.93 -10.11 82.21
CA ALA C 170 6.48 -9.27 83.31
C ALA C 170 5.54 -8.20 82.82
N ALA C 171 5.84 -7.59 81.67
CA ALA C 171 4.94 -6.59 81.10
C ALA C 171 3.59 -7.20 80.74
N VAL C 172 3.59 -8.42 80.20
CA VAL C 172 2.34 -9.08 79.85
C VAL C 172 1.51 -9.34 81.10
N SER C 173 2.16 -9.80 82.17
CA SER C 173 1.44 -10.01 83.43
C SER C 173 0.87 -8.70 83.97
N MET C 174 1.65 -7.62 83.91
CA MET C 174 1.17 -6.33 84.37
C MET C 174 -0.03 -5.86 83.57
N LEU C 175 0.03 -6.01 82.25
CA LEU C 175 -1.10 -5.62 81.41
C LEU C 175 -2.33 -6.49 81.69
N LYS C 176 -2.13 -7.80 81.91
CA LYS C 176 -3.23 -8.67 82.27
C LYS C 176 -3.89 -8.20 83.56
N GLN C 177 -3.08 -7.78 84.54
CA GLN C 177 -3.64 -7.34 85.80
C GLN C 177 -4.35 -5.98 85.67
N ASP C 178 -3.81 -5.08 84.84
CA ASP C 178 -4.23 -3.69 84.88
C ASP C 178 -5.07 -3.23 83.70
N TYR C 179 -5.02 -3.92 82.56
CA TYR C 179 -5.80 -3.49 81.41
C TYR C 179 -7.28 -3.79 81.64
N LYS C 180 -8.13 -2.79 81.35
CA LYS C 180 -9.57 -2.93 81.48
C LYS C 180 -10.17 -2.88 80.08
N GLU C 181 -10.78 -3.98 79.65
CA GLU C 181 -11.32 -4.06 78.30
C GLU C 181 -12.53 -3.15 78.15
N GLY C 182 -12.51 -2.31 77.11
CA GLY C 182 -13.62 -1.44 76.80
C GLY C 182 -13.68 -0.14 77.56
N GLU C 183 -12.87 0.02 78.62
CA GLU C 183 -12.90 1.22 79.44
C GLU C 183 -11.66 2.09 79.26
N MET C 184 -10.71 1.68 78.44
CA MET C 184 -9.44 2.39 78.33
C MET C 184 -9.58 3.66 77.50
N THR C 185 -9.06 4.76 78.01
CA THR C 185 -8.85 5.98 77.25
C THR C 185 -7.36 6.12 76.95
N LEU C 186 -7.03 7.04 76.05
CA LEU C 186 -5.63 7.23 75.68
C LEU C 186 -4.81 7.75 76.85
N LYS C 187 -5.41 8.54 77.74
CA LYS C 187 -4.69 9.03 78.91
C LYS C 187 -4.39 7.89 79.89
N SER C 188 -5.39 7.06 80.19
CA SER C 188 -5.17 5.92 81.06
C SER C 188 -4.23 4.91 80.41
N ALA C 189 -4.33 4.74 79.08
CA ALA C 189 -3.41 3.85 78.38
C ALA C 189 -1.98 4.36 78.47
N LEU C 190 -1.79 5.69 78.35
CA LEU C 190 -0.45 6.25 78.49
C LEU C 190 0.09 6.08 79.90
N ALA C 191 -0.77 6.26 80.91
CA ALA C 191 -0.34 6.04 82.29
C ALA C 191 0.08 4.59 82.51
N LEU C 192 -0.73 3.65 82.00
CA LEU C 192 -0.38 2.24 82.13
C LEU C 192 0.92 1.91 81.40
N ALA C 193 1.11 2.48 80.21
CA ALA C 193 2.35 2.25 79.47
C ALA C 193 3.55 2.77 80.24
N ILE C 194 3.41 3.96 80.85
CA ILE C 194 4.52 4.53 81.62
C ILE C 194 4.84 3.65 82.82
N LYS C 195 3.82 3.19 83.54
CA LYS C 195 4.08 2.36 84.72
C LYS C 195 4.67 1.02 84.34
N VAL C 196 4.21 0.43 83.22
CA VAL C 196 4.75 -0.85 82.78
C VAL C 196 6.20 -0.71 82.34
N LEU C 197 6.51 0.35 81.59
CA LEU C 197 7.90 0.59 81.20
C LEU C 197 8.78 0.84 82.42
N ASN C 198 8.25 1.57 83.41
CA ASN C 198 9.01 1.81 84.62
C ASN C 198 9.33 0.51 85.35
N LYS C 199 8.34 -0.36 85.51
CA LYS C 199 8.57 -1.59 86.26
C LYS C 199 9.45 -2.56 85.48
N THR C 200 9.23 -2.70 84.17
CA THR C 200 10.01 -3.66 83.38
C THR C 200 11.45 -3.23 83.25
N MET C 201 11.69 -1.95 82.92
CA MET C 201 13.03 -1.39 82.87
C MET C 201 13.48 -1.07 84.30
N ASP C 202 13.68 -2.13 85.08
CA ASP C 202 14.02 -1.98 86.48
C ASP C 202 15.47 -1.55 86.67
N VAL C 203 16.36 -1.95 85.77
CA VAL C 203 17.79 -1.65 85.94
C VAL C 203 18.05 -0.16 85.73
N SER C 204 17.28 0.49 84.86
CA SER C 204 17.48 1.89 84.53
C SER C 204 16.22 2.68 84.89
N LYS C 205 16.39 3.73 85.67
CA LYS C 205 15.27 4.57 86.07
C LYS C 205 14.67 5.26 84.85
N LEU C 206 13.35 5.40 84.85
CA LEU C 206 12.65 5.92 83.68
C LEU C 206 12.97 7.39 83.44
N SER C 207 13.25 7.74 82.20
CA SER C 207 13.47 9.11 81.79
C SER C 207 12.99 9.25 80.34
N ALA C 208 12.69 10.49 79.96
CA ALA C 208 12.18 10.75 78.61
C ALA C 208 13.21 10.45 77.54
N GLU C 209 14.48 10.39 77.89
CA GLU C 209 15.53 10.10 76.91
C GLU C 209 15.74 8.61 76.68
N LYS C 210 15.07 7.75 77.43
CA LYS C 210 15.23 6.31 77.30
C LYS C 210 14.00 5.61 76.74
N VAL C 211 12.92 6.35 76.49
CA VAL C 211 11.69 5.76 75.96
C VAL C 211 11.19 6.62 74.80
N GLU C 212 10.50 5.96 73.87
CA GLU C 212 9.85 6.63 72.76
C GLU C 212 8.37 6.22 72.74
N ILE C 213 7.48 7.20 72.65
CA ILE C 213 6.05 6.96 72.70
C ILE C 213 5.41 7.57 71.47
N ALA C 214 4.60 6.79 70.76
CA ALA C 214 3.84 7.25 69.60
C ALA C 214 2.39 6.83 69.76
N THR C 215 1.48 7.73 69.40
CA THR C 215 0.05 7.48 69.50
C THR C 215 -0.59 7.60 68.12
N LEU C 216 -1.73 6.93 67.97
CA LEU C 216 -2.49 6.95 66.73
C LEU C 216 -3.93 7.31 67.05
N THR C 217 -4.39 8.45 66.52
CA THR C 217 -5.72 8.96 66.80
C THR C 217 -6.42 9.31 65.49
N ARG C 218 -7.74 9.46 65.57
CA ARG C 218 -8.55 9.92 64.45
C ARG C 218 -9.01 11.33 64.74
N GLU C 219 -8.67 12.27 63.86
CA GLU C 219 -9.00 13.68 64.02
C GLU C 219 -9.75 14.15 62.78
N ASN C 220 -11.09 14.16 62.87
CA ASN C 220 -11.95 14.66 61.80
C ASN C 220 -11.71 13.93 60.49
N GLY C 221 -11.84 12.60 60.53
CA GLY C 221 -11.71 11.80 59.33
C GLY C 221 -10.29 11.59 58.85
N LYS C 222 -9.29 11.91 59.66
CA LYS C 222 -7.90 11.70 59.31
C LYS C 222 -7.20 10.94 60.43
N THR C 223 -6.19 10.16 60.06
CA THR C 223 -5.38 9.44 61.02
C THR C 223 -4.14 10.27 61.36
N VAL C 224 -3.89 10.46 62.64
CA VAL C 224 -2.77 11.26 63.12
C VAL C 224 -1.84 10.34 63.89
N ILE C 225 -0.65 10.11 63.33
CA ILE C 225 0.41 9.35 63.99
C ILE C 225 1.49 10.34 64.39
N ARG C 226 1.68 10.52 65.69
CA ARG C 226 2.64 11.48 66.20
C ARG C 226 3.46 10.85 67.32
N VAL C 227 4.67 11.36 67.50
CA VAL C 227 5.58 10.89 68.53
C VAL C 227 5.60 11.93 69.65
N LEU C 228 5.42 11.47 70.88
CA LEU C 228 5.36 12.37 72.02
C LEU C 228 6.70 13.06 72.22
N LYS C 229 6.65 14.36 72.49
CA LYS C 229 7.86 15.13 72.72
C LYS C 229 8.43 14.82 74.10
N GLN C 230 9.66 15.29 74.32
CA GLN C 230 10.34 14.99 75.58
C GLN C 230 9.59 15.57 76.77
N LYS C 231 9.04 16.78 76.63
CA LYS C 231 8.30 17.37 77.73
C LYS C 231 7.03 16.58 78.07
N GLU C 232 6.35 16.06 77.05
CA GLU C 232 5.14 15.28 77.29
C GLU C 232 5.46 13.99 78.05
N VAL C 233 6.52 13.28 77.63
CA VAL C 233 6.90 12.06 78.32
C VAL C 233 7.39 12.37 79.73
N GLU C 234 8.07 13.51 79.91
CA GLU C 234 8.48 13.93 81.24
C GLU C 234 7.28 14.19 82.14
N GLN C 235 6.25 14.83 81.60
CA GLN C 235 5.02 15.04 82.37
C GLN C 235 4.36 13.72 82.73
N LEU C 236 4.35 12.77 81.78
CA LEU C 236 3.78 11.45 82.08
C LEU C 236 4.54 10.75 83.20
N ILE C 237 5.88 10.80 83.15
CA ILE C 237 6.69 10.17 84.18
C ILE C 237 6.50 10.88 85.52
N LYS C 238 6.37 12.21 85.51
CA LYS C 238 6.12 12.95 86.73
C LYS C 238 4.78 12.57 87.34
N LYS C 239 3.74 12.43 86.51
CA LYS C 239 2.45 11.99 87.02
C LYS C 239 2.53 10.59 87.60
N HIS C 240 3.25 9.69 86.93
CA HIS C 240 3.41 8.34 87.46
C HIS C 240 4.12 8.35 88.81
N GLU C 241 5.19 9.14 88.94
CA GLU C 241 5.91 9.21 90.20
C GLU C 241 5.06 9.83 91.29
N GLU C 242 4.25 10.84 90.94
CA GLU C 242 3.34 11.44 91.91
C GLU C 242 2.32 10.42 92.40
N GLU C 243 1.75 9.63 91.49
CA GLU C 243 0.81 8.59 91.90
C GLU C 243 1.48 7.54 92.77
N GLU C 244 2.71 7.16 92.43
CA GLU C 244 3.43 6.19 93.24
C GLU C 244 3.70 6.72 94.64
N ALA C 245 4.09 7.99 94.75
CA ALA C 245 4.32 8.59 96.06
C ALA C 245 3.02 8.70 96.85
N LYS C 246 1.92 9.01 96.18
CA LYS C 246 0.63 9.06 96.86
C LYS C 246 0.24 7.68 97.39
N ALA C 247 0.49 6.64 96.59
CA ALA C 247 0.21 5.28 97.05
C ALA C 247 1.10 4.91 98.23
N GLU C 248 2.37 5.30 98.19
CA GLU C 248 3.28 5.03 99.29
C GLU C 248 2.81 5.72 100.56
N ARG C 249 2.36 6.97 100.46
CA ARG C 249 1.83 7.68 101.62
C ARG C 249 0.55 7.02 102.13
N GLU C 250 -0.32 6.59 101.23
CA GLU C 250 -1.60 6.00 101.60
C GLU C 250 -1.50 4.53 101.98
N LYS C 251 -0.29 4.02 102.21
CA LYS C 251 -0.11 2.64 102.62
C LYS C 251 0.71 2.55 103.91
N SER D 2 17.07 -21.06 44.15
CA SER D 2 18.30 -21.67 43.66
C SER D 2 18.81 -22.73 44.64
N TYR D 3 18.13 -22.85 45.78
CA TYR D 3 18.47 -23.85 46.77
C TYR D 3 17.86 -25.18 46.36
N ASP D 4 18.68 -26.20 46.19
CA ASP D 4 18.26 -27.47 45.62
C ASP D 4 18.71 -28.64 46.49
N ARG D 5 18.75 -28.45 47.80
CA ARG D 5 19.08 -29.52 48.72
C ARG D 5 17.91 -30.47 48.88
N ALA D 6 18.21 -31.77 48.97
CA ALA D 6 17.18 -32.77 49.27
C ALA D 6 16.99 -32.84 50.77
N ILE D 7 15.85 -32.33 51.25
CA ILE D 7 15.59 -32.27 52.69
C ILE D 7 14.92 -33.54 53.17
N THR D 8 13.89 -34.00 52.47
CA THR D 8 13.18 -35.23 52.83
C THR D 8 13.81 -36.39 52.07
N VAL D 9 14.47 -37.29 52.78
CA VAL D 9 15.13 -38.45 52.20
C VAL D 9 14.81 -39.68 53.04
N PHE D 10 15.01 -40.85 52.43
CA PHE D 10 14.74 -42.11 53.11
C PHE D 10 15.83 -42.44 54.12
N SER D 11 15.42 -43.06 55.22
CA SER D 11 16.31 -43.59 56.24
C SER D 11 16.56 -45.07 55.98
N PRO D 12 17.57 -45.65 56.63
CA PRO D 12 17.86 -47.07 56.38
C PRO D 12 16.68 -48.00 56.63
N ASP D 13 15.77 -47.64 57.53
CA ASP D 13 14.62 -48.48 57.80
C ASP D 13 13.47 -48.22 56.83
N GLY D 14 13.64 -47.34 55.86
CA GLY D 14 12.56 -46.99 54.95
C GLY D 14 11.66 -45.88 55.44
N HIS D 15 12.12 -45.04 56.35
CA HIS D 15 11.31 -43.97 56.91
C HIS D 15 11.76 -42.63 56.37
N LEU D 16 10.81 -41.74 56.17
CA LEU D 16 11.08 -40.34 55.82
C LEU D 16 11.06 -39.55 57.11
N PHE D 17 12.25 -39.20 57.62
CA PHE D 17 12.36 -38.60 58.93
C PHE D 17 11.71 -37.22 58.98
N GLN D 18 11.82 -36.44 57.90
CA GLN D 18 11.23 -35.11 57.88
C GLN D 18 9.71 -35.18 57.99
N VAL D 19 9.09 -36.14 57.31
CA VAL D 19 7.64 -36.31 57.40
C VAL D 19 7.24 -36.72 58.81
N GLU D 20 8.02 -37.61 59.43
CA GLU D 20 7.72 -38.02 60.80
C GLU D 20 7.83 -36.86 61.78
N TYR D 21 8.83 -35.99 61.57
CA TYR D 21 8.98 -34.83 62.43
C TYR D 21 7.87 -33.81 62.20
N ALA D 22 7.40 -33.68 60.95
CA ALA D 22 6.23 -32.84 60.69
C ALA D 22 5.00 -33.39 61.40
N GLN D 23 4.83 -34.71 61.41
CA GLN D 23 3.72 -35.31 62.15
C GLN D 23 3.87 -35.06 63.65
N GLU D 24 5.10 -35.11 64.15
CA GLU D 24 5.33 -34.76 65.56
C GLU D 24 4.98 -33.32 65.85
N ALA D 25 5.28 -32.42 64.91
CA ALA D 25 4.88 -31.02 65.07
C ALA D 25 3.36 -30.88 65.07
N VAL D 26 2.68 -31.69 64.26
CA VAL D 26 1.22 -31.72 64.29
C VAL D 26 0.73 -32.19 65.67
N LYS D 27 1.39 -33.20 66.23
CA LYS D 27 0.98 -33.73 67.52
C LYS D 27 1.06 -32.70 68.64
N LYS D 28 1.84 -31.63 68.46
CA LYS D 28 1.95 -30.59 69.47
C LYS D 28 0.90 -29.49 69.31
N GLY D 29 0.11 -29.51 68.24
CA GLY D 29 -0.90 -28.51 68.04
C GLY D 29 -2.14 -28.74 68.88
N SER D 30 -2.98 -27.72 68.95
CA SER D 30 -4.21 -27.81 69.71
C SER D 30 -5.16 -28.81 69.05
N THR D 31 -5.97 -29.46 69.88
CA THR D 31 -6.86 -30.50 69.39
C THR D 31 -7.98 -29.91 68.53
N ALA D 32 -8.19 -30.50 67.35
CA ALA D 32 -9.27 -30.13 66.47
C ALA D 32 -10.14 -31.34 66.23
N VAL D 33 -11.46 -31.17 66.34
CA VAL D 33 -12.42 -32.26 66.27
C VAL D 33 -13.44 -31.95 65.19
N GLY D 34 -13.67 -32.92 64.32
CA GLY D 34 -14.71 -32.81 63.31
C GLY D 34 -15.61 -34.03 63.30
N VAL D 35 -16.92 -33.81 63.29
CA VAL D 35 -17.90 -34.89 63.33
C VAL D 35 -18.92 -34.65 62.24
N ARG D 36 -19.18 -35.67 61.43
CA ARG D 36 -20.14 -35.59 60.34
C ARG D 36 -21.51 -36.03 60.84
N GLY D 37 -22.54 -35.23 60.52
CA GLY D 37 -23.91 -35.54 60.84
C GLY D 37 -24.75 -35.76 59.59
N LYS D 38 -26.03 -36.05 59.84
CA LYS D 38 -26.95 -36.30 58.72
C LYS D 38 -27.22 -35.03 57.93
N ASP D 39 -27.50 -33.93 58.62
CA ASP D 39 -27.81 -32.67 57.97
C ASP D 39 -26.82 -31.56 58.32
N ILE D 40 -25.79 -31.86 59.11
CA ILE D 40 -24.88 -30.84 59.63
C ILE D 40 -23.48 -31.42 59.72
N VAL D 41 -22.49 -30.53 59.69
CA VAL D 41 -21.10 -30.86 59.97
C VAL D 41 -20.58 -29.89 61.02
N VAL D 42 -19.94 -30.42 62.05
CA VAL D 42 -19.49 -29.64 63.19
C VAL D 42 -17.99 -29.77 63.32
N LEU D 43 -17.30 -28.63 63.46
CA LEU D 43 -15.86 -28.59 63.67
C LEU D 43 -15.58 -27.92 65.01
N GLY D 44 -14.81 -28.59 65.86
CA GLY D 44 -14.47 -28.04 67.15
C GLY D 44 -12.97 -28.02 67.40
N VAL D 45 -12.44 -26.87 67.78
CA VAL D 45 -11.00 -26.71 68.01
C VAL D 45 -10.78 -26.23 69.44
N GLU D 46 -9.81 -26.83 70.11
CA GLU D 46 -9.44 -26.43 71.46
C GLU D 46 -8.55 -25.20 71.41
N LYS D 47 -8.76 -24.28 72.36
CA LYS D 47 -7.83 -23.18 72.59
C LYS D 47 -6.84 -23.61 73.66
N LYS D 48 -5.55 -23.63 73.30
CA LYS D 48 -4.53 -24.09 74.23
C LYS D 48 -4.48 -23.20 75.47
N SER D 49 -4.54 -21.88 75.28
CA SER D 49 -4.57 -20.94 76.38
C SER D 49 -5.45 -19.76 76.01
N VAL D 50 -6.06 -19.16 77.02
CA VAL D 50 -6.88 -17.96 76.86
C VAL D 50 -6.10 -16.81 77.48
N ALA D 51 -5.83 -15.78 76.68
CA ALA D 51 -4.96 -14.70 77.12
C ALA D 51 -5.70 -13.55 77.77
N LYS D 52 -7.00 -13.38 77.46
CA LYS D 52 -7.85 -12.34 78.03
C LYS D 52 -7.47 -10.97 77.48
N LEU D 53 -6.36 -10.91 76.74
CA LEU D 53 -5.90 -9.69 76.10
C LEU D 53 -5.79 -9.84 74.59
N GLN D 54 -6.30 -10.92 74.03
CA GLN D 54 -6.14 -11.25 72.62
C GLN D 54 -7.46 -11.10 71.88
N ASP D 55 -7.40 -10.50 70.69
CA ASP D 55 -8.54 -10.46 69.79
C ASP D 55 -8.77 -11.85 69.21
N GLU D 56 -9.86 -12.49 69.64
CA GLU D 56 -10.09 -13.89 69.27
C GLU D 56 -10.33 -14.06 67.77
N ARG D 57 -10.80 -13.00 67.10
CA ARG D 57 -11.12 -13.11 65.68
C ARG D 57 -9.88 -13.41 64.84
N THR D 58 -8.70 -13.04 65.32
CA THR D 58 -7.48 -13.16 64.54
C THR D 58 -6.80 -14.52 64.70
N VAL D 59 -7.21 -15.34 65.67
CA VAL D 59 -6.53 -16.60 65.94
C VAL D 59 -7.49 -17.77 65.77
N ARG D 60 -8.47 -17.61 64.89
CA ARG D 60 -9.41 -18.69 64.62
C ARG D 60 -8.73 -19.81 63.84
N LYS D 61 -8.96 -21.05 64.28
CA LYS D 61 -8.43 -22.23 63.61
C LYS D 61 -9.42 -22.86 62.65
N ILE D 62 -10.59 -22.26 62.47
CA ILE D 62 -11.60 -22.74 61.54
C ILE D 62 -11.85 -21.64 60.51
N CYS D 63 -11.76 -22.00 59.24
CA CYS D 63 -11.94 -21.04 58.15
C CYS D 63 -12.69 -21.71 57.00
N ALA D 64 -13.27 -20.88 56.14
CA ALA D 64 -14.01 -21.36 54.99
C ALA D 64 -13.14 -21.25 53.75
N LEU D 65 -13.09 -22.33 52.97
CA LEU D 65 -12.37 -22.32 51.70
C LEU D 65 -13.25 -21.86 50.54
N ASP D 66 -14.56 -22.05 50.67
CA ASP D 66 -15.52 -21.55 49.69
C ASP D 66 -16.87 -21.46 50.39
N ASP D 67 -17.94 -21.28 49.60
CA ASP D 67 -19.27 -21.17 50.18
C ASP D 67 -19.83 -22.50 50.66
N ASN D 68 -19.18 -23.62 50.32
CA ASN D 68 -19.64 -24.94 50.74
C ASN D 68 -18.61 -25.75 51.49
N VAL D 69 -17.33 -25.34 51.49
CA VAL D 69 -16.25 -26.10 52.10
C VAL D 69 -15.57 -25.25 53.16
N CYS D 70 -15.31 -25.86 54.32
CA CYS D 70 -14.56 -25.21 55.38
C CYS D 70 -13.68 -26.26 56.06
N MET D 71 -12.60 -25.80 56.68
CA MET D 71 -11.62 -26.70 57.24
C MET D 71 -11.10 -26.19 58.58
N ALA D 72 -10.60 -27.12 59.38
CA ALA D 72 -9.85 -26.84 60.60
C ALA D 72 -8.49 -27.50 60.49
N PHE D 73 -7.56 -27.07 61.35
CA PHE D 73 -6.20 -27.58 61.27
C PHE D 73 -5.59 -27.72 62.65
N ALA D 74 -4.50 -28.48 62.72
CA ALA D 74 -3.70 -28.61 63.92
C ALA D 74 -2.23 -28.67 63.51
N GLY D 75 -1.39 -27.88 64.19
CA GLY D 75 0.02 -27.85 63.87
C GLY D 75 0.60 -26.45 63.81
N LEU D 76 1.32 -26.14 62.74
CA LEU D 76 1.94 -24.82 62.58
C LEU D 76 0.95 -23.87 61.93
N THR D 77 0.67 -22.75 62.59
CA THR D 77 -0.40 -21.86 62.14
C THR D 77 -0.05 -21.19 60.81
N ALA D 78 1.22 -20.83 60.62
CA ALA D 78 1.61 -20.11 59.40
C ALA D 78 1.56 -21.03 58.18
N ASP D 79 2.04 -22.27 58.31
CA ASP D 79 1.91 -23.24 57.23
C ASP D 79 0.45 -23.48 56.89
N ALA D 80 -0.40 -23.55 57.91
CA ALA D 80 -1.83 -23.71 57.69
C ALA D 80 -2.39 -22.52 56.94
N ARG D 81 -1.93 -21.31 57.26
CA ARG D 81 -2.39 -20.12 56.54
C ARG D 81 -2.01 -20.19 55.06
N ILE D 82 -0.77 -20.61 54.78
CA ILE D 82 -0.34 -20.76 53.39
C ILE D 82 -1.20 -21.78 52.66
N VAL D 83 -1.45 -22.93 53.30
CA VAL D 83 -2.25 -23.97 52.69
C VAL D 83 -3.66 -23.49 52.43
N ILE D 84 -4.24 -22.77 53.39
CA ILE D 84 -5.60 -22.26 53.24
C ILE D 84 -5.68 -21.27 52.08
N ASN D 85 -4.69 -20.38 51.97
CA ASN D 85 -4.69 -19.44 50.86
C ASN D 85 -4.61 -20.16 49.52
N ARG D 86 -3.74 -21.17 49.41
CA ARG D 86 -3.64 -21.90 48.16
C ARG D 86 -4.92 -22.65 47.84
N ALA D 87 -5.57 -23.23 48.86
CA ALA D 87 -6.82 -23.94 48.66
C ALA D 87 -7.92 -22.99 48.20
N ARG D 88 -7.97 -21.79 48.77
CA ARG D 88 -8.96 -20.80 48.34
C ARG D 88 -8.74 -20.39 46.89
N VAL D 89 -7.49 -20.17 46.51
CA VAL D 89 -7.19 -19.83 45.11
C VAL D 89 -7.61 -20.97 44.19
N GLU D 90 -7.35 -22.21 44.59
CA GLU D 90 -7.75 -23.36 43.78
C GLU D 90 -9.28 -23.46 43.68
N CYS D 91 -9.99 -23.17 44.77
CA CYS D 91 -11.45 -23.19 44.72
C CYS D 91 -11.98 -22.16 43.75
N GLN D 92 -11.41 -20.96 43.76
CA GLN D 92 -11.85 -19.94 42.80
C GLN D 92 -11.53 -20.35 41.37
N SER D 93 -10.34 -20.92 41.14
CA SER D 93 -9.98 -21.36 39.79
C SER D 93 -10.91 -22.46 39.30
N HIS D 94 -11.27 -23.40 40.17
CA HIS D 94 -12.17 -24.47 39.78
C HIS D 94 -13.57 -23.94 39.50
N ARG D 95 -14.04 -22.98 40.31
CA ARG D 95 -15.32 -22.35 40.03
C ARG D 95 -15.29 -21.60 38.70
N LEU D 96 -14.11 -21.09 38.31
CA LEU D 96 -13.98 -20.46 37.01
C LEU D 96 -14.07 -21.49 35.88
N THR D 97 -13.17 -22.47 35.89
CA THR D 97 -13.01 -23.34 34.73
C THR D 97 -14.15 -24.36 34.61
N VAL D 98 -14.63 -24.86 35.74
CA VAL D 98 -15.66 -25.90 35.71
C VAL D 98 -17.07 -25.31 35.76
N GLU D 99 -17.21 -24.06 36.16
CA GLU D 99 -18.51 -23.38 36.31
C GLU D 99 -19.39 -24.07 37.36
N ASP D 100 -18.78 -24.85 38.24
CA ASP D 100 -19.48 -25.54 39.31
C ASP D 100 -18.66 -25.40 40.58
N PRO D 101 -19.31 -25.36 41.75
CA PRO D 101 -18.56 -25.33 43.00
C PRO D 101 -17.78 -26.63 43.20
N VAL D 102 -16.65 -26.51 43.90
CA VAL D 102 -15.82 -27.69 44.14
C VAL D 102 -16.53 -28.66 45.06
N THR D 103 -16.14 -29.92 44.97
CA THR D 103 -16.53 -30.91 45.96
C THR D 103 -15.48 -30.97 47.06
N VAL D 104 -15.88 -31.51 48.22
CA VAL D 104 -14.96 -31.62 49.34
C VAL D 104 -13.78 -32.51 48.96
N GLU D 105 -14.05 -33.59 48.22
CA GLU D 105 -13.00 -34.51 47.82
C GLU D 105 -11.99 -33.83 46.90
N TYR D 106 -12.45 -32.96 46.01
CA TYR D 106 -11.54 -32.32 45.06
C TYR D 106 -10.55 -31.40 45.78
N ILE D 107 -11.04 -30.55 46.69
CA ILE D 107 -10.15 -29.65 47.40
C ILE D 107 -9.28 -30.42 48.39
N THR D 108 -9.80 -31.50 48.98
CA THR D 108 -8.97 -32.35 49.83
C THR D 108 -7.84 -32.98 49.03
N ARG D 109 -8.15 -33.44 47.82
CA ARG D 109 -7.13 -34.00 46.93
C ARG D 109 -6.08 -32.96 46.57
N TYR D 110 -6.52 -31.73 46.29
CA TYR D 110 -5.57 -30.67 45.96
C TYR D 110 -4.63 -30.38 47.14
N ILE D 111 -5.20 -30.30 48.34
CA ILE D 111 -4.37 -30.02 49.53
C ILE D 111 -3.40 -31.17 49.77
N ALA D 112 -3.88 -32.41 49.67
CA ALA D 112 -3.02 -33.56 49.90
C ALA D 112 -1.90 -33.63 48.86
N SER D 113 -2.22 -33.33 47.60
CA SER D 113 -1.19 -33.33 46.56
C SER D 113 -0.16 -32.24 46.81
N LEU D 114 -0.60 -31.07 47.28
CA LEU D 114 0.36 -30.03 47.62
C LEU D 114 1.30 -30.47 48.75
N LYS D 115 0.75 -31.10 49.78
CA LYS D 115 1.59 -31.58 50.87
C LYS D 115 2.57 -32.65 50.39
N GLN D 116 2.10 -33.58 49.57
CA GLN D 116 2.99 -34.61 49.04
C GLN D 116 4.08 -33.99 48.17
N ARG D 117 3.74 -32.98 47.38
CA ARG D 117 4.74 -32.27 46.60
C ARG D 117 5.79 -31.66 47.50
N TYR D 118 5.37 -31.09 48.63
CA TYR D 118 6.35 -30.54 49.56
C TYR D 118 7.12 -31.61 50.32
N THR D 119 6.68 -32.87 50.27
CA THR D 119 7.47 -33.95 50.85
C THR D 119 8.46 -34.57 49.88
N GLN D 120 8.45 -34.18 48.60
CA GLN D 120 9.32 -34.83 47.62
C GLN D 120 9.94 -33.83 46.65
N SER D 121 10.22 -32.61 47.12
CA SER D 121 10.81 -31.58 46.27
C SER D 121 12.08 -31.04 46.92
N ASN D 122 13.01 -30.62 46.08
CA ASN D 122 14.30 -30.13 46.56
C ASN D 122 14.16 -28.78 47.25
N GLY D 123 14.91 -28.61 48.33
CA GLY D 123 15.04 -27.31 48.96
C GLY D 123 13.87 -26.85 49.80
N ARG D 124 13.00 -27.76 50.24
CA ARG D 124 11.90 -27.38 51.11
C ARG D 124 11.55 -28.54 52.02
N ARG D 125 10.89 -28.20 53.12
CA ARG D 125 10.45 -29.14 54.15
C ARG D 125 8.94 -29.33 54.10
N PRO D 126 8.44 -30.49 54.53
CA PRO D 126 6.99 -30.73 54.46
C PRO D 126 6.23 -29.81 55.40
N PHE D 127 4.96 -29.57 55.06
CA PHE D 127 4.09 -28.79 55.92
C PHE D 127 3.86 -29.52 57.24
N GLY D 128 3.77 -28.75 58.32
CA GLY D 128 3.58 -29.33 59.64
C GLY D 128 2.17 -29.22 60.16
N ILE D 129 1.18 -29.44 59.29
CA ILE D 129 -0.22 -29.31 59.67
C ILE D 129 -0.99 -30.55 59.22
N SER D 130 -2.05 -30.86 59.95
CA SER D 130 -3.09 -31.78 59.53
C SER D 130 -4.39 -31.01 59.41
N ALA D 131 -5.22 -31.36 58.43
CA ALA D 131 -6.43 -30.62 58.14
C ALA D 131 -7.65 -31.52 58.25
N LEU D 132 -8.76 -30.93 58.71
CA LEU D 132 -10.06 -31.59 58.75
C LEU D 132 -10.99 -30.81 57.83
N ILE D 133 -11.17 -31.31 56.61
CA ILE D 133 -11.96 -30.62 55.59
C ILE D 133 -13.36 -31.20 55.61
N VAL D 134 -14.36 -30.34 55.86
CA VAL D 134 -15.76 -30.73 55.88
C VAL D 134 -16.52 -29.87 54.87
N GLY D 135 -17.72 -30.30 54.55
CA GLY D 135 -18.56 -29.57 53.63
C GLY D 135 -19.71 -30.43 53.14
N PHE D 136 -20.42 -29.89 52.16
CA PHE D 136 -21.55 -30.55 51.53
C PHE D 136 -21.37 -30.55 50.03
N ASP D 137 -21.63 -31.70 49.40
CA ASP D 137 -21.55 -31.80 47.95
C ASP D 137 -22.80 -31.19 47.32
N PHE D 138 -22.85 -31.21 45.98
CA PHE D 138 -23.98 -30.62 45.28
C PHE D 138 -25.27 -31.38 45.58
N ASP D 139 -25.19 -32.71 45.66
CA ASP D 139 -26.36 -33.51 45.98
C ASP D 139 -26.80 -33.35 47.44
N GLY D 140 -25.98 -32.72 48.28
CA GLY D 140 -26.31 -32.51 49.66
C GLY D 140 -25.69 -33.50 50.63
N THR D 141 -24.80 -34.36 50.18
CA THR D 141 -24.19 -35.35 51.05
C THR D 141 -23.14 -34.70 51.93
N PRO D 142 -23.24 -34.82 53.25
CA PRO D 142 -22.18 -34.30 54.12
C PRO D 142 -20.88 -35.08 53.93
N ARG D 143 -19.77 -34.38 54.10
CA ARG D 143 -18.45 -34.96 53.88
C ARG D 143 -17.50 -34.51 54.97
N LEU D 144 -16.60 -35.42 55.36
CA LEU D 144 -15.53 -35.11 56.31
C LEU D 144 -14.27 -35.83 55.87
N TYR D 145 -13.20 -35.07 55.64
CA TYR D 145 -11.93 -35.62 55.20
C TYR D 145 -10.83 -35.13 56.13
N GLN D 146 -9.70 -35.84 56.10
CA GLN D 146 -8.55 -35.48 56.93
C GLN D 146 -7.27 -35.72 56.15
N THR D 147 -6.41 -34.71 56.11
CA THR D 147 -5.09 -34.81 55.49
C THR D 147 -4.01 -34.76 56.57
N ASP D 148 -2.84 -35.25 56.21
CA ASP D 148 -1.67 -35.31 57.07
C ASP D 148 -0.48 -34.75 56.32
N PRO D 149 0.62 -34.46 57.03
CA PRO D 149 1.80 -33.89 56.35
C PRO D 149 2.34 -34.75 55.22
N SER D 150 2.18 -36.07 55.29
CA SER D 150 2.72 -36.94 54.24
C SER D 150 1.97 -36.77 52.93
N GLY D 151 0.74 -36.26 52.95
CA GLY D 151 -0.03 -36.09 51.75
C GLY D 151 -1.12 -37.12 51.52
N THR D 152 -1.41 -37.97 52.50
CA THR D 152 -2.49 -38.94 52.39
C THR D 152 -3.75 -38.39 53.04
N TYR D 153 -4.90 -38.75 52.46
CA TYR D 153 -6.18 -38.29 52.97
C TYR D 153 -7.16 -39.44 52.99
N HIS D 154 -8.16 -39.32 53.87
CA HIS D 154 -9.21 -40.32 54.01
C HIS D 154 -10.50 -39.63 54.39
N ALA D 155 -11.62 -40.30 54.12
CA ALA D 155 -12.91 -39.84 54.58
C ALA D 155 -13.23 -40.44 55.93
N TRP D 156 -13.94 -39.68 56.76
CA TRP D 156 -14.23 -40.09 58.12
C TRP D 156 -15.68 -39.73 58.46
N LYS D 157 -16.21 -40.43 59.46
CA LYS D 157 -17.46 -40.05 60.08
C LYS D 157 -17.23 -39.10 61.25
N ALA D 158 -16.15 -39.32 61.99
CA ALA D 158 -15.73 -38.43 63.07
C ALA D 158 -14.23 -38.65 63.28
N ASN D 159 -13.52 -37.57 63.57
CA ASN D 159 -12.08 -37.66 63.71
C ASN D 159 -11.58 -36.52 64.59
N ALA D 160 -10.36 -36.67 65.08
CA ALA D 160 -9.70 -35.66 65.89
C ALA D 160 -8.22 -35.63 65.59
N ILE D 161 -7.67 -34.43 65.45
CA ILE D 161 -6.23 -34.25 65.22
C ILE D 161 -5.66 -33.41 66.34
N GLY D 162 -4.35 -33.19 66.30
CA GLY D 162 -3.69 -32.38 67.32
C GLY D 162 -3.26 -33.19 68.52
N ARG D 163 -2.98 -32.47 69.61
CA ARG D 163 -2.58 -33.13 70.84
C ARG D 163 -3.77 -33.78 71.51
N GLY D 164 -3.54 -34.92 72.17
CA GLY D 164 -4.63 -35.66 72.77
C GLY D 164 -5.61 -36.23 71.78
N ALA D 165 -5.22 -36.34 70.51
CA ALA D 165 -6.14 -36.82 69.49
C ALA D 165 -6.49 -38.30 69.67
N LYS D 166 -5.58 -39.08 70.26
CA LYS D 166 -5.83 -40.50 70.45
C LYS D 166 -7.00 -40.73 71.39
N SER D 167 -6.99 -40.06 72.55
CA SER D 167 -8.06 -40.23 73.52
C SER D 167 -9.38 -39.72 72.99
N VAL D 168 -9.37 -38.58 72.27
CA VAL D 168 -10.60 -38.05 71.70
C VAL D 168 -11.15 -38.99 70.64
N ARG D 169 -10.27 -39.59 69.84
CA ARG D 169 -10.72 -40.53 68.83
C ARG D 169 -11.28 -41.80 69.47
N GLU D 170 -10.69 -42.25 70.58
CA GLU D 170 -11.26 -43.38 71.31
C GLU D 170 -12.65 -43.03 71.86
N PHE D 171 -12.80 -41.81 72.39
CA PHE D 171 -14.10 -41.37 72.87
C PHE D 171 -15.12 -41.33 71.74
N LEU D 172 -14.71 -40.83 70.57
CA LEU D 172 -15.62 -40.80 69.42
C LEU D 172 -15.99 -42.21 68.98
N GLU D 173 -15.03 -43.13 68.99
CA GLU D 173 -15.32 -44.52 68.66
C GLU D 173 -16.34 -45.11 69.64
N LYS D 174 -16.18 -44.82 70.93
CA LYS D 174 -17.12 -45.32 71.92
C LYS D 174 -18.47 -44.63 71.88
N ASN D 175 -18.54 -43.42 71.29
CA ASN D 175 -19.74 -42.60 71.39
C ASN D 175 -20.43 -42.31 70.07
N TYR D 176 -19.73 -42.39 68.93
CA TYR D 176 -20.36 -42.10 67.65
C TYR D 176 -21.32 -43.22 67.29
N THR D 177 -22.62 -42.92 67.31
CA THR D 177 -23.66 -43.85 66.90
C THR D 177 -24.62 -43.13 65.97
N ASP D 178 -25.40 -43.91 65.23
CA ASP D 178 -26.39 -43.32 64.34
C ASP D 178 -27.45 -42.52 65.12
N GLU D 179 -27.70 -42.90 66.37
CA GLU D 179 -28.63 -42.18 67.21
C GLU D 179 -27.97 -41.02 67.96
N ALA D 180 -26.64 -40.91 67.93
CA ALA D 180 -25.96 -39.78 68.54
C ALA D 180 -25.84 -38.58 67.62
N ILE D 181 -26.16 -38.74 66.34
CA ILE D 181 -26.16 -37.65 65.37
C ILE D 181 -27.54 -37.45 64.77
N GLU D 182 -28.59 -37.90 65.47
CA GLU D 182 -29.94 -37.81 64.94
C GLU D 182 -30.38 -36.36 64.75
N THR D 183 -30.02 -35.48 65.70
CA THR D 183 -30.35 -34.07 65.62
C THR D 183 -29.06 -33.24 65.64
N ASP D 184 -29.17 -32.01 65.14
CA ASP D 184 -28.01 -31.14 65.07
C ASP D 184 -27.46 -30.82 66.45
N ASP D 185 -28.35 -30.56 67.41
CA ASP D 185 -27.91 -30.29 68.77
C ASP D 185 -27.19 -31.49 69.36
N LEU D 186 -27.64 -32.70 69.03
CA LEU D 186 -26.95 -33.89 69.50
C LEU D 186 -25.53 -33.96 68.94
N THR D 187 -25.35 -33.64 67.66
CA THR D 187 -24.02 -33.62 67.07
C THR D 187 -23.13 -32.57 67.73
N ILE D 188 -23.69 -31.37 67.98
CA ILE D 188 -22.93 -30.32 68.65
C ILE D 188 -22.50 -30.77 70.04
N LYS D 189 -23.43 -31.38 70.78
CA LYS D 189 -23.10 -31.86 72.12
C LYS D 189 -22.06 -32.96 72.07
N LEU D 190 -22.12 -33.82 71.05
CA LEU D 190 -21.11 -34.87 70.91
C LEU D 190 -19.73 -34.28 70.66
N VAL D 191 -19.65 -33.26 69.80
CA VAL D 191 -18.37 -32.61 69.54
C VAL D 191 -17.84 -31.94 70.80
N ILE D 192 -18.71 -31.27 71.56
CA ILE D 192 -18.28 -30.59 72.77
C ILE D 192 -17.83 -31.60 73.82
N LYS D 193 -18.53 -32.74 73.93
CA LYS D 193 -18.13 -33.78 74.86
C LYS D 193 -16.78 -34.38 74.47
N ALA D 194 -16.56 -34.59 73.16
CA ALA D 194 -15.27 -35.10 72.71
C ALA D 194 -14.15 -34.12 73.03
N LEU D 195 -14.40 -32.82 72.83
CA LEU D 195 -13.39 -31.82 73.16
C LEU D 195 -13.15 -31.75 74.67
N LEU D 196 -14.19 -31.94 75.47
CA LEU D 196 -14.08 -31.84 76.93
C LEU D 196 -13.25 -32.96 77.54
N GLU D 197 -12.96 -34.01 76.79
CA GLU D 197 -12.16 -35.11 77.32
C GLU D 197 -10.68 -34.76 77.46
N VAL D 198 -10.24 -33.66 76.87
CA VAL D 198 -8.84 -33.26 76.95
C VAL D 198 -8.64 -31.81 77.39
N VAL D 199 -9.66 -30.96 77.32
CA VAL D 199 -9.50 -29.55 77.64
C VAL D 199 -10.04 -29.28 79.04
N GLN D 200 -9.59 -28.18 79.62
CA GLN D 200 -10.05 -27.71 80.92
C GLN D 200 -10.99 -26.52 80.72
N SER D 201 -11.38 -25.89 81.82
CA SER D 201 -12.23 -24.70 81.89
C SER D 201 -13.68 -24.98 81.49
N GLY D 202 -14.02 -26.19 81.05
CA GLY D 202 -15.39 -26.55 80.75
C GLY D 202 -16.07 -25.70 79.69
N GLY D 203 -15.59 -25.81 78.45
CA GLY D 203 -16.21 -25.13 77.33
C GLY D 203 -15.72 -23.72 77.08
N LYS D 204 -15.01 -23.11 78.03
CA LYS D 204 -14.45 -21.78 77.81
C LYS D 204 -13.29 -21.82 76.83
N ASN D 205 -12.62 -22.96 76.69
CA ASN D 205 -11.49 -23.12 75.78
C ASN D 205 -11.88 -23.85 74.50
N ILE D 206 -13.10 -23.67 74.02
CA ILE D 206 -13.61 -24.38 72.86
C ILE D 206 -14.08 -23.36 71.83
N GLU D 207 -13.56 -23.45 70.61
CA GLU D 207 -14.06 -22.69 69.48
C GLU D 207 -14.82 -23.65 68.59
N LEU D 208 -16.12 -23.38 68.40
CA LEU D 208 -17.01 -24.31 67.73
C LEU D 208 -17.62 -23.64 66.50
N ALA D 209 -17.69 -24.40 65.41
CA ALA D 209 -18.26 -23.93 64.16
C ALA D 209 -19.26 -24.95 63.65
N VAL D 210 -20.23 -24.45 62.86
CA VAL D 210 -21.31 -25.27 62.35
C VAL D 210 -21.54 -24.89 60.89
N MET D 211 -21.71 -25.90 60.04
CA MET D 211 -22.02 -25.69 58.63
C MET D 211 -23.22 -26.56 58.26
N ARG D 212 -24.22 -25.95 57.64
CA ARG D 212 -25.45 -26.64 57.30
C ARG D 212 -25.61 -26.68 55.78
N ARG D 213 -26.55 -27.50 55.33
CA ARG D 213 -26.78 -27.68 53.90
C ARG D 213 -27.24 -26.37 53.27
N ASP D 214 -26.50 -25.93 52.25
CA ASP D 214 -26.79 -24.69 51.52
C ASP D 214 -26.87 -23.48 52.45
N GLN D 215 -26.04 -23.47 53.49
CA GLN D 215 -25.96 -22.36 54.42
C GLN D 215 -24.50 -21.99 54.65
N PRO D 216 -24.22 -20.72 54.93
CA PRO D 216 -22.83 -20.33 55.22
C PRO D 216 -22.36 -20.89 56.55
N LEU D 217 -21.03 -21.01 56.66
CA LEU D 217 -20.43 -21.50 57.90
C LEU D 217 -20.74 -20.53 59.04
N LYS D 218 -21.19 -21.07 60.17
CA LYS D 218 -21.60 -20.29 61.31
C LYS D 218 -20.71 -20.61 62.51
N ILE D 219 -20.23 -19.58 63.19
CA ILE D 219 -19.37 -19.73 64.36
C ILE D 219 -20.22 -19.45 65.60
N LEU D 220 -20.21 -20.40 66.54
CA LEU D 220 -20.98 -20.22 67.77
C LEU D 220 -20.29 -19.21 68.68
N ASN D 221 -21.07 -18.28 69.23
CA ASN D 221 -20.56 -17.35 70.20
C ASN D 221 -20.37 -18.06 71.54
N PRO D 222 -19.59 -17.47 72.46
CA PRO D 222 -19.38 -18.14 73.76
C PRO D 222 -20.66 -18.38 74.53
N GLU D 223 -21.70 -17.57 74.33
CA GLU D 223 -22.96 -17.79 75.04
C GLU D 223 -23.60 -19.12 74.64
N GLU D 224 -23.65 -19.40 73.33
CA GLU D 224 -24.23 -20.66 72.87
C GLU D 224 -23.40 -21.85 73.33
N ILE D 225 -22.07 -21.72 73.30
CA ILE D 225 -21.21 -22.81 73.74
C ILE D 225 -21.41 -23.09 75.23
N GLU D 226 -21.52 -22.02 76.04
CA GLU D 226 -21.77 -22.21 77.46
C GLU D 226 -23.14 -22.82 77.71
N LYS D 227 -24.14 -22.44 76.91
CA LYS D 227 -25.46 -23.06 77.03
C LYS D 227 -25.39 -24.55 76.73
N TYR D 228 -24.66 -24.93 75.69
CA TYR D 228 -24.51 -26.35 75.37
C TYR D 228 -23.76 -27.09 76.46
N VAL D 229 -22.73 -26.46 77.04
CA VAL D 229 -21.98 -27.08 78.13
C VAL D 229 -22.88 -27.27 79.36
N ALA D 230 -23.73 -26.28 79.64
CA ALA D 230 -24.68 -26.42 80.75
C ALA D 230 -25.66 -27.55 80.48
N GLU D 231 -26.12 -27.68 79.24
CA GLU D 231 -27.00 -28.80 78.88
C GLU D 231 -26.28 -30.14 79.06
N ILE D 232 -25.00 -30.19 78.69
CA ILE D 232 -24.24 -31.43 78.86
C ILE D 232 -24.09 -31.77 80.34
N GLU D 233 -23.87 -30.75 81.17
CA GLU D 233 -23.83 -30.99 82.62
C GLU D 233 -25.18 -31.48 83.13
N LYS D 234 -26.27 -30.94 82.57
CA LYS D 234 -27.60 -31.42 82.93
C LYS D 234 -27.78 -32.88 82.57
N GLU D 235 -27.30 -33.30 81.39
CA GLU D 235 -27.39 -34.71 81.03
C GLU D 235 -26.48 -35.57 81.89
N LYS D 236 -25.35 -35.03 82.33
CA LYS D 236 -24.52 -35.74 83.29
C LYS D 236 -25.27 -35.97 84.60
N GLU D 237 -26.00 -34.96 85.06
CA GLU D 237 -26.83 -35.12 86.26
C GLU D 237 -27.97 -36.11 86.01
N GLU D 238 -28.50 -36.15 84.79
CA GLU D 238 -29.51 -37.15 84.47
C GLU D 238 -28.94 -38.56 84.54
N ASN D 239 -27.71 -38.75 84.05
CA ASN D 239 -27.05 -40.04 84.19
C ASN D 239 -26.79 -40.36 85.66
N GLU D 240 -26.46 -39.34 86.46
CA GLU D 240 -26.29 -39.54 87.89
C GLU D 240 -27.58 -40.00 88.56
N LYS D 241 -28.71 -39.38 88.19
CA LYS D 241 -29.99 -39.75 88.79
C LYS D 241 -30.45 -41.13 88.30
N LYS D 242 -30.12 -41.50 87.07
CA LYS D 242 -30.47 -42.84 86.60
C LYS D 242 -29.58 -43.90 87.24
N LYS D 243 -28.35 -43.52 87.62
CA LYS D 243 -27.50 -44.45 88.36
C LYS D 243 -28.07 -44.73 89.75
N GLN D 244 -28.54 -43.68 90.43
CA GLN D 244 -29.07 -43.82 91.79
C GLN D 244 -30.47 -43.22 91.90
N SER E 6 22.84 -37.44 60.59
CA SER E 6 23.11 -38.85 60.29
C SER E 6 22.53 -39.24 58.94
N GLU E 7 21.46 -38.55 58.54
CA GLU E 7 20.80 -38.82 57.26
C GLU E 7 21.23 -37.86 56.16
N TYR E 8 22.13 -36.93 56.45
CA TYR E 8 22.65 -35.99 55.46
C TYR E 8 24.13 -36.20 55.19
N ASP E 9 24.72 -37.29 55.67
CA ASP E 9 26.13 -37.56 55.43
C ASP E 9 26.42 -37.81 53.96
N ARG E 10 25.42 -38.31 53.21
CA ARG E 10 25.59 -38.68 51.81
C ARG E 10 24.54 -38.00 50.95
N GLY E 11 24.87 -37.85 49.68
CA GLY E 11 23.90 -37.37 48.72
C GLY E 11 22.89 -38.44 48.36
N VAL E 12 21.86 -38.01 47.62
CA VAL E 12 20.82 -38.94 47.19
C VAL E 12 21.29 -39.89 46.10
N ASN E 13 22.43 -39.62 45.47
CA ASN E 13 22.89 -40.42 44.34
C ASN E 13 24.27 -41.02 44.59
N THR E 14 24.50 -41.58 45.77
CA THR E 14 25.77 -42.24 46.08
C THR E 14 25.60 -43.75 46.06
N PHE E 15 26.56 -44.43 45.46
CA PHE E 15 26.58 -45.88 45.43
C PHE E 15 27.12 -46.44 46.74
N SER E 16 26.58 -47.58 47.14
CA SER E 16 27.16 -48.36 48.21
C SER E 16 28.37 -49.13 47.69
N PRO E 17 29.24 -49.61 48.58
CA PRO E 17 30.35 -50.46 48.13
C PRO E 17 29.90 -51.72 47.42
N GLU E 18 28.64 -52.12 47.58
CA GLU E 18 28.10 -53.29 46.89
C GLU E 18 27.51 -52.95 45.53
N GLY E 19 27.59 -51.69 45.09
CA GLY E 19 27.03 -51.30 43.82
C GLY E 19 25.56 -50.95 43.83
N ARG E 20 25.01 -50.57 44.99
CA ARG E 20 23.60 -50.22 45.10
C ARG E 20 23.45 -48.78 45.56
N LEU E 21 22.51 -48.07 44.97
CA LEU E 21 22.16 -46.75 45.45
C LEU E 21 21.46 -46.86 46.80
N PHE E 22 21.92 -46.10 47.79
CA PHE E 22 21.38 -46.20 49.14
C PHE E 22 19.89 -45.86 49.17
N GLN E 23 19.51 -44.78 48.49
CA GLN E 23 18.13 -44.32 48.55
C GLN E 23 17.17 -45.33 47.93
N VAL E 24 17.58 -45.98 46.84
CA VAL E 24 16.74 -46.98 46.21
C VAL E 24 16.54 -48.17 47.13
N GLU E 25 17.60 -48.62 47.80
CA GLU E 25 17.47 -49.72 48.75
C GLU E 25 16.57 -49.33 49.91
N TYR E 26 16.67 -48.09 50.38
CA TYR E 26 15.83 -47.63 51.48
C TYR E 26 14.36 -47.57 51.06
N ALA E 27 14.11 -47.16 49.81
CA ALA E 27 12.73 -47.18 49.30
C ALA E 27 12.20 -48.60 49.18
N ILE E 28 13.05 -49.54 48.75
CA ILE E 28 12.66 -50.95 48.72
C ILE E 28 12.30 -51.42 50.13
N GLU E 29 13.07 -51.00 51.13
CA GLU E 29 12.72 -51.29 52.51
C GLU E 29 11.39 -50.68 52.89
N ALA E 30 11.15 -49.43 52.48
CA ALA E 30 9.90 -48.74 52.79
C ALA E 30 8.69 -49.46 52.20
N ILE E 31 8.88 -50.15 51.07
CA ILE E 31 7.78 -50.89 50.47
C ILE E 31 7.23 -51.94 51.45
N LYS E 32 8.13 -52.65 52.13
CA LYS E 32 7.75 -53.75 53.00
C LYS E 32 6.85 -53.33 54.16
N LEU E 33 6.65 -52.04 54.37
CA LEU E 33 5.72 -51.57 55.40
C LEU E 33 4.30 -51.41 54.87
N GLY E 34 4.08 -51.56 53.57
CA GLY E 34 2.76 -51.39 53.00
C GLY E 34 1.90 -52.63 53.13
N SER E 35 0.62 -52.46 52.82
CA SER E 35 -0.33 -53.56 52.86
C SER E 35 -0.14 -54.49 51.68
N THR E 36 -0.48 -55.75 51.87
CA THR E 36 -0.25 -56.77 50.86
C THR E 36 -1.20 -56.61 49.68
N ALA E 37 -0.64 -56.74 48.47
CA ALA E 37 -1.42 -56.72 47.24
C ALA E 37 -1.02 -57.92 46.40
N ILE E 38 -2.00 -58.55 45.76
CA ILE E 38 -1.78 -59.77 45.00
C ILE E 38 -2.35 -59.59 43.60
N GLY E 39 -1.56 -59.92 42.59
CA GLY E 39 -2.03 -59.95 41.21
C GLY E 39 -1.79 -61.33 40.62
N ILE E 40 -2.80 -61.84 39.92
CA ILE E 40 -2.73 -63.14 39.26
C ILE E 40 -3.18 -62.98 37.82
N GLN E 41 -2.38 -63.48 36.88
CA GLN E 41 -2.68 -63.40 35.47
C GLN E 41 -3.04 -64.79 34.96
N THR E 42 -4.22 -64.90 34.35
CA THR E 42 -4.69 -66.13 33.71
C THR E 42 -5.00 -65.85 32.25
N SER E 43 -5.27 -66.92 31.50
CA SER E 43 -5.67 -66.76 30.11
C SER E 43 -7.03 -66.07 29.97
N GLU E 44 -7.83 -66.04 31.03
CA GLU E 44 -9.14 -65.41 31.00
C GLU E 44 -9.14 -63.97 31.48
N GLY E 45 -8.04 -63.50 32.04
CA GLY E 45 -7.96 -62.13 32.50
C GLY E 45 -6.96 -62.00 33.63
N VAL E 46 -6.97 -60.82 34.26
CA VAL E 46 -6.08 -60.50 35.38
C VAL E 46 -6.94 -60.04 36.55
N CYS E 47 -6.58 -60.51 37.74
CA CYS E 47 -7.26 -60.12 38.97
C CYS E 47 -6.26 -59.51 39.94
N LEU E 48 -6.66 -58.43 40.59
CA LEU E 48 -5.84 -57.74 41.58
C LEU E 48 -6.59 -57.67 42.90
N ALA E 49 -5.90 -58.00 43.99
CA ALA E 49 -6.50 -57.99 45.32
C ALA E 49 -5.53 -57.34 46.31
N VAL E 50 -6.02 -56.35 47.06
CA VAL E 50 -5.21 -55.60 48.01
C VAL E 50 -5.91 -55.57 49.35
N GLU E 51 -5.13 -55.68 50.43
CA GLU E 51 -5.64 -55.50 51.77
C GLU E 51 -5.79 -54.01 52.07
N LYS E 52 -6.97 -53.61 52.55
CA LYS E 52 -7.21 -52.20 52.82
C LYS E 52 -6.54 -51.73 54.10
N ARG E 53 -6.48 -52.60 55.11
CA ARG E 53 -5.79 -52.32 56.38
C ARG E 53 -6.38 -51.08 57.06
N ILE E 54 -7.66 -51.20 57.43
CA ILE E 54 -8.34 -50.10 58.12
C ILE E 54 -7.80 -49.96 59.53
N THR E 55 -7.57 -48.72 59.96
CA THR E 55 -7.00 -48.44 61.27
C THR E 55 -8.04 -48.15 62.33
N SER E 56 -9.13 -47.47 61.98
CA SER E 56 -10.17 -47.11 62.94
C SER E 56 -11.55 -47.35 62.34
N PRO E 57 -12.52 -47.77 63.15
CA PRO E 57 -13.88 -47.97 62.62
C PRO E 57 -14.56 -46.68 62.18
N LEU E 58 -14.14 -45.52 62.71
CA LEU E 58 -14.70 -44.25 62.25
C LEU E 58 -14.27 -43.94 60.83
N MET E 59 -13.19 -44.56 60.36
CA MET E 59 -12.73 -44.36 59.00
C MET E 59 -13.71 -44.99 58.01
N GLU E 60 -13.79 -44.39 56.83
CA GLU E 60 -14.64 -44.93 55.76
C GLU E 60 -13.77 -45.76 54.83
N PRO E 61 -13.93 -47.08 54.77
CA PRO E 61 -13.07 -47.90 53.91
C PRO E 61 -13.24 -47.60 52.43
N SER E 62 -14.38 -47.04 52.01
CA SER E 62 -14.59 -46.73 50.60
C SER E 62 -13.69 -45.60 50.11
N SER E 63 -13.10 -44.81 51.01
CA SER E 63 -12.18 -43.75 50.61
C SER E 63 -10.78 -44.26 50.34
N ILE E 64 -10.45 -45.48 50.76
CA ILE E 64 -9.15 -46.08 50.47
C ILE E 64 -9.20 -46.62 49.05
N GLU E 65 -8.28 -46.16 48.20
CA GLU E 65 -8.22 -46.57 46.80
C GLU E 65 -6.81 -47.10 46.52
N LYS E 66 -6.59 -48.38 46.82
CA LYS E 66 -5.34 -49.04 46.51
C LYS E 66 -5.38 -49.77 45.17
N ILE E 67 -6.54 -49.81 44.53
CA ILE E 67 -6.68 -50.24 43.15
C ILE E 67 -7.29 -49.09 42.36
N VAL E 68 -6.65 -48.71 41.26
CA VAL E 68 -7.10 -47.59 40.44
C VAL E 68 -7.19 -48.04 39.00
N GLU E 69 -7.98 -47.30 38.22
CA GLU E 69 -8.16 -47.56 36.80
C GLU E 69 -7.24 -46.63 36.02
N ILE E 70 -6.17 -47.21 35.45
CA ILE E 70 -5.30 -46.43 34.58
C ILE E 70 -6.01 -46.10 33.27
N ASP E 71 -6.70 -47.09 32.70
CA ASP E 71 -7.51 -46.91 31.51
C ASP E 71 -8.58 -47.99 31.52
N ALA E 72 -9.42 -48.00 30.49
CA ALA E 72 -10.50 -48.97 30.42
C ALA E 72 -9.99 -50.40 30.40
N HIS E 73 -8.75 -50.61 29.95
CA HIS E 73 -8.18 -51.94 29.83
C HIS E 73 -6.99 -52.17 30.75
N ILE E 74 -6.68 -51.23 31.64
CA ILE E 74 -5.52 -51.34 32.52
C ILE E 74 -5.93 -50.97 33.94
N GLY E 75 -5.47 -51.77 34.91
CA GLY E 75 -5.65 -51.44 36.31
C GLY E 75 -4.33 -51.52 37.04
N CYS E 76 -4.26 -50.81 38.16
CA CYS E 76 -3.05 -50.70 38.94
C CYS E 76 -3.33 -50.98 40.41
N ALA E 77 -2.53 -51.83 41.03
CA ALA E 77 -2.54 -52.06 42.46
C ALA E 77 -1.23 -51.56 43.04
N MET E 78 -1.31 -50.84 44.16
CA MET E 78 -0.16 -50.16 44.73
C MET E 78 0.05 -50.58 46.17
N SER E 79 1.33 -50.60 46.58
CA SER E 79 1.72 -50.91 47.95
C SER E 79 2.88 -50.00 48.34
N GLY E 80 2.87 -49.56 49.60
CA GLY E 80 3.91 -48.66 50.08
C GLY E 80 3.35 -47.32 50.50
N LEU E 81 3.86 -46.24 49.92
CA LEU E 81 3.41 -44.88 50.22
C LEU E 81 2.47 -44.44 49.10
N ILE E 82 1.17 -44.48 49.38
CA ILE E 82 0.16 -44.26 48.34
C ILE E 82 0.25 -42.84 47.79
N ALA E 83 0.55 -41.87 48.66
CA ALA E 83 0.71 -40.49 48.21
C ALA E 83 1.81 -40.37 47.17
N ASP E 84 2.84 -41.21 47.25
CA ASP E 84 3.85 -41.25 46.20
C ASP E 84 3.31 -41.90 44.93
N ALA E 85 2.39 -42.86 45.07
CA ALA E 85 1.84 -43.54 43.91
C ALA E 85 0.85 -42.68 43.15
N LYS E 86 0.31 -41.63 43.78
CA LYS E 86 -0.67 -40.78 43.11
C LYS E 86 -0.09 -40.15 41.84
N THR E 87 1.12 -39.60 41.94
CA THR E 87 1.72 -38.92 40.78
C THR E 87 2.07 -39.92 39.68
N LEU E 88 2.56 -41.11 40.05
CA LEU E 88 2.84 -42.13 39.05
C LEU E 88 1.57 -42.57 38.33
N ILE E 89 0.48 -42.72 39.08
CA ILE E 89 -0.79 -43.11 38.47
C ILE E 89 -1.28 -42.02 37.51
N ASP E 90 -1.15 -40.76 37.92
CA ASP E 90 -1.54 -39.67 37.05
C ASP E 90 -0.70 -39.66 35.78
N LYS E 91 0.61 -39.90 35.91
CA LYS E 91 1.48 -39.97 34.74
C LYS E 91 1.06 -41.12 33.81
N ALA E 92 0.71 -42.27 34.38
CA ALA E 92 0.26 -43.40 33.56
C ALA E 92 -1.00 -43.05 32.80
N ARG E 93 -1.97 -42.44 33.48
CA ARG E 93 -3.21 -42.06 32.81
C ARG E 93 -2.96 -41.06 31.69
N VAL E 94 -2.11 -40.07 31.95
CA VAL E 94 -1.81 -39.06 30.94
C VAL E 94 -1.08 -39.70 29.75
N GLU E 95 -0.19 -40.65 30.02
CA GLU E 95 0.50 -41.33 28.93
C GLU E 95 -0.46 -42.13 28.06
N THR E 96 -1.39 -42.84 28.69
CA THR E 96 -2.37 -43.59 27.91
C THR E 96 -3.23 -42.67 27.07
N GLN E 97 -3.66 -41.55 27.64
CA GLN E 97 -4.48 -40.61 26.88
C GLN E 97 -3.69 -39.96 25.74
N ASN E 98 -2.41 -39.65 25.99
CA ASN E 98 -1.57 -39.10 24.95
C ASN E 98 -1.38 -40.08 23.80
N HIS E 99 -1.17 -41.36 24.13
CA HIS E 99 -1.03 -42.37 23.10
C HIS E 99 -2.31 -42.53 22.30
N TRP E 100 -3.46 -42.49 22.97
CA TRP E 100 -4.72 -42.54 22.23
C TRP E 100 -4.87 -41.34 21.30
N PHE E 101 -4.52 -40.15 21.80
CA PHE E 101 -4.61 -38.95 20.97
C PHE E 101 -3.72 -39.04 19.75
N THR E 102 -2.48 -39.51 19.93
CA THR E 102 -1.52 -39.51 18.83
C THR E 102 -1.78 -40.62 17.82
N TYR E 103 -2.14 -41.82 18.30
CA TYR E 103 -2.17 -42.99 17.44
C TYR E 103 -3.57 -43.61 17.27
N ASN E 104 -4.58 -43.10 17.98
CA ASN E 104 -5.94 -43.62 17.87
C ASN E 104 -6.00 -45.10 18.23
N GLU E 105 -5.29 -45.49 19.29
CA GLU E 105 -5.27 -46.88 19.72
C GLU E 105 -4.96 -46.93 21.21
N THR E 106 -5.07 -48.11 21.79
CA THR E 106 -4.81 -48.31 23.19
C THR E 106 -3.35 -48.74 23.42
N MET E 107 -2.80 -48.27 24.54
CA MET E 107 -1.46 -48.68 24.92
C MET E 107 -1.43 -50.15 25.33
N THR E 108 -0.27 -50.77 25.13
CA THR E 108 -0.02 -52.07 25.72
C THR E 108 0.39 -51.88 27.19
N VAL E 109 0.14 -52.92 27.99
CA VAL E 109 0.46 -52.83 29.41
C VAL E 109 1.96 -52.65 29.62
N GLU E 110 2.76 -53.31 28.77
CA GLU E 110 4.21 -53.21 28.89
C GLU E 110 4.68 -51.78 28.64
N SER E 111 4.10 -51.10 27.66
CA SER E 111 4.52 -49.73 27.36
C SER E 111 4.14 -48.77 28.48
N VAL E 112 2.96 -48.96 29.07
CA VAL E 112 2.55 -48.14 30.21
C VAL E 112 3.49 -48.36 31.40
N THR E 113 3.81 -49.62 31.68
CA THR E 113 4.71 -49.92 32.79
C THR E 113 6.08 -49.32 32.53
N GLN E 114 6.56 -49.38 31.29
CA GLN E 114 7.84 -48.79 30.94
C GLN E 114 7.82 -47.27 31.12
N ALA E 115 6.75 -46.62 30.69
CA ALA E 115 6.64 -45.18 30.84
C ALA E 115 6.63 -44.77 32.31
N VAL E 116 5.92 -45.54 33.15
CA VAL E 116 5.92 -45.24 34.58
C VAL E 116 7.29 -45.50 35.19
N SER E 117 7.96 -46.58 34.78
CA SER E 117 9.25 -46.92 35.35
C SER E 117 10.34 -45.95 34.93
N ASN E 118 10.17 -45.25 33.81
CA ASN E 118 11.15 -44.25 33.41
C ASN E 118 11.21 -43.06 34.36
N LEU E 119 10.24 -42.92 35.25
CA LEU E 119 10.24 -41.83 36.24
C LEU E 119 10.92 -42.21 37.55
N ALA E 120 11.31 -43.48 37.73
CA ALA E 120 11.72 -43.96 39.05
C ALA E 120 13.02 -43.32 39.51
N LEU E 121 14.01 -43.25 38.63
CA LEU E 121 15.35 -42.78 39.00
C LEU E 121 15.57 -41.30 38.69
N GLN E 122 14.54 -40.59 38.23
CA GLN E 122 14.66 -39.17 37.91
C GLN E 122 14.62 -38.32 39.18
N PHE E 123 15.62 -38.53 40.03
CA PHE E 123 15.77 -37.76 41.25
C PHE E 123 17.23 -37.37 41.43
N GLY E 124 17.43 -36.28 42.16
CA GLY E 124 18.77 -35.77 42.40
C GLY E 124 18.78 -34.31 42.82
N GLU E 125 19.79 -33.91 43.58
CA GLU E 125 19.87 -32.53 44.05
C GLU E 125 20.47 -31.61 43.00
N GLU E 126 21.72 -31.85 42.63
CA GLU E 126 22.40 -31.00 41.67
C GLU E 126 21.97 -31.34 40.24
N ASP E 127 22.04 -30.34 39.38
CA ASP E 127 21.59 -30.43 37.99
C ASP E 127 20.14 -30.91 37.92
N ALA E 128 19.27 -30.15 38.58
CA ALA E 128 17.85 -30.46 38.63
C ALA E 128 17.04 -29.17 38.57
N ASP E 129 15.96 -29.20 37.79
CA ASP E 129 15.05 -28.07 37.72
C ASP E 129 14.28 -27.94 39.03
N PRO E 130 13.78 -26.74 39.34
CA PRO E 130 12.91 -26.60 40.50
C PRO E 130 11.65 -27.46 40.35
N GLY E 131 11.23 -28.06 41.44
CA GLY E 131 10.12 -28.99 41.41
C GLY E 131 10.49 -30.41 41.03
N ALA E 132 11.77 -30.71 40.84
CA ALA E 132 12.20 -32.06 40.53
C ALA E 132 12.16 -32.93 41.78
N MET E 133 12.12 -34.24 41.57
CA MET E 133 12.07 -35.17 42.69
C MET E 133 13.39 -35.17 43.45
N SER E 134 13.30 -35.11 44.78
CA SER E 134 14.48 -35.13 45.63
C SER E 134 14.83 -36.52 46.12
N ARG E 135 14.00 -37.52 45.87
CA ARG E 135 14.19 -38.87 46.38
C ARG E 135 13.42 -39.83 45.50
N PRO E 136 13.75 -41.12 45.55
CA PRO E 136 12.95 -42.10 44.81
C PRO E 136 11.57 -42.28 45.42
N PHE E 137 10.67 -42.85 44.62
CA PHE E 137 9.33 -43.14 45.10
C PHE E 137 9.36 -44.34 46.06
N GLY E 138 8.37 -44.39 46.94
CA GLY E 138 8.31 -45.48 47.90
C GLY E 138 7.14 -46.43 47.66
N VAL E 139 6.86 -46.75 46.41
CA VAL E 139 5.73 -47.59 46.06
C VAL E 139 6.14 -48.68 45.08
N ALA E 140 5.48 -49.82 45.20
CA ALA E 140 5.55 -50.89 44.22
C ALA E 140 4.21 -51.00 43.53
N LEU E 141 4.22 -51.04 42.20
CA LEU E 141 2.99 -51.03 41.41
C LEU E 141 2.81 -52.36 40.72
N LEU E 142 1.59 -52.89 40.78
CA LEU E 142 1.20 -54.09 40.04
C LEU E 142 0.25 -53.66 38.93
N PHE E 143 0.72 -53.72 37.69
CA PHE E 143 -0.06 -53.31 36.53
C PHE E 143 -0.69 -54.54 35.90
N GLY E 144 -2.02 -54.57 35.86
CA GLY E 144 -2.74 -55.65 35.22
C GLY E 144 -3.67 -55.16 34.15
N GLY E 145 -3.59 -55.74 32.96
CA GLY E 145 -4.42 -55.29 31.86
C GLY E 145 -4.53 -56.34 30.78
N VAL E 146 -5.37 -56.03 29.79
CA VAL E 146 -5.63 -56.91 28.66
C VAL E 146 -5.37 -56.13 27.37
N ASP E 147 -4.40 -56.59 26.58
CA ASP E 147 -4.12 -55.98 25.29
C ASP E 147 -4.14 -57.04 24.19
N GLU E 148 -3.65 -56.68 23.00
CA GLU E 148 -3.69 -57.62 21.87
C GLU E 148 -2.92 -58.89 22.16
N LYS E 149 -1.96 -58.85 23.09
CA LYS E 149 -1.24 -60.04 23.51
C LYS E 149 -1.97 -60.80 24.61
N GLY E 150 -3.22 -60.47 24.88
CA GLY E 150 -3.98 -61.11 25.93
C GLY E 150 -3.72 -60.46 27.28
N PRO E 151 -4.35 -60.99 28.32
CA PRO E 151 -4.13 -60.45 29.67
C PRO E 151 -2.67 -60.54 30.08
N GLN E 152 -2.20 -59.51 30.79
CA GLN E 152 -0.81 -59.43 31.21
C GLN E 152 -0.72 -58.73 32.55
N LEU E 153 0.22 -59.18 33.38
CA LEU E 153 0.46 -58.61 34.70
C LEU E 153 1.92 -58.18 34.79
N PHE E 154 2.14 -56.96 35.28
CA PHE E 154 3.48 -56.40 35.40
C PHE E 154 3.70 -55.88 36.81
N HIS E 155 4.96 -55.98 37.26
CA HIS E 155 5.37 -55.48 38.56
C HIS E 155 6.45 -54.43 38.39
N MET E 156 6.33 -53.34 39.13
CA MET E 156 7.30 -52.25 39.08
C MET E 156 7.71 -51.88 40.50
N ASP E 157 8.98 -51.52 40.66
CA ASP E 157 9.57 -51.14 41.93
C ASP E 157 10.40 -49.88 41.74
N PRO E 158 10.69 -49.15 42.82
CA PRO E 158 11.40 -47.86 42.68
C PRO E 158 12.80 -47.98 42.13
N SER E 159 13.33 -49.18 41.94
CA SER E 159 14.61 -49.33 41.24
C SER E 159 14.50 -49.02 39.76
N GLY E 160 13.29 -48.85 39.24
CA GLY E 160 13.06 -48.68 37.82
C GLY E 160 12.87 -49.96 37.06
N THR E 161 13.11 -51.11 37.69
CA THR E 161 12.94 -52.39 37.03
C THR E 161 11.46 -52.77 36.96
N PHE E 162 11.06 -53.33 35.82
CA PHE E 162 9.71 -53.84 35.66
C PHE E 162 9.77 -55.14 34.87
N VAL E 163 9.02 -56.14 35.34
CA VAL E 163 9.02 -57.46 34.74
C VAL E 163 7.58 -57.94 34.58
N GLN E 164 7.39 -58.89 33.68
CA GLN E 164 6.11 -59.57 33.55
C GLN E 164 6.02 -60.68 34.60
N CYS E 165 4.85 -60.81 35.22
CA CYS E 165 4.64 -61.80 36.27
C CYS E 165 3.38 -62.59 35.98
N ASP E 166 3.46 -63.91 36.18
CA ASP E 166 2.27 -64.74 36.10
C ASP E 166 1.40 -64.55 37.34
N ALA E 167 2.03 -64.48 38.51
CA ALA E 167 1.35 -64.17 39.76
C ALA E 167 2.38 -63.67 40.75
N ARG E 168 2.12 -62.49 41.34
CA ARG E 168 3.06 -61.89 42.25
C ARG E 168 2.31 -61.20 43.39
N ALA E 169 3.00 -61.06 44.52
CA ALA E 169 2.49 -60.37 45.69
C ALA E 169 3.50 -59.31 46.13
N ILE E 170 2.98 -58.16 46.55
CA ILE E 170 3.82 -57.07 47.05
C ILE E 170 3.28 -56.63 48.39
N GLY E 171 4.16 -56.05 49.21
CA GLY E 171 3.76 -55.53 50.50
C GLY E 171 4.46 -56.17 51.67
N SER E 172 3.83 -56.10 52.85
CA SER E 172 4.47 -56.61 54.07
C SER E 172 4.58 -58.13 54.04
N ALA E 173 3.53 -58.81 53.59
CA ALA E 173 3.48 -60.28 53.57
C ALA E 173 3.79 -60.83 52.19
N SER E 174 4.68 -60.18 51.44
CA SER E 174 4.95 -60.62 50.07
C SER E 174 5.77 -61.90 50.05
N GLU E 175 6.49 -62.21 51.11
CA GLU E 175 7.28 -63.44 51.15
C GLU E 175 6.39 -64.66 51.31
N GLY E 176 5.54 -64.65 52.34
CA GLY E 176 4.65 -65.78 52.57
C GLY E 176 3.62 -65.95 51.47
N ALA E 177 3.11 -64.83 50.93
CA ALA E 177 2.12 -64.90 49.88
C ALA E 177 2.72 -65.47 48.59
N GLN E 178 3.95 -65.08 48.26
CA GLN E 178 4.57 -65.58 47.03
C GLN E 178 4.79 -67.08 47.09
N SER E 179 5.19 -67.60 48.27
CA SER E 179 5.31 -69.04 48.43
C SER E 179 3.95 -69.72 48.27
N SER E 180 2.90 -69.11 48.81
CA SER E 180 1.56 -69.63 48.61
C SER E 180 1.13 -69.52 47.15
N LEU E 181 1.52 -68.43 46.49
CA LEU E 181 1.19 -68.26 45.08
C LEU E 181 1.88 -69.32 44.22
N GLN E 182 3.09 -69.72 44.60
CA GLN E 182 3.81 -70.72 43.82
C GLN E 182 3.08 -72.05 43.81
N GLU E 183 2.47 -72.44 44.92
CA GLU E 183 1.76 -73.71 44.99
C GLU E 183 0.45 -73.67 44.20
N VAL E 184 -0.38 -72.66 44.46
CA VAL E 184 -1.75 -72.67 43.94
C VAL E 184 -1.77 -72.39 42.44
N TYR E 185 -0.86 -71.57 41.94
CA TYR E 185 -0.96 -71.09 40.57
C TYR E 185 -0.57 -72.17 39.57
N HIS E 186 -1.28 -72.20 38.45
CA HIS E 186 -0.90 -73.00 37.29
C HIS E 186 -1.39 -72.29 36.04
N LYS E 187 -0.84 -72.70 34.89
CA LYS E 187 -1.12 -72.00 33.64
C LYS E 187 -2.59 -72.12 33.25
N SER E 188 -3.20 -73.29 33.46
CA SER E 188 -4.58 -73.53 33.09
C SER E 188 -5.59 -72.94 34.07
N MET E 189 -5.13 -72.12 35.02
CA MET E 189 -6.04 -71.55 36.01
C MET E 189 -7.09 -70.67 35.35
N THR E 190 -8.31 -70.74 35.87
CA THR E 190 -9.40 -69.89 35.42
C THR E 190 -9.43 -68.61 36.26
N LEU E 191 -10.23 -67.64 35.80
CA LEU E 191 -10.35 -66.38 36.52
C LEU E 191 -11.00 -66.58 37.88
N LYS E 192 -12.04 -67.41 37.96
CA LYS E 192 -12.69 -67.67 39.24
C LYS E 192 -11.72 -68.34 40.21
N GLU E 193 -10.94 -69.32 39.72
CA GLU E 193 -9.94 -69.97 40.56
C GLU E 193 -8.89 -68.96 41.02
N ALA E 194 -8.48 -68.06 40.12
CA ALA E 194 -7.50 -67.05 40.49
C ALA E 194 -8.03 -66.14 41.59
N ILE E 195 -9.29 -65.69 41.46
CA ILE E 195 -9.89 -64.82 42.47
C ILE E 195 -10.00 -65.56 43.80
N LYS E 196 -10.44 -66.82 43.77
CA LYS E 196 -10.58 -67.58 45.01
C LYS E 196 -9.23 -67.78 45.69
N SER E 197 -8.19 -68.13 44.92
CA SER E 197 -6.87 -68.32 45.52
C SER E 197 -6.31 -67.02 46.06
N SER E 198 -6.53 -65.91 45.34
CA SER E 198 -6.06 -64.62 45.82
C SER E 198 -6.73 -64.26 47.14
N LEU E 199 -8.04 -64.48 47.23
CA LEU E 199 -8.74 -64.16 48.48
C LEU E 199 -8.32 -65.09 49.61
N ILE E 200 -8.04 -66.37 49.29
CA ILE E 200 -7.58 -67.31 50.31
C ILE E 200 -6.24 -66.86 50.87
N ILE E 201 -5.31 -66.48 49.98
CA ILE E 201 -3.99 -66.05 50.44
C ILE E 201 -4.09 -64.74 51.23
N LEU E 202 -4.95 -63.82 50.77
CA LEU E 202 -5.15 -62.58 51.52
C LEU E 202 -5.70 -62.86 52.91
N LYS E 203 -6.68 -63.77 53.02
CA LYS E 203 -7.22 -64.14 54.32
C LYS E 203 -6.14 -64.76 55.19
N GLN E 204 -5.27 -65.58 54.62
CA GLN E 204 -4.20 -66.18 55.38
C GLN E 204 -3.21 -65.13 55.91
N VAL E 205 -2.89 -64.13 55.08
CA VAL E 205 -1.85 -63.17 55.46
C VAL E 205 -2.37 -61.97 56.24
N MET E 206 -3.67 -61.69 56.19
CA MET E 206 -4.22 -60.53 56.87
C MET E 206 -4.39 -60.80 58.36
N GLU E 207 -4.12 -59.78 59.18
CA GLU E 207 -4.35 -59.90 60.61
C GLU E 207 -5.83 -59.99 60.93
N GLU E 208 -6.63 -59.09 60.37
CA GLU E 208 -8.06 -59.07 60.61
C GLU E 208 -8.76 -60.10 59.74
N LYS E 209 -10.03 -60.36 60.06
CA LYS E 209 -10.80 -61.33 59.30
C LYS E 209 -11.26 -60.72 57.98
N LEU E 210 -11.09 -61.48 56.90
CA LEU E 210 -11.45 -61.02 55.58
C LEU E 210 -12.95 -60.80 55.47
N ASN E 211 -13.35 -59.65 54.93
CA ASN E 211 -14.76 -59.34 54.71
C ASN E 211 -14.87 -58.42 53.49
N ALA E 212 -16.11 -58.03 53.17
CA ALA E 212 -16.37 -57.24 51.98
C ALA E 212 -15.81 -55.83 52.05
N THR E 213 -15.41 -55.36 53.23
CA THR E 213 -14.87 -54.01 53.38
C THR E 213 -13.38 -53.99 53.66
N ASN E 214 -12.78 -55.12 54.04
CA ASN E 214 -11.36 -55.17 54.34
C ASN E 214 -10.47 -55.22 53.12
N ILE E 215 -11.03 -55.47 51.93
CA ILE E 215 -10.23 -55.73 50.74
C ILE E 215 -10.82 -55.01 49.54
N GLU E 216 -9.98 -54.85 48.52
CA GLU E 216 -10.39 -54.44 47.19
C GLU E 216 -10.06 -55.54 46.20
N LEU E 217 -10.92 -55.69 45.18
CA LEU E 217 -10.68 -56.68 44.15
C LEU E 217 -11.21 -56.17 42.82
N ALA E 218 -10.37 -56.22 41.79
CA ALA E 218 -10.72 -55.76 40.46
C ALA E 218 -10.23 -56.76 39.44
N THR E 219 -10.91 -56.79 38.28
CA THR E 219 -10.57 -57.70 37.22
C THR E 219 -10.59 -56.97 35.88
N VAL E 220 -9.71 -57.40 34.98
CA VAL E 220 -9.71 -56.97 33.59
C VAL E 220 -9.76 -58.22 32.72
N GLN E 221 -10.73 -58.29 31.83
CA GLN E 221 -10.93 -59.46 30.99
C GLN E 221 -11.02 -59.05 29.53
N PRO E 222 -10.70 -59.95 28.60
CA PRO E 222 -10.89 -59.64 27.18
C PRO E 222 -12.35 -59.38 26.86
N GLY E 223 -12.62 -58.21 26.29
CA GLY E 223 -13.97 -57.82 25.95
C GLY E 223 -14.69 -57.06 27.04
N GLN E 224 -14.11 -56.93 28.22
CA GLN E 224 -14.73 -56.22 29.33
C GLN E 224 -13.74 -55.23 29.92
N ASN E 225 -14.23 -54.06 30.32
CA ASN E 225 -13.37 -53.02 30.84
C ASN E 225 -12.85 -53.38 32.23
N PHE E 226 -12.04 -52.48 32.78
CA PHE E 226 -11.64 -52.58 34.18
C PHE E 226 -12.87 -52.58 35.07
N HIS E 227 -12.98 -53.57 35.95
CA HIS E 227 -14.17 -53.74 36.77
C HIS E 227 -13.75 -53.99 38.21
N MET E 228 -14.14 -53.07 39.09
CA MET E 228 -13.91 -53.22 40.52
C MET E 228 -15.11 -53.90 41.16
N PHE E 229 -14.87 -54.95 41.93
CA PHE E 229 -15.95 -55.71 42.54
C PHE E 229 -16.73 -54.86 43.53
N THR E 230 -18.05 -55.01 43.51
CA THR E 230 -18.91 -54.33 44.47
C THR E 230 -18.96 -55.12 45.77
N LYS E 231 -19.69 -54.59 46.76
CA LYS E 231 -19.78 -55.26 48.05
C LYS E 231 -20.58 -56.55 47.96
N GLU E 232 -21.60 -56.61 47.11
CA GLU E 232 -22.38 -57.83 46.97
C GLU E 232 -21.57 -58.92 46.26
N GLU E 233 -20.80 -58.54 45.23
CA GLU E 233 -19.94 -59.51 44.55
C GLU E 233 -18.87 -60.03 45.50
N LEU E 234 -18.28 -59.15 46.30
CA LEU E 234 -17.29 -59.59 47.29
C LEU E 234 -17.93 -60.52 48.31
N GLU E 235 -19.14 -60.19 48.77
CA GLU E 235 -19.83 -61.07 49.71
C GLU E 235 -20.09 -62.44 49.08
N GLU E 236 -20.45 -62.47 47.79
CA GLU E 236 -20.67 -63.74 47.11
C GLU E 236 -19.38 -64.55 47.02
N VAL E 237 -18.26 -63.89 46.73
CA VAL E 237 -17.00 -64.61 46.57
C VAL E 237 -16.52 -65.16 47.92
N ILE E 238 -16.60 -64.33 48.97
CA ILE E 238 -16.15 -64.76 50.30
C ILE E 238 -17.13 -65.72 50.96
N LYS E 239 -18.27 -66.00 50.32
CA LYS E 239 -19.25 -66.92 50.90
C LYS E 239 -18.62 -68.29 51.17
N ASP E 240 -17.91 -68.83 50.18
CA ASP E 240 -17.32 -70.16 50.28
C ASP E 240 -15.86 -70.09 49.87
N ILE E 241 -14.96 -70.17 50.83
CA ILE E 241 -13.52 -70.20 50.57
C ILE E 241 -12.87 -71.31 51.35
N ASN F 4 35.49 -44.56 54.05
CA ASN F 4 36.16 -43.40 54.64
C ASN F 4 35.46 -42.10 54.25
N GLN F 5 36.25 -41.05 54.07
CA GLN F 5 35.75 -39.74 53.66
C GLN F 5 35.91 -39.48 52.17
N TYR F 6 36.49 -40.42 51.43
CA TYR F 6 36.72 -40.25 50.00
C TYR F 6 35.80 -41.10 49.13
N ASP F 7 34.87 -41.85 49.72
CA ASP F 7 34.07 -42.82 48.99
C ASP F 7 32.62 -42.40 48.80
N ASN F 8 32.26 -41.16 49.13
CA ASN F 8 30.88 -40.73 49.03
C ASN F 8 30.61 -39.74 47.90
N ASP F 9 31.64 -39.09 47.36
CA ASP F 9 31.47 -38.12 46.28
C ASP F 9 32.30 -38.54 45.08
N VAL F 10 31.76 -38.28 43.89
CA VAL F 10 32.49 -38.56 42.65
C VAL F 10 33.52 -37.50 42.32
N THR F 11 33.46 -36.33 42.97
CA THR F 11 34.40 -35.25 42.73
C THR F 11 35.57 -35.26 43.70
N VAL F 12 35.67 -36.26 44.57
CA VAL F 12 36.71 -36.32 45.59
C VAL F 12 37.72 -37.39 45.18
N TRP F 13 38.94 -36.95 44.90
CA TRP F 13 40.03 -37.89 44.73
C TRP F 13 40.44 -38.48 46.08
N SER F 14 40.99 -39.68 46.03
CA SER F 14 41.58 -40.31 47.19
C SER F 14 43.07 -40.06 47.23
N PRO F 15 43.71 -40.19 48.39
CA PRO F 15 45.17 -40.03 48.46
C PRO F 15 45.93 -41.01 47.59
N GLN F 16 45.29 -42.09 47.13
CA GLN F 16 45.91 -43.06 46.25
C GLN F 16 45.67 -42.77 44.77
N GLY F 17 45.04 -41.64 44.46
CA GLY F 17 44.72 -41.32 43.08
C GLY F 17 43.59 -42.14 42.50
N ARG F 18 42.55 -42.41 43.29
CA ARG F 18 41.41 -43.20 42.85
C ARG F 18 40.12 -42.50 43.23
N ILE F 19 39.06 -42.83 42.50
CA ILE F 19 37.71 -42.35 42.80
C ILE F 19 36.87 -43.57 43.14
N HIS F 20 36.35 -43.62 44.37
CA HIS F 20 35.70 -44.82 44.87
C HIS F 20 34.29 -45.00 44.32
N GLN F 21 33.59 -43.90 44.01
CA GLN F 21 32.24 -44.03 43.48
C GLN F 21 32.23 -44.73 42.13
N ILE F 22 33.25 -44.48 41.31
CA ILE F 22 33.36 -45.15 40.02
C ILE F 22 33.56 -46.66 40.23
N GLU F 23 34.41 -47.02 41.19
CA GLU F 23 34.61 -48.44 41.48
C GLU F 23 33.34 -49.09 42.02
N TYR F 24 32.56 -48.35 42.79
CA TYR F 24 31.29 -48.88 43.28
C TYR F 24 30.31 -49.10 42.13
N ALA F 25 30.30 -48.20 41.14
CA ALA F 25 29.48 -48.42 39.96
C ALA F 25 29.97 -49.61 39.16
N MET F 26 31.28 -49.82 39.10
CA MET F 26 31.80 -51.04 38.47
C MET F 26 31.34 -52.28 39.21
N GLU F 27 31.28 -52.22 40.54
CA GLU F 27 30.70 -53.31 41.32
C GLU F 27 29.23 -53.52 40.95
N ALA F 28 28.50 -52.42 40.76
CA ALA F 28 27.11 -52.52 40.32
C ALA F 28 27.01 -53.27 39.00
N VAL F 29 27.93 -53.00 38.08
CA VAL F 29 27.97 -53.77 36.83
C VAL F 29 28.26 -55.24 37.11
N LYS F 30 29.21 -55.51 38.00
CA LYS F 30 29.56 -56.88 38.34
C LYS F 30 28.42 -57.62 39.02
N GLN F 31 27.44 -56.91 39.56
CA GLN F 31 26.31 -57.56 40.21
C GLN F 31 25.32 -58.17 39.23
N GLY F 32 25.30 -57.69 37.98
CA GLY F 32 24.32 -58.16 37.02
C GLY F 32 24.61 -59.55 36.49
N SER F 33 23.63 -60.11 35.81
CA SER F 33 23.78 -61.43 35.22
C SER F 33 24.73 -61.38 34.02
N ALA F 34 25.39 -62.51 33.77
CA ALA F 34 26.43 -62.55 32.77
C ALA F 34 25.86 -62.50 31.36
N THR F 35 26.56 -61.77 30.49
CA THR F 35 26.27 -61.75 29.06
C THR F 35 27.58 -61.85 28.31
N VAL F 36 27.52 -62.40 27.10
CA VAL F 36 28.71 -62.68 26.30
C VAL F 36 28.52 -62.06 24.92
N GLY F 37 29.55 -61.36 24.44
CA GLY F 37 29.58 -60.84 23.09
C GLY F 37 30.79 -61.35 22.35
N LEU F 38 30.60 -61.71 21.09
CA LEU F 38 31.69 -62.24 20.28
C LEU F 38 31.33 -62.05 18.81
N LYS F 39 32.36 -62.00 17.97
CA LYS F 39 32.17 -61.69 16.55
C LYS F 39 33.03 -62.59 15.69
N SER F 40 32.53 -62.89 14.50
CA SER F 40 33.26 -63.56 13.44
C SER F 40 33.65 -62.52 12.40
N LYS F 41 34.12 -62.99 11.24
CA LYS F 41 34.42 -62.07 10.15
C LYS F 41 33.18 -61.37 9.61
N THR F 42 32.01 -61.96 9.76
CA THR F 42 30.79 -61.43 9.15
C THR F 42 29.65 -61.18 10.11
N HIS F 43 29.70 -61.67 11.34
CA HIS F 43 28.58 -61.54 12.26
C HIS F 43 29.08 -61.15 13.64
N ALA F 44 28.21 -60.46 14.38
CA ALA F 44 28.44 -60.16 15.79
C ALA F 44 27.26 -60.70 16.58
N VAL F 45 27.54 -61.42 17.66
CA VAL F 45 26.53 -62.16 18.42
C VAL F 45 26.59 -61.73 19.87
N LEU F 46 25.43 -61.45 20.46
CA LEU F 46 25.28 -61.25 21.89
C LEU F 46 24.40 -62.34 22.45
N VAL F 47 24.90 -63.07 23.45
CA VAL F 47 24.13 -64.08 24.17
C VAL F 47 24.08 -63.65 25.63
N ALA F 48 22.87 -63.50 26.16
CA ALA F 48 22.66 -63.00 27.52
C ALA F 48 21.98 -64.07 28.37
N LEU F 49 22.45 -64.20 29.60
CA LEU F 49 21.86 -65.12 30.57
C LEU F 49 20.82 -64.34 31.38
N LYS F 50 19.55 -64.52 31.02
CA LYS F 50 18.48 -63.79 31.70
C LYS F 50 18.23 -64.38 33.08
N ARG F 51 17.74 -63.53 33.98
CA ARG F 51 17.44 -63.91 35.35
C ARG F 51 15.97 -63.62 35.66
N ALA F 52 15.36 -64.48 36.46
CA ALA F 52 13.98 -64.33 36.89
C ALA F 52 13.94 -64.05 38.39
N GLN F 53 13.13 -63.06 38.78
CA GLN F 53 12.98 -62.75 40.20
C GLN F 53 12.36 -63.91 40.95
N SER F 54 11.37 -64.57 40.35
CA SER F 54 10.70 -65.71 40.97
C SER F 54 10.32 -66.70 39.89
N GLU F 55 9.87 -67.89 40.32
CA GLU F 55 9.42 -68.91 39.39
C GLU F 55 8.21 -68.46 38.57
N LEU F 56 7.42 -67.52 39.09
CA LEU F 56 6.25 -67.02 38.39
C LEU F 56 6.49 -65.69 37.70
N ALA F 57 7.75 -65.27 37.58
CA ALA F 57 8.11 -64.01 36.94
C ALA F 57 8.86 -64.28 35.65
N ALA F 58 8.54 -63.49 34.62
CA ALA F 58 9.26 -63.60 33.36
C ALA F 58 10.69 -63.09 33.52
N HIS F 59 11.58 -63.67 32.72
CA HIS F 59 12.99 -63.28 32.78
C HIS F 59 13.18 -61.88 32.22
N GLN F 60 14.00 -61.09 32.90
CA GLN F 60 14.19 -59.69 32.54
C GLN F 60 14.85 -59.57 31.17
N LYS F 61 14.39 -58.59 30.39
CA LYS F 61 15.01 -58.29 29.10
C LYS F 61 16.46 -57.86 29.30
N LYS F 62 17.35 -58.39 28.46
CA LYS F 62 18.76 -58.03 28.53
C LYS F 62 19.33 -57.52 27.22
N ILE F 63 18.70 -57.81 26.08
CA ILE F 63 19.17 -57.38 24.77
C ILE F 63 18.14 -56.42 24.19
N LEU F 64 18.61 -55.26 23.72
CA LEU F 64 17.73 -54.18 23.27
C LEU F 64 18.07 -53.79 21.84
N HIS F 65 17.05 -53.33 21.11
CA HIS F 65 17.23 -52.79 19.78
C HIS F 65 17.66 -51.34 19.86
N VAL F 66 18.75 -51.00 19.20
CA VAL F 66 19.22 -49.62 19.06
C VAL F 66 18.98 -49.10 17.65
N ASP F 67 19.45 -49.83 16.64
CA ASP F 67 19.22 -49.50 15.25
C ASP F 67 19.21 -50.79 14.45
N ASN F 68 19.04 -50.66 13.13
CA ASN F 68 19.02 -51.83 12.26
C ASN F 68 20.37 -52.54 12.25
N HIS F 69 21.45 -51.85 12.61
CA HIS F 69 22.77 -52.44 12.59
C HIS F 69 23.43 -52.49 13.97
N ILE F 70 22.76 -52.02 15.02
CA ILE F 70 23.36 -51.95 16.35
C ILE F 70 22.40 -52.54 17.37
N GLY F 71 22.92 -53.40 18.23
CA GLY F 71 22.18 -53.86 19.39
C GLY F 71 23.11 -53.98 20.58
N ILE F 72 22.50 -53.95 21.78
CA ILE F 72 23.28 -53.94 23.01
C ILE F 72 22.72 -54.96 23.98
N SER F 73 23.58 -55.39 24.90
CA SER F 73 23.21 -56.22 26.04
C SER F 73 23.68 -55.52 27.31
N ILE F 74 22.83 -55.50 28.32
CA ILE F 74 23.01 -54.65 29.48
C ILE F 74 23.36 -55.48 30.70
N ALA F 75 24.04 -54.84 31.65
CA ALA F 75 24.39 -55.48 32.92
C ALA F 75 24.58 -54.39 33.96
N GLY F 76 23.72 -54.35 34.96
CA GLY F 76 23.76 -53.31 35.97
C GLY F 76 22.40 -52.68 36.22
N LEU F 77 22.38 -51.39 36.54
CA LEU F 77 21.12 -50.69 36.77
C LEU F 77 20.31 -50.63 35.48
N THR F 78 19.08 -51.13 35.54
CA THR F 78 18.25 -51.22 34.35
C THR F 78 17.74 -49.86 33.89
N ALA F 79 17.44 -48.95 34.81
CA ALA F 79 17.02 -47.61 34.42
C ALA F 79 18.14 -46.84 33.74
N ASP F 80 19.37 -46.98 34.24
CA ASP F 80 20.52 -46.40 33.57
C ASP F 80 20.69 -46.99 32.18
N ALA F 81 20.48 -48.30 32.06
CA ALA F 81 20.56 -48.95 30.75
C ALA F 81 19.53 -48.39 29.79
N ARG F 82 18.30 -48.17 30.27
CA ARG F 82 17.26 -47.61 29.41
C ARG F 82 17.58 -46.18 29.01
N LEU F 83 18.13 -45.39 29.93
CA LEU F 83 18.54 -44.03 29.58
C LEU F 83 19.61 -44.05 28.50
N LEU F 84 20.63 -44.91 28.66
CA LEU F 84 21.69 -45.00 27.66
C LEU F 84 21.16 -45.49 26.33
N CYS F 85 20.25 -46.47 26.35
CA CYS F 85 19.67 -46.99 25.12
C CYS F 85 18.86 -45.91 24.40
N ASN F 86 18.10 -45.11 25.15
CA ASN F 86 17.36 -44.02 24.53
C ASN F 86 18.30 -42.99 23.91
N PHE F 87 19.39 -42.67 24.61
CA PHE F 87 20.37 -41.73 24.06
C PHE F 87 20.98 -42.27 22.77
N MET F 88 21.34 -43.56 22.76
CA MET F 88 21.93 -44.16 21.56
C MET F 88 20.93 -44.21 20.41
N ARG F 89 19.67 -44.54 20.71
CA ARG F 89 18.64 -44.55 19.67
C ARG F 89 18.46 -43.16 19.08
N GLN F 90 18.45 -42.14 19.92
CA GLN F 90 18.32 -40.77 19.42
C GLN F 90 19.53 -40.40 18.55
N GLU F 91 20.73 -40.78 18.97
CA GLU F 91 21.92 -40.48 18.17
C GLU F 91 21.86 -41.16 16.81
N CYS F 92 21.46 -42.43 16.77
CA CYS F 92 21.35 -43.14 15.50
C CYS F 92 20.28 -42.53 14.61
N LEU F 93 19.14 -42.14 15.20
CA LEU F 93 18.09 -41.50 14.42
C LEU F 93 18.54 -40.16 13.86
N ASP F 94 19.27 -39.39 14.66
CA ASP F 94 19.81 -38.12 14.17
C ASP F 94 20.80 -38.35 13.03
N SER F 95 21.65 -39.37 13.15
CA SER F 95 22.59 -39.68 12.07
C SER F 95 21.86 -40.03 10.79
N ARG F 96 20.83 -40.87 10.90
CA ARG F 96 20.07 -41.26 9.70
C ARG F 96 19.27 -40.10 9.14
N PHE F 97 18.85 -39.15 9.99
CA PHE F 97 18.11 -38.00 9.51
C PHE F 97 19.02 -36.99 8.81
N VAL F 98 20.22 -36.78 9.32
CA VAL F 98 21.08 -35.74 8.78
C VAL F 98 21.87 -36.25 7.58
N PHE F 99 22.41 -37.46 7.66
CA PHE F 99 23.31 -37.96 6.63
C PHE F 99 22.73 -39.10 5.80
N ASP F 100 21.56 -39.63 6.17
CA ASP F 100 20.91 -40.71 5.44
C ASP F 100 21.81 -41.94 5.36
N ARG F 101 22.58 -42.18 6.42
CA ARG F 101 23.45 -43.34 6.50
C ARG F 101 23.48 -43.82 7.94
N PRO F 102 23.70 -45.12 8.16
CA PRO F 102 23.84 -45.63 9.52
C PRO F 102 25.03 -45.01 10.24
N LEU F 103 24.85 -44.73 11.52
CA LEU F 103 25.92 -44.19 12.33
C LEU F 103 26.98 -45.27 12.58
N PRO F 104 28.26 -44.97 12.33
CA PRO F 104 29.30 -45.96 12.64
C PRO F 104 29.32 -46.31 14.12
N VAL F 105 29.60 -47.59 14.40
CA VAL F 105 29.52 -48.10 15.76
C VAL F 105 30.55 -47.42 16.66
N SER F 106 31.77 -47.22 16.15
CA SER F 106 32.83 -46.63 16.96
C SER F 106 32.47 -45.20 17.36
N ARG F 107 31.84 -44.44 16.46
CA ARG F 107 31.45 -43.08 16.78
C ARG F 107 30.34 -43.04 17.82
N LEU F 108 29.40 -43.99 17.73
CA LEU F 108 28.38 -44.10 18.76
C LEU F 108 28.98 -44.43 20.11
N VAL F 109 29.96 -45.33 20.14
CA VAL F 109 30.61 -45.69 21.40
C VAL F 109 31.37 -44.51 21.96
N SER F 110 32.01 -43.72 21.09
CA SER F 110 32.67 -42.49 21.53
C SER F 110 31.68 -41.52 22.14
N LEU F 111 30.50 -41.38 21.51
CA LEU F 111 29.47 -40.51 22.07
C LEU F 111 29.01 -41.01 23.44
N ILE F 112 28.86 -42.33 23.58
CA ILE F 112 28.46 -42.89 24.88
C ILE F 112 29.50 -42.59 25.93
N GLY F 113 30.79 -42.77 25.60
CA GLY F 113 31.83 -42.47 26.56
C GLY F 113 31.87 -41.00 26.94
N SER F 114 31.69 -40.11 25.96
CA SER F 114 31.66 -38.68 26.24
C SER F 114 30.49 -38.33 27.16
N LYS F 115 29.32 -38.92 26.90
CA LYS F 115 28.16 -38.65 27.75
C LYS F 115 28.35 -39.18 29.16
N THR F 116 28.94 -40.37 29.30
CA THR F 116 29.10 -40.97 30.62
C THR F 116 30.27 -40.40 31.40
N GLN F 117 31.18 -39.68 30.76
CA GLN F 117 32.28 -39.07 31.50
C GLN F 117 31.81 -37.85 32.30
N ILE F 118 30.82 -37.11 31.79
CA ILE F 118 30.42 -35.86 32.44
C ILE F 118 29.96 -36.06 33.88
N PRO F 119 29.07 -37.02 34.20
CA PRO F 119 28.62 -37.17 35.58
C PRO F 119 29.72 -37.55 36.57
N THR F 120 30.87 -38.04 36.10
CA THR F 120 31.94 -38.46 36.98
C THR F 120 32.83 -37.31 37.43
N GLN F 121 32.56 -36.08 36.99
CA GLN F 121 33.39 -34.95 37.33
C GLN F 121 32.61 -33.78 37.93
N ARG F 122 31.30 -33.89 38.09
CA ARG F 122 30.47 -32.81 38.59
C ARG F 122 29.87 -33.19 39.94
N TYR F 123 29.84 -32.22 40.85
CA TYR F 123 29.32 -32.47 42.19
C TYR F 123 27.82 -32.71 42.15
N GLY F 124 27.38 -33.74 42.87
CA GLY F 124 25.97 -34.10 42.91
C GLY F 124 25.52 -35.08 41.86
N ARG F 125 26.37 -35.43 40.90
CA ARG F 125 26.07 -36.44 39.91
C ARG F 125 26.70 -37.77 40.30
N ARG F 126 26.28 -38.83 39.62
CA ARG F 126 26.79 -40.17 39.87
C ARG F 126 27.12 -40.87 38.56
N PRO F 127 28.06 -41.80 38.58
CA PRO F 127 28.36 -42.55 37.36
C PRO F 127 27.18 -43.44 36.95
N TYR F 128 27.07 -43.67 35.65
CA TYR F 128 26.07 -44.59 35.14
C TYR F 128 26.41 -46.01 35.60
N GLY F 129 25.50 -46.62 36.36
CA GLY F 129 25.79 -47.90 36.98
C GLY F 129 25.50 -49.09 36.11
N VAL F 130 25.68 -48.94 34.80
CA VAL F 130 25.40 -50.01 33.84
C VAL F 130 26.60 -50.19 32.92
N GLY F 131 26.85 -51.43 32.52
CA GLY F 131 27.87 -51.74 31.53
C GLY F 131 27.23 -52.41 30.34
N LEU F 132 27.64 -52.01 29.14
CA LEU F 132 27.02 -52.45 27.91
C LEU F 132 27.99 -53.26 27.07
N LEU F 133 27.47 -54.28 26.40
CA LEU F 133 28.16 -54.95 25.31
C LEU F 133 27.44 -54.59 24.02
N ILE F 134 28.17 -53.97 23.10
CA ILE F 134 27.59 -53.41 21.88
C ILE F 134 28.02 -54.26 20.70
N ALA F 135 27.05 -54.76 19.93
CA ALA F 135 27.30 -55.50 18.71
C ALA F 135 26.78 -54.70 17.53
N GLY F 136 27.64 -54.42 16.57
CA GLY F 136 27.26 -53.64 15.42
C GLY F 136 27.95 -54.13 14.16
N TYR F 137 27.39 -53.73 13.02
CA TYR F 137 27.97 -54.02 11.72
C TYR F 137 27.91 -52.75 10.88
N ASP F 138 29.03 -52.41 10.25
CA ASP F 138 29.10 -51.22 9.40
C ASP F 138 30.11 -51.50 8.30
N ASP F 139 30.58 -50.42 7.65
CA ASP F 139 31.53 -50.58 6.55
C ASP F 139 32.83 -51.23 7.00
N MET F 140 33.19 -51.07 8.28
CA MET F 140 34.37 -51.72 8.81
C MET F 140 34.12 -53.15 9.27
N GLY F 141 32.90 -53.64 9.14
CA GLY F 141 32.58 -55.00 9.50
C GLY F 141 31.88 -55.11 10.84
N PRO F 142 31.91 -56.29 11.44
CA PRO F 142 31.30 -56.47 12.76
C PRO F 142 32.18 -55.91 13.87
N HIS F 143 31.52 -55.46 14.94
CA HIS F 143 32.23 -54.86 16.07
C HIS F 143 31.60 -55.33 17.37
N ILE F 144 32.45 -55.61 18.36
CA ILE F 144 32.02 -55.87 19.72
C ILE F 144 32.68 -54.82 20.61
N PHE F 145 31.87 -54.09 21.36
CA PHE F 145 32.34 -53.02 22.22
C PHE F 145 31.83 -53.23 23.63
N GLN F 146 32.63 -52.82 24.60
CA GLN F 146 32.26 -52.90 26.01
C GLN F 146 32.44 -51.52 26.64
N THR F 147 31.41 -51.04 27.32
CA THR F 147 31.46 -49.77 28.02
C THR F 147 31.42 -50.02 29.52
N CYS F 148 31.97 -49.07 30.28
CA CYS F 148 32.11 -49.17 31.72
C CYS F 148 31.56 -47.93 32.38
N PRO F 149 31.17 -48.02 33.66
CA PRO F 149 30.78 -46.82 34.40
C PRO F 149 31.87 -45.77 34.48
N SER F 150 33.14 -46.19 34.42
CA SER F 150 34.27 -45.27 34.38
C SER F 150 34.33 -44.46 33.10
N ALA F 151 33.35 -44.61 32.21
CA ALA F 151 33.26 -43.95 30.91
C ALA F 151 34.33 -44.44 29.94
N ASN F 152 35.08 -45.46 30.30
CA ASN F 152 36.05 -46.06 29.40
C ASN F 152 35.36 -47.15 28.58
N TYR F 153 35.78 -47.29 27.33
CA TYR F 153 35.22 -48.28 26.43
C TYR F 153 36.34 -49.03 25.73
N PHE F 154 36.03 -50.26 25.32
CA PHE F 154 37.02 -51.17 24.77
C PHE F 154 36.50 -51.78 23.48
N ASP F 155 37.39 -51.92 22.50
CA ASP F 155 37.09 -52.67 21.29
C ASP F 155 37.55 -54.09 21.49
N CYS F 156 36.61 -55.05 21.44
CA CYS F 156 36.88 -56.41 21.86
C CYS F 156 36.66 -57.38 20.72
N ARG F 157 37.50 -58.42 20.68
CA ARG F 157 37.23 -59.59 19.84
C ARG F 157 36.13 -60.43 20.47
N ALA F 158 36.12 -60.53 21.79
CA ALA F 158 35.06 -61.16 22.55
C ALA F 158 35.11 -60.61 23.96
N MET F 159 33.98 -60.64 24.64
CA MET F 159 33.92 -60.05 25.98
C MET F 159 32.72 -60.62 26.73
N SER F 160 32.84 -60.65 28.06
CA SER F 160 31.76 -61.05 28.94
C SER F 160 31.73 -60.14 30.15
N ILE F 161 30.54 -59.67 30.52
CA ILE F 161 30.35 -58.84 31.69
C ILE F 161 29.20 -59.40 32.52
N GLY F 162 29.23 -59.11 33.81
CA GLY F 162 28.22 -59.58 34.73
C GLY F 162 28.81 -60.50 35.79
N ALA F 163 27.91 -61.21 36.48
CA ALA F 163 28.34 -62.09 37.55
C ALA F 163 28.99 -63.37 37.00
N ARG F 164 30.11 -63.76 37.61
CA ARG F 164 30.84 -64.97 37.25
C ARG F 164 31.27 -64.96 35.79
N SER F 165 31.64 -63.78 35.29
CA SER F 165 32.06 -63.65 33.90
C SER F 165 33.50 -64.07 33.66
N GLN F 166 34.26 -64.35 34.73
CA GLN F 166 35.66 -64.72 34.55
C GLN F 166 35.81 -66.05 33.83
N SER F 167 34.96 -67.02 34.14
CA SER F 167 35.01 -68.29 33.44
C SER F 167 34.66 -68.13 31.96
N ALA F 168 33.65 -67.31 31.67
CA ALA F 168 33.30 -67.03 30.27
C ALA F 168 34.47 -66.36 29.57
N ARG F 169 35.14 -65.42 30.24
CA ARG F 169 36.29 -64.76 29.63
C ARG F 169 37.43 -65.75 29.38
N THR F 170 37.61 -66.70 30.30
CA THR F 170 38.63 -67.73 30.08
C THR F 170 38.30 -68.59 28.87
N TYR F 171 37.04 -68.99 28.73
CA TYR F 171 36.64 -69.79 27.57
C TYR F 171 36.83 -69.00 26.28
N LEU F 172 36.44 -67.72 26.29
CA LEU F 172 36.64 -66.87 25.12
C LEU F 172 38.11 -66.72 24.79
N GLU F 173 38.96 -66.61 25.82
CA GLU F 173 40.40 -66.58 25.61
C GLU F 173 40.87 -67.86 24.93
N ARG F 174 40.35 -69.00 25.37
CA ARG F 174 40.75 -70.27 24.79
C ARG F 174 40.37 -70.36 23.31
N HIS F 175 39.15 -69.94 22.96
CA HIS F 175 38.62 -70.19 21.61
C HIS F 175 38.62 -68.96 20.72
N MET F 176 39.28 -67.87 21.14
CA MET F 176 39.38 -66.69 20.28
C MET F 176 40.07 -66.99 18.96
N SER F 177 41.00 -67.95 18.95
CA SER F 177 41.73 -68.25 17.72
C SER F 177 40.80 -68.78 16.63
N GLU F 178 39.74 -69.48 17.03
CA GLU F 178 38.79 -70.05 16.07
C GLU F 178 37.49 -69.27 15.98
N PHE F 179 37.29 -68.26 16.84
CA PHE F 179 36.10 -67.41 16.70
C PHE F 179 36.00 -66.75 15.34
N MET F 180 37.13 -66.48 14.68
CA MET F 180 37.12 -65.62 13.51
C MET F 180 36.53 -66.30 12.27
N GLU F 181 36.85 -67.58 12.07
CA GLU F 181 36.44 -68.30 10.86
C GLU F 181 35.14 -69.08 11.03
N CYS F 182 34.49 -68.99 12.20
CA CYS F 182 33.26 -69.72 12.43
C CYS F 182 32.12 -69.13 11.61
N ASN F 183 31.17 -69.98 11.25
CA ASN F 183 29.93 -69.51 10.66
C ASN F 183 28.97 -69.07 11.77
N LEU F 184 27.75 -68.67 11.38
CA LEU F 184 26.83 -68.11 12.35
C LEU F 184 26.48 -69.12 13.44
N ASN F 185 26.13 -70.35 13.04
CA ASN F 185 25.74 -71.35 14.03
C ASN F 185 26.89 -71.70 14.96
N GLU F 186 28.10 -71.86 14.41
CA GLU F 186 29.25 -72.17 15.24
C GLU F 186 29.57 -71.03 16.19
N LEU F 187 29.46 -69.79 15.72
CA LEU F 187 29.73 -68.64 16.58
C LEU F 187 28.70 -68.55 17.71
N VAL F 188 27.43 -68.78 17.40
CA VAL F 188 26.40 -68.75 18.44
C VAL F 188 26.61 -69.87 19.44
N LYS F 189 27.03 -71.05 18.97
CA LYS F 189 27.31 -72.15 19.89
C LYS F 189 28.50 -71.83 20.78
N HIS F 190 29.53 -71.19 20.22
CA HIS F 190 30.67 -70.77 21.03
C HIS F 190 30.24 -69.79 22.11
N GLY F 191 29.42 -68.80 21.73
CA GLY F 191 28.91 -67.86 22.71
C GLY F 191 28.06 -68.53 23.78
N LEU F 192 27.23 -69.49 23.38
CA LEU F 192 26.40 -70.20 24.33
C LEU F 192 27.24 -71.03 25.30
N ARG F 193 28.30 -71.66 24.81
CA ARG F 193 29.20 -72.41 25.69
C ARG F 193 29.91 -71.47 26.67
N ALA F 194 30.35 -70.31 26.18
CA ALA F 194 30.97 -69.34 27.07
C ALA F 194 30.00 -68.87 28.15
N LEU F 195 28.75 -68.60 27.77
CA LEU F 195 27.74 -68.19 28.75
C LEU F 195 27.44 -69.31 29.73
N ARG F 196 27.39 -70.56 29.25
CA ARG F 196 27.14 -71.70 30.12
C ARG F 196 28.28 -71.91 31.10
N GLU F 197 29.49 -71.51 30.73
CA GLU F 197 30.61 -71.57 31.66
C GLU F 197 30.36 -70.74 32.92
N THR F 198 29.51 -69.72 32.84
CA THR F 198 29.17 -68.93 34.02
C THR F 198 28.14 -69.60 34.92
N LEU F 199 27.49 -70.64 34.45
CA LEU F 199 26.42 -71.28 35.21
C LEU F 199 26.95 -72.39 36.09
N PRO F 200 26.36 -72.57 37.27
CA PRO F 200 26.71 -73.72 38.12
C PRO F 200 26.31 -75.02 37.44
N ALA F 201 26.87 -76.11 37.97
CA ALA F 201 26.67 -77.42 37.35
C ALA F 201 25.20 -77.83 37.34
N GLU F 202 24.48 -77.58 38.43
CA GLU F 202 23.08 -77.96 38.51
C GLU F 202 22.20 -77.14 37.57
N GLN F 203 22.70 -76.03 37.05
CA GLN F 203 21.94 -75.18 36.14
C GLN F 203 22.36 -75.44 34.70
N ASP F 204 21.39 -75.43 33.79
CA ASP F 204 21.62 -75.69 32.38
C ASP F 204 20.94 -74.62 31.53
N LEU F 205 21.49 -74.39 30.35
CA LEU F 205 20.90 -73.42 29.43
C LEU F 205 19.60 -73.96 28.86
N THR F 206 18.55 -73.15 28.95
CA THR F 206 17.24 -73.53 28.44
C THR F 206 16.67 -72.38 27.63
N THR F 207 15.51 -72.62 27.02
CA THR F 207 14.85 -71.61 26.21
C THR F 207 14.26 -70.47 27.03
N LYS F 208 14.21 -70.60 28.35
CA LYS F 208 13.62 -69.58 29.21
C LYS F 208 14.61 -68.50 29.63
N ASN F 209 15.87 -68.87 29.85
CA ASN F 209 16.85 -67.95 30.42
C ASN F 209 17.95 -67.58 29.43
N VAL F 210 17.73 -67.79 28.14
CA VAL F 210 18.72 -67.48 27.11
C VAL F 210 18.11 -66.52 26.11
N SER F 211 18.84 -65.43 25.83
CA SER F 211 18.46 -64.46 24.81
C SER F 211 19.64 -64.26 23.87
N ILE F 212 19.37 -64.24 22.57
CA ILE F 212 20.42 -64.19 21.55
C ILE F 212 20.15 -63.00 20.63
N GLY F 213 21.17 -62.18 20.43
CA GLY F 213 21.09 -61.08 19.49
C GLY F 213 22.15 -61.19 18.41
N ILE F 214 21.74 -61.11 17.14
CA ILE F 214 22.64 -61.35 16.01
C ILE F 214 22.52 -60.20 15.02
N VAL F 215 23.67 -59.73 14.52
CA VAL F 215 23.73 -58.76 13.45
C VAL F 215 24.85 -59.18 12.49
N GLY F 216 24.65 -58.93 11.21
CA GLY F 216 25.62 -59.37 10.23
C GLY F 216 25.57 -58.56 8.96
N LYS F 217 26.30 -59.04 7.95
CA LYS F 217 26.41 -58.32 6.69
C LYS F 217 25.06 -58.19 6.00
N ASP F 218 24.35 -59.30 5.83
CA ASP F 218 23.06 -59.31 5.17
C ASP F 218 21.91 -59.51 6.16
N LEU F 219 22.18 -59.38 7.45
CA LEU F 219 21.18 -59.64 8.49
C LEU F 219 21.11 -58.42 9.40
N GLU F 220 19.92 -57.85 9.54
CA GLU F 220 19.70 -56.79 10.50
C GLU F 220 19.78 -57.36 11.92
N PHE F 221 19.85 -56.47 12.91
CA PHE F 221 19.93 -56.93 14.28
C PHE F 221 18.61 -57.57 14.69
N THR F 222 18.68 -58.82 15.12
CA THR F 222 17.51 -59.59 15.49
C THR F 222 17.75 -60.24 16.84
N ILE F 223 16.68 -60.34 17.63
CA ILE F 223 16.74 -60.93 18.97
C ILE F 223 15.91 -62.21 18.97
N TYR F 224 16.54 -63.31 19.37
CA TYR F 224 15.88 -64.61 19.52
C TYR F 224 15.75 -64.87 21.01
N ASP F 225 14.52 -65.07 21.49
CA ASP F 225 14.29 -65.09 22.93
C ASP F 225 13.82 -66.45 23.45
N ASP F 226 12.70 -66.98 22.96
CA ASP F 226 12.09 -68.15 23.60
C ASP F 226 12.06 -69.37 22.69
N ASP F 227 11.39 -69.30 21.54
CA ASP F 227 11.31 -70.43 20.64
C ASP F 227 12.28 -70.33 19.48
N ASP F 228 12.73 -69.13 19.14
CA ASP F 228 13.78 -68.95 18.15
C ASP F 228 15.15 -69.32 18.69
N VAL F 229 15.27 -69.58 19.98
CA VAL F 229 16.55 -69.98 20.57
C VAL F 229 16.79 -71.47 20.42
N SER F 230 15.73 -72.27 20.34
CA SER F 230 15.88 -73.73 20.29
C SER F 230 16.77 -74.22 19.15
N PRO F 231 16.68 -73.70 17.91
CA PRO F 231 17.64 -74.15 16.89
C PRO F 231 19.09 -73.91 17.29
N PHE F 232 19.37 -72.80 17.96
CA PHE F 232 20.73 -72.55 18.42
C PHE F 232 21.10 -73.44 19.60
N LEU F 233 20.15 -73.71 20.49
CA LEU F 233 20.41 -74.61 21.61
C LEU F 233 20.60 -76.04 21.13
N GLU F 234 19.85 -76.45 20.11
CA GLU F 234 20.00 -77.79 19.56
C GLU F 234 21.40 -77.98 18.98
N GLY F 235 22.03 -79.10 19.32
CA GLY F 235 23.38 -79.38 18.92
C GLY F 235 24.42 -79.11 19.99
N LEU F 236 24.07 -78.34 21.01
CA LEU F 236 24.99 -78.08 22.11
C LEU F 236 25.19 -79.35 22.93
N GLU F 237 26.45 -79.73 23.12
CA GLU F 237 26.77 -80.94 23.87
C GLU F 237 26.58 -80.72 25.36
N GLU F 238 26.65 -81.81 26.11
CA GLU F 238 26.51 -81.76 27.56
C GLU F 238 27.72 -81.07 28.18
N ARG F 239 27.55 -80.61 29.41
CA ARG F 239 28.63 -79.90 30.10
C ARG F 239 29.81 -80.83 30.32
N PRO F 240 31.01 -80.44 29.89
CA PRO F 240 32.17 -81.33 30.03
C PRO F 240 32.60 -81.57 31.46
N GLN F 241 32.15 -80.75 32.41
CA GLN F 241 32.57 -80.84 33.81
C GLN F 241 34.08 -80.75 33.96
N THR G 6 43.24 -32.35 59.27
CA THR G 6 42.23 -33.30 58.83
C THR G 6 41.11 -32.61 58.08
N GLY G 7 40.75 -33.15 56.92
CA GLY G 7 39.69 -32.60 56.10
C GLY G 7 40.12 -31.51 55.15
N TYR G 8 41.41 -31.21 55.05
CA TYR G 8 41.90 -30.19 54.15
C TYR G 8 42.11 -30.69 52.73
N ASP G 9 41.86 -31.98 52.47
CA ASP G 9 42.16 -32.60 51.19
C ASP G 9 40.90 -33.12 50.49
N LEU G 10 39.74 -32.56 50.81
CA LEU G 10 38.49 -33.05 50.23
C LEU G 10 37.96 -32.19 49.10
N SER G 11 38.43 -30.95 48.97
CA SER G 11 37.90 -30.04 47.97
C SER G 11 39.04 -29.32 47.28
N ALA G 12 38.84 -29.04 45.98
CA ALA G 12 39.79 -28.24 45.23
C ALA G 12 39.65 -26.75 45.51
N SER G 13 38.62 -26.34 46.23
CA SER G 13 38.43 -24.95 46.62
C SER G 13 38.97 -24.66 48.01
N THR G 14 39.72 -25.58 48.61
CA THR G 14 40.23 -25.44 49.96
C THR G 14 41.75 -25.54 49.94
N PHE G 15 42.41 -24.59 50.57
CA PHE G 15 43.85 -24.63 50.77
C PHE G 15 44.19 -25.37 52.05
N SER G 16 45.32 -26.06 52.04
CA SER G 16 45.87 -26.65 53.25
C SER G 16 46.63 -25.59 54.03
N PRO G 17 46.86 -25.81 55.33
CA PRO G 17 47.67 -24.84 56.09
C PRO G 17 49.04 -24.59 55.50
N ASP G 18 49.67 -25.60 54.92
CA ASP G 18 50.93 -25.41 54.22
C ASP G 18 50.80 -24.59 52.95
N GLY G 19 49.58 -24.45 52.41
CA GLY G 19 49.38 -23.72 51.18
C GLY G 19 49.34 -24.62 49.96
N ARG G 20 48.75 -25.80 50.12
CA ARG G 20 48.69 -26.79 49.05
C ARG G 20 47.24 -27.14 48.75
N VAL G 21 47.00 -27.53 47.50
CA VAL G 21 45.70 -28.03 47.06
C VAL G 21 45.89 -29.54 46.84
N PHE G 22 45.45 -30.34 47.81
CA PHE G 22 45.77 -31.76 47.81
C PHE G 22 44.97 -32.54 46.77
N GLN G 23 43.80 -32.05 46.35
CA GLN G 23 43.04 -32.74 45.32
C GLN G 23 43.82 -32.77 44.00
N VAL G 24 44.49 -31.67 43.66
CA VAL G 24 45.32 -31.65 42.46
C VAL G 24 46.49 -32.62 42.59
N GLU G 25 47.07 -32.71 43.78
CA GLU G 25 48.16 -33.66 44.01
C GLU G 25 47.66 -35.09 43.88
N TYR G 26 46.43 -35.36 44.32
CA TYR G 26 45.86 -36.70 44.18
C TYR G 26 45.58 -37.04 42.72
N ALA G 27 45.12 -36.04 41.94
CA ALA G 27 44.97 -36.25 40.51
C ALA G 27 46.32 -36.54 39.85
N MET G 28 47.37 -35.82 40.27
CA MET G 28 48.70 -36.10 39.74
C MET G 28 49.18 -37.49 40.14
N LYS G 29 48.82 -37.93 41.35
CA LYS G 29 49.13 -39.29 41.77
C LYS G 29 48.43 -40.31 40.86
N ALA G 30 47.17 -40.04 40.52
CA ALA G 30 46.46 -40.90 39.57
C ALA G 30 47.17 -40.94 38.24
N VAL G 31 47.70 -39.79 37.79
CA VAL G 31 48.48 -39.77 36.56
C VAL G 31 49.73 -40.64 36.69
N GLU G 32 50.40 -40.57 37.85
CA GLU G 32 51.64 -41.30 38.05
C GLU G 32 51.44 -42.82 38.05
N ASN G 33 50.20 -43.29 38.18
CA ASN G 33 49.91 -44.72 38.17
C ASN G 33 49.71 -45.28 36.77
N SER G 34 49.63 -44.43 35.75
CA SER G 34 49.39 -44.87 34.38
C SER G 34 50.70 -45.26 33.70
N SER G 35 50.58 -45.92 32.56
CA SER G 35 51.75 -46.34 31.81
C SER G 35 52.44 -45.13 31.19
N THR G 36 53.69 -45.35 30.75
CA THR G 36 54.55 -44.25 30.33
C THR G 36 54.36 -43.95 28.85
N ALA G 37 54.16 -42.67 28.54
CA ALA G 37 54.17 -42.16 27.19
C ALA G 37 55.23 -41.06 27.09
N ILE G 38 56.00 -41.07 26.00
CA ILE G 38 57.11 -40.15 25.84
C ILE G 38 56.97 -39.43 24.51
N GLY G 39 57.61 -38.27 24.43
CA GLY G 39 57.62 -37.47 23.23
C GLY G 39 58.91 -36.70 23.08
N ILE G 40 59.52 -36.76 21.91
CA ILE G 40 60.83 -36.15 21.66
C ILE G 40 60.71 -35.20 20.48
N ARG G 41 61.20 -33.99 20.67
CA ARG G 41 61.24 -32.98 19.61
C ARG G 41 62.61 -33.02 18.94
N CYS G 42 62.62 -33.09 17.62
CA CYS G 42 63.84 -33.08 16.83
C CYS G 42 63.84 -31.85 15.95
N LYS G 43 64.87 -31.74 15.09
CA LYS G 43 65.03 -30.54 14.28
C LYS G 43 63.99 -30.42 13.18
N ASP G 44 63.22 -31.48 12.89
CA ASP G 44 62.23 -31.40 11.84
C ASP G 44 60.90 -32.04 12.21
N GLY G 45 60.61 -32.25 13.48
CA GLY G 45 59.33 -32.79 13.87
C GLY G 45 59.33 -33.30 15.29
N VAL G 46 58.18 -33.84 15.67
CA VAL G 46 57.95 -34.41 17.00
C VAL G 46 57.47 -35.84 16.83
N VAL G 47 58.02 -36.74 17.65
CA VAL G 47 57.66 -38.16 17.61
C VAL G 47 57.09 -38.54 18.98
N PHE G 48 55.94 -39.21 18.97
CA PHE G 48 55.28 -39.69 20.17
C PHE G 48 55.39 -41.21 20.25
N GLY G 49 55.64 -41.71 21.46
CA GLY G 49 55.64 -43.14 21.70
C GLY G 49 54.94 -43.48 23.00
N VAL G 50 54.02 -44.43 22.95
CA VAL G 50 53.20 -44.80 24.10
C VAL G 50 53.38 -46.28 24.38
N GLU G 51 53.60 -46.63 25.65
CA GLU G 51 53.67 -48.01 26.09
C GLU G 51 52.26 -48.43 26.50
N LYS G 52 51.47 -48.85 25.53
CA LYS G 52 50.06 -49.17 25.74
C LYS G 52 49.95 -50.59 26.31
N LEU G 53 49.58 -50.68 27.58
CA LEU G 53 49.47 -51.99 28.23
C LEU G 53 48.26 -52.75 27.70
N VAL G 54 48.46 -54.04 27.44
CA VAL G 54 47.39 -54.94 27.01
C VAL G 54 46.88 -55.63 28.26
N LEU G 55 45.77 -55.13 28.81
CA LEU G 55 45.23 -55.68 30.04
C LEU G 55 44.57 -57.04 29.82
N SER G 56 43.93 -57.24 28.67
CA SER G 56 43.28 -58.50 28.34
C SER G 56 43.61 -58.88 26.91
N LYS G 57 43.83 -60.18 26.68
CA LYS G 57 44.07 -60.66 25.32
C LYS G 57 42.81 -60.65 24.47
N LEU G 58 41.64 -60.47 25.08
CA LEU G 58 40.39 -60.39 24.33
C LEU G 58 40.21 -59.06 23.62
N TYR G 59 40.95 -58.03 24.02
CA TYR G 59 40.81 -56.72 23.40
C TYR G 59 41.40 -56.71 22.00
N GLU G 60 40.76 -55.98 21.10
CA GLU G 60 41.28 -55.81 19.75
C GLU G 60 42.57 -54.99 19.77
N GLU G 61 43.41 -55.21 18.77
CA GLU G 61 44.59 -54.39 18.59
C GLU G 61 44.18 -52.95 18.28
N GLY G 62 44.85 -52.00 18.92
CA GLY G 62 44.50 -50.60 18.78
C GLY G 62 43.42 -50.11 19.71
N SER G 63 42.87 -50.99 20.56
CA SER G 63 41.87 -50.57 21.53
C SER G 63 42.52 -49.69 22.59
N ASN G 64 41.74 -48.72 23.09
CA ASN G 64 42.20 -47.78 24.11
C ASN G 64 43.46 -47.05 23.66
N LYS G 65 43.44 -46.56 22.42
CA LYS G 65 44.59 -45.83 21.90
C LYS G 65 44.78 -44.53 22.68
N ARG G 66 46.03 -44.24 23.02
CA ARG G 66 46.37 -43.06 23.79
C ARG G 66 47.02 -41.98 22.94
N LEU G 67 46.96 -42.11 21.62
CA LEU G 67 47.42 -41.10 20.69
C LEU G 67 46.23 -40.56 19.91
N PHE G 68 46.09 -39.24 19.88
CA PHE G 68 44.94 -38.60 19.27
C PHE G 68 45.41 -37.56 18.26
N ASN G 69 44.57 -37.31 17.26
CA ASN G 69 44.77 -36.23 16.30
C ASN G 69 43.88 -35.06 16.74
N VAL G 70 44.49 -34.11 17.45
CA VAL G 70 43.74 -32.93 17.89
C VAL G 70 43.38 -32.05 16.70
N ASP G 71 44.31 -31.91 15.77
CA ASP G 71 44.08 -31.17 14.53
C ASP G 71 44.86 -31.85 13.42
N ARG G 72 44.78 -31.28 12.22
CA ARG G 72 45.53 -31.84 11.10
C ARG G 72 47.02 -31.83 11.36
N HIS G 73 47.51 -30.85 12.11
CA HIS G 73 48.93 -30.67 12.36
C HIS G 73 49.32 -30.95 13.81
N VAL G 74 48.38 -31.26 14.68
CA VAL G 74 48.62 -31.39 16.12
C VAL G 74 48.30 -32.81 16.56
N GLY G 75 49.22 -33.42 17.29
CA GLY G 75 48.99 -34.72 17.90
C GLY G 75 48.95 -34.64 19.41
N MET G 76 48.37 -35.66 20.05
CA MET G 76 48.21 -35.66 21.50
C MET G 76 48.56 -37.03 22.06
N ALA G 77 49.48 -37.06 23.02
CA ALA G 77 49.81 -38.27 23.76
C ALA G 77 49.40 -38.08 25.21
N VAL G 78 48.65 -39.03 25.75
CA VAL G 78 48.00 -38.86 27.04
C VAL G 78 48.49 -39.93 28.02
N ALA G 79 48.28 -39.63 29.30
CA ALA G 79 48.55 -40.58 30.38
C ALA G 79 47.63 -40.25 31.54
N GLY G 80 47.14 -41.29 32.23
CA GLY G 80 46.22 -41.13 33.34
C GLY G 80 44.88 -41.76 33.02
N LEU G 81 43.82 -41.12 33.52
CA LEU G 81 42.46 -41.59 33.26
C LEU G 81 42.11 -41.37 31.80
N LEU G 82 41.68 -42.44 31.12
CA LEU G 82 41.46 -42.37 29.69
C LEU G 82 40.20 -41.60 29.33
N ALA G 83 39.17 -41.65 30.18
CA ALA G 83 37.96 -40.88 29.91
C ALA G 83 38.23 -39.38 30.04
N ASP G 84 38.98 -38.98 31.06
CA ASP G 84 39.38 -37.59 31.21
C ASP G 84 40.24 -37.15 30.04
N ALA G 85 41.16 -38.02 29.59
CA ALA G 85 42.00 -37.71 28.44
C ALA G 85 41.16 -37.53 27.18
N ARG G 86 40.14 -38.37 27.01
CA ARG G 86 39.26 -38.24 25.85
C ARG G 86 38.47 -36.94 25.90
N SER G 87 37.99 -36.55 27.09
CA SER G 87 37.28 -35.27 27.22
C SER G 87 38.22 -34.11 26.90
N LEU G 88 39.46 -34.18 27.37
CA LEU G 88 40.42 -33.11 27.07
C LEU G 88 40.78 -33.09 25.59
N ALA G 89 40.84 -34.25 24.93
CA ALA G 89 41.06 -34.27 23.50
C ALA G 89 39.91 -33.63 22.75
N ASP G 90 38.67 -33.88 23.20
CA ASP G 90 37.52 -33.20 22.62
C ASP G 90 37.60 -31.70 22.81
N ILE G 91 38.04 -31.26 24.00
CA ILE G 91 38.19 -29.83 24.27
C ILE G 91 39.23 -29.21 23.34
N ALA G 92 40.36 -29.89 23.16
CA ALA G 92 41.40 -29.39 22.27
C ALA G 92 40.93 -29.33 20.83
N ARG G 93 40.19 -30.36 20.39
CA ARG G 93 39.64 -30.35 19.04
C ARG G 93 38.69 -29.17 18.84
N GLU G 94 37.82 -28.93 19.83
CA GLU G 94 36.90 -27.81 19.74
C GLU G 94 37.65 -26.48 19.70
N GLU G 95 38.70 -26.36 20.51
CA GLU G 95 39.49 -25.12 20.51
C GLU G 95 40.14 -24.88 19.15
N ALA G 96 40.72 -25.92 18.56
CA ALA G 96 41.36 -25.77 17.26
C ALA G 96 40.35 -25.42 16.18
N SER G 97 39.19 -26.09 16.19
CA SER G 97 38.15 -25.81 15.21
C SER G 97 37.64 -24.38 15.35
N ASN G 98 37.42 -23.92 16.59
CA ASN G 98 36.95 -22.56 16.79
C ASN G 98 38.00 -21.54 16.36
N PHE G 99 39.27 -21.81 16.63
CA PHE G 99 40.32 -20.90 16.19
C PHE G 99 40.35 -20.80 14.67
N ARG G 100 40.25 -21.92 13.97
CA ARG G 100 40.24 -21.86 12.51
C ARG G 100 39.00 -21.13 12.00
N SER G 101 37.85 -21.35 12.64
CA SER G 101 36.63 -20.68 12.23
C SER G 101 36.74 -19.16 12.42
N ASN G 102 37.36 -18.73 13.51
CA ASN G 102 37.41 -17.30 13.83
C ASN G 102 38.51 -16.59 13.05
N PHE G 103 39.75 -17.03 13.20
CA PHE G 103 40.89 -16.31 12.64
C PHE G 103 41.31 -16.83 11.27
N GLY G 104 40.74 -17.94 10.80
CA GLY G 104 40.95 -18.35 9.43
C GLY G 104 42.24 -19.08 9.13
N TYR G 105 42.95 -19.57 10.15
CA TYR G 105 44.17 -20.33 9.91
C TYR G 105 44.39 -21.28 11.08
N ASN G 106 45.34 -22.21 10.88
CA ASN G 106 45.61 -23.22 11.88
C ASN G 106 46.12 -22.60 13.18
N ILE G 107 45.65 -23.13 14.30
CA ILE G 107 46.02 -22.59 15.61
C ILE G 107 47.48 -22.89 15.88
N PRO G 108 48.27 -21.93 16.37
CA PRO G 108 49.62 -22.24 16.84
C PRO G 108 49.57 -23.17 18.04
N LEU G 109 50.58 -24.04 18.14
CA LEU G 109 50.57 -25.06 19.18
C LEU G 109 50.66 -24.43 20.56
N LYS G 110 51.44 -23.35 20.70
CA LYS G 110 51.54 -22.67 21.98
C LYS G 110 50.19 -22.11 22.43
N HIS G 111 49.46 -21.49 21.50
CA HIS G 111 48.15 -20.93 21.85
C HIS G 111 47.17 -22.03 22.24
N LEU G 112 47.14 -23.13 21.49
CA LEU G 112 46.26 -24.24 21.82
C LEU G 112 46.61 -24.83 23.17
N ALA G 113 47.90 -24.99 23.44
CA ALA G 113 48.34 -25.50 24.74
C ALA G 113 47.89 -24.57 25.86
N ASP G 114 48.01 -23.25 25.65
CA ASP G 114 47.57 -22.30 26.66
C ASP G 114 46.06 -22.39 26.90
N ARG G 115 45.28 -22.50 25.83
CA ARG G 115 43.83 -22.58 25.99
C ARG G 115 43.43 -23.84 26.75
N VAL G 116 44.00 -24.99 26.37
CA VAL G 116 43.65 -26.23 27.03
C VAL G 116 44.14 -26.25 28.47
N ALA G 117 45.31 -25.65 28.72
CA ALA G 117 45.82 -25.56 30.09
C ALA G 117 44.92 -24.67 30.95
N MET G 118 44.39 -23.58 30.38
CA MET G 118 43.45 -22.76 31.12
C MET G 118 42.16 -23.53 31.42
N TYR G 119 41.69 -24.31 30.44
CA TYR G 119 40.51 -25.13 30.69
C TYR G 119 40.76 -26.14 31.81
N VAL G 120 41.95 -26.74 31.83
CA VAL G 120 42.29 -27.70 32.88
C VAL G 120 42.39 -27.00 34.24
N HIS G 121 43.01 -25.81 34.27
CA HIS G 121 43.14 -25.06 35.51
C HIS G 121 41.78 -24.63 36.05
N ALA G 122 40.80 -24.44 35.17
CA ALA G 122 39.47 -24.05 35.62
C ALA G 122 38.83 -25.12 36.50
N TYR G 123 39.36 -26.35 36.51
CA TYR G 123 38.82 -27.43 37.31
C TYR G 123 39.58 -27.66 38.60
N THR G 124 40.48 -26.75 38.97
CA THR G 124 41.25 -26.86 40.20
C THR G 124 40.87 -25.80 41.22
N LEU G 125 39.72 -25.15 41.05
CA LEU G 125 39.34 -24.00 41.85
C LEU G 125 38.08 -24.17 42.68
N TYR G 126 37.20 -25.10 42.31
CA TYR G 126 35.87 -25.18 42.93
C TYR G 126 35.66 -26.54 43.56
N SER G 127 34.70 -26.59 44.49
CA SER G 127 34.21 -27.84 45.04
C SER G 127 33.17 -28.50 44.15
N ALA G 128 32.61 -27.78 43.19
CA ALA G 128 31.58 -28.32 42.32
C ALA G 128 32.13 -29.26 41.26
N VAL G 129 33.42 -29.20 40.97
CA VAL G 129 34.04 -30.03 39.95
C VAL G 129 35.27 -30.72 40.54
N ARG G 130 35.88 -31.58 39.73
CA ARG G 130 37.00 -32.39 40.14
C ARG G 130 38.16 -32.17 39.17
N PRO G 131 39.38 -32.03 39.67
CA PRO G 131 40.53 -31.86 38.77
C PRO G 131 40.71 -33.06 37.85
N PHE G 132 41.20 -32.78 36.64
CA PHE G 132 41.41 -33.83 35.67
C PHE G 132 42.48 -34.79 36.14
N GLY G 133 42.26 -36.08 35.92
CA GLY G 133 43.20 -37.09 36.35
C GLY G 133 44.09 -37.58 35.22
N CYS G 134 44.52 -36.66 34.35
CA CYS G 134 45.36 -37.01 33.23
C CYS G 134 46.33 -35.89 32.94
N SER G 135 47.48 -36.25 32.37
CA SER G 135 48.44 -35.31 31.82
C SER G 135 48.77 -35.75 30.40
N PHE G 136 49.04 -34.78 29.53
CA PHE G 136 49.17 -35.09 28.12
C PHE G 136 50.20 -34.17 27.48
N MET G 137 50.70 -34.61 26.32
CA MET G 137 51.65 -33.85 25.53
C MET G 137 50.99 -33.45 24.20
N LEU G 138 51.37 -32.27 23.71
CA LEU G 138 50.92 -31.78 22.42
C LEU G 138 52.13 -31.58 21.51
N GLY G 139 52.07 -32.16 20.32
CA GLY G 139 53.14 -32.02 19.35
C GLY G 139 52.60 -31.50 18.03
N SER G 140 53.41 -30.70 17.36
CA SER G 140 53.00 -30.10 16.09
C SER G 140 54.24 -29.70 15.31
N TYR G 141 54.04 -29.49 14.01
CA TYR G 141 55.10 -29.01 13.13
C TYR G 141 54.50 -28.14 12.05
N SER G 142 55.16 -27.02 11.76
CA SER G 142 54.80 -26.16 10.65
C SER G 142 56.06 -25.52 10.10
N VAL G 143 55.97 -25.06 8.86
CA VAL G 143 57.13 -24.44 8.22
C VAL G 143 57.51 -23.15 8.94
N ASN G 144 56.52 -22.34 9.29
CA ASN G 144 56.81 -21.04 9.91
C ASN G 144 57.25 -21.20 11.36
N ASP G 145 56.69 -22.18 12.08
CA ASP G 145 56.94 -22.30 13.51
C ASP G 145 57.90 -23.42 13.87
N GLY G 146 58.18 -24.34 12.96
CA GLY G 146 59.05 -25.45 13.28
C GLY G 146 58.37 -26.51 14.14
N ALA G 147 59.20 -27.28 14.82
CA ALA G 147 58.72 -28.35 15.69
C ALA G 147 58.50 -27.79 17.10
N GLN G 148 57.34 -28.10 17.67
CA GLN G 148 56.99 -27.66 19.01
C GLN G 148 56.40 -28.83 19.79
N LEU G 149 56.73 -28.89 21.08
CA LEU G 149 56.24 -29.95 21.96
C LEU G 149 55.91 -29.35 23.31
N TYR G 150 54.67 -29.53 23.76
CA TYR G 150 54.21 -29.00 25.03
C TYR G 150 53.59 -30.11 25.86
N MET G 151 53.65 -29.95 27.18
CA MET G 151 53.05 -30.87 28.12
C MET G 151 52.19 -30.11 29.11
N ILE G 152 51.02 -30.68 29.42
CA ILE G 152 50.09 -30.09 30.38
C ILE G 152 49.80 -31.11 31.47
N ASP G 153 49.98 -30.71 32.71
CA ASP G 153 49.74 -31.52 33.88
C ASP G 153 48.37 -31.22 34.47
N PRO G 154 47.87 -32.06 35.39
CA PRO G 154 46.53 -31.82 35.94
C PRO G 154 46.36 -30.48 36.64
N SER G 155 47.44 -29.86 37.12
CA SER G 155 47.32 -28.56 37.76
C SER G 155 47.06 -27.44 36.76
N GLY G 156 47.26 -27.69 35.48
CA GLY G 156 47.09 -26.67 34.46
C GLY G 156 48.37 -26.02 34.00
N VAL G 157 49.53 -26.52 34.43
CA VAL G 157 50.81 -25.92 34.05
C VAL G 157 51.22 -26.47 32.70
N SER G 158 51.63 -25.58 31.81
CA SER G 158 52.02 -25.93 30.44
C SER G 158 53.41 -25.39 30.16
N TYR G 159 54.30 -26.28 29.72
CA TYR G 159 55.67 -25.91 29.37
C TYR G 159 56.04 -26.53 28.02
N GLY G 160 56.96 -25.87 27.32
CA GLY G 160 57.53 -26.43 26.11
C GLY G 160 58.73 -27.30 26.45
N TYR G 161 58.90 -28.38 25.71
CA TYR G 161 59.91 -29.38 26.01
C TYR G 161 60.69 -29.75 24.76
N TRP G 162 61.88 -30.29 24.98
CA TRP G 162 62.63 -30.97 23.94
C TRP G 162 62.41 -32.48 23.98
N GLY G 163 62.25 -33.03 25.17
CA GLY G 163 61.87 -34.42 25.36
C GLY G 163 61.13 -34.59 26.66
N CYS G 164 59.94 -35.19 26.62
CA CYS G 164 59.06 -35.27 27.78
C CYS G 164 58.59 -36.69 27.98
N ALA G 165 58.39 -37.07 29.24
CA ALA G 165 57.88 -38.38 29.60
C ALA G 165 56.85 -38.22 30.71
N ILE G 166 55.73 -38.93 30.57
CA ILE G 166 54.66 -38.90 31.56
C ILE G 166 54.20 -40.33 31.83
N GLY G 167 53.98 -40.63 33.11
CA GLY G 167 53.45 -41.94 33.47
C GLY G 167 54.14 -42.61 34.64
N LYS G 168 54.10 -43.94 34.66
CA LYS G 168 54.63 -44.71 35.79
C LYS G 168 56.13 -44.52 35.92
N ALA G 169 56.86 -44.66 34.81
CA ALA G 169 58.32 -44.57 34.81
C ALA G 169 58.71 -43.40 33.90
N ARG G 170 58.71 -42.20 34.48
CA ARG G 170 59.11 -41.00 33.73
C ARG G 170 60.50 -40.51 34.10
N GLN G 171 60.99 -40.82 35.30
CA GLN G 171 62.35 -40.44 35.66
C GLN G 171 63.38 -41.27 34.92
N ALA G 172 63.16 -42.59 34.85
CA ALA G 172 64.03 -43.45 34.04
C ALA G 172 63.91 -43.11 32.56
N ALA G 173 62.69 -42.82 32.10
CA ALA G 173 62.50 -42.39 30.72
C ALA G 173 63.20 -41.07 30.46
N LYS G 174 63.15 -40.14 31.42
CA LYS G 174 63.88 -38.88 31.26
C LYS G 174 65.38 -39.12 31.19
N THR G 175 65.89 -40.03 32.02
CA THR G 175 67.31 -40.36 31.97
C THR G 175 67.69 -40.93 30.62
N GLU G 176 66.86 -41.82 30.07
CA GLU G 176 67.13 -42.36 28.75
C GLU G 176 67.08 -41.29 27.67
N ILE G 177 66.12 -40.37 27.77
CA ILE G 177 65.96 -39.33 26.76
C ILE G 177 67.14 -38.36 26.79
N GLU G 178 67.66 -38.06 27.99
CA GLU G 178 68.74 -37.09 28.12
C GLU G 178 70.00 -37.51 27.38
N LYS G 179 70.16 -38.80 27.07
CA LYS G 179 71.31 -39.29 26.34
C LYS G 179 71.21 -39.06 24.84
N LEU G 180 70.17 -38.37 24.38
CA LEU G 180 69.90 -38.19 22.96
C LEU G 180 70.17 -36.76 22.55
N GLN G 181 70.91 -36.57 21.46
CA GLN G 181 71.16 -35.25 20.89
C GLN G 181 70.05 -34.94 19.87
N MET G 182 68.85 -34.73 20.41
CA MET G 182 67.66 -34.59 19.58
C MET G 182 67.67 -33.31 18.75
N LYS G 183 68.44 -32.30 19.14
CA LYS G 183 68.41 -31.02 18.43
C LYS G 183 68.95 -31.14 17.01
N GLU G 184 69.72 -32.18 16.71
CA GLU G 184 70.24 -32.38 15.36
C GLU G 184 69.68 -33.63 14.68
N MET G 185 68.96 -34.48 15.39
CA MET G 185 68.43 -35.70 14.83
C MET G 185 67.21 -35.42 13.95
N THR G 186 66.82 -36.43 13.18
CA THR G 186 65.62 -36.39 12.36
C THR G 186 64.60 -37.38 12.89
N CYS G 187 63.37 -37.25 12.39
CA CYS G 187 62.28 -38.09 12.88
C CYS G 187 62.54 -39.57 12.63
N ARG G 188 63.27 -39.90 11.57
CA ARG G 188 63.52 -41.30 11.24
C ARG G 188 64.33 -41.99 12.33
N ASP G 189 65.36 -41.32 12.84
CA ASP G 189 66.15 -41.88 13.93
C ASP G 189 65.43 -41.73 15.27
N VAL G 190 64.68 -40.64 15.44
CA VAL G 190 64.00 -40.39 16.70
C VAL G 190 62.93 -41.45 16.95
N VAL G 191 62.30 -41.95 15.88
CA VAL G 191 61.30 -43.02 16.04
C VAL G 191 61.95 -44.26 16.66
N LYS G 192 63.10 -44.66 16.13
CA LYS G 192 63.80 -45.82 16.66
C LYS G 192 64.26 -45.58 18.10
N GLU G 193 64.75 -44.36 18.37
CA GLU G 193 65.19 -44.04 19.73
C GLU G 193 64.02 -44.10 20.72
N VAL G 194 62.87 -43.58 20.32
CA VAL G 194 61.68 -43.62 21.18
C VAL G 194 61.26 -45.06 21.43
N ALA G 195 61.28 -45.89 20.38
CA ALA G 195 60.95 -47.30 20.56
C ALA G 195 61.91 -47.97 21.54
N LYS G 196 63.20 -47.68 21.41
CA LYS G 196 64.19 -48.25 22.31
C LYS G 196 63.95 -47.81 23.75
N ILE G 197 63.65 -46.52 23.96
CA ILE G 197 63.39 -46.03 25.31
C ILE G 197 62.15 -46.70 25.90
N ILE G 198 61.09 -46.83 25.09
CA ILE G 198 59.87 -47.46 25.58
C ILE G 198 60.13 -48.91 25.97
N TYR G 199 60.90 -49.63 25.16
CA TYR G 199 61.22 -51.00 25.51
C TYR G 199 62.12 -51.08 26.74
N ILE G 200 62.97 -50.08 26.94
CA ILE G 200 63.88 -50.09 28.09
C ILE G 200 63.10 -49.86 29.38
N VAL G 201 62.18 -48.89 29.39
CA VAL G 201 61.51 -48.52 30.64
C VAL G 201 60.35 -49.44 31.00
N HIS G 202 59.90 -50.28 30.08
CA HIS G 202 58.79 -51.18 30.38
C HIS G 202 59.23 -52.26 31.35
N ASP G 203 58.31 -52.66 32.23
CA ASP G 203 58.56 -53.67 33.24
C ASP G 203 57.90 -54.98 32.82
N GLU G 204 58.69 -55.94 32.38
CA GLU G 204 58.15 -57.23 31.96
C GLU G 204 57.58 -58.01 33.14
N VAL G 205 58.23 -57.94 34.30
CA VAL G 205 57.75 -58.68 35.46
C VAL G 205 56.43 -58.11 35.96
N LYS G 206 56.33 -56.78 36.03
CA LYS G 206 55.12 -56.16 36.56
C LYS G 206 53.97 -56.21 35.55
N ASP G 207 54.27 -55.97 34.28
CA ASP G 207 53.26 -55.90 33.23
C ASP G 207 53.44 -57.05 32.25
N LYS G 208 52.35 -57.74 31.94
CA LYS G 208 52.43 -58.95 31.12
C LYS G 208 52.89 -58.62 29.70
N ALA G 209 52.23 -57.66 29.04
CA ALA G 209 52.55 -57.33 27.67
C ALA G 209 52.06 -55.92 27.37
N PHE G 210 52.56 -55.36 26.27
CA PHE G 210 52.18 -54.03 25.85
C PHE G 210 52.29 -53.92 24.34
N GLU G 211 51.57 -52.96 23.78
CA GLU G 211 51.71 -52.57 22.39
C GLU G 211 52.48 -51.25 22.32
N LEU G 212 53.29 -51.12 21.27
CA LEU G 212 54.08 -49.91 21.05
C LEU G 212 53.33 -49.04 20.05
N GLU G 213 52.75 -47.94 20.54
CA GLU G 213 52.02 -47.00 19.70
C GLU G 213 52.92 -45.81 19.39
N LEU G 214 53.19 -45.60 18.10
CA LEU G 214 54.07 -44.54 17.65
C LEU G 214 53.36 -43.64 16.66
N SER G 215 53.59 -42.33 16.79
CA SER G 215 53.05 -41.36 15.86
C SER G 215 54.04 -40.21 15.74
N TRP G 216 53.92 -39.44 14.66
CA TRP G 216 54.83 -38.34 14.44
C TRP G 216 54.17 -37.26 13.60
N VAL G 217 54.73 -36.06 13.67
CA VAL G 217 54.36 -34.94 12.82
C VAL G 217 55.64 -34.20 12.46
N GLY G 218 55.77 -33.82 11.19
CA GLY G 218 56.97 -33.13 10.76
C GLY G 218 57.02 -33.01 9.26
N GLU G 219 58.23 -32.70 8.75
CA GLU G 219 58.41 -32.53 7.32
C GLU G 219 58.22 -33.85 6.57
N ILE G 220 58.59 -34.97 7.19
CA ILE G 220 58.42 -36.26 6.53
C ILE G 220 56.94 -36.59 6.36
N THR G 221 56.08 -36.02 7.20
CA THR G 221 54.64 -36.16 7.06
C THR G 221 53.98 -34.92 6.46
N ASN G 222 54.77 -33.94 6.01
CA ASN G 222 54.27 -32.72 5.38
C ASN G 222 53.36 -31.94 6.34
N GLY G 223 53.77 -31.87 7.60
CA GLY G 223 53.03 -31.08 8.57
C GLY G 223 51.75 -31.71 9.07
N ARG G 224 51.56 -33.00 8.83
CA ARG G 224 50.39 -33.72 9.30
C ARG G 224 50.78 -34.67 10.42
N HIS G 225 49.95 -34.73 11.46
CA HIS G 225 50.15 -35.73 12.50
C HIS G 225 49.47 -37.03 12.09
N GLU G 226 50.20 -38.13 12.19
CA GLU G 226 49.66 -39.42 11.77
C GLU G 226 50.41 -40.53 12.49
N ILE G 227 49.81 -41.71 12.46
CA ILE G 227 50.46 -42.89 13.01
C ILE G 227 51.69 -43.23 12.17
N VAL G 228 52.79 -43.56 12.85
CA VAL G 228 54.01 -43.93 12.13
C VAL G 228 53.73 -45.14 11.25
N PRO G 229 54.14 -45.13 9.98
CA PRO G 229 53.78 -46.22 9.07
C PRO G 229 54.28 -47.56 9.57
N LYS G 230 53.59 -48.62 9.14
CA LYS G 230 53.85 -49.95 9.66
C LYS G 230 55.29 -50.40 9.42
N ASP G 231 55.85 -50.06 8.26
CA ASP G 231 57.23 -50.46 7.96
C ASP G 231 58.19 -49.85 8.97
N VAL G 232 58.09 -48.54 9.19
CA VAL G 232 58.98 -47.86 10.13
C VAL G 232 58.75 -48.38 11.54
N ARG G 233 57.50 -48.66 11.89
CA ARG G 233 57.20 -49.20 13.22
C ARG G 233 57.85 -50.56 13.43
N GLU G 234 57.77 -51.44 12.44
CA GLU G 234 58.40 -52.75 12.56
C GLU G 234 59.92 -52.62 12.65
N GLU G 235 60.52 -51.74 11.84
CA GLU G 235 61.95 -51.53 11.93
C GLU G 235 62.36 -51.00 13.30
N ALA G 236 61.59 -50.05 13.84
CA ALA G 236 61.90 -49.50 15.15
C ALA G 236 61.74 -50.55 16.25
N GLU G 237 60.70 -51.40 16.15
CA GLU G 237 60.53 -52.45 17.15
C GLU G 237 61.65 -53.47 17.08
N LYS G 238 62.08 -53.84 15.87
CA LYS G 238 63.21 -54.75 15.74
C LYS G 238 64.48 -54.14 16.32
N TYR G 239 64.72 -52.85 16.04
CA TYR G 239 65.90 -52.19 16.58
C TYR G 239 65.85 -52.12 18.11
N ALA G 240 64.68 -51.84 18.67
CA ALA G 240 64.53 -51.79 20.12
C ALA G 240 64.78 -53.15 20.75
N LYS G 241 64.22 -54.21 20.15
CA LYS G 241 64.44 -55.55 20.69
C LYS G 241 65.90 -55.96 20.59
N GLU G 242 66.56 -55.64 19.47
CA GLU G 242 67.97 -55.99 19.32
C GLU G 242 68.86 -55.15 20.23
N SER G 243 68.42 -53.94 20.58
CA SER G 243 69.18 -53.13 21.52
C SER G 243 68.99 -53.60 22.95
N LEU G 244 67.80 -54.10 23.30
CA LEU G 244 67.60 -54.71 24.60
C LEU G 244 68.51 -55.93 24.78
N LYS G 245 68.62 -56.76 23.75
CA LYS G 245 69.56 -57.86 23.76
C LYS G 245 70.99 -57.35 23.63
N GLU G 246 71.93 -58.12 24.16
CA GLU G 246 73.34 -57.75 24.09
C GLU G 246 74.18 -58.93 23.60
N THR H 35 32.04 8.66 -1.61
CA THR H 35 33.19 7.98 -1.06
C THR H 35 33.90 7.15 -2.13
N THR H 36 35.22 7.30 -2.21
CA THR H 36 36.05 6.47 -3.05
C THR H 36 37.26 6.02 -2.25
N ILE H 37 37.47 4.71 -2.20
CA ILE H 37 38.60 4.13 -1.48
C ILE H 37 39.35 3.22 -2.43
N MET H 38 40.66 3.09 -2.20
CA MET H 38 41.52 2.38 -3.12
C MET H 38 42.75 1.87 -2.39
N ALA H 39 43.04 0.58 -2.57
CA ALA H 39 44.26 -0.03 -2.05
C ALA H 39 44.95 -0.78 -3.17
N VAL H 40 46.25 -0.57 -3.33
CA VAL H 40 47.05 -1.22 -4.36
C VAL H 40 48.25 -1.87 -3.70
N GLN H 41 48.59 -3.07 -4.15
CA GLN H 41 49.72 -3.83 -3.64
C GLN H 41 50.94 -3.65 -4.52
N PHE H 42 52.08 -3.33 -3.92
CA PHE H 42 53.37 -3.39 -4.58
C PHE H 42 54.24 -4.42 -3.86
N ASP H 43 55.49 -4.56 -4.33
CA ASP H 43 56.33 -5.66 -3.86
C ASP H 43 56.62 -5.54 -2.37
N GLY H 44 56.95 -4.35 -1.90
CA GLY H 44 57.29 -4.18 -0.50
C GLY H 44 56.12 -3.99 0.44
N GLY H 45 54.93 -3.71 -0.08
CA GLY H 45 53.79 -3.43 0.77
C GLY H 45 52.55 -3.02 0.01
N VAL H 46 51.78 -2.10 0.58
CA VAL H 46 50.52 -1.66 -0.01
C VAL H 46 50.44 -0.13 0.03
N VAL H 47 49.61 0.43 -0.84
CA VAL H 47 49.29 1.85 -0.85
C VAL H 47 47.78 1.98 -0.73
N LEU H 48 47.34 2.76 0.25
CA LEU H 48 45.92 3.00 0.49
C LEU H 48 45.57 4.45 0.17
N GLY H 49 44.34 4.66 -0.27
CA GLY H 49 43.89 6.00 -0.62
C GLY H 49 42.40 6.13 -0.40
N ALA H 50 41.98 7.35 -0.08
CA ALA H 50 40.57 7.64 0.12
C ALA H 50 40.35 9.15 -0.04
N ASP H 51 39.11 9.50 -0.38
CA ASP H 51 38.70 10.90 -0.39
C ASP H 51 38.31 11.30 1.03
N SER H 52 37.77 12.52 1.20
CA SER H 52 37.51 13.03 2.54
C SER H 52 36.10 13.60 2.68
N ARG H 53 35.19 13.27 1.78
CA ARG H 53 33.85 13.85 1.80
C ARG H 53 32.87 12.93 2.52
N THR H 54 32.16 13.49 3.49
CA THR H 54 31.05 12.81 4.15
C THR H 54 29.80 13.65 3.92
N THR H 55 28.74 13.02 3.42
CA THR H 55 27.54 13.72 2.99
C THR H 55 26.32 13.23 3.76
N THR H 56 25.41 14.17 4.03
CA THR H 56 24.08 13.87 4.56
C THR H 56 23.10 14.42 3.51
N GLY H 57 22.79 13.59 2.52
CA GLY H 57 22.03 14.05 1.37
C GLY H 57 22.93 14.70 0.35
N SER H 58 22.69 15.97 0.05
CA SER H 58 23.57 16.75 -0.80
C SER H 58 24.39 17.76 -0.01
N TYR H 59 24.34 17.70 1.32
CA TYR H 59 25.10 18.58 2.19
C TYR H 59 26.35 17.86 2.67
N ILE H 60 27.51 18.51 2.53
CA ILE H 60 28.78 17.94 2.96
C ILE H 60 28.92 18.29 4.44
N ALA H 61 28.70 17.30 5.31
CA ALA H 61 28.84 17.51 6.74
C ALA H 61 30.29 17.56 7.19
N ASN H 62 31.16 16.79 6.53
CA ASN H 62 32.57 16.74 6.86
C ASN H 62 33.36 16.61 5.56
N ARG H 63 34.12 17.64 5.21
CA ARG H 63 34.89 17.64 3.98
C ARG H 63 36.35 17.26 4.19
N VAL H 64 36.75 16.97 5.43
CA VAL H 64 38.13 16.56 5.73
C VAL H 64 38.11 15.24 6.48
N THR H 65 37.14 14.39 6.17
CA THR H 65 37.03 13.10 6.84
C THR H 65 38.27 12.24 6.60
N ASP H 66 38.63 11.44 7.61
CA ASP H 66 39.73 10.50 7.52
C ASP H 66 39.15 9.09 7.44
N LYS H 67 39.09 8.54 6.24
CA LYS H 67 38.50 7.23 6.02
C LYS H 67 39.52 6.10 6.03
N LEU H 68 40.80 6.40 6.28
CA LEU H 68 41.83 5.40 6.45
C LEU H 68 42.01 5.15 7.94
N THR H 69 41.65 3.95 8.39
CA THR H 69 41.64 3.63 9.81
C THR H 69 42.74 2.62 10.11
N PRO H 70 43.69 2.94 10.99
CA PRO H 70 44.72 1.96 11.37
C PRO H 70 44.15 0.92 12.32
N ILE H 71 44.15 -0.34 11.87
CA ILE H 71 43.69 -1.42 12.72
C ILE H 71 44.81 -1.95 13.62
N HIS H 72 46.03 -2.02 13.09
CA HIS H 72 47.21 -2.38 13.87
C HIS H 72 48.37 -1.53 13.38
N ASP H 73 49.58 -1.92 13.76
CA ASP H 73 50.76 -1.15 13.39
C ASP H 73 50.96 -1.12 11.88
N ARG H 74 50.78 -2.27 11.21
CA ARG H 74 50.99 -2.38 9.78
C ARG H 74 49.73 -2.79 9.03
N ILE H 75 48.55 -2.62 9.64
CA ILE H 75 47.29 -2.99 9.01
C ILE H 75 46.36 -1.80 9.07
N PHE H 76 45.87 -1.36 7.91
CA PHE H 76 44.89 -0.30 7.79
C PHE H 76 43.62 -0.85 7.16
N CYS H 77 42.54 -0.09 7.25
CA CYS H 77 41.29 -0.44 6.61
C CYS H 77 40.67 0.78 5.97
N CYS H 78 40.03 0.58 4.82
CA CYS H 78 39.25 1.62 4.16
C CYS H 78 37.78 1.34 4.39
N ARG H 79 37.05 2.36 4.82
CA ARG H 79 35.65 2.21 5.22
C ARG H 79 34.74 2.87 4.21
N SER H 80 33.70 2.15 3.78
CA SER H 80 32.68 2.69 2.90
C SER H 80 31.32 2.18 3.36
N GLY H 81 30.28 2.97 3.08
CA GLY H 81 28.95 2.62 3.51
C GLY H 81 28.49 3.45 4.69
N SER H 82 27.78 2.82 5.62
CA SER H 82 27.31 3.51 6.81
C SER H 82 28.48 3.87 7.71
N ALA H 83 28.57 5.14 8.10
CA ALA H 83 29.69 5.59 8.92
C ALA H 83 29.68 4.94 10.29
N ALA H 84 28.50 4.86 10.92
CA ALA H 84 28.40 4.25 12.24
C ALA H 84 28.76 2.78 12.20
N ASP H 85 28.24 2.04 11.20
CA ASP H 85 28.52 0.62 11.11
C ASP H 85 30.01 0.36 10.89
N THR H 86 30.62 1.10 9.96
CA THR H 86 32.04 0.89 9.69
C THR H 86 32.89 1.28 10.89
N GLN H 87 32.54 2.37 11.58
CA GLN H 87 33.31 2.78 12.75
C GLN H 87 33.22 1.74 13.87
N ALA H 88 32.01 1.23 14.13
CA ALA H 88 31.85 0.23 15.17
C ALA H 88 32.58 -1.06 14.82
N VAL H 89 32.48 -1.51 13.58
CA VAL H 89 33.17 -2.73 13.17
C VAL H 89 34.68 -2.56 13.25
N ALA H 90 35.19 -1.40 12.82
CA ALA H 90 36.62 -1.15 12.91
C ALA H 90 37.10 -1.13 14.35
N ASP H 91 36.33 -0.50 15.25
CA ASP H 91 36.70 -0.50 16.65
C ASP H 91 36.73 -1.90 17.23
N ALA H 92 35.70 -2.70 16.91
CA ALA H 92 35.65 -4.07 17.44
C ALA H 92 36.79 -4.92 16.89
N VAL H 93 37.11 -4.77 15.61
CA VAL H 93 38.20 -5.55 15.03
C VAL H 93 39.53 -5.11 15.61
N THR H 94 39.72 -3.81 15.85
CA THR H 94 40.93 -3.34 16.50
C THR H 94 41.08 -3.95 17.88
N TYR H 95 39.99 -3.95 18.66
CA TYR H 95 40.00 -4.55 19.99
C TYR H 95 40.38 -6.02 19.93
N GLN H 96 39.70 -6.78 19.08
CA GLN H 96 39.95 -8.22 19.00
C GLN H 96 41.35 -8.52 18.50
N LEU H 97 41.82 -7.79 17.48
CA LEU H 97 43.14 -8.04 16.92
C LEU H 97 44.23 -7.66 17.91
N GLY H 98 44.03 -6.58 18.67
CA GLY H 98 45.01 -6.24 19.69
C GLY H 98 45.11 -7.30 20.76
N PHE H 99 43.96 -7.81 21.23
CA PHE H 99 44.00 -8.89 22.21
C PHE H 99 44.66 -10.13 21.65
N HIS H 100 44.35 -10.47 20.40
CA HIS H 100 44.93 -11.66 19.77
C HIS H 100 46.44 -11.53 19.62
N SER H 101 46.92 -10.35 19.19
CA SER H 101 48.35 -10.13 19.03
C SER H 101 49.07 -10.15 20.37
N ILE H 102 48.45 -9.58 21.41
CA ILE H 102 49.06 -9.64 22.74
C ILE H 102 49.15 -11.08 23.22
N GLU H 103 48.09 -11.86 23.00
CA GLU H 103 48.10 -13.26 23.41
C GLU H 103 49.19 -14.05 22.69
N LEU H 104 49.28 -13.89 21.37
CA LEU H 104 50.24 -14.68 20.59
C LEU H 104 51.66 -14.15 20.65
N ASN H 105 51.88 -12.93 21.16
CA ASN H 105 53.20 -12.30 21.19
C ASN H 105 53.82 -12.24 19.80
N GLU H 106 52.98 -12.12 18.78
CA GLU H 106 53.37 -12.15 17.39
C GLU H 106 52.66 -11.05 16.64
N PRO H 107 53.30 -10.46 15.64
CA PRO H 107 52.61 -9.49 14.78
C PRO H 107 51.42 -10.14 14.08
N PRO H 108 50.29 -9.46 14.02
CA PRO H 108 49.11 -10.06 13.40
C PRO H 108 49.25 -10.16 11.89
N LEU H 109 48.55 -11.12 11.31
CA LEU H 109 48.48 -11.27 9.87
C LEU H 109 47.39 -10.38 9.29
N VAL H 110 47.64 -9.87 8.08
CA VAL H 110 46.61 -9.12 7.38
C VAL H 110 45.41 -10.03 7.08
N HIS H 111 45.68 -11.30 6.80
CA HIS H 111 44.60 -12.27 6.60
C HIS H 111 43.75 -12.43 7.85
N THR H 112 44.36 -12.34 9.04
CA THR H 112 43.59 -12.46 10.28
C THR H 112 42.66 -11.26 10.47
N ALA H 113 43.15 -10.05 10.20
CA ALA H 113 42.29 -8.88 10.29
C ALA H 113 41.17 -8.94 9.27
N ALA H 114 41.49 -9.38 8.05
CA ALA H 114 40.47 -9.56 7.04
C ALA H 114 39.43 -10.59 7.47
N SER H 115 39.88 -11.67 8.11
CA SER H 115 38.96 -12.71 8.57
C SER H 115 38.05 -12.20 9.68
N LEU H 116 38.59 -11.40 10.61
CA LEU H 116 37.75 -10.82 11.65
C LEU H 116 36.72 -9.88 11.07
N PHE H 117 37.15 -9.01 10.13
CA PHE H 117 36.20 -8.14 9.46
C PHE H 117 35.13 -8.93 8.73
N LYS H 118 35.54 -9.99 8.03
CA LYS H 118 34.59 -10.81 7.28
C LYS H 118 33.59 -11.50 8.21
N GLU H 119 34.06 -12.05 9.33
CA GLU H 119 33.17 -12.71 10.26
C GLU H 119 32.15 -11.73 10.82
N MET H 120 32.60 -10.54 11.23
CA MET H 120 31.67 -9.56 11.77
C MET H 120 30.68 -9.07 10.71
N CYS H 121 31.16 -8.86 9.48
CA CYS H 121 30.30 -8.33 8.44
C CYS H 121 29.35 -9.37 7.85
N TYR H 122 29.67 -10.66 8.00
CA TYR H 122 28.77 -11.71 7.55
C TYR H 122 27.76 -12.10 8.62
N ARG H 123 28.17 -12.11 9.89
CA ARG H 123 27.24 -12.44 10.96
C ARG H 123 26.12 -11.42 11.06
N TYR H 124 26.39 -10.17 10.70
CA TYR H 124 25.41 -9.09 10.77
C TYR H 124 25.18 -8.45 9.41
N ARG H 125 25.11 -9.27 8.36
CA ARG H 125 24.95 -8.72 7.02
C ARG H 125 23.60 -8.04 6.84
N GLU H 126 22.59 -8.46 7.60
CA GLU H 126 21.28 -7.81 7.53
C GLU H 126 21.23 -6.51 8.32
N ASP H 127 22.09 -6.36 9.33
CA ASP H 127 22.06 -5.19 10.20
C ASP H 127 23.13 -4.16 9.86
N LEU H 128 24.18 -4.54 9.14
CA LEU H 128 25.28 -3.66 8.81
C LEU H 128 25.25 -3.29 7.34
N MET H 129 25.78 -2.10 7.03
CA MET H 129 26.00 -1.63 5.66
C MET H 129 27.44 -1.16 5.61
N ALA H 130 28.36 -2.09 5.36
CA ALA H 130 29.78 -1.81 5.48
C ALA H 130 30.55 -2.55 4.39
N GLY H 131 31.19 -1.80 3.51
CA GLY H 131 32.14 -2.35 2.57
C GLY H 131 33.55 -1.97 2.97
N ILE H 132 34.38 -2.96 3.31
CA ILE H 132 35.70 -2.73 3.88
C ILE H 132 36.77 -3.17 2.90
N ILE H 133 37.86 -2.43 2.86
CA ILE H 133 39.09 -2.85 2.19
C ILE H 133 40.18 -2.91 3.25
N ILE H 134 40.76 -4.09 3.45
CA ILE H 134 41.83 -4.30 4.41
C ILE H 134 43.13 -4.45 3.65
N ALA H 135 44.10 -3.59 3.94
CA ALA H 135 45.41 -3.62 3.31
C ALA H 135 46.48 -3.49 4.38
N GLY H 136 47.55 -4.25 4.22
CA GLY H 136 48.62 -4.20 5.19
C GLY H 136 49.82 -4.98 4.73
N TRP H 137 50.80 -5.09 5.64
CA TRP H 137 52.04 -5.80 5.38
C TRP H 137 52.23 -6.89 6.42
N ASP H 138 52.76 -8.03 5.97
CA ASP H 138 53.02 -9.16 6.85
C ASP H 138 54.46 -9.61 6.71
N PRO H 139 55.10 -10.01 7.81
CA PRO H 139 56.41 -10.68 7.68
C PRO H 139 56.34 -11.98 6.91
N GLN H 140 55.22 -12.70 7.01
CA GLN H 140 55.06 -13.99 6.35
C GLN H 140 54.49 -13.89 4.95
N GLU H 141 53.83 -12.79 4.60
CA GLU H 141 53.12 -12.70 3.35
C GLU H 141 53.35 -11.40 2.59
N GLY H 142 54.01 -10.40 3.18
CA GLY H 142 54.24 -9.15 2.47
C GLY H 142 52.98 -8.31 2.37
N GLY H 143 52.94 -7.47 1.34
CA GLY H 143 51.79 -6.61 1.14
C GLY H 143 50.58 -7.38 0.68
N GLN H 144 49.42 -7.03 1.22
CA GLN H 144 48.18 -7.77 0.97
C GLN H 144 47.02 -6.80 0.91
N VAL H 145 46.13 -6.98 -0.06
CA VAL H 145 44.91 -6.22 -0.17
C VAL H 145 43.74 -7.20 -0.14
N TYR H 146 42.84 -7.01 0.83
CA TYR H 146 41.65 -7.83 0.95
C TYR H 146 40.41 -6.96 0.87
N SER H 147 39.43 -7.41 0.08
CA SER H 147 38.17 -6.71 -0.08
C SER H 147 37.08 -7.47 0.65
N VAL H 148 36.35 -6.78 1.52
CA VAL H 148 35.18 -7.34 2.18
C VAL H 148 33.98 -6.47 1.84
N PRO H 149 33.29 -6.74 0.75
CA PRO H 149 32.14 -5.90 0.37
C PRO H 149 30.92 -6.18 1.23
N MET H 150 29.82 -5.48 0.96
CA MET H 150 28.58 -5.72 1.67
C MET H 150 28.11 -7.14 1.42
N GLY H 151 27.68 -7.81 2.49
CA GLY H 151 27.30 -9.21 2.40
C GLY H 151 28.22 -10.10 3.21
N GLY H 152 29.50 -9.77 3.21
CA GLY H 152 30.47 -10.46 4.03
C GLY H 152 31.34 -11.49 3.33
N MET H 153 31.62 -11.31 2.05
CA MET H 153 32.60 -12.15 1.38
C MET H 153 33.98 -11.53 1.49
N MET H 154 35.00 -12.38 1.37
CA MET H 154 36.39 -11.96 1.53
C MET H 154 37.20 -12.49 0.38
N VAL H 155 37.92 -11.61 -0.32
CA VAL H 155 38.74 -11.98 -1.45
C VAL H 155 40.01 -11.15 -1.44
N ARG H 156 41.14 -11.79 -1.76
CA ARG H 156 42.40 -11.08 -1.92
C ARG H 156 42.54 -10.64 -3.38
N GLN H 157 42.99 -9.41 -3.56
CA GLN H 157 43.10 -8.82 -4.88
C GLN H 157 44.45 -8.12 -5.04
N PRO H 158 44.96 -8.01 -6.28
CA PRO H 158 46.11 -7.13 -6.50
C PRO H 158 45.82 -5.69 -6.16
N PHE H 159 44.59 -5.23 -6.38
CA PHE H 159 44.15 -3.91 -5.99
C PHE H 159 42.64 -3.95 -5.80
N ALA H 160 42.13 -3.03 -4.99
CA ALA H 160 40.71 -2.96 -4.70
C ALA H 160 40.24 -1.52 -4.74
N ILE H 161 38.99 -1.34 -5.15
CA ILE H 161 38.34 -0.03 -5.16
C ILE H 161 36.93 -0.20 -4.61
N GLY H 162 36.48 0.76 -3.81
CA GLY H 162 35.16 0.71 -3.21
C GLY H 162 34.54 2.08 -3.15
N GLY H 163 33.30 2.12 -2.68
CA GLY H 163 32.55 3.35 -2.55
C GLY H 163 31.73 3.67 -3.78
N SER H 164 30.91 4.71 -3.64
CA SER H 164 30.03 5.11 -4.74
C SER H 164 30.81 5.67 -5.92
N GLY H 165 31.97 6.26 -5.67
CA GLY H 165 32.78 6.81 -6.74
C GLY H 165 33.69 5.83 -7.44
N SER H 166 33.73 4.57 -6.98
CA SER H 166 34.61 3.59 -7.59
C SER H 166 34.11 3.12 -8.95
N SER H 167 32.82 3.29 -9.24
CA SER H 167 32.27 2.83 -10.51
C SER H 167 32.88 3.60 -11.68
N TYR H 168 33.14 4.89 -11.48
CA TYR H 168 33.62 5.75 -12.57
C TYR H 168 35.07 5.47 -12.95
N ILE H 169 35.83 4.73 -12.15
CA ILE H 169 37.25 4.52 -12.39
C ILE H 169 37.58 3.06 -12.63
N TYR H 170 36.57 2.21 -12.90
CA TYR H 170 36.84 0.80 -13.17
C TYR H 170 37.65 0.65 -14.45
N GLY H 171 37.22 1.31 -15.52
CA GLY H 171 37.97 1.23 -16.78
C GLY H 171 39.36 1.80 -16.66
N TYR H 172 39.52 2.89 -15.92
CA TYR H 172 40.82 3.52 -15.77
C TYR H 172 41.81 2.59 -15.07
N VAL H 173 41.39 2.00 -13.95
CA VAL H 173 42.28 1.10 -13.23
C VAL H 173 42.50 -0.19 -14.01
N ASP H 174 41.51 -0.62 -14.79
CA ASP H 174 41.69 -1.80 -15.64
C ASP H 174 42.74 -1.55 -16.72
N ALA H 175 42.70 -0.37 -17.35
CA ALA H 175 43.62 -0.06 -18.43
C ALA H 175 44.96 0.45 -17.95
N THR H 176 45.08 0.85 -16.69
CA THR H 176 46.28 1.49 -16.19
C THR H 176 47.14 0.61 -15.29
N TYR H 177 46.52 -0.28 -14.50
CA TYR H 177 47.29 -1.13 -13.59
C TYR H 177 48.20 -2.07 -14.37
N ARG H 178 49.41 -2.26 -13.84
CA ARG H 178 50.35 -3.23 -14.39
C ARG H 178 51.12 -3.86 -13.24
N GLU H 179 51.60 -5.08 -13.46
CA GLU H 179 52.33 -5.81 -12.44
C GLU H 179 53.76 -5.30 -12.33
N GLY H 180 54.26 -5.23 -11.10
CA GLY H 180 55.62 -4.78 -10.86
C GLY H 180 55.78 -3.31 -10.60
N MET H 181 54.70 -2.59 -10.30
CA MET H 181 54.82 -1.17 -10.02
C MET H 181 55.49 -0.94 -8.68
N THR H 182 56.29 0.11 -8.59
CA THR H 182 56.96 0.46 -7.35
C THR H 182 56.03 1.24 -6.44
N LYS H 183 56.53 1.61 -5.26
CA LYS H 183 55.71 2.34 -4.31
C LYS H 183 55.32 3.71 -4.83
N GLU H 184 56.25 4.43 -5.46
CA GLU H 184 55.95 5.75 -6.00
C GLU H 184 54.94 5.66 -7.14
N GLU H 185 55.11 4.67 -8.02
CA GLU H 185 54.14 4.46 -9.10
C GLU H 185 52.78 4.12 -8.54
N CYS H 186 52.73 3.30 -7.48
CA CYS H 186 51.45 2.96 -6.87
C CYS H 186 50.79 4.19 -6.27
N LEU H 187 51.58 5.06 -5.62
CA LEU H 187 51.02 6.29 -5.07
C LEU H 187 50.46 7.19 -6.16
N GLN H 188 51.20 7.33 -7.27
CA GLN H 188 50.72 8.16 -8.37
C GLN H 188 49.45 7.57 -8.99
N PHE H 189 49.42 6.25 -9.15
CA PHE H 189 48.25 5.58 -9.72
C PHE H 189 47.02 5.79 -8.84
N THR H 190 47.19 5.60 -7.53
CA THR H 190 46.07 5.78 -6.61
C THR H 190 45.60 7.24 -6.61
N ALA H 191 46.54 8.18 -6.61
CA ALA H 191 46.16 9.60 -6.61
C ALA H 191 45.41 9.96 -7.90
N ASN H 192 45.88 9.47 -9.04
CA ASN H 192 45.19 9.76 -10.31
C ASN H 192 43.78 9.19 -10.31
N ALA H 193 43.63 7.93 -9.90
CA ALA H 193 42.31 7.31 -9.90
C ALA H 193 41.37 8.02 -8.94
N LEU H 194 41.86 8.37 -7.75
CA LEU H 194 41.03 9.07 -6.78
C LEU H 194 40.64 10.46 -7.29
N ALA H 195 41.56 11.16 -7.96
CA ALA H 195 41.23 12.46 -8.50
C ALA H 195 40.14 12.37 -9.56
N LEU H 196 40.24 11.38 -10.45
CA LEU H 196 39.21 11.20 -11.47
C LEU H 196 37.85 10.89 -10.83
N ALA H 197 37.86 9.98 -9.85
CA ALA H 197 36.60 9.61 -9.19
C ALA H 197 36.00 10.80 -8.46
N MET H 198 36.83 11.61 -7.81
CA MET H 198 36.33 12.78 -7.09
C MET H 198 35.77 13.82 -8.07
N GLU H 199 36.41 13.95 -9.23
CA GLU H 199 35.89 14.87 -10.23
C GLU H 199 34.52 14.43 -10.75
N ARG H 200 34.33 13.12 -10.93
CA ARG H 200 33.07 12.66 -11.51
C ARG H 200 31.97 12.39 -10.47
N ASP H 201 32.32 12.02 -9.25
CA ASP H 201 31.33 11.61 -8.26
C ASP H 201 30.98 12.77 -7.33
N GLY H 202 29.67 12.99 -7.14
CA GLY H 202 29.21 14.03 -6.25
C GLY H 202 29.38 13.72 -4.77
N SER H 203 29.41 12.44 -4.41
CA SER H 203 29.63 12.02 -3.03
C SER H 203 31.11 11.92 -2.69
N SER H 204 32.00 12.19 -3.64
CA SER H 204 33.44 12.16 -3.43
C SER H 204 34.00 13.56 -3.65
N GLY H 205 35.03 13.88 -2.89
CA GLY H 205 35.67 15.17 -3.00
C GLY H 205 36.53 15.45 -1.78
N GLY H 206 36.93 16.69 -1.67
CA GLY H 206 37.75 17.13 -0.54
C GLY H 206 39.23 16.99 -0.84
N VAL H 207 39.93 16.23 0.00
CA VAL H 207 41.36 16.01 -0.15
C VAL H 207 41.60 14.52 -0.36
N ILE H 208 42.79 14.20 -0.82
CA ILE H 208 43.22 12.82 -1.04
C ILE H 208 44.15 12.43 0.09
N ARG H 209 43.77 11.40 0.84
CA ARG H 209 44.59 10.87 1.92
C ARG H 209 45.25 9.57 1.44
N LEU H 210 46.57 9.52 1.48
CA LEU H 210 47.34 8.38 1.02
C LEU H 210 48.12 7.79 2.17
N ALA H 211 48.22 6.46 2.20
CA ALA H 211 49.00 5.76 3.20
C ALA H 211 49.78 4.64 2.52
N ALA H 212 51.10 4.62 2.74
CA ALA H 212 51.96 3.56 2.24
C ALA H 212 52.47 2.75 3.42
N ILE H 213 52.24 1.44 3.37
CA ILE H 213 52.63 0.53 4.44
C ILE H 213 53.65 -0.45 3.91
N ALA H 214 54.77 -0.57 4.62
CA ALA H 214 55.82 -1.54 4.28
C ALA H 214 56.45 -2.01 5.58
N GLU H 215 57.55 -2.75 5.46
CA GLU H 215 58.26 -3.22 6.64
C GLU H 215 58.76 -2.08 7.53
N PRO H 216 59.40 -1.03 7.01
CA PRO H 216 59.87 0.04 7.91
C PRO H 216 58.77 0.73 8.70
N GLY H 217 57.57 0.86 8.13
CA GLY H 217 56.49 1.50 8.83
C GLY H 217 55.43 2.00 7.86
N VAL H 218 54.63 2.96 8.33
CA VAL H 218 53.52 3.52 7.58
C VAL H 218 53.82 4.99 7.31
N GLU H 219 53.73 5.39 6.05
CA GLU H 219 53.92 6.78 5.64
C GLU H 219 52.59 7.32 5.14
N ARG H 220 52.15 8.43 5.71
CA ARG H 220 50.88 9.04 5.37
C ARG H 220 51.11 10.42 4.77
N GLN H 221 50.26 10.81 3.83
CA GLN H 221 50.32 12.12 3.22
C GLN H 221 48.92 12.55 2.79
N VAL H 222 48.76 13.87 2.66
CA VAL H 222 47.50 14.47 2.23
C VAL H 222 47.75 15.27 0.96
N LEU H 223 46.94 15.02 -0.06
CA LEU H 223 46.98 15.79 -1.30
C LEU H 223 45.81 16.76 -1.32
N LEU H 224 46.10 18.04 -1.46
CA LEU H 224 45.07 19.07 -1.45
C LEU H 224 45.45 20.19 -2.39
N GLY H 225 44.44 20.93 -2.84
CA GLY H 225 44.68 22.06 -3.72
C GLY H 225 45.28 21.62 -5.03
N ASP H 226 46.43 22.21 -5.38
CA ASP H 226 47.10 21.88 -6.63
C ASP H 226 47.91 20.60 -6.54
N GLN H 227 48.05 20.01 -5.34
CA GLN H 227 48.73 18.73 -5.23
C GLN H 227 47.90 17.60 -5.84
N ILE H 228 46.58 17.76 -5.85
CA ILE H 228 45.71 16.75 -6.45
C ILE H 228 45.91 16.73 -7.96
N PRO H 229 46.02 15.57 -8.60
CA PRO H 229 46.18 15.54 -10.05
C PRO H 229 45.05 16.24 -10.77
N LYS H 230 45.40 17.01 -11.79
CA LYS H 230 44.45 17.78 -12.58
C LYS H 230 44.30 17.17 -13.96
N PHE H 231 43.05 17.06 -14.41
CA PHE H 231 42.73 16.65 -15.77
C PHE H 231 41.85 17.72 -16.38
N THR H 232 42.27 18.26 -17.52
CA THR H 232 41.56 19.38 -18.12
C THR H 232 40.21 18.95 -18.66
N ILE H 233 39.20 19.79 -18.44
CA ILE H 233 37.86 19.53 -18.96
C ILE H 233 37.85 19.80 -20.46
N ALA H 234 37.30 18.85 -21.22
CA ALA H 234 37.20 19.03 -22.66
C ALA H 234 36.08 20.01 -23.00
N THR H 235 36.41 21.04 -23.77
CA THR H 235 35.47 22.09 -24.12
C THR H 235 35.35 22.20 -25.63
N LEU H 236 34.41 23.04 -26.07
CA LEU H 236 34.10 23.24 -27.48
C LEU H 236 33.69 21.94 -28.16
N THR I 44 16.66 25.18 16.04
CA THR I 44 17.79 24.95 16.92
C THR I 44 19.10 25.16 16.17
N THR I 45 19.98 25.98 16.76
CA THR I 45 21.31 26.21 16.21
C THR I 45 22.32 26.02 17.32
N ILE I 46 23.17 25.00 17.19
CA ILE I 46 24.26 24.76 18.11
C ILE I 46 25.55 24.68 17.32
N ALA I 47 26.61 25.31 17.83
CA ALA I 47 27.88 25.37 17.12
C ALA I 47 29.02 25.40 18.12
N GLY I 48 30.21 25.04 17.63
CA GLY I 48 31.39 25.05 18.47
C GLY I 48 32.64 25.14 17.62
N VAL I 49 33.68 25.74 18.20
CA VAL I 49 34.97 25.88 17.52
C VAL I 49 36.07 25.49 18.49
N VAL I 50 37.22 25.12 17.91
CA VAL I 50 38.45 24.93 18.66
C VAL I 50 39.32 26.16 18.41
N TYR I 51 39.59 26.91 19.47
CA TYR I 51 40.50 28.04 19.36
C TYR I 51 41.85 27.66 19.99
N LYS I 52 42.77 28.62 20.03
CA LYS I 52 44.17 28.31 20.32
C LYS I 52 44.34 27.72 21.71
N ASP I 53 43.42 27.99 22.63
CA ASP I 53 43.58 27.54 24.02
C ASP I 53 42.35 26.84 24.59
N GLY I 54 41.38 26.45 23.77
CA GLY I 54 40.24 25.75 24.33
C GLY I 54 39.08 25.62 23.36
N ILE I 55 37.88 25.57 23.93
CA ILE I 55 36.65 25.27 23.22
C ILE I 55 35.63 26.37 23.51
N VAL I 56 34.95 26.83 22.47
CA VAL I 56 33.80 27.73 22.61
C VAL I 56 32.59 27.02 22.01
N LEU I 57 31.54 26.88 22.81
CA LEU I 57 30.28 26.28 22.38
C LEU I 57 29.20 27.34 22.36
N GLY I 58 28.28 27.24 21.40
CA GLY I 58 27.21 28.21 21.28
C GLY I 58 25.89 27.53 20.97
N ALA I 59 24.82 28.17 21.39
CA ALA I 59 23.47 27.64 21.16
C ALA I 59 22.46 28.77 21.22
N ASP I 60 21.33 28.55 20.55
CA ASP I 60 20.15 29.40 20.71
C ASP I 60 19.29 28.84 21.84
N THR I 61 18.37 29.67 22.32
CA THR I 61 17.58 29.33 23.50
C THR I 61 16.09 29.24 23.20
N ARG I 62 15.72 28.89 21.98
CA ARG I 62 14.31 28.74 21.61
C ARG I 62 13.97 27.27 21.43
N ALA I 63 12.87 26.84 22.05
CA ALA I 63 12.35 25.49 21.88
C ALA I 63 10.94 25.58 21.32
N THR I 64 10.69 24.87 20.23
CA THR I 64 9.40 24.90 19.55
C THR I 64 8.75 23.53 19.58
N GLU I 65 7.42 23.53 19.63
CA GLU I 65 6.60 22.32 19.51
C GLU I 65 5.77 22.50 18.26
N GLY I 66 6.26 21.95 17.15
CA GLY I 66 5.62 22.18 15.86
C GLY I 66 6.04 23.51 15.28
N MET I 67 5.07 24.38 15.02
CA MET I 67 5.33 25.73 14.53
C MET I 67 5.04 26.79 15.58
N VAL I 68 5.01 26.40 16.86
CA VAL I 68 4.71 27.30 17.96
C VAL I 68 5.89 27.28 18.93
N VAL I 69 6.30 28.46 19.38
CA VAL I 69 7.40 28.57 20.33
C VAL I 69 6.87 28.24 21.73
N ALA I 70 7.42 27.21 22.35
CA ALA I 70 7.03 26.80 23.69
C ALA I 70 7.92 27.40 24.77
N ASP I 71 9.22 27.46 24.55
CA ASP I 71 10.17 28.04 25.50
C ASP I 71 11.02 29.08 24.79
N LYS I 72 11.12 30.27 25.38
CA LYS I 72 11.98 31.31 24.86
C LYS I 72 13.35 31.33 25.51
N ASN I 73 13.53 30.64 26.64
CA ASN I 73 14.82 30.53 27.31
C ASN I 73 15.06 29.07 27.66
N CYS I 74 15.60 28.32 26.71
CA CYS I 74 15.90 26.90 26.88
C CYS I 74 17.41 26.71 26.90
N SER I 75 17.90 25.96 27.88
CA SER I 75 19.33 25.71 28.03
C SER I 75 19.69 24.46 27.23
N LYS I 76 20.42 24.65 26.13
CA LYS I 76 20.78 23.56 25.23
C LYS I 76 22.24 23.14 25.36
N ILE I 77 22.97 23.70 26.33
CA ILE I 77 24.35 23.32 26.61
C ILE I 77 24.35 22.56 27.92
N HIS I 78 24.76 21.30 27.88
CA HIS I 78 24.59 20.38 29.00
C HIS I 78 25.93 20.08 29.65
N PHE I 79 25.95 20.13 30.98
CA PHE I 79 27.11 19.73 31.74
C PHE I 79 27.37 18.24 31.58
N ILE I 80 28.63 17.88 31.28
CA ILE I 80 29.08 16.49 31.27
C ILE I 80 30.09 16.25 32.39
N SER I 81 31.15 17.04 32.43
CA SER I 81 32.18 16.99 33.45
C SER I 81 32.65 18.42 33.67
N PRO I 82 33.41 18.71 34.72
CA PRO I 82 33.87 20.10 34.92
C PRO I 82 34.67 20.65 33.75
N ASN I 83 35.21 19.79 32.87
CA ASN I 83 35.96 20.23 31.71
C ASN I 83 35.30 19.85 30.39
N ILE I 84 34.15 19.18 30.41
CA ILE I 84 33.49 18.71 29.21
C ILE I 84 32.04 19.18 29.23
N TYR I 85 31.59 19.76 28.12
CA TYR I 85 30.20 20.18 27.94
C TYR I 85 29.67 19.63 26.64
N CYS I 86 28.35 19.73 26.45
CA CYS I 86 27.69 19.14 25.30
C CYS I 86 26.51 19.99 24.87
N CYS I 87 26.38 20.20 23.56
CA CYS I 87 25.19 20.79 22.96
C CYS I 87 24.37 19.69 22.32
N GLY I 88 23.05 19.80 22.39
CA GLY I 88 22.16 18.73 22.00
C GLY I 88 21.16 19.13 20.93
N ALA I 89 20.80 18.15 20.10
CA ALA I 89 19.77 18.31 19.08
C ALA I 89 19.07 16.98 18.88
N GLY I 90 17.88 17.04 18.29
CA GLY I 90 17.09 15.83 18.09
C GLY I 90 15.99 15.69 19.12
N THR I 91 15.64 14.46 19.46
CA THR I 91 14.68 14.21 20.52
C THR I 91 15.23 14.77 21.84
N ALA I 92 14.56 15.79 22.38
CA ALA I 92 15.11 16.51 23.52
C ALA I 92 15.21 15.61 24.76
N ALA I 93 14.20 14.77 24.99
CA ALA I 93 14.25 13.86 26.13
C ALA I 93 15.38 12.85 25.97
N ASP I 94 15.58 12.34 24.76
CA ASP I 94 16.69 11.44 24.49
C ASP I 94 18.03 12.11 24.76
N THR I 95 18.18 13.35 24.30
CA THR I 95 19.41 14.09 24.54
C THR I 95 19.64 14.30 26.04
N ASP I 96 18.59 14.71 26.76
CA ASP I 96 18.73 14.95 28.19
C ASP I 96 19.15 13.68 28.93
N MET I 97 18.46 12.57 28.66
CA MET I 97 18.76 11.33 29.37
C MET I 97 20.13 10.79 29.01
N THR I 98 20.51 10.87 27.72
CA THR I 98 21.82 10.39 27.32
C THR I 98 22.94 11.21 27.95
N THR I 99 22.81 12.54 27.92
CA THR I 99 23.82 13.39 28.54
C THR I 99 23.91 13.15 30.04
N GLN I 100 22.76 12.98 30.70
CA GLN I 100 22.78 12.74 32.14
C GLN I 100 23.45 11.41 32.46
N LEU I 101 23.14 10.36 31.70
CA LEU I 101 23.73 9.05 31.95
C LEU I 101 25.23 9.07 31.71
N ILE I 102 25.67 9.71 30.62
CA ILE I 102 27.09 9.75 30.34
C ILE I 102 27.83 10.61 31.35
N SER I 103 27.19 11.69 31.82
CA SER I 103 27.79 12.52 32.87
C SER I 103 27.96 11.72 34.16
N SER I 104 26.93 10.94 34.53
CA SER I 104 27.04 10.11 35.72
C SER I 104 28.13 9.07 35.59
N ASN I 105 28.21 8.42 34.43
CA ASN I 105 29.24 7.40 34.21
C ASN I 105 30.64 8.01 34.22
N LEU I 106 30.79 9.20 33.63
CA LEU I 106 32.08 9.89 33.65
C LEU I 106 32.45 10.32 35.05
N GLU I 107 31.47 10.73 35.86
CA GLU I 107 31.75 11.07 37.25
C GLU I 107 32.23 9.85 38.02
N LEU I 108 31.58 8.70 37.81
CA LEU I 108 32.06 7.46 38.43
C LEU I 108 33.47 7.12 37.99
N HIS I 109 33.73 7.24 36.68
CA HIS I 109 35.05 6.92 36.14
C HIS I 109 36.12 7.83 36.74
N SER I 110 35.84 9.13 36.84
CA SER I 110 36.82 10.06 37.38
C SER I 110 37.00 9.87 38.89
N LEU I 111 35.93 9.49 39.59
CA LEU I 111 36.08 9.16 41.01
C LEU I 111 36.97 7.94 41.20
N SER I 112 36.82 6.93 40.34
CA SER I 112 37.64 5.73 40.46
C SER I 112 39.09 6.01 40.09
N THR I 113 39.32 6.67 38.96
CA THR I 113 40.69 6.92 38.50
C THR I 113 41.36 8.06 39.27
N GLY I 114 40.59 9.02 39.75
CA GLY I 114 41.17 10.17 40.41
C GLY I 114 41.78 11.20 39.48
N ARG I 115 41.49 11.12 38.19
CA ARG I 115 42.04 12.03 37.18
C ARG I 115 40.90 12.81 36.53
N LEU I 116 41.28 13.87 35.83
CA LEU I 116 40.31 14.63 35.05
C LEU I 116 39.79 13.80 33.88
N PRO I 117 38.50 13.84 33.59
CA PRO I 117 37.96 13.04 32.49
C PRO I 117 38.48 13.51 31.14
N ARG I 118 38.54 12.58 30.20
CA ARG I 118 38.97 12.85 28.84
C ARG I 118 37.76 12.94 27.91
N VAL I 119 37.87 13.81 26.91
CA VAL I 119 36.78 13.96 25.94
C VAL I 119 36.64 12.69 25.11
N VAL I 120 37.73 11.97 24.88
CA VAL I 120 37.65 10.73 24.11
C VAL I 120 36.83 9.67 24.85
N THR I 121 36.92 9.65 26.19
CA THR I 121 36.12 8.69 26.95
C THR I 121 34.63 8.98 26.79
N ALA I 122 34.24 10.25 26.91
CA ALA I 122 32.84 10.61 26.72
C ALA I 122 32.38 10.30 25.30
N ASN I 123 33.22 10.59 24.31
CA ASN I 123 32.87 10.31 22.93
C ASN I 123 32.66 8.82 22.71
N ARG I 124 33.56 7.98 23.25
CA ARG I 124 33.44 6.55 23.08
C ARG I 124 32.19 6.01 23.76
N MET I 125 31.94 6.45 25.00
CA MET I 125 30.73 6.02 25.70
C MET I 125 29.48 6.40 24.92
N LEU I 126 29.40 7.65 24.48
CA LEU I 126 28.23 8.13 23.77
C LEU I 126 28.02 7.36 22.46
N LYS I 127 29.09 7.14 21.70
CA LYS I 127 28.95 6.50 20.40
C LYS I 127 28.59 5.03 20.56
N GLN I 128 29.16 4.34 21.55
CA GLN I 128 28.79 2.95 21.75
C GLN I 128 27.35 2.81 22.21
N MET I 129 26.91 3.66 23.14
CA MET I 129 25.53 3.61 23.60
C MET I 129 24.56 3.92 22.47
N LEU I 130 24.88 4.93 21.65
CA LEU I 130 24.00 5.28 20.53
C LEU I 130 23.97 4.16 19.48
N PHE I 131 25.13 3.55 19.19
CA PHE I 131 25.16 2.52 18.18
C PHE I 131 24.37 1.28 18.60
N ARG I 132 24.48 0.88 19.88
CA ARG I 132 23.78 -0.34 20.26
C ARG I 132 22.26 -0.18 20.30
N TYR I 133 21.75 1.05 20.20
CA TYR I 133 20.32 1.28 20.05
C TYR I 133 19.91 1.50 18.59
N GLN I 134 20.86 1.48 17.66
CA GLN I 134 20.59 1.52 16.22
C GLN I 134 19.80 2.77 15.81
N GLY I 135 20.06 3.89 16.46
CA GLY I 135 19.40 5.13 16.11
C GLY I 135 18.03 5.35 16.70
N TYR I 136 17.55 4.44 17.55
CA TYR I 136 16.26 4.65 18.19
C TYR I 136 16.34 5.77 19.23
N ILE I 137 17.51 6.00 19.80
CA ILE I 137 17.75 7.14 20.67
C ILE I 137 18.18 8.29 19.75
N GLY I 138 17.23 9.14 19.37
CA GLY I 138 17.51 10.21 18.44
C GLY I 138 18.18 11.40 19.08
N ALA I 139 19.42 11.21 19.55
CA ALA I 139 20.20 12.27 20.17
C ALA I 139 21.41 12.56 19.29
N ALA I 140 21.56 13.81 18.89
CA ALA I 140 22.73 14.29 18.16
C ALA I 140 23.39 15.36 18.99
N LEU I 141 24.70 15.28 19.14
CA LEU I 141 25.41 16.07 20.13
C LEU I 141 26.67 16.71 19.55
N VAL I 142 26.96 17.91 20.01
CA VAL I 142 28.24 18.57 19.81
C VAL I 142 28.99 18.49 21.14
N LEU I 143 30.08 17.73 21.15
CA LEU I 143 30.82 17.43 22.38
C LEU I 143 32.16 18.14 22.32
N GLY I 144 32.41 18.99 23.30
CA GLY I 144 33.66 19.73 23.37
C GLY I 144 34.22 19.83 24.78
N GLY I 145 35.54 19.72 24.91
CA GLY I 145 36.16 19.81 26.21
C GLY I 145 37.66 19.90 26.08
N VAL I 146 38.29 20.18 27.22
CA VAL I 146 39.75 20.29 27.30
C VAL I 146 40.22 19.33 28.37
N ASP I 147 41.28 18.58 28.05
CA ASP I 147 41.85 17.61 28.99
C ASP I 147 43.37 17.70 28.88
N VAL I 148 44.06 16.66 29.40
CA VAL I 148 45.52 16.64 29.40
C VAL I 148 46.06 16.71 27.98
N THR I 149 45.30 16.22 27.00
CA THR I 149 45.73 16.26 25.60
C THR I 149 45.35 17.56 24.91
N GLY I 150 44.56 18.42 25.55
CA GLY I 150 44.18 19.68 24.98
C GLY I 150 42.71 19.76 24.64
N PRO I 151 42.33 20.74 23.82
CA PRO I 151 40.92 20.89 23.44
C PRO I 151 40.52 19.94 22.32
N HIS I 152 39.35 19.32 22.49
CA HIS I 152 38.81 18.38 21.52
C HIS I 152 37.34 18.71 21.28
N LEU I 153 36.92 18.57 20.02
CA LEU I 153 35.55 18.85 19.62
C LEU I 153 35.02 17.71 18.77
N TYR I 154 33.84 17.20 19.14
CA TYR I 154 33.23 16.07 18.45
C TYR I 154 31.79 16.39 18.08
N SER I 155 31.35 15.80 16.98
CA SER I 155 29.95 15.77 16.60
C SER I 155 29.50 14.32 16.57
N ILE I 156 28.44 14.01 17.31
CA ILE I 156 27.98 12.64 17.48
C ILE I 156 26.54 12.54 16.97
N TYR I 157 26.27 11.49 16.20
CA TYR I 157 25.00 11.34 15.53
C TYR I 157 24.22 10.16 16.13
N PRO I 158 22.89 10.17 16.02
CA PRO I 158 22.10 9.15 16.75
C PRO I 158 22.43 7.72 16.38
N HIS I 159 22.92 7.46 15.18
CA HIS I 159 23.25 6.09 14.81
C HIS I 159 24.57 5.61 15.41
N GLY I 160 25.39 6.50 15.92
CA GLY I 160 26.63 6.14 16.56
C GLY I 160 27.90 6.51 15.81
N SER I 161 27.83 7.45 14.86
CA SER I 161 29.01 7.91 14.13
C SER I 161 29.46 9.25 14.66
N THR I 162 30.78 9.41 14.80
CA THR I 162 31.37 10.62 15.36
C THR I 162 32.39 11.20 14.40
N ASP I 163 32.58 12.52 14.49
CA ASP I 163 33.57 13.24 13.72
C ASP I 163 34.33 14.18 14.64
N LYS I 164 35.65 14.20 14.51
CA LYS I 164 36.51 15.08 15.29
C LYS I 164 36.96 16.23 14.39
N LEU I 165 36.44 17.41 14.64
CA LEU I 165 36.58 18.55 13.74
C LEU I 165 36.95 19.80 14.51
N PRO I 166 37.58 20.78 13.85
CA PRO I 166 37.88 22.05 14.53
C PRO I 166 36.66 22.94 14.71
N TYR I 167 35.59 22.73 13.94
CA TYR I 167 34.34 23.44 14.15
C TYR I 167 33.21 22.61 13.61
N VAL I 168 32.08 22.59 14.33
CA VAL I 168 30.92 21.80 13.96
C VAL I 168 29.66 22.63 14.17
N THR I 169 28.61 22.29 13.42
CA THR I 169 27.31 22.90 13.57
C THR I 169 26.25 21.81 13.55
N MET I 170 25.13 22.07 14.22
CA MET I 170 24.06 21.10 14.28
C MET I 170 22.73 21.83 14.46
N GLY I 171 21.65 21.16 14.09
CA GLY I 171 20.32 21.72 14.20
C GLY I 171 19.78 22.19 12.86
N SER I 172 18.56 22.74 12.91
CA SER I 172 17.93 23.24 11.70
C SER I 172 18.59 24.50 11.17
N GLY I 173 19.32 25.23 12.00
CA GLY I 173 20.03 26.41 11.56
C GLY I 173 21.51 26.14 11.38
N SER I 174 21.87 24.86 11.24
CA SER I 174 23.28 24.48 11.19
C SER I 174 23.96 24.97 9.91
N LEU I 175 23.22 25.08 8.81
CA LEU I 175 23.86 25.45 7.55
C LEU I 175 24.24 26.93 7.51
N ALA I 176 23.43 27.81 8.10
CA ALA I 176 23.81 29.22 8.19
C ALA I 176 25.05 29.40 9.07
N ALA I 177 25.08 28.72 10.21
CA ALA I 177 26.24 28.80 11.10
C ALA I 177 27.48 28.21 10.42
N MET I 178 27.30 27.12 9.67
CA MET I 178 28.42 26.55 8.93
C MET I 178 28.91 27.49 7.84
N ALA I 179 27.99 28.21 7.20
CA ALA I 179 28.40 29.24 6.24
C ALA I 179 29.24 30.32 6.91
N VAL I 180 28.80 30.76 8.09
CA VAL I 180 29.58 31.75 8.84
C VAL I 180 30.97 31.21 9.16
N PHE I 181 31.04 29.96 9.61
CA PHE I 181 32.33 29.36 9.96
C PHE I 181 33.24 29.27 8.73
N GLU I 182 32.72 28.73 7.62
CA GLU I 182 33.51 28.60 6.41
C GLU I 182 33.92 29.94 5.85
N ASP I 183 33.15 30.99 6.12
CA ASP I 183 33.52 32.33 5.67
C ASP I 183 34.62 32.94 6.53
N LYS I 184 34.56 32.74 7.86
CA LYS I 184 35.37 33.54 8.76
C LYS I 184 36.31 32.76 9.68
N PHE I 185 36.19 31.44 9.78
CA PHE I 185 37.02 30.69 10.72
C PHE I 185 38.48 30.68 10.28
N ARG I 186 39.38 30.85 11.24
CA ARG I 186 40.81 30.66 11.05
C ARG I 186 41.36 29.88 12.24
N PRO I 187 42.35 29.02 12.02
CA PRO I 187 42.90 28.24 13.13
C PRO I 187 43.65 29.10 14.12
N ASP I 188 43.69 28.63 15.37
CA ASP I 188 44.41 29.29 16.46
C ASP I 188 43.91 30.70 16.70
N MET I 189 42.59 30.83 16.83
CA MET I 189 42.00 32.11 17.18
C MET I 189 42.14 32.37 18.68
N GLU I 190 42.02 33.63 19.06
CA GLU I 190 42.00 33.98 20.47
C GLU I 190 40.60 33.76 21.04
N GLU I 191 40.50 33.82 22.37
CA GLU I 191 39.23 33.53 23.03
C GLU I 191 38.14 34.51 22.62
N GLU I 192 38.46 35.80 22.57
CA GLU I 192 37.46 36.80 22.20
C GLU I 192 37.05 36.65 20.75
N GLU I 193 38.01 36.40 19.85
CA GLU I 193 37.68 36.19 18.44
C GLU I 193 36.82 34.95 18.26
N ALA I 194 37.13 33.87 18.98
CA ALA I 194 36.32 32.66 18.90
C ALA I 194 34.91 32.90 19.42
N LYS I 195 34.78 33.64 20.53
CA LYS I 195 33.46 33.97 21.05
C LYS I 195 32.67 34.79 20.05
N LYS I 196 33.30 35.77 19.42
CA LYS I 196 32.63 36.58 18.41
C LYS I 196 32.19 35.73 17.23
N LEU I 197 33.05 34.82 16.77
CA LEU I 197 32.71 33.98 15.62
C LEU I 197 31.55 33.06 15.94
N VAL I 198 31.56 32.44 17.12
CA VAL I 198 30.46 31.54 17.49
C VAL I 198 29.18 32.34 17.67
N SER I 199 29.26 33.55 18.22
CA SER I 199 28.07 34.37 18.36
C SER I 199 27.51 34.77 17.00
N GLU I 200 28.39 35.07 16.04
CA GLU I 200 27.92 35.39 14.68
C GLU I 200 27.26 34.19 14.03
N ALA I 201 27.83 32.99 14.22
CA ALA I 201 27.22 31.80 13.65
C ALA I 201 25.84 31.53 14.25
N ILE I 202 25.74 31.63 15.58
CA ILE I 202 24.45 31.41 16.23
C ILE I 202 23.44 32.49 15.82
N ALA I 203 23.92 33.73 15.65
CA ALA I 203 23.03 34.80 15.21
C ALA I 203 22.51 34.56 13.79
N ALA I 204 23.38 34.07 12.91
CA ALA I 204 22.93 33.72 11.56
C ALA I 204 21.88 32.62 11.60
N GLY I 205 22.12 31.59 12.42
CA GLY I 205 21.10 30.56 12.59
C GLY I 205 19.80 31.11 13.13
N ILE I 206 19.88 32.03 14.10
CA ILE I 206 18.68 32.59 14.72
C ILE I 206 17.90 33.41 13.71
N PHE I 207 18.57 34.22 12.91
CA PHE I 207 17.91 35.16 12.02
C PHE I 207 17.59 34.57 10.65
N ASN I 208 18.05 33.37 10.34
CA ASN I 208 17.75 32.76 9.05
C ASN I 208 17.03 31.43 9.15
N ASP I 209 16.78 30.93 10.36
CA ASP I 209 16.04 29.70 10.55
C ASP I 209 14.81 29.98 11.42
N LEU I 210 13.67 29.41 11.02
CA LEU I 210 12.45 29.61 11.77
C LEU I 210 12.43 28.84 13.08
N GLY I 211 13.22 27.77 13.19
CA GLY I 211 13.30 26.99 14.41
C GLY I 211 14.23 27.53 15.46
N SER I 212 14.99 28.58 15.16
CA SER I 212 15.93 29.18 16.10
C SER I 212 15.51 30.61 16.40
N GLY I 213 15.89 31.09 17.58
CA GLY I 213 15.57 32.43 17.97
C GLY I 213 16.04 32.72 19.38
N SER I 214 15.54 33.82 19.93
CA SER I 214 15.80 34.26 21.30
C SER I 214 17.25 34.66 21.52
N ASN I 215 17.87 34.10 22.55
CA ASN I 215 19.18 34.54 23.00
C ASN I 215 20.28 33.61 22.51
N ILE I 216 21.52 34.04 22.75
CA ILE I 216 22.71 33.28 22.40
C ILE I 216 23.41 32.88 23.69
N ASP I 217 23.67 31.59 23.86
CA ASP I 217 24.37 31.06 25.02
C ASP I 217 25.74 30.58 24.60
N LEU I 218 26.77 30.94 25.37
CA LEU I 218 28.14 30.57 25.08
C LEU I 218 28.73 29.80 26.24
N CYS I 219 29.48 28.75 25.93
CA CYS I 219 30.27 28.00 26.91
C CYS I 219 31.71 28.02 26.45
N VAL I 220 32.57 28.66 27.23
CA VAL I 220 34.00 28.77 26.93
C VAL I 220 34.75 27.85 27.87
N ILE I 221 35.50 26.91 27.29
CA ILE I 221 36.25 25.93 28.05
C ILE I 221 37.73 26.08 27.71
N SER I 222 38.56 26.23 28.73
CA SER I 222 40.00 26.22 28.59
C SER I 222 40.59 25.36 29.70
N LYS I 223 41.91 25.16 29.64
CA LYS I 223 42.58 24.33 30.65
C LYS I 223 42.64 25.01 32.01
N SER I 224 42.35 26.31 32.09
CA SER I 224 42.45 27.05 33.34
C SER I 224 41.13 27.61 33.85
N LYS I 225 40.09 27.67 33.02
CA LYS I 225 38.82 28.23 33.46
C LYS I 225 37.70 27.68 32.59
N LEU I 226 36.48 27.87 33.06
CA LEU I 226 35.27 27.53 32.29
C LEU I 226 34.28 28.65 32.45
N ASP I 227 33.76 29.14 31.33
CA ASP I 227 32.86 30.29 31.31
C ASP I 227 31.52 29.85 30.71
N PHE I 228 30.49 29.78 31.55
CA PHE I 228 29.14 29.46 31.12
C PHE I 228 28.35 30.77 31.08
N LEU I 229 28.29 31.37 29.89
CA LEU I 229 27.66 32.66 29.69
C LEU I 229 26.24 32.45 29.21
N ARG I 230 25.27 32.67 30.10
CA ARG I 230 23.87 32.49 29.77
C ARG I 230 23.03 33.61 30.37
N PRO I 231 22.54 34.56 29.54
CA PRO I 231 22.75 34.67 28.10
C PRO I 231 24.04 35.40 27.74
N TYR I 232 24.55 35.20 26.54
CA TYR I 232 25.68 35.97 26.05
C TYR I 232 25.23 37.17 25.23
N SER I 233 24.19 36.99 24.41
CA SER I 233 23.62 38.09 23.63
C SER I 233 22.10 38.01 23.71
N VAL I 234 21.46 39.17 23.57
CA VAL I 234 20.00 39.24 23.51
C VAL I 234 19.61 40.01 22.26
N PRO I 235 19.72 39.40 21.07
CA PRO I 235 19.39 40.13 19.84
C PRO I 235 17.90 40.34 19.62
N ASN I 236 17.04 39.68 20.39
CA ASN I 236 15.60 39.75 20.19
C ASN I 236 14.90 40.03 21.51
N LYS I 237 13.90 40.90 21.46
CA LYS I 237 13.11 41.23 22.63
C LYS I 237 11.66 41.46 22.22
N LYS I 238 10.76 41.35 23.19
CA LYS I 238 9.35 41.61 22.94
C LYS I 238 9.12 43.10 22.70
N GLY I 239 8.29 43.41 21.71
CA GLY I 239 7.96 44.80 21.44
C GLY I 239 7.22 45.43 22.60
N THR I 240 7.49 46.71 22.83
CA THR I 240 6.86 47.42 23.93
C THR I 240 5.36 47.60 23.66
N ARG I 241 4.58 47.56 24.74
CA ARG I 241 3.13 47.68 24.62
C ARG I 241 2.73 49.03 24.06
N PHE I 242 1.82 49.02 23.10
CA PHE I 242 1.19 50.24 22.61
C PHE I 242 -0.07 50.60 23.38
N GLY I 243 -0.66 49.63 24.09
CA GLY I 243 -1.87 49.86 24.86
C GLY I 243 -1.98 48.92 26.04
N ARG I 244 -3.16 48.86 26.65
CA ARG I 244 -3.40 48.04 27.83
C ARG I 244 -4.57 47.10 27.59
N TYR I 245 -4.48 45.91 28.18
CA TYR I 245 -5.57 44.95 28.14
C TYR I 245 -6.48 45.10 29.35
N ARG I 246 -7.72 44.68 29.19
CA ARG I 246 -8.70 44.71 30.27
C ARG I 246 -8.53 43.45 31.12
N CYS I 247 -8.05 43.63 32.35
CA CYS I 247 -7.89 42.51 33.29
C CYS I 247 -7.93 43.10 34.69
N GLU I 248 -9.08 42.98 35.34
CA GLU I 248 -9.31 43.61 36.64
C GLU I 248 -9.96 42.61 37.59
N LYS I 249 -9.94 42.96 38.88
CA LYS I 249 -10.56 42.12 39.89
C LYS I 249 -12.07 42.07 39.70
N GLY I 250 -12.65 40.89 39.96
CA GLY I 250 -14.08 40.72 39.83
C GLY I 250 -14.58 40.51 38.41
N THR I 251 -13.67 40.45 37.43
CA THR I 251 -14.09 40.28 36.04
C THR I 251 -14.62 38.88 35.77
N ASN I 252 -14.20 37.91 36.58
CA ASN I 252 -14.54 36.50 36.37
C ASN I 252 -15.65 36.08 37.32
N ALA I 253 -16.66 35.39 36.77
CA ALA I 253 -17.74 34.85 37.58
C ALA I 253 -17.34 33.51 38.16
N VAL I 254 -17.66 33.29 39.43
CA VAL I 254 -17.24 32.11 40.18
C VAL I 254 -18.48 31.36 40.63
N LEU I 255 -18.50 30.05 40.39
CA LEU I 255 -19.61 29.21 40.84
C LEU I 255 -19.42 28.82 42.30
N THR I 256 -18.34 28.12 42.61
CA THR I 256 -18.04 27.66 43.96
C THR I 256 -16.61 28.01 44.31
N GLU I 257 -16.37 28.21 45.61
CA GLU I 257 -15.04 28.54 46.11
C GLU I 257 -14.79 27.79 47.40
N LYS I 258 -13.62 27.14 47.48
CA LYS I 258 -13.22 26.39 48.66
C LYS I 258 -11.81 26.84 49.06
N VAL I 259 -11.65 27.22 50.32
CA VAL I 259 -10.38 27.70 50.85
C VAL I 259 -9.90 26.74 51.92
N THR I 260 -8.66 26.28 51.80
CA THR I 260 -8.06 25.38 52.77
C THR I 260 -6.85 26.08 53.39
N THR I 261 -6.87 26.26 54.70
CA THR I 261 -5.81 26.96 55.40
C THR I 261 -4.68 26.01 55.73
N LEU I 262 -3.48 26.34 55.29
CA LEU I 262 -2.29 25.54 55.56
C LEU I 262 -1.61 26.08 56.82
N GLU I 263 -1.51 25.23 57.84
CA GLU I 263 -0.94 25.63 59.12
C GLU I 263 0.55 25.92 59.00
N SER J 2 -3.27 12.80 17.44
CA SER J 2 -4.54 12.12 17.25
C SER J 2 -4.93 11.36 18.51
N ILE J 3 -3.96 10.62 19.08
CA ILE J 3 -4.23 9.89 20.32
C ILE J 3 -4.44 10.87 21.46
N MET J 4 -3.71 11.98 21.47
CA MET J 4 -3.84 12.96 22.55
C MET J 4 -5.17 13.70 22.49
N SER J 5 -5.75 13.83 21.30
CA SER J 5 -7.03 14.50 21.12
C SER J 5 -8.22 13.56 21.29
N TYR J 6 -7.97 12.31 21.68
CA TYR J 6 -9.04 11.34 21.83
C TYR J 6 -10.02 11.77 22.92
N ASN J 7 -9.50 12.27 24.04
CA ASN J 7 -10.33 12.63 25.19
C ASN J 7 -10.40 14.13 25.44
N GLY J 8 -9.60 14.93 24.75
CA GLY J 8 -9.58 16.36 24.98
C GLY J 8 -8.89 16.71 26.28
N GLY J 9 -9.10 17.95 26.70
CA GLY J 9 -8.55 18.42 27.94
C GLY J 9 -7.55 19.56 27.74
N ALA J 10 -7.38 20.34 28.80
CA ALA J 10 -6.47 21.48 28.77
C ALA J 10 -6.04 21.79 30.20
N VAL J 11 -4.74 21.89 30.41
CA VAL J 11 -4.17 22.21 31.72
C VAL J 11 -3.24 23.40 31.57
N MET J 12 -3.30 24.33 32.51
CA MET J 12 -2.51 25.54 32.46
C MET J 12 -2.00 25.87 33.85
N ALA J 13 -0.73 26.32 33.93
CA ALA J 13 -0.13 26.75 35.18
C ALA J 13 0.48 28.12 34.98
N MET J 14 0.36 28.97 36.01
CA MET J 14 0.80 30.35 35.94
C MET J 14 1.53 30.73 37.22
N LYS J 15 2.51 31.63 37.10
CA LYS J 15 3.34 32.06 38.21
C LYS J 15 2.95 33.47 38.64
N GLY J 16 2.74 33.65 39.94
CA GLY J 16 2.54 34.96 40.53
C GLY J 16 3.79 35.48 41.21
N LYS J 17 3.61 36.51 42.02
CA LYS J 17 4.73 37.08 42.76
C LYS J 17 5.21 36.12 43.84
N ASN J 18 4.28 35.59 44.63
CA ASN J 18 4.61 34.60 45.66
C ASN J 18 3.61 33.46 45.65
N CYS J 19 3.02 33.18 44.49
CA CYS J 19 1.95 32.19 44.40
C CYS J 19 1.99 31.56 43.02
N VAL J 20 1.32 30.43 42.89
CA VAL J 20 1.16 29.74 41.62
C VAL J 20 -0.32 29.43 41.44
N ALA J 21 -0.73 29.31 40.18
CA ALA J 21 -2.09 28.93 39.83
C ALA J 21 -2.05 27.79 38.83
N ILE J 22 -2.94 26.82 39.00
CA ILE J 22 -3.10 25.72 38.07
C ILE J 22 -4.58 25.60 37.74
N ALA J 23 -4.89 25.45 36.46
CA ALA J 23 -6.27 25.38 36.00
C ALA J 23 -6.42 24.25 34.98
N ALA J 24 -7.61 23.67 34.95
CA ALA J 24 -7.92 22.64 33.98
C ALA J 24 -9.40 22.68 33.64
N ASP J 25 -9.74 22.19 32.46
CA ASP J 25 -11.13 21.98 32.10
C ASP J 25 -11.63 20.69 32.73
N ARG J 26 -12.95 20.53 32.76
CA ARG J 26 -13.58 19.43 33.49
C ARG J 26 -14.22 18.39 32.59
N ARG J 27 -14.27 18.61 31.28
CA ARG J 27 -14.96 17.69 30.40
C ARG J 27 -14.21 16.37 30.27
N PHE J 28 -14.94 15.27 30.37
CA PHE J 28 -14.45 13.95 29.99
C PHE J 28 -15.31 13.44 28.85
N GLY J 29 -14.68 13.08 27.74
CA GLY J 29 -15.42 12.66 26.57
C GLY J 29 -14.64 11.67 25.73
N ILE J 30 -15.39 10.97 24.89
CA ILE J 30 -14.83 10.03 23.92
C ILE J 30 -15.10 10.58 22.54
N GLN J 31 -14.04 10.98 21.83
CA GLN J 31 -14.14 11.62 20.51
C GLN J 31 -15.03 12.85 20.65
N ALA J 32 -16.20 12.90 20.01
CA ALA J 32 -17.06 14.07 20.05
C ALA J 32 -18.22 13.93 21.03
N GLN J 33 -18.24 12.87 21.83
CA GLN J 33 -19.32 12.63 22.78
C GLN J 33 -18.83 12.90 24.20
N MET J 34 -19.58 13.72 24.93
CA MET J 34 -19.29 13.97 26.33
C MET J 34 -19.88 12.87 27.20
N VAL J 35 -19.12 12.46 28.21
CA VAL J 35 -19.54 11.44 29.16
C VAL J 35 -19.82 12.04 30.53
N THR J 36 -18.83 12.73 31.11
CA THR J 36 -18.99 13.39 32.39
C THR J 36 -18.41 14.80 32.31
N THR J 37 -18.83 15.65 33.26
CA THR J 37 -18.39 17.04 33.30
C THR J 37 -17.60 17.36 34.57
N ASP J 38 -17.11 16.36 35.28
CA ASP J 38 -16.35 16.59 36.50
C ASP J 38 -15.15 15.66 36.57
N PHE J 39 -14.47 15.46 35.45
CA PHE J 39 -13.26 14.66 35.44
C PHE J 39 -12.11 15.40 36.12
N GLN J 40 -11.37 14.69 36.96
CA GLN J 40 -10.27 15.29 37.69
C GLN J 40 -8.98 15.17 36.87
N LYS J 41 -8.35 16.31 36.59
CA LYS J 41 -7.08 16.34 35.90
C LYS J 41 -5.95 16.93 36.74
N ILE J 42 -6.26 17.57 37.86
CA ILE J 42 -5.26 18.15 38.74
C ILE J 42 -5.24 17.33 40.03
N PHE J 43 -4.05 16.87 40.41
CA PHE J 43 -3.89 15.99 41.56
C PHE J 43 -2.91 16.60 42.55
N PRO J 44 -3.25 16.65 43.84
CA PRO J 44 -2.30 17.17 44.84
C PRO J 44 -1.15 16.20 45.04
N MET J 45 0.07 16.75 45.01
CA MET J 45 1.29 15.98 45.25
C MET J 45 2.02 16.49 46.48
N GLY J 46 1.28 17.08 47.40
CA GLY J 46 1.86 17.71 48.57
C GLY J 46 0.97 18.82 49.05
N ASP J 47 1.40 19.45 50.15
CA ASP J 47 0.62 20.55 50.73
C ASP J 47 0.51 21.72 49.76
N ARG J 48 1.61 22.05 49.09
CA ARG J 48 1.65 23.17 48.14
C ARG J 48 2.22 22.72 46.81
N LEU J 49 1.90 21.49 46.40
CA LEU J 49 2.37 20.95 45.13
C LEU J 49 1.21 20.28 44.42
N TYR J 50 1.06 20.57 43.13
CA TYR J 50 -0.01 20.02 42.32
C TYR J 50 0.54 19.63 40.96
N ILE J 51 -0.06 18.61 40.36
CA ILE J 51 0.26 18.18 39.01
C ILE J 51 -1.03 18.10 38.20
N GLY J 52 -1.01 18.64 37.00
CA GLY J 52 -2.13 18.57 36.08
C GLY J 52 -1.74 17.75 34.86
N LEU J 53 -2.64 16.87 34.43
CA LEU J 53 -2.35 15.90 33.38
C LEU J 53 -3.37 16.03 32.27
N ALA J 54 -2.89 16.26 31.05
CA ALA J 54 -3.73 16.36 29.87
C ALA J 54 -3.33 15.27 28.89
N GLY J 55 -4.33 14.68 28.22
CA GLY J 55 -4.05 13.61 27.28
C GLY J 55 -5.06 12.49 27.39
N LEU J 56 -4.61 11.25 27.17
CA LEU J 56 -5.48 10.11 27.35
C LEU J 56 -5.93 10.01 28.81
N ALA J 57 -7.24 9.89 29.01
CA ALA J 57 -7.77 9.86 30.37
C ALA J 57 -7.26 8.65 31.14
N THR J 58 -7.20 7.50 30.49
CA THR J 58 -6.64 6.31 31.14
C THR J 58 -5.18 6.52 31.52
N ASP J 59 -4.41 7.12 30.62
CA ASP J 59 -3.01 7.41 30.95
C ASP J 59 -2.91 8.49 32.02
N VAL J 60 -3.83 9.45 32.03
CA VAL J 60 -3.86 10.44 33.11
C VAL J 60 -4.00 9.74 34.45
N GLN J 61 -5.00 8.85 34.55
CA GLN J 61 -5.23 8.16 35.82
C GLN J 61 -4.07 7.25 36.19
N THR J 62 -3.52 6.52 35.22
CA THR J 62 -2.41 5.61 35.49
C THR J 62 -1.18 6.37 35.97
N VAL J 63 -0.84 7.46 35.29
CA VAL J 63 0.32 8.25 35.67
C VAL J 63 0.12 8.89 37.04
N ALA J 64 -1.09 9.40 37.31
CA ALA J 64 -1.36 9.98 38.62
C ALA J 64 -1.21 8.95 39.72
N GLN J 65 -1.73 7.74 39.51
CA GLN J 65 -1.67 6.72 40.56
C GLN J 65 -0.24 6.21 40.76
N ARG J 66 0.51 5.99 39.68
CA ARG J 66 1.89 5.54 39.82
C ARG J 66 2.75 6.63 40.45
N LEU J 67 2.51 7.89 40.11
CA LEU J 67 3.22 8.99 40.73
C LEU J 67 2.90 9.09 42.21
N LYS J 68 1.64 8.88 42.59
CA LYS J 68 1.28 8.88 44.00
C LYS J 68 1.98 7.74 44.74
N PHE J 69 2.04 6.56 44.11
CA PHE J 69 2.79 5.43 44.64
C PHE J 69 4.23 5.83 44.96
N ARG J 70 4.94 6.32 43.94
CA ARG J 70 6.35 6.64 44.10
C ARG J 70 6.56 7.79 45.10
N LEU J 71 5.66 8.78 45.08
CA LEU J 71 5.78 9.92 45.98
C LEU J 71 5.55 9.49 47.43
N ASN J 72 4.58 8.62 47.67
CA ASN J 72 4.36 8.12 49.02
C ASN J 72 5.56 7.34 49.52
N LEU J 73 6.15 6.50 48.66
CA LEU J 73 7.36 5.79 49.07
C LEU J 73 8.49 6.76 49.37
N TYR J 74 8.68 7.77 48.51
CA TYR J 74 9.75 8.74 48.71
C TYR J 74 9.57 9.50 50.02
N GLU J 75 8.34 9.94 50.31
CA GLU J 75 8.11 10.71 51.52
C GLU J 75 8.23 9.84 52.77
N LEU J 76 7.85 8.56 52.68
CA LEU J 76 8.05 7.67 53.82
C LEU J 76 9.52 7.42 54.07
N LYS J 77 10.32 7.26 53.01
CA LYS J 77 11.74 7.00 53.19
C LYS J 77 12.50 8.26 53.60
N GLU J 78 12.36 9.33 52.81
CA GLU J 78 13.12 10.56 53.07
C GLU J 78 12.68 11.23 54.37
N GLY J 79 11.43 11.04 54.78
CA GLY J 79 10.93 11.71 55.96
C GLY J 79 10.67 13.18 55.78
N ARG J 80 10.49 13.64 54.55
CA ARG J 80 10.27 15.05 54.25
C ARG J 80 9.30 15.16 53.08
N GLN J 81 8.87 16.38 52.81
CA GLN J 81 8.05 16.64 51.63
C GLN J 81 8.93 16.85 50.42
N ILE J 82 8.41 16.48 49.25
CA ILE J 82 9.19 16.57 48.02
C ILE J 82 9.25 18.03 47.56
N LYS J 83 10.38 18.40 46.97
CA LYS J 83 10.49 19.68 46.31
C LYS J 83 9.93 19.60 44.89
N PRO J 84 9.34 20.68 44.38
CA PRO J 84 8.75 20.63 43.04
C PRO J 84 9.74 20.26 41.94
N TYR J 85 11.00 20.68 42.05
CA TYR J 85 12.00 20.26 41.07
C TYR J 85 12.27 18.77 41.17
N THR J 86 12.34 18.24 42.39
CA THR J 86 12.50 16.81 42.56
C THR J 86 11.30 16.04 42.02
N LEU J 87 10.10 16.57 42.23
CA LEU J 87 8.91 15.94 41.66
C LEU J 87 8.95 15.96 40.14
N MET J 88 9.42 17.06 39.56
CA MET J 88 9.56 17.13 38.10
C MET J 88 10.53 16.08 37.60
N SER J 89 11.66 15.92 38.29
CA SER J 89 12.64 14.89 37.89
C SER J 89 12.04 13.50 38.02
N MET J 90 11.27 13.25 39.09
CA MET J 90 10.64 11.95 39.29
C MET J 90 9.64 11.65 38.18
N VAL J 91 8.83 12.65 37.80
CA VAL J 91 7.88 12.46 36.70
C VAL J 91 8.61 12.21 35.40
N ALA J 92 9.71 12.93 35.17
CA ALA J 92 10.49 12.71 33.94
C ALA J 92 11.03 11.29 33.89
N ASN J 93 11.55 10.80 35.02
CA ASN J 93 12.05 9.43 35.07
C ASN J 93 10.93 8.42 34.83
N LEU J 94 9.76 8.64 35.45
CA LEU J 94 8.63 7.74 35.27
C LEU J 94 8.18 7.71 33.82
N LEU J 95 8.16 8.86 33.15
CA LEU J 95 7.71 8.90 31.77
C LEU J 95 8.75 8.31 30.82
N TYR J 96 10.03 8.54 31.10
CA TYR J 96 11.09 8.01 30.24
C TYR J 96 11.29 6.51 30.42
N GLU J 97 10.88 5.94 31.55
CA GLU J 97 10.92 4.49 31.69
C GLU J 97 10.07 3.81 30.62
N LYS J 98 9.01 4.47 30.16
CA LYS J 98 8.15 3.98 29.09
C LYS J 98 8.48 4.64 27.76
N ARG J 99 9.77 4.87 27.48
CA ARG J 99 10.16 5.63 26.30
C ARG J 99 9.62 5.01 25.02
N PHE J 100 9.67 3.68 24.92
CA PHE J 100 9.17 2.98 23.75
C PHE J 100 7.71 2.55 23.88
N GLY J 101 7.12 2.71 25.07
CA GLY J 101 5.73 2.40 25.30
C GLY J 101 4.95 3.57 25.87
N PRO J 102 5.16 4.76 25.30
CA PRO J 102 4.90 5.99 26.07
C PRO J 102 3.46 6.12 26.58
N TYR J 103 3.35 6.67 27.78
CA TYR J 103 2.06 7.19 28.24
C TYR J 103 1.70 8.43 27.43
N TYR J 104 0.43 8.59 27.13
CA TYR J 104 -0.04 9.71 26.33
C TYR J 104 -0.57 10.81 27.26
N THR J 105 0.36 11.38 28.01
CA THR J 105 0.07 12.47 28.93
C THR J 105 1.21 13.48 28.91
N GLU J 106 0.85 14.74 29.08
CA GLU J 106 1.84 15.82 29.21
C GLU J 106 1.61 16.50 30.56
N PRO J 107 2.35 16.11 31.60
CA PRO J 107 2.11 16.67 32.93
C PRO J 107 2.45 18.15 33.01
N VAL J 108 1.74 18.84 33.90
CA VAL J 108 2.01 20.22 34.24
C VAL J 108 2.13 20.29 35.77
N ILE J 109 3.22 20.87 36.25
CA ILE J 109 3.52 20.90 37.68
C ILE J 109 3.58 22.35 38.14
N ALA J 110 2.81 22.67 39.17
CA ALA J 110 2.82 23.99 39.80
C ALA J 110 2.91 23.83 41.31
N GLY J 111 3.76 24.63 41.94
CA GLY J 111 3.87 24.57 43.39
C GLY J 111 4.89 25.57 43.89
N LEU J 112 4.93 25.69 45.21
CA LEU J 112 5.89 26.52 45.91
C LEU J 112 6.95 25.64 46.57
N ASP J 113 8.21 26.02 46.44
CA ASP J 113 9.29 25.25 47.03
C ASP J 113 9.16 25.26 48.54
N PRO J 114 9.16 24.09 49.19
CA PRO J 114 9.03 24.07 50.66
C PRO J 114 10.21 24.78 51.32
N LYS J 115 9.91 25.43 52.46
CA LYS J 115 10.88 26.16 53.27
C LYS J 115 11.39 27.41 52.57
N THR J 116 10.93 27.65 51.34
CA THR J 116 11.29 28.87 50.63
C THR J 116 10.06 29.54 50.02
N PHE J 117 9.07 28.72 49.66
CA PHE J 117 7.81 29.19 49.06
C PHE J 117 8.05 29.96 47.77
N LYS J 118 9.11 29.61 47.04
CA LYS J 118 9.38 30.20 45.74
C LYS J 118 8.52 29.50 44.69
N PRO J 119 7.74 30.24 43.89
CA PRO J 119 6.87 29.61 42.90
C PRO J 119 7.67 28.80 41.88
N PHE J 120 7.12 27.64 41.52
CA PHE J 120 7.71 26.77 40.51
C PHE J 120 6.62 26.27 39.59
N ILE J 121 6.85 26.38 38.28
CA ILE J 121 5.98 25.77 37.28
C ILE J 121 6.85 25.09 36.23
N CYS J 122 6.33 24.02 35.65
CA CYS J 122 7.04 23.29 34.62
C CYS J 122 6.05 22.41 33.86
N SER J 123 6.46 22.02 32.66
CA SER J 123 5.70 21.09 31.84
C SER J 123 6.64 20.07 31.24
N LEU J 124 6.10 18.90 30.92
CA LEU J 124 6.87 17.81 30.34
C LEU J 124 6.13 17.25 29.13
N ASP J 125 6.89 16.73 28.17
CA ASP J 125 6.30 16.03 27.05
C ASP J 125 5.92 14.62 27.46
N LEU J 126 5.46 13.82 26.50
CA LEU J 126 4.94 12.50 26.83
C LEU J 126 6.05 11.51 27.20
N ILE J 127 7.30 11.80 26.85
CA ILE J 127 8.42 10.92 27.20
C ILE J 127 9.30 11.50 28.29
N GLY J 128 8.97 12.67 28.82
CA GLY J 128 9.65 13.17 30.00
C GLY J 128 10.74 14.19 29.78
N CYS J 129 10.51 15.14 28.86
CA CYS J 129 11.44 16.24 28.70
C CYS J 129 10.89 17.44 29.46
N PRO J 130 11.54 17.88 30.54
CA PRO J 130 10.99 18.97 31.34
C PRO J 130 11.30 20.34 30.74
N MET J 131 10.38 21.27 30.96
CA MET J 131 10.51 22.65 30.47
C MET J 131 10.09 23.57 31.61
N VAL J 132 11.06 24.11 32.32
CA VAL J 132 10.81 25.02 33.43
C VAL J 132 10.77 26.44 32.88
N THR J 133 9.61 27.08 32.95
CA THR J 133 9.44 28.46 32.52
C THR J 133 9.24 29.36 33.73
N ASP J 134 9.14 30.66 33.47
CA ASP J 134 8.97 31.65 34.52
C ASP J 134 7.62 32.35 34.47
N ASP J 135 6.85 32.17 33.40
CA ASP J 135 5.57 32.85 33.26
C ASP J 135 4.39 31.88 33.25
N PHE J 136 4.35 30.94 32.32
CA PHE J 136 3.21 30.05 32.19
C PHE J 136 3.62 28.81 31.40
N VAL J 137 2.89 27.73 31.64
CA VAL J 137 3.01 26.50 30.86
C VAL J 137 1.62 25.99 30.55
N VAL J 138 1.42 25.53 29.31
CA VAL J 138 0.10 25.06 28.87
C VAL J 138 0.25 23.66 28.29
N SER J 139 -0.86 22.92 28.33
CA SER J 139 -0.89 21.57 27.81
C SER J 139 -2.33 21.19 27.48
N GLY J 140 -2.50 20.43 26.42
CA GLY J 140 -3.81 19.97 26.01
C GLY J 140 -4.03 20.19 24.53
N THR J 141 -5.31 20.12 24.14
CA THR J 141 -5.68 20.20 22.73
C THR J 141 -5.78 21.63 22.20
N CYS J 142 -5.80 22.63 23.08
CA CYS J 142 -5.95 24.01 22.64
C CYS J 142 -4.75 24.84 23.05
N THR J 143 -3.54 24.32 22.82
CA THR J 143 -2.33 24.99 23.28
C THR J 143 -2.10 26.32 22.57
N GLU J 144 -2.53 26.45 21.31
CA GLU J 144 -2.34 27.70 20.59
C GLU J 144 -3.18 28.82 21.19
N GLN J 145 -4.46 28.54 21.45
CA GLN J 145 -5.32 29.54 22.07
C GLN J 145 -4.82 29.92 23.46
N MET J 146 -4.39 28.93 24.24
CA MET J 146 -3.85 29.20 25.57
C MET J 146 -2.58 30.03 25.48
N TYR J 147 -1.72 29.73 24.51
CA TYR J 147 -0.49 30.52 24.33
C TYR J 147 -0.81 31.95 24.00
N GLY J 148 -1.76 32.18 23.08
CA GLY J 148 -2.14 33.53 22.75
C GLY J 148 -2.69 34.29 23.95
N MET J 149 -3.61 33.66 24.68
CA MET J 149 -4.22 34.31 25.84
C MET J 149 -3.16 34.63 26.91
N CYS J 150 -2.28 33.68 27.20
CA CYS J 150 -1.29 33.87 28.25
C CYS J 150 -0.25 34.91 27.85
N GLU J 151 0.23 34.85 26.61
CA GLU J 151 1.20 35.85 26.15
C GLU J 151 0.59 37.24 26.13
N SER J 152 -0.72 37.35 25.87
CA SER J 152 -1.35 38.66 25.91
C SER J 152 -1.57 39.15 27.34
N LEU J 153 -1.95 38.27 28.25
CA LEU J 153 -2.46 38.71 29.55
C LEU J 153 -1.45 38.62 30.69
N TRP J 154 -0.43 37.77 30.60
CA TRP J 154 0.43 37.54 31.75
C TRP J 154 1.30 38.76 32.04
N GLU J 155 1.46 39.06 33.33
CA GLU J 155 2.31 40.13 33.80
C GLU J 155 3.21 39.62 34.92
N PRO J 156 4.43 40.14 35.03
CA PRO J 156 5.30 39.75 36.14
C PRO J 156 4.79 40.26 37.47
N ASN J 157 5.07 39.47 38.52
CA ASN J 157 4.79 39.85 39.90
C ASN J 157 3.32 40.16 40.14
N MET J 158 2.46 39.27 39.68
CA MET J 158 1.03 39.41 39.92
C MET J 158 0.65 38.96 41.31
N ASP J 159 -0.24 39.71 41.95
CA ASP J 159 -0.82 39.27 43.21
C ASP J 159 -1.76 38.11 42.96
N PRO J 160 -2.10 37.34 43.99
CA PRO J 160 -2.98 36.17 43.78
C PRO J 160 -4.31 36.51 43.14
N GLU J 161 -4.88 37.68 43.42
CA GLU J 161 -6.14 38.06 42.78
C GLU J 161 -5.95 38.33 41.30
N HIS J 162 -4.92 39.10 40.95
CA HIS J 162 -4.65 39.35 39.53
C HIS J 162 -4.23 38.08 38.82
N LEU J 163 -3.45 37.22 39.49
CA LEU J 163 -3.09 35.94 38.91
C LEU J 163 -4.33 35.09 38.64
N PHE J 164 -5.27 35.06 39.59
CA PHE J 164 -6.51 34.33 39.40
C PHE J 164 -7.29 34.87 38.22
N GLU J 165 -7.44 36.19 38.13
CA GLU J 165 -8.19 36.78 37.03
C GLU J 165 -7.53 36.46 35.69
N THR J 166 -6.20 36.57 35.63
CA THR J 166 -5.48 36.32 34.39
C THR J 166 -5.65 34.87 33.95
N ILE J 167 -5.41 33.92 34.86
CA ILE J 167 -5.49 32.51 34.47
C ILE J 167 -6.93 32.13 34.14
N SER J 168 -7.90 32.70 34.85
CA SER J 168 -9.30 32.40 34.57
C SER J 168 -9.70 32.90 33.19
N GLN J 169 -9.36 34.15 32.87
CA GLN J 169 -9.70 34.70 31.56
C GLN J 169 -9.01 33.92 30.46
N ALA J 170 -7.72 33.59 30.65
CA ALA J 170 -6.99 32.85 29.63
C ALA J 170 -7.62 31.49 29.38
N MET J 171 -7.89 30.73 30.45
CA MET J 171 -8.47 29.39 30.28
C MET J 171 -9.86 29.48 29.68
N LEU J 172 -10.70 30.41 30.15
CA LEU J 172 -12.06 30.51 29.64
C LEU J 172 -12.08 30.84 28.16
N ASN J 173 -11.30 31.86 27.76
CA ASN J 173 -11.31 32.26 26.35
C ASN J 173 -10.60 31.26 25.46
N ALA J 174 -9.66 30.48 26.00
CA ALA J 174 -9.02 29.46 25.20
C ALA J 174 -9.92 28.25 24.99
N VAL J 175 -10.65 27.82 26.02
CA VAL J 175 -11.54 26.67 25.86
C VAL J 175 -12.85 27.06 25.19
N ASP J 176 -13.18 28.35 25.14
CA ASP J 176 -14.32 28.78 24.34
C ASP J 176 -14.08 28.62 22.85
N ARG J 177 -12.83 28.47 22.43
CA ARG J 177 -12.46 28.32 21.03
C ARG J 177 -12.00 26.91 20.70
N ASP J 178 -12.25 25.94 21.58
CA ASP J 178 -11.87 24.55 21.37
C ASP J 178 -13.10 23.66 21.46
N ALA J 179 -13.22 22.72 20.51
CA ALA J 179 -14.41 21.89 20.45
C ALA J 179 -14.43 20.83 21.54
N VAL J 180 -13.29 20.21 21.83
CA VAL J 180 -13.23 19.07 22.73
C VAL J 180 -12.69 19.47 24.11
N SER J 181 -12.73 20.75 24.45
CA SER J 181 -12.36 21.22 25.77
C SER J 181 -13.46 22.10 26.31
N GLY J 182 -13.60 22.13 27.63
CA GLY J 182 -14.60 22.96 28.27
C GLY J 182 -15.43 22.23 29.31
N MET J 183 -16.73 22.52 29.33
CA MET J 183 -17.66 21.99 30.31
C MET J 183 -17.21 22.31 31.74
N GLY J 184 -16.70 23.52 31.93
CA GLY J 184 -16.29 23.99 33.23
C GLY J 184 -14.78 24.12 33.34
N VAL J 185 -14.36 24.98 34.26
CA VAL J 185 -12.94 25.21 34.55
C VAL J 185 -12.76 25.24 36.06
N ILE J 186 -11.74 24.56 36.55
CA ILE J 186 -11.39 24.55 37.96
C ILE J 186 -10.00 25.17 38.13
N VAL J 187 -9.88 26.09 39.07
CA VAL J 187 -8.65 26.83 39.29
C VAL J 187 -8.20 26.64 40.74
N HIS J 188 -6.92 26.32 40.93
CA HIS J 188 -6.31 26.25 42.25
C HIS J 188 -5.27 27.35 42.38
N ILE J 189 -5.40 28.17 43.42
CA ILE J 189 -4.41 29.19 43.73
C ILE J 189 -3.66 28.74 44.97
N ILE J 190 -2.35 28.55 44.83
CA ILE J 190 -1.51 28.02 45.90
C ILE J 190 -0.71 29.19 46.49
N GLU J 191 -0.98 29.52 47.74
CA GLU J 191 -0.24 30.53 48.48
C GLU J 191 0.61 29.84 49.54
N LYS J 192 1.30 30.66 50.33
CA LYS J 192 2.09 30.11 51.43
C LYS J 192 1.20 29.63 52.57
N ASP J 193 0.09 30.32 52.80
CA ASP J 193 -0.75 30.07 53.97
C ASP J 193 -2.10 29.45 53.65
N LYS J 194 -2.50 29.39 52.38
CA LYS J 194 -3.81 28.84 52.04
C LYS J 194 -3.82 28.40 50.59
N ILE J 195 -4.80 27.57 50.27
CA ILE J 195 -5.07 27.14 48.90
C ILE J 195 -6.53 27.42 48.59
N THR J 196 -6.78 28.10 47.49
CA THR J 196 -8.14 28.45 47.07
C THR J 196 -8.48 27.66 45.81
N THR J 197 -9.59 26.93 45.87
CA THR J 197 -10.10 26.17 44.74
C THR J 197 -11.42 26.78 44.30
N ARG J 198 -11.51 27.14 43.02
CA ARG J 198 -12.71 27.76 42.46
C ARG J 198 -13.10 27.07 41.17
N THR J 199 -14.41 26.90 40.98
CA THR J 199 -14.96 26.48 39.70
C THR J 199 -15.60 27.68 39.03
N LEU J 200 -15.30 27.87 37.75
CA LEU J 200 -15.71 29.06 37.02
C LEU J 200 -17.04 28.83 36.31
N LYS J 201 -17.81 29.90 36.18
CA LYS J 201 -19.04 29.87 35.40
C LYS J 201 -18.66 29.91 33.93
N ALA J 202 -18.78 28.77 33.25
CA ALA J 202 -18.33 28.62 31.88
C ALA J 202 -19.47 28.13 31.00
N ARG J 203 -19.20 28.10 29.70
CA ARG J 203 -20.15 27.59 28.73
C ARG J 203 -20.19 26.06 28.78
N MET J 204 -21.36 25.50 28.46
CA MET J 204 -21.57 24.07 28.52
C MET J 204 -22.00 23.50 27.16
N ASP J 205 -21.51 24.11 26.08
CA ASP J 205 -21.82 23.62 24.74
C ASP J 205 -20.58 23.04 24.06
N MET K 1 -24.47 -4.34 17.80
CA MET K 1 -24.06 -3.58 18.97
C MET K 1 -24.96 -3.87 20.16
N GLU K 2 -24.36 -4.02 21.33
CA GLU K 2 -25.08 -4.27 22.56
C GLU K 2 -25.26 -2.98 23.34
N TYR K 3 -26.26 -2.98 24.21
CA TYR K 3 -26.70 -1.77 24.90
C TYR K 3 -26.70 -1.99 26.41
N LEU K 4 -26.04 -1.08 27.13
CA LEU K 4 -26.10 -1.02 28.59
C LEU K 4 -26.56 0.37 29.01
N ILE K 5 -27.29 0.42 30.11
CA ILE K 5 -27.74 1.69 30.68
C ILE K 5 -27.79 1.56 32.19
N GLY K 6 -27.34 2.59 32.88
CA GLY K 6 -27.41 2.63 34.33
C GLY K 6 -27.94 3.95 34.82
N ILE K 7 -28.81 3.89 35.82
CA ILE K 7 -29.39 5.08 36.44
C ILE K 7 -29.23 4.97 37.94
N GLN K 8 -28.64 5.98 38.55
CA GLN K 8 -28.39 6.00 39.99
C GLN K 8 -29.34 6.97 40.66
N GLY K 9 -30.02 6.52 41.71
CA GLY K 9 -30.89 7.36 42.48
C GLY K 9 -30.29 7.70 43.82
N PRO K 10 -31.10 8.30 44.71
CA PRO K 10 -30.58 8.63 46.04
C PRO K 10 -30.12 7.43 46.84
N ASP K 11 -30.78 6.27 46.69
CA ASP K 11 -30.42 5.10 47.47
C ASP K 11 -30.50 3.82 46.64
N TYR K 12 -30.30 3.90 45.33
CA TYR K 12 -30.37 2.72 44.48
C TYR K 12 -29.60 2.99 43.20
N VAL K 13 -29.24 1.91 42.52
CA VAL K 13 -28.74 1.96 41.15
C VAL K 13 -29.61 1.04 40.31
N LEU K 14 -30.09 1.55 39.17
CA LEU K 14 -30.90 0.79 38.24
C LEU K 14 -30.11 0.55 36.96
N VAL K 15 -29.99 -0.71 36.55
CA VAL K 15 -29.23 -1.07 35.37
C VAL K 15 -30.10 -1.91 34.45
N ALA K 16 -29.81 -1.84 33.15
CA ALA K 16 -30.51 -2.65 32.17
C ALA K 16 -29.56 -2.95 31.01
N SER K 17 -29.82 -4.05 30.32
CA SER K 17 -29.02 -4.43 29.17
C SER K 17 -29.88 -5.24 28.21
N ASP K 18 -29.48 -5.22 26.93
CA ASP K 18 -30.17 -6.02 25.93
C ASP K 18 -29.78 -7.49 26.07
N ARG K 19 -30.72 -8.35 25.69
CA ARG K 19 -30.56 -9.80 25.85
C ARG K 19 -30.25 -10.50 24.54
N VAL K 20 -29.65 -9.80 23.59
CA VAL K 20 -29.42 -10.33 22.25
C VAL K 20 -27.95 -10.69 22.10
N ALA K 21 -27.69 -11.92 21.67
CA ALA K 21 -26.38 -12.37 21.23
C ALA K 21 -26.45 -12.60 19.73
N ALA K 22 -25.62 -11.89 18.97
CA ALA K 22 -25.73 -11.83 17.53
C ALA K 22 -24.46 -12.33 16.86
N SER K 23 -24.64 -13.14 15.82
CA SER K 23 -23.57 -13.54 14.92
C SER K 23 -24.00 -13.17 13.51
N ASN K 24 -23.10 -12.51 12.77
CA ASN K 24 -23.38 -11.91 11.46
C ASN K 24 -24.73 -11.21 11.45
N ILE K 25 -25.68 -11.67 10.63
CA ILE K 25 -26.97 -11.02 10.50
C ILE K 25 -28.05 -11.74 11.30
N VAL K 26 -27.69 -12.70 12.14
CA VAL K 26 -28.64 -13.57 12.82
C VAL K 26 -28.49 -13.38 14.32
N GLN K 27 -29.64 -13.28 15.00
CA GLN K 27 -29.66 -13.33 16.47
C GLN K 27 -29.64 -14.79 16.89
N MET K 28 -28.56 -15.20 17.58
CA MET K 28 -28.44 -16.58 17.99
C MET K 28 -29.11 -16.84 19.34
N LYS K 29 -29.17 -15.83 20.20
CA LYS K 29 -29.78 -15.95 21.52
C LYS K 29 -30.73 -14.79 21.73
N ASP K 30 -31.91 -15.09 22.27
CA ASP K 30 -32.91 -14.07 22.56
C ASP K 30 -32.92 -13.66 24.03
N ASP K 31 -32.39 -14.49 24.93
CA ASP K 31 -32.33 -14.20 26.36
C ASP K 31 -30.89 -14.43 26.82
N HIS K 32 -30.05 -13.42 26.63
CA HIS K 32 -28.63 -13.51 26.95
C HIS K 32 -28.31 -12.49 28.03
N ASP K 33 -27.85 -12.97 29.18
CA ASP K 33 -27.59 -12.12 30.33
C ASP K 33 -26.18 -11.54 30.23
N LYS K 34 -26.08 -10.22 30.29
CA LYS K 34 -24.80 -9.52 30.20
C LYS K 34 -24.33 -8.99 31.54
N MET K 35 -25.03 -9.31 32.62
CA MET K 35 -24.68 -8.80 33.95
C MET K 35 -23.99 -9.90 34.75
N PHE K 36 -22.87 -9.56 35.36
CA PHE K 36 -22.09 -10.49 36.18
C PHE K 36 -22.16 -10.01 37.62
N LYS K 37 -22.54 -10.91 38.53
CA LYS K 37 -22.68 -10.58 39.94
C LYS K 37 -21.31 -10.68 40.59
N MET K 38 -20.70 -9.51 40.85
CA MET K 38 -19.39 -9.48 41.48
C MET K 38 -19.49 -9.86 42.95
N SER K 39 -20.47 -9.31 43.66
CA SER K 39 -20.65 -9.55 45.08
C SER K 39 -22.12 -9.44 45.41
N GLU K 40 -22.43 -9.43 46.71
CA GLU K 40 -23.83 -9.31 47.13
C GLU K 40 -24.43 -7.96 46.79
N LYS K 41 -23.59 -6.96 46.49
CA LYS K 41 -24.10 -5.62 46.18
C LYS K 41 -23.39 -4.97 45.02
N ILE K 42 -22.72 -5.73 44.15
CA ILE K 42 -21.99 -5.19 43.02
C ILE K 42 -22.39 -5.96 41.76
N LEU K 43 -22.73 -5.22 40.71
CA LEU K 43 -23.05 -5.80 39.40
C LEU K 43 -22.08 -5.25 38.38
N LEU K 44 -21.54 -6.14 37.53
CA LEU K 44 -20.69 -5.74 36.42
C LEU K 44 -21.42 -6.03 35.11
N LEU K 45 -21.52 -5.02 34.26
CA LEU K 45 -22.13 -5.14 32.95
C LEU K 45 -21.04 -4.95 31.90
N CYS K 46 -20.89 -5.92 31.01
CA CYS K 46 -19.77 -5.94 30.07
C CYS K 46 -20.29 -6.17 28.65
N VAL K 47 -19.81 -5.35 27.72
CA VAL K 47 -20.02 -5.54 26.30
C VAL K 47 -18.69 -5.32 25.59
N GLY K 48 -18.61 -5.83 24.37
CA GLY K 48 -17.39 -5.67 23.60
C GLY K 48 -17.18 -6.87 22.69
N GLU K 49 -15.90 -7.15 22.44
CA GLU K 49 -15.53 -8.24 21.54
C GLU K 49 -15.94 -9.58 22.10
N ALA K 50 -16.25 -10.52 21.20
CA ALA K 50 -16.60 -11.86 21.60
C ALA K 50 -15.42 -12.52 22.31
N GLY K 51 -15.72 -13.30 23.35
CA GLY K 51 -14.65 -13.91 24.14
C GLY K 51 -14.02 -13.01 25.17
N ASP K 52 -13.59 -11.82 24.77
CA ASP K 52 -12.96 -10.89 25.71
C ASP K 52 -13.88 -10.57 26.88
N THR K 53 -15.17 -10.35 26.59
CA THR K 53 -16.11 -9.95 27.63
C THR K 53 -16.20 -10.98 28.74
N VAL K 54 -16.45 -12.24 28.36
CA VAL K 54 -16.64 -13.27 29.37
C VAL K 54 -15.34 -13.53 30.13
N GLN K 55 -14.22 -13.62 29.42
CA GLN K 55 -12.95 -13.86 30.08
C GLN K 55 -12.64 -12.79 31.11
N PHE K 56 -12.71 -11.52 30.71
CA PHE K 56 -12.38 -10.43 31.64
C PHE K 56 -13.37 -10.36 32.78
N ALA K 57 -14.67 -10.49 32.50
CA ALA K 57 -15.67 -10.41 33.55
C ALA K 57 -15.51 -11.53 34.56
N GLU K 58 -15.25 -12.75 34.10
CA GLU K 58 -15.09 -13.85 35.02
C GLU K 58 -13.79 -13.77 35.80
N TYR K 59 -12.72 -13.26 35.18
CA TYR K 59 -11.48 -13.04 35.93
C TYR K 59 -11.71 -12.05 37.07
N ILE K 60 -12.39 -10.94 36.78
CA ILE K 60 -12.68 -9.94 37.82
C ILE K 60 -13.59 -10.53 38.88
N GLN K 61 -14.62 -11.28 38.47
CA GLN K 61 -15.54 -11.88 39.42
C GLN K 61 -14.84 -12.84 40.36
N LYS K 62 -13.97 -13.71 39.81
CA LYS K 62 -13.25 -14.65 40.65
C LYS K 62 -12.31 -13.93 41.60
N ASN K 63 -11.67 -12.85 41.14
CA ASN K 63 -10.78 -12.12 42.04
C ASN K 63 -11.55 -11.43 43.16
N VAL K 64 -12.73 -10.89 42.86
CA VAL K 64 -13.53 -10.24 43.90
C VAL K 64 -14.03 -11.26 44.92
N GLN K 65 -14.50 -12.42 44.44
CA GLN K 65 -14.93 -13.47 45.36
C GLN K 65 -13.75 -14.01 46.17
N LEU K 66 -12.56 -14.08 45.57
CA LEU K 66 -11.37 -14.49 46.32
C LEU K 66 -11.05 -13.48 47.42
N TYR K 67 -11.17 -12.18 47.11
CA TYR K 67 -10.98 -11.16 48.14
C TYR K 67 -11.96 -11.37 49.28
N LYS K 68 -13.23 -11.60 48.96
CA LYS K 68 -14.23 -11.80 50.00
C LYS K 68 -13.92 -13.04 50.84
N MET K 69 -13.48 -14.12 50.20
CA MET K 69 -13.15 -15.34 50.94
C MET K 69 -11.92 -15.14 51.82
N ARG K 70 -10.92 -14.42 51.33
CA ARG K 70 -9.67 -14.26 52.07
C ARG K 70 -9.82 -13.32 53.24
N ASN K 71 -10.60 -12.24 53.08
CA ASN K 71 -10.61 -11.19 54.09
C ASN K 71 -11.85 -11.19 54.98
N GLY K 72 -12.90 -11.93 54.60
CA GLY K 72 -14.10 -12.00 55.39
C GLY K 72 -15.12 -10.93 55.11
N TYR K 73 -14.73 -9.86 54.44
CA TYR K 73 -15.65 -8.81 54.02
C TYR K 73 -15.49 -8.60 52.52
N GLU K 74 -16.39 -7.81 51.95
CA GLU K 74 -16.46 -7.61 50.52
C GLU K 74 -15.81 -6.30 50.10
N LEU K 75 -15.36 -6.26 48.85
CA LEU K 75 -14.85 -5.03 48.28
C LEU K 75 -15.96 -4.02 48.11
N SER K 76 -15.65 -2.75 48.38
CA SER K 76 -16.59 -1.68 48.09
C SER K 76 -16.69 -1.49 46.58
N PRO K 77 -17.81 -0.93 46.10
CA PRO K 77 -17.93 -0.68 44.66
C PRO K 77 -16.83 0.21 44.11
N THR K 78 -16.37 1.19 44.87
CA THR K 78 -15.26 2.04 44.43
C THR K 78 -13.99 1.24 44.28
N ALA K 79 -13.66 0.41 45.28
CA ALA K 79 -12.46 -0.40 45.22
C ALA K 79 -12.52 -1.42 44.10
N ALA K 80 -13.70 -2.05 43.91
CA ALA K 80 -13.85 -3.00 42.81
C ALA K 80 -13.71 -2.32 41.46
N ALA K 81 -14.29 -1.14 41.30
CA ALA K 81 -14.14 -0.40 40.04
C ALA K 81 -12.69 -0.03 39.78
N ASN K 82 -11.97 0.40 40.82
CA ASN K 82 -10.57 0.76 40.64
C ASN K 82 -9.72 -0.47 40.32
N PHE K 83 -10.02 -1.60 40.95
CA PHE K 83 -9.32 -2.85 40.64
C PHE K 83 -9.56 -3.26 39.20
N THR K 84 -10.81 -3.16 38.74
CA THR K 84 -11.13 -3.48 37.35
C THR K 84 -10.42 -2.56 36.39
N ARG K 85 -10.39 -1.25 36.70
CA ARG K 85 -9.69 -0.31 35.83
C ARG K 85 -8.20 -0.60 35.79
N ARG K 86 -7.60 -0.92 36.93
CA ARG K 86 -6.18 -1.24 36.97
C ARG K 86 -5.87 -2.47 36.12
N ASN K 87 -6.69 -3.51 36.25
CA ASN K 87 -6.45 -4.72 35.45
C ASN K 87 -6.64 -4.45 33.96
N LEU K 88 -7.68 -3.71 33.59
CA LEU K 88 -7.91 -3.41 32.19
C LEU K 88 -6.78 -2.57 31.61
N ALA K 89 -6.30 -1.57 32.35
CA ALA K 89 -5.19 -0.76 31.90
C ALA K 89 -3.91 -1.59 31.77
N ASP K 90 -3.69 -2.51 32.70
CA ASP K 90 -2.51 -3.38 32.60
C ASP K 90 -2.59 -4.26 31.35
N TYR K 91 -3.78 -4.81 31.06
CA TYR K 91 -3.92 -5.62 29.87
C TYR K 91 -3.92 -4.80 28.58
N LEU K 92 -4.13 -3.49 28.67
CA LEU K 92 -4.25 -2.66 27.47
C LEU K 92 -2.97 -2.70 26.63
N ARG K 93 -1.81 -2.60 27.28
CA ARG K 93 -0.54 -2.59 26.56
C ARG K 93 0.15 -3.95 26.57
N SER K 94 -0.45 -4.96 27.17
CA SER K 94 0.12 -6.30 27.16
C SER K 94 -0.16 -6.98 25.82
N ARG K 95 0.27 -8.23 25.71
CA ARG K 95 0.03 -9.01 24.51
C ARG K 95 -1.41 -9.49 24.37
N THR K 96 -2.20 -9.43 25.44
CA THR K 96 -3.58 -9.92 25.45
C THR K 96 -4.49 -8.78 25.90
N PRO K 97 -4.81 -7.84 25.02
CA PRO K 97 -5.74 -6.77 25.39
C PRO K 97 -7.19 -7.20 25.28
N TYR K 98 -8.02 -6.65 26.16
CA TYR K 98 -9.45 -6.94 26.19
C TYR K 98 -10.20 -5.70 25.69
N HIS K 99 -10.99 -5.89 24.64
CA HIS K 99 -11.85 -4.83 24.12
C HIS K 99 -13.22 -4.98 24.77
N VAL K 100 -13.39 -4.35 25.93
CA VAL K 100 -14.63 -4.47 26.70
C VAL K 100 -15.06 -3.08 27.15
N ASN K 101 -16.36 -2.83 27.11
CA ASN K 101 -16.96 -1.61 27.66
C ASN K 101 -17.78 -2.00 28.88
N LEU K 102 -17.52 -1.34 30.00
CA LEU K 102 -18.00 -1.80 31.30
C LEU K 102 -18.86 -0.75 31.99
N LEU K 103 -19.87 -1.23 32.71
CA LEU K 103 -20.62 -0.45 33.67
C LEU K 103 -20.59 -1.18 34.99
N LEU K 104 -20.12 -0.51 36.04
CA LEU K 104 -20.09 -1.09 37.37
C LEU K 104 -21.14 -0.40 38.22
N ALA K 105 -22.11 -1.17 38.72
CA ALA K 105 -23.14 -0.67 39.60
C ALA K 105 -23.00 -1.34 40.95
N GLY K 106 -23.07 -0.56 42.02
CA GLY K 106 -22.91 -1.11 43.35
C GLY K 106 -23.48 -0.19 44.40
N TYR K 107 -23.79 -0.79 45.55
CA TYR K 107 -24.26 -0.06 46.71
C TYR K 107 -23.31 -0.30 47.87
N ASP K 108 -22.88 0.78 48.51
CA ASP K 108 -22.01 0.70 49.67
C ASP K 108 -22.79 1.07 50.91
N GLU K 109 -22.57 0.33 51.99
CA GLU K 109 -23.28 0.60 53.24
C GLU K 109 -23.02 2.01 53.74
N HIS K 110 -21.82 2.54 53.51
CA HIS K 110 -21.46 3.88 53.95
C HIS K 110 -21.53 4.91 52.82
N GLU K 111 -20.92 4.61 51.67
CA GLU K 111 -20.90 5.57 50.57
C GLU K 111 -22.25 5.68 49.88
N GLY K 112 -23.03 4.60 49.86
CA GLY K 112 -24.31 4.59 49.18
C GLY K 112 -24.21 4.04 47.78
N PRO K 113 -25.21 4.34 46.95
CA PRO K 113 -25.20 3.82 45.57
C PRO K 113 -24.10 4.46 44.74
N ALA K 114 -23.58 3.68 43.79
CA ALA K 114 -22.52 4.15 42.91
C ALA K 114 -22.66 3.48 41.55
N LEU K 115 -22.39 4.25 40.50
CA LEU K 115 -22.37 3.74 39.13
C LEU K 115 -21.13 4.28 38.43
N TYR K 116 -20.37 3.38 37.81
CA TYR K 116 -19.10 3.73 37.19
C TYR K 116 -19.12 3.40 35.71
N TYR K 117 -18.45 4.23 34.93
CA TYR K 117 -18.36 4.09 33.48
C TYR K 117 -16.92 3.81 33.10
N MET K 118 -16.70 2.77 32.31
CA MET K 118 -15.36 2.44 31.82
C MET K 118 -15.43 2.10 30.34
N ASP K 119 -14.57 2.73 29.56
CA ASP K 119 -14.46 2.43 28.15
C ASP K 119 -13.39 1.34 27.93
N TYR K 120 -13.22 0.94 26.67
CA TYR K 120 -12.26 -0.11 26.37
C TYR K 120 -10.82 0.32 26.63
N LEU K 121 -10.56 1.63 26.72
CA LEU K 121 -9.23 2.13 27.04
C LEU K 121 -8.95 2.16 28.53
N ALA K 122 -9.93 1.78 29.36
CA ALA K 122 -9.80 1.69 30.82
C ALA K 122 -9.68 3.07 31.47
N ALA K 123 -10.53 4.00 31.04
CA ALA K 123 -10.70 5.28 31.73
C ALA K 123 -11.97 5.19 32.57
N LEU K 124 -11.84 5.42 33.87
CA LEU K 124 -12.93 5.23 34.82
C LEU K 124 -13.56 6.57 35.19
N ALA K 125 -14.88 6.65 35.08
CA ALA K 125 -15.61 7.86 35.39
C ALA K 125 -16.84 7.51 36.21
N LYS K 126 -17.05 8.24 37.31
CA LYS K 126 -18.25 8.12 38.11
C LYS K 126 -19.33 9.02 37.52
N ALA K 127 -20.52 8.45 37.31
CA ALA K 127 -21.60 9.16 36.64
C ALA K 127 -22.91 8.95 37.38
N PRO K 128 -23.82 9.93 37.33
CA PRO K 128 -25.18 9.68 37.82
C PRO K 128 -25.97 8.78 36.91
N PHE K 129 -25.71 8.82 35.61
CA PHE K 129 -26.26 7.87 34.65
C PHE K 129 -25.25 7.72 33.52
N ALA K 130 -25.29 6.56 32.87
CA ALA K 130 -24.37 6.28 31.78
C ALA K 130 -24.99 5.23 30.88
N ALA K 131 -24.44 5.13 29.67
CA ALA K 131 -24.93 4.16 28.70
C ALA K 131 -23.77 3.74 27.80
N HIS K 132 -23.92 2.56 27.20
CA HIS K 132 -22.90 2.00 26.30
C HIS K 132 -23.57 1.52 25.02
N GLY K 133 -22.83 1.62 23.92
CA GLY K 133 -23.29 1.15 22.63
C GLY K 133 -23.73 2.29 21.73
N TYR K 134 -24.20 1.89 20.54
CA TYR K 134 -24.74 2.88 19.61
C TYR K 134 -26.06 3.45 20.11
N GLY K 135 -26.81 2.69 20.90
CA GLY K 135 -28.04 3.19 21.48
C GLY K 135 -27.84 4.24 22.55
N ALA K 136 -26.60 4.41 23.03
CA ALA K 136 -26.32 5.46 24.00
C ALA K 136 -26.54 6.85 23.39
N PHE K 137 -26.23 7.00 22.11
CA PHE K 137 -26.42 8.29 21.44
C PHE K 137 -27.88 8.71 21.45
N LEU K 138 -28.80 7.76 21.26
CA LEU K 138 -30.22 8.06 21.17
C LEU K 138 -30.91 8.19 22.52
N THR K 139 -30.26 7.79 23.62
CA THR K 139 -30.90 7.80 24.93
C THR K 139 -30.23 8.70 25.95
N LEU K 140 -28.97 9.08 25.76
CA LEU K 140 -28.31 9.95 26.71
C LEU K 140 -28.94 11.34 26.72
N SER K 141 -29.47 11.79 25.59
CA SER K 141 -30.19 13.07 25.57
C SER K 141 -31.47 13.00 26.38
N ILE K 142 -32.21 11.90 26.28
CA ILE K 142 -33.41 11.72 27.10
C ILE K 142 -33.04 11.69 28.57
N LEU K 143 -31.97 10.97 28.92
CA LEU K 143 -31.53 10.93 30.30
C LEU K 143 -31.15 12.32 30.80
N ASP K 144 -30.43 13.09 29.99
CA ASP K 144 -30.09 14.45 30.37
C ASP K 144 -31.33 15.31 30.55
N ARG K 145 -32.33 15.12 29.69
CA ARG K 145 -33.53 15.94 29.74
C ARG K 145 -34.38 15.64 30.97
N TYR K 146 -34.53 14.37 31.33
CA TYR K 146 -35.52 13.98 32.33
C TYR K 146 -34.96 13.56 33.68
N TYR K 147 -33.68 13.25 33.78
CA TYR K 147 -33.13 12.78 35.04
C TYR K 147 -33.02 13.91 36.06
N THR K 148 -33.32 13.58 37.32
CA THR K 148 -33.09 14.44 38.47
C THR K 148 -32.40 13.61 39.54
N PRO K 149 -31.54 14.24 40.36
CA PRO K 149 -30.82 13.48 41.39
C PRO K 149 -31.71 12.83 42.43
N THR K 150 -32.94 13.30 42.61
CA THR K 150 -33.85 12.77 43.60
C THR K 150 -34.90 11.84 43.00
N ILE K 151 -34.63 11.27 41.84
CA ILE K 151 -35.61 10.44 41.14
C ILE K 151 -35.85 9.16 41.92
N SER K 152 -37.12 8.80 42.09
CA SER K 152 -37.49 7.56 42.74
C SER K 152 -37.34 6.38 41.79
N ARG K 153 -37.31 5.18 42.36
CA ARG K 153 -37.10 3.99 41.53
C ARG K 153 -38.25 3.76 40.57
N GLU K 154 -39.47 4.16 40.93
CA GLU K 154 -40.60 4.06 40.01
C GLU K 154 -40.40 5.00 38.83
N LYS K 155 -40.08 6.26 39.10
CA LYS K 155 -39.80 7.20 38.01
C LYS K 155 -38.53 6.82 37.27
N ALA K 156 -37.57 6.19 37.94
CA ALA K 156 -36.39 5.70 37.25
C ALA K 156 -36.74 4.60 36.25
N VAL K 157 -37.63 3.68 36.65
CA VAL K 157 -38.08 2.64 35.73
C VAL K 157 -38.85 3.27 34.57
N GLU K 158 -39.64 4.30 34.86
CA GLU K 158 -40.37 5.00 33.79
C GLU K 158 -39.40 5.65 32.79
N LEU K 159 -38.35 6.30 33.30
CA LEU K 159 -37.37 6.94 32.43
C LEU K 159 -36.61 5.90 31.60
N LEU K 160 -36.27 4.77 32.23
CA LEU K 160 -35.63 3.68 31.49
C LEU K 160 -36.55 3.16 30.39
N ARG K 161 -37.85 3.03 30.70
CA ARG K 161 -38.81 2.61 29.69
C ARG K 161 -38.90 3.62 28.54
N LYS K 162 -38.83 4.91 28.86
CA LYS K 162 -38.82 5.93 27.82
C LYS K 162 -37.60 5.77 26.90
N CYS K 163 -36.43 5.55 27.51
CA CYS K 163 -35.22 5.35 26.71
C CYS K 163 -35.34 4.12 25.82
N LEU K 164 -35.88 3.02 26.37
CA LEU K 164 -36.02 1.80 25.58
C LEU K 164 -37.07 1.95 24.49
N GLU K 165 -38.12 2.73 24.73
CA GLU K 165 -39.09 3.01 23.68
C GLU K 165 -38.47 3.83 22.55
N GLU K 166 -37.62 4.79 22.91
CA GLU K 166 -36.88 5.52 21.87
C GLU K 166 -35.98 4.59 21.08
N LEU K 167 -35.33 3.64 21.77
CA LEU K 167 -34.52 2.65 21.07
C LEU K 167 -35.36 1.82 20.12
N GLN K 168 -36.56 1.44 20.55
CA GLN K 168 -37.46 0.71 19.66
C GLN K 168 -37.83 1.52 18.44
N LYS K 169 -38.11 2.81 18.63
CA LYS K 169 -38.60 3.64 17.53
C LYS K 169 -37.49 3.95 16.53
N ARG K 170 -36.31 4.35 17.00
CA ARG K 170 -35.33 4.98 16.13
C ARG K 170 -34.11 4.13 15.82
N PHE K 171 -33.74 3.19 16.68
CA PHE K 171 -32.55 2.39 16.43
C PHE K 171 -32.80 1.43 15.27
N ILE K 172 -31.78 1.24 14.44
CA ILE K 172 -31.91 0.33 13.30
C ILE K 172 -31.77 -1.12 13.71
N LEU K 173 -31.25 -1.39 14.90
CA LEU K 173 -31.05 -2.76 15.36
C LEU K 173 -32.28 -3.27 16.09
N ASN K 174 -32.47 -4.58 16.06
CA ASN K 174 -33.61 -5.22 16.70
C ASN K 174 -33.21 -5.60 18.13
N LEU K 175 -33.69 -4.81 19.10
CA LEU K 175 -33.40 -5.02 20.50
C LEU K 175 -34.74 -5.10 21.23
N PRO K 176 -35.38 -6.26 21.20
CA PRO K 176 -36.78 -6.34 21.65
C PRO K 176 -36.96 -6.50 23.15
N THR K 177 -35.99 -7.09 23.84
CA THR K 177 -36.14 -7.40 25.26
C THR K 177 -34.90 -6.93 26.03
N PHE K 178 -35.14 -6.53 27.28
CA PHE K 178 -34.08 -6.03 28.15
C PHE K 178 -34.23 -6.61 29.54
N SER K 179 -33.12 -7.00 30.14
CA SER K 179 -33.10 -7.44 31.53
C SER K 179 -32.82 -6.24 32.44
N VAL K 180 -33.59 -6.14 33.52
CA VAL K 180 -33.57 -4.99 34.40
C VAL K 180 -33.27 -5.47 35.82
N ARG K 181 -32.29 -4.84 36.47
CA ARG K 181 -31.93 -5.16 37.84
C ARG K 181 -31.71 -3.88 38.62
N ILE K 182 -31.91 -3.94 39.93
CA ILE K 182 -31.77 -2.79 40.81
C ILE K 182 -30.95 -3.22 42.03
N ILE K 183 -30.06 -2.33 42.47
CA ILE K 183 -29.19 -2.58 43.62
C ILE K 183 -29.49 -1.53 44.68
N ASP K 184 -29.79 -1.98 45.89
CA ASP K 184 -29.99 -1.09 47.03
C ASP K 184 -29.37 -1.74 48.25
N ARG K 185 -29.73 -1.23 49.44
CA ARG K 185 -29.15 -1.75 50.68
C ARG K 185 -29.50 -3.22 50.92
N ASN K 186 -30.54 -3.73 50.27
CA ASN K 186 -30.94 -5.11 50.44
C ASN K 186 -30.34 -6.06 49.40
N GLY K 187 -29.48 -5.56 48.53
CA GLY K 187 -28.83 -6.37 47.53
C GLY K 187 -29.33 -6.11 46.13
N ILE K 188 -29.13 -7.10 45.27
CA ILE K 188 -29.52 -7.04 43.87
C ILE K 188 -30.89 -7.70 43.71
N HIS K 189 -31.84 -6.97 43.15
CA HIS K 189 -33.18 -7.48 42.90
C HIS K 189 -33.43 -7.51 41.40
N ASP K 190 -33.88 -8.64 40.90
CA ASP K 190 -34.23 -8.78 39.49
C ASP K 190 -35.64 -8.28 39.26
N LEU K 191 -35.77 -7.24 38.44
CA LEU K 191 -37.08 -6.72 38.09
C LEU K 191 -37.60 -7.41 36.84
N ASP K 192 -38.85 -7.12 36.49
CA ASP K 192 -39.46 -7.71 35.32
C ASP K 192 -38.73 -7.27 34.05
N ASN K 193 -38.55 -8.20 33.13
CA ASN K 193 -37.96 -7.86 31.83
C ASN K 193 -38.83 -6.85 31.11
N ILE K 194 -38.18 -5.86 30.51
CA ILE K 194 -38.88 -4.90 29.65
C ILE K 194 -38.77 -5.41 28.21
N SER K 195 -39.91 -5.76 27.62
CA SER K 195 -39.94 -6.38 26.32
C SER K 195 -40.92 -5.63 25.41
N PHE K 196 -40.67 -5.72 24.11
CA PHE K 196 -41.47 -5.03 23.09
C PHE K 196 -41.88 -6.06 22.04
N PRO K 197 -42.90 -6.87 22.32
CA PRO K 197 -43.36 -7.90 21.38
C PRO K 197 -44.14 -7.31 20.20
N THR L 60 -21.12 -25.82 4.48
CA THR L 60 -21.36 -26.57 5.71
C THR L 60 -22.62 -26.08 6.39
N THR L 61 -23.48 -27.01 6.80
CA THR L 61 -24.64 -26.70 7.62
C THR L 61 -24.73 -27.72 8.75
N THR L 62 -24.63 -27.23 9.98
CA THR L 62 -24.83 -28.05 11.17
C THR L 62 -25.90 -27.38 12.02
N LEU L 63 -26.82 -28.18 12.57
CA LEU L 63 -27.85 -27.65 13.45
C LEU L 63 -28.02 -28.58 14.63
N ALA L 64 -28.49 -28.00 15.74
CA ALA L 64 -28.82 -28.76 16.93
C ALA L 64 -29.90 -28.02 17.69
N PHE L 65 -30.88 -28.77 18.20
CA PHE L 65 -31.94 -28.16 19.00
C PHE L 65 -32.33 -29.12 20.12
N LYS L 66 -32.78 -28.53 21.23
CA LYS L 66 -33.24 -29.29 22.39
C LYS L 66 -34.76 -29.41 22.35
N PHE L 67 -35.25 -30.59 22.70
CA PHE L 67 -36.69 -30.81 22.84
C PHE L 67 -36.89 -31.79 23.99
N ARG L 68 -38.14 -32.23 24.17
CA ARG L 68 -38.49 -33.00 25.37
C ARG L 68 -37.78 -34.35 25.43
N HIS L 69 -37.27 -34.86 24.32
CA HIS L 69 -36.63 -36.17 24.29
C HIS L 69 -35.13 -36.10 24.03
N GLY L 70 -34.51 -34.95 24.28
CA GLY L 70 -33.07 -34.82 24.19
C GLY L 70 -32.65 -33.75 23.21
N VAL L 71 -31.50 -33.99 22.58
CA VAL L 71 -30.91 -33.05 21.62
C VAL L 71 -30.78 -33.75 20.28
N ILE L 72 -31.24 -33.09 19.23
CA ILE L 72 -31.13 -33.59 17.86
C ILE L 72 -30.00 -32.84 17.18
N VAL L 73 -29.03 -33.58 16.64
CA VAL L 73 -27.88 -32.99 15.96
C VAL L 73 -27.88 -33.49 14.52
N ALA L 74 -27.78 -32.56 13.58
CA ALA L 74 -27.77 -32.88 12.16
C ALA L 74 -26.70 -32.05 11.46
N ALA L 75 -26.17 -32.60 10.37
CA ALA L 75 -25.12 -31.93 9.63
C ALA L 75 -25.12 -32.45 8.20
N ASP L 76 -24.46 -31.68 7.32
CA ASP L 76 -24.18 -32.12 5.96
C ASP L 76 -22.81 -32.79 5.92
N SER L 77 -22.33 -33.13 4.73
CA SER L 77 -21.06 -33.86 4.64
C SER L 77 -20.16 -33.36 3.53
N ARG L 78 -20.37 -32.16 3.01
CA ARG L 78 -19.60 -31.64 1.89
C ARG L 78 -18.44 -30.79 2.40
N ALA L 79 -17.25 -31.10 1.92
CA ALA L 79 -16.06 -30.28 2.18
C ALA L 79 -15.58 -29.70 0.87
N THR L 80 -15.34 -28.39 0.85
CA THR L 80 -14.97 -27.68 -0.36
C THR L 80 -13.59 -27.05 -0.21
N ALA L 81 -12.85 -27.02 -1.30
CA ALA L 81 -11.58 -26.31 -1.40
C ALA L 81 -11.74 -25.28 -2.51
N GLY L 82 -11.98 -24.03 -2.12
CA GLY L 82 -12.33 -23.03 -3.11
C GLY L 82 -13.69 -23.35 -3.70
N ALA L 83 -13.73 -23.44 -5.03
CA ALA L 83 -14.93 -23.84 -5.75
C ALA L 83 -14.94 -25.32 -6.11
N TYR L 84 -14.06 -26.11 -5.51
CA TYR L 84 -13.90 -27.53 -5.83
C TYR L 84 -14.36 -28.35 -4.63
N ILE L 85 -15.17 -29.38 -4.89
CA ILE L 85 -15.69 -30.24 -3.84
C ILE L 85 -14.64 -31.32 -3.56
N ALA L 86 -13.96 -31.21 -2.42
CA ALA L 86 -12.91 -32.17 -2.08
C ALA L 86 -13.50 -33.49 -1.59
N SER L 87 -14.62 -33.44 -0.88
CA SER L 87 -15.20 -34.65 -0.31
C SER L 87 -16.68 -34.44 -0.06
N GLN L 88 -17.47 -35.48 -0.31
CA GLN L 88 -18.90 -35.47 -0.04
C GLN L 88 -19.28 -36.41 1.09
N THR L 89 -18.31 -36.95 1.83
CA THR L 89 -18.54 -37.95 2.86
C THR L 89 -17.76 -37.60 4.12
N VAL L 90 -17.85 -36.35 4.55
CA VAL L 90 -17.16 -35.88 5.74
C VAL L 90 -18.07 -36.05 6.95
N LYS L 91 -17.53 -36.65 8.00
CA LYS L 91 -18.27 -36.84 9.25
C LYS L 91 -18.16 -35.55 10.05
N LYS L 92 -19.13 -34.67 9.88
CA LYS L 92 -19.11 -33.36 10.52
C LYS L 92 -19.67 -33.38 11.93
N VAL L 93 -20.19 -34.52 12.39
CA VAL L 93 -20.59 -34.69 13.76
C VAL L 93 -19.53 -35.56 14.43
N ILE L 94 -18.85 -34.99 15.42
CA ILE L 94 -17.71 -35.64 16.07
C ILE L 94 -18.21 -36.34 17.32
N GLU L 95 -18.04 -37.65 17.38
CA GLU L 95 -18.38 -38.43 18.56
C GLU L 95 -17.25 -38.29 19.56
N ILE L 96 -17.33 -37.27 20.41
CA ILE L 96 -16.30 -37.04 21.41
C ILE L 96 -16.27 -38.17 22.42
N ASN L 97 -17.43 -38.54 22.95
CA ASN L 97 -17.58 -39.54 23.99
C ASN L 97 -18.87 -40.32 23.74
N PRO L 98 -19.13 -41.39 24.48
CA PRO L 98 -20.46 -42.02 24.42
C PRO L 98 -21.57 -41.13 24.95
N TYR L 99 -21.25 -39.94 25.46
CA TYR L 99 -22.24 -39.03 26.01
C TYR L 99 -22.10 -37.61 25.51
N LEU L 100 -21.07 -37.30 24.72
CA LEU L 100 -20.81 -35.95 24.25
C LEU L 100 -20.63 -35.96 22.74
N LEU L 101 -21.22 -34.96 22.07
CA LEU L 101 -21.12 -34.81 20.64
C LEU L 101 -20.62 -33.42 20.29
N GLY L 102 -19.91 -33.32 19.16
CA GLY L 102 -19.46 -32.05 18.65
C GLY L 102 -19.70 -31.97 17.16
N THR L 103 -19.67 -30.73 16.65
CA THR L 103 -19.94 -30.47 15.25
C THR L 103 -18.75 -29.75 14.61
N MET L 104 -18.61 -29.96 13.30
CA MET L 104 -17.53 -29.36 12.53
C MET L 104 -18.09 -28.25 11.64
N ALA L 105 -17.52 -27.06 11.77
CA ALA L 105 -17.82 -25.95 10.87
C ALA L 105 -16.63 -25.01 10.87
N GLY L 106 -16.16 -24.66 9.67
CA GLY L 106 -14.94 -23.89 9.55
C GLY L 106 -13.81 -24.76 9.07
N GLY L 107 -12.67 -24.71 9.75
CA GLY L 107 -11.56 -25.58 9.41
C GLY L 107 -11.78 -26.99 9.92
N ALA L 108 -11.77 -27.96 9.01
CA ALA L 108 -11.95 -29.36 9.41
C ALA L 108 -10.81 -29.82 10.32
N ALA L 109 -9.58 -29.48 9.96
CA ALA L 109 -8.44 -29.88 10.80
C ALA L 109 -8.50 -29.21 12.16
N ASP L 110 -8.84 -27.92 12.20
CA ASP L 110 -8.92 -27.21 13.47
C ASP L 110 -9.97 -27.84 14.39
N CYS L 111 -11.19 -28.03 13.87
CA CYS L 111 -12.26 -28.58 14.67
C CYS L 111 -11.91 -30.00 15.14
N SER L 112 -11.42 -30.83 14.22
CA SER L 112 -11.10 -32.21 14.58
C SER L 112 -10.01 -32.27 15.64
N PHE L 113 -8.94 -31.49 15.46
CA PHE L 113 -7.83 -31.52 16.42
C PHE L 113 -8.27 -31.02 17.79
N TRP L 114 -8.99 -29.90 17.84
CA TRP L 114 -9.31 -29.33 19.14
C TRP L 114 -10.41 -30.12 19.85
N GLU L 115 -11.33 -30.74 19.10
CA GLU L 115 -12.31 -31.60 19.75
C GLU L 115 -11.71 -32.93 20.16
N ARG L 116 -10.67 -33.42 19.47
CA ARG L 116 -9.94 -34.59 19.96
C ARG L 116 -9.19 -34.25 21.25
N LEU L 117 -8.60 -33.07 21.32
CA LEU L 117 -7.98 -32.62 22.56
C LEU L 117 -9.02 -32.51 23.68
N LEU L 118 -10.21 -32.02 23.35
CA LEU L 118 -11.29 -31.97 24.33
C LEU L 118 -11.68 -33.38 24.79
N ALA L 119 -11.73 -34.34 23.87
CA ALA L 119 -12.03 -35.71 24.26
C ALA L 119 -10.98 -36.27 25.21
N ARG L 120 -9.71 -36.00 24.92
CA ARG L 120 -8.63 -36.42 25.82
C ARG L 120 -8.80 -35.79 27.20
N GLN L 121 -9.11 -34.50 27.23
CA GLN L 121 -9.29 -33.81 28.50
C GLN L 121 -10.47 -34.38 29.29
N CYS L 122 -11.57 -34.68 28.59
CA CYS L 122 -12.73 -35.25 29.27
C CYS L 122 -12.44 -36.64 29.82
N ARG L 123 -11.69 -37.46 29.07
CA ARG L 123 -11.32 -38.78 29.58
C ARG L 123 -10.42 -38.65 30.80
N ILE L 124 -9.47 -37.72 30.78
CA ILE L 124 -8.61 -37.50 31.94
C ILE L 124 -9.45 -37.03 33.13
N TYR L 125 -10.40 -36.14 32.88
CA TYR L 125 -11.27 -35.66 33.95
C TYR L 125 -12.09 -36.79 34.55
N GLU L 126 -12.63 -37.67 33.71
CA GLU L 126 -13.40 -38.81 34.23
C GLU L 126 -12.51 -39.74 35.03
N LEU L 127 -11.28 -39.98 34.58
CA LEU L 127 -10.37 -40.84 35.33
C LEU L 127 -10.01 -40.23 36.68
N ARG L 128 -9.76 -38.92 36.72
CA ARG L 128 -9.34 -38.28 37.96
C ARG L 128 -10.49 -38.17 38.95
N ASN L 129 -11.66 -37.73 38.49
CA ASN L 129 -12.78 -37.43 39.37
C ASN L 129 -13.75 -38.59 39.53
N LYS L 130 -13.59 -39.67 38.76
CA LYS L 130 -14.51 -40.81 38.78
C LYS L 130 -15.95 -40.36 38.53
N GLU L 131 -16.11 -39.41 37.61
CA GLU L 131 -17.42 -38.91 37.23
C GLU L 131 -17.29 -38.21 35.88
N ARG L 132 -18.29 -38.39 35.03
CA ARG L 132 -18.25 -37.82 33.70
C ARG L 132 -18.32 -36.29 33.76
N ILE L 133 -17.58 -35.64 32.86
CA ILE L 133 -17.62 -34.19 32.77
C ILE L 133 -19.01 -33.74 32.32
N SER L 134 -19.37 -32.51 32.66
CA SER L 134 -20.65 -31.95 32.25
C SER L 134 -20.51 -31.22 30.91
N VAL L 135 -21.65 -30.93 30.30
CA VAL L 135 -21.65 -30.24 29.02
C VAL L 135 -21.11 -28.83 29.16
N ALA L 136 -21.52 -28.13 30.24
CA ALA L 136 -21.02 -26.78 30.48
C ALA L 136 -19.52 -26.78 30.70
N ALA L 137 -19.01 -27.73 31.48
CA ALA L 137 -17.58 -27.80 31.74
C ALA L 137 -16.79 -28.12 30.48
N ALA L 138 -17.31 -29.05 29.65
CA ALA L 138 -16.62 -29.38 28.39
C ALA L 138 -16.59 -28.19 27.45
N SER L 139 -17.72 -27.47 27.32
CA SER L 139 -17.75 -26.29 26.46
C SER L 139 -16.82 -25.20 26.98
N LYS L 140 -16.77 -25.01 28.30
CA LYS L 140 -15.85 -24.02 28.87
C LYS L 140 -14.41 -24.41 28.62
N LEU L 141 -14.09 -25.70 28.75
CA LEU L 141 -12.74 -26.18 28.48
C LEU L 141 -12.35 -25.92 27.03
N LEU L 142 -13.26 -26.22 26.09
CA LEU L 142 -12.97 -25.98 24.68
C LEU L 142 -12.80 -24.49 24.40
N ALA L 143 -13.67 -23.66 24.98
CA ALA L 143 -13.58 -22.22 24.77
C ALA L 143 -12.26 -21.66 25.30
N ASN L 144 -11.84 -22.10 26.49
CA ASN L 144 -10.57 -21.65 27.04
C ASN L 144 -9.40 -22.15 26.21
N MET L 145 -9.50 -23.36 25.67
CA MET L 145 -8.45 -23.89 24.80
C MET L 145 -8.31 -23.03 23.55
N VAL L 146 -9.43 -22.68 22.92
CA VAL L 146 -9.36 -21.96 21.64
C VAL L 146 -9.14 -20.48 21.82
N TYR L 147 -9.41 -19.92 22.99
CA TYR L 147 -9.19 -18.49 23.21
C TYR L 147 -7.71 -18.12 23.23
N GLN L 148 -6.83 -19.08 23.55
CA GLN L 148 -5.41 -18.79 23.59
C GLN L 148 -4.82 -18.52 22.21
N TYR L 149 -5.48 -18.98 21.15
CA TYR L 149 -5.02 -18.77 19.78
C TYR L 149 -5.91 -17.79 19.03
N LYS L 150 -6.65 -16.94 19.74
CA LYS L 150 -7.52 -15.97 19.10
C LYS L 150 -6.69 -14.98 18.28
N GLY L 151 -7.14 -14.74 17.05
CA GLY L 151 -6.44 -13.85 16.15
C GLY L 151 -5.33 -14.48 15.34
N MET L 152 -5.02 -15.75 15.57
CA MET L 152 -3.96 -16.43 14.85
C MET L 152 -4.44 -17.15 13.59
N GLY L 153 -5.75 -17.16 13.35
CA GLY L 153 -6.29 -17.72 12.12
C GLY L 153 -7.13 -18.97 12.27
N LEU L 154 -7.35 -19.45 13.49
CA LEU L 154 -8.22 -20.61 13.68
C LEU L 154 -9.66 -20.24 13.36
N SER L 155 -10.32 -21.10 12.59
CA SER L 155 -11.73 -20.89 12.20
C SER L 155 -12.51 -22.13 12.61
N MET L 156 -13.17 -22.06 13.76
CA MET L 156 -13.97 -23.17 14.27
C MET L 156 -15.32 -22.66 14.74
N GLY L 157 -16.39 -23.33 14.32
CA GLY L 157 -17.69 -23.13 14.92
C GLY L 157 -18.28 -24.49 15.27
N THR L 158 -18.48 -24.74 16.55
CA THR L 158 -18.86 -26.07 17.00
C THR L 158 -19.99 -25.98 18.02
N MET L 159 -20.76 -27.05 18.10
CA MET L 159 -21.81 -27.21 19.10
C MET L 159 -21.47 -28.41 19.97
N ILE L 160 -21.46 -28.21 21.29
CA ILE L 160 -21.21 -29.27 22.24
C ILE L 160 -22.56 -29.71 22.81
N CYS L 161 -22.93 -30.95 22.55
CA CYS L 161 -24.24 -31.47 22.91
C CYS L 161 -24.09 -32.70 23.77
N GLY L 162 -24.92 -32.81 24.80
CA GLY L 162 -24.87 -33.96 25.68
C GLY L 162 -25.98 -33.89 26.71
N TRP L 163 -26.00 -34.91 27.56
CA TRP L 163 -26.95 -34.99 28.66
C TRP L 163 -26.17 -35.20 29.95
N ASP L 164 -26.46 -34.39 30.96
CA ASP L 164 -25.75 -34.47 32.23
C ASP L 164 -26.77 -34.28 33.35
N LYS L 165 -26.25 -34.01 34.56
CA LYS L 165 -27.10 -33.88 35.73
C LYS L 165 -28.12 -32.77 35.60
N ARG L 166 -27.87 -31.78 34.74
CA ARG L 166 -28.79 -30.67 34.54
C ARG L 166 -29.77 -30.91 33.40
N GLY L 167 -29.71 -32.07 32.76
CA GLY L 167 -30.58 -32.37 31.64
C GLY L 167 -29.86 -32.23 30.33
N PRO L 168 -30.60 -32.12 29.23
CA PRO L 168 -29.97 -31.91 27.93
C PRO L 168 -29.19 -30.60 27.90
N GLY L 169 -28.02 -30.65 27.27
CA GLY L 169 -27.17 -29.48 27.18
C GLY L 169 -26.79 -29.19 25.74
N LEU L 170 -26.68 -27.91 25.43
CA LEU L 170 -26.37 -27.48 24.06
C LEU L 170 -25.69 -26.12 24.12
N TYR L 171 -24.40 -26.09 23.79
CA TYR L 171 -23.60 -24.88 23.80
C TYR L 171 -22.99 -24.65 22.44
N TYR L 172 -22.95 -23.39 22.00
CA TYR L 172 -22.28 -23.01 20.78
C TYR L 172 -20.94 -22.35 21.15
N VAL L 173 -19.85 -22.90 20.61
CA VAL L 173 -18.51 -22.41 20.88
C VAL L 173 -17.83 -22.14 19.55
N ASP L 174 -17.28 -20.94 19.39
CA ASP L 174 -16.55 -20.57 18.18
C ASP L 174 -15.13 -20.13 18.54
N SER L 175 -14.29 -20.07 17.50
CA SER L 175 -12.90 -19.69 17.71
C SER L 175 -12.74 -18.23 18.09
N GLU L 176 -13.76 -17.40 17.85
CA GLU L 176 -13.71 -16.00 18.27
C GLU L 176 -13.83 -15.85 19.78
N GLY L 177 -14.31 -16.86 20.47
CA GLY L 177 -14.44 -16.81 21.93
C GLY L 177 -15.87 -16.87 22.43
N ASN L 178 -16.87 -16.98 21.56
CA ASN L 178 -18.25 -17.06 22.02
C ASN L 178 -18.53 -18.41 22.65
N ARG L 179 -19.35 -18.40 23.69
CA ARG L 179 -19.81 -19.63 24.33
C ARG L 179 -21.18 -19.33 24.95
N ILE L 180 -22.23 -19.76 24.27
CA ILE L 180 -23.60 -19.44 24.68
C ILE L 180 -24.41 -20.73 24.72
N SER L 181 -25.14 -20.93 25.81
CA SER L 181 -26.12 -22.00 25.88
C SER L 181 -27.43 -21.55 25.23
N GLY L 182 -28.10 -22.48 24.56
CA GLY L 182 -29.33 -22.13 23.90
C GLY L 182 -30.16 -23.35 23.60
N ALA L 183 -31.36 -23.11 23.06
CA ALA L 183 -32.27 -24.18 22.71
C ALA L 183 -32.01 -24.72 21.31
N THR L 184 -31.90 -23.83 20.33
CA THR L 184 -31.64 -24.21 18.94
C THR L 184 -30.45 -23.41 18.42
N PHE L 185 -29.57 -24.09 17.69
CA PHE L 185 -28.41 -23.45 17.08
C PHE L 185 -28.24 -23.95 15.66
N SER L 186 -27.63 -23.12 14.83
CA SER L 186 -27.29 -23.50 13.46
C SER L 186 -25.98 -22.80 13.10
N VAL L 187 -25.02 -23.58 12.63
CA VAL L 187 -23.68 -23.07 12.31
C VAL L 187 -23.32 -23.49 10.89
N GLY L 188 -22.61 -22.62 10.19
CA GLY L 188 -22.11 -22.90 8.86
C GLY L 188 -22.55 -21.85 7.88
N SER L 189 -22.10 -22.03 6.63
CA SER L 189 -22.46 -21.10 5.57
C SER L 189 -23.91 -21.23 5.15
N GLY L 190 -24.54 -22.38 5.38
CA GLY L 190 -25.94 -22.57 5.05
C GLY L 190 -26.84 -22.46 6.26
N SER L 191 -26.31 -21.90 7.34
CA SER L 191 -27.04 -21.85 8.61
C SER L 191 -28.27 -20.93 8.55
N VAL L 192 -28.32 -19.98 7.63
CA VAL L 192 -29.46 -19.08 7.57
C VAL L 192 -30.70 -19.80 7.08
N TYR L 193 -30.56 -20.62 6.03
CA TYR L 193 -31.69 -21.39 5.51
C TYR L 193 -32.16 -22.42 6.52
N ALA L 194 -31.23 -23.11 7.17
CA ALA L 194 -31.59 -24.06 8.20
C ALA L 194 -32.27 -23.36 9.37
N TYR L 195 -31.80 -22.17 9.72
CA TYR L 195 -32.44 -21.39 10.77
C TYR L 195 -33.89 -21.08 10.41
N GLY L 196 -34.12 -20.62 9.18
CA GLY L 196 -35.48 -20.31 8.77
C GLY L 196 -36.41 -21.51 8.84
N VAL L 197 -35.96 -22.63 8.28
CA VAL L 197 -36.82 -23.82 8.24
C VAL L 197 -37.06 -24.35 9.65
N MET L 198 -35.99 -24.46 10.45
CA MET L 198 -36.11 -24.98 11.80
C MET L 198 -37.02 -24.10 12.64
N ASP L 199 -36.86 -22.78 12.56
CA ASP L 199 -37.71 -21.88 13.34
C ASP L 199 -39.16 -21.97 12.90
N ARG L 200 -39.41 -22.13 11.60
CA ARG L 200 -40.79 -22.34 11.16
C ARG L 200 -41.36 -23.64 11.71
N GLY L 201 -40.53 -24.67 11.88
CA GLY L 201 -41.04 -25.96 12.29
C GLY L 201 -40.76 -26.41 13.72
N TYR L 202 -40.06 -25.61 14.51
CA TYR L 202 -39.60 -26.04 15.83
C TYR L 202 -40.68 -25.91 16.89
N SER L 203 -40.66 -26.84 17.84
CA SER L 203 -41.43 -26.76 19.07
C SER L 203 -40.79 -27.68 20.10
N TYR L 204 -40.79 -27.25 21.36
CA TYR L 204 -40.22 -28.08 22.41
C TYR L 204 -40.99 -29.38 22.61
N ASP L 205 -42.26 -29.41 22.24
CA ASP L 205 -43.11 -30.59 22.41
C ASP L 205 -43.12 -31.50 21.19
N LEU L 206 -42.11 -31.41 20.33
CA LEU L 206 -42.05 -32.24 19.15
C LEU L 206 -41.87 -33.72 19.52
N GLU L 207 -42.46 -34.58 18.70
CA GLU L 207 -42.21 -36.01 18.81
C GLU L 207 -40.86 -36.36 18.18
N VAL L 208 -40.37 -37.54 18.51
CA VAL L 208 -39.02 -37.93 18.09
C VAL L 208 -38.94 -38.01 16.57
N GLU L 209 -39.92 -38.67 15.94
CA GLU L 209 -39.93 -38.77 14.48
C GLU L 209 -40.12 -37.39 13.85
N GLU L 210 -40.96 -36.56 14.46
CA GLU L 210 -41.14 -35.20 13.96
C GLU L 210 -39.86 -34.39 14.05
N ALA L 211 -39.10 -34.57 15.15
CA ALA L 211 -37.81 -33.89 15.27
C ALA L 211 -36.82 -34.38 14.21
N TYR L 212 -36.80 -35.69 13.97
CA TYR L 212 -35.95 -36.23 12.90
C TYR L 212 -36.30 -35.61 11.56
N ASP L 213 -37.60 -35.55 11.24
CA ASP L 213 -38.03 -34.99 9.98
C ASP L 213 -37.69 -33.51 9.88
N LEU L 214 -37.85 -32.77 10.97
CA LEU L 214 -37.53 -31.35 10.96
C LEU L 214 -36.05 -31.12 10.70
N ALA L 215 -35.18 -31.85 11.40
CA ALA L 215 -33.74 -31.68 11.20
C ALA L 215 -33.34 -32.05 9.78
N ARG L 216 -33.86 -33.18 9.28
CA ARG L 216 -33.54 -33.59 7.92
C ARG L 216 -34.00 -32.57 6.90
N ARG L 217 -35.22 -32.05 7.05
CA ARG L 217 -35.77 -31.08 6.11
C ARG L 217 -34.97 -29.79 6.14
N ALA L 218 -34.58 -29.32 7.33
CA ALA L 218 -33.81 -28.09 7.41
C ALA L 218 -32.44 -28.24 6.74
N ILE L 219 -31.76 -29.36 7.01
CA ILE L 219 -30.47 -29.56 6.36
C ILE L 219 -30.63 -29.69 4.85
N TYR L 220 -31.71 -30.35 4.41
CA TYR L 220 -31.96 -30.51 2.98
C TYR L 220 -32.18 -29.16 2.31
N GLN L 221 -32.98 -28.29 2.92
CA GLN L 221 -33.19 -26.96 2.34
C GLN L 221 -31.90 -26.16 2.32
N ALA L 222 -31.09 -26.26 3.39
CA ALA L 222 -29.82 -25.55 3.41
C ALA L 222 -28.90 -26.02 2.28
N THR L 223 -28.81 -27.33 2.06
CA THR L 223 -28.01 -27.84 0.95
C THR L 223 -28.60 -27.41 -0.40
N TYR L 224 -29.92 -27.28 -0.48
CA TYR L 224 -30.55 -26.81 -1.71
C TYR L 224 -30.13 -25.38 -2.02
N ARG L 225 -30.10 -24.51 -1.02
CA ARG L 225 -29.80 -23.10 -1.26
C ARG L 225 -28.32 -22.75 -1.16
N ASP L 226 -27.51 -23.55 -0.47
CA ASP L 226 -26.10 -23.23 -0.26
C ASP L 226 -25.22 -24.07 -1.18
N ALA L 227 -24.21 -23.42 -1.76
CA ALA L 227 -23.29 -24.10 -2.67
C ALA L 227 -22.22 -24.90 -1.94
N TYR L 228 -21.93 -24.57 -0.69
CA TYR L 228 -20.95 -25.28 0.11
C TYR L 228 -21.57 -26.34 1.01
N SER L 229 -22.86 -26.63 0.83
CA SER L 229 -23.55 -27.64 1.61
C SER L 229 -24.09 -28.71 0.66
N GLY L 230 -23.92 -29.96 1.03
CA GLY L 230 -24.38 -31.06 0.21
C GLY L 230 -23.89 -32.39 0.74
N GLY L 231 -24.06 -33.41 -0.08
CA GLY L 231 -23.65 -34.76 0.29
C GLY L 231 -24.80 -35.54 0.90
N SER L 232 -24.70 -35.85 2.19
CA SER L 232 -25.73 -36.58 2.91
C SER L 232 -25.95 -35.94 4.26
N VAL L 233 -27.14 -36.18 4.81
CA VAL L 233 -27.53 -35.64 6.11
C VAL L 233 -27.29 -36.72 7.16
N SER L 234 -26.43 -36.43 8.13
CA SER L 234 -26.17 -37.32 9.25
C SER L 234 -26.95 -36.83 10.46
N LEU L 235 -27.76 -37.72 11.03
CA LEU L 235 -28.67 -37.37 12.11
C LEU L 235 -28.27 -38.11 13.38
N TYR L 236 -28.16 -37.37 14.48
CA TYR L 236 -27.82 -37.93 15.78
C TYR L 236 -28.86 -37.49 16.80
N HIS L 237 -29.17 -38.39 17.73
CA HIS L 237 -30.11 -38.09 18.82
C HIS L 237 -29.39 -38.33 20.14
N VAL L 238 -29.28 -37.27 20.95
CA VAL L 238 -28.67 -37.36 22.26
C VAL L 238 -29.76 -37.65 23.28
N ARG L 239 -29.66 -38.79 23.95
CA ARG L 239 -30.61 -39.20 24.96
C ARG L 239 -29.92 -39.23 26.33
N GLU L 240 -30.70 -39.58 27.35
CA GLU L 240 -30.17 -39.57 28.72
C GLU L 240 -29.08 -40.62 28.91
N ASP L 241 -29.16 -41.73 28.19
CA ASP L 241 -28.16 -42.80 28.29
C ASP L 241 -27.20 -42.80 27.11
N GLY L 242 -26.84 -41.63 26.62
CA GLY L 242 -25.93 -41.50 25.50
C GLY L 242 -26.65 -41.20 24.20
N TRP L 243 -25.85 -40.94 23.17
CA TRP L 243 -26.37 -40.60 21.86
C TRP L 243 -26.48 -41.85 20.99
N ILE L 244 -27.25 -41.72 19.91
CA ILE L 244 -27.39 -42.76 18.90
C ILE L 244 -27.25 -42.12 17.53
N ARG L 245 -26.66 -42.86 16.60
CA ARG L 245 -26.54 -42.41 15.21
C ARG L 245 -27.82 -42.81 14.48
N VAL L 246 -28.70 -41.85 14.25
CA VAL L 246 -30.05 -42.17 13.76
C VAL L 246 -30.00 -42.67 12.33
N SER L 247 -29.34 -41.94 11.44
CA SER L 247 -29.37 -42.28 10.02
C SER L 247 -28.33 -41.45 9.29
N SER L 248 -28.18 -41.75 8.00
CA SER L 248 -27.34 -40.97 7.10
C SER L 248 -27.96 -41.09 5.71
N ASP L 249 -28.77 -40.10 5.33
CA ASP L 249 -29.55 -40.15 4.10
C ASP L 249 -28.94 -39.22 3.07
N ASN L 250 -28.74 -39.74 1.85
CA ASN L 250 -28.19 -38.95 0.76
C ASN L 250 -29.18 -37.86 0.35
N VAL L 251 -28.61 -36.74 -0.12
CA VAL L 251 -29.43 -35.59 -0.48
C VAL L 251 -30.33 -35.91 -1.67
N ALA L 252 -29.89 -36.78 -2.57
CA ALA L 252 -30.72 -37.17 -3.71
C ALA L 252 -31.95 -37.94 -3.24
N ASP L 253 -31.78 -38.85 -2.28
CA ASP L 253 -32.93 -39.58 -1.74
C ASP L 253 -33.89 -38.64 -1.03
N LEU L 254 -33.36 -37.67 -0.29
CA LEU L 254 -34.22 -36.68 0.36
C LEU L 254 -34.96 -35.83 -0.66
N HIS L 255 -34.30 -35.50 -1.77
CA HIS L 255 -34.97 -34.77 -2.84
C HIS L 255 -36.12 -35.58 -3.42
N ASP L 256 -35.88 -36.88 -3.64
CA ASP L 256 -36.96 -37.75 -4.12
C ASP L 256 -38.10 -37.82 -3.12
N LYS L 257 -37.79 -37.90 -1.83
CA LYS L 257 -38.82 -38.02 -0.81
C LYS L 257 -39.63 -36.73 -0.67
N TYR L 258 -38.96 -35.57 -0.74
CA TYR L 258 -39.61 -34.29 -0.46
C TYR L 258 -40.29 -33.71 -1.70
N SER L 259 -39.55 -33.56 -2.80
CA SER L 259 -40.16 -33.04 -4.02
C SER L 259 -41.21 -34.00 -4.56
N GLY L 260 -40.93 -35.30 -4.51
CA GLY L 260 -41.88 -36.31 -4.97
C GLY L 260 -42.97 -36.61 -3.96
N ARG M 29 11.28 -9.94 -1.76
CA ARG M 29 11.03 -10.73 -0.56
C ARG M 29 11.57 -12.16 -0.73
N PHE M 30 11.03 -13.08 0.06
CA PHE M 30 11.48 -14.47 0.04
C PHE M 30 10.28 -15.38 0.22
N SER M 31 10.12 -16.34 -0.69
CA SER M 31 9.04 -17.31 -0.64
C SER M 31 9.58 -18.65 -0.17
N PRO M 32 9.14 -19.17 0.98
CA PRO M 32 9.60 -20.47 1.45
C PRO M 32 8.89 -21.66 0.80
N TYR M 33 8.07 -21.43 -0.21
CA TYR M 33 7.31 -22.49 -0.85
C TYR M 33 7.55 -22.49 -2.35
N ALA M 34 7.32 -23.65 -2.95
CA ALA M 34 7.33 -23.81 -4.40
C ALA M 34 6.46 -25.01 -4.73
N PHE M 35 5.87 -24.98 -5.93
CA PHE M 35 5.05 -26.08 -6.40
C PHE M 35 5.85 -26.92 -7.38
N ASN M 36 6.05 -28.19 -7.04
CA ASN M 36 6.89 -29.07 -7.84
C ASN M 36 6.08 -30.10 -8.61
N GLY M 37 4.76 -29.93 -8.70
CA GLY M 37 3.94 -30.85 -9.45
C GLY M 37 3.79 -32.19 -8.75
N GLY M 38 3.22 -33.13 -9.50
CA GLY M 38 3.05 -34.48 -9.00
C GLY M 38 1.62 -34.82 -8.63
N THR M 39 1.09 -35.89 -9.21
CA THR M 39 -0.23 -36.38 -8.89
C THR M 39 -0.12 -37.74 -8.21
N VAL M 40 -0.88 -37.92 -7.13
CA VAL M 40 -0.86 -39.14 -6.34
C VAL M 40 -2.27 -39.72 -6.33
N LEU M 41 -2.38 -41.01 -6.66
CA LEU M 41 -3.66 -41.70 -6.72
C LEU M 41 -3.59 -42.95 -5.85
N ALA M 42 -4.68 -43.21 -5.11
CA ALA M 42 -4.78 -44.42 -4.32
C ALA M 42 -6.18 -45.00 -4.46
N ILE M 43 -6.24 -46.33 -4.60
CA ILE M 43 -7.50 -47.07 -4.68
C ILE M 43 -7.43 -48.22 -3.69
N ALA M 44 -8.45 -48.33 -2.83
CA ALA M 44 -8.51 -49.38 -1.84
C ALA M 44 -9.43 -50.50 -2.33
N GLY M 45 -8.91 -51.72 -2.37
CA GLY M 45 -9.68 -52.89 -2.74
C GLY M 45 -10.14 -53.67 -1.53
N GLU M 46 -10.75 -54.82 -1.81
CA GLU M 46 -11.21 -55.69 -0.73
C GLU M 46 -10.04 -56.33 0.00
N ASP M 47 -8.97 -56.66 -0.72
CA ASP M 47 -7.80 -57.27 -0.10
C ASP M 47 -6.50 -56.65 -0.60
N PHE M 48 -6.55 -55.44 -1.17
CA PHE M 48 -5.38 -54.83 -1.75
C PHE M 48 -5.51 -53.32 -1.65
N SER M 49 -4.36 -52.64 -1.76
CA SER M 49 -4.32 -51.19 -1.87
C SER M 49 -3.29 -50.81 -2.91
N ILE M 50 -3.63 -49.84 -3.75
CA ILE M 50 -2.77 -49.37 -4.83
C ILE M 50 -2.46 -47.90 -4.58
N VAL M 51 -1.18 -47.55 -4.61
CA VAL M 51 -0.74 -46.16 -4.57
C VAL M 51 0.10 -45.90 -5.82
N ALA M 52 -0.28 -44.87 -6.57
CA ALA M 52 0.38 -44.57 -7.84
C ALA M 52 0.69 -43.08 -7.94
N SER M 53 1.78 -42.76 -8.64
CA SER M 53 2.18 -41.38 -8.84
C SER M 53 3.06 -41.29 -10.08
N ASP M 54 3.15 -40.08 -10.63
CA ASP M 54 4.10 -39.80 -11.69
C ASP M 54 5.47 -39.49 -11.10
N THR M 55 6.49 -39.55 -11.96
CA THR M 55 7.88 -39.40 -11.50
C THR M 55 8.52 -38.13 -12.03
N ARG M 56 7.73 -37.10 -12.31
CA ARG M 56 8.25 -35.84 -12.84
C ARG M 56 8.32 -34.80 -11.73
N LEU M 57 9.50 -34.22 -11.55
CA LEU M 57 9.72 -33.13 -10.62
C LEU M 57 9.98 -31.86 -11.43
N SER M 58 9.29 -30.78 -11.09
CA SER M 58 9.32 -29.57 -11.89
C SER M 58 9.36 -28.35 -10.97
N GLU M 59 9.57 -27.19 -11.59
CA GLU M 59 9.43 -25.90 -10.90
C GLU M 59 9.22 -24.83 -11.95
N GLY M 60 8.12 -24.09 -11.84
CA GLY M 60 7.78 -23.13 -12.87
C GLY M 60 7.42 -23.81 -14.17
N PHE M 61 8.14 -23.46 -15.23
CA PHE M 61 7.94 -24.08 -16.54
C PHE M 61 9.03 -25.07 -16.90
N SER M 62 9.91 -25.41 -15.96
CA SER M 62 11.04 -26.28 -16.21
C SER M 62 10.82 -27.62 -15.52
N ILE M 63 11.63 -28.61 -15.93
CA ILE M 63 11.59 -29.95 -15.38
C ILE M 63 12.89 -30.17 -14.62
N HIS M 64 12.77 -30.40 -13.31
CA HIS M 64 13.96 -30.70 -12.51
C HIS M 64 14.56 -32.03 -12.89
N THR M 65 13.73 -33.08 -12.93
CA THR M 65 14.19 -34.42 -13.27
C THR M 65 12.97 -35.24 -13.68
N ARG M 66 13.22 -36.27 -14.48
CA ARG M 66 12.17 -37.14 -15.00
C ARG M 66 12.01 -38.42 -14.19
N ASP M 67 12.82 -38.63 -13.15
CA ASP M 67 12.74 -39.81 -12.30
C ASP M 67 12.74 -39.34 -10.84
N SER M 68 11.55 -39.01 -10.33
CA SER M 68 11.39 -38.62 -8.93
C SER M 68 10.04 -39.13 -8.45
N PRO M 69 9.96 -40.41 -8.09
CA PRO M 69 8.68 -40.97 -7.65
C PRO M 69 8.23 -40.38 -6.33
N LYS M 70 6.91 -40.31 -6.17
CA LYS M 70 6.28 -39.71 -4.99
C LYS M 70 5.78 -40.76 -4.00
N CYS M 71 6.08 -42.04 -4.23
CA CYS M 71 5.59 -43.12 -3.39
C CYS M 71 6.73 -43.63 -2.51
N TYR M 72 6.45 -43.80 -1.22
CA TYR M 72 7.42 -44.25 -0.25
C TYR M 72 6.84 -45.40 0.56
N LYS M 73 7.62 -46.47 0.71
CA LYS M 73 7.21 -47.60 1.53
C LYS M 73 7.53 -47.30 2.99
N LEU M 74 6.51 -47.39 3.86
CA LEU M 74 6.67 -47.10 5.28
C LEU M 74 6.85 -48.38 6.09
N THR M 75 5.87 -49.29 6.02
CA THR M 75 5.95 -50.60 6.63
C THR M 75 5.74 -51.65 5.54
N ASP M 76 5.61 -52.91 5.96
CA ASP M 76 5.27 -53.96 5.02
C ASP M 76 3.83 -53.87 4.53
N LYS M 77 3.00 -53.03 5.15
CA LYS M 77 1.60 -52.90 4.78
C LYS M 77 1.17 -51.48 4.47
N THR M 78 2.08 -50.50 4.49
CA THR M 78 1.71 -49.10 4.32
C THR M 78 2.63 -48.43 3.32
N VAL M 79 2.04 -47.68 2.40
CA VAL M 79 2.76 -46.87 1.43
C VAL M 79 2.13 -45.49 1.41
N ILE M 80 2.97 -44.45 1.47
CA ILE M 80 2.50 -43.07 1.49
C ILE M 80 2.89 -42.39 0.18
N GLY M 81 2.04 -41.49 -0.29
CA GLY M 81 2.33 -40.67 -1.45
C GLY M 81 2.30 -39.20 -1.11
N CYS M 82 3.37 -38.48 -1.43
CA CYS M 82 3.51 -37.08 -1.04
C CYS M 82 3.77 -36.23 -2.28
N SER M 83 2.96 -35.19 -2.46
CA SER M 83 3.10 -34.27 -3.57
C SER M 83 2.97 -32.84 -3.08
N GLY M 84 3.52 -31.90 -3.85
CA GLY M 84 3.52 -30.51 -3.46
C GLY M 84 4.91 -29.93 -3.42
N PHE M 85 5.22 -29.18 -2.36
CA PHE M 85 6.56 -28.65 -2.18
C PHE M 85 7.52 -29.78 -1.83
N HIS M 86 8.54 -29.97 -2.68
CA HIS M 86 9.33 -31.20 -2.60
C HIS M 86 10.21 -31.24 -1.35
N GLY M 87 10.73 -30.09 -0.93
CA GLY M 87 11.50 -30.06 0.31
C GLY M 87 10.67 -30.47 1.51
N ASP M 88 9.43 -29.98 1.58
CA ASP M 88 8.52 -30.40 2.63
C ASP M 88 8.22 -31.89 2.53
N CYS M 89 8.09 -32.41 1.32
CA CYS M 89 7.83 -33.84 1.14
C CYS M 89 9.00 -34.67 1.69
N LEU M 90 10.23 -34.27 1.36
CA LEU M 90 11.41 -34.99 1.85
C LEU M 90 11.47 -34.94 3.37
N THR M 91 11.31 -33.75 3.95
CA THR M 91 11.37 -33.63 5.40
C THR M 91 10.28 -34.46 6.07
N LEU M 92 9.06 -34.42 5.53
CA LEU M 92 7.95 -35.15 6.14
C LEU M 92 8.17 -36.64 6.05
N THR M 93 8.66 -37.14 4.91
CA THR M 93 8.94 -38.57 4.79
C THR M 93 10.01 -39.01 5.77
N LYS M 94 11.07 -38.21 5.92
CA LYS M 94 12.11 -38.56 6.87
C LYS M 94 11.59 -38.54 8.31
N ILE M 95 10.76 -37.56 8.65
CA ILE M 95 10.18 -37.49 9.99
C ILE M 95 9.28 -38.69 10.24
N ILE M 96 8.49 -39.08 9.24
CA ILE M 96 7.62 -40.25 9.38
C ILE M 96 8.44 -41.51 9.59
N GLU M 97 9.55 -41.65 8.85
CA GLU M 97 10.42 -42.82 9.04
C GLU M 97 10.99 -42.84 10.45
N ALA M 98 11.47 -41.69 10.93
CA ALA M 98 12.02 -41.63 12.28
C ALA M 98 10.97 -41.96 13.33
N ARG M 99 9.74 -41.45 13.15
CA ARG M 99 8.69 -41.71 14.13
C ARG M 99 8.26 -43.17 14.10
N LEU M 100 8.26 -43.80 12.93
CA LEU M 100 7.97 -45.23 12.85
C LEU M 100 9.03 -46.05 13.58
N LYS M 101 10.30 -45.67 13.42
CA LYS M 101 11.35 -46.37 14.16
C LYS M 101 11.20 -46.16 15.66
N MET M 102 10.87 -44.94 16.07
CA MET M 102 10.66 -44.66 17.50
C MET M 102 9.51 -45.48 18.06
N TYR M 103 8.41 -45.59 17.32
CA TYR M 103 7.29 -46.40 17.75
C TYR M 103 7.68 -47.86 17.87
N LYS M 104 8.43 -48.38 16.89
CA LYS M 104 8.83 -49.78 16.95
C LYS M 104 9.74 -50.03 18.15
N HIS M 105 10.62 -49.09 18.47
CA HIS M 105 11.46 -49.25 19.65
C HIS M 105 10.64 -49.20 20.93
N SER M 106 9.70 -48.25 21.04
CA SER M 106 8.98 -48.05 22.28
C SER M 106 7.90 -49.09 22.53
N ASN M 107 7.32 -49.66 21.47
CA ASN M 107 6.18 -50.54 21.59
C ASN M 107 6.46 -51.97 21.15
N ASN M 108 7.66 -52.25 20.62
CA ASN M 108 8.06 -53.60 20.21
C ASN M 108 7.17 -54.16 19.11
N LYS M 109 6.58 -53.28 18.30
CA LYS M 109 5.76 -53.71 17.17
C LYS M 109 5.69 -52.58 16.15
N ALA M 110 5.31 -52.93 14.93
CA ALA M 110 5.20 -51.96 13.86
C ALA M 110 3.87 -51.25 13.91
N MET M 111 3.85 -50.02 13.38
CA MET M 111 2.64 -49.22 13.36
C MET M 111 1.65 -49.76 12.33
N THR M 112 0.37 -49.65 12.67
CA THR M 112 -0.70 -49.98 11.74
C THR M 112 -1.00 -48.78 10.84
N THR M 113 -1.79 -49.03 9.80
CA THR M 113 -2.11 -47.97 8.84
C THR M 113 -2.91 -46.85 9.49
N GLY M 114 -3.89 -47.20 10.33
CA GLY M 114 -4.64 -46.18 11.03
C GLY M 114 -3.81 -45.41 12.04
N ALA M 115 -2.91 -46.11 12.74
CA ALA M 115 -2.01 -45.42 13.67
C ALA M 115 -1.09 -44.46 12.93
N ILE M 116 -0.59 -44.88 11.75
CA ILE M 116 0.22 -43.99 10.94
C ILE M 116 -0.58 -42.78 10.50
N ALA M 117 -1.85 -42.99 10.12
CA ALA M 117 -2.70 -41.88 9.69
C ALA M 117 -2.92 -40.88 10.81
N ALA M 118 -3.22 -41.38 12.02
CA ALA M 118 -3.43 -40.48 13.15
C ALA M 118 -2.15 -39.74 13.52
N MET M 119 -1.01 -40.44 13.52
CA MET M 119 0.26 -39.80 13.83
C MET M 119 0.59 -38.73 12.79
N LEU M 120 0.35 -39.02 11.51
CA LEU M 120 0.59 -38.03 10.47
C LEU M 120 -0.33 -36.83 10.61
N SER M 121 -1.57 -37.05 11.03
CA SER M 121 -2.47 -35.92 11.28
C SER M 121 -1.92 -35.03 12.38
N THR M 122 -1.44 -35.63 13.47
CA THR M 122 -0.85 -34.84 14.54
C THR M 122 0.40 -34.10 14.06
N ILE M 123 1.24 -34.78 13.27
CA ILE M 123 2.46 -34.16 12.78
C ILE M 123 2.15 -32.97 11.88
N LEU M 124 1.16 -33.12 10.99
CA LEU M 124 0.78 -32.03 10.11
C LEU M 124 0.19 -30.86 10.89
N TYR M 125 -0.62 -31.14 11.91
CA TYR M 125 -1.17 -30.04 12.69
C TYR M 125 -0.13 -29.37 13.57
N SER M 126 0.96 -30.06 13.90
CA SER M 126 2.03 -29.43 14.69
C SER M 126 2.60 -28.20 14.00
N ARG M 127 2.48 -28.10 12.68
CA ARG M 127 2.93 -26.95 11.90
C ARG M 127 1.74 -26.17 11.34
N ARG M 128 0.70 -25.98 12.17
CA ARG M 128 -0.54 -25.38 11.70
C ARG M 128 -0.32 -23.98 11.15
N PHE M 129 0.57 -23.20 11.78
CA PHE M 129 0.80 -21.82 11.39
C PHE M 129 1.96 -21.66 10.41
N PHE M 130 2.62 -22.75 10.04
CA PHE M 130 3.62 -22.74 8.96
C PHE M 130 3.55 -24.10 8.28
N PRO M 131 2.50 -24.35 7.50
CA PRO M 131 2.15 -25.72 7.13
C PRO M 131 3.14 -26.36 6.17
N TYR M 132 3.19 -27.69 6.24
CA TYR M 132 3.83 -28.48 5.20
C TYR M 132 2.98 -28.41 3.94
N TYR M 133 3.54 -27.87 2.86
CA TYR M 133 2.82 -27.83 1.57
C TYR M 133 2.95 -29.20 0.91
N VAL M 134 2.26 -30.17 1.52
CA VAL M 134 2.29 -31.57 1.08
C VAL M 134 0.86 -32.07 0.93
N TYR M 135 0.60 -32.79 -0.16
CA TYR M 135 -0.63 -33.55 -0.33
C TYR M 135 -0.29 -35.01 -0.04
N ASN M 136 -0.89 -35.55 1.01
CA ASN M 136 -0.53 -36.88 1.52
C ASN M 136 -1.69 -37.84 1.30
N ILE M 137 -1.39 -39.01 0.75
CA ILE M 137 -2.34 -40.10 0.65
C ILE M 137 -1.66 -41.35 1.17
N ILE M 138 -2.28 -42.01 2.14
CA ILE M 138 -1.77 -43.23 2.74
C ILE M 138 -2.60 -44.40 2.22
N GLY M 139 -1.92 -45.39 1.65
CA GLY M 139 -2.60 -46.58 1.16
C GLY M 139 -2.01 -47.84 1.74
N GLY M 140 -2.86 -48.72 2.25
CA GLY M 140 -2.37 -49.96 2.83
C GLY M 140 -3.49 -50.87 3.24
N LEU M 141 -3.17 -51.79 4.15
CA LEU M 141 -4.11 -52.76 4.67
C LEU M 141 -4.35 -52.49 6.14
N ASP M 142 -5.61 -52.61 6.57
CA ASP M 142 -5.96 -52.38 7.96
C ASP M 142 -5.74 -53.67 8.76
N GLU M 143 -6.19 -53.69 10.01
CA GLU M 143 -5.97 -54.83 10.89
C GLU M 143 -6.78 -56.06 10.46
N GLU M 144 -7.86 -55.86 9.71
CA GLU M 144 -8.66 -56.97 9.20
C GLU M 144 -8.16 -57.49 7.86
N GLY M 145 -7.13 -56.87 7.29
CA GLY M 145 -6.61 -57.25 6.00
C GLY M 145 -7.23 -56.55 4.82
N LYS M 146 -8.26 -55.73 5.03
CA LYS M 146 -8.89 -55.00 3.95
C LYS M 146 -8.04 -53.79 3.57
N GLY M 147 -8.13 -53.41 2.30
CA GLY M 147 -7.41 -52.23 1.84
C GLY M 147 -7.94 -50.97 2.48
N ALA M 148 -7.02 -50.09 2.87
CA ALA M 148 -7.36 -48.83 3.52
C ALA M 148 -6.66 -47.69 2.80
N VAL M 149 -7.39 -46.60 2.58
CA VAL M 149 -6.86 -45.40 1.93
C VAL M 149 -7.23 -44.20 2.78
N TYR M 150 -6.23 -43.37 3.09
CA TYR M 150 -6.43 -42.15 3.86
C TYR M 150 -5.91 -40.96 3.07
N SER M 151 -6.72 -39.91 2.98
CA SER M 151 -6.34 -38.69 2.30
C SER M 151 -6.16 -37.57 3.32
N PHE M 152 -5.12 -36.76 3.13
CA PHE M 152 -4.75 -35.73 4.10
C PHE M 152 -4.71 -34.37 3.42
N ASP M 153 -5.24 -33.38 4.11
CA ASP M 153 -5.00 -32.00 3.75
C ASP M 153 -3.73 -31.50 4.43
N PRO M 154 -3.13 -30.41 3.94
CA PRO M 154 -1.80 -30.02 4.43
C PRO M 154 -1.71 -29.78 5.94
N VAL M 155 -2.82 -29.51 6.63
CA VAL M 155 -2.77 -29.26 8.07
C VAL M 155 -3.28 -30.44 8.88
N GLY M 156 -3.51 -31.59 8.25
CA GLY M 156 -3.79 -32.82 8.96
C GLY M 156 -5.23 -33.26 9.03
N SER M 157 -6.14 -32.62 8.32
CA SER M 157 -7.52 -33.08 8.25
C SER M 157 -7.58 -34.30 7.34
N TYR M 158 -8.00 -35.44 7.89
CA TYR M 158 -7.97 -36.69 7.12
C TYR M 158 -9.22 -37.51 7.39
N GLN M 159 -9.53 -38.38 6.44
CA GLN M 159 -10.64 -39.31 6.55
C GLN M 159 -10.30 -40.54 5.73
N ARG M 160 -10.99 -41.64 6.04
CA ARG M 160 -10.79 -42.88 5.29
C ARG M 160 -11.66 -42.89 4.05
N ASP M 161 -11.07 -43.24 2.91
CA ASP M 161 -11.77 -43.28 1.64
C ASP M 161 -11.48 -44.60 0.94
N SER M 162 -12.24 -44.86 -0.12
CA SER M 162 -11.99 -46.04 -0.96
C SER M 162 -11.08 -45.71 -2.13
N PHE M 163 -11.13 -44.49 -2.65
CA PHE M 163 -10.24 -44.03 -3.70
C PHE M 163 -10.06 -42.54 -3.54
N LYS M 164 -8.89 -42.05 -3.98
CA LYS M 164 -8.59 -40.63 -3.84
C LYS M 164 -7.49 -40.26 -4.82
N ALA M 165 -7.62 -39.08 -5.43
CA ALA M 165 -6.58 -38.49 -6.27
C ALA M 165 -6.14 -37.18 -5.63
N GLY M 166 -4.82 -36.99 -5.54
CA GLY M 166 -4.28 -35.76 -4.99
C GLY M 166 -3.14 -35.26 -5.84
N GLY M 167 -2.92 -33.95 -5.79
CA GLY M 167 -1.84 -33.32 -6.51
C GLY M 167 -2.36 -32.34 -7.55
N SER M 168 -1.57 -32.17 -8.62
CA SER M 168 -1.89 -31.18 -9.63
C SER M 168 -3.05 -31.61 -10.52
N ALA M 169 -3.25 -32.91 -10.71
CA ALA M 169 -4.31 -33.42 -11.57
C ALA M 169 -5.43 -34.07 -10.78
N SER M 170 -5.57 -33.72 -9.50
CA SER M 170 -6.61 -34.33 -8.68
C SER M 170 -8.00 -33.97 -9.17
N ALA M 171 -8.20 -32.72 -9.59
CA ALA M 171 -9.52 -32.30 -10.07
C ALA M 171 -9.88 -32.99 -11.38
N MET M 172 -8.89 -33.37 -12.17
CA MET M 172 -9.17 -34.10 -13.40
C MET M 172 -9.55 -35.55 -13.13
N LEU M 173 -8.86 -36.20 -12.18
CA LEU M 173 -9.01 -37.63 -11.97
C LEU M 173 -10.12 -37.99 -11.00
N GLN M 174 -10.46 -37.12 -10.06
CA GLN M 174 -11.47 -37.45 -9.07
C GLN M 174 -12.85 -37.73 -9.67
N PRO M 175 -13.40 -36.89 -10.56
CA PRO M 175 -14.72 -37.23 -11.13
C PRO M 175 -14.72 -38.52 -11.92
N LEU M 176 -13.62 -38.83 -12.61
CA LEU M 176 -13.57 -40.07 -13.37
C LEU M 176 -13.52 -41.28 -12.46
N LEU M 177 -12.82 -41.18 -11.33
CA LEU M 177 -12.85 -42.25 -10.35
C LEU M 177 -14.23 -42.39 -9.73
N ASP M 178 -14.92 -41.27 -9.50
CA ASP M 178 -16.29 -41.34 -9.01
C ASP M 178 -17.20 -42.06 -9.99
N ASN M 179 -17.04 -41.77 -11.28
CA ASN M 179 -17.88 -42.42 -12.29
C ASN M 179 -17.54 -43.89 -12.44
N GLN M 180 -16.25 -44.23 -12.47
CA GLN M 180 -15.82 -45.57 -12.83
C GLN M 180 -15.69 -46.51 -11.63
N VAL M 181 -15.21 -46.02 -10.50
CA VAL M 181 -15.07 -46.85 -9.31
C VAL M 181 -16.33 -46.78 -8.45
N GLY M 182 -16.83 -45.57 -8.20
CA GLY M 182 -18.03 -45.42 -7.41
C GLY M 182 -19.33 -45.64 -8.15
N PHE M 183 -19.27 -45.80 -9.47
CA PHE M 183 -20.45 -46.02 -10.31
C PHE M 183 -21.49 -44.92 -10.10
N LYS M 184 -21.02 -43.69 -9.96
CA LYS M 184 -21.90 -42.56 -9.70
C LYS M 184 -22.50 -42.04 -11.00
N ASN M 185 -23.73 -41.52 -10.89
CA ASN M 185 -24.48 -41.00 -12.03
C ASN M 185 -24.73 -42.08 -13.09
N MET M 186 -24.78 -43.34 -12.66
CA MET M 186 -25.04 -44.46 -13.54
C MET M 186 -26.22 -45.26 -13.01
N GLN M 187 -27.02 -45.80 -13.93
CA GLN M 187 -28.17 -46.61 -13.59
C GLN M 187 -28.08 -47.95 -14.29
N ASN M 188 -28.76 -48.95 -13.71
CA ASN M 188 -28.75 -50.32 -14.22
C ASN M 188 -27.32 -50.86 -14.34
N VAL M 189 -26.50 -50.57 -13.33
CA VAL M 189 -25.13 -51.04 -13.27
C VAL M 189 -24.92 -51.75 -11.94
N GLU M 190 -24.45 -53.00 -12.00
CA GLU M 190 -24.17 -53.75 -10.78
C GLU M 190 -22.87 -53.26 -10.15
N HIS M 191 -22.90 -53.12 -8.82
CA HIS M 191 -21.71 -52.67 -8.08
C HIS M 191 -20.82 -53.86 -7.78
N VAL M 192 -20.20 -54.35 -8.84
CA VAL M 192 -19.29 -55.51 -8.73
C VAL M 192 -18.08 -55.10 -7.89
N PRO M 193 -17.61 -55.95 -6.97
CA PRO M 193 -16.42 -55.61 -6.20
C PRO M 193 -15.22 -55.38 -7.11
N LEU M 194 -14.41 -54.39 -6.76
CA LEU M 194 -13.27 -54.02 -7.58
C LEU M 194 -12.15 -55.04 -7.45
N SER M 195 -11.63 -55.50 -8.58
CA SER M 195 -10.56 -56.48 -8.62
C SER M 195 -9.23 -55.79 -8.87
N LEU M 196 -8.15 -56.54 -8.61
CA LEU M 196 -6.81 -55.98 -8.73
C LEU M 196 -6.48 -55.60 -10.17
N ASP M 197 -6.81 -56.49 -11.13
CA ASP M 197 -6.47 -56.22 -12.52
C ASP M 197 -7.25 -55.03 -13.07
N ARG M 198 -8.55 -54.97 -12.76
CA ARG M 198 -9.37 -53.85 -13.22
C ARG M 198 -8.89 -52.54 -12.60
N ALA M 199 -8.54 -52.56 -11.31
CA ALA M 199 -8.04 -51.35 -10.67
C ALA M 199 -6.72 -50.90 -11.27
N MET M 200 -5.83 -51.85 -11.58
CA MET M 200 -4.55 -51.51 -12.20
C MET M 200 -4.76 -50.89 -13.57
N ARG M 201 -5.64 -51.49 -14.38
CA ARG M 201 -5.94 -50.94 -15.69
C ARG M 201 -6.53 -49.55 -15.58
N LEU M 202 -7.45 -49.35 -14.63
CA LEU M 202 -8.06 -48.04 -14.44
C LEU M 202 -7.04 -47.00 -14.02
N VAL M 203 -6.13 -47.36 -13.12
CA VAL M 203 -5.10 -46.42 -12.69
C VAL M 203 -4.23 -46.01 -13.86
N LYS M 204 -3.81 -47.00 -14.67
CA LYS M 204 -2.98 -46.69 -15.82
C LYS M 204 -3.71 -45.76 -16.80
N ASP M 205 -4.99 -46.04 -17.06
CA ASP M 205 -5.75 -45.23 -18.00
C ASP M 205 -5.96 -43.80 -17.50
N VAL M 206 -6.30 -43.64 -16.22
CA VAL M 206 -6.52 -42.31 -15.68
C VAL M 206 -5.22 -41.52 -15.68
N PHE M 207 -4.08 -42.17 -15.42
CA PHE M 207 -2.82 -41.44 -15.46
C PHE M 207 -2.42 -41.10 -16.89
N ILE M 208 -2.80 -41.94 -17.86
CA ILE M 208 -2.57 -41.57 -19.26
C ILE M 208 -3.37 -40.32 -19.62
N SER M 209 -4.63 -40.27 -19.21
CA SER M 209 -5.45 -39.09 -19.46
C SER M 209 -4.88 -37.86 -18.77
N ALA M 210 -4.45 -38.02 -17.52
CA ALA M 210 -3.86 -36.90 -16.79
C ALA M 210 -2.60 -36.39 -17.49
N ALA M 211 -1.75 -37.30 -17.94
CA ALA M 211 -0.55 -36.90 -18.68
C ALA M 211 -0.92 -36.20 -19.98
N GLU M 212 -2.06 -36.57 -20.58
CA GLU M 212 -2.54 -35.84 -21.75
C GLU M 212 -2.88 -34.40 -21.39
N ARG M 213 -3.65 -34.20 -20.31
CA ARG M 213 -4.21 -32.87 -20.05
C ARG M 213 -3.45 -32.05 -19.02
N ASP M 214 -2.67 -32.67 -18.14
CA ASP M 214 -1.96 -31.93 -17.10
C ASP M 214 -0.49 -31.79 -17.49
N VAL M 215 0.04 -30.59 -17.35
CA VAL M 215 1.43 -30.33 -17.77
C VAL M 215 2.44 -30.83 -16.75
N TYR M 216 2.03 -31.05 -15.50
CA TYR M 216 2.95 -31.53 -14.48
C TYR M 216 3.04 -33.05 -14.41
N THR M 217 2.17 -33.77 -15.09
CA THR M 217 2.12 -35.22 -15.00
C THR M 217 2.74 -35.83 -16.26
N GLY M 218 3.72 -36.70 -16.07
CA GLY M 218 4.30 -37.39 -17.20
C GLY M 218 5.61 -38.07 -16.86
N ASP M 219 6.23 -38.60 -17.91
CA ASP M 219 7.56 -39.21 -17.96
C ASP M 219 7.65 -40.60 -17.33
N ALA M 220 6.65 -41.00 -16.54
CA ALA M 220 6.54 -42.34 -16.00
C ALA M 220 5.32 -42.40 -15.09
N LEU M 221 4.85 -43.62 -14.84
CA LEU M 221 3.88 -43.88 -13.78
C LEU M 221 4.41 -45.01 -12.93
N LYS M 222 4.54 -44.78 -11.64
CA LYS M 222 4.98 -45.80 -10.69
C LYS M 222 3.81 -46.22 -9.84
N VAL M 223 3.54 -47.52 -9.81
CA VAL M 223 2.40 -48.08 -9.09
C VAL M 223 2.93 -49.03 -8.03
N CYS M 224 2.46 -48.84 -6.79
CA CYS M 224 2.79 -49.72 -5.68
C CYS M 224 1.51 -50.47 -5.28
N ILE M 225 1.59 -51.80 -5.28
CA ILE M 225 0.45 -52.65 -4.95
C ILE M 225 0.73 -53.27 -3.59
N VAL M 226 -0.14 -52.99 -2.62
CA VAL M 226 0.00 -53.49 -1.27
C VAL M 226 -0.98 -54.64 -1.09
N THR M 227 -0.46 -55.86 -0.97
CA THR M 227 -1.25 -57.04 -0.69
C THR M 227 -0.71 -57.70 0.57
N LYS M 228 -1.32 -58.82 0.96
CA LYS M 228 -0.84 -59.55 2.12
C LYS M 228 0.47 -60.28 1.85
N GLU M 229 0.90 -60.37 0.59
CA GLU M 229 2.16 -60.99 0.23
C GLU M 229 3.31 -59.99 0.13
N GLY M 230 3.07 -58.73 0.43
CA GLY M 230 4.11 -57.71 0.39
C GLY M 230 3.67 -56.54 -0.48
N ILE M 231 4.65 -55.74 -0.88
CA ILE M 231 4.42 -54.56 -1.70
C ILE M 231 5.16 -54.77 -3.02
N ARG M 232 4.45 -54.55 -4.13
CA ARG M 232 4.98 -54.76 -5.47
C ARG M 232 4.94 -53.46 -6.25
N GLY M 233 6.07 -53.09 -6.83
CA GLY M 233 6.19 -51.86 -7.61
C GLY M 233 6.15 -52.16 -9.10
N GLU M 234 5.57 -51.23 -9.86
CA GLU M 234 5.51 -51.34 -11.31
C GLU M 234 5.68 -49.96 -11.92
N THR M 235 6.29 -49.93 -13.11
CA THR M 235 6.58 -48.69 -13.82
C THR M 235 5.93 -48.72 -15.18
N VAL M 236 5.27 -47.62 -15.56
CA VAL M 236 4.63 -47.48 -16.85
C VAL M 236 5.05 -46.15 -17.45
N PRO M 237 5.62 -46.13 -18.66
CA PRO M 237 6.04 -44.86 -19.25
C PRO M 237 4.86 -43.99 -19.67
N LEU M 238 5.06 -42.68 -19.58
CA LEU M 238 4.12 -41.69 -20.05
C LEU M 238 4.82 -40.79 -21.09
N ARG M 239 4.04 -39.89 -21.69
CA ARG M 239 4.61 -38.99 -22.67
C ARG M 239 5.48 -37.93 -21.99
N LYS M 240 6.53 -37.52 -22.69
CA LYS M 240 7.57 -36.67 -22.11
C LYS M 240 7.42 -35.20 -22.45
N ASP M 241 6.43 -34.83 -23.25
CA ASP M 241 6.24 -33.43 -23.62
C ASP M 241 5.52 -32.64 -22.54
N THR N 46 19.92 -15.08 4.37
CA THR N 46 20.19 -13.96 3.48
C THR N 46 18.91 -13.50 2.80
N GLN N 47 18.52 -12.24 3.04
CA GLN N 47 17.34 -11.69 2.39
C GLN N 47 17.66 -11.15 1.00
N ASN N 48 18.75 -10.38 0.89
CA ASN N 48 19.17 -9.79 -0.39
C ASN N 48 20.58 -10.24 -0.72
N PRO N 49 20.76 -11.16 -1.67
CA PRO N 49 22.11 -11.53 -2.09
C PRO N 49 22.83 -10.33 -2.70
N MET N 50 24.12 -10.19 -2.36
CA MET N 50 24.92 -9.05 -2.79
C MET N 50 25.84 -9.38 -3.96
N VAL N 51 26.73 -10.35 -3.78
CA VAL N 51 27.64 -10.80 -4.83
C VAL N 51 27.24 -12.23 -5.17
N THR N 52 26.90 -12.48 -6.43
CA THR N 52 26.31 -13.73 -6.83
C THR N 52 27.11 -14.38 -7.96
N GLY N 53 26.96 -15.70 -8.06
CA GLY N 53 27.54 -16.47 -9.14
C GLY N 53 26.44 -16.97 -10.06
N THR N 54 26.81 -17.20 -11.31
CA THR N 54 25.85 -17.61 -12.34
C THR N 54 25.78 -19.14 -12.39
N SER N 55 25.22 -19.69 -13.47
CA SER N 55 24.93 -21.11 -13.58
C SER N 55 26.15 -21.97 -13.26
N VAL N 56 25.87 -23.15 -12.71
CA VAL N 56 26.85 -24.21 -12.49
C VAL N 56 26.32 -25.47 -13.14
N LEU N 57 27.17 -26.16 -13.89
CA LEU N 57 26.77 -27.34 -14.65
C LEU N 57 27.38 -28.61 -14.06
N GLY N 58 26.63 -29.70 -14.17
CA GLY N 58 27.13 -30.99 -13.75
C GLY N 58 26.74 -32.05 -14.76
N LEU N 59 27.61 -33.04 -14.93
CA LEU N 59 27.40 -34.08 -15.92
C LEU N 59 28.13 -35.34 -15.49
N LYS N 60 27.42 -36.47 -15.50
CA LYS N 60 28.01 -37.76 -15.19
C LYS N 60 28.53 -38.43 -16.44
N PHE N 61 29.69 -39.07 -16.32
CA PHE N 61 30.26 -39.91 -17.36
C PHE N 61 30.68 -41.23 -16.74
N GLU N 62 31.05 -42.19 -17.59
CA GLU N 62 31.54 -43.47 -17.10
C GLU N 62 32.91 -43.29 -16.46
N GLY N 63 32.95 -43.33 -15.13
CA GLY N 63 34.18 -43.13 -14.39
C GLY N 63 34.17 -41.93 -13.46
N GLY N 64 33.18 -41.05 -13.54
CA GLY N 64 33.12 -39.93 -12.62
C GLY N 64 32.13 -38.89 -13.08
N VAL N 65 32.28 -37.70 -12.50
CA VAL N 65 31.40 -36.55 -12.77
C VAL N 65 32.28 -35.36 -13.12
N VAL N 66 31.73 -34.45 -13.92
CA VAL N 66 32.40 -33.22 -14.31
C VAL N 66 31.51 -32.05 -13.95
N ILE N 67 32.11 -31.00 -13.39
CA ILE N 67 31.38 -29.82 -12.93
C ILE N 67 32.10 -28.58 -13.46
N ALA N 68 31.33 -27.63 -13.99
CA ALA N 68 31.89 -26.41 -14.57
C ALA N 68 31.13 -25.19 -14.04
N ALA N 69 31.89 -24.13 -13.76
CA ALA N 69 31.32 -22.87 -13.32
C ALA N 69 32.29 -21.75 -13.68
N ASP N 70 31.75 -20.59 -14.05
CA ASP N 70 32.62 -19.47 -14.39
C ASP N 70 33.20 -18.85 -13.13
N MET N 71 34.25 -18.05 -13.33
CA MET N 71 35.01 -17.47 -12.23
C MET N 71 34.61 -16.03 -11.94
N LEU N 72 33.33 -15.69 -12.11
CA LEU N 72 32.87 -14.32 -11.97
C LEU N 72 31.91 -14.19 -10.80
N GLY N 73 32.15 -13.17 -9.97
CA GLY N 73 31.19 -12.76 -8.96
C GLY N 73 30.60 -11.41 -9.31
N SER N 74 29.30 -11.35 -9.54
CA SER N 74 28.66 -10.15 -10.04
C SER N 74 28.01 -9.38 -8.90
N TYR N 75 28.24 -8.06 -8.87
CA TYR N 75 27.58 -7.17 -7.93
C TYR N 75 26.44 -6.49 -8.68
N GLY N 76 25.31 -7.19 -8.74
CA GLY N 76 24.24 -6.74 -9.62
C GLY N 76 24.64 -6.99 -11.06
N SER N 77 24.50 -5.97 -11.89
CA SER N 77 24.92 -6.06 -13.29
C SER N 77 26.42 -5.91 -13.47
N LEU N 78 27.14 -5.46 -12.45
CA LEU N 78 28.58 -5.20 -12.58
C LEU N 78 29.38 -6.48 -12.39
N ALA N 79 30.30 -6.72 -13.31
CA ALA N 79 31.27 -7.82 -13.19
C ALA N 79 32.41 -7.34 -12.31
N ARG N 80 32.29 -7.59 -11.01
CA ARG N 80 33.16 -6.96 -10.02
C ARG N 80 34.34 -7.84 -9.64
N PHE N 81 34.12 -9.13 -9.42
CA PHE N 81 35.17 -10.06 -9.02
C PHE N 81 35.28 -11.14 -10.09
N ARG N 82 36.32 -11.06 -10.90
CA ARG N 82 36.47 -11.89 -12.08
C ARG N 82 37.49 -13.02 -11.91
N ASN N 83 37.95 -13.28 -10.70
CA ASN N 83 38.92 -14.34 -10.47
C ASN N 83 38.60 -15.13 -9.21
N ILE N 84 37.31 -15.33 -8.93
CA ILE N 84 36.89 -16.10 -7.77
C ILE N 84 36.60 -17.53 -8.21
N SER N 85 36.72 -18.47 -7.29
CA SER N 85 36.44 -19.87 -7.55
C SER N 85 35.12 -20.25 -6.89
N ARG N 86 34.18 -20.76 -7.70
CA ARG N 86 32.88 -21.19 -7.21
C ARG N 86 32.78 -22.70 -7.10
N ILE N 87 33.88 -23.41 -7.27
CA ILE N 87 33.94 -24.86 -7.12
C ILE N 87 34.89 -25.19 -5.98
N MET N 88 34.43 -26.02 -5.06
CA MET N 88 35.23 -26.45 -3.92
C MET N 88 35.40 -27.96 -3.94
N ARG N 89 36.55 -28.42 -3.46
CA ARG N 89 36.77 -29.84 -3.21
C ARG N 89 36.36 -30.14 -1.77
N VAL N 90 35.37 -31.01 -1.61
CA VAL N 90 34.92 -31.37 -0.27
C VAL N 90 35.88 -32.37 0.36
N ASN N 91 36.03 -33.54 -0.27
CA ASN N 91 37.02 -34.52 0.12
C ASN N 91 37.55 -35.18 -1.14
N ASN N 92 38.25 -36.31 -0.98
CA ASN N 92 38.87 -36.98 -2.11
C ASN N 92 37.85 -37.55 -3.09
N SER N 93 36.59 -37.67 -2.69
CA SER N 93 35.56 -38.24 -3.53
C SER N 93 34.39 -37.32 -3.81
N THR N 94 34.41 -36.08 -3.30
CA THR N 94 33.29 -35.18 -3.46
C THR N 94 33.79 -33.79 -3.85
N MET N 95 33.07 -33.16 -4.77
CA MET N 95 33.31 -31.76 -5.13
C MET N 95 31.98 -31.03 -5.13
N LEU N 96 32.05 -29.70 -5.01
CA LEU N 96 30.86 -28.88 -4.86
C LEU N 96 31.00 -27.60 -5.68
N GLY N 97 29.96 -27.27 -6.41
CA GLY N 97 29.88 -25.98 -7.08
C GLY N 97 28.57 -25.31 -6.74
N ALA N 98 28.61 -23.99 -6.60
CA ALA N 98 27.46 -23.24 -6.09
C ALA N 98 27.18 -22.02 -6.94
N SER N 99 25.89 -21.69 -7.04
CA SER N 99 25.42 -20.43 -7.61
C SER N 99 24.76 -19.59 -6.52
N GLY N 100 24.58 -18.31 -6.81
CA GLY N 100 23.96 -17.43 -5.85
C GLY N 100 24.95 -16.69 -4.97
N ASP N 101 24.50 -16.30 -3.78
CA ASP N 101 25.31 -15.46 -2.90
C ASP N 101 26.65 -16.11 -2.59
N TYR N 102 27.74 -15.39 -2.88
CA TYR N 102 29.08 -15.94 -2.72
C TYR N 102 29.51 -15.99 -1.26
N ALA N 103 29.05 -15.05 -0.43
CA ALA N 103 29.38 -15.07 0.99
C ALA N 103 28.77 -16.29 1.67
N ASP N 104 27.52 -16.62 1.32
CA ASP N 104 26.90 -17.82 1.87
C ASP N 104 27.64 -19.07 1.40
N PHE N 105 28.12 -19.07 0.15
CA PHE N 105 28.92 -20.18 -0.34
C PHE N 105 30.22 -20.31 0.43
N GLN N 106 30.86 -19.19 0.75
CA GLN N 106 32.09 -19.24 1.55
C GLN N 106 31.81 -19.76 2.95
N TYR N 107 30.70 -19.35 3.55
CA TYR N 107 30.32 -19.87 4.87
C TYR N 107 30.11 -21.39 4.82
N LEU N 108 29.37 -21.85 3.81
CA LEU N 108 29.12 -23.28 3.68
C LEU N 108 30.41 -24.04 3.40
N LYS N 109 31.30 -23.46 2.61
CA LYS N 109 32.61 -24.06 2.36
C LYS N 109 33.39 -24.21 3.65
N GLN N 110 33.39 -23.18 4.49
CA GLN N 110 34.09 -23.24 5.77
C GLN N 110 33.51 -24.34 6.65
N VAL N 111 32.18 -24.41 6.76
CA VAL N 111 31.54 -25.40 7.63
C VAL N 111 31.81 -26.81 7.13
N LEU N 112 31.67 -27.03 5.81
CA LEU N 112 31.91 -28.35 5.24
C LEU N 112 33.37 -28.77 5.38
N GLY N 113 34.30 -27.82 5.19
CA GLY N 113 35.69 -28.14 5.38
C GLY N 113 36.00 -28.52 6.82
N GLN N 114 35.39 -27.82 7.78
CA GLN N 114 35.59 -28.18 9.18
C GLN N 114 35.03 -29.57 9.48
N MET N 115 33.86 -29.90 8.90
CA MET N 115 33.29 -31.23 9.08
C MET N 115 34.21 -32.30 8.54
N VAL N 116 34.76 -32.08 7.34
CA VAL N 116 35.68 -33.04 6.75
C VAL N 116 36.93 -33.18 7.59
N ILE N 117 37.44 -32.06 8.12
CA ILE N 117 38.62 -32.10 8.98
C ILE N 117 38.35 -32.93 10.22
N ASP N 118 37.19 -32.72 10.85
CA ASP N 118 36.85 -33.48 12.05
C ASP N 118 36.75 -34.98 11.75
N GLU N 119 36.09 -35.32 10.65
CA GLU N 119 35.90 -36.73 10.31
C GLU N 119 37.23 -37.40 9.99
N GLU N 120 38.15 -36.67 9.35
CA GLU N 120 39.48 -37.22 9.11
C GLU N 120 40.30 -37.27 10.39
N LEU N 121 40.01 -36.39 11.34
CA LEU N 121 40.67 -36.44 12.64
C LEU N 121 40.30 -37.70 13.39
N LEU N 122 39.05 -38.14 13.28
CA LEU N 122 38.66 -39.39 13.94
C LEU N 122 39.50 -40.56 13.45
N GLY N 123 39.73 -40.65 12.14
CA GLY N 123 40.62 -41.66 11.59
C GLY N 123 40.17 -43.08 11.83
N ASP N 124 38.86 -43.34 11.75
CA ASP N 124 38.31 -44.66 12.02
C ASP N 124 37.93 -45.42 10.75
N GLY N 125 38.33 -44.93 9.58
CA GLY N 125 38.05 -45.61 8.34
C GLY N 125 36.74 -45.24 7.67
N HIS N 126 35.95 -44.36 8.28
CA HIS N 126 34.69 -43.91 7.71
C HIS N 126 34.84 -42.49 7.19
N SER N 127 34.40 -42.27 5.96
CA SER N 127 34.44 -40.95 5.34
C SER N 127 33.07 -40.63 4.75
N TYR N 128 32.75 -39.35 4.70
CA TYR N 128 31.47 -38.93 4.16
C TYR N 128 31.40 -39.23 2.66
N SER N 129 30.32 -39.88 2.26
CA SER N 129 30.08 -40.14 0.85
C SER N 129 29.45 -38.90 0.19
N PRO N 130 29.49 -38.82 -1.14
CA PRO N 130 28.80 -37.71 -1.81
C PRO N 130 27.32 -37.66 -1.47
N LYS N 131 26.68 -38.81 -1.31
CA LYS N 131 25.28 -38.85 -0.92
C LYS N 131 25.08 -38.29 0.48
N ALA N 132 26.00 -38.59 1.41
CA ALA N 132 25.91 -38.05 2.76
C ALA N 132 26.07 -36.54 2.76
N ILE N 133 27.02 -36.02 1.97
CA ILE N 133 27.18 -34.58 1.85
C ILE N 133 25.93 -33.94 1.27
N HIS N 134 25.36 -34.58 0.24
CA HIS N 134 24.13 -34.07 -0.36
C HIS N 134 22.99 -34.02 0.65
N SER N 135 22.84 -35.08 1.46
CA SER N 135 21.79 -35.10 2.46
C SER N 135 22.01 -34.04 3.54
N TRP N 136 23.25 -33.88 3.99
CA TRP N 136 23.53 -32.84 4.99
C TRP N 136 23.24 -31.46 4.44
N LEU N 137 23.61 -31.22 3.17
CA LEU N 137 23.31 -29.94 2.54
C LEU N 137 21.81 -29.70 2.43
N THR N 138 21.06 -30.73 2.08
CA THR N 138 19.61 -30.60 2.02
C THR N 138 19.03 -30.25 3.39
N ARG N 139 19.50 -30.93 4.43
CA ARG N 139 19.03 -30.64 5.78
C ARG N 139 19.35 -29.22 6.19
N ALA N 140 20.58 -28.76 5.90
CA ALA N 140 20.98 -27.41 6.28
C ALA N 140 20.16 -26.35 5.53
N MET N 141 19.98 -26.55 4.22
CA MET N 141 19.20 -25.58 3.44
C MET N 141 17.75 -25.54 3.90
N TYR N 142 17.16 -26.70 4.19
CA TYR N 142 15.78 -26.72 4.66
C TYR N 142 15.66 -26.06 6.04
N SER N 143 16.63 -26.30 6.92
CA SER N 143 16.61 -25.66 8.24
C SER N 143 16.71 -24.15 8.11
N ARG N 144 17.59 -23.66 7.23
CA ARG N 144 17.71 -22.23 7.03
C ARG N 144 16.43 -21.64 6.44
N ARG N 145 15.82 -22.35 5.49
CA ARG N 145 14.59 -21.87 4.88
C ARG N 145 13.44 -21.83 5.88
N SER N 146 13.42 -22.79 6.81
CA SER N 146 12.32 -22.86 7.77
C SER N 146 12.41 -21.77 8.83
N LYS N 147 13.57 -21.14 9.00
CA LYS N 147 13.74 -20.02 9.91
C LYS N 147 13.62 -18.68 9.21
N MET N 148 13.20 -18.68 7.94
CA MET N 148 13.12 -17.47 7.12
C MET N 148 14.46 -16.76 7.02
N ASN N 149 15.55 -17.53 7.10
CA ASN N 149 16.90 -17.01 6.93
C ASN N 149 17.66 -17.94 5.98
N PRO N 150 17.26 -17.97 4.71
CA PRO N 150 17.82 -18.96 3.80
C PRO N 150 19.26 -18.65 3.42
N LEU N 151 19.99 -19.70 3.05
CA LEU N 151 21.28 -19.56 2.39
C LEU N 151 21.01 -19.42 0.90
N TRP N 152 21.22 -18.22 0.36
CA TRP N 152 20.83 -17.90 -1.01
C TRP N 152 21.80 -18.57 -1.98
N ASN N 153 21.63 -19.88 -2.15
CA ASN N 153 22.52 -20.65 -3.00
C ASN N 153 21.79 -21.81 -3.64
N THR N 154 22.26 -22.20 -4.81
CA THR N 154 21.86 -23.44 -5.47
C THR N 154 23.14 -24.19 -5.80
N MET N 155 23.33 -25.35 -5.17
CA MET N 155 24.60 -26.05 -5.20
C MET N 155 24.49 -27.35 -5.99
N VAL N 156 25.58 -27.70 -6.67
CA VAL N 156 25.71 -28.96 -7.40
C VAL N 156 26.76 -29.80 -6.71
N ILE N 157 26.40 -31.03 -6.36
CA ILE N 157 27.29 -31.95 -5.67
C ILE N 157 27.65 -33.07 -6.63
N GLY N 158 28.92 -33.21 -6.94
CA GLY N 158 29.42 -34.29 -7.78
C GLY N 158 30.37 -35.17 -7.01
N GLY N 159 30.30 -36.47 -7.27
CA GLY N 159 31.13 -37.39 -6.50
C GLY N 159 31.28 -38.72 -7.19
N TYR N 160 32.25 -39.48 -6.68
CA TYR N 160 32.54 -40.82 -7.20
C TYR N 160 33.00 -41.68 -6.03
N ALA N 161 32.16 -42.61 -5.61
CA ALA N 161 32.49 -43.50 -4.50
C ALA N 161 32.00 -44.90 -4.81
N ASP N 162 32.85 -45.89 -4.53
CA ASP N 162 32.53 -47.30 -4.73
C ASP N 162 32.13 -47.59 -6.17
N GLY N 163 32.82 -46.96 -7.11
CA GLY N 163 32.61 -47.24 -8.52
C GLY N 163 31.31 -46.76 -9.11
N GLU N 164 30.66 -45.78 -8.48
CA GLU N 164 29.43 -45.22 -9.01
C GLU N 164 29.46 -43.70 -8.86
N SER N 165 29.00 -43.01 -9.90
CA SER N 165 29.00 -41.56 -9.91
C SER N 165 27.78 -41.01 -9.18
N PHE N 166 27.97 -39.86 -8.54
CA PHE N 166 26.89 -39.16 -7.85
C PHE N 166 26.81 -37.74 -8.37
N LEU N 167 25.58 -37.30 -8.68
CA LEU N 167 25.32 -35.92 -9.06
C LEU N 167 24.08 -35.46 -8.33
N GLY N 168 24.22 -34.44 -7.48
CA GLY N 168 23.13 -34.02 -6.63
C GLY N 168 22.89 -32.52 -6.72
N TYR N 169 21.63 -32.14 -6.56
CA TYR N 169 21.18 -30.76 -6.66
C TYR N 169 20.53 -30.38 -5.33
N VAL N 170 20.93 -29.22 -4.79
CA VAL N 170 20.27 -28.64 -3.63
C VAL N 170 20.06 -27.16 -3.91
N ASP N 171 18.86 -26.67 -3.61
CA ASP N 171 18.52 -25.27 -3.77
C ASP N 171 18.29 -24.64 -2.40
N MET N 172 18.04 -23.33 -2.40
CA MET N 172 17.93 -22.59 -1.14
C MET N 172 16.67 -22.94 -0.36
N LEU N 173 15.69 -23.58 -0.99
CA LEU N 173 14.46 -23.95 -0.31
C LEU N 173 14.49 -25.36 0.27
N GLY N 174 15.55 -26.12 0.02
CA GLY N 174 15.61 -27.50 0.48
C GLY N 174 15.14 -28.52 -0.53
N VAL N 175 14.94 -28.13 -1.78
CA VAL N 175 14.53 -29.07 -2.82
C VAL N 175 15.78 -29.76 -3.34
N ALA N 176 15.81 -31.09 -3.24
CA ALA N 176 16.98 -31.87 -3.61
C ALA N 176 16.57 -33.05 -4.47
N TYR N 177 17.46 -33.43 -5.39
CA TYR N 177 17.26 -34.60 -6.23
C TYR N 177 18.58 -34.95 -6.89
N GLU N 178 18.63 -36.14 -7.48
CA GLU N 178 19.76 -36.60 -8.28
C GLU N 178 19.35 -36.67 -9.74
N ALA N 179 20.32 -36.46 -10.62
CA ALA N 179 20.08 -36.52 -12.06
C ALA N 179 21.39 -36.83 -12.76
N PRO N 180 21.35 -37.42 -13.95
CA PRO N 180 22.59 -37.64 -14.71
C PRO N 180 23.24 -36.35 -15.20
N SER N 181 22.48 -35.26 -15.28
CA SER N 181 23.02 -33.96 -15.65
C SER N 181 22.30 -32.87 -14.87
N LEU N 182 23.01 -31.78 -14.60
CA LEU N 182 22.48 -30.69 -13.81
C LEU N 182 22.87 -29.36 -14.43
N ALA N 183 22.06 -28.34 -14.17
CA ALA N 183 22.35 -26.99 -14.62
C ALA N 183 21.47 -26.04 -13.82
N THR N 184 22.11 -25.10 -13.12
CA THR N 184 21.38 -24.15 -12.29
C THR N 184 21.23 -22.82 -13.03
N GLY N 185 20.42 -21.94 -12.44
CA GLY N 185 20.27 -20.59 -12.97
C GLY N 185 19.80 -20.57 -14.41
N TYR N 186 20.49 -19.78 -15.23
CA TYR N 186 20.16 -19.69 -16.64
C TYR N 186 20.59 -20.92 -17.42
N GLY N 187 21.52 -21.72 -16.87
CA GLY N 187 21.88 -22.97 -17.50
C GLY N 187 20.76 -23.99 -17.50
N ALA N 188 19.80 -23.86 -16.58
CA ALA N 188 18.65 -24.75 -16.59
C ALA N 188 17.82 -24.58 -17.84
N TYR N 189 17.85 -23.39 -18.43
CA TYR N 189 17.16 -23.13 -19.69
C TYR N 189 18.07 -23.23 -20.91
N LEU N 190 19.35 -22.87 -20.77
CA LEU N 190 20.26 -22.82 -21.90
C LEU N 190 21.18 -24.03 -22.01
N ALA N 191 21.61 -24.60 -20.90
CA ALA N 191 22.54 -25.72 -20.95
C ALA N 191 21.88 -27.07 -20.75
N GLN N 192 20.83 -27.14 -19.93
CA GLN N 192 20.17 -28.42 -19.67
C GLN N 192 19.57 -29.06 -20.91
N PRO N 193 18.89 -28.35 -21.82
CA PRO N 193 18.36 -29.02 -23.02
C PRO N 193 19.41 -29.76 -23.84
N LEU N 194 20.60 -29.18 -24.00
CA LEU N 194 21.62 -29.84 -24.81
C LEU N 194 22.15 -31.10 -24.12
N LEU N 195 22.41 -31.02 -22.82
CA LEU N 195 22.84 -32.20 -22.07
C LEU N 195 21.78 -33.29 -22.11
N ARG N 196 20.51 -32.91 -21.95
CA ARG N 196 19.43 -33.89 -21.99
C ARG N 196 19.30 -34.51 -23.38
N GLU N 197 19.48 -33.72 -24.43
CA GLU N 197 19.43 -34.26 -25.79
C GLU N 197 20.53 -35.28 -26.01
N VAL N 198 21.76 -34.95 -25.60
CA VAL N 198 22.88 -35.88 -25.76
C VAL N 198 22.65 -37.15 -24.96
N LEU N 199 22.19 -37.00 -23.71
CA LEU N 199 21.95 -38.17 -22.87
C LEU N 199 20.79 -39.01 -23.37
N GLU N 200 19.84 -38.40 -24.08
CA GLU N 200 18.75 -39.17 -24.67
C GLU N 200 19.24 -39.95 -25.88
N LYS N 201 20.12 -39.35 -26.69
CA LYS N 201 20.75 -40.10 -27.76
C LYS N 201 21.75 -41.11 -27.22
N GLN N 202 22.60 -40.69 -26.29
CA GLN N 202 23.65 -41.53 -25.73
C GLN N 202 23.60 -41.48 -24.20
N PRO N 203 22.95 -42.46 -23.55
CA PRO N 203 22.81 -42.39 -22.09
C PRO N 203 24.12 -42.38 -21.33
N VAL N 204 25.16 -43.05 -21.84
CA VAL N 204 26.43 -43.17 -21.15
C VAL N 204 27.50 -42.47 -21.99
N LEU N 205 28.22 -41.55 -21.37
CA LEU N 205 29.25 -40.77 -22.03
C LEU N 205 30.62 -41.10 -21.48
N SER N 206 31.64 -40.94 -22.31
CA SER N 206 33.01 -41.02 -21.85
C SER N 206 33.45 -39.66 -21.30
N GLN N 207 34.62 -39.65 -20.67
CA GLN N 207 35.12 -38.41 -20.07
C GLN N 207 35.37 -37.35 -21.13
N THR N 208 35.95 -37.73 -22.27
CA THR N 208 36.22 -36.77 -23.33
C THR N 208 34.93 -36.18 -23.89
N GLU N 209 33.93 -37.03 -24.15
CA GLU N 209 32.66 -36.56 -24.65
C GLU N 209 31.97 -35.64 -23.65
N ALA N 210 32.03 -36.01 -22.37
CA ALA N 210 31.42 -35.17 -21.33
C ALA N 210 32.09 -33.82 -21.26
N ARG N 211 33.42 -33.78 -21.34
CA ARG N 211 34.13 -32.50 -21.30
C ARG N 211 33.81 -31.65 -22.52
N GLU N 212 33.73 -32.28 -23.70
CA GLU N 212 33.39 -31.53 -24.90
C GLU N 212 31.98 -30.95 -24.81
N LEU N 213 31.02 -31.74 -24.31
CA LEU N 213 29.66 -31.24 -24.15
C LEU N 213 29.61 -30.10 -23.14
N VAL N 214 30.39 -30.22 -22.06
CA VAL N 214 30.44 -29.16 -21.05
C VAL N 214 31.01 -27.88 -21.66
N GLU N 215 32.04 -28.01 -22.49
CA GLU N 215 32.61 -26.84 -23.15
C GLU N 215 31.60 -26.18 -24.08
N ARG N 216 30.84 -26.98 -24.83
CA ARG N 216 29.81 -26.42 -25.70
C ARG N 216 28.75 -25.68 -24.89
N CYS N 217 28.33 -26.27 -23.77
CA CYS N 217 27.35 -25.61 -22.92
C CYS N 217 27.89 -24.31 -22.34
N MET N 218 29.17 -24.30 -21.95
CA MET N 218 29.79 -23.07 -21.47
C MET N 218 29.81 -22.00 -22.55
N ARG N 219 30.12 -22.39 -23.79
CA ARG N 219 30.12 -21.43 -24.88
C ARG N 219 28.72 -20.85 -25.11
N VAL N 220 27.70 -21.71 -25.07
CA VAL N 220 26.32 -21.23 -25.24
C VAL N 220 25.95 -20.27 -24.11
N LEU N 221 26.34 -20.61 -22.87
CA LEU N 221 26.05 -19.73 -21.74
C LEU N 221 26.74 -18.38 -21.89
N TYR N 222 27.97 -18.39 -22.37
CA TYR N 222 28.65 -17.12 -22.63
C TYR N 222 27.93 -16.33 -23.71
N TYR N 223 27.41 -17.00 -24.74
CA TYR N 223 26.68 -16.31 -25.79
C TYR N 223 25.42 -15.64 -25.24
N ARG N 224 24.66 -16.35 -24.41
CA ARG N 224 23.28 -15.95 -24.14
C ARG N 224 23.02 -15.45 -22.73
N ASP N 225 23.97 -15.60 -21.80
CA ASP N 225 23.76 -15.15 -20.42
C ASP N 225 24.54 -13.86 -20.19
N ALA N 226 23.83 -12.83 -19.72
CA ALA N 226 24.44 -11.53 -19.51
C ALA N 226 25.22 -11.43 -18.20
N ARG N 227 25.02 -12.37 -17.28
CA ARG N 227 25.76 -12.38 -16.03
C ARG N 227 26.92 -13.36 -16.03
N SER N 228 27.28 -13.88 -17.20
CA SER N 228 28.33 -14.87 -17.33
C SER N 228 29.64 -14.22 -17.77
N TYR N 229 30.71 -15.00 -17.72
CA TYR N 229 32.04 -14.55 -18.10
C TYR N 229 32.71 -15.66 -18.90
N ASN N 230 33.70 -15.28 -19.71
CA ASN N 230 34.40 -16.22 -20.56
C ASN N 230 35.64 -16.79 -19.89
N ARG N 231 35.61 -16.94 -18.57
CA ARG N 231 36.73 -17.46 -17.79
C ARG N 231 36.14 -18.39 -16.74
N PHE N 232 36.30 -19.70 -16.95
CA PHE N 232 35.62 -20.69 -16.12
C PHE N 232 36.59 -21.80 -15.72
N GLN N 233 36.14 -22.61 -14.78
CA GLN N 233 36.86 -23.77 -14.29
C GLN N 233 36.07 -25.03 -14.60
N ILE N 234 36.80 -26.14 -14.79
CA ILE N 234 36.20 -27.45 -14.99
C ILE N 234 36.79 -28.38 -13.93
N ALA N 235 35.92 -28.95 -13.10
CA ALA N 235 36.34 -29.85 -12.03
C ALA N 235 35.84 -31.25 -12.34
N THR N 236 36.72 -32.22 -12.20
CA THR N 236 36.40 -33.62 -12.46
C THR N 236 36.72 -34.45 -11.23
N VAL N 237 35.84 -35.40 -10.92
CA VAL N 237 36.06 -36.38 -9.86
C VAL N 237 36.04 -37.76 -10.50
N THR N 238 37.05 -38.57 -10.19
CA THR N 238 37.16 -39.92 -10.73
C THR N 238 37.61 -40.83 -9.59
N GLU N 239 38.02 -42.06 -9.95
CA GLU N 239 38.62 -42.95 -8.96
C GLU N 239 39.95 -42.42 -8.45
N LYS N 240 40.56 -41.48 -9.15
CA LYS N 240 41.84 -40.91 -8.74
C LYS N 240 41.68 -39.70 -7.83
N GLY N 241 40.47 -39.18 -7.65
CA GLY N 241 40.26 -38.03 -6.80
C GLY N 241 39.58 -36.88 -7.49
N VAL N 242 39.70 -35.68 -6.93
CA VAL N 242 39.08 -34.48 -7.47
C VAL N 242 40.17 -33.61 -8.08
N GLU N 243 39.96 -33.21 -9.33
CA GLU N 243 40.92 -32.38 -10.06
C GLU N 243 40.20 -31.17 -10.63
N ILE N 244 40.71 -29.98 -10.33
CA ILE N 244 40.10 -28.73 -10.76
C ILE N 244 41.04 -28.05 -11.75
N GLU N 245 40.52 -27.73 -12.93
CA GLU N 245 41.29 -27.12 -14.00
C GLU N 245 40.76 -25.74 -14.31
N GLY N 246 41.66 -24.81 -14.61
CA GLY N 246 41.28 -23.46 -14.97
C GLY N 246 42.42 -22.48 -14.79
N PRO N 247 42.21 -21.24 -15.25
CA PRO N 247 41.02 -20.72 -15.94
C PRO N 247 40.98 -21.16 -17.40
N LEU N 248 39.78 -21.37 -17.95
CA LEU N 248 39.62 -21.80 -19.33
C LEU N 248 38.67 -20.85 -20.04
N SER N 249 38.86 -20.73 -21.35
CA SER N 249 38.03 -19.88 -22.20
C SER N 249 37.43 -20.72 -23.32
N ALA N 250 36.28 -20.26 -23.82
CA ALA N 250 35.60 -20.93 -24.91
C ALA N 250 35.82 -20.17 -26.21
N GLU N 251 35.97 -20.91 -27.30
CA GLU N 251 36.13 -20.30 -28.61
C GLU N 251 34.79 -19.79 -29.12
N THR N 252 34.74 -18.51 -29.49
CA THR N 252 33.50 -17.85 -29.84
C THR N 252 33.50 -17.45 -31.31
N ASN N 253 32.34 -17.56 -31.95
CA ASN N 253 32.15 -17.16 -33.33
C ASN N 253 31.23 -15.93 -33.36
N TRP N 254 31.61 -14.94 -34.15
CA TRP N 254 30.86 -13.70 -34.26
C TRP N 254 30.65 -13.33 -35.72
N ASP N 255 30.43 -14.33 -36.57
CA ASP N 255 30.23 -14.09 -38.00
C ASP N 255 28.80 -13.68 -38.34
N ILE N 256 27.85 -13.85 -37.41
CA ILE N 256 26.50 -13.35 -37.64
C ILE N 256 26.39 -11.85 -37.49
N ALA N 257 27.47 -11.19 -37.04
CA ALA N 257 27.48 -9.74 -36.97
C ALA N 257 27.54 -9.10 -38.35
N HIS N 258 27.96 -9.84 -39.37
CA HIS N 258 27.99 -9.34 -40.74
C HIS N 258 26.73 -9.67 -41.51
N MET N 259 25.75 -10.29 -40.87
CA MET N 259 24.50 -10.65 -41.54
C MET N 259 23.42 -9.61 -41.27
N MET O 1 -26.74 14.94 -75.29
CA MET O 1 -27.72 15.86 -75.83
C MET O 1 -27.16 16.56 -77.06
N SER O 2 -27.18 17.89 -77.05
CA SER O 2 -26.59 18.68 -78.12
C SER O 2 -25.10 18.87 -77.86
N ARG O 3 -24.35 19.14 -78.94
CA ARG O 3 -22.90 19.18 -78.83
C ARG O 3 -22.43 20.30 -77.92
N GLY O 4 -23.09 21.45 -77.98
CA GLY O 4 -22.76 22.56 -77.10
C GLY O 4 -23.77 22.77 -76.00
N SER O 5 -24.58 21.75 -75.71
CA SER O 5 -25.66 21.90 -74.75
C SER O 5 -25.12 22.10 -73.34
N SER O 6 -25.74 23.03 -72.62
CA SER O 6 -25.43 23.28 -71.22
C SER O 6 -26.72 23.53 -70.46
N ALA O 7 -26.74 23.15 -69.19
CA ALA O 7 -27.89 23.34 -68.33
C ALA O 7 -27.44 23.67 -66.91
N GLY O 8 -28.15 24.60 -66.27
CA GLY O 8 -27.87 24.95 -64.90
C GLY O 8 -26.51 25.61 -64.69
N PHE O 9 -25.68 25.00 -63.86
CA PHE O 9 -24.38 25.56 -63.48
C PHE O 9 -23.23 24.67 -63.95
N ASP O 10 -23.42 23.94 -65.04
CA ASP O 10 -22.39 23.01 -65.50
C ASP O 10 -21.17 23.72 -66.09
N ARG O 11 -21.28 25.00 -66.41
CA ARG O 11 -20.12 25.77 -66.86
C ARG O 11 -19.36 26.43 -65.70
N HIS O 12 -19.89 26.36 -64.48
CA HIS O 12 -19.29 27.03 -63.34
C HIS O 12 -18.80 26.09 -62.25
N ILE O 13 -19.49 24.97 -62.02
CA ILE O 13 -19.08 24.00 -61.04
C ILE O 13 -18.99 22.63 -61.71
N THR O 14 -18.24 21.73 -61.08
CA THR O 14 -17.98 20.41 -61.67
C THR O 14 -19.21 19.51 -61.50
N ILE O 15 -20.25 19.85 -62.25
CA ILE O 15 -21.42 19.00 -62.38
C ILE O 15 -21.56 18.63 -63.85
N PHE O 16 -22.29 17.54 -64.10
CA PHE O 16 -22.35 16.98 -65.44
C PHE O 16 -23.17 17.88 -66.37
N SER O 17 -22.68 18.01 -67.60
CA SER O 17 -23.41 18.65 -68.67
C SER O 17 -24.39 17.66 -69.26
N PRO O 18 -25.36 18.13 -70.05
CA PRO O 18 -26.35 17.19 -70.63
C PRO O 18 -25.73 16.07 -71.46
N GLU O 19 -24.51 16.24 -71.97
CA GLU O 19 -23.80 15.18 -72.65
C GLU O 19 -22.86 14.40 -71.74
N GLY O 20 -22.84 14.72 -70.44
CA GLY O 20 -21.96 14.03 -69.53
C GLY O 20 -20.53 14.54 -69.48
N ARG O 21 -20.30 15.80 -69.86
CA ARG O 21 -18.98 16.39 -69.83
C ARG O 21 -18.80 17.24 -68.58
N LEU O 22 -17.54 17.53 -68.27
CA LEU O 22 -17.18 18.39 -67.15
C LEU O 22 -16.39 19.58 -67.72
N TYR O 23 -17.07 20.71 -67.87
CA TYR O 23 -16.47 21.86 -68.54
C TYR O 23 -15.34 22.46 -67.73
N GLN O 24 -15.43 22.42 -66.40
CA GLN O 24 -14.39 23.03 -65.56
C GLN O 24 -13.06 22.30 -65.72
N VAL O 25 -13.10 20.98 -65.89
CA VAL O 25 -11.87 20.21 -66.10
C VAL O 25 -11.22 20.61 -67.42
N GLU O 26 -12.03 20.77 -68.48
CA GLU O 26 -11.48 21.21 -69.75
C GLU O 26 -10.92 22.63 -69.66
N TYR O 27 -11.57 23.48 -68.87
CA TYR O 27 -11.04 24.83 -68.67
C TYR O 27 -9.72 24.80 -67.90
N ALA O 28 -9.56 23.84 -66.97
CA ALA O 28 -8.27 23.65 -66.33
C ALA O 28 -7.22 23.19 -67.33
N PHE O 29 -7.61 22.32 -68.26
CA PHE O 29 -6.69 21.92 -69.33
C PHE O 29 -6.25 23.12 -70.15
N LYS O 30 -7.17 24.04 -70.41
CA LYS O 30 -6.80 25.28 -71.10
C LYS O 30 -5.93 26.17 -70.23
N ALA O 31 -6.16 26.17 -68.92
CA ALA O 31 -5.28 26.90 -68.00
C ALA O 31 -3.86 26.37 -68.06
N ILE O 32 -3.71 25.07 -68.35
CA ILE O 32 -2.36 24.52 -68.56
C ILE O 32 -1.68 25.24 -69.72
N ASN O 33 -2.39 25.39 -70.85
CA ASN O 33 -1.83 26.08 -72.00
C ASN O 33 -1.65 27.56 -71.76
N GLN O 34 -2.38 28.12 -70.80
CA GLN O 34 -2.21 29.54 -70.46
C GLN O 34 -0.79 29.88 -70.06
N GLY O 35 -0.01 28.91 -69.58
CA GLY O 35 1.36 29.20 -69.15
C GLY O 35 2.25 29.67 -70.29
N GLY O 36 2.14 29.03 -71.46
CA GLY O 36 2.90 29.42 -72.62
C GLY O 36 4.17 28.64 -72.88
N LEU O 37 4.46 27.61 -72.09
CA LEU O 37 5.66 26.82 -72.24
C LEU O 37 5.30 25.40 -72.66
N THR O 38 6.30 24.68 -73.17
CA THR O 38 6.15 23.30 -73.59
C THR O 38 7.32 22.47 -73.09
N SER O 39 7.02 21.29 -72.56
CA SER O 39 8.03 20.37 -72.05
C SER O 39 7.87 19.01 -72.72
N VAL O 40 8.99 18.30 -72.85
CA VAL O 40 9.02 17.02 -73.56
C VAL O 40 9.78 16.02 -72.69
N ALA O 41 9.21 14.82 -72.55
CA ALA O 41 9.85 13.73 -71.82
C ALA O 41 10.01 12.53 -72.74
N VAL O 42 11.21 11.95 -72.76
CA VAL O 42 11.53 10.82 -73.63
C VAL O 42 12.17 9.73 -72.80
N ARG O 43 11.75 8.49 -73.02
CA ARG O 43 12.27 7.34 -72.29
C ARG O 43 13.21 6.55 -73.19
N GLY O 44 14.43 6.31 -72.70
CA GLY O 44 15.41 5.51 -73.40
C GLY O 44 15.41 4.07 -72.91
N LYS O 45 16.36 3.30 -73.45
CA LYS O 45 16.50 1.92 -73.02
C LYS O 45 17.04 1.81 -71.60
N ASP O 46 17.78 2.82 -71.15
CA ASP O 46 18.35 2.80 -69.81
C ASP O 46 18.27 4.16 -69.12
N CYS O 47 17.59 5.15 -69.70
CA CYS O 47 17.54 6.47 -69.11
C CYS O 47 16.19 7.11 -69.45
N ALA O 48 15.85 8.12 -68.66
CA ALA O 48 14.67 8.95 -68.90
C ALA O 48 15.07 10.42 -68.82
N VAL O 49 14.59 11.21 -69.77
CA VAL O 49 15.02 12.60 -69.92
C VAL O 49 13.79 13.49 -69.98
N ILE O 50 13.82 14.59 -69.23
CA ILE O 50 12.80 15.64 -69.31
C ILE O 50 13.48 16.92 -69.77
N VAL O 51 12.92 17.56 -70.80
CA VAL O 51 13.46 18.81 -71.34
C VAL O 51 12.34 19.82 -71.41
N THR O 52 12.55 20.98 -70.79
CA THR O 52 11.58 22.07 -70.82
C THR O 52 12.29 23.36 -71.20
N GLN O 53 11.55 24.28 -71.80
CA GLN O 53 12.10 25.55 -72.25
C GLN O 53 12.08 26.56 -71.11
N LYS O 54 13.19 27.25 -70.92
CA LYS O 54 13.35 28.22 -69.85
C LYS O 54 13.17 29.63 -70.40
N LYS O 55 12.34 30.42 -69.73
CA LYS O 55 12.03 31.78 -70.14
C LYS O 55 12.41 32.75 -69.04
N VAL O 56 13.30 33.68 -69.35
CA VAL O 56 13.70 34.75 -68.43
C VAL O 56 13.51 36.07 -69.15
N PRO O 57 12.29 36.60 -69.24
CA PRO O 57 12.06 37.80 -70.07
C PRO O 57 12.86 39.01 -69.64
N ASP O 58 13.06 39.21 -68.34
CA ASP O 58 13.75 40.38 -67.82
C ASP O 58 15.08 39.97 -67.19
N LYS O 59 16.08 40.83 -67.36
CA LYS O 59 17.40 40.56 -66.80
C LYS O 59 17.41 40.73 -65.29
N LEU O 60 16.48 41.51 -64.74
CA LEU O 60 16.43 41.71 -63.29
C LEU O 60 16.04 40.43 -62.57
N LEU O 61 15.35 39.53 -63.26
CA LEU O 61 14.97 38.25 -62.66
C LEU O 61 16.20 37.37 -62.45
N ASP O 62 16.23 36.67 -61.32
CA ASP O 62 17.29 35.71 -61.05
C ASP O 62 16.96 34.40 -61.77
N SER O 63 17.81 34.04 -62.74
CA SER O 63 17.52 32.86 -63.56
C SER O 63 17.59 31.57 -62.76
N SER O 64 18.42 31.53 -61.72
CA SER O 64 18.58 30.31 -60.94
C SER O 64 17.33 29.93 -60.17
N THR O 65 16.35 30.82 -60.04
CA THR O 65 15.11 30.54 -59.34
C THR O 65 13.94 30.31 -60.28
N VAL O 66 14.14 30.44 -61.58
CA VAL O 66 13.09 30.21 -62.56
C VAL O 66 13.31 28.81 -63.11
N THR O 67 12.72 27.82 -62.45
CA THR O 67 12.86 26.43 -62.85
C THR O 67 11.50 25.75 -62.82
N HIS O 68 11.24 24.92 -63.82
CA HIS O 68 10.10 24.03 -63.81
C HIS O 68 10.48 22.59 -63.53
N LEU O 69 11.77 22.30 -63.41
CA LEU O 69 12.25 20.98 -63.03
C LEU O 69 12.36 20.91 -61.51
N PHE O 70 11.77 19.87 -60.92
CA PHE O 70 11.83 19.64 -59.49
C PHE O 70 12.16 18.19 -59.22
N LYS O 71 12.87 17.95 -58.12
CA LYS O 71 13.12 16.60 -57.64
C LYS O 71 12.17 16.30 -56.49
N ILE O 72 11.51 15.16 -56.55
CA ILE O 72 10.62 14.73 -55.48
C ILE O 72 11.36 13.94 -54.42
N THR O 73 12.14 12.96 -54.86
CA THR O 73 13.05 12.23 -53.99
C THR O 73 14.46 12.25 -54.58
N GLU O 74 15.36 11.47 -54.01
CA GLU O 74 16.70 11.38 -54.58
C GLU O 74 16.67 10.77 -55.97
N ASN O 75 15.68 9.94 -56.27
CA ASN O 75 15.64 9.18 -57.51
C ASN O 75 14.46 9.52 -58.41
N ILE O 76 13.62 10.48 -58.05
CA ILE O 76 12.46 10.86 -58.84
C ILE O 76 12.53 12.36 -59.12
N GLY O 77 12.35 12.72 -60.40
CA GLY O 77 12.30 14.11 -60.78
C GLY O 77 11.05 14.38 -61.60
N CYS O 78 10.61 15.63 -61.58
CA CYS O 78 9.40 16.02 -62.26
C CYS O 78 9.59 17.33 -63.01
N VAL O 79 8.79 17.52 -64.04
CA VAL O 79 8.68 18.78 -64.76
C VAL O 79 7.23 19.22 -64.72
N MET O 80 7.01 20.51 -64.49
CA MET O 80 5.67 21.04 -64.31
C MET O 80 5.32 21.98 -65.45
N THR O 81 4.10 21.85 -65.97
CA THR O 81 3.61 22.67 -67.06
C THR O 81 2.26 23.26 -66.68
N GLY O 82 2.14 24.58 -66.78
CA GLY O 82 0.90 25.25 -66.44
C GLY O 82 1.09 26.38 -65.46
N MET O 83 0.11 26.58 -64.58
CA MET O 83 0.18 27.65 -63.60
C MET O 83 1.29 27.38 -62.59
N THR O 84 2.10 28.40 -62.30
CA THR O 84 3.31 28.19 -61.50
C THR O 84 2.97 27.88 -60.05
N ALA O 85 2.03 28.60 -59.45
CA ALA O 85 1.69 28.36 -58.06
C ALA O 85 1.00 27.01 -57.88
N ASP O 86 0.12 26.65 -58.81
CA ASP O 86 -0.50 25.33 -58.78
C ASP O 86 0.56 24.24 -58.92
N SER O 87 1.52 24.45 -59.83
CA SER O 87 2.58 23.47 -60.02
C SER O 87 3.42 23.31 -58.76
N ARG O 88 3.74 24.42 -58.09
CA ARG O 88 4.54 24.33 -56.87
C ARG O 88 3.77 23.64 -55.76
N SER O 89 2.47 23.90 -55.64
CA SER O 89 1.66 23.22 -54.64
C SER O 89 1.60 21.72 -54.91
N GLN O 90 1.45 21.34 -56.18
CA GLN O 90 1.41 19.92 -56.52
C GLN O 90 2.77 19.26 -56.28
N VAL O 91 3.86 19.99 -56.51
CA VAL O 91 5.19 19.45 -56.23
C VAL O 91 5.37 19.22 -54.72
N GLN O 92 4.89 20.18 -53.91
CA GLN O 92 4.96 20.00 -52.47
C GLN O 92 4.14 18.80 -52.02
N ARG O 93 2.95 18.62 -52.60
CA ARG O 93 2.13 17.47 -52.26
C ARG O 93 2.81 16.17 -52.66
N ALA O 94 3.43 16.14 -53.84
CA ALA O 94 4.11 14.93 -54.30
C ALA O 94 5.29 14.59 -53.39
N ARG O 95 6.05 15.59 -52.98
CA ARG O 95 7.16 15.35 -52.06
C ARG O 95 6.66 14.81 -50.73
N TYR O 96 5.57 15.38 -50.21
CA TYR O 96 5.00 14.88 -48.97
C TYR O 96 4.54 13.42 -49.12
N GLU O 97 3.87 13.12 -50.24
CA GLU O 97 3.39 11.76 -50.44
C GLU O 97 4.53 10.76 -50.55
N ALA O 98 5.59 11.12 -51.26
CA ALA O 98 6.74 10.22 -51.38
C ALA O 98 7.42 10.00 -50.03
N ALA O 99 7.60 11.07 -49.25
CA ALA O 99 8.22 10.93 -47.94
C ALA O 99 7.35 10.08 -47.02
N ASN O 100 6.04 10.30 -47.04
CA ASN O 100 5.14 9.50 -46.22
C ASN O 100 5.14 8.04 -46.62
N TRP O 101 5.22 7.77 -47.93
CA TRP O 101 5.30 6.40 -48.41
C TRP O 101 6.56 5.71 -47.89
N LYS O 102 7.70 6.41 -47.98
CA LYS O 102 8.93 5.83 -47.48
C LYS O 102 8.86 5.58 -45.98
N TYR O 103 8.26 6.52 -45.24
CA TYR O 103 8.13 6.37 -43.80
C TYR O 103 7.22 5.18 -43.44
N LYS O 104 6.12 5.02 -44.17
CA LYS O 104 5.11 4.03 -43.79
C LYS O 104 5.47 2.62 -44.25
N TYR O 105 6.08 2.49 -45.43
CA TYR O 105 6.28 1.19 -46.04
C TYR O 105 7.73 0.73 -46.08
N GLY O 106 8.67 1.59 -45.70
CA GLY O 106 10.06 1.17 -45.59
C GLY O 106 10.82 1.07 -46.89
N TYR O 107 10.27 1.53 -48.00
CA TYR O 107 10.98 1.54 -49.27
C TYR O 107 10.48 2.69 -50.12
N GLU O 108 11.32 3.09 -51.08
CA GLU O 108 11.01 4.26 -51.90
C GLU O 108 9.78 4.02 -52.76
N ILE O 109 9.00 5.07 -52.93
CA ILE O 109 7.76 4.98 -53.72
C ILE O 109 8.11 4.73 -55.18
N PRO O 110 7.38 3.88 -55.90
CA PRO O 110 7.53 3.81 -57.35
C PRO O 110 6.93 5.03 -58.02
N VAL O 111 7.41 5.30 -59.23
CA VAL O 111 6.93 6.47 -59.98
C VAL O 111 5.45 6.31 -60.31
N ASP O 112 5.04 5.10 -60.69
CA ASP O 112 3.64 4.86 -61.02
C ASP O 112 2.74 5.10 -59.82
N MET O 113 3.17 4.69 -58.63
CA MET O 113 2.35 4.88 -57.44
C MET O 113 2.22 6.35 -57.08
N LEU O 114 3.31 7.12 -57.21
CA LEU O 114 3.25 8.55 -56.95
C LEU O 114 2.31 9.25 -57.93
N CYS O 115 2.41 8.89 -59.22
CA CYS O 115 1.52 9.47 -60.21
C CYS O 115 0.07 9.10 -59.93
N LYS O 116 -0.17 7.86 -59.50
CA LYS O 116 -1.51 7.42 -59.17
C LYS O 116 -2.08 8.20 -57.99
N ARG O 117 -1.26 8.44 -56.96
CA ARG O 117 -1.73 9.21 -55.81
C ARG O 117 -2.06 10.64 -56.20
N ILE O 118 -1.20 11.27 -57.00
CA ILE O 118 -1.47 12.64 -57.46
C ILE O 118 -2.75 12.67 -58.30
N ALA O 119 -2.94 11.67 -59.15
CA ALA O 119 -4.14 11.60 -59.97
C ALA O 119 -5.39 11.41 -59.11
N ASP O 120 -5.28 10.64 -58.03
CA ASP O 120 -6.40 10.50 -57.10
C ASP O 120 -6.77 11.83 -56.45
N ILE O 121 -5.75 12.59 -56.03
CA ILE O 121 -6.02 13.91 -55.44
C ILE O 121 -6.70 14.82 -56.47
N SER O 122 -6.21 14.81 -57.71
CA SER O 122 -6.82 15.65 -58.73
C SER O 122 -8.24 15.21 -59.06
N GLN O 123 -8.52 13.90 -59.03
CA GLN O 123 -9.89 13.44 -59.21
C GLN O 123 -10.80 13.93 -58.09
N VAL O 124 -10.30 13.91 -56.86
CA VAL O 124 -11.07 14.43 -55.74
C VAL O 124 -11.39 15.91 -55.98
N TYR O 125 -10.44 16.64 -56.55
CA TYR O 125 -10.73 18.02 -56.95
C TYR O 125 -11.82 18.08 -58.04
N THR O 126 -11.79 17.15 -59.00
CA THR O 126 -12.76 17.19 -60.08
C THR O 126 -14.16 16.76 -59.65
N GLN O 127 -14.31 16.07 -58.52
CA GLN O 127 -15.64 15.62 -58.12
C GLN O 127 -16.33 16.56 -57.14
N ASN O 128 -15.60 17.36 -56.39
CA ASN O 128 -16.19 18.27 -55.42
C ASN O 128 -16.30 19.67 -56.02
N ALA O 129 -17.41 20.35 -55.72
CA ALA O 129 -17.71 21.64 -56.33
C ALA O 129 -17.17 22.83 -55.55
N GLU O 130 -16.77 22.63 -54.29
CA GLU O 130 -16.35 23.76 -53.47
C GLU O 130 -15.00 24.33 -53.88
N MET O 131 -14.18 23.55 -54.59
CA MET O 131 -12.84 23.97 -54.94
C MET O 131 -12.63 23.84 -56.45
N ARG O 132 -11.52 24.40 -56.91
CA ARG O 132 -11.10 24.48 -58.30
C ARG O 132 -10.03 23.45 -58.59
N PRO O 133 -10.12 22.71 -59.70
CA PRO O 133 -9.01 21.84 -60.09
C PRO O 133 -7.77 22.64 -60.43
N LEU O 134 -6.62 22.04 -60.21
CA LEU O 134 -5.36 22.71 -60.47
C LEU O 134 -5.08 22.76 -61.96
N GLY O 135 -4.65 23.93 -62.44
CA GLY O 135 -4.33 24.10 -63.85
C GLY O 135 -2.88 23.83 -64.15
N CYS O 136 -2.43 22.61 -63.88
CA CYS O 136 -1.03 22.24 -64.07
C CYS O 136 -0.95 20.78 -64.47
N CYS O 137 0.17 20.41 -65.06
CA CYS O 137 0.43 19.05 -65.50
C CYS O 137 1.79 18.59 -64.96
N MET O 138 1.83 17.37 -64.46
CA MET O 138 3.04 16.81 -63.86
C MET O 138 3.51 15.61 -64.67
N ILE O 139 4.79 15.61 -65.04
CA ILE O 139 5.43 14.48 -65.70
C ILE O 139 6.49 13.95 -64.77
N LEU O 140 6.37 12.67 -64.40
CA LEU O 140 7.25 12.05 -63.42
C LEU O 140 8.30 11.18 -64.11
N ILE O 141 9.53 11.23 -63.59
CA ILE O 141 10.68 10.58 -64.20
C ILE O 141 11.41 9.81 -63.12
N GLY O 142 11.71 8.54 -63.40
CA GLY O 142 12.41 7.72 -62.42
C GLY O 142 12.78 6.37 -62.99
N ILE O 143 13.64 5.68 -62.26
CA ILE O 143 14.13 4.35 -62.63
C ILE O 143 13.52 3.33 -61.68
N ASP O 144 12.96 2.26 -62.24
CA ASP O 144 12.39 1.17 -61.46
C ASP O 144 13.30 -0.04 -61.54
N GLU O 145 13.51 -0.70 -60.40
CA GLU O 145 14.46 -1.80 -60.33
C GLU O 145 14.06 -2.99 -61.20
N GLU O 146 12.79 -3.10 -61.57
CA GLU O 146 12.33 -4.20 -62.42
C GLU O 146 12.05 -3.77 -63.85
N GLN O 147 11.33 -2.66 -64.03
CA GLN O 147 10.94 -2.22 -65.37
C GLN O 147 11.92 -1.25 -66.00
N GLY O 148 12.79 -0.63 -65.23
CA GLY O 148 13.75 0.30 -65.76
C GLY O 148 13.27 1.74 -65.70
N PRO O 149 13.65 2.54 -66.69
CA PRO O 149 13.20 3.94 -66.72
C PRO O 149 11.68 4.03 -66.84
N GLN O 150 11.12 5.03 -66.17
CA GLN O 150 9.68 5.24 -66.13
C GLN O 150 9.37 6.70 -66.46
N VAL O 151 8.38 6.91 -67.33
CA VAL O 151 7.87 8.23 -67.63
C VAL O 151 6.37 8.21 -67.40
N TYR O 152 5.90 8.98 -66.42
CA TYR O 152 4.50 9.02 -66.06
C TYR O 152 4.00 10.46 -66.04
N LYS O 153 2.79 10.66 -66.56
CA LYS O 153 2.18 11.97 -66.63
C LYS O 153 0.78 11.91 -66.03
N CYS O 154 0.43 12.93 -65.25
CA CYS O 154 -0.92 13.08 -64.72
C CYS O 154 -1.48 14.43 -65.13
N ASP O 155 -2.81 14.49 -65.24
CA ASP O 155 -3.49 15.67 -65.75
C ASP O 155 -4.54 16.16 -64.75
N PRO O 156 -5.10 17.36 -64.94
CA PRO O 156 -6.13 17.84 -63.99
C PRO O 156 -7.38 16.97 -63.95
N ALA O 157 -7.62 16.15 -64.96
CA ALA O 157 -8.81 15.30 -64.99
C ALA O 157 -8.71 14.10 -64.06
N GLY O 158 -7.57 13.89 -63.41
CA GLY O 158 -7.36 12.68 -62.65
C GLY O 158 -6.86 11.50 -63.44
N TYR O 159 -6.44 11.72 -64.68
CA TYR O 159 -5.96 10.66 -65.55
C TYR O 159 -4.43 10.61 -65.51
N TYR O 160 -3.89 9.41 -65.38
CA TYR O 160 -2.44 9.22 -65.41
C TYR O 160 -2.13 8.00 -66.27
N CYS O 161 -0.92 7.98 -66.82
CA CYS O 161 -0.50 6.88 -67.67
C CYS O 161 1.02 6.90 -67.79
N GLY O 162 1.57 5.75 -68.19
CA GLY O 162 2.98 5.66 -68.51
C GLY O 162 3.21 5.85 -70.00
N PHE O 163 4.37 6.41 -70.33
CA PHE O 163 4.66 6.78 -71.71
C PHE O 163 6.07 6.35 -72.09
N LYS O 164 6.23 6.05 -73.38
CA LYS O 164 7.58 5.97 -73.96
C LYS O 164 8.11 7.36 -74.25
N ALA O 165 7.23 8.28 -74.66
CA ALA O 165 7.56 9.68 -74.85
C ALA O 165 6.28 10.48 -74.71
N THR O 166 6.40 11.68 -74.16
CA THR O 166 5.23 12.51 -73.90
C THR O 166 5.62 13.97 -73.92
N ALA O 167 4.60 14.83 -74.01
CA ALA O 167 4.80 16.26 -74.02
C ALA O 167 3.62 16.93 -73.35
N ALA O 168 3.83 18.17 -72.91
CA ALA O 168 2.79 18.95 -72.26
C ALA O 168 3.02 20.42 -72.54
N GLY O 169 1.94 21.16 -72.76
CA GLY O 169 2.04 22.59 -72.95
C GLY O 169 1.34 23.12 -74.18
N VAL O 170 1.85 24.23 -74.72
CA VAL O 170 1.19 24.89 -75.85
C VAL O 170 1.31 24.05 -77.11
N LYS O 171 2.47 23.43 -77.34
CA LYS O 171 2.76 22.71 -78.56
C LYS O 171 2.89 21.21 -78.32
N GLN O 172 1.99 20.65 -77.50
CA GLN O 172 2.05 19.23 -77.18
C GLN O 172 1.51 18.36 -78.30
N THR O 173 0.63 18.89 -79.17
CA THR O 173 0.13 18.09 -80.29
C THR O 173 1.21 17.88 -81.34
N GLU O 174 1.91 18.96 -81.72
CA GLU O 174 3.00 18.83 -82.68
C GLU O 174 4.12 17.98 -82.11
N SER O 175 4.44 18.16 -80.82
CA SER O 175 5.46 17.34 -80.18
C SER O 175 5.04 15.87 -80.15
N THR O 176 3.76 15.62 -79.87
CA THR O 176 3.27 14.24 -79.87
C THR O 176 3.40 13.61 -81.25
N SER O 177 3.06 14.36 -82.31
CA SER O 177 3.21 13.84 -83.65
C SER O 177 4.67 13.55 -83.99
N PHE O 178 5.56 14.47 -83.62
CA PHE O 178 6.98 14.28 -83.89
C PHE O 178 7.52 13.06 -83.15
N LEU O 179 7.13 12.89 -81.88
CA LEU O 179 7.56 11.72 -81.12
C LEU O 179 6.95 10.44 -81.68
N GLU O 180 5.72 10.50 -82.19
CA GLU O 180 5.14 9.33 -82.87
C GLU O 180 5.99 8.94 -84.07
N LYS O 181 6.39 9.92 -84.88
CA LYS O 181 7.25 9.64 -86.03
C LYS O 181 8.58 9.06 -85.59
N LYS O 182 9.18 9.61 -84.53
CA LYS O 182 10.49 9.14 -84.09
C LYS O 182 10.43 7.78 -83.40
N VAL O 183 9.28 7.40 -82.86
CA VAL O 183 9.18 6.12 -82.15
C VAL O 183 8.69 5.00 -83.08
N LYS O 184 7.91 5.33 -84.11
CA LYS O 184 7.48 4.30 -85.05
C LYS O 184 8.68 3.63 -85.73
N LYS O 185 9.67 4.42 -86.13
CA LYS O 185 10.93 3.88 -86.65
C LYS O 185 11.86 3.52 -85.49
N LYS O 186 11.39 2.60 -84.66
CA LYS O 186 12.00 2.34 -83.36
C LYS O 186 13.38 1.72 -83.53
N PHE O 187 14.41 2.52 -83.31
CA PHE O 187 15.78 2.04 -83.17
C PHE O 187 16.23 2.29 -81.73
N ASP O 188 16.96 1.34 -81.17
CA ASP O 188 17.30 1.38 -79.76
C ASP O 188 18.01 2.67 -79.40
N TRP O 189 17.58 3.30 -78.32
CA TRP O 189 18.03 4.64 -77.94
C TRP O 189 19.00 4.57 -76.78
N THR O 190 20.15 5.23 -76.92
CA THR O 190 21.08 5.40 -75.83
C THR O 190 20.74 6.69 -75.08
N PHE O 191 21.52 7.00 -74.04
CA PHE O 191 21.30 8.22 -73.29
C PHE O 191 21.48 9.44 -74.17
N GLU O 192 22.56 9.46 -74.96
CA GLU O 192 22.79 10.56 -75.88
C GLU O 192 21.65 10.68 -76.90
N GLN O 193 21.20 9.55 -77.44
CA GLN O 193 20.12 9.57 -78.42
C GLN O 193 18.82 10.05 -77.80
N THR O 194 18.54 9.66 -76.56
CA THR O 194 17.33 10.13 -75.88
C THR O 194 17.38 11.64 -75.67
N VAL O 195 18.52 12.15 -75.19
CA VAL O 195 18.64 13.59 -74.98
C VAL O 195 18.50 14.33 -76.30
N GLU O 196 19.13 13.82 -77.37
CA GLU O 196 19.03 14.43 -78.68
C GLU O 196 17.59 14.44 -79.18
N THR O 197 16.87 13.33 -78.99
CA THR O 197 15.48 13.25 -79.44
C THR O 197 14.63 14.29 -78.72
N ALA O 198 14.77 14.39 -77.40
CA ALA O 198 13.97 15.36 -76.66
C ALA O 198 14.29 16.78 -77.09
N ILE O 199 15.59 17.12 -77.14
CA ILE O 199 15.98 18.48 -77.48
C ILE O 199 15.54 18.85 -78.89
N THR O 200 15.74 17.94 -79.85
CA THR O 200 15.37 18.24 -81.22
C THR O 200 13.86 18.29 -81.40
N CYS O 201 13.10 17.50 -80.64
CA CYS O 201 11.65 17.60 -80.69
C CYS O 201 11.19 18.97 -80.22
N LEU O 202 11.72 19.43 -79.08
CA LEU O 202 11.36 20.76 -78.60
C LEU O 202 11.76 21.83 -79.60
N SER O 203 12.97 21.73 -80.16
CA SER O 203 13.44 22.73 -81.11
C SER O 203 12.59 22.77 -82.36
N THR O 204 12.23 21.60 -82.90
CA THR O 204 11.46 21.58 -84.14
C THR O 204 10.01 21.98 -83.93
N VAL O 205 9.42 21.71 -82.76
CA VAL O 205 8.08 22.19 -82.53
C VAL O 205 8.08 23.68 -82.17
N LEU O 206 9.20 24.22 -81.73
CA LEU O 206 9.35 25.67 -81.60
C LEU O 206 10.01 26.31 -82.81
N SER O 207 10.61 25.50 -83.70
CA SER O 207 11.20 26.00 -84.95
C SER O 207 12.28 27.05 -84.69
N ILE O 208 13.08 26.84 -83.65
CA ILE O 208 14.14 27.76 -83.28
C ILE O 208 15.40 26.98 -82.93
N ASP O 209 16.54 27.66 -83.05
CA ASP O 209 17.81 27.12 -82.59
C ASP O 209 17.97 27.40 -81.11
N PHE O 210 18.41 26.40 -80.36
CA PHE O 210 18.41 26.45 -78.91
C PHE O 210 19.78 26.88 -78.37
N LYS O 211 19.75 27.67 -77.30
CA LYS O 211 20.89 28.05 -76.49
C LYS O 211 20.85 27.30 -75.16
N PRO O 212 22.00 27.09 -74.52
CA PRO O 212 21.99 26.38 -73.23
C PRO O 212 21.18 27.06 -72.16
N SER O 213 20.94 28.37 -72.27
CA SER O 213 20.16 29.11 -71.28
C SER O 213 18.67 29.12 -71.60
N GLU O 214 18.25 28.54 -72.72
CA GLU O 214 16.85 28.55 -73.12
C GLU O 214 16.13 27.23 -72.84
N ILE O 215 16.83 26.23 -72.32
CA ILE O 215 16.21 24.94 -72.02
C ILE O 215 16.74 24.43 -70.68
N GLU O 216 16.00 23.48 -70.11
CA GLU O 216 16.37 22.83 -68.86
C GLU O 216 16.22 21.33 -69.05
N VAL O 217 17.24 20.57 -68.67
CA VAL O 217 17.28 19.12 -68.90
C VAL O 217 17.52 18.41 -67.57
N GLY O 218 16.69 17.42 -67.29
CA GLY O 218 16.92 16.55 -66.14
C GLY O 218 16.86 15.10 -66.57
N VAL O 219 17.72 14.28 -65.96
CA VAL O 219 17.92 12.91 -66.41
C VAL O 219 17.98 11.96 -65.22
N VAL O 220 17.59 10.71 -65.46
CA VAL O 220 17.88 9.58 -64.58
C VAL O 220 18.41 8.46 -65.44
N THR O 221 19.37 7.71 -64.91
CA THR O 221 19.97 6.59 -65.63
C THR O 221 20.00 5.36 -64.74
N VAL O 222 20.13 4.20 -65.36
CA VAL O 222 20.28 2.96 -64.60
C VAL O 222 21.60 2.96 -63.84
N GLU O 223 22.66 3.47 -64.48
CA GLU O 223 23.96 3.56 -63.80
C GLU O 223 23.89 4.51 -62.62
N ASN O 224 23.25 5.67 -62.79
CA ASN O 224 23.11 6.67 -61.74
C ASN O 224 21.62 6.95 -61.56
N PRO O 225 20.94 6.22 -60.68
CA PRO O 225 19.49 6.40 -60.54
C PRO O 225 19.09 7.76 -60.01
N LYS O 226 20.01 8.50 -59.40
CA LYS O 226 19.67 9.80 -58.84
C LYS O 226 19.27 10.79 -59.92
N PHE O 227 18.20 11.54 -59.65
CA PHE O 227 17.75 12.57 -60.58
C PHE O 227 18.67 13.78 -60.50
N ARG O 228 19.17 14.23 -61.65
CA ARG O 228 20.09 15.35 -61.70
C ARG O 228 19.71 16.29 -62.83
N ILE O 229 19.95 17.57 -62.62
CA ILE O 229 19.71 18.61 -63.62
C ILE O 229 21.03 18.92 -64.31
N LEU O 230 21.02 18.86 -65.64
CA LEU O 230 22.23 19.15 -66.40
C LEU O 230 22.62 20.61 -66.26
N THR O 231 23.91 20.86 -66.05
CA THR O 231 24.41 22.22 -66.04
C THR O 231 24.44 22.79 -67.45
N GLU O 232 24.78 24.08 -67.56
CA GLU O 232 24.82 24.71 -68.86
C GLU O 232 25.96 24.17 -69.72
N ALA O 233 27.03 23.67 -69.09
CA ALA O 233 28.13 23.09 -69.86
C ALA O 233 27.69 21.82 -70.59
N GLU O 234 26.98 20.92 -69.88
CA GLU O 234 26.55 19.68 -70.51
C GLU O 234 25.48 19.93 -71.56
N ILE O 235 24.55 20.85 -71.28
CA ILE O 235 23.54 21.21 -72.27
C ILE O 235 24.19 21.82 -73.50
N ASP O 236 25.20 22.67 -73.29
CA ASP O 236 25.92 23.26 -74.42
C ASP O 236 26.64 22.19 -75.24
N ALA O 237 27.25 21.22 -74.56
CA ALA O 237 27.91 20.13 -75.28
C ALA O 237 26.91 19.33 -76.11
N HIS O 238 25.75 19.02 -75.53
CA HIS O 238 24.71 18.33 -76.29
C HIS O 238 24.25 19.15 -77.48
N LEU O 239 24.07 20.46 -77.28
CA LEU O 239 23.61 21.33 -78.35
C LEU O 239 24.62 21.40 -79.48
N VAL O 240 25.91 21.48 -79.15
CA VAL O 240 26.95 21.51 -80.18
C VAL O 240 26.99 20.18 -80.93
N ALA O 241 26.94 19.07 -80.20
CA ALA O 241 26.95 17.76 -80.84
C ALA O 241 25.72 17.56 -81.73
N LEU O 242 24.61 18.23 -81.41
CA LEU O 242 23.44 18.20 -82.28
C LEU O 242 23.63 19.11 -83.49
N ALA O 243 24.23 20.28 -83.28
CA ALA O 243 24.32 21.27 -84.35
C ALA O 243 25.36 20.90 -85.40
N GLU O 244 26.38 20.12 -85.03
CA GLU O 244 27.37 19.71 -86.02
C GLU O 244 26.74 18.87 -87.13
N ARG O 245 25.79 18.01 -86.77
CA ARG O 245 25.10 17.18 -87.74
C ARG O 245 23.78 17.83 -88.16
N MET P 1 -8.03 30.09 -47.00
CA MET P 1 -8.27 28.66 -47.21
C MET P 1 -9.37 28.17 -46.27
N ALA P 2 -10.35 27.47 -46.84
CA ALA P 2 -11.45 26.91 -46.07
C ALA P 2 -11.72 25.49 -46.53
N GLU P 3 -11.96 24.60 -45.57
CA GLU P 3 -12.26 23.20 -45.84
C GLU P 3 -13.75 22.92 -45.89
N ARG P 4 -14.58 23.95 -45.75
CA ARG P 4 -16.04 23.76 -45.73
C ARG P 4 -16.53 23.45 -47.14
N GLY P 5 -16.92 22.20 -47.37
CA GLY P 5 -17.58 21.84 -48.60
C GLY P 5 -19.05 22.23 -48.60
N TYR P 6 -19.68 22.12 -49.75
CA TYR P 6 -21.10 22.42 -49.86
C TYR P 6 -21.90 21.32 -49.19
N SER P 7 -22.90 21.72 -48.40
CA SER P 7 -23.73 20.78 -47.64
C SER P 7 -25.11 20.62 -48.24
N PHE P 8 -25.31 21.03 -49.49
CA PHE P 8 -26.59 20.91 -50.16
C PHE P 8 -26.43 20.01 -51.38
N SER P 9 -27.52 19.30 -51.70
CA SER P 9 -27.47 18.34 -52.80
C SER P 9 -27.34 19.05 -54.14
N LEU P 10 -26.45 18.52 -54.98
CA LEU P 10 -26.36 18.97 -56.37
C LEU P 10 -27.23 18.15 -57.30
N THR P 11 -27.77 17.04 -56.83
CA THR P 11 -28.75 16.24 -57.56
C THR P 11 -30.10 16.44 -56.90
N THR P 12 -31.03 17.02 -57.64
CA THR P 12 -32.37 17.30 -57.14
C THR P 12 -33.40 16.77 -58.12
N PHE P 13 -34.66 16.79 -57.70
CA PHE P 13 -35.75 16.29 -58.51
C PHE P 13 -36.24 17.35 -59.48
N SER P 14 -36.47 16.94 -60.72
CA SER P 14 -37.07 17.80 -61.72
C SER P 14 -38.59 17.79 -61.56
N PRO P 15 -39.28 18.78 -62.14
CA PRO P 15 -40.76 18.78 -62.04
C PRO P 15 -41.41 17.52 -62.56
N SER P 16 -40.80 16.85 -63.54
CA SER P 16 -41.31 15.59 -64.06
C SER P 16 -40.96 14.41 -63.17
N GLY P 17 -40.22 14.62 -62.09
CA GLY P 17 -39.84 13.54 -61.19
C GLY P 17 -38.55 12.84 -61.53
N LYS P 18 -37.69 13.46 -62.32
CA LYS P 18 -36.42 12.87 -62.72
C LYS P 18 -35.27 13.52 -61.98
N LEU P 19 -34.18 12.77 -61.86
CA LEU P 19 -32.91 13.26 -61.33
C LEU P 19 -31.97 13.41 -62.53
N VAL P 20 -31.91 14.62 -63.08
CA VAL P 20 -31.23 14.82 -64.36
C VAL P 20 -29.72 14.64 -64.24
N GLN P 21 -29.14 14.84 -63.05
CA GLN P 21 -27.71 14.61 -62.90
C GLN P 21 -27.37 13.14 -63.11
N ILE P 22 -28.24 12.24 -62.63
CA ILE P 22 -28.04 10.82 -62.84
C ILE P 22 -28.10 10.49 -64.33
N GLU P 23 -29.06 11.10 -65.04
CA GLU P 23 -29.16 10.85 -66.49
C GLU P 23 -27.95 11.39 -67.23
N TYR P 24 -27.40 12.52 -66.78
CA TYR P 24 -26.21 13.06 -67.43
C TYR P 24 -24.99 12.19 -67.16
N ALA P 25 -24.89 11.64 -65.94
CA ALA P 25 -23.84 10.67 -65.65
C ALA P 25 -24.01 9.42 -66.51
N LEU P 26 -25.25 9.00 -66.74
CA LEU P 26 -25.51 7.86 -67.61
C LEU P 26 -25.11 8.16 -69.05
N ALA P 27 -25.32 9.40 -69.50
CA ALA P 27 -24.85 9.80 -70.82
C ALA P 27 -23.33 9.75 -70.90
N ALA P 28 -22.66 10.19 -69.84
CA ALA P 28 -21.20 10.09 -69.78
C ALA P 28 -20.75 8.64 -69.86
N VAL P 29 -21.48 7.74 -69.19
CA VAL P 29 -21.18 6.32 -69.29
C VAL P 29 -21.38 5.83 -70.72
N ALA P 30 -22.49 6.22 -71.33
CA ALA P 30 -22.81 5.76 -72.69
C ALA P 30 -21.82 6.30 -73.72
N GLY P 31 -21.12 7.38 -73.41
CA GLY P 31 -20.07 7.83 -74.29
C GLY P 31 -18.72 7.15 -74.11
N GLY P 32 -18.63 6.19 -73.18
CA GLY P 32 -17.37 5.54 -72.89
C GLY P 32 -17.09 4.37 -73.81
N ALA P 33 -15.92 3.76 -73.58
CA ALA P 33 -15.48 2.63 -74.39
C ALA P 33 -16.37 1.41 -74.13
N PRO P 34 -16.58 0.58 -75.15
CA PRO P 34 -17.42 -0.61 -74.97
C PRO P 34 -16.84 -1.56 -73.94
N SER P 35 -17.75 -2.20 -73.19
CA SER P 35 -17.38 -3.22 -72.21
C SER P 35 -18.40 -4.35 -72.30
N VAL P 36 -17.92 -5.59 -72.23
CA VAL P 36 -18.77 -6.76 -72.42
C VAL P 36 -18.54 -7.73 -71.26
N GLY P 37 -19.63 -8.23 -70.69
CA GLY P 37 -19.54 -9.26 -69.67
C GLY P 37 -20.51 -10.40 -69.95
N ILE P 38 -20.02 -11.62 -69.99
CA ILE P 38 -20.83 -12.80 -70.28
C ILE P 38 -20.64 -13.81 -69.16
N LYS P 39 -21.74 -14.35 -68.66
CA LYS P 39 -21.71 -15.39 -67.64
C LYS P 39 -21.90 -16.75 -68.32
N ALA P 40 -20.90 -17.61 -68.18
CA ALA P 40 -20.94 -18.95 -68.77
C ALA P 40 -21.31 -19.96 -67.68
N ALA P 41 -21.28 -21.25 -68.05
CA ALA P 41 -21.62 -22.30 -67.09
C ALA P 41 -20.54 -22.44 -66.02
N ASN P 42 -19.27 -22.33 -66.41
CA ASN P 42 -18.17 -22.55 -65.49
C ASN P 42 -17.39 -21.28 -65.16
N GLY P 43 -17.88 -20.11 -65.55
CA GLY P 43 -17.19 -18.88 -65.22
C GLY P 43 -17.78 -17.68 -65.92
N VAL P 44 -17.14 -16.54 -65.69
CA VAL P 44 -17.55 -15.26 -66.25
C VAL P 44 -16.36 -14.65 -66.96
N VAL P 45 -16.62 -13.97 -68.08
CA VAL P 45 -15.59 -13.29 -68.86
C VAL P 45 -15.95 -11.81 -68.93
N LEU P 46 -15.01 -10.95 -68.54
CA LEU P 46 -15.14 -9.51 -68.70
C LEU P 46 -14.18 -9.07 -69.80
N ALA P 47 -14.73 -8.47 -70.85
CA ALA P 47 -13.94 -8.01 -71.98
C ALA P 47 -14.21 -6.53 -72.22
N THR P 48 -13.14 -5.78 -72.49
CA THR P 48 -13.25 -4.37 -72.79
C THR P 48 -12.15 -3.99 -73.77
N GLU P 49 -12.35 -2.87 -74.45
CA GLU P 49 -11.37 -2.35 -75.39
C GLU P 49 -10.59 -1.21 -74.75
N LYS P 50 -9.27 -1.25 -74.93
CA LYS P 50 -8.38 -0.18 -74.47
C LYS P 50 -7.47 0.19 -75.63
N LYS P 51 -7.95 1.08 -76.50
CA LYS P 51 -7.18 1.58 -77.61
C LYS P 51 -6.62 2.95 -77.25
N GLN P 52 -5.31 3.11 -77.34
CA GLN P 52 -4.67 4.37 -77.00
C GLN P 52 -4.71 5.32 -78.18
N LYS P 53 -4.87 6.61 -77.88
CA LYS P 53 -4.91 7.62 -78.93
C LYS P 53 -3.57 7.79 -79.62
N SER P 54 -2.50 7.22 -79.08
CA SER P 54 -1.18 7.32 -79.69
C SER P 54 -0.38 6.07 -79.34
N ILE P 55 0.67 5.83 -80.13
CA ILE P 55 1.57 4.71 -79.84
C ILE P 55 2.54 5.01 -78.72
N LEU P 56 2.60 6.26 -78.26
CA LEU P 56 3.51 6.64 -77.19
C LEU P 56 3.05 6.13 -75.84
N TYR P 57 1.77 5.79 -75.69
CA TYR P 57 1.25 5.30 -74.43
C TYR P 57 1.80 3.91 -74.12
N ASP P 58 2.10 3.67 -72.86
CA ASP P 58 2.56 2.36 -72.41
C ASP P 58 1.34 1.51 -72.09
N GLU P 59 1.15 0.43 -72.85
CA GLU P 59 -0.05 -0.40 -72.71
C GLU P 59 -0.12 -1.07 -71.35
N ARG P 60 1.02 -1.51 -70.83
CA ARG P 60 1.06 -2.30 -69.60
C ARG P 60 1.08 -1.43 -68.34
N SER P 61 1.02 -0.12 -68.46
CA SER P 61 1.13 0.74 -67.29
C SER P 61 -0.18 0.78 -66.50
N VAL P 62 -1.30 1.03 -67.19
CA VAL P 62 -2.59 1.20 -66.54
C VAL P 62 -3.55 0.16 -67.10
N HIS P 63 -4.35 -0.43 -66.21
CA HIS P 63 -5.29 -1.49 -66.56
C HIS P 63 -6.72 -1.03 -66.35
N LYS P 64 -7.62 -1.53 -67.18
CA LYS P 64 -9.05 -1.28 -67.03
C LYS P 64 -9.78 -2.44 -66.36
N VAL P 65 -9.31 -3.66 -66.54
CA VAL P 65 -9.86 -4.83 -65.86
C VAL P 65 -9.05 -5.03 -64.58
N GLU P 66 -9.72 -4.91 -63.43
CA GLU P 66 -9.01 -4.91 -62.17
C GLU P 66 -9.53 -6.01 -61.25
N PRO P 67 -8.65 -6.64 -60.47
CA PRO P 67 -9.12 -7.59 -59.45
C PRO P 67 -9.47 -6.88 -58.15
N ILE P 68 -10.59 -7.26 -57.54
CA ILE P 68 -10.97 -6.74 -56.23
C ILE P 68 -10.49 -7.67 -55.13
N THR P 69 -10.81 -8.96 -55.25
CA THR P 69 -10.28 -9.98 -54.37
C THR P 69 -9.73 -11.12 -55.22
N LYS P 70 -9.39 -12.25 -54.59
CA LYS P 70 -8.93 -13.40 -55.35
C LYS P 70 -10.03 -14.01 -56.21
N HIS P 71 -11.29 -13.62 -56.01
CA HIS P 71 -12.41 -14.22 -56.72
C HIS P 71 -13.35 -13.21 -57.36
N ILE P 72 -13.04 -11.93 -57.32
CA ILE P 72 -13.94 -10.89 -57.83
C ILE P 72 -13.15 -9.96 -58.76
N GLY P 73 -13.72 -9.68 -59.93
CA GLY P 73 -13.11 -8.79 -60.89
C GLY P 73 -13.99 -7.57 -61.16
N LEU P 74 -13.43 -6.64 -61.92
CA LEU P 74 -14.10 -5.37 -62.16
C LEU P 74 -13.68 -4.80 -63.51
N VAL P 75 -14.67 -4.30 -64.27
CA VAL P 75 -14.44 -3.50 -65.46
C VAL P 75 -15.50 -2.41 -65.50
N TYR P 76 -15.26 -1.38 -66.30
CA TYR P 76 -16.09 -0.19 -66.26
C TYR P 76 -16.31 0.36 -67.66
N SER P 77 -17.18 1.37 -67.73
CA SER P 77 -17.34 2.20 -68.92
C SER P 77 -17.67 3.61 -68.44
N GLY P 78 -16.89 4.58 -68.89
CA GLY P 78 -17.10 5.96 -68.46
C GLY P 78 -15.82 6.73 -68.20
N MET P 79 -15.68 7.27 -66.98
CA MET P 79 -14.54 8.11 -66.61
C MET P 79 -13.56 7.30 -65.78
N GLY P 80 -12.31 7.24 -66.23
CA GLY P 80 -11.31 6.40 -65.63
C GLY P 80 -10.98 6.68 -64.17
N PRO P 81 -10.72 7.95 -63.83
CA PRO P 81 -10.43 8.27 -62.42
C PRO P 81 -11.55 7.92 -61.46
N ASP P 82 -12.81 8.10 -61.87
CA ASP P 82 -13.93 7.65 -61.07
C ASP P 82 -13.88 6.15 -60.85
N TYR P 83 -13.51 5.41 -61.90
CA TYR P 83 -13.33 3.96 -61.77
C TYR P 83 -12.22 3.63 -60.79
N ARG P 84 -11.13 4.40 -60.80
CA ARG P 84 -10.04 4.16 -59.86
C ARG P 84 -10.51 4.34 -58.44
N VAL P 85 -11.27 5.41 -58.18
CA VAL P 85 -11.80 5.66 -56.84
C VAL P 85 -12.72 4.51 -56.42
N LEU P 86 -13.61 4.08 -57.32
CA LEU P 86 -14.53 3.01 -56.98
C LEU P 86 -13.80 1.69 -56.76
N VAL P 87 -12.72 1.44 -57.52
CA VAL P 87 -11.92 0.23 -57.32
C VAL P 87 -11.28 0.25 -55.94
N HIS P 88 -10.70 1.39 -55.55
CA HIS P 88 -10.10 1.50 -54.23
C HIS P 88 -11.13 1.24 -53.14
N ARG P 89 -12.31 1.85 -53.27
CA ARG P 89 -13.34 1.68 -52.24
C ARG P 89 -13.87 0.26 -52.20
N ALA P 90 -14.01 -0.38 -53.37
CA ALA P 90 -14.46 -1.77 -53.41
C ALA P 90 -13.45 -2.71 -52.77
N ARG P 91 -12.16 -2.50 -53.04
CA ARG P 91 -11.13 -3.31 -52.40
C ARG P 91 -11.15 -3.11 -50.89
N LYS P 92 -11.30 -1.87 -50.44
CA LYS P 92 -11.38 -1.60 -49.00
C LYS P 92 -12.59 -2.28 -48.38
N LEU P 93 -13.74 -2.24 -49.05
CA LEU P 93 -14.94 -2.88 -48.51
C LEU P 93 -14.77 -4.39 -48.44
N ALA P 94 -14.18 -4.99 -49.47
CA ALA P 94 -13.95 -6.43 -49.45
C ALA P 94 -13.00 -6.81 -48.32
N GLN P 95 -11.95 -6.01 -48.10
CA GLN P 95 -11.03 -6.29 -47.02
C GLN P 95 -11.69 -6.15 -45.66
N GLN P 96 -12.57 -5.15 -45.50
CA GLN P 96 -13.32 -5.01 -44.25
C GLN P 96 -14.22 -6.21 -44.01
N TYR P 97 -14.90 -6.68 -45.06
CA TYR P 97 -15.75 -7.86 -44.91
C TYR P 97 -14.93 -9.09 -44.52
N TYR P 98 -13.76 -9.26 -45.15
CA TYR P 98 -12.92 -10.40 -44.80
C TYR P 98 -12.39 -10.28 -43.38
N LEU P 99 -12.08 -9.07 -42.93
CA LEU P 99 -11.66 -8.88 -41.56
C LEU P 99 -12.76 -9.25 -40.57
N VAL P 100 -14.00 -8.88 -40.89
CA VAL P 100 -15.10 -9.13 -39.96
C VAL P 100 -15.47 -10.61 -39.94
N TYR P 101 -15.62 -11.22 -41.11
CA TYR P 101 -16.18 -12.57 -41.22
C TYR P 101 -15.17 -13.65 -41.55
N GLN P 102 -13.93 -13.29 -41.88
CA GLN P 102 -12.86 -14.25 -42.16
C GLN P 102 -13.21 -15.20 -43.30
N GLU P 103 -14.06 -14.75 -44.22
CA GLU P 103 -14.34 -15.47 -45.46
C GLU P 103 -14.38 -14.46 -46.59
N PRO P 104 -14.04 -14.87 -47.82
CA PRO P 104 -14.12 -13.94 -48.95
C PRO P 104 -15.54 -13.45 -49.16
N ILE P 105 -15.66 -12.17 -49.50
CA ILE P 105 -16.99 -11.55 -49.61
C ILE P 105 -17.74 -12.14 -50.79
N PRO P 106 -19.02 -12.48 -50.64
CA PRO P 106 -19.82 -12.86 -51.81
C PRO P 106 -19.94 -11.69 -52.78
N THR P 107 -20.09 -12.02 -54.07
CA THR P 107 -20.14 -10.98 -55.09
C THR P 107 -21.32 -10.04 -54.88
N ALA P 108 -22.49 -10.59 -54.50
CA ALA P 108 -23.68 -9.77 -54.33
C ALA P 108 -23.49 -8.75 -53.20
N GLN P 109 -22.84 -9.16 -52.10
CA GLN P 109 -22.63 -8.24 -51.00
C GLN P 109 -21.73 -7.08 -51.40
N LEU P 110 -20.65 -7.37 -52.12
CA LEU P 110 -19.76 -6.30 -52.59
C LEU P 110 -20.47 -5.40 -53.58
N VAL P 111 -21.30 -5.97 -54.45
CA VAL P 111 -22.07 -5.15 -55.39
C VAL P 111 -23.00 -4.22 -54.63
N GLN P 112 -23.66 -4.73 -53.59
CA GLN P 112 -24.55 -3.90 -52.79
C GLN P 112 -23.79 -2.78 -52.10
N ARG P 113 -22.61 -3.08 -51.57
CA ARG P 113 -21.82 -2.05 -50.88
C ARG P 113 -21.36 -0.95 -51.85
N VAL P 114 -20.89 -1.34 -53.03
CA VAL P 114 -20.46 -0.35 -54.02
C VAL P 114 -21.65 0.47 -54.49
N ALA P 115 -22.82 -0.18 -54.66
CA ALA P 115 -24.01 0.54 -55.03
C ALA P 115 -24.42 1.53 -53.94
N SER P 116 -24.24 1.15 -52.68
CA SER P 116 -24.51 2.07 -51.58
C SER P 116 -23.59 3.29 -51.64
N VAL P 117 -22.31 3.06 -51.94
CA VAL P 117 -21.39 4.19 -52.08
C VAL P 117 -21.83 5.11 -53.22
N MET P 118 -22.22 4.53 -54.35
CA MET P 118 -22.67 5.34 -55.48
C MET P 118 -23.94 6.10 -55.14
N GLN P 119 -24.86 5.49 -54.41
CA GLN P 119 -26.05 6.21 -53.96
C GLN P 119 -25.69 7.35 -53.02
N GLU P 120 -24.72 7.13 -52.14
CA GLU P 120 -24.26 8.19 -51.25
C GLU P 120 -23.77 9.38 -52.06
N TYR P 121 -22.96 9.13 -53.09
CA TYR P 121 -22.52 10.24 -53.93
C TYR P 121 -23.64 10.79 -54.80
N THR P 122 -24.73 10.04 -54.98
CA THR P 122 -25.89 10.56 -55.68
C THR P 122 -26.69 11.53 -54.81
N GLN P 123 -26.76 11.28 -53.50
CA GLN P 123 -27.62 12.06 -52.63
C GLN P 123 -26.88 13.05 -51.72
N SER P 124 -25.65 12.76 -51.33
CA SER P 124 -24.98 13.61 -50.35
C SER P 124 -24.65 14.98 -50.95
N GLY P 125 -24.35 15.92 -50.06
CA GLY P 125 -24.25 17.32 -50.44
C GLY P 125 -22.88 17.70 -50.98
N GLY P 126 -22.90 18.58 -51.99
CA GLY P 126 -21.69 19.17 -52.53
C GLY P 126 -20.89 18.31 -53.47
N VAL P 127 -21.41 17.16 -53.90
CA VAL P 127 -20.71 16.28 -54.81
C VAL P 127 -21.63 15.90 -55.96
N ARG P 128 -21.02 15.44 -57.04
CA ARG P 128 -21.67 14.93 -58.22
C ARG P 128 -21.61 13.41 -58.25
N PRO P 129 -22.57 12.75 -58.89
CA PRO P 129 -22.52 11.29 -58.99
C PRO P 129 -21.37 10.83 -59.88
N PHE P 130 -20.94 9.59 -59.65
CA PHE P 130 -19.89 9.00 -60.46
C PHE P 130 -20.34 8.84 -61.91
N GLY P 131 -19.43 9.05 -62.84
CA GLY P 131 -19.75 8.91 -64.25
C GLY P 131 -19.32 7.58 -64.84
N VAL P 132 -19.53 6.50 -64.10
CA VAL P 132 -19.10 5.17 -64.52
C VAL P 132 -20.18 4.15 -64.21
N SER P 133 -20.26 3.13 -65.05
CA SER P 133 -21.02 1.91 -64.76
C SER P 133 -20.03 0.75 -64.65
N LEU P 134 -20.23 -0.10 -63.66
CA LEU P 134 -19.30 -1.16 -63.34
C LEU P 134 -19.88 -2.51 -63.71
N LEU P 135 -19.06 -3.37 -64.30
CA LEU P 135 -19.38 -4.77 -64.52
C LEU P 135 -18.55 -5.59 -63.54
N ILE P 136 -19.22 -6.37 -62.69
CA ILE P 136 -18.58 -7.09 -61.60
C ILE P 136 -18.84 -8.58 -61.79
N CYS P 137 -17.76 -9.37 -61.77
CA CYS P 137 -17.85 -10.82 -61.87
C CYS P 137 -17.28 -11.45 -60.62
N GLY P 138 -17.83 -12.60 -60.25
CA GLY P 138 -17.36 -13.29 -59.06
C GLY P 138 -17.70 -14.76 -59.11
N TRP P 139 -17.07 -15.50 -58.20
CA TRP P 139 -17.28 -16.94 -58.08
C TRP P 139 -17.46 -17.28 -56.61
N ASN P 140 -18.67 -17.70 -56.24
CA ASN P 140 -18.99 -18.08 -54.87
C ASN P 140 -19.76 -19.39 -54.87
N GLU P 141 -19.32 -20.34 -54.04
CA GLU P 141 -20.01 -21.61 -53.84
C GLU P 141 -20.22 -22.35 -55.16
N GLY P 142 -19.19 -22.37 -55.99
CA GLY P 142 -19.29 -23.04 -57.29
C GLY P 142 -20.35 -22.45 -58.19
N ARG P 143 -20.53 -21.13 -58.15
CA ARG P 143 -21.55 -20.44 -58.92
C ARG P 143 -20.99 -19.14 -59.47
N PRO P 144 -21.10 -18.90 -60.76
CA PRO P 144 -20.65 -17.62 -61.32
C PRO P 144 -21.68 -16.53 -61.14
N TYR P 145 -21.19 -15.30 -61.05
CA TYR P 145 -22.04 -14.13 -60.87
C TYR P 145 -21.59 -13.02 -61.80
N LEU P 146 -22.56 -12.21 -62.23
CA LEU P 146 -22.27 -11.06 -63.08
C LEU P 146 -23.28 -9.96 -62.77
N PHE P 147 -22.80 -8.83 -62.29
CA PHE P 147 -23.66 -7.71 -61.94
C PHE P 147 -23.23 -6.46 -62.69
N GLN P 148 -24.16 -5.54 -62.87
CA GLN P 148 -23.89 -4.22 -63.43
C GLN P 148 -24.43 -3.17 -62.49
N SER P 149 -23.56 -2.25 -62.08
CA SER P 149 -23.92 -1.15 -61.19
C SER P 149 -23.87 0.15 -61.96
N ASP P 150 -24.97 0.88 -61.96
CA ASP P 150 -25.10 2.14 -62.69
C ASP P 150 -24.78 3.31 -61.79
N PRO P 151 -24.56 4.50 -62.37
CA PRO P 151 -24.20 5.67 -61.54
C PRO P 151 -25.24 6.02 -60.48
N SER P 152 -26.51 5.70 -60.69
CA SER P 152 -27.54 6.05 -59.71
C SER P 152 -27.44 5.22 -58.44
N GLY P 153 -26.66 4.14 -58.44
CA GLY P 153 -26.59 3.26 -57.30
C GLY P 153 -27.43 2.02 -57.39
N ALA P 154 -28.03 1.73 -58.54
CA ALA P 154 -28.82 0.53 -58.74
C ALA P 154 -27.98 -0.53 -59.43
N TYR P 155 -28.23 -1.79 -59.07
CA TYR P 155 -27.48 -2.92 -59.61
C TYR P 155 -28.43 -3.96 -60.18
N PHE P 156 -27.94 -4.68 -61.19
CA PHE P 156 -28.73 -5.68 -61.88
C PHE P 156 -27.87 -6.91 -62.13
N ALA P 157 -28.44 -8.10 -61.88
CA ALA P 157 -27.76 -9.34 -62.20
C ALA P 157 -28.01 -9.70 -63.66
N TRP P 158 -26.95 -10.08 -64.36
CA TRP P 158 -27.01 -10.28 -65.81
C TRP P 158 -26.45 -11.64 -66.18
N LYS P 159 -26.93 -12.15 -67.31
CA LYS P 159 -26.30 -13.28 -67.98
C LYS P 159 -25.29 -12.80 -69.02
N ALA P 160 -25.64 -11.76 -69.76
CA ALA P 160 -24.74 -11.12 -70.71
C ALA P 160 -25.23 -9.70 -70.94
N THR P 161 -24.31 -8.75 -70.99
CA THR P 161 -24.67 -7.35 -71.15
C THR P 161 -23.49 -6.60 -71.76
N ALA P 162 -23.78 -5.39 -72.22
CA ALA P 162 -22.77 -4.52 -72.81
C ALA P 162 -22.97 -3.10 -72.29
N MET P 163 -21.87 -2.35 -72.20
CA MET P 163 -21.89 -0.97 -71.76
C MET P 163 -21.12 -0.12 -72.76
N GLY P 164 -21.22 1.20 -72.59
CA GLY P 164 -20.45 2.12 -73.41
C GLY P 164 -21.11 2.39 -74.76
N LYS P 165 -20.27 2.80 -75.71
CA LYS P 165 -20.74 3.12 -77.05
C LYS P 165 -21.31 1.90 -77.73
N ASN P 166 -22.42 2.09 -78.44
CA ASN P 166 -23.08 1.03 -79.22
C ASN P 166 -23.49 -0.14 -78.34
N TYR P 167 -23.90 0.15 -77.09
CA TYR P 167 -24.26 -0.93 -76.18
C TYR P 167 -25.62 -1.53 -76.48
N VAL P 168 -26.49 -0.80 -77.19
CA VAL P 168 -27.77 -1.39 -77.62
C VAL P 168 -27.54 -2.43 -78.69
N ASN P 169 -26.70 -2.12 -79.68
CA ASN P 169 -26.35 -3.09 -80.71
C ASN P 169 -25.64 -4.28 -80.09
N GLY P 170 -24.74 -4.03 -79.14
CA GLY P 170 -24.08 -5.13 -78.45
C GLY P 170 -25.06 -5.99 -77.67
N LYS P 171 -26.07 -5.35 -77.05
CA LYS P 171 -27.09 -6.10 -76.34
C LYS P 171 -27.89 -6.99 -77.29
N THR P 172 -28.26 -6.46 -78.45
CA THR P 172 -28.98 -7.28 -79.43
C THR P 172 -28.10 -8.43 -79.94
N PHE P 173 -26.83 -8.15 -80.21
CA PHE P 173 -25.91 -9.19 -80.67
C PHE P 173 -25.76 -10.29 -79.63
N LEU P 174 -25.60 -9.91 -78.36
CA LEU P 174 -25.51 -10.90 -77.29
C LEU P 174 -26.82 -11.68 -77.16
N GLU P 175 -27.95 -11.00 -77.30
CA GLU P 175 -29.25 -11.67 -77.21
C GLU P 175 -29.38 -12.75 -78.28
N LYS P 176 -28.95 -12.44 -79.51
CA LYS P 176 -29.03 -13.45 -80.57
C LYS P 176 -27.90 -14.47 -80.52
N ARG P 177 -26.81 -14.17 -79.80
CA ARG P 177 -25.65 -15.07 -79.76
C ARG P 177 -25.50 -15.83 -78.45
N TYR P 178 -25.94 -15.28 -77.32
CA TYR P 178 -25.74 -15.93 -76.03
C TYR P 178 -26.76 -17.04 -75.82
N ASN P 179 -26.30 -18.14 -75.23
CA ASN P 179 -27.17 -19.22 -74.81
C ASN P 179 -26.57 -19.86 -73.57
N GLU P 180 -27.43 -20.41 -72.71
CA GLU P 180 -26.97 -21.06 -71.51
C GLU P 180 -26.21 -22.34 -71.85
N ASP P 181 -25.61 -22.94 -70.81
CA ASP P 181 -24.72 -24.09 -70.95
C ASP P 181 -23.47 -23.77 -71.76
N LEU P 182 -23.18 -22.48 -71.93
CA LEU P 182 -21.97 -22.07 -72.64
C LEU P 182 -20.74 -22.31 -71.78
N GLU P 183 -19.65 -22.71 -72.44
CA GLU P 183 -18.38 -22.87 -71.76
C GLU P 183 -17.63 -21.53 -71.72
N LEU P 184 -16.58 -21.49 -70.91
CA LEU P 184 -15.84 -20.24 -70.75
C LEU P 184 -15.12 -19.82 -72.02
N GLU P 185 -14.60 -20.78 -72.80
CA GLU P 185 -13.94 -20.44 -74.05
C GLU P 185 -14.93 -19.87 -75.06
N ASP P 186 -16.10 -20.49 -75.17
CA ASP P 186 -17.13 -19.96 -76.05
C ASP P 186 -17.60 -18.58 -75.59
N ALA P 187 -17.69 -18.39 -74.27
CA ALA P 187 -18.05 -17.08 -73.75
C ALA P 187 -17.00 -16.03 -74.09
N ILE P 188 -15.72 -16.39 -74.01
CA ILE P 188 -14.65 -15.47 -74.38
C ILE P 188 -14.74 -15.12 -75.86
N HIS P 189 -14.97 -16.12 -76.71
CA HIS P 189 -15.11 -15.86 -78.14
C HIS P 189 -16.30 -14.94 -78.42
N THR P 190 -17.43 -15.18 -77.74
CA THR P 190 -18.60 -14.34 -77.93
C THR P 190 -18.34 -12.91 -77.47
N ALA P 191 -17.66 -12.74 -76.35
CA ALA P 191 -17.34 -11.40 -75.87
C ALA P 191 -16.41 -10.67 -76.84
N ILE P 192 -15.42 -11.38 -77.39
CA ILE P 192 -14.52 -10.76 -78.34
C ILE P 192 -15.27 -10.39 -79.62
N LEU P 193 -16.20 -11.24 -80.06
CA LEU P 193 -17.01 -10.90 -81.23
C LEU P 193 -17.91 -9.69 -80.96
N THR P 194 -18.47 -9.60 -79.76
CA THR P 194 -19.28 -8.44 -79.40
C THR P 194 -18.44 -7.17 -79.40
N LEU P 195 -17.21 -7.25 -78.89
CA LEU P 195 -16.32 -6.10 -78.96
C LEU P 195 -15.99 -5.73 -80.41
N LYS P 196 -15.74 -6.73 -81.26
CA LYS P 196 -15.44 -6.49 -82.66
C LYS P 196 -16.62 -5.90 -83.41
N GLU P 197 -17.85 -6.13 -82.92
CA GLU P 197 -19.02 -5.59 -83.60
C GLU P 197 -18.97 -4.06 -83.68
N SER P 198 -18.51 -3.41 -82.61
CA SER P 198 -18.40 -1.96 -82.58
C SER P 198 -16.99 -1.46 -82.76
N PHE P 199 -15.99 -2.34 -82.77
CA PHE P 199 -14.61 -1.92 -82.89
C PHE P 199 -14.32 -1.35 -84.27
N GLU P 200 -13.58 -0.25 -84.30
CA GLU P 200 -13.11 0.36 -85.53
C GLU P 200 -11.59 0.22 -85.60
N GLY P 201 -11.09 -0.12 -86.78
CA GLY P 201 -9.69 -0.43 -86.94
C GLY P 201 -9.42 -1.92 -86.82
N GLN P 202 -8.17 -2.26 -86.52
CA GLN P 202 -7.74 -3.64 -86.33
C GLN P 202 -7.53 -3.90 -84.86
N MET P 203 -8.13 -4.97 -84.35
CA MET P 203 -8.06 -5.32 -82.94
C MET P 203 -6.89 -6.28 -82.72
N THR P 204 -5.99 -5.90 -81.83
CA THR P 204 -4.80 -6.68 -81.51
C THR P 204 -4.86 -7.14 -80.05
N GLU P 205 -3.81 -7.86 -79.64
CA GLU P 205 -3.74 -8.37 -78.27
C GLU P 205 -3.55 -7.26 -77.24
N ASP P 206 -3.17 -6.06 -77.66
CA ASP P 206 -3.05 -4.93 -76.76
C ASP P 206 -4.18 -3.93 -76.92
N ASN P 207 -5.04 -4.09 -77.92
CA ASN P 207 -6.18 -3.20 -78.10
C ASN P 207 -7.32 -3.50 -77.13
N ILE P 208 -7.38 -4.71 -76.58
CA ILE P 208 -8.47 -5.12 -75.72
C ILE P 208 -7.90 -5.71 -74.44
N GLU P 209 -8.72 -5.66 -73.39
CA GLU P 209 -8.39 -6.22 -72.09
C GLU P 209 -9.47 -7.21 -71.70
N VAL P 210 -9.06 -8.43 -71.38
CA VAL P 210 -9.99 -9.52 -71.09
C VAL P 210 -9.63 -10.11 -69.73
N GLY P 211 -10.64 -10.27 -68.89
CA GLY P 211 -10.46 -10.93 -67.60
C GLY P 211 -11.49 -12.01 -67.40
N ILE P 212 -11.07 -13.12 -66.79
CA ILE P 212 -11.93 -14.26 -66.58
C ILE P 212 -11.99 -14.59 -65.10
N CYS P 213 -13.16 -15.06 -64.67
CA CYS P 213 -13.38 -15.50 -63.30
C CYS P 213 -14.00 -16.89 -63.32
N ASN P 214 -13.37 -17.82 -62.61
CA ASN P 214 -13.86 -19.20 -62.56
C ASN P 214 -13.52 -19.78 -61.19
N GLU P 215 -13.55 -21.11 -61.09
CA GLU P 215 -13.29 -21.76 -59.81
C GLU P 215 -11.89 -21.41 -59.28
N ALA P 216 -10.92 -21.30 -60.18
CA ALA P 216 -9.57 -20.95 -59.75
C ALA P 216 -9.46 -19.51 -59.25
N GLY P 217 -10.45 -18.68 -59.54
CA GLY P 217 -10.45 -17.30 -59.12
C GLY P 217 -10.53 -16.36 -60.32
N PHE P 218 -10.31 -15.08 -60.04
CA PHE P 218 -10.29 -14.06 -61.08
C PHE P 218 -8.86 -13.73 -61.46
N ARG P 219 -8.62 -13.55 -62.75
CA ARG P 219 -7.31 -13.14 -63.24
C ARG P 219 -7.47 -12.42 -64.57
N ARG P 220 -6.50 -11.55 -64.87
CA ARG P 220 -6.45 -10.86 -66.14
C ARG P 220 -5.70 -11.71 -67.14
N LEU P 221 -6.27 -11.85 -68.35
CA LEU P 221 -5.62 -12.62 -69.39
C LEU P 221 -4.36 -11.90 -69.86
N THR P 222 -3.26 -12.65 -69.96
CA THR P 222 -2.04 -12.09 -70.51
C THR P 222 -2.22 -11.82 -72.01
N PRO P 223 -1.46 -10.86 -72.57
CA PRO P 223 -1.63 -10.56 -74.00
C PRO P 223 -1.35 -11.74 -74.91
N THR P 224 -0.56 -12.72 -74.47
CA THR P 224 -0.35 -13.92 -75.29
C THR P 224 -1.63 -14.73 -75.41
N GLU P 225 -2.35 -14.92 -74.31
CA GLU P 225 -3.63 -15.63 -74.35
C GLU P 225 -4.63 -14.87 -75.21
N VAL P 226 -4.66 -13.55 -75.09
CA VAL P 226 -5.57 -12.75 -75.92
C VAL P 226 -5.21 -12.89 -77.39
N LYS P 227 -3.91 -12.91 -77.70
CA LYS P 227 -3.49 -13.10 -79.08
C LYS P 227 -3.92 -14.46 -79.61
N ASP P 228 -3.77 -15.51 -78.79
CA ASP P 228 -4.20 -16.84 -79.22
C ASP P 228 -5.71 -16.88 -79.46
N TYR P 229 -6.48 -16.27 -78.57
CA TYR P 229 -7.94 -16.24 -78.75
C TYR P 229 -8.32 -15.46 -80.00
N LEU P 230 -7.65 -14.34 -80.25
CA LEU P 230 -7.93 -13.56 -81.44
C LEU P 230 -7.59 -14.33 -82.71
N ALA P 231 -6.47 -15.07 -82.69
CA ALA P 231 -6.13 -15.92 -83.82
C ALA P 231 -7.15 -17.04 -83.99
N ALA P 232 -7.77 -17.49 -82.90
CA ALA P 232 -8.82 -18.50 -82.98
C ALA P 232 -10.08 -17.97 -83.66
N ILE P 233 -10.20 -16.67 -83.86
CA ILE P 233 -11.36 -16.10 -84.54
C ILE P 233 -10.94 -15.59 -85.92
N SER Q 2 -21.56 29.73 -53.37
CA SER Q 2 -22.13 28.69 -52.52
C SER Q 2 -23.63 28.90 -52.35
N ARG Q 3 -24.03 30.13 -52.01
CA ARG Q 3 -25.44 30.44 -51.85
C ARG Q 3 -26.17 30.53 -53.19
N ARG Q 4 -25.44 30.68 -54.29
CA ARG Q 4 -26.06 30.78 -55.60
C ARG Q 4 -26.28 29.43 -56.26
N TYR Q 5 -25.49 28.42 -55.89
CA TYR Q 5 -25.68 27.07 -56.39
C TYR Q 5 -26.69 26.27 -55.57
N ASP Q 6 -27.03 26.75 -54.37
CA ASP Q 6 -28.00 26.07 -53.54
C ASP Q 6 -29.37 26.09 -54.18
N SER Q 7 -30.06 24.95 -54.13
CA SER Q 7 -31.38 24.81 -54.75
C SER Q 7 -32.53 24.95 -53.77
N ARG Q 8 -32.25 25.04 -52.46
CA ARG Q 8 -33.26 25.25 -51.44
C ARG Q 8 -34.34 24.16 -51.50
N THR Q 9 -33.91 22.92 -51.23
CA THR Q 9 -34.81 21.78 -51.32
C THR Q 9 -35.86 21.79 -50.22
N THR Q 10 -35.52 22.28 -49.04
CA THR Q 10 -36.40 22.21 -47.87
C THR Q 10 -37.05 23.55 -47.54
N ILE Q 11 -37.47 24.31 -48.55
CA ILE Q 11 -38.15 25.57 -48.32
C ILE Q 11 -39.59 25.46 -48.82
N PHE Q 12 -40.46 26.25 -48.20
CA PHE Q 12 -41.84 26.33 -48.64
C PHE Q 12 -41.96 27.08 -49.96
N SER Q 13 -43.08 26.87 -50.62
CA SER Q 13 -43.44 27.58 -51.84
C SER Q 13 -44.44 28.67 -51.52
N PRO Q 14 -44.59 29.67 -52.40
CA PRO Q 14 -45.56 30.75 -52.13
C PRO Q 14 -46.98 30.24 -51.91
N GLU Q 15 -47.33 29.07 -52.44
CA GLU Q 15 -48.62 28.47 -52.20
C GLU Q 15 -48.65 27.61 -50.93
N GLY Q 16 -47.54 27.54 -50.20
CA GLY Q 16 -47.46 26.66 -49.05
C GLY Q 16 -47.12 25.23 -49.38
N ARG Q 17 -46.45 24.98 -50.49
CA ARG Q 17 -46.14 23.64 -50.95
C ARG Q 17 -44.65 23.36 -50.79
N LEU Q 18 -44.32 22.07 -50.78
CA LEU Q 18 -42.94 21.60 -50.83
C LEU Q 18 -42.72 20.97 -52.20
N TYR Q 19 -41.95 21.66 -53.05
CA TYR Q 19 -41.87 21.26 -54.46
C TYR Q 19 -41.10 19.95 -54.63
N GLN Q 20 -40.01 19.78 -53.87
CA GLN Q 20 -39.20 18.57 -54.03
C GLN Q 20 -39.99 17.33 -53.65
N VAL Q 21 -40.83 17.44 -52.62
CA VAL Q 21 -41.68 16.30 -52.23
C VAL Q 21 -42.65 15.96 -53.35
N GLU Q 22 -43.25 16.98 -53.98
CA GLU Q 22 -44.19 16.74 -55.06
C GLU Q 22 -43.48 16.09 -56.26
N TYR Q 23 -42.25 16.53 -56.55
CA TYR Q 23 -41.51 15.93 -57.65
C TYR Q 23 -41.13 14.48 -57.33
N ALA Q 24 -40.80 14.21 -56.08
CA ALA Q 24 -40.57 12.83 -55.66
C ALA Q 24 -41.83 11.99 -55.81
N MET Q 25 -42.99 12.57 -55.52
CA MET Q 25 -44.25 11.87 -55.73
C MET Q 25 -44.49 11.59 -57.21
N GLU Q 26 -44.11 12.53 -58.08
CA GLU Q 26 -44.15 12.25 -59.51
C GLU Q 26 -43.25 11.07 -59.87
N ALA Q 27 -42.05 11.04 -59.30
CA ALA Q 27 -41.16 9.90 -59.51
C ALA Q 27 -41.81 8.60 -59.04
N ILE Q 28 -42.52 8.64 -57.92
CA ILE Q 28 -43.25 7.48 -57.44
C ILE Q 28 -44.28 7.05 -58.48
N GLY Q 29 -45.01 8.01 -59.03
CA GLY Q 29 -46.00 7.70 -60.05
C GLY Q 29 -45.40 7.06 -61.28
N HIS Q 30 -44.17 7.45 -61.63
CA HIS Q 30 -43.49 6.84 -62.77
C HIS Q 30 -43.09 5.38 -62.51
N ALA Q 31 -43.07 4.95 -61.26
CA ALA Q 31 -42.51 3.64 -60.92
C ALA Q 31 -43.50 2.52 -61.20
N GLY Q 32 -43.06 1.29 -60.94
CA GLY Q 32 -43.89 0.13 -61.18
C GLY Q 32 -45.03 0.01 -60.18
N THR Q 33 -46.02 -0.78 -60.56
CA THR Q 33 -47.23 -0.94 -59.76
C THR Q 33 -46.98 -1.90 -58.60
N CYS Q 34 -47.24 -1.44 -57.38
CA CYS Q 34 -47.20 -2.27 -56.19
C CYS Q 34 -48.59 -2.32 -55.57
N LEU Q 35 -49.05 -3.53 -55.25
CA LEU Q 35 -50.39 -3.74 -54.76
C LEU Q 35 -50.37 -4.50 -53.45
N GLY Q 36 -51.21 -4.10 -52.51
CA GLY Q 36 -51.34 -4.78 -51.24
C GLY Q 36 -52.79 -4.96 -50.83
N ILE Q 37 -53.16 -6.18 -50.46
CA ILE Q 37 -54.53 -6.51 -50.06
C ILE Q 37 -54.48 -7.26 -48.74
N LEU Q 38 -55.34 -6.85 -47.80
CA LEU Q 38 -55.43 -7.46 -46.49
C LEU Q 38 -56.65 -8.35 -46.41
N ALA Q 39 -56.46 -9.59 -45.96
CA ALA Q 39 -57.53 -10.58 -45.84
C ALA Q 39 -57.71 -10.95 -44.37
N ASN Q 40 -58.64 -11.87 -44.12
CA ASN Q 40 -58.89 -12.32 -42.76
C ASN Q 40 -57.78 -13.24 -42.27
N ASP Q 41 -57.25 -14.08 -43.15
CA ASP Q 41 -56.25 -15.08 -42.78
C ASP Q 41 -54.87 -14.74 -43.33
N GLY Q 42 -54.62 -13.48 -43.66
CA GLY Q 42 -53.31 -13.09 -44.14
C GLY Q 42 -53.36 -11.76 -44.85
N VAL Q 43 -52.22 -11.42 -45.46
CA VAL Q 43 -52.07 -10.18 -46.21
C VAL Q 43 -50.97 -10.41 -47.24
N LEU Q 44 -51.15 -9.85 -48.44
CA LEU Q 44 -50.27 -10.14 -49.56
C LEU Q 44 -49.78 -8.85 -50.21
N LEU Q 45 -48.65 -8.95 -50.89
CA LEU Q 45 -48.13 -7.90 -51.74
C LEU Q 45 -48.05 -8.41 -53.18
N ALA Q 46 -48.43 -7.56 -54.12
CA ALA Q 46 -48.36 -7.89 -55.54
C ALA Q 46 -47.66 -6.73 -56.25
N ALA Q 47 -46.58 -7.04 -56.96
CA ALA Q 47 -45.76 -6.03 -57.61
C ALA Q 47 -45.52 -6.39 -59.06
N GLU Q 48 -45.46 -5.36 -59.90
CA GLU Q 48 -45.13 -5.52 -61.31
C GLU Q 48 -43.63 -5.42 -61.48
N ARG Q 49 -43.02 -6.44 -62.08
CA ARG Q 49 -41.57 -6.51 -62.21
C ARG Q 49 -41.14 -5.63 -63.38
N ARG Q 50 -40.55 -4.48 -63.07
CA ARG Q 50 -40.04 -3.59 -64.10
C ARG Q 50 -38.75 -4.10 -64.74
N ASN Q 51 -38.06 -5.04 -64.09
CA ASN Q 51 -36.82 -5.61 -64.63
C ASN Q 51 -37.16 -6.86 -65.43
N ILE Q 52 -37.69 -6.64 -66.63
CA ILE Q 52 -37.96 -7.71 -67.59
C ILE Q 52 -36.97 -7.58 -68.74
N HIS Q 53 -36.31 -8.68 -69.07
CA HIS Q 53 -35.31 -8.74 -70.13
C HIS Q 53 -34.89 -10.20 -70.29
N LYS Q 54 -34.54 -10.57 -71.51
CA LYS Q 54 -34.15 -11.96 -71.78
C LYS Q 54 -32.81 -12.29 -71.15
N LEU Q 55 -31.89 -11.33 -71.10
CA LEU Q 55 -30.54 -11.55 -70.62
C LEU Q 55 -30.39 -11.30 -69.13
N LEU Q 56 -31.42 -10.84 -68.44
CA LEU Q 56 -31.35 -10.64 -67.00
C LEU Q 56 -31.24 -11.98 -66.29
N ASP Q 57 -30.38 -12.03 -65.27
CA ASP Q 57 -30.20 -13.25 -64.52
C ASP Q 57 -31.32 -13.43 -63.50
N GLU Q 58 -31.43 -14.65 -62.97
CA GLU Q 58 -32.46 -14.95 -61.99
C GLU Q 58 -32.26 -14.13 -60.73
N VAL Q 59 -33.34 -13.53 -60.22
CA VAL Q 59 -33.26 -12.80 -58.98
C VAL Q 59 -33.13 -13.78 -57.82
N PHE Q 60 -32.52 -13.32 -56.73
CA PHE Q 60 -32.25 -14.21 -55.61
C PHE Q 60 -33.52 -14.54 -54.85
N PHE Q 61 -34.16 -13.53 -54.27
CA PHE Q 61 -35.41 -13.72 -53.53
C PHE Q 61 -36.57 -12.98 -54.16
N SER Q 62 -36.43 -11.67 -54.38
CA SER Q 62 -37.48 -10.89 -55.02
C SER Q 62 -36.86 -9.60 -55.54
N GLU Q 63 -37.46 -9.06 -56.60
CA GLU Q 63 -36.97 -7.81 -57.16
C GLU Q 63 -37.32 -6.62 -56.28
N LYS Q 64 -38.56 -6.56 -55.80
CA LYS Q 64 -39.06 -5.38 -55.10
C LYS Q 64 -39.67 -5.67 -53.73
N ILE Q 65 -39.73 -6.93 -53.31
CA ILE Q 65 -40.30 -7.30 -52.03
C ILE Q 65 -39.16 -7.68 -51.09
N TYR Q 66 -39.07 -6.99 -49.96
CA TYR Q 66 -37.99 -7.17 -49.01
C TYR Q 66 -38.55 -7.62 -47.66
N LYS Q 67 -37.95 -8.65 -47.10
CA LYS Q 67 -38.27 -9.08 -45.74
C LYS Q 67 -37.59 -8.16 -44.75
N LEU Q 68 -38.38 -7.58 -43.84
CA LEU Q 68 -37.83 -6.64 -42.86
C LEU Q 68 -37.39 -7.33 -41.58
N ASN Q 69 -38.20 -8.28 -41.10
CA ASN Q 69 -37.83 -9.12 -39.97
C ASN Q 69 -38.68 -10.38 -40.05
N GLU Q 70 -38.72 -11.14 -38.95
CA GLU Q 70 -39.44 -12.40 -38.95
C GLU Q 70 -40.94 -12.24 -39.20
N ASP Q 71 -41.50 -11.06 -38.91
CA ASP Q 71 -42.94 -10.87 -38.97
C ASP Q 71 -43.40 -9.81 -39.97
N MET Q 72 -42.49 -9.18 -40.71
CA MET Q 72 -42.86 -8.09 -41.59
C MET Q 72 -42.12 -8.20 -42.92
N ALA Q 73 -42.76 -7.66 -43.97
CA ALA Q 73 -42.14 -7.52 -45.27
C ALA Q 73 -42.62 -6.22 -45.89
N CYS Q 74 -41.87 -5.72 -46.86
CA CYS Q 74 -42.21 -4.44 -47.48
C CYS Q 74 -41.98 -4.52 -48.99
N SER Q 75 -42.65 -3.62 -49.70
CA SER Q 75 -42.48 -3.45 -51.14
C SER Q 75 -42.25 -1.97 -51.42
N VAL Q 76 -41.44 -1.68 -52.43
CA VAL Q 76 -40.99 -0.32 -52.70
C VAL Q 76 -41.38 0.08 -54.12
N ALA Q 77 -41.55 1.38 -54.31
CA ALA Q 77 -41.81 1.96 -55.63
C ALA Q 77 -41.10 3.30 -55.70
N GLY Q 78 -40.29 3.49 -56.74
CA GLY Q 78 -39.54 4.72 -56.90
C GLY Q 78 -38.09 4.48 -57.23
N ILE Q 79 -37.19 5.29 -56.64
CA ILE Q 79 -35.77 5.11 -56.87
C ILE Q 79 -35.30 3.85 -56.15
N THR Q 80 -34.61 2.98 -56.88
CA THR Q 80 -34.24 1.68 -56.33
C THR Q 80 -33.21 1.81 -55.21
N SER Q 81 -32.20 2.65 -55.40
CA SER Q 81 -31.12 2.74 -54.41
C SER Q 81 -31.59 3.43 -53.14
N ASP Q 82 -32.45 4.45 -53.27
CA ASP Q 82 -33.08 5.04 -52.10
C ASP Q 82 -33.92 4.01 -51.36
N ALA Q 83 -34.58 3.12 -52.11
CA ALA Q 83 -35.33 2.04 -51.49
C ALA Q 83 -34.41 1.09 -50.74
N ASN Q 84 -33.23 0.81 -51.30
CA ASN Q 84 -32.25 -0.02 -50.60
C ASN Q 84 -31.84 0.62 -49.28
N VAL Q 85 -31.57 1.93 -49.30
CA VAL Q 85 -31.20 2.64 -48.09
C VAL Q 85 -32.32 2.56 -47.05
N LEU Q 86 -33.56 2.78 -47.50
CA LEU Q 86 -34.69 2.79 -46.57
C LEU Q 86 -34.94 1.40 -45.99
N THR Q 87 -34.76 0.35 -46.80
CA THR Q 87 -34.96 -1.00 -46.30
C THR Q 87 -33.88 -1.39 -45.30
N ASN Q 88 -32.63 -0.97 -45.56
CA ASN Q 88 -31.57 -1.20 -44.58
C ASN Q 88 -31.89 -0.49 -43.27
N GLU Q 89 -32.36 0.75 -43.34
CA GLU Q 89 -32.74 1.47 -42.12
C GLU Q 89 -33.89 0.77 -41.41
N LEU Q 90 -34.88 0.27 -42.15
CA LEU Q 90 -36.00 -0.43 -41.55
C LEU Q 90 -35.53 -1.68 -40.80
N ARG Q 91 -34.65 -2.46 -41.43
CA ARG Q 91 -34.10 -3.65 -40.76
C ARG Q 91 -33.34 -3.27 -39.50
N LEU Q 92 -32.56 -2.19 -39.58
CA LEU Q 92 -31.82 -1.73 -38.40
C LEU Q 92 -32.76 -1.34 -37.27
N ILE Q 93 -33.84 -0.62 -37.59
CA ILE Q 93 -34.79 -0.20 -36.56
C ILE Q 93 -35.48 -1.42 -35.93
N ALA Q 94 -35.88 -2.39 -36.76
CA ALA Q 94 -36.52 -3.58 -36.23
C ALA Q 94 -35.58 -4.35 -35.30
N GLN Q 95 -34.32 -4.51 -35.70
CA GLN Q 95 -33.38 -5.21 -34.84
C GLN Q 95 -33.07 -4.44 -33.57
N ARG Q 96 -33.03 -3.10 -33.64
CA ARG Q 96 -32.81 -2.31 -32.43
C ARG Q 96 -33.97 -2.47 -31.46
N TYR Q 97 -35.20 -2.46 -31.97
CA TYR Q 97 -36.35 -2.70 -31.08
C TYR Q 97 -36.29 -4.09 -30.46
N LEU Q 98 -35.94 -5.09 -31.26
CA LEU Q 98 -35.82 -6.45 -30.73
C LEU Q 98 -34.75 -6.52 -29.65
N LEU Q 99 -33.62 -5.85 -29.86
CA LEU Q 99 -32.57 -5.84 -28.84
C LEU Q 99 -33.05 -5.14 -27.58
N GLN Q 100 -33.79 -4.04 -27.71
CA GLN Q 100 -34.18 -3.26 -26.55
C GLN Q 100 -35.26 -3.96 -25.72
N TYR Q 101 -36.23 -4.59 -26.38
CA TYR Q 101 -37.38 -5.14 -25.67
C TYR Q 101 -37.47 -6.66 -25.72
N GLN Q 102 -36.62 -7.33 -26.49
CA GLN Q 102 -36.65 -8.79 -26.66
C GLN Q 102 -37.99 -9.29 -27.19
N GLU Q 103 -38.73 -8.43 -27.88
CA GLU Q 103 -39.97 -8.76 -28.56
C GLU Q 103 -39.94 -8.17 -29.96
N PRO Q 104 -40.66 -8.78 -30.91
CA PRO Q 104 -40.74 -8.20 -32.25
C PRO Q 104 -41.43 -6.85 -32.23
N ILE Q 105 -40.99 -5.96 -33.11
CA ILE Q 105 -41.53 -4.60 -33.15
C ILE Q 105 -42.93 -4.65 -33.77
N PRO Q 106 -43.89 -3.88 -33.24
CA PRO Q 106 -45.16 -3.71 -33.95
C PRO Q 106 -44.94 -2.97 -35.26
N CYS Q 107 -45.80 -3.26 -36.24
CA CYS Q 107 -45.61 -2.74 -37.59
C CYS Q 107 -45.69 -1.21 -37.62
N GLU Q 108 -46.66 -0.64 -36.91
CA GLU Q 108 -46.87 0.80 -36.99
C GLU Q 108 -45.70 1.57 -36.40
N GLN Q 109 -45.03 1.02 -35.39
CA GLN Q 109 -43.84 1.67 -34.85
C GLN Q 109 -42.71 1.73 -35.88
N LEU Q 110 -42.51 0.65 -36.62
CA LEU Q 110 -41.49 0.64 -37.66
C LEU Q 110 -41.83 1.64 -38.76
N VAL Q 111 -43.10 1.68 -39.19
CA VAL Q 111 -43.51 2.64 -40.21
C VAL Q 111 -43.33 4.06 -39.70
N THR Q 112 -43.67 4.30 -38.43
CA THR Q 112 -43.50 5.62 -37.84
C THR Q 112 -42.05 6.04 -37.81
N ALA Q 113 -41.14 5.12 -37.46
CA ALA Q 113 -39.72 5.46 -37.41
C ALA Q 113 -39.20 5.83 -38.80
N LEU Q 114 -39.55 5.01 -39.81
CA LEU Q 114 -39.07 5.33 -41.16
C LEU Q 114 -39.68 6.65 -41.66
N CYS Q 115 -40.95 6.90 -41.34
CA CYS Q 115 -41.57 8.15 -41.75
C CYS Q 115 -40.96 9.34 -41.03
N ASP Q 116 -40.52 9.16 -39.78
CA ASP Q 116 -39.79 10.22 -39.09
C ASP Q 116 -38.48 10.52 -39.80
N ILE Q 117 -37.78 9.48 -40.25
CA ILE Q 117 -36.55 9.70 -41.03
C ILE Q 117 -36.88 10.50 -42.30
N LYS Q 118 -37.95 10.11 -43.00
CA LYS Q 118 -38.34 10.80 -44.21
C LYS Q 118 -38.66 12.27 -43.95
N GLN Q 119 -39.43 12.55 -42.89
CA GLN Q 119 -39.77 13.92 -42.57
C GLN Q 119 -38.54 14.73 -42.19
N ALA Q 120 -37.63 14.13 -41.44
CA ALA Q 120 -36.38 14.82 -41.09
C ALA Q 120 -35.61 15.19 -42.35
N TYR Q 121 -35.63 14.33 -43.36
CA TYR Q 121 -35.01 14.69 -44.63
C TYR Q 121 -35.76 15.82 -45.33
N THR Q 122 -37.10 15.81 -45.24
CA THR Q 122 -37.88 16.83 -45.94
C THR Q 122 -37.93 18.17 -45.21
N GLN Q 123 -37.45 18.27 -43.97
CA GLN Q 123 -37.53 19.53 -43.23
C GLN Q 123 -36.21 20.28 -43.14
N PHE Q 124 -35.10 19.57 -42.91
CA PHE Q 124 -33.82 20.24 -42.71
C PHE Q 124 -32.71 19.42 -43.35
N GLY Q 125 -31.57 20.05 -43.54
CA GLY Q 125 -30.38 19.41 -44.05
C GLY Q 125 -29.98 19.84 -45.46
N GLY Q 126 -30.91 20.38 -46.23
CA GLY Q 126 -30.58 20.82 -47.58
C GLY Q 126 -30.39 19.71 -48.57
N LYS Q 127 -30.77 18.49 -48.24
CA LYS Q 127 -30.64 17.33 -49.12
C LYS Q 127 -31.97 17.02 -49.78
N ARG Q 128 -31.90 16.38 -50.94
CA ARG Q 128 -33.11 15.97 -51.64
C ARG Q 128 -33.81 14.86 -50.87
N PRO Q 129 -35.13 14.80 -50.93
CA PRO Q 129 -35.85 13.76 -50.21
C PRO Q 129 -35.70 12.40 -50.87
N PHE Q 130 -36.04 11.36 -50.11
CA PHE Q 130 -36.07 10.01 -50.64
C PHE Q 130 -37.27 9.86 -51.57
N GLY Q 131 -37.01 9.49 -52.82
CA GLY Q 131 -38.08 9.27 -53.76
C GLY Q 131 -38.58 7.85 -53.75
N VAL Q 132 -39.09 7.40 -52.61
CA VAL Q 132 -39.58 6.02 -52.45
C VAL Q 132 -40.89 6.04 -51.69
N SER Q 133 -41.88 5.33 -52.21
CA SER Q 133 -43.09 4.98 -51.48
C SER Q 133 -43.04 3.50 -51.13
N LEU Q 134 -43.51 3.16 -49.94
CA LEU Q 134 -43.41 1.80 -49.44
C LEU Q 134 -44.78 1.25 -49.07
N LEU Q 135 -44.93 -0.05 -49.25
CA LEU Q 135 -46.09 -0.81 -48.78
C LEU Q 135 -45.61 -1.81 -47.74
N TYR Q 136 -46.24 -1.83 -46.58
CA TYR Q 136 -45.83 -2.69 -45.47
C TYR Q 136 -46.93 -3.70 -45.18
N ILE Q 137 -46.53 -4.96 -45.04
CA ILE Q 137 -47.42 -6.02 -44.58
C ILE Q 137 -46.74 -6.73 -43.42
N GLY Q 138 -47.53 -7.11 -42.43
CA GLY Q 138 -46.97 -7.77 -41.27
C GLY Q 138 -48.04 -8.19 -40.29
N TRP Q 139 -47.58 -8.81 -39.21
CA TRP Q 139 -48.45 -9.29 -38.15
C TRP Q 139 -47.80 -8.96 -36.81
N ASP Q 140 -48.62 -8.52 -35.85
CA ASP Q 140 -48.15 -8.29 -34.49
C ASP Q 140 -49.26 -8.70 -33.52
N LYS Q 141 -48.88 -8.86 -32.25
CA LYS Q 141 -49.80 -9.35 -31.23
C LYS Q 141 -50.84 -8.33 -30.82
N HIS Q 142 -50.72 -7.08 -31.25
CA HIS Q 142 -51.67 -6.04 -30.86
C HIS Q 142 -52.82 -5.91 -31.84
N TYR Q 143 -52.53 -5.88 -33.14
CA TYR Q 143 -53.55 -5.63 -34.15
C TYR Q 143 -53.63 -6.71 -35.22
N GLY Q 144 -52.85 -7.79 -35.11
CA GLY Q 144 -52.94 -8.85 -36.11
C GLY Q 144 -52.35 -8.42 -37.44
N PHE Q 145 -52.97 -8.91 -38.51
CA PHE Q 145 -52.49 -8.61 -39.86
C PHE Q 145 -52.74 -7.15 -40.19
N GLN Q 146 -51.74 -6.51 -40.78
CA GLN Q 146 -51.79 -5.07 -41.03
C GLN Q 146 -51.20 -4.76 -42.40
N LEU Q 147 -51.62 -3.62 -42.95
CA LEU Q 147 -51.13 -3.14 -44.24
C LEU Q 147 -51.00 -1.63 -44.17
N TYR Q 148 -49.78 -1.13 -44.38
CA TYR Q 148 -49.50 0.30 -44.32
C TYR Q 148 -48.88 0.77 -45.63
N GLN Q 149 -48.99 2.08 -45.86
CA GLN Q 149 -48.38 2.74 -47.01
C GLN Q 149 -47.69 4.00 -46.53
N SER Q 150 -46.47 4.23 -47.00
CA SER Q 150 -45.70 5.42 -46.65
C SER Q 150 -45.34 6.19 -47.90
N ASP Q 151 -45.26 7.50 -47.76
CA ASP Q 151 -45.01 8.43 -48.86
C ASP Q 151 -43.69 9.15 -48.65
N PRO Q 152 -43.09 9.67 -49.71
CA PRO Q 152 -41.83 10.43 -49.56
C PRO Q 152 -41.97 11.66 -48.67
N SER Q 153 -43.19 12.21 -48.52
CA SER Q 153 -43.39 13.35 -47.65
C SER Q 153 -43.24 13.00 -46.17
N GLY Q 154 -43.27 11.72 -45.84
CA GLY Q 154 -43.26 11.28 -44.45
C GLY Q 154 -44.61 10.89 -43.90
N ASN Q 155 -45.66 10.94 -44.71
CA ASN Q 155 -46.98 10.55 -44.26
C ASN Q 155 -47.18 9.04 -44.40
N TYR Q 156 -48.09 8.50 -43.59
CA TYR Q 156 -48.40 7.08 -43.66
C TYR Q 156 -49.83 6.87 -43.21
N GLY Q 157 -50.35 5.68 -43.51
CA GLY Q 157 -51.69 5.30 -43.08
C GLY Q 157 -51.97 3.83 -43.31
N GLY Q 158 -52.87 3.27 -42.51
CA GLY Q 158 -53.26 1.88 -42.66
C GLY Q 158 -54.37 1.72 -43.68
N TRP Q 159 -54.34 0.60 -44.40
CA TRP Q 159 -55.30 0.34 -45.46
C TRP Q 159 -55.75 -1.11 -45.41
N LYS Q 160 -56.94 -1.36 -45.93
CA LYS Q 160 -57.37 -2.73 -46.20
C LYS Q 160 -56.84 -3.19 -47.55
N ALA Q 161 -56.82 -2.29 -48.53
CA ALA Q 161 -56.24 -2.56 -49.84
C ALA Q 161 -55.80 -1.23 -50.43
N THR Q 162 -54.63 -1.23 -51.06
CA THR Q 162 -54.07 0.00 -51.61
C THR Q 162 -53.12 -0.35 -52.74
N CYS Q 163 -52.78 0.65 -53.54
CA CYS Q 163 -51.88 0.48 -54.67
C CYS Q 163 -51.03 1.73 -54.84
N ILE Q 164 -49.74 1.53 -55.11
CA ILE Q 164 -48.82 2.61 -55.40
C ILE Q 164 -48.09 2.30 -56.70
N GLY Q 165 -47.59 3.35 -57.34
CA GLY Q 165 -46.85 3.19 -58.58
C GLY Q 165 -47.66 3.54 -59.82
N ASN Q 166 -47.36 2.89 -60.93
CA ASN Q 166 -48.03 3.17 -62.18
C ASN Q 166 -49.50 2.79 -62.12
N ASN Q 167 -50.36 3.67 -62.63
CA ASN Q 167 -51.81 3.44 -62.67
C ASN Q 167 -52.37 3.11 -61.29
N SER Q 168 -51.90 3.84 -60.27
CA SER Q 168 -52.34 3.58 -58.91
C SER Q 168 -53.80 4.00 -58.70
N ALA Q 169 -54.23 5.08 -59.35
CA ALA Q 169 -55.59 5.56 -59.16
C ALA Q 169 -56.62 4.57 -59.70
N ALA Q 170 -56.38 4.02 -60.89
CA ALA Q 170 -57.30 3.04 -61.46
C ALA Q 170 -57.38 1.79 -60.59
N ALA Q 171 -56.23 1.32 -60.10
CA ALA Q 171 -56.22 0.16 -59.21
C ALA Q 171 -56.96 0.46 -57.91
N VAL Q 172 -56.80 1.67 -57.38
CA VAL Q 172 -57.50 2.05 -56.15
C VAL Q 172 -59.00 2.06 -56.38
N SER Q 173 -59.45 2.60 -57.52
CA SER Q 173 -60.88 2.57 -57.83
C SER Q 173 -61.39 1.15 -57.98
N MET Q 174 -60.61 0.28 -58.64
CA MET Q 174 -61.01 -1.11 -58.78
C MET Q 174 -61.12 -1.79 -57.42
N LEU Q 175 -60.17 -1.53 -56.52
CA LEU Q 175 -60.24 -2.10 -55.18
C LEU Q 175 -61.46 -1.59 -54.43
N LYS Q 176 -61.75 -0.30 -54.55
CA LYS Q 176 -62.96 0.25 -53.93
C LYS Q 176 -64.20 -0.46 -54.44
N GLN Q 177 -64.26 -0.73 -55.75
CA GLN Q 177 -65.41 -1.41 -56.32
C GLN Q 177 -65.51 -2.86 -55.84
N ASP Q 178 -64.38 -3.56 -55.76
CA ASP Q 178 -64.39 -5.02 -55.67
C ASP Q 178 -63.99 -5.58 -54.32
N TYR Q 179 -63.33 -4.81 -53.46
CA TYR Q 179 -62.90 -5.34 -52.18
C TYR Q 179 -64.07 -5.37 -51.20
N LYS Q 180 -64.30 -6.53 -50.60
CA LYS Q 180 -65.39 -6.73 -49.65
C LYS Q 180 -64.78 -6.83 -48.26
N GLU Q 181 -64.92 -5.76 -47.47
CA GLU Q 181 -64.29 -5.70 -46.17
C GLU Q 181 -64.94 -6.70 -45.21
N GLY Q 182 -64.10 -7.48 -44.53
CA GLY Q 182 -64.57 -8.45 -43.57
C GLY Q 182 -64.85 -9.83 -44.12
N GLU Q 183 -64.84 -10.00 -45.44
CA GLU Q 183 -65.17 -11.29 -46.05
C GLU Q 183 -64.05 -11.81 -46.95
N MET Q 184 -62.90 -11.13 -47.01
CA MET Q 184 -61.83 -11.56 -47.87
C MET Q 184 -61.05 -12.71 -47.23
N THR Q 185 -60.70 -13.69 -48.05
CA THR Q 185 -59.76 -14.75 -47.69
C THR Q 185 -58.52 -14.63 -48.55
N LEU Q 186 -57.55 -15.51 -48.32
CA LEU Q 186 -56.31 -15.46 -49.09
C LEU Q 186 -56.56 -15.73 -50.56
N LYS Q 187 -57.41 -16.71 -50.87
CA LYS Q 187 -57.69 -17.03 -52.27
C LYS Q 187 -58.45 -15.90 -52.95
N SER Q 188 -59.46 -15.34 -52.27
CA SER Q 188 -60.19 -14.23 -52.84
C SER Q 188 -59.30 -13.01 -53.02
N ALA Q 189 -58.43 -12.74 -52.04
CA ALA Q 189 -57.51 -11.61 -52.16
C ALA Q 189 -56.54 -11.81 -53.31
N LEU Q 190 -56.03 -13.04 -53.48
CA LEU Q 190 -55.13 -13.31 -54.59
C LEU Q 190 -55.83 -13.16 -55.94
N ALA Q 191 -57.08 -13.63 -56.05
CA ALA Q 191 -57.82 -13.46 -57.29
C ALA Q 191 -58.07 -11.98 -57.58
N LEU Q 192 -58.42 -11.20 -56.55
CA LEU Q 192 -58.61 -9.77 -56.72
C LEU Q 192 -57.33 -9.08 -57.16
N ALA Q 193 -56.20 -9.48 -56.56
CA ALA Q 193 -54.92 -8.91 -56.95
C ALA Q 193 -54.59 -9.24 -58.40
N ILE Q 194 -54.86 -10.47 -58.83
CA ILE Q 194 -54.60 -10.86 -60.21
C ILE Q 194 -55.45 -10.04 -61.17
N LYS Q 195 -56.74 -9.86 -60.83
CA LYS Q 195 -57.62 -9.06 -61.69
C LYS Q 195 -57.17 -7.60 -61.75
N VAL Q 196 -56.80 -7.03 -60.61
CA VAL Q 196 -56.35 -5.64 -60.56
C VAL Q 196 -55.08 -5.45 -61.37
N LEU Q 197 -54.14 -6.38 -61.24
CA LEU Q 197 -52.91 -6.30 -62.04
C LEU Q 197 -53.21 -6.50 -63.52
N ASN Q 198 -54.18 -7.36 -63.85
CA ASN Q 198 -54.54 -7.57 -65.24
C ASN Q 198 -55.07 -6.29 -65.87
N LYS Q 199 -55.92 -5.56 -65.15
CA LYS Q 199 -56.45 -4.33 -65.70
C LYS Q 199 -55.41 -3.22 -65.69
N THR Q 200 -54.57 -3.17 -64.65
CA THR Q 200 -53.58 -2.11 -64.55
C THR Q 200 -52.44 -2.31 -65.55
N MET Q 201 -51.94 -3.55 -65.67
CA MET Q 201 -50.85 -3.84 -66.60
C MET Q 201 -51.42 -4.11 -67.99
N ASP Q 202 -51.90 -3.03 -68.61
CA ASP Q 202 -52.49 -3.14 -69.94
C ASP Q 202 -51.44 -3.28 -71.03
N VAL Q 203 -50.27 -2.68 -70.85
CA VAL Q 203 -49.25 -2.69 -71.91
C VAL Q 203 -48.71 -4.10 -72.12
N SER Q 204 -48.59 -4.89 -71.06
CA SER Q 204 -48.03 -6.23 -71.14
C SER Q 204 -49.06 -7.26 -70.69
N LYS Q 205 -49.17 -8.34 -71.46
CA LYS Q 205 -50.05 -9.43 -71.06
C LYS Q 205 -49.55 -10.06 -69.76
N LEU Q 206 -50.50 -10.52 -68.95
CA LEU Q 206 -50.19 -11.00 -67.61
C LEU Q 206 -49.51 -12.36 -67.68
N SER Q 207 -48.24 -12.39 -67.31
CA SER Q 207 -47.45 -13.61 -67.27
C SER Q 207 -46.73 -13.69 -65.93
N ALA Q 208 -46.40 -14.92 -65.52
CA ALA Q 208 -45.80 -15.14 -64.21
C ALA Q 208 -44.45 -14.46 -64.05
N GLU Q 209 -43.75 -14.16 -65.14
CA GLU Q 209 -42.45 -13.53 -65.06
C GLU Q 209 -42.51 -12.02 -64.89
N LYS Q 210 -43.68 -11.42 -65.06
CA LYS Q 210 -43.84 -9.98 -64.91
C LYS Q 210 -44.48 -9.59 -63.57
N VAL Q 211 -44.79 -10.55 -62.71
CA VAL Q 211 -45.55 -10.29 -61.50
C VAL Q 211 -44.84 -10.96 -60.32
N GLU Q 212 -44.69 -10.20 -59.23
CA GLU Q 212 -44.10 -10.70 -57.99
C GLU Q 212 -45.17 -10.68 -56.91
N ILE Q 213 -45.43 -11.83 -56.30
CA ILE Q 213 -46.46 -11.96 -55.28
C ILE Q 213 -45.86 -12.62 -54.05
N ALA Q 214 -46.07 -12.01 -52.89
CA ALA Q 214 -45.67 -12.57 -51.60
C ALA Q 214 -46.85 -12.50 -50.65
N THR Q 215 -46.98 -13.52 -49.80
CA THR Q 215 -48.06 -13.59 -48.83
C THR Q 215 -47.50 -13.75 -47.43
N LEU Q 216 -48.25 -13.26 -46.46
CA LEU Q 216 -47.87 -13.34 -45.05
C LEU Q 216 -49.00 -14.03 -44.29
N THR Q 217 -48.70 -15.18 -43.71
CA THR Q 217 -49.69 -15.99 -43.01
C THR Q 217 -49.17 -16.32 -41.61
N ARG Q 218 -50.05 -16.91 -40.81
CA ARG Q 218 -49.70 -17.41 -39.48
C ARG Q 218 -49.99 -18.90 -39.42
N GLU Q 219 -49.00 -19.68 -38.98
CA GLU Q 219 -49.11 -21.13 -38.91
C GLU Q 219 -48.54 -21.60 -37.58
N ASN Q 220 -49.41 -22.11 -36.71
CA ASN Q 220 -49.02 -22.63 -35.41
C ASN Q 220 -48.27 -21.60 -34.58
N GLY Q 221 -48.76 -20.36 -34.59
CA GLY Q 221 -48.15 -19.30 -33.81
C GLY Q 221 -46.86 -18.75 -34.37
N LYS Q 222 -46.61 -18.93 -35.65
CA LYS Q 222 -45.43 -18.38 -36.31
C LYS Q 222 -45.82 -17.72 -37.61
N THR Q 223 -45.10 -16.66 -37.98
CA THR Q 223 -45.38 -15.91 -39.18
C THR Q 223 -44.60 -16.50 -40.36
N VAL Q 224 -45.29 -16.72 -41.47
CA VAL Q 224 -44.69 -17.29 -42.67
C VAL Q 224 -44.82 -16.26 -43.78
N ILE Q 225 -43.69 -15.78 -44.27
CA ILE Q 225 -43.64 -14.87 -45.43
C ILE Q 225 -43.01 -15.66 -46.57
N ARG Q 226 -43.81 -15.91 -47.61
CA ARG Q 226 -43.36 -16.72 -48.74
C ARG Q 226 -43.72 -16.03 -50.05
N VAL Q 227 -42.85 -16.23 -51.04
CA VAL Q 227 -43.07 -15.72 -52.39
C VAL Q 227 -43.57 -16.87 -53.25
N LEU Q 228 -44.65 -16.62 -53.99
CA LEU Q 228 -45.25 -17.66 -54.81
C LEU Q 228 -44.30 -18.07 -55.94
N LYS Q 229 -44.23 -19.38 -56.20
CA LYS Q 229 -43.42 -19.87 -57.30
C LYS Q 229 -44.09 -19.55 -58.63
N GLN Q 230 -43.31 -19.70 -59.70
CA GLN Q 230 -43.81 -19.34 -61.03
C GLN Q 230 -45.02 -20.19 -61.43
N LYS Q 231 -45.00 -21.48 -61.09
CA LYS Q 231 -46.11 -22.35 -61.43
C LYS Q 231 -47.39 -21.93 -60.71
N GLU Q 232 -47.27 -21.48 -59.44
CA GLU Q 232 -48.44 -21.03 -58.71
C GLU Q 232 -49.06 -19.79 -59.34
N VAL Q 233 -48.22 -18.82 -59.73
CA VAL Q 233 -48.72 -17.62 -60.38
C VAL Q 233 -49.32 -17.95 -61.74
N GLU Q 234 -48.72 -18.90 -62.46
CA GLU Q 234 -49.28 -19.33 -63.73
C GLU Q 234 -50.66 -19.95 -63.53
N GLN Q 235 -50.81 -20.78 -62.50
CA GLN Q 235 -52.12 -21.35 -62.20
C GLN Q 235 -53.13 -20.28 -61.83
N LEU Q 236 -52.70 -19.27 -61.07
CA LEU Q 236 -53.59 -18.18 -60.71
C LEU Q 236 -54.04 -17.41 -61.95
N ILE Q 237 -53.11 -17.15 -62.88
CA ILE Q 237 -53.45 -16.45 -64.12
C ILE Q 237 -54.41 -17.29 -64.95
N LYS Q 238 -54.18 -18.61 -65.01
CA LYS Q 238 -55.08 -19.49 -65.74
C LYS Q 238 -56.48 -19.48 -65.14
N LYS Q 239 -56.57 -19.49 -63.80
CA LYS Q 239 -57.86 -19.44 -63.14
C LYS Q 239 -58.57 -18.13 -63.44
N HIS Q 240 -57.83 -17.02 -63.41
CA HIS Q 240 -58.45 -15.73 -63.73
C HIS Q 240 -58.94 -15.69 -65.18
N GLU Q 241 -58.15 -16.26 -66.10
CA GLU Q 241 -58.57 -16.30 -67.50
C GLU Q 241 -59.81 -17.17 -67.68
N GLU Q 242 -59.87 -18.30 -66.98
CA GLU Q 242 -61.05 -19.16 -67.07
C GLU Q 242 -62.28 -18.46 -66.51
N GLU Q 243 -62.12 -17.73 -65.40
CA GLU Q 243 -63.23 -16.96 -64.84
C GLU Q 243 -63.69 -15.88 -65.82
N GLU Q 244 -62.74 -15.21 -66.47
CA GLU Q 244 -63.09 -14.21 -67.47
C GLU Q 244 -63.87 -14.83 -68.63
N ALA Q 245 -63.41 -16.00 -69.10
CA ALA Q 245 -64.10 -16.67 -70.19
C ALA Q 245 -65.52 -17.07 -69.79
N LYS Q 246 -65.68 -17.62 -68.59
CA LYS Q 246 -67.01 -18.03 -68.14
C LYS Q 246 -67.93 -16.83 -67.97
N ALA Q 247 -67.42 -15.73 -67.42
CA ALA Q 247 -68.23 -14.52 -67.27
C ALA Q 247 -68.62 -13.96 -68.63
N GLU Q 248 -67.70 -14.01 -69.61
CA GLU Q 248 -68.03 -13.58 -70.96
C GLU Q 248 -69.11 -14.46 -71.56
N ARG Q 249 -69.02 -15.77 -71.37
CA ARG Q 249 -69.97 -16.69 -71.97
C ARG Q 249 -71.36 -16.55 -71.36
N GLU Q 250 -71.43 -16.38 -70.03
CA GLU Q 250 -72.73 -16.25 -69.39
C GLU Q 250 -73.44 -14.98 -69.83
N LYS Q 251 -72.71 -13.89 -69.99
CA LYS Q 251 -73.30 -12.64 -70.43
C LYS Q 251 -73.67 -12.70 -71.92
N SER R 2 -24.39 19.61 -41.59
CA SER R 2 -23.80 20.92 -41.30
C SER R 2 -24.33 21.99 -42.24
N TYR R 3 -25.60 21.86 -42.62
CA TYR R 3 -26.25 22.84 -43.50
C TYR R 3 -26.69 24.03 -42.66
N ASP R 4 -26.12 25.21 -42.95
CA ASP R 4 -26.34 26.40 -42.15
C ASP R 4 -26.81 27.56 -43.01
N ARG R 5 -27.81 27.29 -43.85
CA ARG R 5 -28.43 28.35 -44.63
C ARG R 5 -29.51 29.05 -43.81
N ALA R 6 -29.69 30.35 -44.07
CA ALA R 6 -30.74 31.13 -43.43
C ALA R 6 -31.99 31.05 -44.30
N ILE R 7 -32.85 30.09 -43.98
CA ILE R 7 -34.04 29.87 -44.79
C ILE R 7 -35.09 30.95 -44.53
N THR R 8 -35.36 31.23 -43.26
CA THR R 8 -36.34 32.24 -42.87
C THR R 8 -35.62 33.57 -42.66
N VAL R 9 -35.87 34.53 -43.55
CA VAL R 9 -35.25 35.85 -43.48
C VAL R 9 -36.33 36.90 -43.69
N PHE R 10 -35.99 38.15 -43.34
CA PHE R 10 -36.91 39.25 -43.51
C PHE R 10 -36.98 39.69 -44.97
N SER R 11 -38.02 40.46 -45.27
CA SER R 11 -38.30 40.97 -46.59
C SER R 11 -38.47 42.48 -46.54
N PRO R 12 -38.31 43.18 -47.67
CA PRO R 12 -38.42 44.65 -47.65
C PRO R 12 -39.73 45.15 -47.05
N ASP R 13 -40.84 44.46 -47.27
CA ASP R 13 -42.09 44.84 -46.65
C ASP R 13 -42.08 44.67 -45.13
N GLY R 14 -41.10 43.97 -44.59
CA GLY R 14 -41.08 43.67 -43.16
C GLY R 14 -41.76 42.37 -42.80
N HIS R 15 -41.66 41.36 -43.65
CA HIS R 15 -42.38 40.10 -43.47
C HIS R 15 -41.41 38.94 -43.51
N LEU R 16 -41.80 37.84 -42.87
CA LEU R 16 -41.09 36.57 -42.94
C LEU R 16 -41.89 35.68 -43.89
N PHE R 17 -41.36 35.51 -45.10
CA PHE R 17 -42.12 34.82 -46.15
C PHE R 17 -42.31 33.35 -45.84
N GLN R 18 -41.30 32.70 -45.24
CA GLN R 18 -41.42 31.28 -44.93
C GLN R 18 -42.52 31.03 -43.91
N VAL R 19 -42.66 31.91 -42.92
CA VAL R 19 -43.72 31.75 -41.93
C VAL R 19 -45.08 31.95 -42.57
N GLU R 20 -45.20 32.92 -43.49
CA GLU R 20 -46.46 33.11 -44.19
C GLU R 20 -46.82 31.89 -45.05
N TYR R 21 -45.82 31.31 -45.71
CA TYR R 21 -46.07 30.11 -46.50
C TYR R 21 -46.45 28.93 -45.63
N ALA R 22 -45.86 28.84 -44.43
CA ALA R 22 -46.26 27.81 -43.48
C ALA R 22 -47.71 28.01 -43.05
N GLN R 23 -48.12 29.26 -42.81
CA GLN R 23 -49.51 29.53 -42.48
C GLN R 23 -50.43 29.16 -43.64
N GLU R 24 -50.00 29.42 -44.87
CA GLU R 24 -50.79 29.01 -46.03
C GLU R 24 -50.92 27.50 -46.10
N ALA R 25 -49.83 26.78 -45.77
CA ALA R 25 -49.90 25.32 -45.73
C ALA R 25 -50.87 24.85 -44.66
N VAL R 26 -50.92 25.55 -43.53
CA VAL R 26 -51.93 25.26 -42.51
C VAL R 26 -53.33 25.50 -43.06
N LYS R 27 -53.48 26.55 -43.88
CA LYS R 27 -54.78 26.88 -44.43
C LYS R 27 -55.32 25.80 -45.37
N LYS R 28 -54.46 24.90 -45.86
CA LYS R 28 -54.88 23.82 -46.72
C LYS R 28 -55.30 22.57 -45.96
N GLY R 29 -55.10 22.53 -44.64
CA GLY R 29 -55.41 21.36 -43.86
C GLY R 29 -56.90 21.23 -43.55
N SER R 30 -57.24 20.10 -42.95
CA SER R 30 -58.62 19.85 -42.56
C SER R 30 -59.01 20.73 -41.39
N THR R 31 -60.30 21.07 -41.33
CA THR R 31 -60.79 21.95 -40.27
C THR R 31 -60.80 21.22 -38.93
N ALA R 32 -60.23 21.86 -37.91
CA ALA R 32 -60.24 21.35 -36.55
C ALA R 32 -60.92 22.37 -35.66
N VAL R 33 -61.89 21.93 -34.88
CA VAL R 33 -62.71 22.80 -34.04
C VAL R 33 -62.57 22.36 -32.59
N GLY R 34 -62.22 23.30 -31.73
CA GLY R 34 -62.17 23.05 -30.30
C GLY R 34 -62.99 24.04 -29.51
N VAL R 35 -63.78 23.57 -28.55
CA VAL R 35 -64.64 24.41 -27.73
C VAL R 35 -64.39 24.11 -26.27
N ARG R 36 -64.22 25.14 -25.47
CA ARG R 36 -63.98 25.02 -24.03
C ARG R 36 -65.31 25.15 -23.30
N GLY R 37 -65.79 24.04 -22.74
CA GLY R 37 -67.02 24.03 -21.97
C GLY R 37 -66.77 24.26 -20.48
N LYS R 38 -67.85 24.19 -19.71
CA LYS R 38 -67.75 24.41 -18.27
C LYS R 38 -67.00 23.27 -17.58
N ASP R 39 -67.37 22.03 -17.88
CA ASP R 39 -66.72 20.86 -17.29
C ASP R 39 -66.25 19.86 -18.33
N ILE R 40 -66.37 20.19 -19.61
CA ILE R 40 -65.93 19.33 -20.70
C ILE R 40 -65.17 20.17 -21.71
N VAL R 41 -64.31 19.50 -22.47
CA VAL R 41 -63.62 20.12 -23.60
C VAL R 41 -63.73 19.18 -24.79
N VAL R 42 -64.16 19.72 -25.94
CA VAL R 42 -64.50 18.93 -27.11
C VAL R 42 -63.61 19.36 -28.26
N LEU R 43 -63.08 18.39 -29.00
CA LEU R 43 -62.31 18.62 -30.20
C LEU R 43 -62.95 17.91 -31.38
N GLY R 44 -63.06 18.60 -32.51
CA GLY R 44 -63.63 18.02 -33.69
C GLY R 44 -62.80 18.31 -34.93
N VAL R 45 -62.46 17.27 -35.69
CA VAL R 45 -61.62 17.40 -36.88
C VAL R 45 -62.36 16.81 -38.07
N GLU R 46 -62.48 17.58 -39.13
CA GLU R 46 -63.10 17.11 -40.36
C GLU R 46 -62.15 16.16 -41.11
N LYS R 47 -62.75 15.16 -41.76
CA LYS R 47 -62.02 14.28 -42.66
C LYS R 47 -62.26 14.75 -44.09
N LYS R 48 -61.20 15.09 -44.80
CA LYS R 48 -61.36 15.61 -46.16
C LYS R 48 -61.84 14.55 -47.13
N SER R 49 -61.40 13.30 -46.96
CA SER R 49 -61.81 12.22 -47.84
C SER R 49 -61.74 10.90 -47.10
N VAL R 50 -62.74 10.07 -47.32
CA VAL R 50 -62.78 8.70 -46.79
C VAL R 50 -62.82 7.75 -47.97
N ALA R 51 -61.86 6.84 -48.03
CA ALA R 51 -61.71 5.94 -49.17
C ALA R 51 -62.39 4.60 -48.98
N LYS R 52 -63.02 4.37 -47.82
CA LYS R 52 -63.77 3.15 -47.52
C LYS R 52 -62.82 1.96 -47.34
N LEU R 53 -61.53 2.19 -47.60
CA LEU R 53 -60.50 1.18 -47.38
C LEU R 53 -59.42 1.64 -46.42
N GLN R 54 -59.41 2.91 -46.04
CA GLN R 54 -58.44 3.42 -45.09
C GLN R 54 -58.75 2.94 -43.68
N ASP R 55 -57.70 2.65 -42.92
CA ASP R 55 -57.85 2.28 -41.52
C ASP R 55 -57.96 3.56 -40.70
N GLU R 56 -59.12 3.78 -40.08
CA GLU R 56 -59.38 5.03 -39.39
C GLU R 56 -58.47 5.22 -38.19
N ARG R 57 -58.01 4.13 -37.58
CA ARG R 57 -57.22 4.23 -36.35
C ARG R 57 -55.90 4.95 -36.58
N THR R 58 -55.32 4.81 -37.77
CA THR R 58 -53.99 5.33 -38.06
C THR R 58 -54.01 6.74 -38.64
N VAL R 59 -55.17 7.35 -38.80
CA VAL R 59 -55.26 8.69 -39.39
C VAL R 59 -56.01 9.62 -38.46
N ARG R 60 -55.93 9.35 -37.15
CA ARG R 60 -56.59 10.19 -36.16
C ARG R 60 -55.81 11.47 -35.99
N LYS R 61 -56.45 12.61 -36.29
CA LYS R 61 -55.81 13.91 -36.15
C LYS R 61 -55.85 14.45 -34.72
N ILE R 62 -56.54 13.75 -33.81
CA ILE R 62 -56.59 14.13 -32.40
C ILE R 62 -55.79 13.11 -31.61
N CYS R 63 -54.90 13.59 -30.76
CA CYS R 63 -54.03 12.73 -29.97
C CYS R 63 -53.90 13.29 -28.56
N ALA R 64 -53.55 12.40 -27.64
CA ALA R 64 -53.33 12.78 -26.24
C ALA R 64 -51.84 13.00 -26.01
N LEU R 65 -51.51 14.14 -25.41
CA LEU R 65 -50.12 14.41 -25.02
C LEU R 65 -49.79 13.86 -23.66
N ASP R 66 -50.75 13.87 -22.74
CA ASP R 66 -50.60 13.27 -21.42
C ASP R 66 -51.97 12.77 -20.98
N ASP R 67 -52.09 12.45 -19.68
CA ASP R 67 -53.36 11.99 -19.14
C ASP R 67 -54.38 13.12 -19.03
N ASN R 68 -53.94 14.38 -19.00
CA ASN R 68 -54.84 15.50 -18.86
C ASN R 68 -54.79 16.49 -20.02
N VAL R 69 -53.87 16.32 -20.98
CA VAL R 69 -53.72 17.24 -22.10
C VAL R 69 -53.82 16.46 -23.40
N CYS R 70 -54.64 16.96 -24.32
CA CYS R 70 -54.73 16.41 -25.66
C CYS R 70 -54.77 17.57 -26.65
N MET R 71 -54.49 17.26 -27.92
CA MET R 71 -54.41 18.32 -28.92
C MET R 71 -54.91 17.81 -30.27
N ALA R 72 -55.36 18.75 -31.08
CA ALA R 72 -55.68 18.51 -32.48
C ALA R 72 -54.93 19.53 -33.33
N PHE R 73 -54.69 19.17 -34.59
CA PHE R 73 -53.86 19.98 -35.46
C PHE R 73 -54.49 20.12 -36.84
N ALA R 74 -53.92 21.03 -37.62
CA ALA R 74 -54.25 21.21 -39.02
C ALA R 74 -53.01 21.65 -39.76
N GLY R 75 -52.73 21.02 -40.90
CA GLY R 75 -51.54 21.35 -41.67
C GLY R 75 -50.88 20.13 -42.29
N LEU R 76 -49.59 19.94 -42.01
CA LEU R 76 -48.83 18.80 -42.52
C LEU R 76 -48.79 17.72 -41.44
N THR R 77 -49.22 16.51 -41.79
CA THR R 77 -49.39 15.46 -40.78
C THR R 77 -48.06 15.04 -40.17
N ALA R 78 -47.00 14.97 -40.98
CA ALA R 78 -45.72 14.49 -40.47
C ALA R 78 -45.07 15.50 -39.52
N ASP R 79 -45.14 16.79 -39.86
CA ASP R 79 -44.64 17.81 -38.95
C ASP R 79 -45.41 17.79 -37.64
N ALA R 80 -46.73 17.60 -37.71
CA ALA R 80 -47.54 17.48 -36.50
C ALA R 80 -47.13 16.27 -35.69
N ARG R 81 -46.82 15.15 -36.36
CA ARG R 81 -46.37 13.96 -35.66
C ARG R 81 -45.07 14.23 -34.90
N ILE R 82 -44.13 14.92 -35.54
CA ILE R 82 -42.86 15.25 -34.88
C ILE R 82 -43.11 16.14 -33.66
N VAL R 83 -43.96 17.16 -33.84
CA VAL R 83 -44.27 18.07 -32.74
C VAL R 83 -44.95 17.33 -31.59
N ILE R 84 -45.87 16.41 -31.93
CA ILE R 84 -46.58 15.65 -30.91
C ILE R 84 -45.63 14.76 -30.12
N ASN R 85 -44.70 14.10 -30.82
CA ASN R 85 -43.73 13.27 -30.11
C ASN R 85 -42.85 14.10 -29.20
N ARG R 86 -42.40 15.26 -29.67
CA ARG R 86 -41.59 16.14 -28.83
C ARG R 86 -42.37 16.61 -27.61
N ALA R 87 -43.66 16.95 -27.79
CA ALA R 87 -44.49 17.38 -26.68
C ALA R 87 -44.70 16.26 -25.67
N ARG R 88 -44.90 15.03 -26.14
CA ARG R 88 -45.04 13.89 -25.23
C ARG R 88 -43.78 13.68 -24.41
N VAL R 89 -42.62 13.74 -25.07
CA VAL R 89 -41.36 13.60 -24.36
C VAL R 89 -41.20 14.71 -23.33
N GLU R 90 -41.59 15.94 -23.70
CA GLU R 90 -41.51 17.06 -22.76
C GLU R 90 -42.42 16.85 -21.56
N CYS R 91 -43.64 16.36 -21.78
CA CYS R 91 -44.55 16.10 -20.68
C CYS R 91 -43.98 15.05 -19.73
N GLN R 92 -43.42 13.98 -20.28
CA GLN R 92 -42.82 12.95 -19.42
C GLN R 92 -41.63 13.50 -18.64
N SER R 93 -40.78 14.29 -19.30
CA SER R 93 -39.61 14.83 -18.62
C SER R 93 -40.01 15.83 -17.54
N HIS R 94 -41.05 16.63 -17.79
CA HIS R 94 -41.52 17.57 -16.78
C HIS R 94 -42.12 16.83 -15.58
N ARG R 95 -42.90 15.78 -15.84
CA ARG R 95 -43.37 14.96 -14.73
C ARG R 95 -42.20 14.34 -13.96
N LEU R 96 -41.11 14.04 -14.66
CA LEU R 96 -39.92 13.51 -13.99
C LEU R 96 -39.28 14.56 -13.08
N THR R 97 -39.03 15.76 -13.60
CA THR R 97 -38.24 16.75 -12.88
C THR R 97 -39.05 17.64 -11.96
N VAL R 98 -40.38 17.68 -12.11
CA VAL R 98 -41.23 18.53 -11.28
C VAL R 98 -42.22 17.73 -10.45
N GLU R 99 -42.36 16.43 -10.69
CA GLU R 99 -43.22 15.56 -9.90
C GLU R 99 -44.69 16.00 -9.95
N ASP R 100 -45.12 16.55 -11.08
CA ASP R 100 -46.50 16.97 -11.24
C ASP R 100 -46.83 17.01 -12.72
N PRO R 101 -48.07 16.71 -13.11
CA PRO R 101 -48.46 16.83 -14.51
C PRO R 101 -48.36 18.26 -15.01
N VAL R 102 -48.06 18.40 -16.30
CA VAL R 102 -47.94 19.72 -16.91
C VAL R 102 -49.30 20.41 -16.90
N THR R 103 -49.27 21.73 -16.84
CA THR R 103 -50.46 22.51 -17.17
C THR R 103 -50.57 22.66 -18.68
N VAL R 104 -51.79 22.92 -19.15
CA VAL R 104 -52.01 23.08 -20.58
C VAL R 104 -51.18 24.24 -21.12
N GLU R 105 -51.10 25.32 -20.35
CA GLU R 105 -50.33 26.48 -20.78
C GLU R 105 -48.85 26.15 -20.91
N TYR R 106 -48.33 25.29 -20.02
CA TYR R 106 -46.91 24.95 -20.07
C TYR R 106 -46.55 24.23 -21.36
N ILE R 107 -47.33 23.20 -21.72
CA ILE R 107 -47.04 22.46 -22.94
C ILE R 107 -47.33 23.31 -24.17
N THR R 108 -48.32 24.19 -24.10
CA THR R 108 -48.55 25.13 -25.20
C THR R 108 -47.34 26.04 -25.39
N ARG R 109 -46.78 26.53 -24.28
CA ARG R 109 -45.58 27.36 -24.33
C ARG R 109 -44.41 26.59 -24.94
N TYR R 110 -44.24 25.34 -24.54
CA TYR R 110 -43.15 24.53 -25.09
C TYR R 110 -43.31 24.34 -26.60
N ILE R 111 -44.51 24.01 -27.05
CA ILE R 111 -44.75 23.80 -28.47
C ILE R 111 -44.53 25.09 -29.26
N ALA R 112 -45.04 26.21 -28.75
CA ALA R 112 -44.87 27.48 -29.42
C ALA R 112 -43.39 27.87 -29.47
N SER R 113 -42.64 27.63 -28.40
CA SER R 113 -41.22 27.93 -28.40
C SER R 113 -40.47 27.07 -29.41
N LEU R 114 -40.85 25.80 -29.54
CA LEU R 114 -40.22 24.94 -30.54
C LEU R 114 -40.49 25.47 -31.95
N LYS R 115 -41.72 25.87 -32.23
CA LYS R 115 -42.03 26.42 -33.55
C LYS R 115 -41.25 27.70 -33.80
N GLN R 116 -41.18 28.58 -32.79
CA GLN R 116 -40.43 29.82 -32.94
C GLN R 116 -38.95 29.54 -33.19
N ARG R 117 -38.40 28.53 -32.50
CA ARG R 117 -37.02 28.15 -32.75
C ARG R 117 -36.83 27.70 -34.19
N TYR R 118 -37.78 26.92 -34.72
CA TYR R 118 -37.68 26.53 -36.12
C TYR R 118 -37.95 27.68 -37.08
N THR R 119 -38.46 28.82 -36.60
CA THR R 119 -38.59 29.99 -37.46
C THR R 119 -37.38 30.90 -37.46
N GLN R 120 -36.36 30.62 -36.63
CA GLN R 120 -35.22 31.52 -36.53
C GLN R 120 -33.87 30.80 -36.48
N SER R 121 -33.82 29.53 -36.85
CA SER R 121 -32.59 28.76 -36.80
C SER R 121 -32.13 28.39 -38.21
N ASN R 122 -30.82 28.30 -38.37
CA ASN R 122 -30.22 28.07 -39.68
C ASN R 122 -30.53 26.67 -40.19
N GLY R 123 -30.71 26.57 -41.51
CA GLY R 123 -30.79 25.27 -42.16
C GLY R 123 -32.08 24.51 -41.96
N ARG R 124 -33.20 25.19 -41.69
CA ARG R 124 -34.47 24.49 -41.53
C ARG R 124 -35.60 25.46 -41.80
N ARG R 125 -36.76 24.88 -42.13
CA ARG R 125 -37.98 25.62 -42.42
C ARG R 125 -38.95 25.49 -41.26
N PRO R 126 -39.87 26.45 -41.11
CA PRO R 126 -40.84 26.38 -40.00
C PRO R 126 -41.82 25.23 -40.17
N PHE R 127 -42.35 24.79 -39.03
CA PHE R 127 -43.39 23.77 -39.04
C PHE R 127 -44.66 24.31 -39.68
N GLY R 128 -45.23 23.55 -40.60
CA GLY R 128 -46.45 23.97 -41.27
C GLY R 128 -47.72 23.46 -40.62
N ILE R 129 -47.83 23.60 -39.30
CA ILE R 129 -48.99 23.12 -38.56
C ILE R 129 -49.45 24.17 -37.57
N SER R 130 -50.75 24.12 -37.27
CA SER R 130 -51.34 24.84 -36.14
C SER R 130 -52.02 23.81 -35.24
N ALA R 131 -51.94 24.03 -33.93
CA ALA R 131 -52.43 23.06 -32.96
C ALA R 131 -53.49 23.68 -32.08
N LEU R 132 -54.44 22.85 -31.65
CA LEU R 132 -55.47 23.22 -30.69
C LEU R 132 -55.24 22.38 -29.43
N ILE R 133 -54.46 22.93 -28.51
CA ILE R 133 -54.12 22.24 -27.26
C ILE R 133 -55.23 22.51 -26.25
N VAL R 134 -55.80 21.44 -25.70
CA VAL R 134 -56.91 21.54 -24.77
C VAL R 134 -56.66 20.57 -23.62
N GLY R 135 -57.28 20.85 -22.48
CA GLY R 135 -57.11 19.99 -21.33
C GLY R 135 -57.65 20.62 -20.07
N PHE R 136 -57.24 20.07 -18.93
CA PHE R 136 -57.68 20.52 -17.62
C PHE R 136 -56.48 20.78 -16.73
N ASP R 137 -56.55 21.85 -15.95
CA ASP R 137 -55.52 22.14 -14.97
C ASP R 137 -55.67 21.22 -13.76
N PHE R 138 -54.67 21.28 -12.87
CA PHE R 138 -54.74 20.49 -11.64
C PHE R 138 -55.89 20.95 -10.76
N ASP R 139 -56.15 22.26 -10.73
CA ASP R 139 -57.31 22.78 -10.02
C ASP R 139 -58.62 22.38 -10.66
N GLY R 140 -58.59 21.94 -11.92
CA GLY R 140 -59.78 21.52 -12.63
C GLY R 140 -60.36 22.52 -13.61
N THR R 141 -59.68 23.64 -13.84
CA THR R 141 -60.18 24.64 -14.78
C THR R 141 -59.97 24.16 -16.20
N PRO R 142 -61.01 24.17 -17.05
CA PRO R 142 -60.81 23.85 -18.47
C PRO R 142 -59.94 24.90 -19.14
N ARG R 143 -59.11 24.43 -20.08
CA ARG R 143 -58.17 25.31 -20.77
C ARG R 143 -58.08 24.92 -22.24
N LEU R 144 -58.17 25.92 -23.11
CA LEU R 144 -58.07 25.72 -24.56
C LEU R 144 -57.07 26.72 -25.11
N TYR R 145 -56.11 26.23 -25.91
CA TYR R 145 -55.07 27.07 -26.47
C TYR R 145 -54.89 26.73 -27.95
N GLN R 146 -54.40 27.70 -28.71
CA GLN R 146 -54.10 27.52 -30.13
C GLN R 146 -52.72 28.06 -30.43
N THR R 147 -51.94 27.30 -31.19
CA THR R 147 -50.63 27.72 -31.66
C THR R 147 -50.63 27.87 -33.18
N ASP R 148 -49.66 28.61 -33.68
CA ASP R 148 -49.49 28.86 -35.10
C ASP R 148 -48.03 28.66 -35.48
N PRO R 149 -47.73 28.51 -36.77
CA PRO R 149 -46.33 28.30 -37.18
C PRO R 149 -45.38 29.38 -36.73
N SER R 150 -45.84 30.63 -36.58
CA SER R 150 -44.96 31.71 -36.16
C SER R 150 -44.49 31.57 -34.72
N GLY R 151 -45.11 30.71 -33.93
CA GLY R 151 -44.70 30.50 -32.56
C GLY R 151 -45.51 31.27 -31.52
N THR R 152 -46.63 31.88 -31.91
CA THR R 152 -47.47 32.62 -30.99
C THR R 152 -48.67 31.78 -30.58
N TYR R 153 -49.07 31.89 -29.32
CA TYR R 153 -50.16 31.12 -28.77
C TYR R 153 -51.08 32.01 -27.96
N HIS R 154 -52.37 31.72 -28.02
CA HIS R 154 -53.38 32.43 -27.24
C HIS R 154 -54.38 31.42 -26.68
N ALA R 155 -54.99 31.79 -25.57
CA ALA R 155 -56.07 31.00 -24.99
C ALA R 155 -57.40 31.43 -25.60
N TRP R 156 -58.28 30.45 -25.80
CA TRP R 156 -59.55 30.69 -26.45
C TRP R 156 -60.67 30.01 -25.67
N LYS R 157 -61.89 30.50 -25.89
CA LYS R 157 -63.09 29.80 -25.43
C LYS R 157 -63.60 28.83 -26.49
N ALA R 158 -63.46 29.20 -27.76
CA ALA R 158 -63.75 28.34 -28.89
C ALA R 158 -62.94 28.83 -30.07
N ASN R 159 -62.47 27.90 -30.89
CA ASN R 159 -61.62 28.28 -32.01
C ASN R 159 -61.71 27.21 -33.09
N ALA R 160 -61.25 27.58 -34.28
CA ALA R 160 -61.22 26.67 -35.42
C ALA R 160 -60.00 27.00 -36.27
N ILE R 161 -59.30 25.95 -36.72
CA ILE R 161 -58.12 26.08 -37.57
C ILE R 161 -58.33 25.23 -38.82
N GLY R 162 -57.46 25.43 -39.79
CA GLY R 162 -57.53 24.69 -41.03
C GLY R 162 -58.28 25.45 -42.11
N ARG R 163 -58.67 24.71 -43.15
CA ARG R 163 -59.43 25.32 -44.23
C ARG R 163 -60.84 25.64 -43.77
N GLY R 164 -61.40 26.72 -44.33
CA GLY R 164 -62.72 27.17 -43.93
C GLY R 164 -62.79 27.57 -42.46
N ALA R 165 -61.68 27.99 -41.88
CA ALA R 165 -61.68 28.35 -40.46
C ALA R 165 -62.39 29.67 -40.21
N LYS R 166 -62.41 30.56 -41.19
CA LYS R 166 -63.04 31.87 -41.00
C LYS R 166 -64.55 31.72 -40.79
N SER R 167 -65.21 30.90 -41.62
CA SER R 167 -66.64 30.71 -41.49
C SER R 167 -66.99 30.03 -40.17
N VAL R 168 -66.22 29.01 -39.77
CA VAL R 168 -66.48 28.33 -38.51
C VAL R 168 -66.25 29.28 -37.33
N ARG R 169 -65.24 30.14 -37.44
CA ARG R 169 -65.00 31.12 -36.38
C ARG R 169 -66.15 32.11 -36.28
N GLU R 170 -66.67 32.57 -37.43
CA GLU R 170 -67.84 33.44 -37.41
C GLU R 170 -69.04 32.76 -36.78
N PHE R 171 -69.27 31.49 -37.14
CA PHE R 171 -70.40 30.75 -36.57
C PHE R 171 -70.23 30.59 -35.06
N LEU R 172 -69.01 30.29 -34.60
CA LEU R 172 -68.78 30.15 -33.17
C LEU R 172 -68.98 31.48 -32.45
N GLU R 173 -68.52 32.58 -33.05
CA GLU R 173 -68.74 33.89 -32.44
C GLU R 173 -70.22 34.21 -32.32
N LYS R 174 -70.99 33.88 -33.36
CA LYS R 174 -72.43 34.11 -33.31
C LYS R 174 -73.15 33.13 -32.40
N ASN R 175 -72.53 31.99 -32.07
CA ASN R 175 -73.21 30.92 -31.37
C ASN R 175 -72.65 30.59 -29.99
N TYR R 176 -71.44 31.03 -29.66
CA TYR R 176 -70.87 30.70 -28.36
C TYR R 176 -71.54 31.54 -27.27
N THR R 177 -72.22 30.86 -26.35
CA THR R 177 -72.90 31.53 -25.25
C THR R 177 -72.87 30.60 -24.05
N ASP R 178 -73.11 31.17 -22.86
CA ASP R 178 -73.15 30.35 -21.66
C ASP R 178 -74.33 29.39 -21.68
N GLU R 179 -75.44 29.78 -22.32
CA GLU R 179 -76.57 28.87 -22.49
C GLU R 179 -76.30 27.77 -23.51
N ALA R 180 -75.26 27.91 -24.33
CA ALA R 180 -74.92 26.91 -25.33
C ALA R 180 -73.94 25.87 -24.83
N ILE R 181 -73.38 26.04 -23.63
CA ILE R 181 -72.42 25.09 -23.08
C ILE R 181 -72.85 24.67 -21.68
N GLU R 182 -74.16 24.69 -21.43
CA GLU R 182 -74.67 24.35 -20.10
C GLU R 182 -74.34 22.91 -19.74
N THR R 183 -74.46 21.99 -20.69
CA THR R 183 -74.15 20.59 -20.48
C THR R 183 -73.15 20.12 -21.52
N ASP R 184 -72.61 18.91 -21.30
CA ASP R 184 -71.70 18.32 -22.28
C ASP R 184 -72.40 18.09 -23.61
N ASP R 185 -73.67 17.71 -23.58
CA ASP R 185 -74.42 17.48 -24.81
C ASP R 185 -74.49 18.75 -25.64
N LEU R 186 -74.74 19.90 -25.00
CA LEU R 186 -74.82 21.16 -25.74
C LEU R 186 -73.48 21.53 -26.34
N THR R 187 -72.38 21.32 -25.60
CA THR R 187 -71.06 21.62 -26.13
C THR R 187 -70.73 20.74 -27.34
N ILE R 188 -71.04 19.44 -27.24
CA ILE R 188 -70.80 18.53 -28.36
C ILE R 188 -71.64 18.92 -29.56
N LYS R 189 -72.90 19.26 -29.34
CA LYS R 189 -73.77 19.67 -30.44
C LYS R 189 -73.26 20.96 -31.07
N LEU R 190 -72.74 21.88 -30.27
CA LEU R 190 -72.17 23.11 -30.82
C LEU R 190 -70.96 22.81 -31.69
N VAL R 191 -70.08 21.92 -31.23
CA VAL R 191 -68.91 21.55 -32.04
C VAL R 191 -69.36 20.91 -33.35
N ILE R 192 -70.34 20.01 -33.28
CA ILE R 192 -70.79 19.31 -34.49
C ILE R 192 -71.46 20.28 -35.45
N LYS R 193 -72.25 21.22 -34.92
CA LYS R 193 -72.88 22.22 -35.78
C LYS R 193 -71.84 23.11 -36.44
N ALA R 194 -70.80 23.50 -35.70
CA ALA R 194 -69.73 24.30 -36.29
C ALA R 194 -69.01 23.54 -37.39
N LEU R 195 -68.77 22.24 -37.17
CA LEU R 195 -68.09 21.44 -38.18
C LEU R 195 -69.00 21.15 -39.39
N LEU R 196 -70.32 21.16 -39.19
CA LEU R 196 -71.22 20.66 -40.23
C LEU R 196 -71.32 21.61 -41.41
N GLU R 197 -71.13 22.91 -41.20
CA GLU R 197 -71.25 23.84 -42.32
C GLU R 197 -70.08 23.69 -43.29
N VAL R 198 -68.86 23.48 -42.77
CA VAL R 198 -67.71 23.27 -43.64
C VAL R 198 -67.74 21.88 -44.24
N VAL R 199 -68.08 20.87 -43.45
CA VAL R 199 -68.06 19.48 -43.90
C VAL R 199 -69.34 19.17 -44.68
N GLN R 200 -69.35 18.04 -45.37
CA GLN R 200 -70.50 17.57 -46.14
C GLN R 200 -70.96 16.23 -45.61
N SER R 201 -71.93 15.62 -46.31
CA SER R 201 -72.47 14.29 -46.04
C SER R 201 -73.17 14.19 -44.69
N GLY R 202 -73.38 15.32 -44.00
CA GLY R 202 -74.16 15.33 -42.77
C GLY R 202 -73.56 14.54 -41.62
N GLY R 203 -72.26 14.70 -41.39
CA GLY R 203 -71.61 14.11 -40.23
C GLY R 203 -70.85 12.83 -40.47
N LYS R 204 -70.72 12.39 -41.71
CA LYS R 204 -69.94 11.19 -41.99
C LYS R 204 -68.44 11.45 -41.91
N ASN R 205 -67.99 12.63 -42.30
CA ASN R 205 -66.57 12.98 -42.37
C ASN R 205 -66.12 13.76 -41.15
N ILE R 206 -66.65 13.44 -39.97
CA ILE R 206 -66.40 14.21 -38.75
C ILE R 206 -65.85 13.27 -37.69
N GLU R 207 -64.78 13.68 -37.03
CA GLU R 207 -64.20 12.97 -35.90
C GLU R 207 -64.31 13.83 -34.65
N LEU R 208 -64.80 13.24 -33.57
CA LEU R 208 -64.94 13.92 -32.29
C LEU R 208 -64.13 13.21 -31.21
N ALA R 209 -63.50 14.02 -30.37
CA ALA R 209 -62.85 13.54 -29.15
C ALA R 209 -63.31 14.40 -27.99
N VAL R 210 -63.50 13.77 -26.84
CA VAL R 210 -64.08 14.43 -25.67
C VAL R 210 -63.19 14.13 -24.47
N MET R 211 -62.93 15.17 -23.67
CA MET R 211 -62.12 15.05 -22.46
C MET R 211 -62.87 15.67 -21.30
N ARG R 212 -63.01 14.91 -20.22
CA ARG R 212 -63.62 15.39 -18.99
C ARG R 212 -62.59 15.48 -17.88
N ARG R 213 -62.99 16.09 -16.77
CA ARG R 213 -62.07 16.31 -15.66
C ARG R 213 -61.65 14.97 -15.04
N ASP R 214 -60.33 14.79 -14.91
CA ASP R 214 -59.75 13.59 -14.29
C ASP R 214 -60.21 12.32 -14.99
N GLN R 215 -60.40 12.38 -16.30
CA GLN R 215 -60.86 11.23 -17.07
C GLN R 215 -60.04 11.10 -18.34
N PRO R 216 -59.84 9.87 -18.81
CA PRO R 216 -59.07 9.67 -20.04
C PRO R 216 -59.80 10.22 -21.26
N LEU R 217 -59.02 10.57 -22.28
CA LEU R 217 -59.59 11.08 -23.52
C LEU R 217 -60.47 10.02 -24.17
N LYS R 218 -61.67 10.44 -24.58
CA LYS R 218 -62.66 9.52 -25.13
C LYS R 218 -62.95 9.89 -26.58
N ILE R 219 -62.69 8.95 -27.49
CA ILE R 219 -63.01 9.11 -28.89
C ILE R 219 -64.44 8.64 -29.13
N LEU R 220 -65.19 9.40 -29.92
CA LEU R 220 -66.58 9.06 -30.18
C LEU R 220 -66.67 8.14 -31.39
N ASN R 221 -67.39 7.03 -31.22
CA ASN R 221 -67.63 6.12 -32.34
C ASN R 221 -68.65 6.72 -33.29
N PRO R 222 -68.69 6.26 -34.54
CA PRO R 222 -69.60 6.86 -35.53
C PRO R 222 -71.06 6.83 -35.12
N GLU R 223 -71.48 5.83 -34.33
CA GLU R 223 -72.89 5.77 -33.92
C GLU R 223 -73.26 6.95 -33.04
N GLU R 224 -72.38 7.33 -32.10
CA GLU R 224 -72.66 8.48 -31.25
C GLU R 224 -72.72 9.76 -32.07
N ILE R 225 -71.81 9.91 -33.04
CA ILE R 225 -71.82 11.08 -33.90
C ILE R 225 -73.11 11.15 -34.70
N GLU R 226 -73.56 10.01 -35.23
CA GLU R 226 -74.82 9.97 -35.95
C GLU R 226 -75.99 10.33 -35.07
N LYS R 227 -75.99 9.85 -33.82
CA LYS R 227 -77.06 10.19 -32.89
C LYS R 227 -77.08 11.69 -32.60
N TYR R 228 -75.90 12.29 -32.40
CA TYR R 228 -75.85 13.73 -32.16
C TYR R 228 -76.30 14.52 -33.39
N VAL R 229 -75.94 14.05 -34.58
CA VAL R 229 -76.40 14.71 -35.80
C VAL R 229 -77.92 14.62 -35.92
N ALA R 230 -78.48 13.46 -35.56
CA ALA R 230 -79.93 13.31 -35.57
C ALA R 230 -80.59 14.25 -34.57
N GLU R 231 -80.00 14.40 -33.39
CA GLU R 231 -80.53 15.35 -32.41
C GLU R 231 -80.50 16.77 -32.95
N ILE R 232 -79.39 17.15 -33.59
CA ILE R 232 -79.27 18.50 -34.14
C ILE R 232 -80.31 18.72 -35.23
N GLU R 233 -80.50 17.72 -36.11
CA GLU R 233 -81.50 17.84 -37.16
C GLU R 233 -82.90 17.96 -36.57
N LYS R 234 -83.20 17.18 -35.54
CA LYS R 234 -84.51 17.26 -34.89
C LYS R 234 -84.74 18.64 -34.28
N GLU R 235 -83.71 19.18 -33.61
CA GLU R 235 -83.84 20.51 -33.02
C GLU R 235 -84.06 21.57 -34.10
N LYS R 236 -83.30 21.49 -35.20
CA LYS R 236 -83.44 22.47 -36.27
C LYS R 236 -84.83 22.39 -36.91
N GLU R 237 -85.32 21.17 -37.16
CA GLU R 237 -86.65 21.01 -37.75
C GLU R 237 -87.73 21.51 -36.81
N GLU R 238 -87.60 21.25 -35.51
CA GLU R 238 -88.57 21.75 -34.54
C GLU R 238 -88.58 23.28 -34.51
N ASN R 239 -87.39 23.89 -34.51
CA ASN R 239 -87.31 25.35 -34.51
C ASN R 239 -87.91 25.93 -35.78
N GLU R 240 -87.67 25.30 -36.93
CA GLU R 240 -88.23 25.79 -38.19
C GLU R 240 -89.76 25.65 -38.19
N LYS R 241 -90.28 24.52 -37.68
CA LYS R 241 -91.72 24.31 -37.70
C LYS R 241 -92.44 25.18 -36.68
N LYS R 242 -91.76 25.60 -35.61
CA LYS R 242 -92.40 26.46 -34.64
C LYS R 242 -92.29 27.94 -35.03
N LYS R 243 -91.07 28.41 -35.29
CA LYS R 243 -90.89 29.83 -35.60
C LYS R 243 -91.45 30.19 -36.97
N GLN R 244 -91.35 29.29 -37.93
CA GLN R 244 -91.86 29.55 -39.28
C GLN R 244 -92.69 28.38 -39.79
N SER S 6 -35.66 35.24 -54.72
CA SER S 6 -35.60 36.70 -54.69
C SER S 6 -34.96 37.20 -53.40
N GLU S 7 -35.34 36.60 -52.29
CA GLU S 7 -34.81 36.97 -50.98
C GLU S 7 -33.51 36.24 -50.64
N TYR S 8 -33.05 35.35 -51.50
CA TYR S 8 -31.87 34.53 -51.22
C TYR S 8 -30.64 34.96 -52.02
N ASP S 9 -30.77 35.95 -52.91
CA ASP S 9 -29.61 36.40 -53.69
C ASP S 9 -28.58 37.07 -52.79
N ARG S 10 -29.00 37.65 -51.68
CA ARG S 10 -28.10 38.30 -50.72
C ARG S 10 -28.09 37.53 -49.42
N GLY S 11 -26.94 37.54 -48.75
CA GLY S 11 -26.84 36.96 -47.43
C GLY S 11 -27.51 37.83 -46.39
N VAL S 12 -27.59 37.29 -45.17
CA VAL S 12 -28.19 38.03 -44.07
C VAL S 12 -27.29 39.13 -43.53
N ASN S 13 -26.03 39.18 -43.96
CA ASN S 13 -25.09 40.14 -43.43
C ASN S 13 -24.42 40.96 -44.52
N THR S 14 -25.20 41.50 -45.46
CA THR S 14 -24.67 42.34 -46.51
C THR S 14 -25.06 43.80 -46.27
N PHE S 15 -24.12 44.70 -46.49
CA PHE S 15 -24.37 46.13 -46.33
C PHE S 15 -25.03 46.69 -47.59
N SER S 16 -25.96 47.61 -47.38
CA SER S 16 -26.52 48.37 -48.48
C SER S 16 -25.51 49.41 -48.95
N PRO S 17 -25.69 49.93 -50.17
CA PRO S 17 -24.80 51.01 -50.63
C PRO S 17 -24.85 52.24 -49.75
N GLU S 18 -25.90 52.39 -48.94
CA GLU S 18 -26.02 53.49 -47.98
C GLU S 18 -25.41 53.16 -46.62
N GLY S 19 -24.82 51.97 -46.47
CA GLY S 19 -24.21 51.61 -45.20
C GLY S 19 -25.15 51.04 -44.17
N ARG S 20 -26.23 50.38 -44.60
CA ARG S 20 -27.18 49.77 -43.68
C ARG S 20 -27.34 48.29 -44.00
N LEU S 21 -27.41 47.48 -42.94
CA LEU S 21 -27.74 46.07 -43.12
C LEU S 21 -29.19 45.94 -43.57
N PHE S 22 -29.41 45.18 -44.64
CA PHE S 22 -30.75 45.02 -45.18
C PHE S 22 -31.69 44.38 -44.17
N GLN S 23 -31.23 43.31 -43.51
CA GLN S 23 -32.09 42.58 -42.59
C GLN S 23 -32.49 43.43 -41.39
N VAL S 24 -31.57 44.26 -40.89
CA VAL S 24 -31.88 45.12 -39.75
C VAL S 24 -32.94 46.14 -40.14
N GLU S 25 -32.81 46.76 -41.31
CA GLU S 25 -33.79 47.72 -41.77
C GLU S 25 -35.15 47.05 -41.99
N TYR S 26 -35.15 45.82 -42.51
CA TYR S 26 -36.42 45.11 -42.69
C TYR S 26 -37.05 44.76 -41.34
N ALA S 27 -36.24 44.45 -40.33
CA ALA S 27 -36.78 44.24 -38.99
C ALA S 27 -37.38 45.53 -38.43
N ILE S 28 -36.73 46.66 -38.66
CA ILE S 28 -37.29 47.94 -38.26
C ILE S 28 -38.64 48.17 -38.94
N GLU S 29 -38.73 47.82 -40.23
CA GLU S 29 -40.00 47.93 -40.94
C GLU S 29 -41.05 47.00 -40.34
N ALA S 30 -40.63 45.79 -39.94
CA ALA S 30 -41.55 44.84 -39.32
C ALA S 30 -42.06 45.32 -37.98
N ILE S 31 -41.28 46.18 -37.30
CA ILE S 31 -41.73 46.73 -36.02
C ILE S 31 -43.03 47.50 -36.19
N LYS S 32 -43.17 48.23 -37.30
CA LYS S 32 -44.31 49.10 -37.52
C LYS S 32 -45.63 48.34 -37.63
N LEU S 33 -45.59 47.02 -37.79
CA LEU S 33 -46.81 46.22 -37.81
C LEU S 33 -47.30 45.87 -36.41
N GLY S 34 -46.57 46.22 -35.36
CA GLY S 34 -46.93 45.87 -34.01
C GLY S 34 -47.87 46.87 -33.35
N SER S 35 -48.40 46.46 -32.21
CA SER S 35 -49.31 47.31 -31.44
C SER S 35 -48.55 48.38 -30.68
N THR S 36 -49.23 49.48 -30.39
CA THR S 36 -48.60 50.64 -29.78
C THR S 36 -48.34 50.40 -28.29
N ALA S 37 -47.11 50.65 -27.86
CA ALA S 37 -46.72 50.58 -26.46
C ALA S 37 -46.12 51.92 -26.06
N ILE S 38 -46.53 52.43 -24.90
CA ILE S 38 -46.11 53.76 -24.43
C ILE S 38 -45.44 53.60 -23.08
N GLY S 39 -44.26 54.18 -22.93
CA GLY S 39 -43.58 54.22 -21.65
C GLY S 39 -43.23 55.64 -21.23
N ILE S 40 -43.56 56.01 -20.00
CA ILE S 40 -43.29 57.34 -19.47
C ILE S 40 -42.48 57.20 -18.20
N GLN S 41 -41.37 57.93 -18.12
CA GLN S 41 -40.49 57.91 -16.96
C GLN S 41 -40.62 59.23 -16.22
N THR S 42 -41.12 59.18 -15.00
CA THR S 42 -41.27 60.33 -14.13
C THR S 42 -40.35 60.20 -12.92
N SER S 43 -40.43 61.18 -12.02
CA SER S 43 -39.61 61.14 -10.82
C SER S 43 -40.15 60.17 -9.78
N GLU S 44 -41.43 59.79 -9.88
CA GLU S 44 -42.03 58.86 -8.94
C GLU S 44 -42.10 57.42 -9.45
N GLY S 45 -41.70 57.18 -10.69
CA GLY S 45 -41.70 55.83 -11.22
C GLY S 45 -41.84 55.86 -12.73
N VAL S 46 -41.94 54.66 -13.29
CA VAL S 46 -42.09 54.45 -14.74
C VAL S 46 -43.38 53.71 -14.98
N CYS S 47 -44.19 54.20 -15.91
CA CYS S 47 -45.44 53.57 -16.28
C CYS S 47 -45.37 53.04 -17.70
N LEU S 48 -45.88 51.83 -17.91
CA LEU S 48 -45.89 51.18 -19.22
C LEU S 48 -47.32 50.85 -19.60
N ALA S 49 -47.69 51.19 -20.83
CA ALA S 49 -49.02 50.90 -21.34
C ALA S 49 -48.92 50.38 -22.77
N VAL S 50 -49.61 49.26 -23.04
CA VAL S 50 -49.57 48.62 -24.35
C VAL S 50 -51.00 48.31 -24.78
N GLU S 51 -51.28 48.51 -26.07
CA GLU S 51 -52.56 48.12 -26.64
C GLU S 51 -52.55 46.61 -26.93
N LYS S 52 -53.59 45.92 -26.49
CA LYS S 52 -53.64 44.47 -26.64
C LYS S 52 -53.97 44.04 -28.07
N ARG S 53 -54.80 44.81 -28.78
CA ARG S 53 -55.20 44.52 -30.15
C ARG S 53 -55.89 43.16 -30.24
N ILE S 54 -57.05 43.07 -29.57
CA ILE S 54 -57.84 41.85 -29.60
C ILE S 54 -58.48 41.69 -30.97
N THR S 55 -58.38 40.49 -31.54
CA THR S 55 -58.90 40.20 -32.87
C THR S 55 -60.28 39.57 -32.86
N SER S 56 -60.58 38.73 -31.88
CA SER S 56 -61.86 38.05 -31.81
C SER S 56 -62.41 38.08 -30.39
N PRO S 57 -63.73 38.12 -30.24
CA PRO S 57 -64.31 38.05 -28.89
C PRO S 57 -64.03 36.74 -28.18
N LEU S 58 -63.81 35.65 -28.92
CA LEU S 58 -63.49 34.37 -28.32
C LEU S 58 -62.06 34.29 -27.82
N MET S 59 -61.22 35.27 -28.16
CA MET S 59 -59.84 35.29 -27.71
C MET S 59 -59.77 35.93 -26.33
N GLU S 60 -59.22 35.21 -25.36
CA GLU S 60 -59.16 35.72 -23.99
C GLU S 60 -58.08 36.78 -23.88
N PRO S 61 -58.42 38.01 -23.47
CA PRO S 61 -57.38 39.04 -23.35
C PRO S 61 -56.30 38.72 -22.34
N SER S 62 -56.61 37.93 -21.31
CA SER S 62 -55.63 37.59 -20.30
C SER S 62 -54.51 36.70 -20.82
N SER S 63 -54.65 36.13 -22.02
CA SER S 63 -53.63 35.30 -22.61
C SER S 63 -52.62 36.11 -23.44
N ILE S 64 -52.78 37.42 -23.51
CA ILE S 64 -51.85 38.29 -24.21
C ILE S 64 -50.97 38.99 -23.18
N GLU S 65 -49.68 38.68 -23.20
CA GLU S 65 -48.71 39.24 -22.26
C GLU S 65 -47.76 40.14 -23.04
N LYS S 66 -48.17 41.40 -23.23
CA LYS S 66 -47.31 42.39 -23.87
C LYS S 66 -46.51 43.21 -22.86
N ILE S 67 -46.79 43.05 -21.56
CA ILE S 67 -45.95 43.58 -20.50
C ILE S 67 -45.54 42.42 -19.62
N VAL S 68 -44.24 42.29 -19.36
CA VAL S 68 -43.71 41.18 -18.60
C VAL S 68 -42.82 41.71 -17.49
N GLU S 69 -42.61 40.88 -16.47
CA GLU S 69 -41.78 41.20 -15.33
C GLU S 69 -40.41 40.56 -15.52
N ILE S 70 -39.41 41.38 -15.84
CA ILE S 70 -38.05 40.86 -15.90
C ILE S 70 -37.55 40.51 -14.49
N ASP S 71 -37.76 41.42 -13.55
CA ASP S 71 -37.42 41.19 -12.15
C ASP S 71 -38.40 41.99 -11.30
N ALA S 72 -38.23 41.91 -9.98
CA ALA S 72 -39.13 42.63 -9.09
C ALA S 72 -39.06 44.13 -9.30
N HIS S 73 -37.97 44.65 -9.85
CA HIS S 73 -37.80 46.09 -10.03
C HIS S 73 -37.74 46.51 -11.49
N ILE S 74 -37.89 45.60 -12.44
CA ILE S 74 -37.82 45.90 -13.86
C ILE S 74 -39.01 45.28 -14.58
N GLY S 75 -39.60 46.04 -15.50
CA GLY S 75 -40.61 45.50 -16.37
C GLY S 75 -40.27 45.80 -17.83
N CYS S 76 -40.89 45.04 -18.72
CA CYS S 76 -40.60 45.14 -20.15
C CYS S 76 -41.90 45.18 -20.94
N ALA S 77 -42.00 46.13 -21.86
CA ALA S 77 -43.09 46.21 -22.82
C ALA S 77 -42.53 45.99 -24.23
N MET S 78 -43.24 45.19 -25.01
CA MET S 78 -42.73 44.76 -26.31
C MET S 78 -43.72 45.11 -27.41
N SER S 79 -43.18 45.29 -28.62
CA SER S 79 -43.99 45.56 -29.80
C SER S 79 -43.32 44.89 -31.00
N GLY S 80 -44.15 44.38 -31.92
CA GLY S 80 -43.63 43.69 -33.08
C GLY S 80 -43.97 42.22 -33.08
N LEU S 81 -42.95 41.35 -33.03
CA LEU S 81 -43.13 39.91 -33.00
C LEU S 81 -42.92 39.42 -31.57
N ILE S 82 -44.01 39.02 -30.91
CA ILE S 82 -43.95 38.64 -29.51
C ILE S 82 -43.15 37.36 -29.33
N ALA S 83 -43.36 36.39 -30.23
CA ALA S 83 -42.62 35.14 -30.16
C ALA S 83 -41.12 35.36 -30.26
N ASP S 84 -40.71 36.36 -31.03
CA ASP S 84 -39.30 36.75 -31.04
C ASP S 84 -38.87 37.38 -29.73
N ALA S 85 -39.80 38.07 -29.05
CA ALA S 85 -39.48 38.72 -27.78
C ALA S 85 -39.39 37.75 -26.63
N LYS S 86 -39.97 36.55 -26.76
CA LYS S 86 -39.95 35.60 -25.65
C LYS S 86 -38.52 35.23 -25.25
N THR S 87 -37.67 34.94 -26.25
CA THR S 87 -36.29 34.56 -25.94
C THR S 87 -35.51 35.71 -25.34
N LEU S 88 -35.74 36.94 -25.83
CA LEU S 88 -35.07 38.10 -25.25
C LEU S 88 -35.49 38.31 -23.80
N ILE S 89 -36.77 38.12 -23.49
CA ILE S 89 -37.25 38.27 -22.12
C ILE S 89 -36.63 37.19 -21.23
N ASP S 90 -36.55 35.96 -21.73
CA ASP S 90 -35.92 34.89 -20.98
C ASP S 90 -34.45 35.20 -20.70
N LYS S 91 -33.74 35.73 -21.71
CA LYS S 91 -32.36 36.11 -21.52
C LYS S 91 -32.22 37.21 -20.47
N ALA S 92 -33.12 38.20 -20.49
CA ALA S 92 -33.06 39.27 -19.49
C ALA S 92 -33.27 38.73 -18.09
N ARG S 93 -34.27 37.86 -17.91
CA ARG S 93 -34.52 37.28 -16.60
C ARG S 93 -33.34 36.45 -16.12
N VAL S 94 -32.75 35.66 -17.02
CA VAL S 94 -31.61 34.84 -16.65
C VAL S 94 -30.43 35.71 -16.26
N GLU S 95 -30.21 36.82 -16.99
CA GLU S 95 -29.11 37.72 -16.66
C GLU S 95 -29.31 38.36 -15.30
N THR S 96 -30.54 38.80 -15.00
CA THR S 96 -30.80 39.39 -13.69
C THR S 96 -30.55 38.38 -12.57
N GLN S 97 -31.02 37.14 -12.76
CA GLN S 97 -30.83 36.13 -11.73
C GLN S 97 -29.35 35.76 -11.57
N ASN S 98 -28.61 35.69 -12.68
CA ASN S 98 -27.18 35.40 -12.60
C ASN S 98 -26.43 36.51 -11.87
N HIS S 99 -26.79 37.77 -12.16
CA HIS S 99 -26.16 38.89 -11.46
C HIS S 99 -26.47 38.86 -9.97
N TRP S 100 -27.72 38.53 -9.60
CA TRP S 100 -28.04 38.40 -8.19
C TRP S 100 -27.23 37.27 -7.55
N PHE S 101 -27.09 36.14 -8.24
CA PHE S 101 -26.34 35.03 -7.70
C PHE S 101 -24.87 35.40 -7.48
N THR S 102 -24.27 36.09 -8.45
CA THR S 102 -22.85 36.38 -8.36
C THR S 102 -22.54 37.52 -7.40
N TYR S 103 -23.37 38.57 -7.38
CA TYR S 103 -23.02 39.79 -6.66
C TYR S 103 -23.97 40.12 -5.51
N ASN S 104 -25.03 39.32 -5.30
CA ASN S 104 -25.96 39.52 -4.19
C ASN S 104 -26.60 40.91 -4.24
N GLU S 105 -26.94 41.36 -5.44
CA GLU S 105 -27.57 42.67 -5.61
C GLU S 105 -28.41 42.65 -6.87
N THR S 106 -29.27 43.66 -7.00
CA THR S 106 -30.14 43.80 -8.16
C THR S 106 -29.42 44.56 -9.26
N MET S 107 -29.75 44.21 -10.50
CA MET S 107 -29.16 44.87 -11.66
C MET S 107 -29.77 46.26 -11.86
N THR S 108 -28.97 47.15 -12.43
CA THR S 108 -29.50 48.38 -12.96
C THR S 108 -30.22 48.11 -14.28
N VAL S 109 -31.15 49.00 -14.62
CA VAL S 109 -31.93 48.82 -15.83
C VAL S 109 -31.04 48.93 -17.07
N GLU S 110 -30.06 49.83 -17.03
CA GLU S 110 -29.18 50.01 -18.17
C GLU S 110 -28.35 48.76 -18.46
N SER S 111 -27.88 48.09 -17.40
CA SER S 111 -27.09 46.87 -17.61
C SER S 111 -27.94 45.75 -18.20
N VAL S 112 -29.19 45.62 -17.75
CA VAL S 112 -30.09 44.61 -18.32
C VAL S 112 -30.36 44.92 -19.78
N THR S 113 -30.63 46.19 -20.09
CA THR S 113 -30.89 46.57 -21.48
C THR S 113 -29.67 46.32 -22.35
N GLN S 114 -28.48 46.59 -21.84
CA GLN S 114 -27.25 46.32 -22.58
C GLN S 114 -27.07 44.84 -22.83
N ALA S 115 -27.32 44.01 -21.81
CA ALA S 115 -27.19 42.57 -21.97
C ALA S 115 -28.17 42.04 -23.01
N VAL S 116 -29.40 42.54 -23.02
CA VAL S 116 -30.36 42.12 -24.03
C VAL S 116 -29.95 42.61 -25.41
N SER S 117 -29.49 43.86 -25.51
CA SER S 117 -29.11 44.44 -26.79
C SER S 117 -27.89 43.76 -27.40
N ASN S 118 -27.04 43.16 -26.57
CA ASN S 118 -25.88 42.46 -27.11
C ASN S 118 -26.25 41.24 -27.94
N LEU S 119 -27.49 40.77 -27.88
CA LEU S 119 -27.96 39.63 -28.65
C LEU S 119 -28.50 40.02 -30.03
N ALA S 120 -28.65 41.31 -30.32
CA ALA S 120 -29.44 41.73 -31.47
C ALA S 120 -28.79 41.31 -32.79
N LEU S 121 -27.48 41.54 -32.93
CA LEU S 121 -26.80 41.31 -34.19
C LEU S 121 -26.06 39.97 -34.24
N GLN S 122 -26.32 39.08 -33.28
CA GLN S 122 -25.66 37.77 -33.25
C GLN S 122 -26.38 36.79 -34.18
N PHE S 123 -26.35 37.12 -35.47
CA PHE S 123 -26.95 36.26 -36.49
C PHE S 123 -26.00 36.17 -37.68
N GLY S 124 -26.15 35.08 -38.43
CA GLY S 124 -25.33 34.86 -39.60
C GLY S 124 -25.46 33.44 -40.09
N GLU S 125 -24.98 33.23 -41.31
CA GLU S 125 -25.04 31.92 -41.97
C GLU S 125 -23.76 31.13 -41.80
N GLU S 126 -22.63 31.67 -42.27
CA GLU S 126 -21.36 30.96 -42.26
C GLU S 126 -20.59 31.25 -40.97
N ASP S 127 -19.65 30.35 -40.66
CA ASP S 127 -18.82 30.45 -39.46
C ASP S 127 -19.67 30.56 -38.20
N ALA S 128 -20.72 29.74 -38.13
CA ALA S 128 -21.64 29.76 -36.99
C ALA S 128 -22.06 28.33 -36.66
N ASP S 129 -22.36 28.11 -35.39
CA ASP S 129 -22.83 26.80 -34.95
C ASP S 129 -24.27 26.58 -35.40
N PRO S 130 -24.68 25.32 -35.60
CA PRO S 130 -26.08 25.04 -35.89
C PRO S 130 -26.99 25.52 -34.75
N GLY S 131 -28.15 26.03 -35.11
CA GLY S 131 -29.10 26.52 -34.15
C GLY S 131 -28.96 27.99 -33.79
N ALA S 132 -27.92 28.66 -34.27
CA ALA S 132 -27.77 30.08 -34.04
C ALA S 132 -28.82 30.87 -34.82
N MET S 133 -29.05 32.11 -34.41
CA MET S 133 -30.03 32.94 -35.06
C MET S 133 -29.68 33.15 -36.53
N SER S 134 -30.66 32.97 -37.41
CA SER S 134 -30.48 33.19 -38.83
C SER S 134 -30.92 34.58 -39.27
N ARG S 135 -31.47 35.37 -38.37
CA ARG S 135 -32.02 36.68 -38.72
C ARG S 135 -32.12 37.51 -37.44
N PRO S 136 -32.18 38.83 -37.56
CA PRO S 136 -32.36 39.66 -36.36
C PRO S 136 -33.76 39.51 -35.79
N PHE S 137 -33.89 39.86 -34.52
CA PHE S 137 -35.19 39.82 -33.85
C PHE S 137 -36.09 40.93 -34.40
N GLY S 138 -37.36 40.61 -34.60
CA GLY S 138 -38.29 41.58 -35.14
C GLY S 138 -39.17 42.23 -34.09
N VAL S 139 -38.59 42.57 -32.94
CA VAL S 139 -39.34 43.13 -31.83
C VAL S 139 -38.54 44.27 -31.20
N ALA S 140 -39.23 45.36 -30.89
CA ALA S 140 -38.66 46.46 -30.11
C ALA S 140 -39.17 46.37 -28.69
N LEU S 141 -38.28 46.61 -27.73
CA LEU S 141 -38.58 46.46 -26.31
C LEU S 141 -38.52 47.82 -25.62
N LEU S 142 -39.31 47.94 -24.54
CA LEU S 142 -39.31 49.12 -23.68
C LEU S 142 -39.04 48.65 -22.25
N PHE S 143 -37.86 48.97 -21.74
CA PHE S 143 -37.45 48.56 -20.40
C PHE S 143 -37.70 49.70 -19.42
N GLY S 144 -38.53 49.44 -18.41
CA GLY S 144 -38.79 50.43 -17.38
C GLY S 144 -38.61 49.87 -15.99
N GLY S 145 -37.69 50.44 -15.22
CA GLY S 145 -37.42 49.94 -13.89
C GLY S 145 -36.93 51.03 -12.97
N VAL S 146 -36.69 50.64 -11.72
CA VAL S 146 -36.20 51.55 -10.69
C VAL S 146 -34.95 50.94 -10.07
N ASP S 147 -33.84 51.67 -10.14
CA ASP S 147 -32.58 51.23 -9.53
C ASP S 147 -32.05 52.35 -8.64
N GLU S 148 -30.79 52.23 -8.22
CA GLU S 148 -30.19 53.24 -7.35
C GLU S 148 -30.15 54.62 -7.99
N LYS S 149 -30.28 54.70 -9.31
CA LYS S 149 -30.41 55.97 -10.02
C LYS S 149 -31.85 56.45 -10.07
N GLY S 150 -32.77 55.75 -9.42
CA GLY S 150 -34.17 56.09 -9.47
C GLY S 150 -34.86 55.43 -10.64
N PRO S 151 -36.10 55.83 -10.92
CA PRO S 151 -36.82 55.28 -12.07
C PRO S 151 -36.09 55.58 -13.37
N GLN S 152 -36.15 54.62 -14.29
CA GLN S 152 -35.44 54.74 -15.56
C GLN S 152 -36.19 53.97 -16.64
N LEU S 153 -36.21 54.55 -17.84
CA LEU S 153 -36.88 53.93 -18.99
C LEU S 153 -35.90 53.84 -20.15
N PHE S 154 -35.79 52.65 -20.74
CA PHE S 154 -34.87 52.42 -21.84
C PHE S 154 -35.62 51.80 -23.02
N HIS S 155 -35.17 52.14 -24.22
CA HIS S 155 -35.74 51.62 -25.46
C HIS S 155 -34.67 50.85 -26.22
N MET S 156 -35.02 49.64 -26.66
CA MET S 156 -34.13 48.79 -27.43
C MET S 156 -34.77 48.45 -28.77
N ASP S 157 -33.96 48.38 -29.81
CA ASP S 157 -34.41 48.09 -31.17
C ASP S 157 -33.50 47.04 -31.79
N PRO S 158 -33.96 46.36 -32.85
CA PRO S 158 -33.20 45.20 -33.37
C PRO S 158 -31.81 45.52 -33.87
N SER S 159 -31.50 46.78 -34.18
CA SER S 159 -30.14 47.13 -34.57
C SER S 159 -29.15 46.97 -33.43
N GLY S 160 -29.62 46.80 -32.20
CA GLY S 160 -28.77 46.70 -31.03
C GLY S 160 -28.62 47.98 -30.26
N THR S 161 -29.02 49.11 -30.83
CA THR S 161 -28.95 50.38 -30.12
C THR S 161 -29.98 50.43 -29.01
N PHE S 162 -29.56 50.90 -27.85
CA PHE S 162 -30.46 51.14 -26.73
C PHE S 162 -30.16 52.52 -26.14
N VAL S 163 -31.22 53.27 -25.86
CA VAL S 163 -31.10 54.63 -25.36
C VAL S 163 -32.03 54.81 -24.18
N GLN S 164 -31.66 55.74 -23.29
CA GLN S 164 -32.55 56.15 -22.21
C GLN S 164 -33.54 57.18 -22.73
N CYS S 165 -34.80 57.04 -22.32
CA CYS S 165 -35.87 57.91 -22.79
C CYS S 165 -36.66 58.43 -21.61
N ASP S 166 -37.02 59.71 -21.67
CA ASP S 166 -37.94 60.27 -20.68
C ASP S 166 -39.36 59.77 -20.93
N ALA S 167 -39.77 59.73 -22.20
CA ALA S 167 -41.04 59.15 -22.60
C ALA S 167 -40.93 58.74 -24.06
N ARG S 168 -41.46 57.56 -24.38
CA ARG S 168 -41.36 57.05 -25.74
C ARG S 168 -42.56 56.16 -26.05
N ALA S 169 -42.82 56.01 -27.34
CA ALA S 169 -43.85 55.12 -27.85
C ALA S 169 -43.28 54.28 -28.99
N ILE S 170 -43.67 53.02 -29.03
CA ILE S 170 -43.24 52.09 -30.07
C ILE S 170 -44.48 51.44 -30.67
N GLY S 171 -44.35 51.01 -31.93
CA GLY S 171 -45.45 50.33 -32.58
C GLY S 171 -45.93 51.00 -33.86
N SER S 172 -47.17 50.69 -34.26
CA SER S 172 -47.68 51.20 -35.53
C SER S 172 -47.93 52.70 -35.49
N ALA S 173 -48.51 53.20 -34.40
CA ALA S 173 -48.84 54.61 -34.26
C ALA S 173 -47.79 55.36 -33.44
N SER S 174 -46.53 54.94 -33.53
CA SER S 174 -45.48 55.57 -32.76
C SER S 174 -45.26 57.02 -33.18
N GLU S 175 -45.31 57.31 -34.48
CA GLU S 175 -45.07 58.67 -34.96
C GLU S 175 -46.11 59.64 -34.40
N GLY S 176 -47.38 59.26 -34.45
CA GLY S 176 -48.42 60.11 -33.88
C GLY S 176 -48.34 60.20 -32.38
N ALA S 177 -48.07 59.06 -31.73
CA ALA S 177 -48.04 59.04 -30.27
C ALA S 177 -46.83 59.78 -29.72
N GLN S 178 -45.70 59.71 -30.43
CA GLN S 178 -44.49 60.41 -29.96
C GLN S 178 -44.69 61.92 -29.95
N SER S 179 -45.37 62.46 -30.97
CA SER S 179 -45.68 63.88 -30.97
C SER S 179 -46.60 64.25 -29.81
N SER S 180 -47.60 63.41 -29.55
CA SER S 180 -48.49 63.65 -28.41
C SER S 180 -47.71 63.55 -27.10
N LEU S 181 -46.82 62.57 -27.00
CA LEU S 181 -45.99 62.45 -25.80
C LEU S 181 -45.07 63.65 -25.64
N GLN S 182 -44.62 64.23 -26.76
CA GLN S 182 -43.73 65.39 -26.68
C GLN S 182 -44.43 66.58 -26.04
N GLU S 183 -45.68 66.83 -26.42
CA GLU S 183 -46.39 68.00 -25.92
C GLU S 183 -46.76 67.86 -24.45
N VAL S 184 -47.23 66.68 -24.06
CA VAL S 184 -47.80 66.50 -22.72
C VAL S 184 -46.72 66.32 -21.67
N TYR S 185 -45.57 65.77 -22.06
CA TYR S 185 -44.56 65.40 -21.08
C TYR S 185 -43.84 66.63 -20.54
N HIS S 186 -43.71 66.69 -19.22
CA HIS S 186 -42.86 67.66 -18.55
C HIS S 186 -42.12 66.95 -17.43
N LYS S 187 -40.97 67.51 -17.05
CA LYS S 187 -40.05 66.82 -16.14
C LYS S 187 -40.69 66.56 -14.78
N SER S 188 -41.45 67.53 -14.26
CA SER S 188 -42.05 67.41 -12.94
C SER S 188 -43.37 66.65 -12.95
N MET S 189 -43.64 65.87 -14.00
CA MET S 189 -44.87 65.09 -14.08
C MET S 189 -44.91 64.04 -12.97
N THR S 190 -46.11 63.79 -12.45
CA THR S 190 -46.30 62.78 -11.43
C THR S 190 -46.77 61.47 -12.06
N LEU S 191 -46.76 60.41 -11.25
CA LEU S 191 -47.13 59.09 -11.77
C LEU S 191 -48.59 59.05 -12.20
N LYS S 192 -49.48 59.67 -11.44
CA LYS S 192 -50.88 59.71 -11.83
C LYS S 192 -51.06 60.45 -13.16
N GLU S 193 -50.39 61.60 -13.30
CA GLU S 193 -50.46 62.35 -14.55
C GLU S 193 -49.85 61.55 -15.70
N ALA S 194 -48.74 60.85 -15.44
CA ALA S 194 -48.13 60.04 -16.49
C ALA S 194 -49.06 58.93 -16.95
N ILE S 195 -49.71 58.24 -16.00
CA ILE S 195 -50.65 57.17 -16.36
C ILE S 195 -51.82 57.73 -17.14
N LYS S 196 -52.37 58.87 -16.69
CA LYS S 196 -53.51 59.46 -17.39
C LYS S 196 -53.13 59.89 -18.80
N SER S 197 -51.96 60.51 -18.97
CA SER S 197 -51.54 60.94 -20.29
C SER S 197 -51.28 59.75 -21.21
N SER S 198 -50.66 58.69 -20.68
CA SER S 198 -50.43 57.49 -21.48
C SER S 198 -51.74 56.88 -21.94
N LEU S 199 -52.72 56.81 -21.03
CA LEU S 199 -54.02 56.26 -21.41
C LEU S 199 -54.71 57.15 -22.43
N ILE S 200 -54.60 58.47 -22.28
CA ILE S 200 -55.22 59.39 -23.24
C ILE S 200 -54.63 59.19 -24.62
N ILE S 201 -53.29 59.11 -24.70
CA ILE S 201 -52.64 58.93 -25.99
C ILE S 201 -52.99 57.56 -26.60
N LEU S 202 -53.04 56.53 -25.76
CA LEU S 202 -53.42 55.20 -26.25
C LEU S 202 -54.84 55.21 -26.80
N LYS S 203 -55.77 55.87 -26.11
CA LYS S 203 -57.14 55.99 -26.60
C LYS S 203 -57.17 56.76 -27.91
N GLN S 204 -56.35 57.80 -28.03
CA GLN S 204 -56.31 58.58 -29.26
C GLN S 204 -55.81 57.75 -30.43
N VAL S 205 -54.78 56.94 -30.21
CA VAL S 205 -54.15 56.22 -31.32
C VAL S 205 -54.79 54.86 -31.61
N MET S 206 -55.48 54.26 -30.63
CA MET S 206 -56.07 52.94 -30.85
C MET S 206 -57.30 53.04 -31.74
N GLU S 207 -57.45 52.06 -32.64
CA GLU S 207 -58.63 52.02 -33.49
C GLU S 207 -59.87 51.61 -32.70
N GLU S 208 -59.75 50.58 -31.86
CA GLU S 208 -60.86 50.11 -31.06
C GLU S 208 -61.06 51.00 -29.83
N LYS S 209 -62.30 51.08 -29.37
CA LYS S 209 -62.62 51.86 -28.19
C LYS S 209 -61.88 51.30 -26.98
N LEU S 210 -61.23 52.18 -26.22
CA LEU S 210 -60.42 51.75 -25.10
C LEU S 210 -61.30 51.31 -23.93
N ASN S 211 -60.94 50.18 -23.33
CA ASN S 211 -61.63 49.67 -22.15
C ASN S 211 -60.61 48.93 -21.29
N ALA S 212 -61.10 48.28 -20.23
CA ALA S 212 -60.20 47.57 -19.32
C ALA S 212 -59.52 46.39 -20.01
N THR S 213 -60.25 45.66 -20.86
CA THR S 213 -59.70 44.48 -21.51
C THR S 213 -58.88 44.80 -22.75
N ASN S 214 -58.92 46.03 -23.24
CA ASN S 214 -58.21 46.39 -24.46
C ASN S 214 -56.75 46.74 -24.23
N ILE S 215 -56.33 46.97 -22.98
CA ILE S 215 -55.02 47.53 -22.69
C ILE S 215 -54.38 46.81 -21.51
N GLU S 216 -53.07 46.93 -21.43
CA GLU S 216 -52.28 46.49 -20.28
C GLU S 216 -51.55 47.69 -19.70
N LEU S 217 -51.53 47.80 -18.37
CA LEU S 217 -50.84 48.89 -17.70
C LEU S 217 -50.02 48.33 -16.54
N ALA S 218 -48.79 48.80 -16.42
CA ALA S 218 -47.90 48.41 -15.32
C ALA S 218 -47.08 49.61 -14.89
N THR S 219 -46.70 49.61 -13.61
CA THR S 219 -45.87 50.68 -13.06
C THR S 219 -44.81 50.07 -12.15
N VAL S 220 -43.65 50.73 -12.09
CA VAL S 220 -42.59 50.41 -11.15
C VAL S 220 -42.25 51.68 -10.38
N GLN S 221 -42.25 51.59 -9.06
CA GLN S 221 -42.03 52.72 -8.18
C GLN S 221 -40.95 52.38 -7.16
N PRO S 222 -40.29 53.39 -6.60
CA PRO S 222 -39.31 53.11 -5.54
C PRO S 222 -39.99 52.51 -4.31
N GLY S 223 -39.49 51.34 -3.90
CA GLY S 223 -40.08 50.61 -2.80
C GLY S 223 -41.24 49.72 -3.17
N GLN S 224 -41.81 49.88 -4.37
CA GLN S 224 -42.91 49.06 -4.84
C GLN S 224 -42.42 48.19 -5.99
N ASN S 225 -42.70 46.89 -5.92
CA ASN S 225 -42.27 45.98 -6.97
C ASN S 225 -43.02 46.28 -8.27
N PHE S 226 -42.63 45.58 -9.33
CA PHE S 226 -43.35 45.67 -10.60
C PHE S 226 -44.80 45.27 -10.39
N HIS S 227 -45.71 46.20 -10.67
CA HIS S 227 -47.14 45.99 -10.40
C HIS S 227 -47.89 46.11 -11.72
N MET S 228 -48.66 45.07 -12.05
CA MET S 228 -49.52 45.07 -13.22
C MET S 228 -50.93 45.44 -12.77
N PHE S 229 -51.49 46.48 -13.36
CA PHE S 229 -52.83 46.94 -12.98
C PHE S 229 -53.86 45.85 -13.20
N THR S 230 -54.70 45.62 -12.21
CA THR S 230 -55.79 44.68 -12.33
C THR S 230 -56.94 45.32 -13.10
N LYS S 231 -58.01 44.54 -13.33
CA LYS S 231 -59.15 45.06 -14.06
C LYS S 231 -59.83 46.20 -13.30
N GLU S 232 -59.95 46.05 -11.97
CA GLU S 232 -60.62 47.09 -11.19
C GLU S 232 -59.82 48.39 -11.17
N GLU S 233 -58.49 48.29 -11.00
CA GLU S 233 -57.67 49.50 -11.02
C GLU S 233 -57.72 50.17 -12.38
N LEU S 234 -57.69 49.38 -13.46
CA LEU S 234 -57.79 49.95 -14.80
C LEU S 234 -59.13 50.65 -14.99
N GLU S 235 -60.22 50.03 -14.55
CA GLU S 235 -61.53 50.66 -14.65
C GLU S 235 -61.59 51.95 -13.83
N GLU S 236 -60.90 51.97 -12.68
CA GLU S 236 -60.84 53.20 -11.90
C GLU S 236 -60.11 54.30 -12.66
N VAL S 237 -59.01 53.96 -13.32
CA VAL S 237 -58.24 54.98 -14.02
C VAL S 237 -58.98 55.49 -15.25
N ILE S 238 -59.60 54.59 -16.03
CA ILE S 238 -60.31 54.99 -17.23
C ILE S 238 -61.66 55.63 -16.94
N LYS S 239 -62.06 55.70 -15.66
CA LYS S 239 -63.32 56.34 -15.32
C LYS S 239 -63.33 57.80 -15.76
N ASP S 240 -62.22 58.50 -15.53
CA ASP S 240 -62.05 59.87 -16.00
C ASP S 240 -61.00 59.88 -17.11
N ILE S 241 -61.39 60.40 -18.28
CA ILE S 241 -60.51 60.42 -19.44
C ILE S 241 -61.00 61.46 -20.44
N ASN T 4 -24.90 45.70 -58.99
CA ASN T 4 -24.35 44.68 -59.88
C ASN T 4 -24.12 43.37 -59.15
N GLN T 5 -23.22 42.54 -59.70
CA GLN T 5 -22.93 41.24 -59.14
C GLN T 5 -21.69 41.22 -58.25
N TYR T 6 -21.06 42.37 -58.02
CA TYR T 6 -19.83 42.45 -57.23
C TYR T 6 -20.03 43.16 -55.89
N ASP T 7 -21.26 43.55 -55.56
CA ASP T 7 -21.50 44.40 -54.40
C ASP T 7 -22.24 43.70 -53.27
N ASN T 8 -22.43 42.38 -53.34
CA ASN T 8 -23.17 41.66 -52.31
C ASN T 8 -22.30 40.76 -51.45
N ASP T 9 -21.07 40.48 -51.84
CA ASP T 9 -20.18 39.61 -51.08
C ASP T 9 -18.84 40.29 -50.89
N VAL T 10 -18.26 40.09 -49.70
CA VAL T 10 -16.94 40.66 -49.41
C VAL T 10 -15.81 39.80 -49.96
N THR T 11 -16.11 38.60 -50.46
CA THR T 11 -15.13 37.72 -51.05
C THR T 11 -15.00 37.88 -52.56
N VAL T 12 -15.74 38.82 -53.15
CA VAL T 12 -15.77 39.01 -54.59
C VAL T 12 -15.05 40.32 -54.91
N TRP T 13 -13.98 40.23 -55.70
CA TRP T 13 -13.34 41.41 -56.24
C TRP T 13 -14.15 41.98 -57.40
N SER T 14 -14.08 43.28 -57.56
CA SER T 14 -14.64 43.90 -58.74
C SER T 14 -13.60 43.93 -59.85
N PRO T 15 -14.03 44.02 -61.12
CA PRO T 15 -13.06 44.10 -62.21
C PRO T 15 -12.15 45.31 -62.13
N GLN T 16 -12.50 46.32 -61.34
CA GLN T 16 -11.67 47.49 -61.14
C GLN T 16 -10.65 47.31 -60.02
N GLY T 17 -10.71 46.20 -59.28
CA GLY T 17 -9.81 45.99 -58.18
C GLY T 17 -10.29 46.48 -56.84
N ARG T 18 -11.60 46.42 -56.59
CA ARG T 18 -12.17 46.93 -55.36
C ARG T 18 -13.12 45.90 -54.76
N ILE T 19 -13.42 46.08 -53.48
CA ILE T 19 -14.44 45.29 -52.79
C ILE T 19 -15.52 46.27 -52.32
N HIS T 20 -16.75 46.07 -52.82
CA HIS T 20 -17.80 47.05 -52.58
C HIS T 20 -18.37 46.97 -51.17
N GLN T 21 -18.37 45.79 -50.56
CA GLN T 21 -18.91 45.66 -49.20
C GLN T 21 -18.11 46.49 -48.21
N ILE T 22 -16.78 46.52 -48.38
CA ILE T 22 -15.94 47.34 -47.52
C ILE T 22 -16.28 48.82 -47.68
N GLU T 23 -16.48 49.26 -48.92
CA GLU T 23 -16.85 50.66 -49.15
C GLU T 23 -18.22 50.98 -48.57
N TYR T 24 -19.14 50.02 -48.60
CA TYR T 24 -20.45 50.23 -48.01
C TYR T 24 -20.35 50.33 -46.48
N ALA T 25 -19.46 49.55 -45.88
CA ALA T 25 -19.22 49.69 -44.45
C ALA T 25 -18.58 51.05 -44.12
N MET T 26 -17.70 51.54 -45.00
CA MET T 26 -17.16 52.88 -44.81
C MET T 26 -18.25 53.93 -44.92
N GLU T 27 -19.22 53.72 -45.81
CA GLU T 27 -20.39 54.60 -45.86
C GLU T 27 -21.18 54.54 -44.55
N ALA T 28 -21.33 53.34 -43.99
CA ALA T 28 -21.96 53.20 -42.69
C ALA T 28 -21.25 54.03 -41.64
N VAL T 29 -19.92 54.04 -41.67
CA VAL T 29 -19.15 54.88 -40.76
C VAL T 29 -19.43 56.36 -41.02
N LYS T 30 -19.46 56.75 -42.29
CA LYS T 30 -19.73 58.15 -42.65
C LYS T 30 -21.12 58.59 -42.22
N GLN T 31 -22.05 57.65 -42.03
CA GLN T 31 -23.39 58.02 -41.60
C GLN T 31 -23.46 58.44 -40.14
N GLY T 32 -22.43 58.11 -39.34
CA GLY T 32 -22.47 58.38 -37.93
C GLY T 32 -22.19 59.84 -37.59
N SER T 33 -22.49 60.19 -36.33
CA SER T 33 -22.27 61.55 -35.87
C SER T 33 -20.78 61.83 -35.68
N ALA T 34 -20.42 63.09 -35.80
CA ALA T 34 -19.00 63.47 -35.84
C ALA T 34 -18.36 63.37 -34.47
N THR T 35 -17.11 62.90 -34.46
CA THR T 35 -16.27 62.93 -33.28
C THR T 35 -14.87 63.39 -33.69
N VAL T 36 -14.19 64.08 -32.80
CA VAL T 36 -12.91 64.70 -33.08
C VAL T 36 -11.90 64.23 -32.04
N GLY T 37 -10.72 63.83 -32.49
CA GLY T 37 -9.64 63.47 -31.59
C GLY T 37 -8.39 64.24 -31.93
N LEU T 38 -7.70 64.70 -30.89
CA LEU T 38 -6.48 65.48 -31.05
C LEU T 38 -5.63 65.33 -29.80
N LYS T 39 -4.34 65.62 -29.94
CA LYS T 39 -3.39 65.39 -28.85
C LYS T 39 -2.37 66.51 -28.80
N SER T 40 -1.92 66.80 -27.59
CA SER T 40 -0.81 67.69 -27.32
C SER T 40 0.42 66.85 -26.96
N LYS T 41 1.47 67.51 -26.47
CA LYS T 41 2.64 66.79 -26.01
C LYS T 41 2.36 65.92 -24.79
N THR T 42 1.30 66.23 -24.04
CA THR T 42 1.04 65.56 -22.77
C THR T 42 -0.37 65.01 -22.61
N HIS T 43 -1.31 65.34 -23.50
CA HIS T 43 -2.69 64.92 -23.35
C HIS T 43 -3.25 64.48 -24.69
N ALA T 44 -4.22 63.56 -24.63
CA ALA T 44 -5.00 63.15 -25.79
C ALA T 44 -6.47 63.35 -25.45
N VAL T 45 -7.20 64.00 -26.35
CA VAL T 45 -8.56 64.44 -26.08
C VAL T 45 -9.48 63.95 -27.20
N LEU T 46 -10.61 63.35 -26.82
CA LEU T 46 -11.67 63.00 -27.74
C LEU T 46 -12.91 63.83 -27.40
N VAL T 47 -13.43 64.55 -28.38
CA VAL T 47 -14.70 65.27 -28.25
C VAL T 47 -15.67 64.69 -29.28
N ALA T 48 -16.85 64.29 -28.82
CA ALA T 48 -17.82 63.61 -29.66
C ALA T 48 -19.15 64.33 -29.58
N LEU T 49 -19.74 64.62 -30.74
CA LEU T 49 -21.06 65.25 -30.81
C LEU T 49 -22.11 64.16 -30.73
N LYS T 50 -22.80 64.08 -29.60
CA LYS T 50 -23.82 63.07 -29.40
C LYS T 50 -25.12 63.47 -30.10
N ARG T 51 -25.95 62.48 -30.39
CA ARG T 51 -27.21 62.69 -31.08
C ARG T 51 -28.33 61.96 -30.35
N ALA T 52 -29.53 62.52 -30.43
CA ALA T 52 -30.71 61.95 -29.80
C ALA T 52 -31.77 61.63 -30.86
N GLN T 53 -32.49 60.54 -30.63
CA GLN T 53 -33.55 60.16 -31.56
C GLN T 53 -34.69 61.17 -31.56
N SER T 54 -35.02 61.70 -30.39
CA SER T 54 -36.08 62.68 -30.26
C SER T 54 -35.75 63.62 -29.09
N GLU T 55 -36.64 64.58 -28.85
CA GLU T 55 -36.41 65.55 -27.78
C GLU T 55 -36.43 64.88 -26.41
N LEU T 56 -37.17 63.79 -26.26
CA LEU T 56 -37.29 63.10 -24.98
C LEU T 56 -36.28 61.98 -24.82
N ALA T 57 -35.47 61.69 -25.83
CA ALA T 57 -34.50 60.62 -25.77
C ALA T 57 -33.14 61.16 -25.37
N ALA T 58 -32.45 60.42 -24.50
CA ALA T 58 -31.10 60.79 -24.12
C ALA T 58 -30.15 60.61 -25.28
N HIS T 59 -29.12 61.46 -25.34
CA HIS T 59 -28.15 61.39 -26.41
C HIS T 59 -27.34 60.11 -26.32
N GLN T 60 -27.08 59.49 -27.47
CA GLN T 60 -26.43 58.20 -27.51
C GLN T 60 -24.98 58.30 -27.01
N LYS T 61 -24.57 57.28 -26.25
CA LYS T 61 -23.19 57.22 -25.78
C LYS T 61 -22.23 57.10 -26.95
N LYS T 62 -21.17 57.90 -26.90
CA LYS T 62 -20.18 57.91 -27.96
C LYS T 62 -18.76 57.62 -27.50
N ILE T 63 -18.44 57.86 -26.23
CA ILE T 63 -17.10 57.63 -25.69
C ILE T 63 -17.18 56.52 -24.67
N LEU T 64 -16.31 55.53 -24.81
CA LEU T 64 -16.31 54.34 -23.97
C LEU T 64 -14.97 54.16 -23.29
N HIS T 65 -15.00 53.52 -22.12
CA HIS T 65 -13.80 53.17 -21.38
C HIS T 65 -13.24 51.86 -21.89
N VAL T 66 -11.93 51.81 -22.13
CA VAL T 66 -11.24 50.59 -22.50
C VAL T 66 -10.30 50.14 -21.39
N ASP T 67 -9.37 51.00 -20.99
CA ASP T 67 -8.50 50.76 -19.85
C ASP T 67 -8.28 52.08 -19.13
N ASN T 68 -7.41 52.07 -18.12
CA ASN T 68 -7.09 53.30 -17.41
C ASN T 68 -6.35 54.30 -18.28
N HIS T 69 -5.72 53.84 -19.36
CA HIS T 69 -4.96 54.71 -20.23
C HIS T 69 -5.47 54.78 -21.67
N ILE T 70 -6.58 54.10 -21.98
CA ILE T 70 -7.10 54.05 -23.34
C ILE T 70 -8.60 54.33 -23.32
N GLY T 71 -9.04 55.23 -24.18
CA GLY T 71 -10.46 55.45 -24.40
C GLY T 71 -10.73 55.63 -25.88
N ILE T 72 -11.98 55.34 -26.26
CA ILE T 72 -12.37 55.34 -27.66
C ILE T 72 -13.64 56.13 -27.87
N SER T 73 -13.81 56.65 -29.08
CA SER T 73 -15.06 57.21 -29.55
C SER T 73 -15.44 56.52 -30.85
N ILE T 74 -16.74 56.35 -31.06
CA ILE T 74 -17.25 55.45 -32.08
C ILE T 74 -18.06 56.23 -33.11
N ALA T 75 -18.18 55.64 -34.30
CA ALA T 75 -19.02 56.18 -35.36
C ALA T 75 -19.44 55.02 -36.26
N GLY T 76 -20.75 54.84 -36.42
CA GLY T 76 -21.29 53.75 -37.22
C GLY T 76 -22.18 52.84 -36.39
N LEU T 77 -22.13 51.56 -36.72
CA LEU T 77 -22.96 50.57 -36.03
C LEU T 77 -22.50 50.44 -34.58
N THR T 78 -23.44 50.64 -33.64
CA THR T 78 -23.10 50.61 -32.23
C THR T 78 -22.87 49.19 -31.71
N ALA T 79 -23.54 48.19 -32.29
CA ALA T 79 -23.28 46.81 -31.87
C ALA T 79 -21.87 46.38 -32.24
N ASP T 80 -21.42 46.72 -33.45
CA ASP T 80 -20.04 46.44 -33.83
C ASP T 80 -19.07 47.20 -32.93
N ALA T 81 -19.41 48.44 -32.58
CA ALA T 81 -18.56 49.21 -31.68
C ALA T 81 -18.45 48.55 -30.32
N ARG T 82 -19.56 48.04 -29.80
CA ARG T 82 -19.52 47.35 -28.50
C ARG T 82 -18.73 46.06 -28.58
N LEU T 83 -18.87 45.31 -29.68
CA LEU T 83 -18.07 44.11 -29.88
C LEU T 83 -16.57 44.45 -29.84
N LEU T 84 -16.17 45.46 -30.62
CA LEU T 84 -14.76 45.85 -30.65
C LEU T 84 -14.29 46.35 -29.29
N CYS T 85 -15.14 47.12 -28.60
CA CYS T 85 -14.76 47.63 -27.29
C CYS T 85 -14.56 46.50 -26.29
N ASN T 86 -15.43 45.50 -26.31
CA ASN T 86 -15.26 44.34 -25.43
C ASN T 86 -13.98 43.59 -25.77
N PHE T 87 -13.68 43.44 -27.07
CA PHE T 87 -12.45 42.78 -27.47
C PHE T 87 -11.22 43.54 -26.96
N MET T 88 -11.24 44.87 -27.09
CA MET T 88 -10.11 45.68 -26.62
C MET T 88 -9.98 45.62 -25.10
N ARG T 89 -11.11 45.64 -24.39
CA ARG T 89 -11.07 45.50 -22.93
C ARG T 89 -10.47 44.17 -22.53
N GLN T 90 -10.84 43.09 -23.23
CA GLN T 90 -10.26 41.79 -22.95
C GLN T 90 -8.76 41.78 -23.21
N GLU T 91 -8.33 42.42 -24.31
CA GLU T 91 -6.89 42.49 -24.59
C GLU T 91 -6.15 43.24 -23.49
N CYS T 92 -6.70 44.37 -23.05
CA CYS T 92 -6.04 45.15 -21.99
C CYS T 92 -6.00 44.37 -20.68
N LEU T 93 -7.08 43.68 -20.33
CA LEU T 93 -7.10 42.89 -19.11
C LEU T 93 -6.10 41.74 -19.19
N ASP T 94 -6.00 41.10 -20.35
CA ASP T 94 -5.03 40.02 -20.52
C ASP T 94 -3.60 40.54 -20.41
N SER T 95 -3.34 41.72 -20.97
CA SER T 95 -2.00 42.29 -20.86
C SER T 95 -1.65 42.61 -19.41
N ARG T 96 -2.60 43.20 -18.67
CA ARG T 96 -2.32 43.52 -17.26
C ARG T 96 -2.24 42.26 -16.41
N PHE T 97 -2.91 41.18 -16.82
CA PHE T 97 -2.80 39.92 -16.08
C PHE T 97 -1.45 39.25 -16.34
N VAL T 98 -0.98 39.26 -17.58
CA VAL T 98 0.21 38.50 -17.92
C VAL T 98 1.48 39.27 -17.58
N PHE T 99 1.57 40.52 -18.02
CA PHE T 99 2.81 41.29 -17.87
C PHE T 99 2.73 42.36 -16.80
N ASP T 100 1.59 42.54 -16.15
CA ASP T 100 1.42 43.51 -15.07
C ASP T 100 1.79 44.93 -15.51
N ARG T 101 1.54 45.24 -16.77
CA ARG T 101 1.80 46.57 -17.33
C ARG T 101 0.70 46.93 -18.31
N PRO T 102 0.41 48.22 -18.47
CA PRO T 102 -0.60 48.62 -19.45
C PRO T 102 -0.19 48.23 -20.87
N LEU T 103 -1.17 47.79 -21.64
CA LEU T 103 -0.91 47.41 -23.01
C LEU T 103 -0.60 48.65 -23.85
N PRO T 104 0.48 48.65 -24.63
CA PRO T 104 0.75 49.79 -25.51
C PRO T 104 -0.38 50.01 -26.50
N VAL T 105 -0.67 51.27 -26.78
CA VAL T 105 -1.83 51.60 -27.62
C VAL T 105 -1.63 51.09 -29.03
N SER T 106 -0.42 51.23 -29.58
CA SER T 106 -0.17 50.81 -30.95
C SER T 106 -0.37 49.31 -31.12
N ARG T 107 0.01 48.52 -30.12
CA ARG T 107 -0.17 47.08 -30.19
C ARG T 107 -1.65 46.70 -30.14
N LEU T 108 -2.43 47.40 -29.31
CA LEU T 108 -3.87 47.19 -29.29
C LEU T 108 -4.50 47.54 -30.63
N VAL T 109 -4.05 48.62 -31.26
CA VAL T 109 -4.58 48.99 -32.56
C VAL T 109 -4.21 47.96 -33.62
N SER T 110 -2.99 47.41 -33.52
CA SER T 110 -2.60 46.34 -34.43
C SER T 110 -3.48 45.11 -34.25
N LEU T 111 -3.79 44.77 -32.99
CA LEU T 111 -4.71 43.65 -32.74
C LEU T 111 -6.10 43.94 -33.32
N ILE T 112 -6.57 45.18 -33.20
CA ILE T 112 -7.87 45.54 -33.75
C ILE T 112 -7.87 45.36 -35.26
N GLY T 113 -6.81 45.83 -35.92
CA GLY T 113 -6.72 45.69 -37.37
C GLY T 113 -6.65 44.24 -37.79
N SER T 114 -5.88 43.43 -37.08
CA SER T 114 -5.79 42.01 -37.40
C SER T 114 -7.14 41.32 -37.23
N LYS T 115 -7.87 41.67 -36.17
CA LYS T 115 -9.18 41.06 -35.95
C LYS T 115 -10.18 41.48 -37.02
N THR T 116 -10.18 42.76 -37.40
CA THR T 116 -11.14 43.26 -38.36
C THR T 116 -10.80 42.88 -39.80
N GLN T 117 -9.56 42.47 -40.07
CA GLN T 117 -9.23 42.02 -41.42
C GLN T 117 -9.87 40.68 -41.76
N ILE T 118 -10.06 39.81 -40.75
CA ILE T 118 -10.52 38.46 -41.02
C ILE T 118 -11.90 38.43 -41.68
N PRO T 119 -12.92 39.13 -41.17
CA PRO T 119 -14.25 39.03 -41.80
C PRO T 119 -14.31 39.54 -43.22
N THR T 120 -13.34 40.34 -43.66
CA THR T 120 -13.36 40.91 -45.00
C THR T 120 -12.82 39.95 -46.06
N GLN T 121 -12.44 38.72 -45.68
CA GLN T 121 -11.88 37.76 -46.62
C GLN T 121 -12.54 36.40 -46.54
N ARG T 122 -13.63 36.26 -45.78
CA ARG T 122 -14.29 34.98 -45.61
C ARG T 122 -15.75 35.07 -46.06
N TYR T 123 -16.20 34.04 -46.77
CA TYR T 123 -17.56 34.03 -47.30
C TYR T 123 -18.58 33.95 -46.18
N GLY T 124 -19.65 34.73 -46.31
CA GLY T 124 -20.69 34.77 -45.32
C GLY T 124 -20.45 35.72 -44.16
N ARG T 125 -19.32 36.42 -44.15
CA ARG T 125 -19.02 37.40 -43.12
C ARG T 125 -19.07 38.81 -43.69
N ARG T 126 -19.12 39.79 -42.80
CA ARG T 126 -19.19 41.19 -43.18
C ARG T 126 -18.17 42.01 -42.42
N PRO T 127 -17.72 43.12 -42.98
CA PRO T 127 -16.83 44.01 -42.24
C PRO T 127 -17.55 44.67 -41.07
N TYR T 128 -16.79 45.03 -40.05
CA TYR T 128 -17.33 45.77 -38.92
C TYR T 128 -17.69 47.17 -39.38
N GLY T 129 -18.99 47.48 -39.42
CA GLY T 129 -19.45 48.77 -39.89
C GLY T 129 -19.31 49.86 -38.87
N VAL T 130 -18.11 50.06 -38.34
CA VAL T 130 -17.86 51.06 -37.31
C VAL T 130 -16.43 51.56 -37.45
N GLY T 131 -16.25 52.85 -37.21
CA GLY T 131 -14.92 53.45 -37.19
C GLY T 131 -14.64 53.99 -35.79
N LEU T 132 -13.39 53.82 -35.35
CA LEU T 132 -13.00 54.19 -34.01
C LEU T 132 -11.98 55.32 -34.03
N LEU T 133 -12.06 56.18 -33.02
CA LEU T 133 -11.00 57.12 -32.69
C LEU T 133 -10.48 56.74 -31.32
N ILE T 134 -9.20 56.39 -31.24
CA ILE T 134 -8.61 55.83 -30.04
C ILE T 134 -7.64 56.86 -29.46
N ALA T 135 -7.83 57.21 -28.20
CA ALA T 135 -6.94 58.10 -27.47
C ALA T 135 -6.29 57.31 -26.34
N GLY T 136 -4.96 57.29 -26.32
CA GLY T 136 -4.24 56.55 -25.31
C GLY T 136 -2.98 57.27 -24.88
N TYR T 137 -2.47 56.86 -23.73
CA TYR T 137 -1.20 57.35 -23.21
C TYR T 137 -0.37 56.18 -22.74
N ASP T 138 0.90 56.14 -23.14
CA ASP T 138 1.81 55.08 -22.75
C ASP T 138 3.21 55.67 -22.67
N ASP T 139 4.23 54.80 -22.68
CA ASP T 139 5.62 55.26 -22.59
C ASP T 139 6.01 56.19 -23.73
N MET T 140 5.30 56.14 -24.85
CA MET T 140 5.59 57.01 -25.98
C MET T 140 4.78 58.30 -25.96
N GLY T 141 3.98 58.53 -24.93
CA GLY T 141 3.20 59.74 -24.84
C GLY T 141 1.78 59.55 -25.33
N PRO T 142 1.12 60.67 -25.65
CA PRO T 142 -0.26 60.58 -26.16
C PRO T 142 -0.30 60.00 -27.55
N HIS T 143 -1.44 59.38 -27.87
CA HIS T 143 -1.65 58.75 -29.17
C HIS T 143 -3.08 58.96 -29.62
N ILE T 144 -3.25 59.23 -30.91
CA ILE T 144 -4.56 59.29 -31.55
C ILE T 144 -4.53 58.33 -32.72
N PHE T 145 -5.44 57.36 -32.71
CA PHE T 145 -5.52 56.34 -33.76
C PHE T 145 -6.93 56.32 -34.33
N GLN T 146 -7.01 56.04 -35.64
CA GLN T 146 -8.28 55.92 -36.33
C GLN T 146 -8.34 54.58 -37.04
N THR T 147 -9.40 53.82 -36.79
CA THR T 147 -9.61 52.53 -37.42
C THR T 147 -10.79 52.63 -38.38
N CYS T 148 -10.76 51.79 -39.40
CA CYS T 148 -11.74 51.78 -40.48
C CYS T 148 -12.29 50.38 -40.66
N PRO T 149 -13.47 50.25 -41.28
CA PRO T 149 -13.98 48.90 -41.60
C PRO T 149 -13.08 48.12 -42.55
N SER T 150 -12.24 48.81 -43.32
CA SER T 150 -11.26 48.19 -44.20
C SER T 150 -10.10 47.57 -43.45
N ALA T 151 -10.17 47.56 -42.12
CA ALA T 151 -9.15 47.04 -41.22
C ALA T 151 -7.84 47.82 -41.30
N ASN T 152 -7.85 48.99 -41.92
CA ASN T 152 -6.68 49.84 -42.00
C ASN T 152 -6.75 50.87 -40.89
N TYR T 153 -5.64 51.09 -40.19
CA TYR T 153 -5.59 52.05 -39.10
C TYR T 153 -4.51 53.08 -39.38
N PHE T 154 -4.68 54.25 -38.78
CA PHE T 154 -3.79 55.39 -39.02
C PHE T 154 -3.35 55.98 -37.69
N ASP T 155 -2.12 56.49 -37.67
CA ASP T 155 -1.60 57.24 -36.54
C ASP T 155 -1.72 58.72 -36.91
N CYS T 156 -2.56 59.44 -36.18
CA CYS T 156 -2.97 60.78 -36.55
C CYS T 156 -2.52 61.81 -35.52
N ARG T 157 -2.09 62.97 -36.01
CA ARG T 157 -1.90 64.12 -35.13
C ARG T 157 -3.24 64.64 -34.65
N ALA T 158 -4.24 64.62 -35.51
CA ALA T 158 -5.62 64.91 -35.17
C ALA T 158 -6.50 64.23 -36.22
N MET T 159 -7.77 64.00 -35.86
CA MET T 159 -8.64 63.28 -36.77
C MET T 159 -10.09 63.56 -36.42
N SER T 160 -10.95 63.45 -37.42
CA SER T 160 -12.39 63.56 -37.25
C SER T 160 -13.07 62.58 -38.17
N ILE T 161 -14.02 61.81 -37.62
CA ILE T 161 -14.78 60.84 -38.40
C ILE T 161 -16.27 61.03 -38.10
N GLY T 162 -17.10 60.59 -39.03
CA GLY T 162 -18.53 60.75 -38.90
C GLY T 162 -19.15 61.63 -39.96
N ALA T 163 -20.31 62.21 -39.65
CA ALA T 163 -21.02 63.05 -40.61
C ALA T 163 -20.44 64.46 -40.63
N ARG T 164 -20.22 64.99 -41.83
CA ARG T 164 -19.73 66.36 -42.02
C ARG T 164 -18.40 66.60 -41.31
N SER T 165 -17.55 65.57 -41.29
CA SER T 165 -16.26 65.66 -40.63
C SER T 165 -15.22 66.41 -41.44
N GLN T 166 -15.52 66.76 -42.69
CA GLN T 166 -14.53 67.44 -43.53
C GLN T 166 -14.20 68.83 -42.99
N SER T 167 -15.21 69.56 -42.50
CA SER T 167 -14.94 70.88 -41.92
C SER T 167 -14.09 70.77 -40.67
N ALA T 168 -14.39 69.79 -39.81
CA ALA T 168 -13.57 69.56 -38.63
C ALA T 168 -12.14 69.22 -39.02
N ARG T 169 -11.97 68.38 -40.04
CA ARG T 169 -10.63 68.03 -40.50
C ARG T 169 -9.90 69.24 -41.04
N THR T 170 -10.63 70.14 -41.73
CA THR T 170 -10.01 71.37 -42.23
C THR T 170 -9.54 72.25 -41.07
N TYR T 171 -10.38 72.38 -40.04
CA TYR T 171 -9.97 73.17 -38.87
C TYR T 171 -8.76 72.56 -38.19
N LEU T 172 -8.74 71.23 -38.05
CA LEU T 172 -7.59 70.55 -37.46
C LEU T 172 -6.34 70.75 -38.31
N GLU T 173 -6.48 70.72 -39.63
CA GLU T 173 -5.35 71.00 -40.51
C GLU T 173 -4.84 72.41 -40.29
N ARG T 174 -5.76 73.36 -40.10
CA ARG T 174 -5.35 74.75 -39.86
C ARG T 174 -4.57 74.91 -38.57
N HIS T 175 -5.02 74.26 -37.49
CA HIS T 175 -4.45 74.50 -36.17
C HIS T 175 -3.56 73.35 -35.66
N MET T 176 -3.17 72.42 -36.55
CA MET T 176 -2.29 71.34 -36.15
C MET T 176 -0.93 71.86 -35.68
N SER T 177 -0.48 73.00 -36.23
CA SER T 177 0.78 73.58 -35.77
C SER T 177 0.66 74.05 -34.32
N GLU T 178 -0.50 74.59 -33.95
CA GLU T 178 -0.71 75.08 -32.59
C GLU T 178 -1.05 73.98 -31.60
N PHE T 179 -1.55 72.83 -32.07
CA PHE T 179 -2.03 71.80 -31.14
C PHE T 179 -0.95 71.34 -30.17
N MET T 180 0.28 71.15 -30.65
CA MET T 180 1.28 70.43 -29.86
C MET T 180 1.65 71.17 -28.58
N GLU T 181 1.82 72.48 -28.66
CA GLU T 181 2.28 73.27 -27.51
C GLU T 181 1.14 73.75 -26.63
N CYS T 182 -0.11 73.41 -26.94
CA CYS T 182 -1.23 73.85 -26.14
C CYS T 182 -1.29 73.10 -24.81
N ASN T 183 -1.94 73.72 -23.83
CA ASN T 183 -2.22 73.06 -22.56
C ASN T 183 -3.51 72.26 -22.69
N LEU T 184 -4.04 71.78 -21.56
CA LEU T 184 -5.24 70.94 -21.62
C LEU T 184 -6.46 71.74 -22.07
N ASN T 185 -6.68 72.90 -21.46
CA ASN T 185 -7.87 73.69 -21.79
C ASN T 185 -7.84 74.17 -23.23
N GLU T 186 -6.68 74.63 -23.70
CA GLU T 186 -6.57 75.06 -25.10
C GLU T 186 -6.82 73.90 -26.06
N LEU T 187 -6.29 72.72 -25.73
CA LEU T 187 -6.52 71.56 -26.59
C LEU T 187 -7.99 71.17 -26.64
N VAL T 188 -8.66 71.18 -25.49
CA VAL T 188 -10.07 70.83 -25.45
C VAL T 188 -10.90 71.88 -26.20
N LYS T 189 -10.53 73.15 -26.08
CA LYS T 189 -11.25 74.20 -26.81
C LYS T 189 -11.04 74.07 -28.30
N HIS T 190 -9.82 73.71 -28.73
CA HIS T 190 -9.57 73.47 -30.15
C HIS T 190 -10.43 72.32 -30.67
N GLY T 191 -10.48 71.22 -29.91
CA GLY T 191 -11.32 70.11 -30.31
C GLY T 191 -12.80 70.48 -30.36
N LEU T 192 -13.24 71.29 -29.39
CA LEU T 192 -14.64 71.72 -29.38
C LEU T 192 -14.95 72.61 -30.57
N ARG T 193 -14.03 73.50 -30.94
CA ARG T 193 -14.24 74.33 -32.12
C ARG T 193 -14.30 73.48 -33.39
N ALA T 194 -13.41 72.48 -33.49
CA ALA T 194 -13.43 71.59 -34.64
C ALA T 194 -14.76 70.83 -34.71
N LEU T 195 -15.24 70.33 -33.58
CA LEU T 195 -16.52 69.64 -33.55
C LEU T 195 -17.67 70.58 -33.91
N ARG T 196 -17.61 71.83 -33.44
CA ARG T 196 -18.62 72.82 -33.77
C ARG T 196 -18.65 73.12 -35.26
N GLU T 197 -17.49 73.02 -35.92
CA GLU T 197 -17.44 73.27 -37.36
C GLU T 197 -18.30 72.30 -38.16
N THR T 198 -18.66 71.15 -37.59
CA THR T 198 -19.51 70.18 -38.28
C THR T 198 -20.99 70.37 -38.00
N LEU T 199 -21.35 71.27 -37.11
CA LEU T 199 -22.75 71.47 -36.75
C LEU T 199 -23.49 72.24 -37.83
N PRO T 200 -24.81 72.11 -37.90
CA PRO T 200 -25.60 72.98 -38.77
C PRO T 200 -25.49 74.43 -38.35
N ALA T 201 -25.95 75.31 -39.22
CA ALA T 201 -25.85 76.75 -38.95
C ALA T 201 -26.66 77.14 -37.71
N GLU T 202 -27.86 76.57 -37.56
CA GLU T 202 -28.70 76.90 -36.42
C GLU T 202 -28.23 76.22 -35.14
N GLN T 203 -27.68 75.01 -35.24
CA GLN T 203 -27.30 74.25 -34.06
C GLN T 203 -26.01 74.79 -33.46
N ASP T 204 -25.92 74.73 -32.14
CA ASP T 204 -24.74 75.18 -31.42
C ASP T 204 -24.39 74.16 -30.33
N LEU T 205 -23.13 74.18 -29.93
CA LEU T 205 -22.67 73.26 -28.88
C LEU T 205 -23.34 73.59 -27.55
N THR T 206 -23.65 72.54 -26.78
CA THR T 206 -24.25 72.71 -25.48
C THR T 206 -23.91 71.50 -24.62
N THR T 207 -24.31 71.56 -23.34
CA THR T 207 -23.99 70.51 -22.40
C THR T 207 -24.74 69.22 -22.66
N LYS T 208 -25.74 69.24 -23.54
CA LYS T 208 -26.52 68.04 -23.81
C LYS T 208 -25.86 67.14 -24.85
N ASN T 209 -25.40 67.73 -25.97
CA ASN T 209 -24.95 66.98 -27.13
C ASN T 209 -23.44 66.86 -27.21
N VAL T 210 -22.72 67.16 -26.12
CA VAL T 210 -21.26 67.17 -26.13
C VAL T 210 -20.76 66.24 -25.04
N SER T 211 -19.79 65.39 -25.39
CA SER T 211 -19.09 64.54 -24.44
C SER T 211 -17.60 64.63 -24.72
N ILE T 212 -16.81 64.64 -23.65
CA ILE T 212 -15.37 64.85 -23.75
C ILE T 212 -14.64 63.69 -23.06
N GLY T 213 -13.60 63.19 -23.70
CA GLY T 213 -12.76 62.16 -23.12
C GLY T 213 -11.31 62.58 -23.11
N ILE T 214 -10.68 62.57 -21.94
CA ILE T 214 -9.33 63.08 -21.76
C ILE T 214 -8.48 62.01 -21.08
N VAL T 215 -7.27 61.79 -21.60
CA VAL T 215 -6.27 60.95 -20.97
C VAL T 215 -4.94 61.70 -20.99
N GLY T 216 -4.06 61.36 -20.06
CA GLY T 216 -2.80 62.08 -19.95
C GLY T 216 -1.80 61.32 -19.11
N LYS T 217 -0.66 61.97 -18.89
CA LYS T 217 0.42 61.35 -18.13
C LYS T 217 0.00 61.07 -16.70
N ASP T 218 -0.49 62.08 -16.00
CA ASP T 218 -0.96 61.94 -14.62
C ASP T 218 -2.47 61.80 -14.52
N LEU T 219 -3.17 61.78 -15.65
CA LEU T 219 -4.62 61.71 -15.67
C LEU T 219 -5.05 60.42 -16.35
N GLU T 220 -5.77 59.57 -15.63
CA GLU T 220 -6.39 58.42 -16.24
C GLU T 220 -7.54 58.85 -17.13
N PHE T 221 -7.97 57.97 -18.02
CA PHE T 221 -8.99 58.33 -18.98
C PHE T 221 -10.30 58.67 -18.26
N THR T 222 -10.86 59.82 -18.60
CA THR T 222 -12.05 60.34 -17.94
C THR T 222 -13.03 60.84 -19.00
N ILE T 223 -14.32 60.68 -18.71
CA ILE T 223 -15.38 61.12 -19.59
C ILE T 223 -16.22 62.16 -18.85
N TYR T 224 -16.45 63.29 -19.51
CA TYR T 224 -17.28 64.37 -18.98
C TYR T 224 -18.52 64.47 -19.84
N ASP T 225 -19.70 64.40 -19.21
CA ASP T 225 -20.93 64.20 -19.97
C ASP T 225 -21.89 65.38 -19.91
N ASP T 226 -22.33 65.79 -18.72
CA ASP T 226 -23.43 66.75 -18.62
C ASP T 226 -23.01 68.06 -17.97
N ASP T 227 -22.53 68.02 -16.73
CA ASP T 227 -22.16 69.24 -16.01
C ASP T 227 -20.65 69.44 -15.91
N ASP T 228 -19.86 68.39 -16.12
CA ASP T 228 -18.42 68.54 -16.20
C ASP T 228 -17.96 69.08 -17.55
N VAL T 229 -18.84 69.09 -18.55
CA VAL T 229 -18.51 69.68 -19.84
C VAL T 229 -18.48 71.20 -19.76
N SER T 230 -19.33 71.78 -18.92
CA SER T 230 -19.50 73.23 -18.89
C SER T 230 -18.20 74.01 -18.65
N PRO T 231 -17.30 73.61 -17.74
CA PRO T 231 -16.02 74.35 -17.63
C PRO T 231 -15.22 74.39 -18.92
N PHE T 232 -15.28 73.33 -19.72
CA PHE T 232 -14.61 73.37 -21.02
C PHE T 232 -15.41 74.20 -22.02
N LEU T 233 -16.73 74.08 -22.01
CA LEU T 233 -17.55 74.85 -22.94
C LEU T 233 -17.48 76.35 -22.65
N GLU T 234 -17.50 76.72 -21.38
CA GLU T 234 -17.37 78.12 -21.01
C GLU T 234 -16.00 78.64 -21.44
N GLY T 235 -15.99 79.83 -22.06
CA GLY T 235 -14.80 80.38 -22.66
C GLY T 235 -14.73 80.24 -24.17
N LEU T 236 -15.58 79.40 -24.76
CA LEU T 236 -15.65 79.30 -26.21
C LEU T 236 -16.19 80.59 -26.81
N GLU T 237 -15.80 80.87 -28.04
CA GLU T 237 -16.21 82.08 -28.73
C GLU T 237 -17.41 81.83 -29.63
N GLU T 238 -17.94 82.90 -30.20
CA GLU T 238 -19.05 82.80 -31.13
C GLU T 238 -18.60 82.10 -32.41
N ARG T 239 -19.55 81.46 -33.08
CA ARG T 239 -19.26 80.73 -34.31
C ARG T 239 -18.70 81.67 -35.37
N PRO T 240 -17.53 81.39 -35.93
CA PRO T 240 -16.97 82.31 -36.93
C PRO T 240 -17.85 82.50 -38.16
N GLN T 241 -18.53 81.44 -38.59
CA GLN T 241 -19.38 81.48 -39.77
C GLN T 241 -18.62 81.95 -41.01
N THR U 6 -19.01 36.49 -68.06
CA THR U 6 -20.42 36.15 -67.96
C THR U 6 -20.64 35.19 -66.80
N GLY U 7 -20.44 35.68 -65.58
CA GLY U 7 -20.55 34.85 -64.39
C GLY U 7 -19.33 34.02 -64.10
N TYR U 8 -18.27 34.10 -64.90
CA TYR U 8 -17.06 33.33 -64.72
C TYR U 8 -16.04 34.01 -63.83
N ASP U 9 -16.36 35.19 -63.29
CA ASP U 9 -15.39 36.01 -62.56
C ASP U 9 -15.85 36.30 -61.13
N LEU U 10 -16.79 35.52 -60.61
CA LEU U 10 -17.33 35.79 -59.28
C LEU U 10 -16.70 34.95 -58.19
N SER U 11 -16.04 33.85 -58.52
CA SER U 11 -15.46 32.95 -57.54
C SER U 11 -14.07 32.54 -57.98
N ALA U 12 -13.18 32.34 -56.99
CA ALA U 12 -11.85 31.83 -57.30
C ALA U 12 -11.87 30.35 -57.63
N SER U 13 -12.95 29.64 -57.29
CA SER U 13 -13.08 28.22 -57.58
C SER U 13 -13.70 27.95 -58.94
N THR U 14 -13.68 28.94 -59.84
CA THR U 14 -14.28 28.81 -61.16
C THR U 14 -13.28 29.21 -62.22
N PHE U 15 -13.08 28.36 -63.21
CA PHE U 15 -12.29 28.69 -64.39
C PHE U 15 -13.17 29.35 -65.43
N SER U 16 -12.56 30.24 -66.21
CA SER U 16 -13.19 30.79 -67.38
C SER U 16 -13.06 29.81 -68.54
N PRO U 17 -13.87 29.96 -69.59
CA PRO U 17 -13.74 29.06 -70.75
C PRO U 17 -12.37 29.14 -71.42
N ASP U 18 -11.62 30.22 -71.20
CA ASP U 18 -10.26 30.37 -71.69
C ASP U 18 -9.21 29.99 -70.66
N GLY U 19 -9.61 29.36 -69.56
CA GLY U 19 -8.68 28.86 -68.57
C GLY U 19 -8.01 29.90 -67.70
N ARG U 20 -8.75 30.91 -67.27
CA ARG U 20 -8.23 31.94 -66.38
C ARG U 20 -9.10 32.05 -65.13
N VAL U 21 -8.45 32.37 -64.01
CA VAL U 21 -9.15 32.67 -62.76
C VAL U 21 -9.18 34.19 -62.63
N PHE U 22 -10.36 34.77 -62.86
CA PHE U 22 -10.45 36.22 -62.98
C PHE U 22 -10.38 36.94 -61.62
N GLN U 23 -10.74 36.27 -60.54
CA GLN U 23 -10.65 36.90 -59.22
C GLN U 23 -9.21 37.20 -58.86
N VAL U 24 -8.29 36.31 -59.22
CA VAL U 24 -6.87 36.55 -58.98
C VAL U 24 -6.39 37.73 -59.81
N GLU U 25 -6.86 37.82 -61.06
CA GLU U 25 -6.50 38.96 -61.90
C GLU U 25 -7.06 40.27 -61.34
N TYR U 26 -8.24 40.22 -60.74
CA TYR U 26 -8.80 41.43 -60.13
C TYR U 26 -8.02 41.83 -58.89
N ALA U 27 -7.56 40.86 -58.11
CA ALA U 27 -6.66 41.16 -57.01
C ALA U 27 -5.35 41.78 -57.51
N MET U 28 -4.84 41.27 -58.63
CA MET U 28 -3.64 41.85 -59.23
C MET U 28 -3.90 43.28 -59.68
N LYS U 29 -5.08 43.55 -60.23
CA LYS U 29 -5.45 44.91 -60.60
C LYS U 29 -5.50 45.81 -59.38
N ALA U 30 -6.02 45.28 -58.26
CA ALA U 30 -6.01 46.03 -57.01
C ALA U 30 -4.59 46.37 -56.58
N VAL U 31 -3.66 45.42 -56.78
CA VAL U 31 -2.26 45.69 -56.48
C VAL U 31 -1.71 46.78 -57.40
N GLU U 32 -2.11 46.76 -58.68
CA GLU U 32 -1.56 47.69 -59.66
C GLU U 32 -1.93 49.13 -59.37
N ASN U 33 -2.92 49.37 -58.52
CA ASN U 33 -3.36 50.72 -58.20
C ASN U 33 -2.64 51.33 -57.00
N SER U 34 -1.75 50.59 -56.36
CA SER U 34 -1.07 51.06 -55.18
C SER U 34 0.25 51.72 -55.54
N SER U 35 0.78 52.50 -54.59
CA SER U 35 2.03 53.22 -54.80
C SER U 35 3.20 52.24 -54.97
N THR U 36 4.23 52.70 -55.67
CA THR U 36 5.33 51.84 -56.08
C THR U 36 6.29 51.59 -54.93
N ALA U 37 6.68 50.33 -54.74
CA ALA U 37 7.73 49.93 -53.83
C ALA U 37 8.76 49.13 -54.60
N ILE U 38 10.05 49.48 -54.43
CA ILE U 38 11.12 48.84 -55.18
C ILE U 38 12.07 48.15 -54.20
N GLY U 39 12.82 47.19 -54.72
CA GLY U 39 13.82 46.48 -53.96
C GLY U 39 14.98 46.05 -54.82
N ILE U 40 16.20 46.36 -54.40
CA ILE U 40 17.40 46.11 -55.18
C ILE U 40 18.35 45.26 -54.35
N ARG U 41 18.82 44.16 -54.95
CA ARG U 41 19.77 43.25 -54.30
C ARG U 41 21.16 43.55 -54.84
N CYS U 42 22.03 44.10 -53.99
CA CYS U 42 23.39 44.41 -54.37
C CYS U 42 24.30 43.23 -54.03
N LYS U 43 25.62 43.46 -54.10
CA LYS U 43 26.58 42.39 -53.89
C LYS U 43 26.75 42.01 -52.42
N ASP U 44 26.27 42.84 -51.49
CA ASP U 44 26.44 42.53 -50.07
C ASP U 44 25.19 42.83 -49.25
N GLY U 45 24.03 43.04 -49.86
CA GLY U 45 22.84 43.33 -49.10
C GLY U 45 21.67 43.59 -50.01
N VAL U 46 20.53 43.89 -49.38
CA VAL U 46 19.29 44.22 -50.08
C VAL U 46 18.76 45.53 -49.50
N VAL U 47 18.36 46.45 -50.37
CA VAL U 47 17.84 47.75 -49.96
C VAL U 47 16.42 47.88 -50.49
N PHE U 48 15.50 48.28 -49.61
CA PHE U 48 14.11 48.49 -49.97
C PHE U 48 13.82 49.99 -50.03
N GLY U 49 12.85 50.35 -50.87
CA GLY U 49 12.43 51.72 -51.00
C GLY U 49 10.96 51.83 -51.37
N VAL U 50 10.20 52.61 -50.61
CA VAL U 50 8.76 52.71 -50.79
C VAL U 50 8.39 54.18 -50.98
N GLU U 51 7.59 54.46 -52.00
CA GLU U 51 6.99 55.78 -52.18
C GLU U 51 5.70 55.79 -51.38
N LYS U 52 5.80 56.21 -50.12
CA LYS U 52 4.67 56.18 -49.19
C LYS U 52 3.84 57.44 -49.38
N LEU U 53 2.71 57.29 -50.07
CA LEU U 53 1.83 58.42 -50.31
C LEU U 53 1.14 58.83 -49.01
N VAL U 54 1.13 60.13 -48.73
CA VAL U 54 0.49 60.68 -47.54
C VAL U 54 -0.85 61.26 -47.99
N LEU U 55 -1.95 60.69 -47.49
CA LEU U 55 -3.28 61.10 -47.92
C LEU U 55 -3.84 62.25 -47.11
N SER U 56 -3.17 62.64 -46.02
CA SER U 56 -3.66 63.73 -45.19
C SER U 56 -2.51 64.29 -44.37
N LYS U 57 -2.48 65.61 -44.23
CA LYS U 57 -1.50 66.25 -43.35
C LYS U 57 -1.74 65.94 -41.88
N LEU U 58 -2.93 65.42 -41.55
CA LEU U 58 -3.25 65.07 -40.17
C LEU U 58 -2.56 63.80 -39.70
N TYR U 59 -2.22 62.89 -40.60
CA TYR U 59 -1.55 61.65 -40.21
C TYR U 59 -0.15 61.93 -39.69
N GLU U 60 0.25 61.21 -38.65
CA GLU U 60 1.59 61.34 -38.11
C GLU U 60 2.61 60.80 -39.10
N GLU U 61 3.83 61.32 -38.99
CA GLU U 61 4.92 60.83 -39.84
C GLU U 61 5.25 59.38 -39.47
N GLY U 62 5.36 58.54 -40.48
CA GLY U 62 5.58 57.12 -40.27
C GLY U 62 4.33 56.28 -40.17
N SER U 63 3.15 56.90 -40.20
CA SER U 63 1.90 56.15 -40.16
C SER U 63 1.74 55.33 -41.44
N ASN U 64 1.08 54.17 -41.29
CA ASN U 64 0.83 53.25 -42.41
C ASN U 64 2.15 52.86 -43.09
N LYS U 65 3.13 52.45 -42.29
CA LYS U 65 4.41 52.04 -42.83
C LYS U 65 4.25 50.78 -43.68
N ARG U 66 4.88 50.79 -44.86
CA ARG U 66 4.81 49.68 -45.79
C ARG U 66 6.07 48.83 -45.79
N LEU U 67 6.99 49.08 -44.86
CA LEU U 67 8.15 48.24 -44.65
C LEU U 67 7.99 47.52 -43.33
N PHE U 68 8.26 46.21 -43.32
CA PHE U 68 8.02 45.38 -42.16
C PHE U 68 9.27 44.58 -41.81
N ASN U 69 9.37 44.21 -40.54
CA ASN U 69 10.39 43.29 -40.07
C ASN U 69 9.73 41.93 -39.88
N VAL U 70 10.08 40.97 -40.73
CA VAL U 70 9.48 39.65 -40.63
C VAL U 70 10.27 38.79 -39.66
N ASP U 71 11.60 38.86 -39.74
CA ASP U 71 12.48 38.19 -38.79
C ASP U 71 13.63 39.14 -38.49
N ARG U 72 14.59 38.67 -37.68
CA ARG U 72 15.75 39.49 -37.39
C ARG U 72 16.52 39.83 -38.66
N HIS U 73 16.50 38.95 -39.65
CA HIS U 73 17.27 39.11 -40.87
C HIS U 73 16.41 39.32 -42.10
N VAL U 74 15.08 39.35 -41.97
CA VAL U 74 14.16 39.39 -43.10
C VAL U 74 13.39 40.70 -43.07
N GLY U 75 13.34 41.38 -44.21
CA GLY U 75 12.56 42.58 -44.39
C GLY U 75 11.45 42.37 -45.39
N MET U 76 10.38 43.14 -45.27
CA MET U 76 9.21 42.99 -46.12
C MET U 76 8.77 44.35 -46.64
N ALA U 77 8.63 44.46 -47.96
CA ALA U 77 8.08 45.64 -48.62
C ALA U 77 6.82 45.23 -49.35
N VAL U 78 5.74 45.99 -49.17
CA VAL U 78 4.42 45.57 -49.62
C VAL U 78 3.83 46.61 -50.56
N ALA U 79 2.83 46.18 -51.32
CA ALA U 79 2.05 47.05 -52.20
C ALA U 79 0.67 46.44 -52.38
N GLY U 80 -0.35 47.27 -52.33
CA GLY U 80 -1.73 46.83 -52.43
C GLY U 80 -2.52 47.14 -51.17
N LEU U 81 -3.51 46.31 -50.91
CA LEU U 81 -4.31 46.46 -49.70
C LEU U 81 -3.44 46.29 -48.46
N LEU U 82 -3.43 47.31 -47.60
CA LEU U 82 -2.51 47.31 -46.47
C LEU U 82 -2.92 46.33 -45.39
N ALA U 83 -4.22 46.11 -45.21
CA ALA U 83 -4.67 45.13 -44.22
C ALA U 83 -4.27 43.72 -44.64
N ASP U 84 -4.43 43.39 -45.92
CA ASP U 84 -3.98 42.11 -46.42
C ASP U 84 -2.47 41.97 -46.26
N ALA U 85 -1.72 43.04 -46.52
CA ALA U 85 -0.28 43.02 -46.34
C ALA U 85 0.10 42.77 -44.89
N ARG U 86 -0.62 43.40 -43.95
CA ARG U 86 -0.35 43.19 -42.54
C ARG U 86 -0.65 41.76 -42.12
N SER U 87 -1.74 41.19 -42.64
CA SER U 87 -2.04 39.78 -42.34
C SER U 87 -0.96 38.87 -42.89
N LEU U 88 -0.47 39.14 -44.11
CA LEU U 88 0.60 38.33 -44.67
C LEU U 88 1.90 38.50 -43.90
N ALA U 89 2.17 39.71 -43.40
CA ALA U 89 3.35 39.90 -42.56
C ALA U 89 3.24 39.11 -41.26
N ASP U 90 2.04 39.07 -40.68
CA ASP U 90 1.82 38.23 -39.51
C ASP U 90 2.07 36.76 -39.83
N ILE U 91 1.59 36.31 -41.00
CA ILE U 91 1.80 34.92 -41.40
C ILE U 91 3.28 34.62 -41.57
N ALA U 92 4.03 35.54 -42.19
CA ALA U 92 5.46 35.35 -42.38
C ALA U 92 6.20 35.33 -41.05
N ARG U 93 5.83 36.22 -40.13
CA ARG U 93 6.45 36.20 -38.81
C ARG U 93 6.18 34.89 -38.09
N GLU U 94 4.94 34.39 -38.17
CA GLU U 94 4.63 33.11 -37.56
C GLU U 94 5.43 31.98 -38.17
N GLU U 95 5.58 31.99 -39.50
CA GLU U 95 6.35 30.95 -40.17
C GLU U 95 7.81 30.98 -39.72
N ALA U 96 8.41 32.17 -39.66
CA ALA U 96 9.80 32.27 -39.24
C ALA U 96 9.97 31.82 -37.79
N SER U 97 9.06 32.22 -36.91
CA SER U 97 9.13 31.82 -35.51
C SER U 97 9.00 30.32 -35.36
N ASN U 98 8.05 29.71 -36.09
CA ASN U 98 7.87 28.27 -36.02
C ASN U 98 9.07 27.52 -36.56
N PHE U 99 9.68 28.03 -37.64
CA PHE U 99 10.87 27.40 -38.18
C PHE U 99 12.00 27.43 -37.15
N ARG U 100 12.20 28.57 -36.50
CA ARG U 100 13.24 28.65 -35.48
C ARG U 100 12.94 27.72 -34.31
N SER U 101 11.67 27.63 -33.92
CA SER U 101 11.30 26.75 -32.82
C SER U 101 11.56 25.29 -33.16
N ASN U 102 11.25 24.88 -34.39
CA ASN U 102 11.33 23.47 -34.75
C ASN U 102 12.75 23.05 -35.11
N PHE U 103 13.40 23.77 -36.02
CA PHE U 103 14.68 23.37 -36.56
C PHE U 103 15.88 24.06 -35.91
N GLY U 104 15.64 25.07 -35.09
CA GLY U 104 16.69 25.61 -34.24
C GLY U 104 17.60 26.66 -34.86
N TYR U 105 17.28 27.17 -36.04
CA TYR U 105 18.08 28.24 -36.62
C TYR U 105 17.20 29.15 -37.45
N ASN U 106 17.79 30.23 -37.95
CA ASN U 106 17.05 31.22 -38.74
C ASN U 106 16.58 30.62 -40.05
N ILE U 107 15.36 30.96 -40.43
CA ILE U 107 14.77 30.39 -41.65
C ILE U 107 15.47 30.96 -42.87
N PRO U 108 15.83 30.14 -43.86
CA PRO U 108 16.33 30.68 -45.13
C PRO U 108 15.24 31.45 -45.85
N LEU U 109 15.67 32.48 -46.59
CA LEU U 109 14.70 33.34 -47.25
C LEU U 109 13.92 32.59 -48.32
N LYS U 110 14.57 31.68 -49.03
CA LYS U 110 13.87 30.89 -50.05
C LYS U 110 12.76 30.05 -49.43
N HIS U 111 13.05 29.40 -48.30
CA HIS U 111 12.03 28.57 -47.65
C HIS U 111 10.87 29.42 -47.13
N LEU U 112 11.17 30.56 -46.52
CA LEU U 112 10.11 31.44 -46.03
C LEU U 112 9.26 31.97 -47.18
N ALA U 113 9.90 32.34 -48.28
CA ALA U 113 9.16 32.80 -49.45
C ALA U 113 8.26 31.70 -49.98
N ASP U 114 8.77 30.46 -50.03
CA ASP U 114 7.94 29.35 -50.51
C ASP U 114 6.75 29.11 -49.60
N ARG U 115 6.96 29.16 -48.28
CA ARG U 115 5.86 28.92 -47.35
C ARG U 115 4.79 30.00 -47.46
N VAL U 116 5.20 31.26 -47.50
CA VAL U 116 4.23 32.35 -47.57
C VAL U 116 3.54 32.35 -48.93
N ALA U 117 4.26 32.00 -50.00
CA ALA U 117 3.64 31.90 -51.31
C ALA U 117 2.62 30.78 -51.35
N MET U 118 2.90 29.67 -50.69
CA MET U 118 1.92 28.59 -50.62
C MET U 118 0.68 29.01 -49.83
N TYR U 119 0.89 29.76 -48.74
CA TYR U 119 -0.25 30.29 -47.99
C TYR U 119 -1.08 31.23 -48.85
N VAL U 120 -0.42 32.07 -49.67
CA VAL U 120 -1.14 32.98 -50.55
C VAL U 120 -1.91 32.21 -51.61
N HIS U 121 -1.27 31.18 -52.20
CA HIS U 121 -1.91 30.39 -53.23
C HIS U 121 -3.10 29.59 -52.68
N ALA U 122 -3.07 29.25 -51.40
CA ALA U 122 -4.20 28.54 -50.81
C ALA U 122 -5.48 29.35 -50.83
N TYR U 123 -5.40 30.66 -51.02
CA TYR U 123 -6.57 31.51 -51.07
C TYR U 123 -7.09 31.75 -52.48
N THR U 124 -6.51 31.10 -53.48
CA THR U 124 -6.92 31.27 -54.87
C THR U 124 -7.68 30.06 -55.41
N LEU U 125 -8.09 29.13 -54.54
CA LEU U 125 -8.68 27.88 -54.97
C LEU U 125 -10.15 27.73 -54.61
N TYR U 126 -10.65 28.46 -53.62
CA TYR U 126 -11.96 28.22 -53.05
C TYR U 126 -12.87 29.43 -53.21
N SER U 127 -14.18 29.16 -53.23
CA SER U 127 -15.17 30.22 -53.23
C SER U 127 -15.45 30.76 -51.83
N ALA U 128 -15.00 30.07 -50.79
CA ALA U 128 -15.25 30.48 -49.42
C ALA U 128 -14.31 31.58 -48.95
N VAL U 129 -13.23 31.84 -49.67
CA VAL U 129 -12.26 32.87 -49.31
C VAL U 129 -11.97 33.73 -50.54
N ARG U 130 -11.24 34.81 -50.31
CA ARG U 130 -10.92 35.78 -51.34
C ARG U 130 -9.41 35.89 -51.50
N PRO U 131 -8.90 35.87 -52.73
CA PRO U 131 -7.44 35.99 -52.90
C PRO U 131 -6.91 37.30 -52.35
N PHE U 132 -5.68 37.24 -51.86
CA PHE U 132 -5.06 38.41 -51.25
C PHE U 132 -4.87 39.52 -52.29
N GLY U 133 -5.14 40.76 -51.87
CA GLY U 133 -5.02 41.88 -52.77
C GLY U 133 -3.73 42.66 -52.60
N CYS U 134 -2.63 41.96 -52.36
CA CYS U 134 -1.35 42.62 -52.16
C CYS U 134 -0.23 41.75 -52.71
N SER U 135 0.84 42.41 -53.13
CA SER U 135 2.09 41.75 -53.48
C SER U 135 3.21 42.34 -52.65
N PHE U 136 4.24 41.55 -52.38
CA PHE U 136 5.26 41.97 -51.45
C PHE U 136 6.60 41.37 -51.84
N MET U 137 7.66 41.96 -51.31
CA MET U 137 9.03 41.52 -51.54
C MET U 137 9.68 41.13 -50.21
N LEU U 138 10.44 40.06 -50.23
CA LEU U 138 11.19 39.59 -49.07
C LEU U 138 12.68 39.74 -49.34
N GLY U 139 13.38 40.39 -48.41
CA GLY U 139 14.81 40.56 -48.55
C GLY U 139 15.53 40.12 -47.28
N SER U 140 16.74 39.61 -47.47
CA SER U 140 17.51 39.08 -46.35
C SER U 140 18.98 39.03 -46.74
N TYR U 141 19.83 38.84 -45.73
CA TYR U 141 21.26 38.67 -45.93
C TYR U 141 21.82 37.81 -44.82
N SER U 142 22.76 36.95 -45.19
CA SER U 142 23.52 36.16 -44.22
C SER U 142 24.86 35.83 -44.84
N VAL U 143 25.83 35.52 -43.97
CA VAL U 143 27.18 35.21 -44.45
C VAL U 143 27.17 33.94 -45.30
N ASN U 144 26.45 32.91 -44.84
CA ASN U 144 26.43 31.64 -45.57
C ASN U 144 25.64 31.77 -46.88
N ASP U 145 24.49 32.45 -46.83
CA ASP U 145 23.58 32.47 -47.97
C ASP U 145 23.74 33.68 -48.88
N GLY U 146 24.30 34.78 -48.37
CA GLY U 146 24.40 35.99 -49.16
C GLY U 146 23.10 36.75 -49.23
N ALA U 147 23.08 37.76 -50.09
CA ALA U 147 21.90 38.59 -50.28
C ALA U 147 20.89 37.86 -51.14
N GLN U 148 19.64 37.85 -50.70
CA GLN U 148 18.56 37.23 -51.45
C GLN U 148 17.35 38.15 -51.45
N LEU U 149 16.65 38.20 -52.58
CA LEU U 149 15.48 39.05 -52.73
C LEU U 149 14.41 38.28 -53.50
N TYR U 150 13.23 38.16 -52.91
CA TYR U 150 12.12 37.42 -53.51
C TYR U 150 10.89 38.31 -53.57
N MET U 151 9.98 37.97 -54.47
CA MET U 151 8.72 38.70 -54.63
C MET U 151 7.59 37.70 -54.82
N ILE U 152 6.46 37.96 -54.16
CA ILE U 152 5.29 37.10 -54.23
C ILE U 152 4.10 37.94 -54.69
N ASP U 153 3.42 37.47 -55.71
CA ASP U 153 2.24 38.10 -56.28
C ASP U 153 0.97 37.49 -55.68
N PRO U 154 -0.19 38.12 -55.89
CA PRO U 154 -1.43 37.58 -55.31
C PRO U 154 -1.76 36.15 -55.74
N SER U 155 -1.29 35.73 -56.92
CA SER U 155 -1.54 34.36 -57.35
C SER U 155 -0.78 33.35 -56.50
N GLY U 156 0.34 33.76 -55.91
CA GLY U 156 1.18 32.87 -55.13
C GLY U 156 2.49 32.50 -55.79
N VAL U 157 2.84 33.13 -56.90
CA VAL U 157 4.08 32.83 -57.60
C VAL U 157 5.22 33.60 -56.94
N SER U 158 6.30 32.91 -56.63
CA SER U 158 7.46 33.50 -55.96
C SER U 158 8.70 33.29 -56.81
N TYR U 159 9.44 34.37 -57.06
CA TYR U 159 10.65 34.32 -57.84
C TYR U 159 11.74 35.12 -57.13
N GLY U 160 12.99 34.76 -57.41
CA GLY U 160 14.12 35.55 -56.95
C GLY U 160 14.47 36.64 -57.95
N TYR U 161 14.92 37.77 -57.41
CA TYR U 161 15.17 38.95 -58.23
C TYR U 161 16.51 39.58 -57.87
N TRP U 162 17.07 40.29 -58.84
CA TRP U 162 18.17 41.22 -58.58
C TRP U 162 17.67 42.63 -58.36
N GLY U 163 16.54 42.98 -58.96
CA GLY U 163 15.87 44.25 -58.74
C GLY U 163 14.40 44.12 -59.07
N CYS U 164 13.54 44.53 -58.15
CA CYS U 164 12.10 44.35 -58.30
C CYS U 164 11.38 45.65 -58.00
N ALA U 165 10.17 45.77 -58.56
CA ALA U 165 9.31 46.92 -58.32
C ALA U 165 7.86 46.48 -58.42
N ILE U 166 7.05 46.90 -57.46
CA ILE U 166 5.63 46.56 -57.42
C ILE U 166 4.84 47.81 -57.12
N GLY U 167 3.73 47.99 -57.84
CA GLY U 167 2.86 49.12 -57.59
C GLY U 167 2.35 49.83 -58.83
N LYS U 168 2.08 51.14 -58.68
CA LYS U 168 1.47 51.90 -59.77
C LYS U 168 2.39 51.98 -60.98
N ALA U 169 3.65 52.34 -60.76
CA ALA U 169 4.62 52.53 -61.83
C ALA U 169 5.75 51.53 -61.62
N ARG U 170 5.56 50.31 -62.11
CA ARG U 170 6.59 49.27 -62.02
C ARG U 170 7.34 49.06 -63.31
N GLN U 171 6.75 49.39 -64.46
CA GLN U 171 7.48 49.29 -65.71
C GLN U 171 8.56 50.36 -65.81
N ALA U 172 8.20 51.61 -65.48
CA ALA U 172 9.19 52.67 -65.46
C ALA U 172 10.24 52.44 -64.38
N ALA U 173 9.81 51.95 -63.22
CA ALA U 173 10.77 51.62 -62.16
C ALA U 173 11.70 50.51 -62.59
N LYS U 174 11.18 49.48 -63.28
CA LYS U 174 12.03 48.42 -63.79
C LYS U 174 13.02 48.97 -64.83
N THR U 175 12.56 49.89 -65.68
CA THR U 175 13.46 50.51 -66.64
C THR U 175 14.58 51.26 -65.95
N GLU U 176 14.25 51.99 -64.88
CA GLU U 176 15.28 52.71 -64.13
C GLU U 176 16.24 51.74 -63.45
N ILE U 177 15.73 50.63 -62.92
CA ILE U 177 16.58 49.68 -62.22
C ILE U 177 17.52 48.97 -63.19
N GLU U 178 17.04 48.70 -64.41
CA GLU U 178 17.86 47.98 -65.39
C GLU U 178 19.15 48.70 -65.74
N LYS U 179 19.19 50.02 -65.56
CA LYS U 179 20.41 50.79 -65.81
C LYS U 179 21.44 50.64 -64.70
N LEU U 180 21.10 49.98 -63.61
CA LEU U 180 21.98 49.83 -62.46
C LEU U 180 22.80 48.55 -62.58
N GLN U 181 24.09 48.65 -62.26
CA GLN U 181 24.96 47.49 -62.16
C GLN U 181 25.03 47.02 -60.70
N MET U 182 23.87 46.65 -60.18
CA MET U 182 23.73 46.34 -58.76
C MET U 182 24.56 45.13 -58.34
N LYS U 183 24.93 44.25 -59.28
CA LYS U 183 25.71 43.08 -58.93
C LYS U 183 27.10 43.43 -58.43
N GLU U 184 27.59 44.63 -58.74
CA GLU U 184 28.93 45.05 -58.33
C GLU U 184 28.91 46.22 -57.36
N MET U 185 27.75 46.62 -56.87
CA MET U 185 27.62 47.79 -56.01
C MET U 185 27.45 47.38 -54.55
N THR U 186 27.75 48.32 -53.67
CA THR U 186 27.53 48.16 -52.23
C THR U 186 26.24 48.85 -51.83
N CYS U 187 25.80 48.57 -50.59
CA CYS U 187 24.54 49.10 -50.10
C CYS U 187 24.52 50.63 -50.08
N ARG U 188 25.66 51.25 -49.78
CA ARG U 188 25.70 52.70 -49.62
C ARG U 188 25.30 53.42 -50.89
N ASP U 189 25.78 52.95 -52.04
CA ASP U 189 25.37 53.54 -53.32
C ASP U 189 23.94 53.15 -53.67
N VAL U 190 23.53 51.94 -53.29
CA VAL U 190 22.21 51.44 -53.66
C VAL U 190 21.12 52.24 -52.97
N VAL U 191 21.40 52.74 -51.76
CA VAL U 191 20.40 53.59 -51.09
C VAL U 191 20.14 54.84 -51.91
N LYS U 192 21.20 55.50 -52.37
CA LYS U 192 21.02 56.70 -53.19
C LYS U 192 20.33 56.37 -54.51
N GLU U 193 20.69 55.25 -55.14
CA GLU U 193 20.04 54.87 -56.38
C GLU U 193 18.56 54.60 -56.18
N VAL U 194 18.21 53.93 -55.07
CA VAL U 194 16.80 53.65 -54.78
C VAL U 194 16.04 54.94 -54.55
N ALA U 195 16.62 55.87 -53.79
CA ALA U 195 15.97 57.15 -53.58
C ALA U 195 15.76 57.90 -54.90
N LYS U 196 16.77 57.88 -55.77
CA LYS U 196 16.64 58.53 -57.07
C LYS U 196 15.54 57.90 -57.91
N ILE U 197 15.47 56.57 -57.91
CA ILE U 197 14.43 55.88 -58.68
C ILE U 197 13.05 56.21 -58.13
N ILE U 198 12.91 56.22 -56.80
CA ILE U 198 11.62 56.53 -56.20
C ILE U 198 11.18 57.95 -56.55
N TYR U 199 12.11 58.91 -56.52
CA TYR U 199 11.76 60.27 -56.89
C TYR U 199 11.46 60.38 -58.38
N ILE U 200 12.11 59.57 -59.22
CA ILE U 200 11.85 59.62 -60.66
C ILE U 200 10.45 59.11 -60.97
N VAL U 201 10.09 57.95 -60.41
CA VAL U 201 8.81 57.33 -60.77
C VAL U 201 7.62 57.98 -60.08
N HIS U 202 7.83 58.82 -59.09
CA HIS U 202 6.72 59.49 -58.42
C HIS U 202 6.09 60.53 -59.34
N ASP U 203 4.78 60.68 -59.25
CA ASP U 203 4.02 61.63 -60.04
C ASP U 203 3.61 62.79 -59.15
N GLU U 204 4.27 63.94 -59.32
CA GLU U 204 3.96 65.12 -58.51
C GLU U 204 2.53 65.59 -58.75
N VAL U 205 2.12 65.67 -60.02
CA VAL U 205 0.78 66.16 -60.34
C VAL U 205 -0.29 65.20 -59.87
N LYS U 206 -0.11 63.90 -60.17
CA LYS U 206 -1.13 62.92 -59.82
C LYS U 206 -1.23 62.72 -58.32
N ASP U 207 -0.09 62.64 -57.62
CA ASP U 207 -0.05 62.43 -56.19
C ASP U 207 0.64 63.61 -55.53
N LYS U 208 -0.07 64.28 -54.62
CA LYS U 208 0.39 65.57 -54.12
C LYS U 208 1.67 65.45 -53.30
N ALA U 209 1.69 64.53 -52.32
CA ALA U 209 2.82 64.43 -51.42
C ALA U 209 3.07 62.97 -51.07
N PHE U 210 4.31 62.69 -50.65
CA PHE U 210 4.70 61.34 -50.29
C PHE U 210 5.89 61.40 -49.36
N GLU U 211 6.11 60.29 -48.65
CA GLU U 211 7.28 60.11 -47.79
C GLU U 211 8.16 59.00 -48.36
N LEU U 212 9.47 59.20 -48.27
CA LEU U 212 10.42 58.19 -48.73
C LEU U 212 10.76 57.26 -47.57
N GLU U 213 10.40 56.00 -47.71
CA GLU U 213 10.64 54.98 -46.70
C GLU U 213 11.75 54.07 -47.18
N LEU U 214 12.83 53.99 -46.41
CA LEU U 214 14.01 53.21 -46.79
C LEU U 214 14.35 52.23 -45.67
N SER U 215 14.75 51.02 -46.06
CA SER U 215 15.25 50.03 -45.13
C SER U 215 16.23 49.13 -45.87
N TRP U 216 17.11 48.49 -45.11
CA TRP U 216 18.14 47.65 -45.73
C TRP U 216 18.52 46.52 -44.80
N VAL U 217 19.11 45.49 -45.39
CA VAL U 217 19.70 44.37 -44.65
C VAL U 217 20.95 43.95 -45.39
N GLY U 218 22.04 43.76 -44.66
CA GLY U 218 23.29 43.38 -45.29
C GLY U 218 24.40 43.28 -44.28
N GLU U 219 25.64 43.18 -44.79
CA GLU U 219 26.80 43.13 -43.93
C GLU U 219 27.04 44.46 -43.23
N ILE U 220 26.50 45.57 -43.77
CA ILE U 220 26.62 46.86 -43.10
C ILE U 220 25.81 46.87 -41.81
N THR U 221 24.78 46.04 -41.74
CA THR U 221 23.94 45.91 -40.55
C THR U 221 24.13 44.58 -39.85
N ASN U 222 25.22 43.87 -40.16
CA ASN U 222 25.52 42.55 -39.57
C ASN U 222 24.37 41.57 -39.79
N GLY U 223 23.81 41.58 -40.99
CA GLY U 223 22.73 40.66 -41.34
C GLY U 223 21.45 40.87 -40.56
N ARG U 224 21.09 42.13 -40.30
CA ARG U 224 19.86 42.45 -39.59
C ARG U 224 19.10 43.51 -40.40
N HIS U 225 17.83 43.25 -40.67
CA HIS U 225 17.02 44.21 -41.39
C HIS U 225 16.59 45.33 -40.45
N GLU U 226 16.75 46.57 -40.90
CA GLU U 226 16.43 47.73 -40.07
C GLU U 226 16.16 48.92 -40.98
N ILE U 227 15.57 49.96 -40.39
CA ILE U 227 15.32 51.19 -41.11
C ILE U 227 16.64 51.93 -41.31
N VAL U 228 16.82 52.49 -42.51
CA VAL U 228 18.07 53.19 -42.85
C VAL U 228 18.24 54.38 -41.91
N PRO U 229 19.44 54.64 -41.40
CA PRO U 229 19.63 55.77 -40.48
C PRO U 229 19.35 57.11 -41.16
N LYS U 230 19.07 58.12 -40.33
CA LYS U 230 18.57 59.39 -40.83
C LYS U 230 19.62 60.14 -41.65
N ASP U 231 20.90 60.01 -41.31
CA ASP U 231 21.93 60.70 -42.08
C ASP U 231 21.99 60.16 -43.51
N VAL U 232 22.00 58.83 -43.65
CA VAL U 232 22.01 58.22 -44.98
C VAL U 232 20.72 58.56 -45.73
N ARG U 233 19.60 58.59 -45.02
CA ARG U 233 18.33 58.94 -45.66
C ARG U 233 18.35 60.37 -46.19
N GLU U 234 18.86 61.31 -45.40
CA GLU U 234 18.94 62.70 -45.86
C GLU U 234 19.90 62.83 -47.03
N GLU U 235 21.04 62.13 -46.98
CA GLU U 235 21.98 62.17 -48.11
C GLU U 235 21.33 61.61 -49.37
N ALA U 236 20.61 60.50 -49.26
CA ALA U 236 19.96 59.91 -50.42
C ALA U 236 18.87 60.83 -50.95
N GLU U 237 18.09 61.44 -50.08
CA GLU U 237 17.03 62.33 -50.54
C GLU U 237 17.59 63.56 -51.22
N LYS U 238 18.66 64.15 -50.68
CA LYS U 238 19.25 65.32 -51.32
C LYS U 238 19.90 64.95 -52.65
N TYR U 239 20.51 63.76 -52.73
CA TYR U 239 21.05 63.29 -54.00
C TYR U 239 19.95 63.10 -55.04
N ALA U 240 18.83 62.50 -54.63
CA ALA U 240 17.72 62.30 -55.56
C ALA U 240 17.15 63.63 -56.03
N LYS U 241 16.98 64.59 -55.11
CA LYS U 241 16.43 65.88 -55.49
C LYS U 241 17.39 66.63 -56.42
N GLU U 242 18.69 66.57 -56.15
CA GLU U 242 19.65 67.25 -57.02
C GLU U 242 19.75 66.57 -58.38
N SER U 243 19.54 65.25 -58.44
CA SER U 243 19.57 64.54 -59.72
C SER U 243 18.30 64.77 -60.52
N LEU U 244 17.17 65.02 -59.84
CA LEU U 244 15.91 65.25 -60.55
C LEU U 244 16.00 66.50 -61.42
N LYS U 245 16.60 67.57 -60.91
CA LYS U 245 16.76 68.79 -61.69
C LYS U 245 17.87 68.62 -62.71
N GLU U 246 17.61 69.04 -63.95
CA GLU U 246 18.58 68.89 -65.02
C GLU U 246 19.21 70.23 -65.38
N THR V 35 24.32 -1.50 -22.47
CA THR V 35 24.55 -0.68 -23.66
C THR V 35 25.60 0.38 -23.38
N THR V 36 26.59 0.48 -24.27
CA THR V 36 27.57 1.56 -24.23
C THR V 36 27.67 2.18 -25.60
N ILE V 37 27.48 3.50 -25.68
CA ILE V 37 27.59 4.24 -26.92
C ILE V 37 28.59 5.37 -26.72
N MET V 38 29.20 5.81 -27.81
CA MET V 38 30.29 6.76 -27.72
C MET V 38 30.44 7.48 -29.06
N ALA V 39 30.74 8.78 -28.99
CA ALA V 39 31.02 9.57 -30.18
C ALA V 39 32.11 10.57 -29.86
N VAL V 40 33.15 10.60 -30.68
CA VAL V 40 34.28 11.50 -30.52
C VAL V 40 34.45 12.30 -31.80
N GLN V 41 34.71 13.60 -31.66
CA GLN V 41 34.87 14.50 -32.78
C GLN V 41 36.35 14.78 -33.01
N PHE V 42 36.81 14.57 -34.23
CA PHE V 42 38.13 15.00 -34.66
C PHE V 42 37.98 16.15 -35.64
N ASP V 43 39.10 16.58 -36.23
CA ASP V 43 39.09 17.79 -37.05
C ASP V 43 38.18 17.64 -38.27
N GLY V 44 38.35 16.55 -39.02
CA GLY V 44 37.57 16.36 -40.22
C GLY V 44 36.22 15.68 -40.06
N GLY V 45 35.83 15.33 -38.84
CA GLY V 45 34.57 14.62 -38.66
C GLY V 45 34.44 14.03 -37.28
N VAL V 46 33.63 12.98 -37.19
CA VAL V 46 33.33 12.32 -35.92
C VAL V 46 33.51 10.82 -36.07
N VAL V 47 33.73 10.16 -34.94
CA VAL V 47 33.81 8.71 -34.85
C VAL V 47 32.75 8.24 -33.86
N LEU V 48 31.91 7.31 -34.29
CA LEU V 48 30.86 6.75 -33.47
C LEU V 48 31.12 5.28 -33.20
N GLY V 49 30.84 4.85 -31.98
CA GLY V 49 31.03 3.45 -31.62
C GLY V 49 29.99 3.01 -30.61
N ALA V 50 29.66 1.73 -30.67
CA ALA V 50 28.68 1.15 -29.76
C ALA V 50 28.94 -0.34 -29.62
N ASP V 51 28.39 -0.92 -28.56
CA ASP V 51 28.39 -2.36 -28.38
C ASP V 51 27.23 -2.96 -29.18
N SER V 52 26.96 -4.25 -29.01
CA SER V 52 25.92 -4.91 -29.80
C SER V 52 24.98 -5.78 -28.96
N ARG V 53 24.98 -5.63 -27.64
CA ARG V 53 24.21 -6.50 -26.77
C ARG V 53 22.85 -5.88 -26.44
N THR V 54 21.79 -6.64 -26.69
CA THR V 54 20.44 -6.30 -26.25
C THR V 54 19.99 -7.37 -25.26
N THR V 55 19.50 -6.93 -24.11
CA THR V 55 19.15 -7.84 -23.04
C THR V 55 17.71 -7.64 -22.60
N THR V 56 17.05 -8.74 -22.25
CA THR V 56 15.73 -8.74 -21.61
C THR V 56 15.93 -9.36 -20.24
N GLY V 57 16.28 -8.54 -19.26
CA GLY V 57 16.70 -9.04 -17.97
C GLY V 57 18.15 -9.49 -18.00
N SER V 58 18.40 -10.74 -17.64
CA SER V 58 19.74 -11.31 -17.72
C SER V 58 19.96 -12.15 -18.97
N TYR V 59 18.98 -12.19 -19.86
CA TYR V 59 19.07 -12.96 -21.10
C TYR V 59 19.40 -12.04 -22.26
N ILE V 60 20.39 -12.42 -23.06
CA ILE V 60 20.80 -11.65 -24.23
C ILE V 60 19.91 -12.08 -25.39
N ALA V 61 18.90 -11.27 -25.69
CA ALA V 61 18.00 -11.58 -26.80
C ALA V 61 18.70 -11.38 -28.14
N ASN V 62 19.52 -10.34 -28.25
CA ASN V 62 20.28 -10.05 -29.46
C ASN V 62 21.69 -9.65 -29.08
N ARG V 63 22.68 -10.37 -29.59
CA ARG V 63 24.08 -10.09 -29.29
C ARG V 63 24.82 -9.43 -30.44
N VAL V 64 24.15 -9.15 -31.55
CA VAL V 64 24.79 -8.51 -32.70
C VAL V 64 23.97 -7.29 -33.13
N THR V 65 23.31 -6.64 -32.17
CA THR V 65 22.49 -5.48 -32.46
C THR V 65 23.32 -4.35 -33.08
N ASP V 66 22.75 -3.70 -34.08
CA ASP V 66 23.34 -2.52 -34.71
C ASP V 66 22.68 -1.29 -34.09
N LYS V 67 23.40 -0.60 -33.21
CA LYS V 67 22.88 0.56 -32.52
C LYS V 67 23.25 1.88 -33.17
N LEU V 68 24.09 1.86 -34.21
CA LEU V 68 24.39 3.05 -34.98
C LEU V 68 23.39 3.17 -36.12
N THR V 69 22.57 4.22 -36.09
CA THR V 69 21.49 4.39 -37.04
C THR V 69 21.75 5.61 -37.92
N PRO V 70 21.83 5.44 -39.23
CA PRO V 70 22.01 6.61 -40.12
C PRO V 70 20.73 7.42 -40.20
N ILE V 71 20.80 8.67 -39.73
CA ILE V 71 19.67 9.59 -39.87
C ILE V 71 19.66 10.20 -41.26
N HIS V 72 20.82 10.59 -41.77
CA HIS V 72 20.97 11.08 -43.13
C HIS V 72 22.26 10.52 -43.70
N ASP V 73 22.73 11.10 -44.81
CA ASP V 73 23.93 10.58 -45.47
C ASP V 73 25.14 10.70 -44.57
N ARG V 74 25.31 11.85 -43.90
CA ARG V 74 26.48 12.08 -43.05
C ARG V 74 26.09 12.30 -41.59
N ILE V 75 24.89 11.87 -41.18
CA ILE V 75 24.43 12.04 -39.81
C ILE V 75 24.02 10.68 -39.27
N PHE V 76 24.59 10.31 -38.12
CA PHE V 76 24.26 9.07 -37.43
C PHE V 76 23.78 9.38 -36.01
N CYS V 77 23.04 8.44 -35.44
CA CYS V 77 22.59 8.56 -34.06
C CYS V 77 22.91 7.28 -33.31
N CYS V 78 23.29 7.44 -32.04
CA CYS V 78 23.51 6.32 -31.14
C CYS V 78 22.33 6.24 -30.17
N ARG V 79 21.69 5.08 -30.11
CA ARG V 79 20.45 4.92 -29.35
C ARG V 79 20.74 4.19 -28.04
N SER V 80 20.21 4.74 -26.95
CA SER V 80 20.26 4.09 -25.65
C SER V 80 18.93 4.26 -24.96
N GLY V 81 18.57 3.28 -24.13
CA GLY V 81 17.30 3.32 -23.43
C GLY V 81 16.32 2.30 -23.96
N SER V 82 15.03 2.68 -24.02
CA SER V 82 14.02 1.79 -24.55
C SER V 82 14.21 1.60 -26.05
N ALA V 83 14.28 0.34 -26.48
CA ALA V 83 14.53 0.06 -27.89
C ALA V 83 13.39 0.56 -28.77
N ALA V 84 12.15 0.33 -28.36
CA ALA V 84 11.01 0.77 -29.16
C ALA V 84 10.97 2.30 -29.26
N ASP V 85 11.17 2.99 -28.14
CA ASP V 85 11.15 4.45 -28.14
C ASP V 85 12.25 5.01 -29.03
N THR V 86 13.47 4.50 -28.89
CA THR V 86 14.58 5.00 -29.68
C THR V 86 14.36 4.73 -31.16
N GLN V 87 13.87 3.53 -31.50
CA GLN V 87 13.64 3.21 -32.90
C GLN V 87 12.55 4.10 -33.51
N ALA V 88 11.46 4.32 -32.77
CA ALA V 88 10.39 5.16 -33.27
C ALA V 88 10.86 6.60 -33.46
N VAL V 89 11.60 7.13 -32.49
CA VAL V 89 12.08 8.50 -32.60
C VAL V 89 13.08 8.63 -33.74
N ALA V 90 13.95 7.64 -33.92
CA ALA V 90 14.90 7.68 -35.02
C ALA V 90 14.18 7.64 -36.36
N ASP V 91 13.16 6.79 -36.49
CA ASP V 91 12.39 6.74 -37.74
C ASP V 91 11.70 8.06 -38.02
N ALA V 92 11.08 8.66 -37.00
CA ALA V 92 10.39 9.93 -37.19
C ALA V 92 11.37 11.05 -37.56
N VAL V 93 12.54 11.07 -36.92
CA VAL V 93 13.52 12.11 -37.22
C VAL V 93 14.09 11.91 -38.61
N THR V 94 14.31 10.67 -39.03
CA THR V 94 14.76 10.42 -40.38
C THR V 94 13.73 10.90 -41.40
N TYR V 95 12.46 10.61 -41.14
CA TYR V 95 11.37 11.10 -42.00
C TYR V 95 11.39 12.62 -42.11
N GLN V 96 11.40 13.30 -40.95
CA GLN V 96 11.34 14.76 -40.95
C GLN V 96 12.58 15.38 -41.59
N LEU V 97 13.76 14.83 -41.30
CA LEU V 97 14.99 15.38 -41.84
C LEU V 97 15.09 15.16 -43.34
N GLY V 98 14.66 13.99 -43.83
CA GLY V 98 14.64 13.79 -45.27
C GLY V 98 13.70 14.76 -45.97
N PHE V 99 12.49 14.94 -45.42
CA PHE V 99 11.57 15.89 -46.03
C PHE V 99 12.12 17.31 -46.01
N HIS V 100 12.72 17.70 -44.87
CA HIS V 100 13.30 19.05 -44.74
C HIS V 100 14.44 19.26 -45.73
N SER V 101 15.31 18.25 -45.87
CA SER V 101 16.43 18.35 -46.81
C SER V 101 15.95 18.44 -48.25
N ILE V 102 14.91 17.68 -48.59
CA ILE V 102 14.36 17.76 -49.94
C ILE V 102 13.75 19.14 -50.18
N GLU V 103 13.02 19.67 -49.18
CA GLU V 103 12.42 20.99 -49.34
C GLU V 103 13.47 22.07 -49.50
N LEU V 104 14.53 22.03 -48.70
CA LEU V 104 15.55 23.07 -48.74
C LEU V 104 16.59 22.86 -49.83
N ASN V 105 16.64 21.66 -50.44
CA ASN V 105 17.64 21.35 -51.47
C ASN V 105 19.05 21.59 -50.96
N GLU V 106 19.29 21.24 -49.70
CA GLU V 106 20.56 21.47 -49.04
C GLU V 106 20.87 20.27 -48.15
N PRO V 107 22.14 19.92 -47.98
CA PRO V 107 22.50 18.89 -47.00
C PRO V 107 22.14 19.34 -45.59
N PRO V 108 21.49 18.48 -44.82
CA PRO V 108 21.03 18.90 -43.50
C PRO V 108 22.18 19.12 -42.53
N LEU V 109 21.94 20.00 -41.56
CA LEU V 109 22.91 20.26 -40.50
C LEU V 109 22.75 19.24 -39.38
N VAL V 110 23.87 18.91 -38.74
CA VAL V 110 23.82 18.03 -37.58
C VAL V 110 23.07 18.70 -36.45
N HIS V 111 23.16 20.04 -36.36
CA HIS V 111 22.40 20.77 -35.36
C HIS V 111 20.90 20.64 -35.60
N THR V 112 20.48 20.61 -36.87
CA THR V 112 19.06 20.47 -37.17
C THR V 112 18.53 19.10 -36.75
N ALA V 113 19.29 18.03 -37.03
CA ALA V 113 18.89 16.70 -36.60
C ALA V 113 18.86 16.61 -35.08
N ALA V 114 19.86 17.18 -34.42
CA ALA V 114 19.88 17.19 -32.96
C ALA V 114 18.69 17.97 -32.41
N SER V 115 18.31 19.07 -33.06
CA SER V 115 17.16 19.85 -32.61
C SER V 115 15.86 19.07 -32.77
N LEU V 116 15.72 18.33 -33.88
CA LEU V 116 14.53 17.49 -34.05
C LEU V 116 14.47 16.42 -32.98
N PHE V 117 15.60 15.76 -32.72
CA PHE V 117 15.64 14.76 -31.65
C PHE V 117 15.29 15.38 -30.31
N LYS V 118 15.83 16.56 -30.01
CA LYS V 118 15.56 17.23 -28.75
C LYS V 118 14.09 17.60 -28.63
N GLU V 119 13.48 18.10 -29.70
CA GLU V 119 12.07 18.46 -29.64
C GLU V 119 11.21 17.22 -29.37
N MET V 120 11.48 16.13 -30.08
CA MET V 120 10.69 14.92 -29.88
C MET V 120 10.89 14.35 -28.48
N CYS V 121 12.12 14.36 -27.99
CA CYS V 121 12.40 13.77 -26.68
C CYS V 121 11.88 14.64 -25.53
N TYR V 122 11.89 15.96 -25.69
CA TYR V 122 11.39 16.83 -24.65
C TYR V 122 9.87 16.86 -24.62
N ARG V 123 9.22 16.82 -25.80
CA ARG V 123 7.77 16.84 -25.84
C ARG V 123 7.19 15.61 -25.17
N TYR V 124 7.81 14.45 -25.36
CA TYR V 124 7.32 13.18 -24.84
C TYR V 124 8.25 12.60 -23.78
N ARG V 125 8.80 13.47 -22.91
CA ARG V 125 9.73 12.99 -21.89
C ARG V 125 9.03 12.11 -20.85
N GLU V 126 7.74 12.31 -20.64
CA GLU V 126 6.98 11.47 -19.72
C GLU V 126 6.52 10.16 -20.34
N ASP V 127 6.74 9.98 -21.65
CA ASP V 127 6.36 8.76 -22.35
C ASP V 127 7.54 7.99 -22.93
N LEU V 128 8.70 8.61 -23.09
CA LEU V 128 9.85 7.99 -23.72
C LEU V 128 11.00 7.85 -22.73
N MET V 129 11.76 6.78 -22.90
CA MET V 129 13.03 6.57 -22.20
C MET V 129 14.09 6.39 -23.28
N ALA V 130 14.64 7.50 -23.75
CA ALA V 130 15.56 7.48 -24.90
C ALA V 130 16.70 8.44 -24.65
N GLY V 131 17.93 7.90 -24.65
CA GLY V 131 19.12 8.72 -24.62
C GLY V 131 19.84 8.66 -25.94
N ILE V 132 19.94 9.80 -26.63
CA ILE V 132 20.42 9.84 -28.00
C ILE V 132 21.73 10.62 -28.06
N ILE V 133 22.66 10.10 -28.86
CA ILE V 133 23.87 10.84 -29.23
C ILE V 133 23.82 11.03 -30.74
N ILE V 134 23.80 12.29 -31.18
CA ILE V 134 23.76 12.64 -32.59
C ILE V 134 25.14 13.14 -32.98
N ALA V 135 25.73 12.52 -34.00
CA ALA V 135 27.06 12.88 -34.46
C ALA V 135 27.09 12.80 -35.98
N GLY V 136 27.77 13.77 -36.59
CA GLY V 136 27.86 13.79 -38.04
C GLY V 136 28.74 14.94 -38.49
N TRP V 137 28.87 15.03 -39.81
CA TRP V 137 29.70 16.05 -40.43
C TRP V 137 28.84 17.05 -41.19
N ASP V 138 29.26 18.32 -41.17
CA ASP V 138 28.57 19.40 -41.85
C ASP V 138 29.53 20.17 -42.75
N PRO V 139 29.08 20.58 -43.93
CA PRO V 139 29.90 21.52 -44.72
C PRO V 139 30.11 22.85 -44.03
N GLN V 140 29.15 23.26 -43.20
CA GLN V 140 29.20 24.55 -42.51
C GLN V 140 29.93 24.48 -41.18
N GLU V 141 29.69 23.42 -40.40
CA GLU V 141 30.23 23.33 -39.05
C GLU V 141 31.21 22.18 -38.84
N GLY V 142 31.44 21.35 -39.85
CA GLY V 142 32.35 20.23 -39.68
C GLY V 142 31.75 19.10 -38.86
N GLY V 143 32.63 18.33 -38.22
CA GLY V 143 32.16 17.24 -37.37
C GLY V 143 31.57 17.78 -36.07
N GLN V 144 30.49 17.15 -35.63
CA GLN V 144 29.75 17.62 -34.46
C GLN V 144 29.26 16.44 -33.66
N VAL V 145 29.26 16.58 -32.34
CA VAL V 145 28.71 15.58 -31.42
C VAL V 145 27.70 16.28 -30.52
N TYR V 146 26.47 15.77 -30.51
CA TYR V 146 25.42 16.31 -29.67
C TYR V 146 24.86 15.21 -28.79
N SER V 147 24.64 15.52 -27.52
CA SER V 147 24.06 14.60 -26.57
C SER V 147 22.64 15.05 -26.24
N VAL V 148 21.68 14.13 -26.39
CA VAL V 148 20.30 14.39 -25.98
C VAL V 148 19.93 13.31 -24.96
N PRO V 149 20.20 13.54 -23.67
CA PRO V 149 19.90 12.52 -22.67
C PRO V 149 18.41 12.42 -22.38
N MET V 150 18.04 11.55 -21.44
CA MET V 150 16.65 11.43 -21.04
C MET V 150 16.20 12.73 -20.39
N GLY V 151 15.02 13.20 -20.78
CA GLY V 151 14.53 14.50 -20.34
C GLY V 151 14.34 15.44 -21.50
N GLY V 152 15.27 15.40 -22.46
CA GLY V 152 15.15 16.18 -23.66
C GLY V 152 15.98 17.44 -23.73
N MET V 153 17.17 17.47 -23.13
CA MET V 153 18.07 18.60 -23.26
C MET V 153 19.11 18.31 -24.34
N MET V 154 19.66 19.37 -24.91
CA MET V 154 20.59 19.27 -26.03
C MET V 154 21.87 20.01 -25.69
N VAL V 155 23.00 19.31 -25.79
CA VAL V 155 24.31 19.89 -25.49
C VAL V 155 25.31 19.38 -26.51
N ARG V 156 26.18 20.27 -26.98
CA ARG V 156 27.28 19.88 -27.86
C ARG V 156 28.51 19.61 -27.01
N GLN V 157 29.17 18.48 -27.29
CA GLN V 157 30.32 18.04 -26.51
C GLN V 157 31.47 17.68 -27.43
N PRO V 158 32.71 17.84 -26.97
CA PRO V 158 33.84 17.31 -27.75
C PRO V 158 33.76 15.80 -27.93
N PHE V 159 33.25 15.10 -26.92
CA PHE V 159 32.98 13.68 -26.99
C PHE V 159 31.85 13.37 -26.03
N ALA V 160 31.06 12.36 -26.36
CA ALA V 160 29.92 11.97 -25.54
C ALA V 160 29.91 10.45 -25.35
N ILE V 161 29.42 10.02 -24.19
CA ILE V 161 29.22 8.62 -23.91
C ILE V 161 27.82 8.46 -23.32
N GLY V 162 27.25 7.27 -23.50
CA GLY V 162 25.91 7.01 -23.01
C GLY V 162 25.71 5.53 -22.73
N GLY V 163 24.55 5.23 -22.16
CA GLY V 163 24.20 3.87 -21.82
C GLY V 163 24.60 3.49 -20.41
N SER V 164 24.23 2.27 -20.04
CA SER V 164 24.51 1.78 -18.69
C SER V 164 25.99 1.50 -18.49
N GLY V 165 26.71 1.18 -19.56
CA GLY V 165 28.13 0.92 -19.45
C GLY V 165 29.02 2.15 -19.43
N SER V 166 28.46 3.32 -19.77
CA SER V 166 29.26 4.53 -19.82
C SER V 166 29.76 4.97 -18.46
N SER V 167 29.11 4.52 -17.37
CA SER V 167 29.52 4.94 -16.04
C SER V 167 30.92 4.46 -15.69
N TYR V 168 31.32 3.30 -16.23
CA TYR V 168 32.60 2.71 -15.86
C TYR V 168 33.79 3.28 -16.62
N ILE V 169 33.56 4.09 -17.65
CA ILE V 169 34.65 4.60 -18.46
C ILE V 169 34.75 6.12 -18.38
N TYR V 170 34.11 6.75 -17.39
CA TYR V 170 34.19 8.19 -17.26
C TYR V 170 35.60 8.65 -16.94
N GLY V 171 36.24 8.00 -15.97
CA GLY V 171 37.61 8.35 -15.62
C GLY V 171 38.58 8.06 -16.75
N TYR V 172 38.36 6.97 -17.48
CA TYR V 172 39.25 6.63 -18.59
C TYR V 172 39.19 7.68 -19.69
N VAL V 173 37.98 8.11 -20.06
CA VAL V 173 37.87 9.09 -21.14
C VAL V 173 38.29 10.47 -20.63
N ASP V 174 38.17 10.72 -19.33
CA ASP V 174 38.68 11.98 -18.78
C ASP V 174 40.20 12.03 -18.82
N ALA V 175 40.85 10.91 -18.51
CA ALA V 175 42.31 10.85 -18.47
C ALA V 175 42.95 10.59 -19.82
N THR V 176 42.21 10.14 -20.81
CA THR V 176 42.79 9.74 -22.09
C THR V 176 42.50 10.70 -23.23
N TYR V 177 41.39 11.43 -23.19
CA TYR V 177 41.04 12.33 -24.28
C TYR V 177 42.01 13.50 -24.35
N ARG V 178 42.31 13.94 -25.57
CA ARG V 178 43.15 15.11 -25.79
C ARG V 178 42.70 15.80 -27.08
N GLU V 179 42.89 17.11 -27.13
CA GLU V 179 42.58 17.85 -28.34
C GLU V 179 43.59 17.54 -29.44
N GLY V 180 43.11 17.54 -30.67
CA GLY V 180 43.96 17.32 -31.82
C GLY V 180 44.22 15.87 -32.18
N MET V 181 43.32 14.97 -31.85
CA MET V 181 43.46 13.57 -32.25
C MET V 181 43.02 13.39 -33.70
N THR V 182 43.74 12.53 -34.42
CA THR V 182 43.37 12.20 -35.79
C THR V 182 42.21 11.22 -35.78
N LYS V 183 41.76 10.85 -36.98
CA LYS V 183 40.67 9.88 -37.10
C LYS V 183 41.08 8.53 -36.54
N GLU V 184 42.30 8.09 -36.82
CA GLU V 184 42.77 6.79 -36.34
C GLU V 184 42.90 6.79 -34.82
N GLU V 185 43.44 7.86 -34.25
CA GLU V 185 43.53 7.96 -32.79
C GLU V 185 42.15 7.95 -32.16
N CYS V 186 41.19 8.65 -32.76
CA CYS V 186 39.83 8.65 -32.24
C CYS V 186 39.21 7.27 -32.32
N LEU V 187 39.46 6.54 -33.41
CA LEU V 187 38.93 5.18 -33.54
C LEU V 187 39.52 4.27 -32.47
N GLN V 188 40.83 4.35 -32.25
CA GLN V 188 41.46 3.51 -31.23
C GLN V 188 40.97 3.88 -29.83
N PHE V 189 40.80 5.17 -29.57
CA PHE V 189 40.30 5.64 -28.28
C PHE V 189 38.89 5.11 -28.01
N THR V 190 38.02 5.22 -29.01
CA THR V 190 36.65 4.72 -28.85
C THR V 190 36.64 3.21 -28.67
N ALA V 191 37.48 2.50 -29.42
CA ALA V 191 37.54 1.05 -29.27
C ALA V 191 38.00 0.65 -27.87
N ASN V 192 39.02 1.34 -27.34
CA ASN V 192 39.52 1.03 -26.01
C ASN V 192 38.44 1.28 -24.95
N ALA V 193 37.78 2.43 -25.03
CA ALA V 193 36.76 2.75 -24.04
C ALA V 193 35.60 1.76 -24.11
N LEU V 194 35.16 1.41 -25.32
CA LEU V 194 34.08 0.45 -25.48
C LEU V 194 34.47 -0.92 -24.97
N ALA V 195 35.71 -1.34 -25.21
CA ALA V 195 36.17 -2.63 -24.72
C ALA V 195 36.18 -2.67 -23.20
N LEU V 196 36.66 -1.61 -22.55
CA LEU V 196 36.65 -1.57 -21.09
C LEU V 196 35.23 -1.61 -20.55
N ALA V 197 34.32 -0.82 -21.15
CA ALA V 197 32.94 -0.80 -20.69
C ALA V 197 32.28 -2.16 -20.86
N MET V 198 32.53 -2.82 -22.00
CA MET V 198 31.98 -4.16 -22.21
C MET V 198 32.55 -5.16 -21.21
N GLU V 199 33.83 -4.99 -20.86
CA GLU V 199 34.42 -5.88 -19.86
C GLU V 199 33.75 -5.73 -18.51
N ARG V 200 33.45 -4.49 -18.10
CA ARG V 200 32.88 -4.31 -16.77
C ARG V 200 31.35 -4.36 -16.73
N ASP V 201 30.66 -3.91 -17.77
CA ASP V 201 29.21 -3.82 -17.74
C ASP V 201 28.59 -5.12 -18.23
N GLY V 202 27.66 -5.67 -17.43
CA GLY V 202 26.98 -6.89 -17.79
C GLY V 202 25.95 -6.71 -18.89
N SER V 203 25.41 -5.50 -19.06
CA SER V 203 24.45 -5.22 -20.11
C SER V 203 25.11 -4.87 -21.44
N SER V 204 26.43 -4.79 -21.48
CA SER V 204 27.17 -4.47 -22.70
C SER V 204 28.06 -5.64 -23.07
N GLY V 205 28.24 -5.83 -24.38
CA GLY V 205 29.09 -6.90 -24.86
C GLY V 205 28.86 -7.14 -26.33
N GLY V 206 29.31 -8.28 -26.80
CA GLY V 206 29.17 -8.65 -28.20
C GLY V 206 30.35 -8.17 -29.03
N VAL V 207 30.08 -7.37 -30.06
CA VAL V 207 31.09 -6.82 -30.94
C VAL V 207 31.06 -5.30 -30.82
N ILE V 208 32.11 -4.68 -31.33
CA ILE V 208 32.23 -3.22 -31.36
C ILE V 208 31.99 -2.76 -32.78
N ARG V 209 31.00 -1.89 -32.96
CA ARG V 209 30.67 -1.33 -34.26
C ARG V 209 31.13 0.12 -34.29
N LEU V 210 32.06 0.43 -35.19
CA LEU V 210 32.62 1.76 -35.32
C LEU V 210 32.22 2.38 -36.64
N ALA V 211 32.01 3.69 -36.64
CA ALA V 211 31.67 4.43 -37.85
C ALA V 211 32.37 5.78 -37.80
N ALA V 212 33.19 6.06 -38.81
CA ALA V 212 33.87 7.33 -38.94
C ALA V 212 33.19 8.12 -40.05
N ILE V 213 32.76 9.33 -39.73
CA ILE V 213 32.02 10.18 -40.67
C ILE V 213 32.88 11.40 -40.99
N ALA V 214 33.07 11.67 -42.27
CA ALA V 214 33.81 12.83 -42.73
C ALA V 214 33.18 13.31 -44.03
N GLU V 215 33.81 14.30 -44.65
CA GLU V 215 33.31 14.81 -45.93
C GLU V 215 33.28 13.75 -47.02
N PRO V 216 34.32 12.93 -47.23
CA PRO V 216 34.23 11.90 -48.29
C PRO V 216 33.08 10.92 -48.09
N GLY V 217 32.74 10.59 -46.86
CA GLY V 217 31.65 9.65 -46.63
C GLY V 217 31.77 9.03 -45.24
N VAL V 218 31.14 7.87 -45.11
CA VAL V 218 31.07 7.15 -43.84
C VAL V 218 31.74 5.79 -44.03
N GLU V 219 32.68 5.47 -43.13
CA GLU V 219 33.37 4.18 -43.12
C GLU V 219 32.98 3.43 -41.85
N ARG V 220 32.36 2.27 -42.02
CA ARG V 220 31.92 1.45 -40.90
C ARG V 220 32.75 0.18 -40.82
N GLN V 221 33.05 -0.25 -39.60
CA GLN V 221 33.81 -1.47 -39.37
C GLN V 221 33.30 -2.15 -38.12
N VAL V 222 33.59 -3.43 -37.99
CA VAL V 222 33.16 -4.25 -36.86
C VAL V 222 34.39 -4.88 -36.23
N LEU V 223 34.52 -4.72 -34.91
CA LEU V 223 35.59 -5.35 -34.15
C LEU V 223 35.00 -6.53 -33.38
N LEU V 224 35.57 -7.72 -33.61
CA LEU V 224 35.08 -8.92 -32.97
C LEU V 224 36.25 -9.81 -32.59
N GLY V 225 36.04 -10.62 -31.56
CA GLY V 225 37.06 -11.57 -31.15
C GLY V 225 38.35 -10.88 -30.72
N ASP V 226 39.46 -11.24 -31.36
CA ASP V 226 40.75 -10.69 -30.99
C ASP V 226 40.94 -9.25 -31.45
N GLN V 227 40.13 -8.77 -32.39
CA GLN V 227 40.23 -7.38 -32.81
C GLN V 227 39.78 -6.43 -31.71
N ILE V 228 38.89 -6.87 -30.83
CA ILE V 228 38.49 -6.06 -29.68
C ILE V 228 39.70 -5.88 -28.75
N PRO V 229 40.02 -4.66 -28.33
CA PRO V 229 41.18 -4.47 -27.45
C PRO V 229 41.06 -5.28 -26.17
N LYS V 230 42.17 -5.87 -25.76
CA LYS V 230 42.22 -6.78 -24.62
C LYS V 230 43.03 -6.14 -23.50
N PHE V 231 42.50 -6.23 -22.29
CA PHE V 231 43.17 -5.76 -21.09
C PHE V 231 43.26 -6.91 -20.10
N THR V 232 44.47 -7.22 -19.64
CA THR V 232 44.68 -8.37 -18.80
C THR V 232 44.01 -8.20 -17.44
N ILE V 233 43.38 -9.26 -16.96
CA ILE V 233 42.78 -9.27 -15.64
C ILE V 233 43.89 -9.40 -14.60
N ALA V 234 43.91 -8.49 -13.63
CA ALA V 234 44.91 -8.54 -12.58
C ALA V 234 44.70 -9.76 -11.70
N THR V 235 45.77 -10.51 -11.46
CA THR V 235 45.72 -11.75 -10.69
C THR V 235 46.74 -11.71 -9.58
N LEU V 236 46.57 -12.62 -8.62
CA LEU V 236 47.43 -12.71 -7.44
C LEU V 236 47.39 -11.42 -6.61
N THR W 44 4.90 -22.38 -25.40
CA THR W 44 5.03 -21.96 -26.78
C THR W 44 6.50 -21.86 -27.18
N THR W 45 6.85 -22.52 -28.28
CA THR W 45 8.19 -22.45 -28.86
C THR W 45 8.05 -22.18 -30.35
N ILE W 46 8.43 -20.97 -30.77
CA ILE W 46 8.43 -20.58 -32.18
C ILE W 46 9.84 -20.14 -32.53
N ALA W 47 10.35 -20.63 -33.65
CA ALA W 47 11.71 -20.35 -34.06
C ALA W 47 11.78 -20.24 -35.58
N GLY W 48 12.78 -19.52 -36.06
CA GLY W 48 13.00 -19.37 -37.48
C GLY W 48 14.45 -19.12 -37.78
N VAL W 49 14.89 -19.54 -38.97
CA VAL W 49 16.25 -19.33 -39.42
C VAL W 49 16.23 -18.82 -40.86
N VAL W 50 17.33 -18.20 -41.26
CA VAL W 50 17.57 -17.79 -42.64
C VAL W 50 18.59 -18.78 -43.21
N TYR W 51 18.17 -19.58 -44.18
CA TYR W 51 19.10 -20.44 -44.89
C TYR W 51 19.42 -19.84 -46.25
N LYS W 52 20.19 -20.57 -47.06
CA LYS W 52 20.77 -20.00 -48.26
C LYS W 52 19.72 -19.61 -49.30
N ASP W 53 18.52 -20.17 -49.25
CA ASP W 53 17.52 -19.90 -50.26
C ASP W 53 16.20 -19.35 -49.71
N GLY W 54 16.06 -19.22 -48.40
CA GLY W 54 14.81 -18.67 -47.88
C GLY W 54 14.72 -18.74 -46.38
N ILE W 55 13.50 -18.96 -45.89
CA ILE W 55 13.18 -18.91 -44.48
C ILE W 55 12.51 -20.22 -44.08
N VAL W 56 12.90 -20.75 -42.92
CA VAL W 56 12.22 -21.87 -42.30
C VAL W 56 11.68 -21.41 -40.96
N LEU W 57 10.36 -21.51 -40.78
CA LEU W 57 9.71 -21.16 -39.53
C LEU W 57 9.19 -22.43 -38.86
N GLY W 58 9.25 -22.45 -37.53
CA GLY W 58 8.82 -23.61 -36.79
C GLY W 58 8.04 -23.22 -35.55
N ALA W 59 7.17 -24.13 -35.11
CA ALA W 59 6.34 -23.89 -33.94
C ALA W 59 5.85 -25.21 -33.39
N ASP W 60 5.52 -25.19 -32.10
CA ASP W 60 4.78 -26.29 -31.47
C ASP W 60 3.29 -26.00 -31.57
N THR W 61 2.47 -27.01 -31.22
CA THR W 61 1.04 -26.93 -31.42
C THR W 61 0.25 -27.09 -30.12
N ARG W 62 0.83 -26.73 -28.98
CA ARG W 62 0.14 -26.82 -27.71
C ARG W 62 -0.30 -25.44 -27.25
N ALA W 63 -1.57 -25.32 -26.88
CA ALA W 63 -2.11 -24.12 -26.27
C ALA W 63 -2.60 -24.47 -24.87
N THR W 64 -2.21 -23.65 -23.89
CA THR W 64 -2.53 -23.90 -22.49
C THR W 64 -3.28 -22.73 -21.89
N GLU W 65 -4.22 -23.04 -21.01
CA GLU W 65 -4.91 -22.04 -20.19
C GLU W 65 -4.53 -22.34 -18.74
N GLY W 66 -3.62 -21.54 -18.20
CA GLY W 66 -3.05 -21.86 -16.90
C GLY W 66 -2.08 -23.00 -17.04
N MET W 67 -2.27 -24.04 -16.21
CA MET W 67 -1.44 -25.23 -16.25
C MET W 67 -2.16 -26.41 -16.87
N VAL W 68 -3.23 -26.17 -17.62
CA VAL W 68 -4.03 -27.22 -18.25
C VAL W 68 -3.91 -27.06 -19.76
N VAL W 69 -3.65 -28.17 -20.44
CA VAL W 69 -3.59 -28.15 -21.90
C VAL W 69 -5.01 -28.02 -22.44
N ALA W 70 -5.27 -26.95 -23.19
CA ALA W 70 -6.56 -26.69 -23.79
C ALA W 70 -6.66 -27.15 -25.23
N ASP W 71 -5.62 -26.91 -26.03
CA ASP W 71 -5.57 -27.33 -27.43
C ASP W 71 -4.31 -28.15 -27.65
N LYS W 72 -4.47 -29.32 -28.27
CA LYS W 72 -3.32 -30.16 -28.60
C LYS W 72 -2.79 -29.92 -30.01
N ASN W 73 -3.61 -29.33 -30.89
CA ASN W 73 -3.21 -29.04 -32.26
C ASN W 73 -3.60 -27.59 -32.56
N CYS W 74 -2.71 -26.67 -32.19
CA CYS W 74 -2.94 -25.24 -32.39
C CYS W 74 -1.96 -24.71 -33.42
N SER W 75 -2.47 -24.02 -34.43
CA SER W 75 -1.65 -23.47 -35.50
C SER W 75 -1.11 -22.11 -35.06
N LYS W 76 0.20 -22.02 -34.88
CA LYS W 76 0.85 -20.78 -34.45
C LYS W 76 1.57 -20.07 -35.58
N ILE W 77 1.60 -20.63 -36.78
CA ILE W 77 2.19 -19.99 -37.94
C ILE W 77 1.08 -19.37 -38.77
N HIS W 78 1.12 -18.06 -38.93
CA HIS W 78 0.02 -17.30 -39.51
C HIS W 78 0.38 -16.80 -40.90
N PHE W 79 -0.60 -16.85 -41.80
CA PHE W 79 -0.46 -16.31 -43.14
C PHE W 79 -0.50 -14.79 -43.09
N ILE W 80 0.48 -14.15 -43.72
CA ILE W 80 0.49 -12.70 -43.93
C ILE W 80 0.33 -12.36 -45.41
N SER W 81 1.20 -12.91 -46.24
CA SER W 81 1.11 -12.78 -47.69
C SER W 81 1.61 -14.09 -48.27
N PRO W 82 1.34 -14.34 -49.56
CA PRO W 82 1.82 -15.59 -50.18
C PRO W 82 3.32 -15.83 -50.03
N ASN W 83 4.10 -14.81 -49.67
CA ASN W 83 5.53 -14.97 -49.47
C ASN W 83 5.99 -14.57 -48.08
N ILE W 84 5.06 -14.22 -47.18
CA ILE W 84 5.40 -13.78 -45.82
C ILE W 84 4.53 -14.53 -44.83
N TYR W 85 5.15 -15.06 -43.78
CA TYR W 85 4.44 -15.77 -42.72
C TYR W 85 4.93 -15.27 -41.37
N CYS W 86 4.10 -15.50 -40.35
CA CYS W 86 4.38 -15.00 -39.01
C CYS W 86 4.05 -16.07 -37.97
N CYS W 87 4.91 -16.18 -36.97
CA CYS W 87 4.65 -16.96 -35.77
C CYS W 87 4.46 -16.01 -34.61
N GLY W 88 3.54 -16.34 -33.71
CA GLY W 88 3.11 -15.40 -32.69
C GLY W 88 3.21 -15.96 -31.29
N ALA W 89 3.34 -15.05 -30.33
CA ALA W 89 3.32 -15.35 -28.91
C ALA W 89 2.60 -14.21 -28.19
N GLY W 90 2.50 -14.32 -26.88
CA GLY W 90 1.79 -13.31 -26.11
C GLY W 90 0.30 -13.57 -26.07
N THR W 91 -0.47 -12.48 -25.95
CA THR W 91 -1.92 -12.59 -26.01
C THR W 91 -2.35 -13.14 -27.36
N ALA W 92 -2.97 -14.32 -27.33
CA ALA W 92 -3.28 -15.02 -28.57
C ALA W 92 -4.31 -14.26 -29.42
N ALA W 93 -5.32 -13.68 -28.77
CA ALA W 93 -6.31 -12.89 -29.51
C ALA W 93 -5.65 -11.65 -30.14
N ASP W 94 -4.77 -10.99 -29.40
CA ASP W 94 -4.05 -9.84 -29.94
C ASP W 94 -3.19 -10.25 -31.13
N THR W 95 -2.49 -11.37 -31.02
CA THR W 95 -1.67 -11.85 -32.12
C THR W 95 -2.51 -12.15 -33.35
N ASP W 96 -3.63 -12.85 -33.16
CA ASP W 96 -4.50 -13.19 -34.28
C ASP W 96 -5.04 -11.94 -34.97
N MET W 97 -5.56 -10.99 -34.18
CA MET W 97 -6.14 -9.80 -34.76
C MET W 97 -5.10 -8.93 -35.45
N THR W 98 -3.92 -8.78 -34.84
CA THR W 98 -2.87 -7.99 -35.46
C THR W 98 -2.38 -8.61 -36.76
N THR W 99 -2.18 -9.94 -36.77
CA THR W 99 -1.73 -10.59 -37.99
C THR W 99 -2.79 -10.51 -39.08
N GLN W 100 -4.06 -10.66 -38.73
CA GLN W 100 -5.12 -10.55 -39.72
C GLN W 100 -5.21 -9.14 -40.29
N LEU W 101 -5.10 -8.12 -39.43
CA LEU W 101 -5.17 -6.74 -39.90
C LEU W 101 -4.00 -6.42 -40.81
N ILE W 102 -2.79 -6.85 -40.45
CA ILE W 102 -1.63 -6.56 -41.28
C ILE W 102 -1.70 -7.34 -42.59
N SER W 103 -2.22 -8.57 -42.55
CA SER W 103 -2.41 -9.33 -43.79
C SER W 103 -3.38 -8.63 -44.72
N SER W 104 -4.49 -8.11 -44.18
CA SER W 104 -5.45 -7.37 -45.00
C SER W 104 -4.83 -6.11 -45.57
N ASN W 105 -4.08 -5.37 -44.76
CA ASN W 105 -3.43 -4.15 -45.24
C ASN W 105 -2.40 -4.47 -46.32
N LEU W 106 -1.64 -5.54 -46.16
CA LEU W 106 -0.64 -5.92 -47.16
C LEU W 106 -1.30 -6.39 -48.44
N GLU W 107 -2.44 -7.08 -48.34
CA GLU W 107 -3.16 -7.48 -49.55
C GLU W 107 -3.67 -6.25 -50.28
N LEU W 108 -4.20 -5.27 -49.56
CA LEU W 108 -4.61 -4.01 -50.19
C LEU W 108 -3.42 -3.32 -50.86
N HIS W 109 -2.28 -3.28 -50.17
CA HIS W 109 -1.09 -2.65 -50.72
C HIS W 109 -0.63 -3.34 -52.00
N SER W 110 -0.62 -4.68 -51.99
CA SER W 110 -0.17 -5.41 -53.16
C SER W 110 -1.16 -5.28 -54.32
N LEU W 111 -2.45 -5.21 -54.03
CA LEU W 111 -3.42 -4.94 -55.08
C LEU W 111 -3.22 -3.56 -55.67
N SER W 112 -2.92 -2.57 -54.83
CA SER W 112 -2.70 -1.21 -55.31
C SER W 112 -1.44 -1.14 -56.17
N THR W 113 -0.33 -1.75 -55.73
CA THR W 113 0.92 -1.63 -56.46
C THR W 113 1.06 -2.67 -57.56
N GLY W 114 0.40 -3.82 -57.43
CA GLY W 114 0.57 -4.89 -58.39
C GLY W 114 1.85 -5.67 -58.27
N ARG W 115 2.62 -5.46 -57.20
CA ARG W 115 3.88 -6.14 -56.98
C ARG W 115 3.76 -7.10 -55.79
N LEU W 116 4.84 -7.84 -55.56
CA LEU W 116 4.92 -8.72 -54.41
C LEU W 116 5.21 -7.91 -53.14
N PRO W 117 4.54 -8.22 -52.04
CA PRO W 117 4.79 -7.49 -50.80
C PRO W 117 6.21 -7.72 -50.29
N ARG W 118 6.73 -6.73 -49.58
CA ARG W 118 8.06 -6.80 -48.99
C ARG W 118 7.94 -7.08 -47.49
N VAL W 119 8.90 -7.85 -46.97
CA VAL W 119 8.92 -8.14 -45.55
C VAL W 119 9.15 -6.87 -44.74
N VAL W 120 9.89 -5.90 -45.30
CA VAL W 120 10.12 -4.64 -44.60
C VAL W 120 8.82 -3.88 -44.43
N THR W 121 7.91 -3.96 -45.40
CA THR W 121 6.62 -3.27 -45.29
C THR W 121 5.80 -3.85 -44.14
N ALA W 122 5.74 -5.18 -44.06
CA ALA W 122 5.03 -5.82 -42.96
C ALA W 122 5.66 -5.49 -41.61
N ASN W 123 6.99 -5.52 -41.55
CA ASN W 123 7.68 -5.19 -40.30
C ASN W 123 7.39 -3.76 -39.87
N ARG W 124 7.44 -2.82 -40.81
CA ARG W 124 7.19 -1.41 -40.49
C ARG W 124 5.75 -1.21 -40.02
N MET W 125 4.79 -1.80 -40.73
CA MET W 125 3.38 -1.69 -40.33
C MET W 125 3.18 -2.25 -38.92
N LEU W 126 3.69 -3.45 -38.68
CA LEU W 126 3.52 -4.09 -37.37
C LEU W 126 4.16 -3.27 -36.27
N LYS W 127 5.39 -2.78 -36.49
CA LYS W 127 6.08 -2.08 -35.43
C LYS W 127 5.45 -0.73 -35.14
N GLN W 128 4.95 -0.03 -36.17
CA GLN W 128 4.29 1.24 -35.92
C GLN W 128 2.96 1.04 -35.19
N MET W 129 2.18 0.03 -35.62
CA MET W 129 0.92 -0.24 -34.94
C MET W 129 1.15 -0.66 -33.49
N LEU W 130 2.18 -1.47 -33.23
CA LEU W 130 2.45 -1.91 -31.87
C LEU W 130 3.00 -0.78 -31.02
N PHE W 131 3.77 0.14 -31.60
CA PHE W 131 4.29 1.26 -30.84
C PHE W 131 3.18 2.23 -30.46
N ARG W 132 2.28 2.53 -31.38
CA ARG W 132 1.25 3.52 -31.05
C ARG W 132 0.25 3.02 -30.01
N TYR W 133 0.26 1.72 -29.68
CA TYR W 133 -0.56 1.19 -28.60
C TYR W 133 0.22 1.00 -27.31
N GLN W 134 1.52 1.32 -27.30
CA GLN W 134 2.32 1.38 -26.07
C GLN W 134 2.33 0.04 -25.33
N GLY W 135 2.39 -1.05 -26.08
CA GLY W 135 2.49 -2.37 -25.48
C GLY W 135 1.20 -2.96 -24.96
N TYR W 136 0.07 -2.25 -25.09
CA TYR W 136 -1.20 -2.80 -24.64
C TYR W 136 -1.65 -3.96 -25.53
N ILE W 137 -1.25 -3.96 -26.79
CA ILE W 137 -1.50 -5.09 -27.68
C ILE W 137 -0.32 -6.03 -27.50
N GLY W 138 -0.47 -6.99 -26.59
CA GLY W 138 0.62 -7.88 -26.25
C GLY W 138 0.88 -8.95 -27.28
N ALA W 139 1.37 -8.55 -28.45
CA ALA W 139 1.68 -9.46 -29.53
C ALA W 139 3.18 -9.43 -29.80
N ALA W 140 3.82 -10.60 -29.73
CA ALA W 140 5.20 -10.77 -30.11
C ALA W 140 5.27 -11.74 -31.28
N LEU W 141 5.97 -11.35 -32.33
CA LEU W 141 5.89 -12.06 -33.60
C LEU W 141 7.27 -12.40 -34.13
N VAL W 142 7.33 -13.53 -34.83
CA VAL W 142 8.50 -13.93 -35.61
C VAL W 142 8.09 -13.81 -37.07
N LEU W 143 8.56 -12.75 -37.73
CA LEU W 143 8.15 -12.43 -39.09
C LEU W 143 9.25 -12.86 -40.06
N GLY W 144 8.90 -13.71 -41.01
CA GLY W 144 9.84 -14.16 -42.01
C GLY W 144 9.20 -14.27 -43.37
N GLY W 145 10.00 -14.01 -44.40
CA GLY W 145 9.49 -14.08 -45.76
C GLY W 145 10.61 -13.82 -46.74
N VAL W 146 10.29 -14.01 -48.01
CA VAL W 146 11.22 -13.81 -49.11
C VAL W 146 10.60 -12.83 -50.10
N ASP W 147 11.32 -11.77 -50.42
CA ASP W 147 10.86 -10.78 -51.39
C ASP W 147 11.90 -10.57 -52.48
N VAL W 148 11.74 -9.50 -53.26
CA VAL W 148 12.68 -9.22 -54.35
C VAL W 148 14.09 -9.03 -53.82
N THR W 149 14.24 -8.58 -52.57
CA THR W 149 15.55 -8.42 -51.98
C THR W 149 16.12 -9.73 -51.44
N GLY W 150 15.24 -10.67 -51.07
CA GLY W 150 15.68 -11.94 -50.56
C GLY W 150 14.98 -12.33 -49.28
N PRO W 151 15.51 -13.34 -48.59
CA PRO W 151 14.90 -13.77 -47.32
C PRO W 151 15.23 -12.82 -46.18
N HIS W 152 14.20 -12.41 -45.45
CA HIS W 152 14.35 -11.55 -44.27
C HIS W 152 13.60 -12.17 -43.10
N LEU W 153 14.19 -12.07 -41.92
CA LEU W 153 13.60 -12.60 -40.70
C LEU W 153 13.63 -11.53 -39.63
N TYR W 154 12.47 -11.26 -39.02
CA TYR W 154 12.35 -10.24 -37.99
C TYR W 154 11.72 -10.83 -36.75
N SER W 155 12.11 -10.28 -35.60
CA SER W 155 11.43 -10.52 -34.33
C SER W 155 10.85 -9.20 -33.86
N ILE W 156 9.54 -9.18 -33.60
CA ILE W 156 8.82 -7.97 -33.25
C ILE W 156 8.23 -8.14 -31.85
N TYR W 157 8.37 -7.11 -31.03
CA TYR W 157 7.95 -7.16 -29.64
C TYR W 157 6.75 -6.25 -29.41
N PRO W 158 5.94 -6.53 -28.38
CA PRO W 158 4.69 -5.77 -28.21
C PRO W 158 4.86 -4.28 -28.06
N HIS W 159 6.00 -3.80 -27.58
CA HIS W 159 6.19 -2.36 -27.46
C HIS W 159 6.54 -1.69 -28.79
N GLY W 160 6.95 -2.46 -29.79
CA GLY W 160 7.25 -1.93 -31.09
C GLY W 160 8.71 -1.98 -31.52
N SER W 161 9.55 -2.76 -30.85
CA SER W 161 10.95 -2.88 -31.21
C SER W 161 11.17 -4.15 -32.01
N THR W 162 12.01 -4.05 -33.04
CA THR W 162 12.25 -5.16 -33.95
C THR W 162 13.74 -5.45 -34.06
N ASP W 163 14.06 -6.70 -34.33
CA ASP W 163 15.42 -7.14 -34.64
C ASP W 163 15.41 -7.90 -35.95
N LYS W 164 16.41 -7.63 -36.79
CA LYS W 164 16.60 -8.35 -38.04
C LYS W 164 17.80 -9.27 -37.86
N LEU W 165 17.55 -10.57 -37.75
CA LEU W 165 18.53 -11.55 -37.33
C LEU W 165 18.51 -12.76 -38.26
N PRO W 166 19.61 -13.51 -38.33
CA PRO W 166 19.60 -14.74 -39.13
C PRO W 166 18.84 -15.88 -38.47
N TYR W 167 18.60 -15.82 -37.17
CA TYR W 167 17.73 -16.79 -36.51
C TYR W 167 17.19 -16.16 -35.24
N VAL W 168 15.94 -16.49 -34.91
CA VAL W 168 15.28 -15.96 -33.73
C VAL W 168 14.46 -17.06 -33.07
N THR W 169 14.29 -16.94 -31.76
CA THR W 169 13.42 -17.82 -30.99
C THR W 169 12.51 -16.97 -30.12
N MET W 170 11.33 -17.51 -29.82
CA MET W 170 10.34 -16.76 -29.05
C MET W 170 9.47 -17.75 -28.28
N GLY W 171 8.84 -17.24 -27.22
CA GLY W 171 7.97 -18.05 -26.39
C GLY W 171 8.68 -18.50 -25.11
N SER W 172 7.95 -19.31 -24.34
CA SER W 172 8.49 -19.82 -23.09
C SER W 172 9.57 -20.87 -23.31
N GLY W 173 9.59 -21.52 -24.48
CA GLY W 173 10.64 -22.47 -24.79
C GLY W 173 11.72 -21.89 -25.66
N SER W 174 11.78 -20.55 -25.69
CA SER W 174 12.70 -19.87 -26.60
C SER W 174 14.16 -20.12 -26.26
N LEU W 175 14.48 -20.34 -24.98
CA LEU W 175 15.88 -20.47 -24.59
C LEU W 175 16.46 -21.83 -24.98
N ALA W 176 15.67 -22.90 -24.89
CA ALA W 176 16.14 -24.20 -25.38
C ALA W 176 16.38 -24.18 -26.88
N ALA W 177 15.45 -23.57 -27.62
CA ALA W 177 15.61 -23.45 -29.07
C ALA W 177 16.81 -22.58 -29.40
N MET W 178 17.04 -21.51 -28.63
CA MET W 178 18.19 -20.67 -28.86
C MET W 178 19.49 -21.40 -28.55
N ALA W 179 19.48 -22.26 -27.53
CA ALA W 179 20.65 -23.09 -27.25
C ALA W 179 20.95 -24.01 -28.43
N VAL W 180 19.92 -24.65 -28.97
CA VAL W 180 20.11 -25.51 -30.15
C VAL W 180 20.67 -24.70 -31.31
N PHE W 181 20.12 -23.50 -31.54
CA PHE W 181 20.57 -22.67 -32.64
C PHE W 181 22.03 -22.25 -32.47
N GLU W 182 22.38 -21.78 -31.27
CA GLU W 182 23.76 -21.36 -31.03
C GLU W 182 24.73 -22.54 -31.08
N ASP W 183 24.24 -23.75 -30.80
CA ASP W 183 25.11 -24.91 -30.91
C ASP W 183 25.32 -25.35 -32.35
N LYS W 184 24.28 -25.25 -33.20
CA LYS W 184 24.32 -25.94 -34.48
C LYS W 184 24.04 -25.08 -35.72
N PHE W 185 23.73 -23.79 -35.57
CA PHE W 185 23.42 -22.98 -36.74
C PHE W 185 24.67 -22.70 -37.57
N ARG W 186 24.52 -22.81 -38.89
CA ARG W 186 25.56 -22.44 -39.83
C ARG W 186 24.97 -21.53 -40.90
N PRO W 187 25.69 -20.51 -41.34
CA PRO W 187 25.18 -19.67 -42.43
C PRO W 187 25.12 -20.43 -43.75
N ASP W 188 24.16 -20.05 -44.58
CA ASP W 188 23.97 -20.61 -45.91
C ASP W 188 23.77 -22.13 -45.87
N MET W 189 22.88 -22.57 -44.98
CA MET W 189 22.53 -23.98 -44.90
C MET W 189 21.57 -24.35 -46.03
N GLU W 190 21.51 -25.64 -46.33
CA GLU W 190 20.54 -26.13 -47.30
C GLU W 190 19.16 -26.20 -46.67
N GLU W 191 18.16 -26.44 -47.51
CA GLU W 191 16.78 -26.46 -47.02
C GLU W 191 16.55 -27.60 -46.04
N GLU W 192 17.07 -28.80 -46.35
CA GLU W 192 16.89 -29.93 -45.46
C GLU W 192 17.62 -29.72 -44.14
N GLU W 193 18.84 -29.18 -44.19
CA GLU W 193 19.58 -28.92 -42.96
C GLU W 193 18.88 -27.87 -42.10
N ALA W 194 18.36 -26.81 -42.73
CA ALA W 194 17.64 -25.79 -41.99
C ALA W 194 16.36 -26.35 -41.37
N LYS W 195 15.64 -27.19 -42.12
CA LYS W 195 14.44 -27.81 -41.57
C LYS W 195 14.79 -28.70 -40.38
N LYS W 196 15.87 -29.47 -40.49
CA LYS W 196 16.29 -30.32 -39.39
C LYS W 196 16.68 -29.49 -38.17
N LEU W 197 17.39 -28.39 -38.37
CA LEU W 197 17.80 -27.54 -37.25
C LEU W 197 16.59 -26.92 -36.56
N VAL W 198 15.63 -26.41 -37.34
CA VAL W 198 14.45 -25.79 -36.73
C VAL W 198 13.61 -26.84 -36.01
N SER W 199 13.51 -28.04 -36.59
CA SER W 199 12.77 -29.11 -35.92
C SER W 199 13.45 -29.52 -34.62
N GLU W 200 14.78 -29.56 -34.61
CA GLU W 200 15.51 -29.86 -33.38
C GLU W 200 15.29 -28.79 -32.32
N ALA W 201 15.30 -27.51 -32.73
CA ALA W 201 15.05 -26.44 -31.77
C ALA W 201 13.65 -26.51 -31.20
N ILE W 202 12.65 -26.75 -32.05
CA ILE W 202 11.27 -26.87 -31.56
C ILE W 202 11.12 -28.10 -30.66
N ALA W 203 11.81 -29.19 -31.00
CA ALA W 203 11.74 -30.39 -30.16
C ALA W 203 12.37 -30.14 -28.79
N ALA W 204 13.49 -29.41 -28.76
CA ALA W 204 14.09 -29.04 -27.48
C ALA W 204 13.13 -28.21 -26.65
N GLY W 205 12.49 -27.22 -27.28
CA GLY W 205 11.48 -26.43 -26.57
C GLY W 205 10.34 -27.28 -26.06
N ILE W 206 9.89 -28.25 -26.86
CA ILE W 206 8.77 -29.10 -26.48
C ILE W 206 9.13 -29.97 -25.28
N PHE W 207 10.30 -30.60 -25.33
CA PHE W 207 10.68 -31.56 -24.31
C PHE W 207 11.30 -30.93 -23.07
N ASN W 208 11.66 -29.64 -23.11
CA ASN W 208 12.25 -28.98 -21.96
C ASN W 208 11.41 -27.88 -21.35
N ASP W 209 10.30 -27.49 -21.99
CA ASP W 209 9.43 -26.45 -21.48
C ASP W 209 8.04 -27.03 -21.24
N LEU W 210 7.42 -26.66 -20.12
CA LEU W 210 6.12 -27.19 -19.77
C LEU W 210 4.99 -26.61 -20.59
N GLY W 211 5.18 -25.42 -21.17
CA GLY W 211 4.19 -24.80 -22.01
C GLY W 211 4.24 -25.20 -23.46
N SER W 212 5.13 -26.12 -23.83
CA SER W 212 5.28 -26.57 -25.20
C SER W 212 5.07 -28.08 -25.26
N GLY W 213 4.49 -28.54 -26.36
CA GLY W 213 4.23 -29.95 -26.50
C GLY W 213 3.62 -30.26 -27.86
N SER W 214 3.19 -31.52 -28.01
CA SER W 214 2.50 -32.03 -29.19
C SER W 214 3.40 -32.04 -30.42
N ASN W 215 2.87 -31.59 -31.55
CA ASN W 215 3.54 -31.75 -32.84
C ASN W 215 4.42 -30.55 -33.16
N ILE W 216 5.24 -30.72 -34.21
CA ILE W 216 6.10 -29.67 -34.73
C ILE W 216 5.58 -29.24 -36.09
N ASP W 217 5.32 -27.96 -36.25
CA ASP W 217 4.85 -27.39 -37.51
C ASP W 217 5.97 -26.58 -38.14
N LEU W 218 6.23 -26.83 -39.42
CA LEU W 218 7.28 -26.14 -40.15
C LEU W 218 6.67 -25.40 -41.34
N CYS W 219 7.18 -24.19 -41.58
CA CYS W 219 6.83 -23.42 -42.76
C CYS W 219 8.12 -23.04 -43.48
N VAL W 220 8.25 -23.50 -44.73
CA VAL W 220 9.43 -23.24 -45.54
C VAL W 220 9.04 -22.27 -46.65
N ILE W 221 9.71 -21.12 -46.69
CA ILE W 221 9.46 -20.10 -47.68
C ILE W 221 10.74 -19.89 -48.50
N SER W 222 10.61 -19.97 -49.82
CA SER W 222 11.70 -19.65 -50.72
C SER W 222 11.14 -18.80 -51.87
N LYS W 223 12.01 -18.46 -52.82
CA LYS W 223 11.57 -17.64 -53.95
C LYS W 223 10.72 -18.42 -54.94
N SER W 224 10.75 -19.75 -54.89
CA SER W 224 10.06 -20.57 -55.88
C SER W 224 8.92 -21.40 -55.31
N LYS W 225 8.81 -21.53 -53.99
CA LYS W 225 7.78 -22.39 -53.41
C LYS W 225 7.49 -21.94 -52.00
N LEU W 226 6.46 -22.55 -51.40
CA LEU W 226 6.13 -22.35 -49.99
C LEU W 226 5.62 -23.67 -49.44
N ASP W 227 6.37 -24.26 -48.51
CA ASP W 227 6.00 -25.51 -47.88
C ASP W 227 5.39 -25.22 -46.51
N PHE W 228 4.11 -25.54 -46.35
CA PHE W 228 3.42 -25.43 -45.07
C PHE W 228 3.19 -26.84 -44.56
N LEU W 229 4.08 -27.29 -43.67
CA LEU W 229 4.10 -28.66 -43.19
C LEU W 229 3.46 -28.72 -41.81
N ARG W 230 2.19 -29.13 -41.78
CA ARG W 230 1.42 -29.21 -40.54
C ARG W 230 0.68 -30.54 -40.50
N PRO W 231 1.12 -31.50 -39.69
CA PRO W 231 2.34 -31.48 -38.87
C PRO W 231 3.56 -31.91 -39.64
N TYR W 232 4.76 -31.51 -39.20
CA TYR W 232 6.01 -32.00 -39.77
C TYR W 232 6.58 -33.17 -38.98
N SER W 233 6.50 -33.11 -37.66
CA SER W 233 6.91 -34.19 -36.79
C SER W 233 5.81 -34.44 -35.77
N VAL W 234 5.68 -35.70 -35.36
CA VAL W 234 4.74 -36.09 -34.31
C VAL W 234 5.52 -36.84 -33.24
N PRO W 235 6.28 -36.13 -32.39
CA PRO W 235 7.12 -36.82 -31.40
C PRO W 235 6.35 -37.35 -30.19
N ASN W 236 5.08 -36.98 -30.03
CA ASN W 236 4.30 -37.37 -28.86
C ASN W 236 2.97 -37.93 -29.31
N LYS W 237 2.57 -39.05 -28.71
CA LYS W 237 1.28 -39.67 -28.97
C LYS W 237 0.64 -40.07 -27.66
N LYS W 238 -0.69 -40.10 -27.65
CA LYS W 238 -1.41 -40.58 -26.47
C LYS W 238 -1.09 -42.05 -26.22
N GLY W 239 -0.93 -42.41 -24.95
CA GLY W 239 -0.61 -43.77 -24.61
C GLY W 239 -1.74 -44.72 -24.96
N THR W 240 -1.37 -45.95 -25.30
CA THR W 240 -2.36 -46.97 -25.64
C THR W 240 -3.20 -47.32 -24.43
N ARG W 241 -4.51 -47.35 -24.61
CA ARG W 241 -5.41 -47.66 -23.51
C ARG W 241 -5.24 -49.10 -23.07
N PHE W 242 -5.19 -49.31 -21.75
CA PHE W 242 -5.02 -50.63 -21.17
C PHE W 242 -6.34 -51.32 -20.86
N GLY W 243 -7.41 -50.55 -20.67
CA GLY W 243 -8.72 -51.12 -20.40
C GLY W 243 -9.82 -50.39 -21.14
N ARG W 244 -11.05 -50.49 -20.63
CA ARG W 244 -12.19 -49.81 -21.22
C ARG W 244 -13.00 -49.12 -20.13
N TYR W 245 -13.58 -47.97 -20.45
CA TYR W 245 -14.48 -47.27 -19.55
C TYR W 245 -15.92 -47.69 -19.82
N ARG W 246 -16.70 -47.80 -18.76
CA ARG W 246 -18.11 -48.19 -18.88
C ARG W 246 -18.91 -46.99 -19.36
N CYS W 247 -19.24 -46.98 -20.65
CA CYS W 247 -20.10 -45.95 -21.25
C CYS W 247 -21.04 -46.68 -22.21
N GLU W 248 -22.20 -47.08 -21.70
CA GLU W 248 -23.16 -47.85 -22.46
C GLU W 248 -24.51 -47.15 -22.48
N LYS W 249 -25.32 -47.49 -23.47
CA LYS W 249 -26.62 -46.84 -23.65
C LYS W 249 -27.54 -47.16 -22.47
N GLY W 250 -28.38 -46.18 -22.13
CA GLY W 250 -29.29 -46.31 -21.01
C GLY W 250 -28.70 -46.00 -19.66
N THR W 251 -27.42 -45.63 -19.61
CA THR W 251 -26.77 -45.37 -18.33
C THR W 251 -27.31 -44.10 -17.67
N ASN W 252 -27.69 -43.11 -18.46
CA ASN W 252 -28.09 -41.81 -17.95
C ASN W 252 -29.61 -41.73 -17.84
N ALA W 253 -30.09 -41.31 -16.66
CA ALA W 253 -31.50 -41.06 -16.48
C ALA W 253 -31.88 -39.73 -17.12
N VAL W 254 -33.05 -39.70 -17.75
CA VAL W 254 -33.54 -38.53 -18.47
C VAL W 254 -34.82 -38.05 -17.81
N LEU W 255 -34.90 -36.74 -17.55
CA LEU W 255 -36.11 -36.17 -16.95
C LEU W 255 -37.15 -35.86 -18.01
N THR W 256 -36.81 -34.99 -18.96
CA THR W 256 -37.68 -34.63 -20.06
C THR W 256 -36.94 -34.81 -21.37
N GLU W 257 -37.69 -35.09 -22.43
CA GLU W 257 -37.13 -35.27 -23.76
C GLU W 257 -38.00 -34.53 -24.77
N LYS W 258 -37.35 -33.75 -25.64
CA LYS W 258 -38.05 -33.01 -26.68
C LYS W 258 -37.30 -33.20 -28.00
N VAL W 259 -38.03 -33.59 -29.04
CA VAL W 259 -37.45 -33.84 -30.36
C VAL W 259 -38.12 -32.90 -31.35
N THR W 260 -37.30 -32.15 -32.08
CA THR W 260 -37.77 -31.28 -33.16
C THR W 260 -37.19 -31.78 -34.46
N THR W 261 -38.06 -32.08 -35.42
CA THR W 261 -37.63 -32.61 -36.71
C THR W 261 -37.39 -31.45 -37.67
N LEU W 262 -36.19 -31.38 -38.22
CA LEU W 262 -35.82 -30.34 -39.18
C LEU W 262 -36.11 -30.83 -40.59
N GLU W 263 -36.74 -29.98 -41.39
CA GLU W 263 -37.14 -30.35 -42.74
C GLU W 263 -35.95 -30.29 -43.70
N SER X 2 -11.69 -13.45 -10.96
CA SER X 2 -12.70 -13.96 -10.03
C SER X 2 -14.09 -13.56 -10.49
N ILE X 3 -14.16 -12.70 -11.49
CA ILE X 3 -15.44 -12.26 -12.04
C ILE X 3 -16.15 -13.41 -12.74
N MET X 4 -15.39 -14.29 -13.40
CA MET X 4 -16.01 -15.38 -14.16
C MET X 4 -16.71 -16.37 -13.26
N SER X 5 -16.20 -16.60 -12.06
CA SER X 5 -16.79 -17.54 -11.11
C SER X 5 -17.89 -16.91 -10.27
N TYR X 6 -18.24 -15.65 -10.52
CA TYR X 6 -19.24 -14.97 -9.72
C TYR X 6 -20.61 -15.64 -9.83
N ASN X 7 -20.98 -16.07 -11.04
CA ASN X 7 -22.25 -16.72 -11.27
C ASN X 7 -22.13 -18.22 -11.54
N GLY X 8 -20.92 -18.75 -11.65
CA GLY X 8 -20.78 -20.16 -11.93
C GLY X 8 -21.13 -20.50 -13.37
N GLY X 9 -21.45 -21.76 -13.59
CA GLY X 9 -21.87 -22.23 -14.89
C GLY X 9 -20.81 -23.10 -15.55
N ALA X 10 -21.28 -23.94 -16.47
CA ALA X 10 -20.39 -24.84 -17.21
C ALA X 10 -21.08 -25.20 -18.52
N VAL X 11 -20.34 -25.11 -19.62
CA VAL X 11 -20.85 -25.41 -20.95
C VAL X 11 -19.87 -26.37 -21.63
N MET X 12 -20.41 -27.37 -22.34
CA MET X 12 -19.61 -28.39 -22.98
C MET X 12 -20.19 -28.71 -24.35
N ALA X 13 -19.31 -28.85 -25.34
CA ALA X 13 -19.71 -29.24 -26.69
C ALA X 13 -18.85 -30.41 -27.14
N MET X 14 -19.47 -31.37 -27.82
CA MET X 14 -18.81 -32.61 -28.21
C MET X 14 -19.17 -32.95 -29.64
N LYS X 15 -18.23 -33.57 -30.35
CA LYS X 15 -18.40 -33.95 -31.74
C LYS X 15 -18.72 -35.44 -31.86
N GLY X 16 -19.63 -35.78 -32.77
CA GLY X 16 -19.92 -37.14 -33.11
C GLY X 16 -19.49 -37.48 -34.53
N LYS X 17 -20.01 -38.62 -35.02
CA LYS X 17 -19.70 -39.04 -36.37
C LYS X 17 -20.27 -38.05 -37.39
N ASN X 18 -21.56 -37.74 -37.28
CA ASN X 18 -22.19 -36.76 -38.16
C ASN X 18 -23.13 -35.85 -37.36
N CYS X 19 -22.80 -35.60 -36.10
CA CYS X 19 -23.67 -34.87 -35.20
C CYS X 19 -22.82 -34.17 -34.15
N VAL X 20 -23.42 -33.18 -33.50
CA VAL X 20 -22.77 -32.46 -32.41
C VAL X 20 -23.68 -32.49 -31.20
N ALA X 21 -23.07 -32.35 -30.02
CA ALA X 21 -23.79 -32.26 -28.77
C ALA X 21 -23.31 -31.04 -28.02
N ILE X 22 -24.24 -30.33 -27.38
CA ILE X 22 -23.92 -29.19 -26.53
C ILE X 22 -24.69 -29.36 -25.23
N ALA X 23 -24.02 -29.09 -24.11
CA ALA X 23 -24.62 -29.27 -22.80
C ALA X 23 -24.22 -28.11 -21.90
N ALA X 24 -25.08 -27.81 -20.93
CA ALA X 24 -24.81 -26.76 -19.96
C ALA X 24 -25.57 -27.06 -18.68
N ASP X 25 -25.07 -26.50 -17.58
CA ASP X 25 -25.79 -26.55 -16.32
C ASP X 25 -26.86 -25.47 -16.28
N ARG X 26 -27.83 -25.66 -15.38
CA ARG X 26 -29.02 -24.81 -15.36
C ARG X 26 -29.07 -23.86 -14.17
N ARG X 27 -28.06 -23.88 -13.30
CA ARG X 27 -28.09 -23.06 -12.10
C ARG X 27 -27.78 -21.61 -12.40
N PHE X 28 -28.58 -20.71 -11.84
CA PHE X 28 -28.25 -19.29 -11.75
C PHE X 28 -28.10 -18.93 -10.28
N GLY X 29 -26.95 -18.39 -9.92
CA GLY X 29 -26.69 -18.04 -8.54
C GLY X 29 -25.70 -16.90 -8.44
N ILE X 30 -25.73 -16.24 -7.30
CA ILE X 30 -24.80 -15.16 -6.96
C ILE X 30 -23.94 -15.63 -5.81
N GLN X 31 -22.63 -15.74 -6.06
CA GLN X 31 -21.66 -16.26 -5.10
C GLN X 31 -22.11 -17.64 -4.66
N ALA X 32 -22.41 -17.87 -3.38
CA ALA X 32 -22.78 -19.18 -2.90
C ALA X 32 -24.28 -19.40 -2.81
N GLN X 33 -25.09 -18.42 -3.21
CA GLN X 33 -26.54 -18.52 -3.10
C GLN X 33 -27.15 -18.82 -4.47
N MET X 34 -27.95 -19.88 -4.52
CA MET X 34 -28.72 -20.18 -5.72
C MET X 34 -29.96 -19.30 -5.79
N VAL X 35 -30.26 -18.81 -6.99
CA VAL X 35 -31.43 -17.97 -7.22
C VAL X 35 -32.49 -18.71 -8.03
N THR X 36 -32.12 -19.21 -9.20
CA THR X 36 -33.01 -20.01 -10.03
C THR X 36 -32.28 -21.24 -10.52
N THR X 37 -33.05 -22.27 -10.88
CA THR X 37 -32.52 -23.54 -11.33
C THR X 37 -32.79 -23.82 -12.80
N ASP X 38 -33.18 -22.79 -13.57
CA ASP X 38 -33.51 -22.98 -14.97
C ASP X 38 -32.96 -21.84 -15.82
N PHE X 39 -31.74 -21.40 -15.52
CA PHE X 39 -31.10 -20.36 -16.32
C PHE X 39 -30.72 -20.90 -17.69
N GLN X 40 -30.90 -20.08 -18.71
CA GLN X 40 -30.59 -20.47 -20.08
C GLN X 40 -29.18 -20.01 -20.44
N LYS X 41 -28.35 -20.96 -20.86
CA LYS X 41 -26.99 -20.65 -21.31
C LYS X 41 -26.71 -21.08 -22.73
N ILE X 42 -27.58 -21.88 -23.36
CA ILE X 42 -27.43 -22.31 -24.74
C ILE X 42 -28.52 -21.64 -25.56
N PHE X 43 -28.11 -20.95 -26.63
CA PHE X 43 -29.02 -20.17 -27.44
C PHE X 43 -28.95 -20.63 -28.89
N PRO X 44 -30.09 -20.88 -29.54
CA PRO X 44 -30.05 -21.24 -30.96
C PRO X 44 -29.62 -20.07 -31.82
N MET X 45 -28.75 -20.37 -32.78
CA MET X 45 -28.26 -19.38 -33.74
C MET X 45 -28.48 -19.86 -35.16
N GLY X 46 -29.47 -20.70 -35.37
CA GLY X 46 -29.72 -21.29 -36.67
C GLY X 46 -30.48 -22.59 -36.51
N ASP X 47 -30.77 -23.20 -37.65
CA ASP X 47 -31.49 -24.47 -37.65
C ASP X 47 -30.67 -25.56 -36.97
N ARG X 48 -29.36 -25.58 -37.21
CA ARG X 48 -28.47 -26.59 -36.63
C ARG X 48 -27.26 -25.93 -35.97
N LEU X 49 -27.42 -24.72 -35.44
CA LEU X 49 -26.32 -23.97 -34.87
C LEU X 49 -26.71 -23.45 -33.49
N TYR X 50 -25.87 -23.73 -32.50
CA TYR X 50 -26.10 -23.32 -31.12
C TYR X 50 -24.85 -22.70 -30.54
N ILE X 51 -25.04 -21.79 -29.59
CA ILE X 51 -23.93 -21.19 -28.85
C ILE X 51 -24.21 -21.33 -27.35
N GLY X 52 -23.21 -21.76 -26.61
CA GLY X 52 -23.28 -21.85 -25.16
C GLY X 52 -22.37 -20.81 -24.54
N LEU X 53 -22.90 -20.11 -23.54
CA LEU X 53 -22.19 -18.98 -22.93
C LEU X 53 -22.06 -19.21 -21.43
N ALA X 54 -20.82 -19.14 -20.93
CA ALA X 54 -20.54 -19.32 -19.52
C ALA X 54 -19.75 -18.12 -19.01
N GLY X 55 -20.07 -17.69 -17.79
CA GLY X 55 -19.42 -16.52 -17.22
C GLY X 55 -20.39 -15.66 -16.45
N LEU X 56 -20.21 -14.34 -16.55
CA LEU X 56 -21.18 -13.41 -15.96
C LEU X 56 -22.52 -13.57 -16.66
N ALA X 57 -23.58 -13.81 -15.87
CA ALA X 57 -24.90 -14.03 -16.43
C ALA X 57 -25.38 -12.82 -17.20
N THR X 58 -25.12 -11.62 -16.68
CA THR X 58 -25.45 -10.40 -17.40
C THR X 58 -24.72 -10.33 -18.73
N ASP X 59 -23.42 -10.68 -18.73
CA ASP X 59 -22.68 -10.68 -19.98
C ASP X 59 -23.13 -11.81 -20.88
N VAL X 60 -23.56 -12.94 -20.31
CA VAL X 60 -24.13 -14.01 -21.12
C VAL X 60 -25.34 -13.49 -21.89
N GLN X 61 -26.26 -12.83 -21.20
CA GLN X 61 -27.47 -12.32 -21.85
C GLN X 61 -27.14 -11.21 -22.84
N THR X 62 -26.25 -10.30 -22.47
CA THR X 62 -25.89 -9.20 -23.35
C THR X 62 -25.24 -9.71 -24.64
N VAL X 63 -24.30 -10.64 -24.52
CA VAL X 63 -23.61 -11.18 -25.68
C VAL X 63 -24.60 -11.97 -26.55
N ALA X 64 -25.47 -12.75 -25.92
CA ALA X 64 -26.45 -13.51 -26.70
C ALA X 64 -27.37 -12.57 -27.49
N GLN X 65 -27.84 -11.49 -26.85
CA GLN X 65 -28.74 -10.58 -27.53
C GLN X 65 -28.05 -9.81 -28.64
N ARG X 66 -26.81 -9.34 -28.40
CA ARG X 66 -26.10 -8.61 -29.45
C ARG X 66 -25.72 -9.52 -30.60
N LEU X 67 -25.37 -10.77 -30.30
CA LEU X 67 -25.11 -11.75 -31.35
C LEU X 67 -26.37 -12.03 -32.16
N LYS X 68 -27.53 -12.10 -31.49
CA LYS X 68 -28.77 -12.29 -32.23
C LYS X 68 -29.05 -11.09 -33.13
N PHE X 69 -28.80 -9.88 -32.63
CA PHE X 69 -28.89 -8.67 -33.45
C PHE X 69 -28.07 -8.80 -34.73
N ARG X 70 -26.77 -9.06 -34.57
CA ARG X 70 -25.87 -9.14 -35.71
C ARG X 70 -26.24 -10.28 -36.65
N LEU X 71 -26.64 -11.42 -36.08
CA LEU X 71 -26.99 -12.58 -36.90
C LEU X 71 -28.27 -12.33 -37.69
N ASN X 72 -29.25 -11.69 -37.09
CA ASN X 72 -30.47 -11.35 -37.82
C ASN X 72 -30.17 -10.39 -38.96
N LEU X 73 -29.34 -9.38 -38.71
CA LEU X 73 -28.96 -8.47 -39.79
C LEU X 73 -28.21 -9.22 -40.90
N TYR X 74 -27.31 -10.12 -40.52
CA TYR X 74 -26.55 -10.89 -41.50
C TYR X 74 -27.47 -11.75 -42.36
N GLU X 75 -28.39 -12.48 -41.73
CA GLU X 75 -29.27 -13.37 -42.47
C GLU X 75 -30.27 -12.61 -43.31
N LEU X 76 -30.63 -11.38 -42.91
CA LEU X 76 -31.48 -10.56 -43.77
C LEU X 76 -30.71 -10.03 -44.96
N LYS X 77 -29.45 -9.64 -44.75
CA LYS X 77 -28.66 -9.09 -45.85
C LYS X 77 -28.25 -10.18 -46.84
N GLU X 78 -27.77 -11.31 -46.35
CA GLU X 78 -27.22 -12.33 -47.22
C GLU X 78 -28.28 -13.29 -47.77
N GLY X 79 -29.47 -13.31 -47.20
CA GLY X 79 -30.49 -14.23 -47.65
C GLY X 79 -30.20 -15.69 -47.41
N ARG X 80 -29.22 -16.01 -46.56
CA ARG X 80 -28.84 -17.37 -46.26
C ARG X 80 -28.63 -17.51 -44.76
N GLN X 81 -28.43 -18.74 -44.32
CA GLN X 81 -28.09 -19.02 -42.93
C GLN X 81 -26.58 -19.05 -42.76
N ILE X 82 -26.12 -18.56 -41.61
CA ILE X 82 -24.69 -18.43 -41.37
C ILE X 82 -24.05 -19.80 -41.21
N LYS X 83 -22.81 -19.92 -41.66
CA LYS X 83 -22.05 -21.12 -41.38
C LYS X 83 -21.39 -21.01 -40.01
N PRO X 84 -21.19 -22.15 -39.33
CA PRO X 84 -20.63 -22.10 -37.97
C PRO X 84 -19.27 -21.42 -37.88
N TYR X 85 -18.42 -21.57 -38.89
CA TYR X 85 -17.13 -20.87 -38.88
C TYR X 85 -17.34 -19.36 -38.99
N THR X 86 -18.28 -18.93 -39.82
CA THR X 86 -18.58 -17.50 -39.94
C THR X 86 -19.18 -16.97 -38.64
N LEU X 87 -20.02 -17.76 -37.98
CA LEU X 87 -20.54 -17.35 -36.68
C LEU X 87 -19.41 -17.22 -35.65
N MET X 88 -18.45 -18.15 -35.68
CA MET X 88 -17.31 -18.06 -34.79
C MET X 88 -16.50 -16.79 -35.04
N SER X 89 -16.29 -16.45 -36.32
CA SER X 89 -15.58 -15.23 -36.64
C SER X 89 -16.35 -13.99 -36.17
N MET X 90 -17.68 -14.00 -36.33
CA MET X 90 -18.48 -12.88 -35.90
C MET X 90 -18.43 -12.71 -34.38
N VAL X 91 -18.50 -13.82 -33.64
CA VAL X 91 -18.38 -13.76 -32.18
C VAL X 91 -17.01 -13.24 -31.78
N ALA X 92 -15.96 -13.69 -32.46
CA ALA X 92 -14.62 -13.20 -32.17
C ALA X 92 -14.52 -11.70 -32.39
N ASN X 93 -15.10 -11.20 -33.48
CA ASN X 93 -15.10 -9.77 -33.75
C ASN X 93 -15.87 -9.01 -32.66
N LEU X 94 -17.03 -9.53 -32.28
CA LEU X 94 -17.84 -8.88 -31.24
C LEU X 94 -17.09 -8.82 -29.92
N LEU X 95 -16.39 -9.90 -29.56
CA LEU X 95 -15.67 -9.92 -28.29
C LEU X 95 -14.42 -9.07 -28.34
N TYR X 96 -13.74 -8.99 -29.49
CA TYR X 96 -12.53 -8.18 -29.59
C TYR X 96 -12.83 -6.71 -29.75
N GLU X 97 -14.05 -6.34 -30.14
CA GLU X 97 -14.43 -4.93 -30.15
C GLU X 97 -14.36 -4.32 -28.77
N LYS X 98 -14.58 -5.13 -27.74
CA LYS X 98 -14.50 -4.69 -26.34
C LYS X 98 -13.19 -5.11 -25.70
N ARG X 99 -12.09 -5.08 -26.47
CA ARG X 99 -10.83 -5.66 -26.00
C ARG X 99 -10.37 -5.04 -24.68
N PHE X 100 -10.65 -3.76 -24.46
CA PHE X 100 -10.27 -3.10 -23.21
C PHE X 100 -11.43 -2.96 -22.23
N GLY X 101 -12.63 -3.34 -22.63
CA GLY X 101 -13.78 -3.38 -21.76
C GLY X 101 -14.46 -4.74 -21.76
N PRO X 102 -13.67 -5.82 -21.70
CA PRO X 102 -14.16 -7.12 -22.18
C PRO X 102 -15.40 -7.61 -21.47
N TYR X 103 -16.25 -8.30 -22.24
CA TYR X 103 -17.31 -9.10 -21.66
C TYR X 103 -16.71 -10.32 -20.97
N TYR X 104 -17.28 -10.70 -19.84
CA TYR X 104 -16.78 -11.84 -19.07
C TYR X 104 -17.55 -13.10 -19.41
N THR X 105 -17.41 -13.52 -20.67
CA THR X 105 -18.04 -14.73 -21.17
C THR X 105 -17.07 -15.46 -22.08
N GLU X 106 -17.07 -16.79 -21.99
CA GLU X 106 -16.30 -17.63 -22.90
C GLU X 106 -17.26 -18.46 -23.73
N PRO X 107 -17.58 -18.04 -24.95
CA PRO X 107 -18.61 -18.75 -25.73
C PRO X 107 -18.14 -20.11 -26.21
N VAL X 108 -19.11 -21.00 -26.38
CA VAL X 108 -18.90 -22.32 -26.96
C VAL X 108 -19.90 -22.50 -28.09
N ILE X 109 -19.42 -22.86 -29.28
CA ILE X 109 -20.26 -22.99 -30.45
C ILE X 109 -20.26 -24.45 -30.90
N ALA X 110 -21.44 -25.01 -31.12
CA ALA X 110 -21.59 -26.35 -31.65
C ALA X 110 -22.63 -26.32 -32.76
N GLY X 111 -22.31 -26.94 -33.89
CA GLY X 111 -23.26 -26.96 -34.98
C GLY X 111 -22.79 -27.81 -36.14
N LEU X 112 -23.68 -27.98 -37.11
CA LEU X 112 -23.39 -28.69 -38.35
C LEU X 112 -23.28 -27.69 -39.49
N ASP X 113 -22.27 -27.86 -40.32
CA ASP X 113 -22.05 -26.96 -41.45
C ASP X 113 -23.17 -27.11 -42.47
N PRO X 114 -23.88 -26.03 -42.82
CA PRO X 114 -24.94 -26.15 -43.82
C PRO X 114 -24.39 -26.62 -45.17
N LYS X 115 -25.21 -27.38 -45.88
CA LYS X 115 -24.90 -27.93 -47.20
C LYS X 115 -23.88 -29.05 -47.11
N THR X 116 -23.32 -29.29 -45.92
CA THR X 116 -22.36 -30.37 -45.73
C THR X 116 -22.75 -31.21 -44.52
N PHE X 117 -23.40 -30.59 -43.53
CA PHE X 117 -23.76 -31.23 -42.27
C PHE X 117 -22.53 -31.82 -41.58
N LYS X 118 -21.39 -31.14 -41.74
CA LYS X 118 -20.16 -31.55 -41.07
C LYS X 118 -20.12 -30.96 -39.67
N PRO X 119 -19.92 -31.77 -38.62
CA PRO X 119 -19.92 -31.23 -37.27
C PRO X 119 -18.83 -30.20 -37.05
N PHE X 120 -19.17 -29.14 -36.30
CA PHE X 120 -18.23 -28.08 -35.96
C PHE X 120 -18.40 -27.74 -34.50
N ILE X 121 -17.28 -27.67 -33.77
CA ILE X 121 -17.26 -27.19 -32.40
C ILE X 121 -16.08 -26.23 -32.25
N CYS X 122 -16.25 -25.23 -31.40
CA CYS X 122 -15.19 -24.29 -31.11
C CYS X 122 -15.47 -23.61 -29.77
N SER X 123 -14.42 -23.03 -29.21
CA SER X 123 -14.52 -22.25 -27.99
C SER X 123 -13.73 -20.96 -28.17
N LEU X 124 -14.13 -19.93 -27.44
CA LEU X 124 -13.48 -18.62 -27.52
C LEU X 124 -13.17 -18.13 -26.11
N ASP X 125 -12.14 -17.30 -26.01
CA ASP X 125 -11.81 -16.64 -24.76
C ASP X 125 -12.62 -15.36 -24.63
N LEU X 126 -12.42 -14.63 -23.53
CA LEU X 126 -13.26 -13.48 -23.25
C LEU X 126 -13.02 -12.31 -24.20
N ILE X 127 -11.88 -12.28 -24.90
CA ILE X 127 -11.60 -11.23 -25.86
C ILE X 127 -11.62 -11.75 -27.30
N GLY X 128 -12.05 -12.99 -27.50
CA GLY X 128 -12.32 -13.46 -28.85
C GLY X 128 -11.21 -14.23 -29.54
N CYS X 129 -10.59 -15.17 -28.83
CA CYS X 129 -9.60 -16.04 -29.45
C CYS X 129 -10.24 -17.38 -29.77
N PRO X 130 -10.41 -17.75 -31.03
CA PRO X 130 -11.08 -19.01 -31.35
C PRO X 130 -10.15 -20.20 -31.22
N MET X 131 -10.74 -21.33 -30.78
CA MET X 131 -10.02 -22.58 -30.60
C MET X 131 -10.90 -23.70 -31.18
N VAL X 132 -10.67 -24.03 -32.44
CA VAL X 132 -11.43 -25.08 -33.11
C VAL X 132 -10.74 -26.42 -32.84
N THR X 133 -11.44 -27.31 -32.16
CA THR X 133 -10.96 -28.65 -31.87
C THR X 133 -11.78 -29.67 -32.63
N ASP X 134 -11.39 -30.94 -32.50
CA ASP X 134 -12.08 -32.04 -33.17
C ASP X 134 -12.75 -33.01 -32.23
N ASP X 135 -12.54 -32.90 -30.92
CA ASP X 135 -13.16 -33.81 -29.97
C ASP X 135 -14.15 -33.12 -29.04
N PHE X 136 -13.72 -32.12 -28.30
CA PHE X 136 -14.59 -31.47 -27.33
C PHE X 136 -14.03 -30.11 -26.97
N VAL X 137 -14.92 -29.22 -26.53
CA VAL X 137 -14.55 -27.92 -25.98
C VAL X 137 -15.36 -27.72 -24.70
N VAL X 138 -14.72 -27.15 -23.68
CA VAL X 138 -15.36 -26.93 -22.39
C VAL X 138 -15.16 -25.48 -21.98
N SER X 139 -16.04 -25.01 -21.10
CA SER X 139 -15.96 -23.66 -20.58
C SER X 139 -16.76 -23.59 -19.29
N GLY X 140 -16.30 -22.76 -18.36
CA GLY X 140 -16.99 -22.54 -17.11
C GLY X 140 -16.03 -22.59 -15.94
N THR X 141 -16.58 -22.88 -14.77
CA THR X 141 -15.83 -22.87 -13.52
C THR X 141 -15.23 -24.22 -13.15
N CYS X 142 -15.57 -25.27 -13.88
CA CYS X 142 -15.08 -26.63 -13.60
C CYS X 142 -14.43 -27.22 -14.84
N THR X 143 -13.54 -26.44 -15.46
CA THR X 143 -12.92 -26.88 -16.71
C THR X 143 -12.01 -28.08 -16.51
N GLU X 144 -11.34 -28.20 -15.36
CA GLU X 144 -10.43 -29.32 -15.15
C GLU X 144 -11.19 -30.63 -15.06
N GLN X 145 -12.30 -30.65 -14.30
CA GLN X 145 -13.12 -31.85 -14.19
C GLN X 145 -13.67 -32.26 -15.55
N MET X 146 -14.16 -31.28 -16.31
CA MET X 146 -14.68 -31.56 -17.65
C MET X 146 -13.58 -32.09 -18.56
N TYR X 147 -12.38 -31.53 -18.47
CA TYR X 147 -11.28 -32.00 -19.29
C TYR X 147 -10.93 -33.45 -18.97
N GLY X 148 -10.85 -33.78 -17.68
CA GLY X 148 -10.60 -35.17 -17.31
C GLY X 148 -11.67 -36.11 -17.83
N MET X 149 -12.94 -35.75 -17.62
CA MET X 149 -14.03 -36.61 -18.04
C MET X 149 -14.04 -36.81 -19.55
N CYS X 150 -13.86 -35.73 -20.31
CA CYS X 150 -13.93 -35.81 -21.75
C CYS X 150 -12.71 -36.52 -22.34
N GLU X 151 -11.51 -36.23 -21.82
CA GLU X 151 -10.32 -36.92 -22.28
C GLU X 151 -10.40 -38.41 -22.01
N SER X 152 -11.03 -38.81 -20.90
CA SER X 152 -11.17 -40.22 -20.60
C SER X 152 -12.25 -40.88 -21.47
N LEU X 153 -13.39 -40.22 -21.65
CA LEU X 153 -14.56 -40.89 -22.22
C LEU X 153 -14.74 -40.70 -23.72
N TRP X 154 -14.25 -39.59 -24.29
CA TRP X 154 -14.55 -39.30 -25.68
C TRP X 154 -13.89 -40.30 -26.61
N GLU X 155 -14.58 -40.62 -27.70
CA GLU X 155 -14.10 -41.53 -28.74
C GLU X 155 -14.48 -40.97 -30.10
N PRO X 156 -13.71 -41.28 -31.13
CA PRO X 156 -14.04 -40.78 -32.47
C PRO X 156 -15.17 -41.56 -33.12
N ASN X 157 -15.91 -40.85 -33.98
CA ASN X 157 -16.99 -41.43 -34.77
C ASN X 157 -18.07 -42.07 -33.89
N MET X 158 -18.56 -41.29 -32.92
CA MET X 158 -19.63 -41.75 -32.05
C MET X 158 -20.99 -41.48 -32.67
N ASP X 159 -21.88 -42.47 -32.57
CA ASP X 159 -23.25 -42.27 -32.98
C ASP X 159 -23.98 -41.37 -31.98
N PRO X 160 -25.11 -40.78 -32.37
CA PRO X 160 -25.78 -39.83 -31.48
C PRO X 160 -26.12 -40.39 -30.10
N GLU X 161 -26.44 -41.68 -30.00
CA GLU X 161 -26.72 -42.27 -28.69
C GLU X 161 -25.45 -42.34 -27.84
N HIS X 162 -24.36 -42.83 -28.42
CA HIS X 162 -23.09 -42.86 -27.70
C HIS X 162 -22.60 -41.45 -27.38
N LEU X 163 -22.79 -40.52 -28.31
CA LEU X 163 -22.41 -39.14 -28.07
C LEU X 163 -23.20 -38.56 -26.90
N PHE X 164 -24.51 -38.82 -26.86
CA PHE X 164 -25.33 -38.35 -25.75
C PHE X 164 -24.85 -38.94 -24.43
N GLU X 165 -24.60 -40.25 -24.41
CA GLU X 165 -24.17 -40.87 -23.16
C GLU X 165 -22.85 -40.30 -22.69
N THR X 166 -21.90 -40.11 -23.61
CA THR X 166 -20.59 -39.58 -23.24
C THR X 166 -20.71 -38.16 -22.69
N ILE X 167 -21.40 -37.28 -23.41
CA ILE X 167 -21.47 -35.89 -22.96
C ILE X 167 -22.26 -35.79 -21.66
N SER X 168 -23.30 -36.60 -21.49
CA SER X 168 -24.08 -36.54 -20.27
C SER X 168 -23.30 -37.02 -19.07
N GLN X 169 -22.59 -38.15 -19.21
CA GLN X 169 -21.76 -38.63 -18.11
C GLN X 169 -20.66 -37.63 -17.77
N ALA X 170 -20.01 -37.07 -18.79
CA ALA X 170 -18.96 -36.09 -18.54
C ALA X 170 -19.50 -34.88 -17.79
N MET X 171 -20.61 -34.31 -18.27
CA MET X 171 -21.17 -33.13 -17.62
C MET X 171 -21.63 -33.44 -16.20
N LEU X 172 -22.32 -34.55 -15.99
CA LEU X 172 -22.84 -34.88 -14.67
C LEU X 172 -21.69 -35.07 -13.68
N ASN X 173 -20.69 -35.86 -14.04
CA ASN X 173 -19.60 -36.13 -13.11
C ASN X 173 -18.69 -34.92 -12.92
N ALA X 174 -18.63 -34.03 -13.92
CA ALA X 174 -17.84 -32.82 -13.74
C ALA X 174 -18.53 -31.83 -12.83
N VAL X 175 -19.85 -31.63 -13.00
CA VAL X 175 -20.55 -30.67 -12.16
C VAL X 175 -20.83 -31.22 -10.76
N ASP X 176 -20.81 -32.55 -10.58
CA ASP X 176 -20.93 -33.09 -9.24
C ASP X 176 -19.73 -32.78 -8.37
N ARG X 177 -18.62 -32.35 -8.98
CA ARG X 177 -17.40 -32.00 -8.26
C ARG X 177 -17.16 -30.50 -8.22
N ASP X 178 -18.14 -29.69 -8.59
CA ASP X 178 -18.03 -28.24 -8.59
C ASP X 178 -19.15 -27.66 -7.73
N ALA X 179 -18.79 -26.73 -6.84
CA ALA X 179 -19.76 -26.23 -5.87
C ALA X 179 -20.77 -25.29 -6.51
N VAL X 180 -20.33 -24.40 -7.39
CA VAL X 180 -21.17 -23.34 -7.91
C VAL X 180 -21.76 -23.70 -9.28
N SER X 181 -21.77 -24.98 -9.63
CA SER X 181 -22.37 -25.44 -10.87
C SER X 181 -23.27 -26.64 -10.58
N GLY X 182 -24.23 -26.87 -11.48
CA GLY X 182 -25.11 -28.01 -11.40
C GLY X 182 -26.57 -27.58 -11.35
N MET X 183 -27.32 -28.21 -10.46
CA MET X 183 -28.77 -28.00 -10.33
C MET X 183 -29.48 -28.28 -11.64
N GLY X 184 -29.02 -29.30 -12.37
CA GLY X 184 -29.63 -29.68 -13.62
C GLY X 184 -28.70 -29.52 -14.81
N VAL X 185 -28.83 -30.41 -15.79
CA VAL X 185 -28.04 -30.36 -17.01
C VAL X 185 -28.98 -30.52 -18.19
N ILE X 186 -28.85 -29.65 -19.19
CA ILE X 186 -29.62 -29.73 -20.42
C ILE X 186 -28.68 -30.04 -21.57
N VAL X 187 -29.04 -31.03 -22.38
CA VAL X 187 -28.20 -31.51 -23.47
C VAL X 187 -28.98 -31.40 -24.77
N HIS X 188 -28.36 -30.80 -25.79
CA HIS X 188 -28.92 -30.72 -27.12
C HIS X 188 -28.08 -31.58 -28.05
N ILE X 189 -28.72 -32.52 -28.74
CA ILE X 189 -28.08 -33.35 -29.75
C ILE X 189 -28.57 -32.88 -31.11
N ILE X 190 -27.64 -32.40 -31.94
CA ILE X 190 -27.97 -31.83 -33.24
C ILE X 190 -27.58 -32.84 -34.30
N GLU X 191 -28.58 -33.47 -34.91
CA GLU X 191 -28.38 -34.34 -36.05
C GLU X 191 -28.70 -33.56 -37.33
N LYS X 192 -28.49 -34.21 -38.47
CA LYS X 192 -28.77 -33.56 -39.76
C LYS X 192 -30.27 -33.46 -40.04
N ASP X 193 -31.10 -34.25 -39.36
CA ASP X 193 -32.52 -34.27 -39.62
C ASP X 193 -33.38 -33.90 -38.41
N LYS X 194 -32.82 -33.89 -37.20
CA LYS X 194 -33.58 -33.57 -36.01
C LYS X 194 -32.68 -32.99 -34.94
N ILE X 195 -33.30 -32.34 -33.97
CA ILE X 195 -32.61 -31.82 -32.80
C ILE X 195 -33.33 -32.34 -31.56
N THR X 196 -32.58 -32.98 -30.68
CA THR X 196 -33.13 -33.58 -29.46
C THR X 196 -32.67 -32.78 -28.26
N THR X 197 -33.63 -32.42 -27.41
CA THR X 197 -33.35 -31.71 -26.16
C THR X 197 -33.73 -32.60 -24.98
N ARG X 198 -32.81 -32.76 -24.04
CA ARG X 198 -33.04 -33.59 -22.88
C ARG X 198 -32.57 -32.87 -21.63
N THR X 199 -33.27 -33.13 -20.53
CA THR X 199 -32.85 -32.68 -19.21
C THR X 199 -32.51 -33.89 -18.36
N LEU X 200 -31.37 -33.85 -17.69
CA LEU X 200 -30.83 -35.00 -16.99
C LEU X 200 -31.24 -34.98 -15.53
N LYS X 201 -31.39 -36.18 -14.97
CA LYS X 201 -31.59 -36.32 -13.52
C LYS X 201 -30.26 -36.06 -12.83
N ALA X 202 -30.18 -34.98 -12.07
CA ALA X 202 -28.94 -34.54 -11.46
C ALA X 202 -29.15 -34.20 -10.00
N ARG X 203 -28.04 -34.09 -9.27
CA ARG X 203 -28.09 -33.66 -7.88
C ARG X 203 -28.52 -32.21 -7.78
N MET X 204 -29.16 -31.88 -6.66
CA MET X 204 -29.68 -30.54 -6.42
C MET X 204 -29.13 -29.94 -5.13
N ASP X 205 -27.89 -30.26 -4.79
CA ASP X 205 -27.27 -29.69 -3.60
C ASP X 205 -26.09 -28.78 -3.98
N MET Y 1 -29.72 -2.88 5.75
CA MET Y 1 -30.22 -3.35 4.47
C MET Y 1 -31.74 -3.33 4.41
N GLU Y 2 -32.26 -3.32 3.20
CA GLU Y 2 -33.68 -3.23 2.91
C GLU Y 2 -34.15 -4.49 2.21
N TYR Y 3 -35.42 -4.82 2.40
CA TYR Y 3 -35.95 -6.14 2.08
C TYR Y 3 -37.02 -6.06 1.01
N LEU Y 4 -36.93 -6.94 0.00
CA LEU Y 4 -37.97 -7.14 -0.98
C LEU Y 4 -38.33 -8.62 -1.06
N ILE Y 5 -39.55 -8.90 -1.46
CA ILE Y 5 -40.01 -10.28 -1.65
C ILE Y 5 -41.19 -10.27 -2.60
N GLY Y 6 -41.22 -11.24 -3.50
CA GLY Y 6 -42.34 -11.43 -4.40
C GLY Y 6 -42.73 -12.88 -4.54
N ILE Y 7 -44.03 -13.17 -4.54
CA ILE Y 7 -44.55 -14.52 -4.70
C ILE Y 7 -45.53 -14.51 -5.86
N GLN Y 8 -45.29 -15.37 -6.85
CA GLN Y 8 -46.15 -15.46 -8.02
C GLN Y 8 -47.11 -16.64 -7.87
N GLY Y 9 -48.39 -16.37 -8.01
CA GLY Y 9 -49.39 -17.39 -7.96
C GLY Y 9 -49.88 -17.79 -9.35
N PRO Y 10 -50.89 -18.66 -9.41
CA PRO Y 10 -51.43 -19.04 -10.73
C PRO Y 10 -51.95 -17.87 -11.54
N ASP Y 11 -52.56 -16.87 -10.88
CA ASP Y 11 -53.12 -15.74 -11.60
C ASP Y 11 -52.89 -14.42 -10.86
N TYR Y 12 -51.79 -14.33 -10.12
CA TYR Y 12 -51.49 -13.11 -9.37
C TYR Y 12 -50.00 -13.08 -9.05
N VAL Y 13 -49.52 -11.88 -8.73
CA VAL Y 13 -48.19 -11.69 -8.14
C VAL Y 13 -48.38 -10.94 -6.84
N LEU Y 14 -47.81 -11.46 -5.76
CA LEU Y 14 -47.87 -10.83 -4.45
C LEU Y 14 -46.48 -10.35 -4.09
N VAL Y 15 -46.35 -9.06 -3.79
CA VAL Y 15 -45.07 -8.46 -3.47
C VAL Y 15 -45.16 -7.71 -2.15
N ALA Y 16 -44.02 -7.54 -1.50
CA ALA Y 16 -43.93 -6.80 -0.26
C ALA Y 16 -42.53 -6.20 -0.15
N SER Y 17 -42.42 -5.18 0.70
CA SER Y 17 -41.15 -4.52 0.92
C SER Y 17 -41.20 -3.79 2.26
N ASP Y 18 -40.03 -3.63 2.86
CA ASP Y 18 -39.94 -2.89 4.12
C ASP Y 18 -40.09 -1.40 3.87
N ARG Y 19 -40.57 -0.69 4.88
CA ARG Y 19 -40.87 0.73 4.78
C ARG Y 19 -39.91 1.59 5.59
N VAL Y 20 -38.66 1.17 5.70
CA VAL Y 20 -37.66 1.83 6.53
C VAL Y 20 -36.64 2.51 5.64
N ALA Y 21 -36.45 3.81 5.85
CA ALA Y 21 -35.35 4.56 5.24
C ALA Y 21 -34.41 4.95 6.36
N ALA Y 22 -33.17 4.47 6.29
CA ALA Y 22 -32.22 4.59 7.40
C ALA Y 22 -30.98 5.35 6.97
N SER Y 23 -30.51 6.21 7.87
CA SER Y 23 -29.21 6.85 7.75
C SER Y 23 -28.44 6.53 9.02
N ASN Y 24 -27.17 6.15 8.86
CA ASN Y 24 -26.33 5.62 9.95
C ASN Y 24 -27.13 4.67 10.84
N ILE Y 25 -27.23 4.98 12.12
CA ILE Y 25 -27.88 4.09 13.09
C ILE Y 25 -29.32 4.52 13.38
N VAL Y 26 -29.90 5.40 12.55
CA VAL Y 26 -31.20 5.99 12.82
C VAL Y 26 -32.13 5.71 11.65
N GLN Y 27 -33.36 5.29 11.96
CA GLN Y 27 -34.41 5.16 10.96
C GLN Y 27 -35.01 6.54 10.73
N MET Y 28 -34.63 7.17 9.61
CA MET Y 28 -35.14 8.50 9.31
C MET Y 28 -36.61 8.49 8.91
N LYS Y 29 -37.11 7.36 8.42
CA LYS Y 29 -38.48 7.27 7.94
C LYS Y 29 -39.04 5.90 8.28
N ASP Y 30 -40.29 5.89 8.76
CA ASP Y 30 -40.94 4.64 9.14
C ASP Y 30 -41.95 4.16 8.11
N ASP Y 31 -42.38 5.01 7.18
CA ASP Y 31 -43.30 4.64 6.11
C ASP Y 31 -42.71 5.10 4.78
N HIS Y 32 -41.82 4.28 4.23
CA HIS Y 32 -41.10 4.60 3.00
C HIS Y 32 -41.54 3.62 1.91
N ASP Y 33 -41.97 4.16 0.78
CA ASP Y 33 -42.46 3.34 -0.32
C ASP Y 33 -41.30 2.97 -1.24
N LYS Y 34 -41.12 1.69 -1.49
CA LYS Y 34 -40.07 1.20 -2.37
C LYS Y 34 -40.62 0.65 -3.68
N MET Y 35 -41.93 0.65 -3.87
CA MET Y 35 -42.54 0.19 -5.10
C MET Y 35 -42.83 1.36 -6.02
N PHE Y 36 -42.66 1.16 -7.31
CA PHE Y 36 -42.91 2.16 -8.33
C PHE Y 36 -43.90 1.61 -9.34
N LYS Y 37 -44.94 2.38 -9.65
CA LYS Y 37 -46.00 1.94 -10.54
C LYS Y 37 -45.58 2.24 -11.98
N MET Y 38 -45.09 1.22 -12.68
CA MET Y 38 -44.70 1.39 -14.07
C MET Y 38 -45.91 1.61 -14.96
N SER Y 39 -46.96 0.80 -14.77
CA SER Y 39 -48.17 0.91 -15.56
C SER Y 39 -49.32 0.40 -14.70
N GLU Y 40 -50.48 0.20 -15.35
CA GLU Y 40 -51.65 -0.30 -14.64
C GLU Y 40 -51.45 -1.71 -14.11
N LYS Y 41 -50.50 -2.47 -14.65
CA LYS Y 41 -50.34 -3.86 -14.26
C LYS Y 41 -48.88 -4.25 -14.01
N ILE Y 42 -47.98 -3.29 -13.83
CA ILE Y 42 -46.57 -3.57 -13.61
C ILE Y 42 -46.11 -2.78 -12.39
N LEU Y 43 -45.43 -3.46 -11.47
CA LEU Y 43 -44.83 -2.85 -10.30
C LEU Y 43 -43.33 -3.09 -10.31
N LEU Y 44 -42.56 -2.05 -10.02
CA LEU Y 44 -41.11 -2.14 -9.89
C LEU Y 44 -40.72 -1.86 -8.44
N LEU Y 45 -39.94 -2.78 -7.86
CA LEU Y 45 -39.45 -2.65 -6.50
C LEU Y 45 -37.93 -2.54 -6.57
N CYS Y 46 -37.39 -1.43 -6.07
CA CYS Y 46 -35.98 -1.13 -6.20
C CYS Y 46 -35.35 -0.88 -4.83
N VAL Y 47 -34.17 -1.46 -4.61
CA VAL Y 47 -33.38 -1.23 -3.42
C VAL Y 47 -31.92 -1.09 -3.84
N GLY Y 48 -31.14 -0.48 -2.98
CA GLY Y 48 -29.72 -0.36 -3.26
C GLY Y 48 -29.18 0.97 -2.75
N GLU Y 49 -28.19 1.48 -3.48
CA GLU Y 49 -27.51 2.71 -3.08
C GLU Y 49 -28.47 3.89 -3.07
N ALA Y 50 -28.29 4.77 -2.09
CA ALA Y 50 -29.11 5.97 -2.01
C ALA Y 50 -28.90 6.84 -3.24
N GLY Y 51 -29.99 7.44 -3.70
CA GLY Y 51 -29.92 8.26 -4.92
C GLY Y 51 -30.05 7.48 -6.20
N ASP Y 52 -29.25 6.42 -6.36
CA ASP Y 52 -29.30 5.61 -7.57
C ASP Y 52 -30.67 4.98 -7.74
N THR Y 53 -31.28 4.51 -6.64
CA THR Y 53 -32.54 3.80 -6.72
C THR Y 53 -33.63 4.66 -7.34
N VAL Y 54 -33.83 5.86 -6.79
CA VAL Y 54 -34.92 6.71 -7.26
C VAL Y 54 -34.65 7.20 -8.67
N GLN Y 55 -33.40 7.58 -8.96
CA GLN Y 55 -33.06 8.04 -10.31
C GLN Y 55 -33.36 6.97 -11.35
N PHE Y 56 -32.85 5.75 -11.14
CA PHE Y 56 -33.05 4.69 -12.11
C PHE Y 56 -34.53 4.29 -12.22
N ALA Y 57 -35.21 4.18 -11.07
CA ALA Y 57 -36.61 3.78 -11.09
C ALA Y 57 -37.47 4.80 -11.81
N GLU Y 58 -37.23 6.09 -11.57
CA GLU Y 58 -38.02 7.12 -12.24
C GLU Y 58 -37.68 7.22 -13.71
N TYR Y 59 -36.42 6.98 -14.09
CA TYR Y 59 -36.07 6.92 -15.49
C TYR Y 59 -36.85 5.82 -16.20
N ILE Y 60 -36.87 4.62 -15.61
CA ILE Y 60 -37.60 3.51 -16.21
C ILE Y 60 -39.10 3.81 -16.26
N GLN Y 61 -39.63 4.38 -15.17
CA GLN Y 61 -41.06 4.69 -15.11
C GLN Y 61 -41.47 5.69 -16.19
N LYS Y 62 -40.68 6.74 -16.35
CA LYS Y 62 -41.00 7.75 -17.37
C LYS Y 62 -40.87 7.16 -18.77
N ASN Y 63 -39.88 6.30 -18.99
CA ASN Y 63 -39.76 5.68 -20.31
C ASN Y 63 -40.96 4.77 -20.61
N VAL Y 64 -41.42 4.01 -19.62
CA VAL Y 64 -42.57 3.14 -19.83
C VAL Y 64 -43.84 3.95 -20.08
N GLN Y 65 -44.02 5.04 -19.32
CA GLN Y 65 -45.18 5.90 -19.54
C GLN Y 65 -45.11 6.57 -20.90
N LEU Y 66 -43.91 6.95 -21.34
CA LEU Y 66 -43.76 7.52 -22.68
C LEU Y 66 -44.10 6.49 -23.75
N TYR Y 67 -43.70 5.24 -23.55
CA TYR Y 67 -44.10 4.18 -24.49
C TYR Y 67 -45.61 4.06 -24.58
N LYS Y 68 -46.28 4.05 -23.42
CA LYS Y 68 -47.74 3.94 -23.42
C LYS Y 68 -48.38 5.14 -24.10
N MET Y 69 -47.86 6.33 -23.85
CA MET Y 69 -48.41 7.54 -24.48
C MET Y 69 -48.20 7.52 -25.99
N ARG Y 70 -47.02 7.09 -26.45
CA ARG Y 70 -46.74 7.07 -27.88
C ARG Y 70 -47.60 6.05 -28.61
N ASN Y 71 -47.67 4.83 -28.08
CA ASN Y 71 -48.20 3.72 -28.86
C ASN Y 71 -49.64 3.37 -28.55
N GLY Y 72 -50.19 3.85 -27.43
CA GLY Y 72 -51.57 3.59 -27.09
C GLY Y 72 -51.81 2.31 -26.33
N TYR Y 73 -50.79 1.46 -26.17
CA TYR Y 73 -50.88 0.25 -25.36
C TYR Y 73 -49.68 0.19 -24.44
N GLU Y 74 -49.87 -0.51 -23.32
CA GLU Y 74 -48.81 -0.62 -22.32
C GLU Y 74 -47.82 -1.72 -22.69
N LEU Y 75 -46.60 -1.55 -22.20
CA LEU Y 75 -45.58 -2.59 -22.35
C LEU Y 75 -45.96 -3.82 -21.53
N SER Y 76 -45.63 -4.99 -22.07
CA SER Y 76 -45.82 -6.22 -21.34
C SER Y 76 -44.78 -6.31 -20.22
N PRO Y 77 -45.07 -7.06 -19.16
CA PRO Y 77 -44.08 -7.21 -18.08
C PRO Y 77 -42.76 -7.78 -18.56
N THR Y 78 -42.78 -8.71 -19.52
CA THR Y 78 -41.54 -9.24 -20.07
C THR Y 78 -40.75 -8.17 -20.80
N ALA Y 79 -41.44 -7.39 -21.65
CA ALA Y 79 -40.77 -6.32 -22.38
C ALA Y 79 -40.24 -5.25 -21.44
N ALA Y 80 -41.01 -4.91 -20.40
CA ALA Y 80 -40.54 -3.93 -19.42
C ALA Y 80 -39.31 -4.43 -18.68
N ALA Y 81 -39.32 -5.71 -18.27
CA ALA Y 81 -38.16 -6.27 -17.59
C ALA Y 81 -36.94 -6.28 -18.49
N ASN Y 82 -37.12 -6.62 -19.75
CA ASN Y 82 -35.99 -6.63 -20.68
C ASN Y 82 -35.46 -5.22 -20.94
N PHE Y 83 -36.36 -4.24 -21.05
CA PHE Y 83 -35.94 -2.86 -21.20
C PHE Y 83 -35.14 -2.38 -20.00
N THR Y 84 -35.62 -2.71 -18.79
CA THR Y 84 -34.90 -2.35 -17.58
C THR Y 84 -33.53 -3.02 -17.52
N ARG Y 85 -33.47 -4.31 -17.89
CA ARG Y 85 -32.18 -5.01 -17.89
C ARG Y 85 -31.22 -4.39 -18.89
N ARG Y 86 -31.72 -4.04 -20.08
CA ARG Y 86 -30.86 -3.43 -21.09
C ARG Y 86 -30.31 -2.10 -20.61
N ASN Y 87 -31.16 -1.26 -19.99
CA ASN Y 87 -30.68 0.02 -19.49
C ASN Y 87 -29.68 -0.16 -18.36
N LEU Y 88 -29.95 -1.09 -17.44
CA LEU Y 88 -29.03 -1.31 -16.33
C LEU Y 88 -27.69 -1.83 -16.82
N ALA Y 89 -27.70 -2.76 -17.78
CA ALA Y 89 -26.45 -3.27 -18.34
C ALA Y 89 -25.69 -2.18 -19.09
N ASP Y 90 -26.39 -1.32 -19.82
CA ASP Y 90 -25.74 -0.22 -20.50
C ASP Y 90 -25.07 0.72 -19.51
N TYR Y 91 -25.76 1.03 -18.40
CA TYR Y 91 -25.19 1.92 -17.39
C TYR Y 91 -24.09 1.26 -16.57
N LEU Y 92 -24.06 -0.08 -16.51
CA LEU Y 92 -23.11 -0.77 -15.65
C LEU Y 92 -21.67 -0.48 -16.06
N ARG Y 93 -21.39 -0.52 -17.36
CA ARG Y 93 -20.06 -0.23 -17.88
C ARG Y 93 -19.89 1.23 -18.27
N SER Y 94 -20.88 2.06 -18.00
CA SER Y 94 -20.84 3.46 -18.37
C SER Y 94 -20.15 4.28 -17.27
N ARG Y 95 -20.25 5.60 -17.37
CA ARG Y 95 -19.58 6.48 -16.42
C ARG Y 95 -20.27 6.53 -15.07
N THR Y 96 -21.60 6.39 -15.05
CA THR Y 96 -22.40 6.50 -13.82
C THR Y 96 -23.26 5.26 -13.67
N PRO Y 97 -22.71 4.18 -13.13
CA PRO Y 97 -23.52 2.97 -12.92
C PRO Y 97 -24.48 3.15 -11.76
N TYR Y 98 -25.50 2.29 -11.75
CA TYR Y 98 -26.51 2.27 -10.71
C TYR Y 98 -26.40 0.99 -9.90
N HIS Y 99 -26.26 1.12 -8.58
CA HIS Y 99 -26.19 -0.03 -7.69
C HIS Y 99 -27.58 -0.27 -7.12
N VAL Y 100 -28.42 -0.93 -7.91
CA VAL Y 100 -29.82 -1.15 -7.57
C VAL Y 100 -30.17 -2.61 -7.79
N ASN Y 101 -30.94 -3.16 -6.86
CA ASN Y 101 -31.50 -4.51 -6.98
C ASN Y 101 -33.00 -4.38 -7.18
N LEU Y 102 -33.52 -5.03 -8.21
CA LEU Y 102 -34.89 -4.80 -8.66
C LEU Y 102 -35.70 -6.09 -8.59
N LEU Y 103 -36.97 -5.93 -8.22
CA LEU Y 103 -38.00 -6.94 -8.42
C LEU Y 103 -39.04 -6.36 -9.36
N LEU Y 104 -39.35 -7.09 -10.43
CA LEU Y 104 -40.35 -6.65 -11.39
C LEU Y 104 -41.52 -7.61 -11.35
N ALA Y 105 -42.66 -7.11 -10.89
CA ALA Y 105 -43.90 -7.88 -10.85
C ALA Y 105 -44.88 -7.30 -11.85
N GLY Y 106 -45.60 -8.18 -12.54
CA GLY Y 106 -46.54 -7.73 -13.54
C GLY Y 106 -47.51 -8.82 -13.94
N TYR Y 107 -48.62 -8.40 -14.51
CA TYR Y 107 -49.63 -9.31 -15.03
C TYR Y 107 -49.90 -8.96 -16.49
N ASP Y 108 -49.87 -9.98 -17.35
CA ASP Y 108 -50.18 -9.83 -18.76
C ASP Y 108 -51.45 -10.60 -19.08
N GLU Y 109 -52.30 -10.00 -19.91
CA GLU Y 109 -53.56 -10.66 -20.28
C GLU Y 109 -53.32 -11.99 -20.97
N HIS Y 110 -52.19 -12.12 -21.69
CA HIS Y 110 -51.87 -13.36 -22.40
C HIS Y 110 -50.88 -14.24 -21.63
N GLU Y 111 -49.78 -13.66 -21.15
CA GLU Y 111 -48.75 -14.43 -20.47
C GLU Y 111 -49.08 -14.70 -19.00
N GLY Y 112 -50.07 -14.01 -18.43
CA GLY Y 112 -50.41 -14.19 -17.04
C GLY Y 112 -49.45 -13.46 -16.11
N PRO Y 113 -49.43 -13.87 -14.84
CA PRO Y 113 -48.56 -13.22 -13.87
C PRO Y 113 -47.09 -13.47 -14.18
N ALA Y 114 -46.24 -12.51 -13.79
CA ALA Y 114 -44.81 -12.60 -14.02
C ALA Y 114 -44.06 -11.91 -12.90
N LEU Y 115 -42.99 -12.56 -12.43
CA LEU Y 115 -42.09 -12.01 -11.45
C LEU Y 115 -40.66 -12.14 -11.94
N TYR Y 116 -39.88 -11.06 -11.79
CA TYR Y 116 -38.53 -11.01 -12.33
C TYR Y 116 -37.54 -10.59 -11.26
N TYR Y 117 -36.35 -11.16 -11.34
CA TYR Y 117 -35.26 -10.89 -10.40
C TYR Y 117 -34.11 -10.25 -11.18
N MET Y 118 -33.58 -9.15 -10.66
CA MET Y 118 -32.45 -8.47 -11.29
C MET Y 118 -31.51 -7.97 -10.22
N ASP Y 119 -30.25 -8.41 -10.27
CA ASP Y 119 -29.21 -7.92 -9.38
C ASP Y 119 -28.59 -6.65 -9.95
N TYR Y 120 -27.72 -6.03 -9.15
CA TYR Y 120 -27.09 -4.78 -9.57
C TYR Y 120 -26.19 -4.97 -10.78
N LEU Y 121 -25.81 -6.20 -11.09
CA LEU Y 121 -25.03 -6.47 -12.28
C LEU Y 121 -25.89 -6.59 -13.54
N ALA Y 122 -27.21 -6.47 -13.41
CA ALA Y 122 -28.15 -6.48 -14.53
C ALA Y 122 -28.28 -7.86 -15.17
N ALA Y 123 -28.37 -8.89 -14.34
CA ALA Y 123 -28.74 -10.23 -14.79
C ALA Y 123 -30.20 -10.48 -14.44
N LEU Y 124 -30.98 -10.87 -15.44
CA LEU Y 124 -32.43 -11.00 -15.31
C LEU Y 124 -32.82 -12.48 -15.26
N ALA Y 125 -33.60 -12.84 -14.25
CA ALA Y 125 -34.08 -14.21 -14.09
C ALA Y 125 -35.57 -14.19 -13.76
N LYS Y 126 -36.30 -15.12 -14.37
CA LYS Y 126 -37.71 -15.31 -14.06
C LYS Y 126 -37.84 -16.37 -12.96
N ALA Y 127 -38.56 -16.03 -11.89
CA ALA Y 127 -38.67 -16.92 -10.75
C ALA Y 127 -40.11 -16.98 -10.24
N PRO Y 128 -40.55 -18.15 -9.76
CA PRO Y 128 -41.84 -18.21 -9.08
C PRO Y 128 -41.88 -17.38 -7.81
N PHE Y 129 -40.76 -17.26 -7.11
CA PHE Y 129 -40.64 -16.37 -5.96
C PHE Y 129 -39.19 -15.92 -5.85
N ALA Y 130 -39.00 -14.72 -5.31
CA ALA Y 130 -37.66 -14.16 -5.18
C ALA Y 130 -37.66 -13.15 -4.05
N ALA Y 131 -36.46 -12.86 -3.55
CA ALA Y 131 -36.29 -11.90 -2.47
C ALA Y 131 -34.96 -11.19 -2.62
N HIS Y 132 -34.88 -9.98 -2.08
CA HIS Y 132 -33.66 -9.18 -2.09
C HIS Y 132 -33.34 -8.71 -0.69
N GLY Y 133 -32.05 -8.54 -0.42
CA GLY Y 133 -31.58 -8.05 0.86
C GLY Y 133 -30.98 -9.16 1.71
N TYR Y 134 -30.55 -8.77 2.90
CA TYR Y 134 -30.01 -9.73 3.84
C TYR Y 134 -31.08 -10.65 4.38
N GLY Y 135 -32.34 -10.21 4.39
CA GLY Y 135 -33.43 -11.04 4.84
C GLY Y 135 -33.79 -12.17 3.88
N ALA Y 136 -33.29 -12.10 2.65
CA ALA Y 136 -33.53 -13.19 1.70
C ALA Y 136 -32.89 -14.47 2.18
N PHE Y 137 -31.70 -14.38 2.77
CA PHE Y 137 -31.02 -15.56 3.32
C PHE Y 137 -31.87 -16.26 4.37
N LEU Y 138 -32.74 -15.52 5.06
CA LEU Y 138 -33.53 -16.07 6.15
C LEU Y 138 -34.90 -16.58 5.72
N THR Y 139 -35.43 -16.12 4.58
CA THR Y 139 -36.79 -16.44 4.18
C THR Y 139 -36.89 -17.21 2.87
N LEU Y 140 -35.82 -17.27 2.07
CA LEU Y 140 -35.88 -18.06 0.85
C LEU Y 140 -36.06 -19.54 1.15
N SER Y 141 -35.48 -20.01 2.26
CA SER Y 141 -35.67 -21.41 2.65
C SER Y 141 -37.13 -21.68 3.03
N ILE Y 142 -37.76 -20.75 3.74
CA ILE Y 142 -39.18 -20.90 4.08
C ILE Y 142 -40.03 -20.93 2.82
N LEU Y 143 -39.73 -20.03 1.88
CA LEU Y 143 -40.44 -20.03 0.61
C LEU Y 143 -40.27 -21.35 -0.12
N ASP Y 144 -39.04 -21.87 -0.18
CA ASP Y 144 -38.80 -23.17 -0.82
C ASP Y 144 -39.57 -24.28 -0.11
N ARG Y 145 -39.63 -24.23 1.21
CA ARG Y 145 -40.27 -25.29 1.99
C ARG Y 145 -41.78 -25.29 1.79
N TYR Y 146 -42.40 -24.11 1.70
CA TYR Y 146 -43.85 -24.03 1.76
C TYR Y 146 -44.53 -23.59 0.46
N TYR Y 147 -43.78 -23.15 -0.53
CA TYR Y 147 -44.40 -22.68 -1.77
C TYR Y 147 -44.87 -23.84 -2.64
N THR Y 148 -46.05 -23.67 -3.22
CA THR Y 148 -46.58 -24.56 -4.24
C THR Y 148 -47.02 -23.73 -5.43
N PRO Y 149 -46.86 -24.24 -6.65
CA PRO Y 149 -47.23 -23.45 -7.83
C PRO Y 149 -48.69 -23.06 -7.88
N THR Y 150 -49.58 -23.82 -7.24
CA THR Y 150 -51.02 -23.55 -7.24
C THR Y 150 -51.47 -22.85 -5.96
N ILE Y 151 -50.60 -22.08 -5.32
CA ILE Y 151 -50.94 -21.46 -4.05
C ILE Y 151 -51.94 -20.33 -4.27
N SER Y 152 -53.00 -20.32 -3.46
CA SER Y 152 -53.97 -19.25 -3.52
C SER Y 152 -53.42 -17.99 -2.88
N ARG Y 153 -54.07 -16.85 -3.15
CA ARG Y 153 -53.55 -15.58 -2.67
C ARG Y 153 -53.66 -15.47 -1.15
N GLU Y 154 -54.66 -16.11 -0.54
CA GLU Y 154 -54.75 -16.14 0.92
C GLU Y 154 -53.59 -16.93 1.52
N LYS Y 155 -53.31 -18.11 0.97
CA LYS Y 155 -52.15 -18.87 1.42
C LYS Y 155 -50.85 -18.16 1.08
N ALA Y 156 -50.81 -17.40 -0.01
CA ALA Y 156 -49.63 -16.60 -0.32
C ALA Y 156 -49.41 -15.53 0.74
N VAL Y 157 -50.48 -14.87 1.18
CA VAL Y 157 -50.35 -13.88 2.24
C VAL Y 157 -49.90 -14.54 3.54
N GLU Y 158 -50.41 -15.75 3.82
CA GLU Y 158 -49.97 -16.48 5.00
C GLU Y 158 -48.48 -16.82 4.94
N LEU Y 159 -48.02 -17.27 3.77
CA LEU Y 159 -46.60 -17.58 3.61
C LEU Y 159 -45.74 -16.33 3.75
N LEU Y 160 -46.20 -15.21 3.19
CA LEU Y 160 -45.48 -13.96 3.35
C LEU Y 160 -45.43 -13.53 4.82
N ARG Y 161 -46.53 -13.72 5.54
CA ARG Y 161 -46.54 -13.40 6.96
C ARG Y 161 -45.58 -14.30 7.74
N LYS Y 162 -45.48 -15.57 7.36
CA LYS Y 162 -44.51 -16.45 7.99
C LYS Y 162 -43.08 -15.98 7.75
N CYS Y 163 -42.79 -15.55 6.52
CA CYS Y 163 -41.45 -15.03 6.21
C CYS Y 163 -41.16 -13.77 7.02
N LEU Y 164 -42.12 -12.85 7.12
CA LEU Y 164 -41.89 -11.63 7.87
C LEU Y 164 -41.79 -11.90 9.37
N GLU Y 165 -42.52 -12.89 9.88
CA GLU Y 165 -42.37 -13.27 11.28
C GLU Y 165 -40.99 -13.87 11.54
N GLU Y 166 -40.47 -14.65 10.59
CA GLU Y 166 -39.10 -15.12 10.71
C GLU Y 166 -38.11 -13.97 10.72
N LEU Y 167 -38.35 -12.97 9.87
CA LEU Y 167 -37.51 -11.77 9.90
C LEU Y 167 -37.56 -11.09 11.25
N GLN Y 168 -38.75 -11.02 11.85
CA GLN Y 168 -38.87 -10.45 13.19
C GLN Y 168 -38.08 -11.26 14.21
N LYS Y 169 -38.14 -12.59 14.10
CA LYS Y 169 -37.54 -13.46 15.11
C LYS Y 169 -36.02 -13.51 15.01
N ARG Y 170 -35.46 -13.55 13.81
CA ARG Y 170 -34.04 -13.86 13.64
C ARG Y 170 -33.21 -12.72 13.08
N PHE Y 171 -33.78 -11.82 12.29
CA PHE Y 171 -32.99 -10.76 11.69
C PHE Y 171 -32.55 -9.76 12.74
N ILE Y 172 -31.28 -9.33 12.66
CA ILE Y 172 -30.74 -8.38 13.63
C ILE Y 172 -31.20 -6.95 13.36
N LEU Y 173 -31.80 -6.70 12.20
CA LEU Y 173 -32.25 -5.36 11.86
C LEU Y 173 -33.70 -5.16 12.27
N ASN Y 174 -34.06 -3.90 12.51
CA ASN Y 174 -35.41 -3.54 12.94
C ASN Y 174 -36.27 -3.26 11.71
N LEU Y 175 -37.11 -4.24 11.35
CA LEU Y 175 -37.99 -4.15 10.18
C LEU Y 175 -39.41 -4.40 10.67
N PRO Y 176 -40.07 -3.38 11.21
CA PRO Y 176 -41.35 -3.61 11.89
C PRO Y 176 -42.56 -3.64 10.97
N THR Y 177 -42.50 -2.95 9.84
CA THR Y 177 -43.65 -2.79 8.96
C THR Y 177 -43.28 -3.07 7.52
N PHE Y 178 -44.25 -3.60 6.77
CA PHE Y 178 -44.07 -3.94 5.37
C PHE Y 178 -45.30 -3.50 4.59
N SER Y 179 -45.08 -2.97 3.40
CA SER Y 179 -46.15 -2.59 2.49
C SER Y 179 -46.39 -3.75 1.52
N VAL Y 180 -47.66 -4.14 1.39
CA VAL Y 180 -48.04 -5.33 0.63
C VAL Y 180 -48.93 -4.91 -0.52
N ARG Y 181 -48.62 -5.38 -1.73
CA ARG Y 181 -49.40 -5.11 -2.91
C ARG Y 181 -49.53 -6.39 -3.73
N ILE Y 182 -50.61 -6.48 -4.49
CA ILE Y 182 -50.89 -7.65 -5.33
C ILE Y 182 -51.31 -7.18 -6.71
N ILE Y 183 -50.85 -7.88 -7.74
CA ILE Y 183 -51.21 -7.59 -9.13
C ILE Y 183 -51.95 -8.78 -9.70
N ASP Y 184 -53.11 -8.53 -10.30
CA ASP Y 184 -53.88 -9.55 -10.97
C ASP Y 184 -54.47 -8.94 -12.23
N ARG Y 185 -55.45 -9.61 -12.82
CA ARG Y 185 -56.05 -9.12 -14.06
C ARG Y 185 -56.81 -7.81 -13.86
N ASN Y 186 -57.15 -7.47 -12.62
CA ASN Y 186 -57.88 -6.23 -12.32
C ASN Y 186 -56.96 -5.07 -11.95
N GLY Y 187 -55.65 -5.26 -12.01
CA GLY Y 187 -54.71 -4.21 -11.73
C GLY Y 187 -53.96 -4.42 -10.43
N ILE Y 188 -53.48 -3.32 -9.87
CA ILE Y 188 -52.68 -3.34 -8.65
C ILE Y 188 -53.57 -2.98 -7.47
N HIS Y 189 -53.57 -3.84 -6.45
CA HIS Y 189 -54.35 -3.63 -5.25
C HIS Y 189 -53.42 -3.49 -4.06
N ASP Y 190 -53.64 -2.46 -3.24
CA ASP Y 190 -52.86 -2.28 -2.02
C ASP Y 190 -53.51 -3.08 -0.91
N LEU Y 191 -52.81 -4.11 -0.43
CA LEU Y 191 -53.28 -4.86 0.71
C LEU Y 191 -52.93 -4.14 2.01
N ASP Y 192 -53.42 -4.68 3.12
CA ASP Y 192 -53.14 -4.09 4.42
C ASP Y 192 -51.68 -4.28 4.78
N ASN Y 193 -51.09 -3.26 5.40
CA ASN Y 193 -49.71 -3.36 5.85
C ASN Y 193 -49.57 -4.43 6.92
N ILE Y 194 -48.51 -5.24 6.80
CA ILE Y 194 -48.20 -6.25 7.79
C ILE Y 194 -47.26 -5.62 8.81
N SER Y 195 -47.77 -5.39 10.02
CA SER Y 195 -47.04 -4.67 11.06
C SER Y 195 -46.81 -5.57 12.26
N PHE Y 196 -45.67 -5.35 12.92
CA PHE Y 196 -45.33 -6.07 14.15
C PHE Y 196 -45.03 -5.05 15.23
N PRO Y 197 -45.93 -4.83 16.19
CA PRO Y 197 -45.75 -3.85 17.26
C PRO Y 197 -44.62 -4.25 18.22
N THR Z 60 -22.70 20.19 14.18
CA THR Z 60 -23.90 20.82 13.65
C THR Z 60 -25.13 20.02 14.05
N THR Z 61 -26.15 20.72 14.55
CA THR Z 61 -27.45 20.10 14.81
C THR Z 61 -28.53 20.96 14.17
N THR Z 62 -29.30 20.35 13.28
CA THR Z 62 -30.46 20.99 12.67
C THR Z 62 -31.64 20.05 12.81
N LEU Z 63 -32.82 20.61 13.09
CA LEU Z 63 -34.03 19.82 13.18
C LEU Z 63 -35.19 20.58 12.54
N ALA Z 64 -36.15 19.82 12.04
CA ALA Z 64 -37.39 20.38 11.52
C ALA Z 64 -38.49 19.35 11.73
N PHE Z 65 -39.67 19.82 12.12
CA PHE Z 65 -40.81 18.93 12.28
C PHE Z 65 -42.08 19.64 11.84
N LYS Z 66 -42.99 18.87 11.24
CA LYS Z 66 -44.29 19.37 10.86
C LYS Z 66 -45.28 19.16 12.00
N PHE Z 67 -46.09 20.18 12.27
CA PHE Z 67 -47.16 20.08 13.24
C PHE Z 67 -48.37 20.82 12.68
N ARG Z 68 -49.36 21.06 13.53
CA ARG Z 68 -50.63 21.61 13.07
C ARG Z 68 -50.45 23.00 12.46
N HIS Z 69 -49.62 23.84 13.07
CA HIS Z 69 -49.53 25.24 12.69
C HIS Z 69 -48.34 25.53 11.77
N GLY Z 70 -47.76 24.50 11.16
CA GLY Z 70 -46.69 24.72 10.20
C GLY Z 70 -45.47 23.86 10.38
N VAL Z 71 -44.31 24.40 10.03
CA VAL Z 71 -43.03 23.70 10.17
C VAL Z 71 -42.14 24.52 11.09
N ILE Z 72 -41.54 23.87 12.07
CA ILE Z 72 -40.60 24.50 12.98
C ILE Z 72 -39.20 24.06 12.59
N VAL Z 73 -38.32 25.02 12.32
CA VAL Z 73 -36.95 24.76 11.91
C VAL Z 73 -36.01 25.38 12.93
N ALA Z 74 -35.08 24.58 13.44
CA ALA Z 74 -34.13 25.05 14.44
C ALA Z 74 -32.73 24.54 14.08
N ALA Z 75 -31.72 25.27 14.52
CA ALA Z 75 -30.34 24.92 14.22
C ALA Z 75 -29.42 25.54 15.26
N ASP Z 76 -28.18 25.05 15.29
CA ASP Z 76 -27.13 25.65 16.08
C ASP Z 76 -26.35 26.62 15.18
N SER Z 77 -25.23 27.15 15.69
CA SER Z 77 -24.49 28.15 14.92
C SER Z 77 -22.98 27.96 15.02
N ARG Z 78 -22.53 26.73 15.28
CA ARG Z 78 -21.11 26.47 15.48
C ARG Z 78 -20.51 25.86 14.22
N ALA Z 79 -19.43 26.46 13.74
CA ALA Z 79 -18.62 25.92 12.66
C ALA Z 79 -17.25 25.54 13.20
N THR Z 80 -16.74 24.38 12.79
CA THR Z 80 -15.52 23.83 13.34
C THR Z 80 -14.54 23.51 12.22
N ALA Z 81 -13.26 23.59 12.56
CA ALA Z 81 -12.16 23.18 11.69
C ALA Z 81 -11.30 22.24 12.52
N GLY Z 82 -11.57 20.94 12.43
CA GLY Z 82 -10.94 20.01 13.34
C GLY Z 82 -11.46 20.22 14.74
N ALA Z 83 -10.55 20.38 15.69
CA ALA Z 83 -10.91 20.70 17.07
C ALA Z 83 -11.04 22.19 17.33
N TYR Z 84 -10.74 23.03 16.34
CA TYR Z 84 -10.79 24.47 16.49
C TYR Z 84 -12.18 24.97 16.09
N ILE Z 85 -12.76 25.81 16.95
CA ILE Z 85 -14.06 26.41 16.67
C ILE Z 85 -13.82 27.67 15.84
N ALA Z 86 -14.15 27.60 14.55
CA ALA Z 86 -13.91 28.73 13.66
C ALA Z 86 -14.91 29.86 13.90
N SER Z 87 -16.19 29.52 14.07
CA SER Z 87 -17.22 30.53 14.23
C SER Z 87 -18.31 30.00 15.15
N GLN Z 88 -18.89 30.91 15.94
CA GLN Z 88 -20.03 30.60 16.79
C GLN Z 88 -21.28 31.36 16.37
N THR Z 89 -21.30 31.92 15.16
CA THR Z 89 -22.43 32.74 14.71
C THR Z 89 -22.82 32.41 13.28
N VAL Z 90 -22.67 31.16 12.86
CA VAL Z 90 -23.01 30.75 11.50
C VAL Z 90 -24.52 30.65 11.38
N LYS Z 91 -25.06 31.21 10.30
CA LYS Z 91 -26.50 31.14 10.02
C LYS Z 91 -26.77 29.86 9.24
N LYS Z 92 -27.15 28.81 9.95
CA LYS Z 92 -27.35 27.50 9.34
C LYS Z 92 -28.73 27.30 8.76
N VAL Z 93 -29.66 28.22 9.00
CA VAL Z 93 -30.96 28.23 8.34
C VAL Z 93 -30.88 29.21 7.19
N ILE Z 94 -31.04 28.71 5.98
CA ILE Z 94 -30.87 29.52 4.77
C ILE Z 94 -32.25 29.91 4.27
N GLU Z 95 -32.45 31.22 4.08
CA GLU Z 95 -33.70 31.74 3.57
C GLU Z 95 -33.62 31.74 2.06
N ILE Z 96 -34.10 30.64 1.45
CA ILE Z 96 -34.08 30.52 0.00
C ILE Z 96 -34.94 31.62 -0.64
N ASN Z 97 -36.12 31.85 -0.08
CA ASN Z 97 -37.02 32.91 -0.49
C ASN Z 97 -38.06 33.08 0.60
N PRO Z 98 -38.91 34.11 0.57
CA PRO Z 98 -39.90 34.29 1.65
C PRO Z 98 -40.80 33.09 1.91
N TYR Z 99 -40.75 32.04 1.08
CA TYR Z 99 -41.60 30.88 1.28
C TYR Z 99 -40.85 29.57 1.48
N LEU Z 100 -39.55 29.52 1.20
CA LEU Z 100 -38.77 28.29 1.34
C LEU Z 100 -37.62 28.52 2.31
N LEU Z 101 -37.29 27.46 3.07
CA LEU Z 101 -36.18 27.49 4.00
C LEU Z 101 -35.27 26.29 3.74
N GLY Z 102 -33.98 26.49 4.01
CA GLY Z 102 -33.01 25.42 3.90
C GLY Z 102 -32.10 25.39 5.11
N THR Z 103 -31.52 24.22 5.37
CA THR Z 103 -30.64 24.02 6.50
C THR Z 103 -29.25 23.63 6.01
N MET Z 104 -28.25 23.93 6.84
CA MET Z 104 -26.85 23.67 6.53
C MET Z 104 -26.33 22.57 7.45
N ALA Z 105 -25.78 21.52 6.84
CA ALA Z 105 -25.10 20.48 7.59
C ALA Z 105 -24.09 19.83 6.65
N GLY Z 106 -22.85 19.68 7.12
CA GLY Z 106 -21.78 19.23 6.27
C GLY Z 106 -20.90 20.39 5.85
N GLY Z 107 -20.51 20.42 4.57
CA GLY Z 107 -19.72 21.53 4.07
C GLY Z 107 -20.55 22.79 4.01
N ALA Z 108 -20.11 23.84 4.72
CA ALA Z 108 -20.85 25.10 4.72
C ALA Z 108 -20.88 25.72 3.33
N ALA Z 109 -19.74 25.74 2.65
CA ALA Z 109 -19.69 26.32 1.31
C ALA Z 109 -20.56 25.54 0.33
N ASP Z 110 -20.52 24.21 0.42
CA ASP Z 110 -21.35 23.39 -0.46
C ASP Z 110 -22.82 23.70 -0.28
N CYS Z 111 -23.30 23.67 0.96
CA CYS Z 111 -24.72 23.92 1.22
C CYS Z 111 -25.11 25.32 0.79
N SER Z 112 -24.29 26.32 1.14
CA SER Z 112 -24.61 27.69 0.79
C SER Z 112 -24.69 27.87 -0.72
N PHE Z 113 -23.68 27.38 -1.45
CA PHE Z 113 -23.64 27.56 -2.90
C PHE Z 113 -24.81 26.85 -3.57
N TRP Z 114 -25.08 25.61 -3.17
CA TRP Z 114 -26.12 24.86 -3.88
C TRP Z 114 -27.52 25.33 -3.51
N GLU Z 115 -27.76 25.78 -2.28
CA GLU Z 115 -29.05 26.36 -1.97
C GLU Z 115 -29.22 27.75 -2.57
N ARG Z 116 -28.13 28.49 -2.79
CA ARG Z 116 -28.23 29.73 -3.55
C ARG Z 116 -28.59 29.46 -5.01
N LEU Z 117 -27.99 28.41 -5.59
CA LEU Z 117 -28.38 27.99 -6.94
C LEU Z 117 -29.84 27.56 -6.97
N LEU Z 118 -30.30 26.87 -5.92
CA LEU Z 118 -31.70 26.50 -5.83
C LEU Z 118 -32.60 27.73 -5.76
N ALA Z 119 -32.18 28.76 -5.01
CA ALA Z 119 -32.94 29.99 -4.94
C ALA Z 119 -33.04 30.66 -6.31
N ARG Z 120 -31.91 30.69 -7.04
CA ARG Z 120 -31.93 31.25 -8.39
C ARG Z 120 -32.89 30.49 -9.29
N GLN Z 121 -32.84 29.16 -9.23
CA GLN Z 121 -33.72 28.33 -10.04
C GLN Z 121 -35.18 28.55 -9.68
N CYS Z 122 -35.47 28.67 -8.39
CA CYS Z 122 -36.84 28.90 -7.95
C CYS Z 122 -37.36 30.25 -8.42
N ARG Z 123 -36.53 31.29 -8.36
CA ARG Z 123 -36.94 32.59 -8.86
C ARG Z 123 -37.19 32.56 -10.36
N ILE Z 124 -36.32 31.86 -11.11
CA ILE Z 124 -36.53 31.73 -12.55
C ILE Z 124 -37.83 30.99 -12.83
N TYR Z 125 -38.11 29.93 -12.06
CA TYR Z 125 -39.35 29.19 -12.21
C TYR Z 125 -40.56 30.08 -11.96
N GLU Z 126 -40.50 30.89 -10.90
CA GLU Z 126 -41.61 31.78 -10.58
C GLU Z 126 -41.84 32.80 -11.69
N LEU Z 127 -40.74 33.34 -12.24
CA LEU Z 127 -40.88 34.30 -13.34
C LEU Z 127 -41.45 33.64 -14.59
N ARG Z 128 -41.02 32.41 -14.89
CA ARG Z 128 -41.46 31.74 -16.11
C ARG Z 128 -42.91 31.28 -16.02
N ASN Z 129 -43.32 30.76 -14.87
CA ASN Z 129 -44.61 30.11 -14.73
C ASN Z 129 -45.66 30.95 -14.01
N LYS Z 130 -45.30 32.15 -13.56
CA LYS Z 130 -46.22 33.04 -12.86
C LYS Z 130 -46.81 32.39 -11.61
N GLU Z 131 -46.08 31.43 -11.03
CA GLU Z 131 -46.52 30.75 -9.82
C GLU Z 131 -45.29 30.29 -9.05
N ARG Z 132 -45.40 30.30 -7.73
CA ARG Z 132 -44.29 29.86 -6.89
C ARG Z 132 -44.09 28.36 -7.02
N ILE Z 133 -42.82 27.94 -6.89
CA ILE Z 133 -42.51 26.53 -6.96
C ILE Z 133 -42.97 25.83 -5.70
N SER Z 134 -43.24 24.53 -5.80
CA SER Z 134 -43.64 23.75 -4.66
C SER Z 134 -42.43 23.23 -3.91
N VAL Z 135 -42.66 22.81 -2.66
CA VAL Z 135 -41.57 22.27 -1.83
C VAL Z 135 -41.01 21.00 -2.45
N ALA Z 136 -41.89 20.11 -2.93
CA ALA Z 136 -41.43 18.88 -3.54
C ALA Z 136 -40.62 19.16 -4.80
N ALA Z 137 -41.08 20.10 -5.63
CA ALA Z 137 -40.34 20.42 -6.85
C ALA Z 137 -38.98 21.02 -6.54
N ALA Z 138 -38.90 21.91 -5.54
CA ALA Z 138 -37.62 22.50 -5.17
C ALA Z 138 -36.67 21.44 -4.62
N SER Z 139 -37.17 20.54 -3.77
CA SER Z 139 -36.32 19.49 -3.23
C SER Z 139 -35.84 18.55 -4.33
N LYS Z 140 -36.72 18.22 -5.27
CA LYS Z 140 -36.32 17.38 -6.40
C LYS Z 140 -35.27 18.08 -7.25
N LEU Z 141 -35.43 19.38 -7.48
CA LEU Z 141 -34.45 20.14 -8.23
C LEU Z 141 -33.08 20.11 -7.55
N LEU Z 142 -33.07 20.33 -6.23
CA LEU Z 142 -31.81 20.30 -5.51
C LEU Z 142 -31.17 18.92 -5.52
N ALA Z 143 -31.99 17.88 -5.36
CA ALA Z 143 -31.46 16.51 -5.40
C ALA Z 143 -30.87 16.18 -6.76
N ASN Z 144 -31.54 16.58 -7.83
CA ASN Z 144 -31.00 16.36 -9.17
C ASN Z 144 -29.72 17.16 -9.38
N MET Z 145 -29.67 18.38 -8.83
CA MET Z 145 -28.46 19.19 -8.92
C MET Z 145 -27.28 18.51 -8.24
N VAL Z 146 -27.50 17.96 -7.06
CA VAL Z 146 -26.39 17.39 -6.29
C VAL Z 146 -26.05 15.96 -6.71
N TYR Z 147 -26.96 15.26 -7.39
CA TYR Z 147 -26.65 13.90 -7.82
C TYR Z 147 -25.61 13.86 -8.92
N GLN Z 148 -25.41 14.97 -9.64
CA GLN Z 148 -24.41 15.00 -10.71
C GLN Z 148 -22.99 14.91 -10.19
N TYR Z 149 -22.77 15.21 -8.91
CA TYR Z 149 -21.44 15.21 -8.31
C TYR Z 149 -21.31 14.15 -7.22
N LYS Z 150 -22.04 13.04 -7.36
CA LYS Z 150 -21.97 11.97 -6.39
C LYS Z 150 -20.59 11.32 -6.42
N GLY Z 151 -19.99 11.16 -5.24
CA GLY Z 151 -18.67 10.58 -5.13
C GLY Z 151 -17.53 11.52 -5.42
N MET Z 152 -17.80 12.81 -5.66
CA MET Z 152 -16.78 13.80 -5.94
C MET Z 152 -16.36 14.58 -4.71
N GLY Z 153 -16.86 14.22 -3.53
CA GLY Z 153 -16.46 14.86 -2.29
C GLY Z 153 -17.43 15.88 -1.75
N LEU Z 154 -18.59 16.06 -2.37
CA LEU Z 154 -19.57 16.99 -1.84
C LEU Z 154 -20.10 16.50 -0.50
N SER Z 155 -20.33 17.43 0.41
CA SER Z 155 -20.85 17.13 1.75
C SER Z 155 -22.04 18.06 2.00
N MET Z 156 -23.25 17.51 1.91
CA MET Z 156 -24.46 18.29 2.10
C MET Z 156 -25.52 17.45 2.79
N GLY Z 157 -26.05 17.96 3.88
CA GLY Z 157 -27.27 17.45 4.47
C GLY Z 157 -28.20 18.61 4.74
N THR Z 158 -29.36 18.64 4.08
CA THR Z 158 -30.23 19.80 4.15
C THR Z 158 -31.68 19.37 4.26
N MET Z 159 -32.48 20.26 4.81
CA MET Z 159 -33.93 20.09 4.88
C MET Z 159 -34.58 21.24 4.13
N ILE Z 160 -35.47 20.90 3.20
CA ILE Z 160 -36.23 21.89 2.45
C ILE Z 160 -37.61 21.99 3.08
N CYS Z 161 -37.92 23.16 3.63
CA CYS Z 161 -39.16 23.37 4.36
C CYS Z 161 -39.93 24.53 3.73
N GLY Z 162 -41.24 24.37 3.63
CA GLY Z 162 -42.06 25.41 3.06
C GLY Z 162 -43.53 25.07 3.19
N TRP Z 163 -44.35 25.90 2.56
CA TRP Z 163 -45.80 25.71 2.56
C TRP Z 163 -46.31 25.96 1.15
N ASP Z 164 -46.90 24.94 0.55
CA ASP Z 164 -47.42 25.06 -0.81
C ASP Z 164 -48.89 24.64 -0.85
N LYS Z 165 -49.42 24.46 -2.06
CA LYS Z 165 -50.83 24.09 -2.21
C LYS Z 165 -51.16 22.76 -1.53
N ARG Z 166 -50.16 21.92 -1.29
CA ARG Z 166 -50.37 20.64 -0.63
C ARG Z 166 -50.27 20.72 0.89
N GLY Z 167 -50.03 21.91 1.45
CA GLY Z 167 -49.87 22.07 2.87
C GLY Z 167 -48.41 22.22 3.25
N PRO Z 168 -48.11 22.10 4.54
CA PRO Z 168 -46.71 22.19 4.97
C PRO Z 168 -45.88 21.06 4.38
N GLY Z 169 -44.68 21.39 3.95
CA GLY Z 169 -43.80 20.42 3.30
C GLY Z 169 -42.44 20.38 3.95
N LEU Z 170 -41.93 19.17 4.14
CA LEU Z 170 -40.64 18.95 4.77
C LEU Z 170 -39.93 17.81 4.06
N TYR Z 171 -38.80 18.11 3.44
CA TYR Z 171 -38.03 17.13 2.69
C TYR Z 171 -36.59 17.13 3.16
N TYR Z 172 -36.02 15.94 3.30
CA TYR Z 172 -34.60 15.78 3.60
C TYR Z 172 -33.85 15.44 2.32
N VAL Z 173 -32.83 16.24 2.01
CA VAL Z 173 -31.99 16.03 0.84
C VAL Z 173 -30.54 16.02 1.29
N ASP Z 174 -29.79 15.00 0.85
CA ASP Z 174 -28.37 14.92 1.14
C ASP Z 174 -27.59 14.76 -0.16
N SER Z 175 -26.27 14.95 -0.06
CA SER Z 175 -25.41 14.83 -1.23
C SER Z 175 -25.26 13.38 -1.68
N GLU Z 176 -25.57 12.42 -0.80
CA GLU Z 176 -25.53 11.02 -1.20
C GLU Z 176 -26.59 10.72 -2.26
N GLY Z 177 -27.77 11.30 -2.12
CA GLY Z 177 -28.82 11.13 -3.10
C GLY Z 177 -30.19 10.89 -2.50
N ASN Z 178 -30.26 10.85 -1.17
CA ASN Z 178 -31.54 10.64 -0.50
C ASN Z 178 -32.44 11.85 -0.67
N ARG Z 179 -33.74 11.59 -0.85
CA ARG Z 179 -34.74 12.64 -0.87
C ARG Z 179 -36.04 12.03 -0.35
N ILE Z 180 -36.33 12.27 0.92
CA ILE Z 180 -37.47 11.64 1.60
C ILE Z 180 -38.31 12.73 2.24
N SER Z 181 -39.63 12.65 2.05
CA SER Z 181 -40.55 13.49 2.78
C SER Z 181 -40.90 12.85 4.12
N GLY Z 182 -40.95 13.67 5.16
CA GLY Z 182 -41.25 13.14 6.47
C GLY Z 182 -41.83 14.21 7.37
N ALA Z 183 -42.27 13.77 8.54
CA ALA Z 183 -42.86 14.67 9.52
C ALA Z 183 -41.82 15.34 10.40
N THR Z 184 -40.79 14.60 10.81
CA THR Z 184 -39.71 15.12 11.64
C THR Z 184 -38.37 14.66 11.06
N PHE Z 185 -37.39 15.54 11.11
CA PHE Z 185 -36.03 15.21 10.67
C PHE Z 185 -35.03 15.86 11.61
N SER Z 186 -33.81 15.31 11.60
CA SER Z 186 -32.70 15.89 12.35
C SER Z 186 -31.42 15.50 11.63
N VAL Z 187 -30.63 16.51 11.24
CA VAL Z 187 -29.42 16.29 10.47
C VAL Z 187 -28.23 16.90 11.22
N GLY Z 188 -27.08 16.29 11.05
CA GLY Z 188 -25.84 16.76 11.64
C GLY Z 188 -25.23 15.75 12.60
N SER Z 189 -24.11 16.16 13.19
CA SER Z 189 -23.40 15.28 14.11
C SER Z 189 -24.15 15.12 15.43
N GLY Z 190 -24.93 16.11 15.82
CA GLY Z 190 -25.67 16.03 17.07
C GLY Z 190 -27.12 15.65 16.87
N SER Z 191 -27.43 15.11 15.69
CA SER Z 191 -28.81 14.79 15.35
C SER Z 191 -29.39 13.66 16.18
N VAL Z 192 -28.54 12.77 16.73
CA VAL Z 192 -29.06 11.67 17.53
C VAL Z 192 -29.66 12.17 18.83
N TYR Z 193 -28.98 13.11 19.50
CA TYR Z 193 -29.51 13.66 20.74
C TYR Z 193 -30.78 14.47 20.48
N ALA Z 194 -30.79 15.25 19.40
CA ALA Z 194 -31.99 15.99 19.03
C ALA Z 194 -33.14 15.04 18.74
N TYR Z 195 -32.86 13.93 18.06
CA TYR Z 195 -33.89 12.91 17.83
C TYR Z 195 -34.44 12.37 19.13
N GLY Z 196 -33.54 12.03 20.06
CA GLY Z 196 -33.98 11.50 21.34
C GLY Z 196 -34.90 12.44 22.09
N VAL Z 197 -34.55 13.73 22.13
CA VAL Z 197 -35.39 14.70 22.83
C VAL Z 197 -36.69 14.93 22.07
N MET Z 198 -36.60 15.13 20.75
CA MET Z 198 -37.76 15.50 19.95
C MET Z 198 -38.81 14.41 19.94
N ASP Z 199 -38.39 13.15 19.79
CA ASP Z 199 -39.36 12.06 19.74
C ASP Z 199 -40.12 11.94 21.06
N ARG Z 200 -39.43 12.10 22.18
CA ARG Z 200 -40.11 12.08 23.47
C ARG Z 200 -41.03 13.29 23.62
N GLY Z 201 -40.71 14.41 22.96
CA GLY Z 201 -41.54 15.59 23.09
C GLY Z 201 -42.53 15.85 21.97
N TYR Z 202 -42.34 15.23 20.82
CA TYR Z 202 -43.12 15.59 19.64
C TYR Z 202 -44.57 15.13 19.73
N SER Z 203 -45.47 15.97 19.24
CA SER Z 203 -46.85 15.59 18.96
C SER Z 203 -47.38 16.51 17.87
N TYR Z 204 -48.24 15.95 17.01
CA TYR Z 204 -48.77 16.74 15.91
C TYR Z 204 -49.65 17.87 16.39
N ASP Z 205 -50.36 17.68 17.51
CA ASP Z 205 -51.26 18.68 18.04
C ASP Z 205 -50.58 19.65 19.00
N LEU Z 206 -49.26 19.84 18.86
CA LEU Z 206 -48.54 20.76 19.72
C LEU Z 206 -48.99 22.20 19.47
N GLU Z 207 -48.94 23.01 20.52
CA GLU Z 207 -49.17 24.43 20.38
C GLU Z 207 -47.91 25.13 19.86
N VAL Z 208 -48.06 26.39 19.47
CA VAL Z 208 -46.96 27.13 18.86
C VAL Z 208 -45.82 27.30 19.86
N GLU Z 209 -46.14 27.78 21.06
CA GLU Z 209 -45.10 28.00 22.06
C GLU Z 209 -44.49 26.68 22.54
N GLU Z 210 -45.32 25.63 22.65
CA GLU Z 210 -44.80 24.32 23.02
C GLU Z 210 -43.85 23.79 21.95
N ALA Z 211 -44.18 24.01 20.68
CA ALA Z 211 -43.28 23.61 19.60
C ALA Z 211 -41.97 24.38 19.65
N TYR Z 212 -42.05 25.69 19.92
CA TYR Z 212 -40.82 26.48 20.09
C TYR Z 212 -39.97 25.92 21.21
N ASP Z 213 -40.59 25.63 22.36
CA ASP Z 213 -39.86 25.10 23.49
C ASP Z 213 -39.23 23.76 23.17
N LEU Z 214 -39.98 22.89 22.48
CA LEU Z 214 -39.45 21.57 22.14
C LEU Z 214 -38.24 21.68 21.22
N ALA Z 215 -38.33 22.51 20.18
CA ALA Z 215 -37.20 22.66 19.27
C ALA Z 215 -35.98 23.23 19.99
N ARG Z 216 -36.19 24.26 20.81
CA ARG Z 216 -35.08 24.87 21.54
C ARG Z 216 -34.44 23.86 22.49
N ARG Z 217 -35.26 23.10 23.21
CA ARG Z 217 -34.73 22.12 24.16
C ARG Z 217 -33.96 21.02 23.44
N ALA Z 218 -34.47 20.55 22.30
CA ALA Z 218 -33.77 19.49 21.57
C ALA Z 218 -32.42 19.98 21.07
N ILE Z 219 -32.38 21.19 20.50
CA ILE Z 219 -31.10 21.74 20.03
C ILE Z 219 -30.16 21.95 21.20
N TYR Z 220 -30.67 22.42 22.33
CA TYR Z 220 -29.83 22.66 23.50
C TYR Z 220 -29.23 21.36 24.02
N GLN Z 221 -30.02 20.30 24.10
CA GLN Z 221 -29.49 19.01 24.55
C GLN Z 221 -28.46 18.47 23.57
N ALA Z 222 -28.71 18.63 22.27
CA ALA Z 222 -27.73 18.18 21.28
C ALA Z 222 -26.41 18.94 21.44
N THR Z 223 -26.47 20.25 21.64
CA THR Z 223 -25.24 21.01 21.87
C THR Z 223 -24.57 20.61 23.18
N TYR Z 224 -25.36 20.22 24.18
CA TYR Z 224 -24.80 19.76 25.44
C TYR Z 224 -24.01 18.46 25.24
N ARG Z 225 -24.52 17.56 24.41
CA ARG Z 225 -23.86 16.26 24.24
C ARG Z 225 -22.88 16.23 23.08
N ASP Z 226 -23.01 17.11 22.08
CA ASP Z 226 -22.15 17.07 20.91
C ASP Z 226 -21.07 18.14 21.00
N ALA Z 227 -19.84 17.76 20.65
CA ALA Z 227 -18.73 18.69 20.67
C ALA Z 227 -18.75 19.66 19.50
N TYR Z 228 -19.33 19.26 18.37
CA TYR Z 228 -19.40 20.10 17.19
C TYR Z 228 -20.69 20.91 17.11
N SER Z 229 -21.49 20.91 18.16
CA SER Z 229 -22.70 21.71 18.24
C SER Z 229 -22.60 22.68 19.39
N GLY Z 230 -23.03 23.92 19.16
CA GLY Z 230 -22.98 24.93 20.19
C GLY Z 230 -23.23 26.30 19.61
N GLY Z 231 -23.02 27.31 20.44
CA GLY Z 231 -23.20 28.68 20.04
C GLY Z 231 -24.57 29.23 20.40
N SER Z 232 -25.43 29.41 19.39
CA SER Z 232 -26.75 29.97 19.58
C SER Z 232 -27.76 29.13 18.81
N VAL Z 233 -29.02 29.20 19.25
CA VAL Z 233 -30.10 28.43 18.66
C VAL Z 233 -31.01 29.38 17.89
N SER Z 234 -31.05 29.21 16.58
CA SER Z 234 -31.92 30.01 15.72
C SER Z 234 -33.21 29.22 15.47
N LEU Z 235 -34.35 29.91 15.60
CA LEU Z 235 -35.66 29.28 15.48
C LEU Z 235 -36.46 29.95 14.38
N TYR Z 236 -37.04 29.14 13.50
CA TYR Z 236 -37.87 29.62 12.42
C TYR Z 236 -39.20 28.89 12.42
N HIS Z 237 -40.24 29.58 11.95
CA HIS Z 237 -41.59 29.02 11.88
C HIS Z 237 -42.14 29.25 10.49
N VAL Z 238 -42.27 28.17 9.72
CA VAL Z 238 -42.86 28.25 8.39
C VAL Z 238 -44.38 28.23 8.54
N ARG Z 239 -45.02 29.30 8.09
CA ARG Z 239 -46.47 29.44 8.14
C ARG Z 239 -47.02 29.53 6.72
N GLU Z 240 -48.35 29.61 6.62
CA GLU Z 240 -48.98 29.67 5.30
C GLU Z 240 -48.62 30.94 4.55
N ASP Z 241 -48.43 32.05 5.27
CA ASP Z 241 -48.08 33.32 4.67
C ASP Z 241 -46.57 33.50 4.51
N GLY Z 242 -45.77 32.52 4.91
CA GLY Z 242 -44.33 32.64 4.83
C GLY Z 242 -43.65 32.42 6.16
N TRP Z 243 -42.36 32.13 6.15
CA TRP Z 243 -41.64 31.85 7.38
C TRP Z 243 -41.40 33.14 8.16
N ILE Z 244 -41.21 32.98 9.47
CA ILE Z 244 -40.82 34.06 10.36
C ILE Z 244 -39.66 33.59 11.21
N ARG Z 245 -38.73 34.49 11.51
CA ARG Z 245 -37.64 34.19 12.43
C ARG Z 245 -38.14 34.39 13.85
N VAL Z 246 -38.23 33.30 14.61
CA VAL Z 246 -38.85 33.38 15.93
C VAL Z 246 -37.89 33.99 16.95
N SER Z 247 -36.72 33.38 17.12
CA SER Z 247 -35.79 33.83 18.14
C SER Z 247 -34.39 33.35 17.80
N SER Z 248 -33.41 33.96 18.46
CA SER Z 248 -32.01 33.54 18.38
C SER Z 248 -31.47 33.60 19.80
N ASP Z 249 -31.43 32.45 20.46
CA ASP Z 249 -31.07 32.36 21.88
C ASP Z 249 -29.69 31.73 22.03
N ASN Z 250 -28.83 32.38 22.80
CA ASN Z 250 -27.53 31.80 23.09
C ASN Z 250 -27.67 30.57 23.99
N VAL Z 251 -26.74 29.63 23.82
CA VAL Z 251 -26.81 28.39 24.57
C VAL Z 251 -26.65 28.63 26.07
N ALA Z 252 -25.88 29.65 26.45
CA ALA Z 252 -25.72 29.98 27.87
C ALA Z 252 -27.03 30.44 28.49
N ASP Z 253 -27.79 31.28 27.77
CA ASP Z 253 -29.08 31.72 28.28
C ASP Z 253 -30.05 30.54 28.40
N LEU Z 254 -30.04 29.63 27.41
CA LEU Z 254 -30.87 28.44 27.50
C LEU Z 254 -30.46 27.57 28.68
N HIS Z 255 -29.15 27.47 28.94
CA HIS Z 255 -28.67 26.71 30.09
C HIS Z 255 -29.17 27.31 31.39
N ASP Z 256 -29.14 28.64 31.50
CA ASP Z 256 -29.68 29.30 32.69
C ASP Z 256 -31.18 29.04 32.81
N LYS Z 257 -31.91 29.08 31.69
CA LYS Z 257 -33.34 28.85 31.71
C LYS Z 257 -33.69 27.42 32.13
N TYR Z 258 -32.91 26.45 31.65
CA TYR Z 258 -33.27 25.04 31.78
C TYR Z 258 -32.72 24.41 33.06
N SER Z 259 -31.41 24.53 33.29
CA SER Z 259 -30.82 23.95 34.49
C SER Z 259 -31.39 24.58 35.75
N GLY Z 260 -31.55 25.90 35.75
CA GLY Z 260 -32.10 26.60 36.89
C GLY Z 260 -33.46 27.22 36.61
N ARG AA 29 5.35 13.12 -9.89
CA ARG AA 29 4.75 13.26 -8.56
C ARG AA 29 5.30 14.49 -7.85
N PHE AA 30 4.40 15.44 -7.57
CA PHE AA 30 4.79 16.68 -6.90
C PHE AA 30 3.58 17.22 -6.14
N SER AA 31 3.87 18.07 -5.15
CA SER AA 31 2.82 18.70 -4.36
C SER AA 31 2.54 20.09 -4.93
N PRO AA 32 1.32 20.37 -5.38
CA PRO AA 32 1.03 21.70 -5.94
C PRO AA 32 0.83 22.79 -4.90
N TYR AA 33 0.99 22.49 -3.62
CA TYR AA 33 0.74 23.45 -2.54
C TYR AA 33 1.98 23.64 -1.69
N ALA AA 34 2.05 24.80 -1.05
CA ALA AA 34 3.08 25.10 -0.07
C ALA AA 34 2.56 26.19 0.85
N PHE AA 35 2.73 26.00 2.16
CA PHE AA 35 2.31 27.02 3.11
C PHE AA 35 3.41 28.04 3.27
N ASN AA 36 3.05 29.32 3.10
CA ASN AA 36 4.02 30.40 3.13
C ASN AA 36 3.81 31.33 4.33
N GLY AA 37 3.04 30.91 5.31
CA GLY AA 37 2.85 31.71 6.51
C GLY AA 37 1.99 32.94 6.28
N GLY AA 38 1.98 33.79 7.30
CA GLY AA 38 1.25 35.03 7.23
C GLY AA 38 -0.07 35.00 7.97
N THR AA 39 -0.32 36.03 8.78
CA THR AA 39 -1.54 36.15 9.55
C THR AA 39 -2.21 37.47 9.18
N VAL AA 40 -3.52 37.42 8.92
CA VAL AA 40 -4.30 38.58 8.54
C VAL AA 40 -5.33 38.85 9.63
N LEU AA 41 -5.47 40.12 10.00
CA LEU AA 41 -6.41 40.54 11.03
C LEU AA 41 -7.27 41.68 10.52
N ALA AA 42 -8.57 41.60 10.79
CA ALA AA 42 -9.50 42.65 10.43
C ALA AA 42 -10.41 42.97 11.60
N ILE AA 43 -10.66 44.26 11.83
CA ILE AA 43 -11.57 44.73 12.86
C ILE AA 43 -12.48 45.78 12.24
N ALA AA 44 -13.79 45.62 12.44
CA ALA AA 44 -14.79 46.54 11.91
C ALA AA 44 -15.28 47.46 13.02
N GLY AA 45 -15.35 48.75 12.71
CA GLY AA 45 -15.83 49.73 13.68
C GLY AA 45 -17.11 50.41 13.26
N GLU AA 46 -17.48 51.46 13.98
CA GLU AA 46 -18.70 52.20 13.65
C GLU AA 46 -18.60 52.85 12.28
N ASP AA 47 -17.46 53.46 11.96
CA ASP AA 47 -17.28 54.11 10.68
C ASP AA 47 -15.89 53.86 10.11
N PHE AA 48 -15.28 52.74 10.47
CA PHE AA 48 -13.93 52.44 9.99
C PHE AA 48 -13.77 50.94 9.88
N SER AA 49 -12.77 50.54 9.09
CA SER AA 49 -12.35 49.16 8.98
C SER AA 49 -10.83 49.10 8.99
N ILE AA 50 -10.28 48.06 9.61
CA ILE AA 50 -8.84 47.87 9.71
C ILE AA 50 -8.52 46.49 9.15
N VAL AA 51 -7.51 46.43 8.28
CA VAL AA 51 -6.96 45.17 7.79
C VAL AA 51 -5.46 45.19 8.06
N ALA AA 52 -4.99 44.25 8.86
CA ALA AA 52 -3.59 44.21 9.28
C ALA AA 52 -2.99 42.84 8.99
N SER AA 53 -1.71 42.84 8.64
CA SER AA 53 -1.01 41.60 8.32
C SER AA 53 0.48 41.80 8.52
N ASP AA 54 1.19 40.68 8.67
CA ASP AA 54 2.65 40.68 8.73
C ASP AA 54 3.22 40.59 7.32
N THR AA 55 4.48 41.01 7.19
CA THR AA 55 5.12 41.11 5.88
C THR AA 55 6.17 40.04 5.65
N ARG AA 56 6.14 38.95 6.42
CA ARG AA 56 7.12 37.88 6.26
C ARG AA 56 6.58 36.81 5.34
N LEU AA 57 7.37 36.45 4.33
CA LEU AA 57 7.07 35.35 3.43
C LEU AA 57 8.10 34.26 3.69
N SER AA 58 7.64 33.05 4.01
CA SER AA 58 8.51 31.96 4.39
C SER AA 58 8.14 30.70 3.62
N GLU AA 59 8.97 29.67 3.80
CA GLU AA 59 8.70 28.36 3.21
C GLU AA 59 9.50 27.33 3.99
N GLY AA 60 8.80 26.40 4.64
CA GLY AA 60 9.47 25.44 5.49
C GLY AA 60 10.02 26.09 6.74
N PHE AA 61 11.35 26.08 6.88
CA PHE AA 61 12.02 26.75 7.98
C PHE AA 61 12.84 27.94 7.52
N SER AA 62 12.78 28.28 6.24
CA SER AA 62 13.51 29.41 5.68
C SER AA 62 12.59 30.61 5.54
N ILE AA 63 13.20 31.77 5.36
CA ILE AA 63 12.49 33.02 5.12
C ILE AA 63 12.77 33.45 3.68
N HIS AA 64 11.71 33.56 2.89
CA HIS AA 64 11.87 34.03 1.52
C HIS AA 64 12.22 35.50 1.48
N THR AA 65 11.34 36.35 2.02
CA THR AA 65 11.60 37.78 2.10
C THR AA 65 10.95 38.31 3.36
N ARG AA 66 11.45 39.46 3.81
CA ARG AA 66 10.94 40.12 5.02
C ARG AA 66 10.03 41.29 4.71
N ASP AA 67 9.83 41.61 3.43
CA ASP AA 67 8.96 42.71 2.99
C ASP AA 67 7.98 42.14 1.98
N SER AA 68 6.88 41.58 2.47
CA SER AA 68 5.84 41.01 1.60
C SER AA 68 4.50 41.18 2.28
N PRO AA 69 3.90 42.36 2.18
CA PRO AA 69 2.59 42.57 2.81
C PRO AA 69 1.51 41.73 2.15
N LYS AA 70 0.51 41.36 2.95
CA LYS AA 70 -0.58 40.51 2.51
C LYS AA 70 -1.90 41.27 2.37
N CYS AA 71 -1.86 42.59 2.39
CA CYS AA 71 -3.05 43.42 2.23
C CYS AA 71 -3.02 44.09 0.87
N TYR AA 72 -4.15 44.06 0.17
CA TYR AA 72 -4.27 44.61 -1.17
C TYR AA 72 -5.48 45.52 -1.24
N LYS AA 73 -5.28 46.71 -1.78
CA LYS AA 73 -6.37 47.67 -1.95
C LYS AA 73 -7.18 47.31 -3.19
N LEU AA 74 -8.48 47.07 -3.00
CA LEU AA 74 -9.36 46.73 -4.12
C LEU AA 74 -10.05 47.98 -4.67
N THR AA 75 -10.79 48.68 -3.83
CA THR AA 75 -11.38 49.96 -4.19
C THR AA 75 -10.98 51.00 -3.16
N ASP AA 76 -11.56 52.21 -3.24
CA ASP AA 76 -11.31 53.21 -2.22
C ASP AA 76 -11.97 52.88 -0.89
N LYS AA 77 -12.84 51.86 -0.86
CA LYS AA 77 -13.53 51.48 0.36
C LYS AA 77 -13.36 50.00 0.71
N THR AA 78 -12.46 49.29 0.03
CA THR AA 78 -12.31 47.86 0.25
C THR AA 78 -10.84 47.48 0.27
N VAL AA 79 -10.46 46.65 1.24
CA VAL AA 79 -9.13 46.09 1.34
C VAL AA 79 -9.26 44.60 1.62
N ILE AA 80 -8.46 43.78 0.93
CA ILE AA 80 -8.48 42.34 1.08
C ILE AA 80 -7.15 41.88 1.66
N GLY AA 81 -7.21 40.96 2.62
CA GLY AA 81 -6.03 40.30 3.16
C GLY AA 81 -6.03 38.83 2.72
N CYS AA 82 -4.88 38.36 2.27
CA CYS AA 82 -4.75 37.02 1.72
C CYS AA 82 -3.53 36.34 2.33
N SER AA 83 -3.74 35.17 2.94
CA SER AA 83 -2.64 34.39 3.50
C SER AA 83 -2.84 32.93 3.10
N GLY AA 84 -1.73 32.20 3.07
CA GLY AA 84 -1.76 30.80 2.68
C GLY AA 84 -0.70 30.46 1.66
N PHE AA 85 -1.07 29.77 0.59
CA PHE AA 85 -0.16 29.50 -0.51
C PHE AA 85 0.01 30.77 -1.33
N HIS AA 86 1.26 31.20 -1.50
CA HIS AA 86 1.52 32.55 -2.02
C HIS AA 86 1.18 32.65 -3.51
N GLY AA 87 1.46 31.60 -4.29
CA GLY AA 87 1.09 31.62 -5.69
C GLY AA 87 -0.41 31.76 -5.88
N ASP AA 88 -1.18 31.03 -5.07
CA ASP AA 88 -2.63 31.16 -5.13
C ASP AA 88 -3.07 32.57 -4.71
N CYS AA 89 -2.38 33.16 -3.73
CA CYS AA 89 -2.71 34.52 -3.32
C CYS AA 89 -2.49 35.51 -4.47
N LEU AA 90 -1.35 35.39 -5.16
CA LEU AA 90 -1.07 36.27 -6.30
C LEU AA 90 -2.12 36.10 -7.39
N THR AA 91 -2.41 34.85 -7.76
CA THR AA 91 -3.38 34.60 -8.81
C THR AA 91 -4.76 35.13 -8.42
N LEU AA 92 -5.17 34.90 -7.17
CA LEU AA 92 -6.49 35.34 -6.73
C LEU AA 92 -6.60 36.85 -6.69
N THR AA 93 -5.57 37.54 -6.23
CA THR AA 93 -5.62 39.00 -6.22
C THR AA 93 -5.67 39.56 -7.63
N LYS AA 94 -4.90 38.98 -8.55
CA LYS AA 94 -4.94 39.45 -9.94
C LYS AA 94 -6.31 39.20 -10.56
N ILE AA 95 -6.90 38.03 -10.29
CA ILE AA 95 -8.24 37.72 -10.78
C ILE AA 95 -9.26 38.69 -10.22
N ILE AA 96 -9.15 39.01 -8.93
CA ILE AA 96 -10.09 39.94 -8.31
C ILE AA 96 -9.96 41.34 -8.93
N GLU AA 97 -8.74 41.78 -9.19
CA GLU AA 97 -8.55 43.07 -9.84
C GLU AA 97 -9.18 43.09 -11.22
N ALA AA 98 -8.96 42.04 -12.01
CA ALA AA 98 -9.55 41.96 -13.34
C ALA AA 98 -11.07 41.95 -13.26
N ARG AA 99 -11.63 41.20 -12.32
CA ARG AA 99 -13.08 41.12 -12.18
C ARG AA 99 -13.67 42.46 -11.75
N LEU AA 100 -12.98 43.18 -10.87
CA LEU AA 100 -13.44 44.51 -10.47
C LEU AA 100 -13.46 45.46 -11.66
N LYS AA 101 -12.41 45.43 -12.48
CA LYS AA 101 -12.40 46.28 -13.67
C LYS AA 101 -13.50 45.88 -14.65
N MET AA 102 -13.75 44.58 -14.82
CA MET AA 102 -14.83 44.13 -15.68
C MET AA 102 -16.18 44.62 -15.18
N TYR AA 103 -16.40 44.53 -13.86
CA TYR AA 103 -17.66 45.00 -13.29
C TYR AA 103 -17.84 46.50 -13.51
N LYS AA 104 -16.76 47.27 -13.31
CA LYS AA 104 -16.87 48.71 -13.53
C LYS AA 104 -17.15 49.03 -14.99
N HIS AA 105 -16.55 48.27 -15.91
CA HIS AA 105 -16.83 48.48 -17.34
C HIS AA 105 -18.29 48.16 -17.66
N SER AA 106 -18.80 47.04 -17.14
CA SER AA 106 -20.13 46.59 -17.51
C SER AA 106 -21.24 47.37 -16.82
N ASN AA 107 -21.01 47.87 -15.60
CA ASN AA 107 -22.05 48.48 -14.80
C ASN AA 107 -21.86 49.97 -14.54
N ASN AA 108 -20.74 50.55 -14.99
CA ASN AA 108 -20.46 51.97 -14.85
C ASN AA 108 -20.41 52.41 -13.38
N LYS AA 109 -19.99 51.51 -12.49
CA LYS AA 109 -19.82 51.87 -11.09
C LYS AA 109 -18.86 50.87 -10.46
N ALA AA 110 -18.28 51.27 -9.33
CA ALA AA 110 -17.38 50.41 -8.58
C ALA AA 110 -18.17 49.41 -7.76
N MET AA 111 -17.55 48.25 -7.51
CA MET AA 111 -18.19 47.23 -6.69
C MET AA 111 -18.23 47.67 -5.24
N THR AA 112 -19.27 47.23 -4.53
CA THR AA 112 -19.37 47.44 -3.10
C THR AA 112 -18.70 46.29 -2.36
N THR AA 113 -18.53 46.47 -1.05
CA THR AA 113 -17.85 45.46 -0.25
C THR AA 113 -18.62 44.14 -0.25
N GLY AA 114 -19.94 44.21 -0.10
CA GLY AA 114 -20.74 42.99 -0.13
C GLY AA 114 -20.74 42.31 -1.48
N ALA AA 115 -20.81 43.10 -2.55
CA ALA AA 115 -20.73 42.53 -3.89
C ALA AA 115 -19.37 41.87 -4.12
N ILE AA 116 -18.30 42.49 -3.63
CA ILE AA 116 -16.98 41.90 -3.74
C ILE AA 116 -16.92 40.59 -2.96
N ALA AA 117 -17.53 40.55 -1.77
CA ALA AA 117 -17.54 39.33 -0.98
C ALA AA 117 -18.29 38.21 -1.69
N ALA AA 118 -19.45 38.53 -2.26
CA ALA AA 118 -20.22 37.51 -2.98
C ALA AA 118 -19.47 37.01 -4.21
N MET AA 119 -18.86 37.92 -4.96
CA MET AA 119 -18.09 37.52 -6.13
C MET AA 119 -16.88 36.67 -5.74
N LEU AA 120 -16.23 37.01 -4.63
CA LEU AA 120 -15.12 36.21 -4.15
C LEU AA 120 -15.59 34.82 -3.74
N SER AA 121 -16.76 34.73 -3.11
CA SER AA 121 -17.32 33.43 -2.77
C SER AA 121 -17.53 32.58 -4.01
N THR AA 122 -18.12 33.17 -5.05
CA THR AA 122 -18.34 32.43 -6.29
C THR AA 122 -17.02 32.01 -6.93
N ILE AA 123 -16.03 32.91 -6.93
CA ILE AA 123 -14.73 32.60 -7.53
C ILE AA 123 -14.06 31.46 -6.78
N LEU AA 124 -14.10 31.50 -5.45
CA LEU AA 124 -13.47 30.44 -4.66
C LEU AA 124 -14.17 29.11 -4.88
N TYR AA 125 -15.49 29.11 -4.97
CA TYR AA 125 -16.19 27.86 -5.22
C TYR AA 125 -15.99 27.34 -6.63
N SER AA 126 -15.67 28.22 -7.59
CA SER AA 126 -15.45 27.77 -8.96
C SER AA 126 -14.31 26.75 -9.05
N ARG AA 127 -13.40 26.74 -8.08
CA ARG AA 127 -12.32 25.76 -8.00
C ARG AA 127 -12.51 24.82 -6.81
N ARG AA 128 -13.75 24.39 -6.58
CA ARG AA 128 -14.08 23.58 -5.41
C ARG AA 128 -13.25 22.30 -5.35
N PHE AA 129 -12.95 21.71 -6.50
CA PHE AA 129 -12.23 20.44 -6.55
C PHE AA 129 -10.72 20.61 -6.73
N PHE AA 130 -10.24 21.86 -6.80
CA PHE AA 130 -8.80 22.14 -6.74
C PHE AA 130 -8.65 23.52 -6.09
N PRO AA 131 -8.89 23.61 -4.79
CA PRO AA 131 -9.14 24.92 -4.17
C PRO AA 131 -7.91 25.82 -4.14
N TYR AA 132 -8.19 27.12 -4.10
CA TYR AA 132 -7.16 28.10 -3.74
C TYR AA 132 -6.83 27.95 -2.27
N TYR AA 133 -5.56 27.66 -1.97
CA TYR AA 133 -5.12 27.59 -0.58
C TYR AA 133 -4.84 29.02 -0.09
N VAL AA 134 -5.93 29.75 0.13
CA VAL AA 134 -5.86 31.15 0.54
C VAL AA 134 -6.83 31.37 1.69
N TYR AA 135 -6.39 32.14 2.69
CA TYR AA 135 -7.25 32.60 3.77
C TYR AA 135 -7.56 34.06 3.51
N ASN AA 136 -8.81 34.34 3.14
CA ASN AA 136 -9.23 35.67 2.69
C ASN AA 136 -10.04 36.35 3.77
N ILE AA 137 -9.70 37.60 4.05
CA ILE AA 137 -10.50 38.46 4.90
C ILE AA 137 -10.67 39.80 4.19
N ILE AA 138 -11.92 40.23 4.03
CA ILE AA 138 -12.25 41.48 3.35
C ILE AA 138 -12.66 42.50 4.39
N GLY AA 139 -12.00 43.66 4.37
CA GLY AA 139 -12.34 44.74 5.27
C GLY AA 139 -12.66 46.02 4.53
N GLY AA 140 -13.79 46.64 4.87
CA GLY AA 140 -14.17 47.85 4.20
C GLY AA 140 -15.42 48.44 4.81
N LEU AA 141 -15.99 49.41 4.09
CA LEU AA 141 -17.21 50.09 4.51
C LEU AA 141 -18.39 49.58 3.70
N ASP AA 142 -19.52 49.40 4.36
CA ASP AA 142 -20.74 49.02 3.67
C ASP AA 142 -21.40 50.24 3.03
N GLU AA 143 -22.57 50.02 2.43
CA GLU AA 143 -23.25 51.11 1.72
C GLU AA 143 -23.71 52.22 2.65
N GLU AA 144 -23.92 51.92 3.93
CA GLU AA 144 -24.34 52.93 4.90
C GLU AA 144 -23.18 53.59 5.62
N GLY AA 145 -21.93 53.20 5.31
CA GLY AA 145 -20.76 53.80 5.91
C GLY AA 145 -20.21 53.06 7.10
N LYS AA 146 -20.84 51.98 7.54
CA LYS AA 146 -20.33 51.21 8.66
C LYS AA 146 -19.22 50.26 8.20
N GLY AA 147 -18.30 49.98 9.09
CA GLY AA 147 -17.24 49.03 8.79
C GLY AA 147 -17.80 47.64 8.60
N ALA AA 148 -17.23 46.91 7.64
CA ALA AA 148 -17.68 45.57 7.29
C ALA AA 148 -16.47 44.65 7.16
N VAL AA 149 -16.50 43.52 7.86
CA VAL AA 149 -15.45 42.51 7.79
C VAL AA 149 -16.08 41.21 7.32
N TYR AA 150 -15.52 40.63 6.27
CA TYR AA 150 -15.96 39.34 5.74
C TYR AA 150 -14.80 38.37 5.82
N SER AA 151 -15.06 37.16 6.31
CA SER AA 151 -14.07 36.11 6.43
C SER AA 151 -14.42 34.97 5.50
N PHE AA 152 -13.41 34.42 4.83
CA PHE AA 152 -13.61 33.39 3.81
C PHE AA 152 -12.82 32.14 4.16
N ASP AA 153 -13.41 31.00 3.89
CA ASP AA 153 -12.70 29.74 3.87
C ASP AA 153 -12.23 29.45 2.45
N PRO AA 154 -11.27 28.54 2.27
CA PRO AA 154 -10.66 28.38 0.94
C PRO AA 154 -11.63 28.05 -0.19
N VAL AA 155 -12.79 27.46 0.10
CA VAL AA 155 -13.74 27.10 -0.96
C VAL AA 155 -14.90 28.08 -1.05
N GLY AA 156 -14.86 29.19 -0.30
CA GLY AA 156 -15.80 30.27 -0.49
C GLY AA 156 -16.89 30.43 0.55
N SER AA 157 -16.89 29.63 1.61
CA SER AA 157 -17.86 29.85 2.69
C SER AA 157 -17.49 31.13 3.44
N TYR AA 158 -18.46 32.03 3.57
CA TYR AA 158 -18.15 33.33 4.16
C TYR AA 158 -19.35 33.86 4.93
N GLN AA 159 -19.05 34.76 5.86
CA GLN AA 159 -20.06 35.47 6.64
C GLN AA 159 -19.47 36.80 7.09
N ARG AA 160 -20.35 37.71 7.50
CA ARG AA 160 -19.92 39.01 7.98
C ARG AA 160 -19.54 38.92 9.46
N ASP AA 161 -18.45 39.59 9.82
CA ASP AA 161 -17.94 39.58 11.18
C ASP AA 161 -17.66 41.00 11.63
N SER AA 162 -17.55 41.17 12.95
CA SER AA 162 -17.03 42.40 13.51
C SER AA 162 -15.51 42.38 13.63
N PHE AA 163 -14.94 41.20 13.88
CA PHE AA 163 -13.50 41.01 13.85
C PHE AA 163 -13.22 39.56 13.47
N LYS AA 164 -12.04 39.33 12.91
CA LYS AA 164 -11.67 37.99 12.48
C LYS AA 164 -10.18 37.93 12.23
N ALA AA 165 -9.55 36.86 12.70
CA ALA AA 165 -8.14 36.58 12.44
C ALA AA 165 -8.02 35.38 11.53
N GLY AA 166 -7.13 35.47 10.56
CA GLY AA 166 -6.89 34.38 9.63
C GLY AA 166 -5.42 34.20 9.37
N GLY AA 167 -5.03 32.95 9.12
CA GLY AA 167 -3.65 32.60 8.83
C GLY AA 167 -3.09 31.62 9.84
N SER AA 168 -1.78 31.69 10.03
CA SER AA 168 -1.10 30.73 10.90
C SER AA 168 -1.38 31.02 12.37
N ALA AA 169 -1.43 32.30 12.75
CA ALA AA 169 -1.64 32.70 14.13
C ALA AA 169 -3.10 33.04 14.43
N SER AA 170 -4.02 32.60 13.58
CA SER AA 170 -5.43 32.91 13.78
C SER AA 170 -5.97 32.27 15.07
N ALA AA 171 -5.57 31.03 15.34
CA ALA AA 171 -6.01 30.36 16.56
C ALA AA 171 -5.43 31.03 17.80
N MET AA 172 -4.28 31.68 17.67
CA MET AA 172 -3.71 32.40 18.81
C MET AA 172 -4.46 33.69 19.10
N LEU AA 173 -4.84 34.42 18.05
CA LEU AA 173 -5.36 35.77 18.20
C LEU AA 173 -6.88 35.82 18.36
N GLN AA 174 -7.60 34.87 17.79
CA GLN AA 174 -9.07 34.92 17.83
C GLN AA 174 -9.61 34.92 19.26
N PRO AA 175 -9.17 34.05 20.18
CA PRO AA 175 -9.69 34.13 21.56
C PRO AA 175 -9.40 35.45 22.24
N LEU AA 176 -8.26 36.06 21.96
CA LEU AA 176 -7.93 37.33 22.61
C LEU AA 176 -8.79 38.46 22.07
N LEU AA 177 -9.12 38.42 20.78
CA LEU AA 177 -10.07 39.39 20.23
C LEU AA 177 -11.46 39.15 20.79
N ASP AA 178 -11.85 37.90 20.99
CA ASP AA 178 -13.12 37.59 21.62
C ASP AA 178 -13.19 38.17 23.01
N ASN AA 179 -12.10 38.06 23.76
CA ASN AA 179 -12.06 38.62 25.12
C ASN AA 179 -12.06 40.14 25.10
N GLN AA 180 -11.27 40.75 24.22
CA GLN AA 180 -11.05 42.20 24.23
C GLN AA 180 -12.10 42.95 23.42
N VAL AA 181 -12.34 42.52 22.17
CA VAL AA 181 -13.31 43.22 21.34
C VAL AA 181 -14.73 42.78 21.66
N GLY AA 182 -14.94 41.48 21.82
CA GLY AA 182 -16.27 40.96 22.09
C GLY AA 182 -16.69 41.01 23.54
N PHE AA 183 -15.76 41.32 24.45
CA PHE AA 183 -16.05 41.38 25.89
C PHE AA 183 -16.66 40.08 26.38
N LYS AA 184 -16.13 38.96 25.87
CA LYS AA 184 -16.64 37.64 26.23
C LYS AA 184 -16.00 37.16 27.52
N ASN AA 185 -16.78 36.45 28.32
CA ASN AA 185 -16.39 35.87 29.61
C ASN AA 185 -16.07 36.93 30.65
N MET AA 186 -16.32 38.20 30.36
CA MET AA 186 -16.09 39.29 31.30
C MET AA 186 -17.43 39.79 31.83
N GLN AA 187 -17.55 39.89 33.14
CA GLN AA 187 -18.76 40.35 33.80
C GLN AA 187 -18.56 41.73 34.40
N ASN AA 188 -19.67 42.44 34.58
CA ASN AA 188 -19.67 43.81 35.10
C ASN AA 188 -18.82 44.74 34.23
N VAL AA 189 -18.91 44.57 32.92
CA VAL AA 189 -18.16 45.36 31.96
C VAL AA 189 -19.12 45.91 30.91
N GLU AA 190 -19.04 47.21 30.66
CA GLU AA 190 -19.86 47.82 29.63
C GLU AA 190 -19.32 47.49 28.24
N HIS AA 191 -20.23 47.35 27.29
CA HIS AA 191 -19.86 47.08 25.89
C HIS AA 191 -19.70 48.40 25.16
N VAL AA 192 -18.60 49.08 25.45
CA VAL AA 192 -18.32 50.37 24.81
C VAL AA 192 -17.99 50.14 23.34
N PRO AA 193 -18.43 51.01 22.44
CA PRO AA 193 -18.03 50.87 21.03
C PRO AA 193 -16.55 51.07 20.84
N LEU AA 194 -16.00 50.36 19.87
CA LEU AA 194 -14.57 50.40 19.60
C LEU AA 194 -14.21 51.68 18.86
N SER AA 195 -13.25 52.43 19.40
CA SER AA 195 -12.73 53.61 18.72
C SER AA 195 -11.52 53.22 17.87
N LEU AA 196 -11.18 54.12 16.94
CA LEU AA 196 -10.09 53.82 16.00
C LEU AA 196 -8.76 53.67 16.72
N ASP AA 197 -8.48 54.56 17.68
CA ASP AA 197 -7.19 54.50 18.39
C ASP AA 197 -7.08 53.22 19.21
N ARG AA 198 -8.14 52.85 19.92
CA ARG AA 198 -8.11 51.62 20.69
C ARG AA 198 -7.97 50.40 19.79
N ALA AA 199 -8.64 50.41 18.64
CA ALA AA 199 -8.53 49.30 17.70
C ALA AA 199 -7.10 49.17 17.17
N MET AA 200 -6.48 50.30 16.83
CA MET AA 200 -5.09 50.27 16.37
C MET AA 200 -4.15 49.74 17.45
N ARG AA 201 -4.33 50.20 18.69
CA ARG AA 201 -3.52 49.72 19.80
C ARG AA 201 -3.69 48.21 19.97
N LEU AA 202 -4.93 47.73 19.93
CA LEU AA 202 -5.20 46.32 20.12
C LEU AA 202 -4.58 45.48 19.00
N VAL AA 203 -4.70 45.96 17.76
CA VAL AA 203 -4.12 45.22 16.64
C VAL AA 203 -2.60 45.11 16.80
N LYS AA 204 -1.96 46.22 17.16
CA LYS AA 204 -0.51 46.21 17.35
C LYS AA 204 -0.12 45.25 18.48
N ASP AA 205 -0.87 45.28 19.58
CA ASP AA 205 -0.53 44.42 20.72
C ASP AA 205 -0.70 42.94 20.38
N VAL AA 206 -1.80 42.58 19.70
CA VAL AA 206 -1.99 41.18 19.36
C VAL AA 206 -0.95 40.71 18.36
N PHE AA 207 -0.53 41.59 17.43
CA PHE AA 207 0.50 41.16 16.50
C PHE AA 207 1.86 41.04 17.18
N ILE AA 208 2.13 41.86 18.19
CA ILE AA 208 3.36 41.69 18.97
C ILE AA 208 3.33 40.34 19.69
N SER AA 209 2.20 39.99 20.30
CA SER AA 209 2.09 38.69 20.96
C SER AA 209 2.26 37.55 19.97
N ALA AA 210 1.64 37.67 18.79
CA ALA AA 210 1.78 36.63 17.77
C ALA AA 210 3.22 36.48 17.32
N ALA AA 211 3.93 37.60 17.14
CA ALA AA 211 5.35 37.52 16.81
C ALA AA 211 6.14 36.87 17.94
N GLU AA 212 5.70 37.06 19.18
CA GLU AA 212 6.33 36.35 20.30
C GLU AA 212 6.15 34.84 20.17
N ARG AA 213 4.94 34.39 19.82
CA ARG AA 213 4.66 32.96 19.89
C ARG AA 213 4.64 32.25 18.54
N ASP AA 214 4.25 32.91 17.46
CA ASP AA 214 4.16 32.26 16.16
C ASP AA 214 5.46 32.44 15.39
N VAL AA 215 5.98 31.35 14.84
CA VAL AA 215 7.25 31.42 14.12
C VAL AA 215 7.11 31.97 12.72
N TYR AA 216 5.89 32.13 12.21
CA TYR AA 216 5.66 32.67 10.88
C TYR AA 216 5.36 34.16 10.87
N THR AA 217 5.08 34.75 12.03
CA THR AA 217 4.68 36.15 12.12
C THR AA 217 5.88 36.97 12.60
N GLY AA 218 6.24 37.99 11.83
CA GLY AA 218 7.29 38.89 12.25
C GLY AA 218 7.77 39.78 11.13
N ASP AA 219 8.79 40.56 11.47
CA ASP AA 219 9.62 41.44 10.66
C ASP AA 219 8.92 42.74 10.26
N ALA AA 220 7.59 42.86 10.42
CA ALA AA 220 6.85 44.10 10.22
C ALA AA 220 5.37 43.80 10.43
N LEU AA 221 4.60 44.85 10.68
CA LEU AA 221 3.15 44.77 10.69
C LEU AA 221 2.61 45.93 9.85
N LYS AA 222 1.84 45.60 8.81
CA LYS AA 222 1.25 46.60 7.93
C LYS AA 222 -0.24 46.70 8.26
N VAL AA 223 -0.69 47.90 8.58
CA VAL AA 223 -2.07 48.15 8.99
C VAL AA 223 -2.70 49.08 7.96
N CYS AA 224 -3.79 48.63 7.34
CA CYS AA 224 -4.57 49.44 6.43
C CYS AA 224 -5.86 49.86 7.13
N ILE AA 225 -6.12 51.17 7.16
CA ILE AA 225 -7.29 51.73 7.83
C ILE AA 225 -8.22 52.27 6.77
N VAL AA 226 -9.42 51.70 6.67
CA VAL AA 226 -10.42 52.12 5.71
C VAL AA 226 -11.39 53.05 6.41
N THR AA 227 -11.49 54.29 5.91
CA THR AA 227 -12.44 55.26 6.40
C THR AA 227 -13.13 55.92 5.22
N LYS AA 228 -14.03 56.85 5.49
CA LYS AA 228 -14.67 57.59 4.41
C LYS AA 228 -13.72 58.59 3.76
N GLU AA 229 -12.58 58.87 4.38
CA GLU AA 229 -11.60 59.80 3.83
C GLU AA 229 -10.56 59.11 2.95
N GLY AA 230 -10.61 57.79 2.83
CA GLY AA 230 -9.67 57.02 2.05
C GLY AA 230 -9.09 55.88 2.85
N ILE AA 231 -8.03 55.28 2.32
CA ILE AA 231 -7.35 54.17 2.95
C ILE AA 231 -5.99 54.67 3.45
N ARG AA 232 -5.71 54.42 4.73
CA ARG AA 232 -4.51 54.89 5.40
C ARG AA 232 -3.66 53.70 5.79
N GLY AA 233 -2.38 53.75 5.45
CA GLY AA 233 -1.44 52.66 5.71
C GLY AA 233 -0.45 53.01 6.80
N GLU AA 234 -0.19 52.06 7.70
CA GLU AA 234 0.77 52.22 8.78
C GLU AA 234 1.61 50.95 8.88
N THR AA 235 2.90 51.14 9.14
CA THR AA 235 3.83 50.04 9.31
C THR AA 235 4.42 50.06 10.71
N VAL AA 236 4.50 48.88 11.34
CA VAL AA 236 5.03 48.74 12.69
C VAL AA 236 6.01 47.57 12.69
N PRO AA 237 7.25 47.76 13.11
CA PRO AA 237 8.21 46.66 13.10
C PRO AA 237 7.89 45.59 14.14
N LEU AA 238 8.29 44.36 13.83
CA LEU AA 238 8.24 43.24 14.75
C LEU AA 238 9.64 42.66 14.90
N ARG AA 239 9.77 41.68 15.78
CA ARG AA 239 11.07 41.06 16.00
C ARG AA 239 11.48 40.24 14.78
N LYS AA 240 12.78 40.24 14.49
CA LYS AA 240 13.29 39.67 13.24
C LYS AA 240 13.50 38.16 13.32
N ASP AA 241 13.47 37.57 14.51
CA ASP AA 241 13.68 36.13 14.64
C ASP AA 241 12.36 35.37 14.49
N THR BA 46 7.07 18.61 -15.91
CA THR BA 46 8.05 17.62 -15.48
C THR BA 46 7.67 17.03 -14.13
N GLN BA 47 7.57 15.69 -14.07
CA GLN BA 47 7.35 14.99 -12.82
C GLN BA 47 8.63 14.49 -12.18
N ASN BA 48 9.69 14.30 -12.96
CA ASN BA 48 10.97 13.81 -12.44
C ASN BA 48 12.09 14.52 -13.20
N PRO BA 49 12.72 15.53 -12.61
CA PRO BA 49 13.85 16.18 -13.27
C PRO BA 49 15.01 15.22 -13.45
N MET BA 50 15.66 15.29 -14.61
CA MET BA 50 16.73 14.38 -14.96
C MET BA 50 18.11 15.01 -14.80
N VAL BA 51 18.39 16.09 -15.51
CA VAL BA 51 19.64 16.83 -15.40
C VAL BA 51 19.33 18.17 -14.74
N THR BA 52 19.93 18.41 -13.59
CA THR BA 52 19.56 19.54 -12.75
C THR BA 52 20.76 20.43 -12.48
N GLY BA 53 20.48 21.72 -12.33
CA GLY BA 53 21.47 22.70 -11.91
C GLY BA 53 21.29 23.03 -10.45
N THR BA 54 22.37 23.47 -9.81
CA THR BA 54 22.38 23.76 -8.39
C THR BA 54 22.04 25.22 -8.15
N SER BA 55 22.29 25.71 -6.94
CA SER BA 55 21.86 27.03 -6.50
C SER BA 55 22.31 28.14 -7.45
N VAL BA 56 21.46 29.16 -7.56
CA VAL BA 56 21.75 30.38 -8.32
C VAL BA 56 21.64 31.55 -7.36
N LEU BA 57 22.55 32.51 -7.49
CA LEU BA 57 22.62 33.66 -6.59
C LEU BA 57 22.26 34.94 -7.32
N GLY BA 58 21.73 35.90 -6.56
CA GLY BA 58 21.43 37.22 -7.07
C GLY BA 58 21.65 38.28 -6.03
N LEU BA 59 22.16 39.45 -6.44
CA LEU BA 59 22.49 40.50 -5.48
C LEU BA 59 22.40 41.86 -6.17
N LYS BA 60 21.62 42.76 -5.58
CA LYS BA 60 21.50 44.13 -6.09
C LYS BA 60 22.63 44.98 -5.53
N PHE BA 61 23.14 45.88 -6.36
CA PHE BA 61 24.13 46.85 -5.93
C PHE BA 61 23.76 48.21 -6.49
N GLU BA 62 24.65 49.19 -6.34
CA GLU BA 62 24.42 50.54 -6.84
C GLU BA 62 24.68 50.55 -8.34
N GLY BA 63 23.60 50.53 -9.12
CA GLY BA 63 23.69 50.62 -10.57
C GLY BA 63 23.43 49.34 -11.32
N GLY BA 64 23.06 48.26 -10.65
CA GLY BA 64 22.74 47.04 -11.37
C GLY BA 64 22.59 45.86 -10.43
N VAL BA 65 22.51 44.68 -11.04
CA VAL BA 65 22.36 43.41 -10.34
C VAL BA 65 23.44 42.46 -10.83
N VAL BA 66 23.84 41.53 -9.97
CA VAL BA 66 24.83 40.51 -10.29
C VAL BA 66 24.23 39.14 -9.99
N ILE BA 67 24.40 38.20 -10.92
CA ILE BA 67 23.86 36.85 -10.81
C ILE BA 67 24.99 35.86 -11.01
N ALA BA 68 25.05 34.84 -10.15
CA ALA BA 68 26.08 33.82 -10.22
C ALA BA 68 25.45 32.43 -10.20
N ALA BA 69 25.99 31.53 -11.03
CA ALA BA 69 25.52 30.16 -11.09
C ALA BA 69 26.66 29.29 -11.62
N ASP BA 70 26.76 28.07 -11.10
CA ASP BA 70 27.81 27.19 -11.55
C ASP BA 70 27.45 26.55 -12.89
N MET BA 71 28.46 26.01 -13.57
CA MET BA 71 28.33 25.52 -14.93
C MET BA 71 28.17 24.00 -14.98
N LEU BA 72 27.53 23.41 -13.99
CA LEU BA 72 27.42 21.96 -13.88
C LEU BA 72 25.98 21.51 -14.03
N GLY BA 73 25.77 20.50 -14.87
CA GLY BA 73 24.49 19.82 -14.95
C GLY BA 73 24.61 18.41 -14.40
N SER BA 74 23.99 18.16 -13.25
CA SER BA 74 24.18 16.90 -12.54
C SER BA 74 23.09 15.91 -12.94
N TYR BA 75 23.51 14.68 -13.23
CA TYR BA 75 22.61 13.56 -13.51
C TYR BA 75 22.51 12.75 -12.22
N GLY BA 76 21.61 13.18 -11.33
CA GLY BA 76 21.58 12.64 -9.99
C GLY BA 76 22.82 13.05 -9.22
N SER BA 77 23.58 12.07 -8.72
CA SER BA 77 24.83 12.36 -8.03
C SER BA 77 26.00 12.53 -9.00
N LEU BA 78 25.82 12.22 -10.28
CA LEU BA 78 26.90 12.25 -11.25
C LEU BA 78 27.03 13.65 -11.85
N ALA BA 79 28.25 14.19 -11.82
CA ALA BA 79 28.58 15.45 -12.49
C ALA BA 79 28.81 15.13 -13.96
N ARG BA 80 27.72 15.17 -14.74
CA ARG BA 80 27.76 14.68 -16.12
C ARG BA 80 28.18 15.77 -17.10
N PHE BA 81 27.51 16.91 -17.10
CA PHE BA 81 27.79 18.02 -18.01
C PHE BA 81 28.38 19.16 -17.21
N ARG BA 82 29.67 19.43 -17.41
CA ARG BA 82 30.40 20.40 -16.61
C ARG BA 82 30.69 21.70 -17.33
N ASN BA 83 30.09 21.92 -18.51
CA ASN BA 83 30.34 23.14 -19.27
C ASN BA 83 29.05 23.68 -19.87
N ILE BA 84 27.97 23.71 -19.09
CA ILE BA 84 26.71 24.26 -19.54
C ILE BA 84 26.49 25.61 -18.87
N SER BA 85 25.83 26.52 -19.57
CA SER BA 85 25.53 27.84 -19.05
C SER BA 85 24.09 27.87 -18.56
N ARG BA 86 23.90 28.23 -17.30
CA ARG BA 86 22.58 28.34 -16.70
C ARG BA 86 22.12 29.78 -16.55
N ILE BA 87 22.82 30.72 -17.19
CA ILE BA 87 22.45 32.13 -17.19
C ILE BA 87 22.20 32.55 -18.64
N MET BA 88 21.09 33.25 -18.86
CA MET BA 88 20.72 33.71 -20.18
C MET BA 88 20.50 35.22 -20.17
N ARG BA 89 20.85 35.86 -21.29
CA ARG BA 89 20.53 37.27 -21.50
C ARG BA 89 19.16 37.35 -22.17
N VAL BA 90 18.17 37.89 -21.46
CA VAL BA 90 16.84 38.03 -22.02
C VAL BA 90 16.80 39.17 -23.04
N ASN BA 91 17.21 40.36 -22.61
CA ASN BA 91 17.38 41.49 -23.51
C ASN BA 91 18.48 42.37 -22.93
N ASN BA 92 18.56 43.62 -23.41
CA ASN BA 92 19.60 44.53 -22.97
C ASN BA 92 19.49 44.90 -21.50
N SER BA 93 18.35 44.65 -20.86
CA SER BA 93 18.14 45.06 -19.48
C SER BA 93 17.82 43.92 -18.53
N THR BA 94 17.66 42.69 -19.01
CA THR BA 94 17.25 41.58 -18.17
C THR BA 94 18.16 40.39 -18.38
N MET BA 95 18.44 39.66 -17.29
CA MET BA 95 19.15 38.40 -17.33
C MET BA 95 18.41 37.40 -16.45
N LEU BA 96 18.72 36.12 -16.65
CA LEU BA 96 17.97 35.06 -16.00
C LEU BA 96 18.86 33.89 -15.67
N GLY BA 97 18.80 33.42 -14.43
CA GLY BA 97 19.45 32.19 -14.04
C GLY BA 97 18.47 31.24 -13.40
N ALA BA 98 18.62 29.96 -13.70
CA ALA BA 98 17.65 28.95 -13.29
C ALA BA 98 18.31 27.77 -12.61
N SER BA 99 17.64 27.24 -11.60
CA SER BA 99 17.97 25.96 -10.98
C SER BA 99 17.00 24.89 -11.48
N GLY BA 100 17.31 23.64 -11.18
CA GLY BA 100 16.40 22.56 -11.51
C GLY BA 100 16.63 21.96 -12.89
N ASP BA 101 15.59 21.38 -13.46
CA ASP BA 101 15.70 20.67 -14.73
C ASP BA 101 16.24 21.58 -15.82
N TYR BA 102 17.30 21.11 -16.49
CA TYR BA 102 17.95 21.91 -17.52
C TYR BA 102 17.16 21.94 -18.83
N ALA BA 103 16.47 20.85 -19.16
CA ALA BA 103 15.66 20.83 -20.37
C ALA BA 103 14.51 21.82 -20.29
N ASP BA 104 13.88 21.91 -19.12
CA ASP BA 104 12.83 22.91 -18.94
C ASP BA 104 13.40 24.31 -19.02
N PHE BA 105 14.62 24.51 -18.53
CA PHE BA 105 15.28 25.80 -18.65
C PHE BA 105 15.55 26.14 -20.11
N GLN BA 106 15.93 25.15 -20.92
CA GLN BA 106 16.16 25.40 -22.34
C GLN BA 106 14.86 25.71 -23.06
N TYR BA 107 13.78 25.03 -22.68
CA TYR BA 107 12.46 25.36 -23.23
C TYR BA 107 12.08 26.81 -22.91
N LEU BA 108 12.27 27.21 -21.65
CA LEU BA 108 11.98 28.58 -21.27
C LEU BA 108 12.89 29.57 -21.98
N LYS BA 109 14.15 29.20 -22.19
CA LYS BA 109 15.07 30.02 -22.97
C LYS BA 109 14.52 30.26 -24.37
N GLN BA 110 14.09 29.18 -25.03
CA GLN BA 110 13.56 29.30 -26.39
C GLN BA 110 12.33 30.19 -26.42
N VAL BA 111 11.40 29.98 -25.49
CA VAL BA 111 10.15 30.74 -25.49
C VAL BA 111 10.42 32.22 -25.23
N LEU BA 112 11.26 32.51 -24.22
CA LEU BA 112 11.57 33.89 -23.90
C LEU BA 112 12.32 34.58 -25.03
N GLY BA 113 13.25 33.87 -25.66
CA GLY BA 113 13.96 34.44 -26.80
C GLY BA 113 13.03 34.76 -27.96
N GLN BA 114 12.08 33.87 -28.23
CA GLN BA 114 11.11 34.14 -29.29
C GLN BA 114 10.23 35.34 -28.95
N MET BA 115 9.83 35.45 -27.68
CA MET BA 115 9.03 36.61 -27.27
C MET BA 115 9.80 37.91 -27.46
N VAL BA 116 11.07 37.93 -27.05
CA VAL BA 116 11.89 39.12 -27.20
C VAL BA 116 12.11 39.43 -28.68
N ILE BA 117 12.30 38.39 -29.50
CA ILE BA 117 12.50 38.60 -30.93
C ILE BA 117 11.25 39.24 -31.54
N ASP BA 118 10.07 38.73 -31.20
CA ASP BA 118 8.84 39.31 -31.73
C ASP BA 118 8.67 40.76 -31.28
N GLU BA 119 8.94 41.04 -30.01
CA GLU BA 119 8.80 42.41 -29.50
C GLU BA 119 9.76 43.35 -30.21
N GLU BA 120 10.99 42.90 -30.48
CA GLU BA 120 11.92 43.72 -31.25
C GLU BA 120 11.47 43.85 -32.70
N LEU BA 121 10.81 42.83 -33.24
CA LEU BA 121 10.30 42.90 -34.61
C LEU BA 121 9.24 43.98 -34.75
N LEU BA 122 8.40 44.15 -33.73
CA LEU BA 122 7.38 45.19 -33.79
C LEU BA 122 8.01 46.58 -33.98
N GLY BA 123 9.12 46.84 -33.29
CA GLY BA 123 9.82 48.11 -33.46
C GLY BA 123 9.00 49.32 -33.08
N ASP BA 124 8.18 49.20 -32.03
CA ASP BA 124 7.28 50.27 -31.62
C ASP BA 124 7.85 51.11 -30.49
N GLY BA 125 9.10 50.88 -30.10
CA GLY BA 125 9.68 51.62 -28.99
C GLY BA 125 9.30 51.12 -27.61
N HIS BA 126 8.73 49.92 -27.52
CA HIS BA 126 8.36 49.32 -26.24
C HIS BA 126 9.10 48.01 -26.07
N SER BA 127 9.74 47.84 -24.91
CA SER BA 127 10.49 46.64 -24.59
C SER BA 127 10.02 46.08 -23.26
N TYR BA 128 10.15 44.77 -23.11
CA TYR BA 128 9.77 44.13 -21.85
C TYR BA 128 10.71 44.54 -20.74
N SER BA 129 10.15 45.06 -19.66
CA SER BA 129 10.93 45.38 -18.48
C SER BA 129 11.23 44.11 -17.68
N PRO BA 130 12.25 44.15 -16.81
CA PRO BA 130 12.49 42.99 -15.95
C PRO BA 130 11.27 42.61 -15.11
N LYS BA 131 10.50 43.60 -14.67
CA LYS BA 131 9.27 43.33 -13.94
C LYS BA 131 8.27 42.57 -14.80
N ALA BA 132 8.15 42.96 -16.07
CA ALA BA 132 7.21 42.28 -16.97
C ALA BA 132 7.65 40.84 -17.24
N ILE BA 133 8.96 40.63 -17.43
CA ILE BA 133 9.47 39.27 -17.62
C ILE BA 133 9.21 38.43 -16.38
N HIS BA 134 9.43 39.01 -15.19
CA HIS BA 134 9.16 38.30 -13.94
C HIS BA 134 7.69 37.93 -13.81
N SER BA 135 6.80 38.86 -14.18
CA SER BA 135 5.37 38.58 -14.11
C SER BA 135 4.97 37.48 -15.08
N TRP BA 136 5.49 37.53 -16.31
CA TRP BA 136 5.17 36.50 -17.29
C TRP BA 136 5.68 35.14 -16.83
N LEU BA 137 6.88 35.10 -16.25
CA LEU BA 137 7.42 33.86 -15.73
C LEU BA 137 6.57 33.31 -14.60
N THR BA 138 6.10 34.19 -13.71
CA THR BA 138 5.21 33.74 -12.64
C THR BA 138 3.92 33.16 -13.20
N ARG BA 139 3.34 33.83 -14.21
CA ARG BA 139 2.11 33.33 -14.82
C ARG BA 139 2.34 31.97 -15.48
N ALA BA 140 3.46 31.82 -16.20
CA ALA BA 140 3.74 30.55 -16.86
C ALA BA 140 3.94 29.43 -15.85
N MET BA 141 4.70 29.70 -14.78
CA MET BA 141 4.92 28.68 -13.76
C MET BA 141 3.62 28.28 -13.08
N TYR BA 142 2.77 29.25 -12.74
CA TYR BA 142 1.51 28.92 -12.10
C TYR BA 142 0.60 28.15 -13.05
N SER BA 143 0.59 28.52 -14.34
CA SER BA 143 -0.24 27.80 -15.30
C SER BA 143 0.21 26.36 -15.45
N ARG BA 144 1.53 26.12 -15.50
CA ARG BA 144 2.02 24.75 -15.59
C ARG BA 144 1.75 23.97 -14.32
N ARG BA 145 1.86 24.63 -13.16
CA ARG BA 145 1.57 23.95 -11.90
C ARG BA 145 0.10 23.57 -11.79
N SER BA 146 -0.80 24.43 -12.27
CA SER BA 146 -2.23 24.15 -12.16
C SER BA 146 -2.68 23.03 -13.08
N LYS BA 147 -1.90 22.71 -14.12
CA LYS BA 147 -2.17 21.56 -14.97
C LYS BA 147 -1.45 20.31 -14.50
N MET BA 148 -0.82 20.37 -13.32
CA MET BA 148 -0.08 19.24 -12.74
C MET BA 148 1.08 18.80 -13.63
N ASN BA 149 1.59 19.71 -14.46
CA ASN BA 149 2.75 19.46 -15.31
C ASN BA 149 3.73 20.61 -15.14
N PRO BA 150 4.37 20.71 -13.98
CA PRO BA 150 5.19 21.89 -13.69
C PRO BA 150 6.50 21.89 -14.45
N LEU BA 151 7.01 23.10 -14.69
CA LEU BA 151 8.40 23.27 -15.12
C LEU BA 151 9.27 23.24 -13.87
N TRP BA 152 10.11 22.20 -13.76
CA TRP BA 152 10.87 21.93 -12.54
C TRP BA 152 12.09 22.85 -12.48
N ASN BA 153 11.82 24.13 -12.23
CA ASN BA 153 12.87 25.14 -12.18
C ASN BA 153 12.63 26.11 -11.04
N THR BA 154 13.70 26.78 -10.64
CA THR BA 154 13.66 27.94 -9.76
C THR BA 154 14.48 29.03 -10.42
N MET BA 155 13.84 30.15 -10.74
CA MET BA 155 14.44 31.17 -11.57
C MET BA 155 14.76 32.42 -10.76
N VAL BA 156 15.90 33.03 -11.08
CA VAL BA 156 16.30 34.32 -10.53
C VAL BA 156 16.36 35.30 -11.69
N ILE BA 157 15.59 36.38 -11.61
CA ILE BA 157 15.53 37.40 -12.64
C ILE BA 157 16.19 38.66 -12.09
N GLY BA 158 17.22 39.11 -12.79
CA GLY BA 158 17.91 40.35 -12.43
C GLY BA 158 17.85 41.32 -13.59
N GLY BA 159 17.57 42.58 -13.27
CA GLY BA 159 17.43 43.58 -14.33
C GLY BA 159 17.68 44.97 -13.83
N TYR BA 160 18.04 45.85 -14.77
CA TYR BA 160 18.25 47.26 -14.50
C TYR BA 160 17.49 48.06 -15.56
N ALA BA 161 16.55 48.89 -15.11
CA ALA BA 161 15.75 49.69 -16.04
C ALA BA 161 15.32 50.97 -15.35
N ASP BA 162 15.46 52.09 -16.07
CA ASP BA 162 15.07 53.41 -15.56
C ASP BA 162 15.80 53.76 -14.27
N GLY BA 163 17.07 53.39 -14.20
CA GLY BA 163 17.86 53.68 -13.02
C GLY BA 163 17.43 52.95 -11.77
N GLU BA 164 16.73 51.81 -11.91
CA GLU BA 164 16.23 51.05 -10.78
C GLU BA 164 16.58 49.59 -10.97
N SER BA 165 17.16 48.98 -9.94
CA SER BA 165 17.55 47.59 -10.00
C SER BA 165 16.36 46.68 -9.69
N PHE BA 166 16.26 45.57 -10.41
CA PHE BA 166 15.22 44.58 -10.20
C PHE BA 166 15.86 43.23 -9.90
N LEU BA 167 15.36 42.55 -8.88
CA LEU BA 167 15.78 41.20 -8.54
C LEU BA 167 14.55 40.39 -8.19
N GLY BA 168 14.19 39.42 -9.04
CA GLY BA 168 12.96 38.68 -8.86
C GLY BA 168 13.21 37.19 -8.78
N TYR BA 169 12.31 36.52 -8.07
CA TYR BA 169 12.38 35.08 -7.82
C TYR BA 169 11.09 34.43 -8.28
N VAL BA 170 11.21 33.34 -9.03
CA VAL BA 170 10.07 32.51 -9.41
C VAL BA 170 10.44 31.06 -9.20
N ASP BA 171 9.56 30.31 -8.55
CA ASP BA 171 9.73 28.87 -8.36
C ASP BA 171 8.67 28.12 -9.16
N MET BA 172 8.78 26.78 -9.13
CA MET BA 172 7.93 25.94 -9.96
C MET BA 172 6.47 25.93 -9.52
N LEU BA 173 6.16 26.42 -8.32
CA LEU BA 173 4.79 26.47 -7.84
C LEU BA 173 4.10 27.79 -8.14
N GLY BA 174 4.79 28.75 -8.76
CA GLY BA 174 4.25 30.06 -8.99
C GLY BA 174 4.44 31.05 -7.86
N VAL BA 175 5.27 30.71 -6.87
CA VAL BA 175 5.59 31.64 -5.79
C VAL BA 175 6.63 32.62 -6.29
N ALA BA 176 6.33 33.92 -6.18
CA ALA BA 176 7.18 34.95 -6.74
C ALA BA 176 7.27 36.13 -5.79
N TYR BA 177 8.46 36.72 -5.70
CA TYR BA 177 8.68 37.89 -4.86
C TYR BA 177 9.97 38.57 -5.30
N GLU BA 178 10.17 39.79 -4.82
CA GLU BA 178 11.38 40.55 -5.05
C GLU BA 178 12.12 40.75 -3.74
N ALA BA 179 13.45 40.76 -3.81
CA ALA BA 179 14.28 40.90 -2.62
C ALA BA 179 15.62 41.48 -3.04
N PRO BA 180 16.32 42.18 -2.16
CA PRO BA 180 17.65 42.70 -2.51
C PRO BA 180 18.68 41.61 -2.78
N SER BA 181 18.50 40.42 -2.24
CA SER BA 181 19.39 39.30 -2.52
C SER BA 181 18.55 38.04 -2.68
N LEU BA 182 19.06 37.10 -3.48
CA LEU BA 182 18.35 35.87 -3.76
C LEU BA 182 19.32 34.70 -3.77
N ALA BA 183 18.80 33.52 -3.45
CA ALA BA 183 19.60 32.30 -3.45
C ALA BA 183 18.66 31.11 -3.51
N THR BA 184 18.74 30.34 -4.59
CA THR BA 184 17.91 29.15 -4.73
C THR BA 184 18.62 27.93 -4.17
N GLY BA 185 17.90 26.81 -4.12
CA GLY BA 185 18.51 25.54 -3.74
C GLY BA 185 19.17 25.58 -2.38
N TYR BA 186 20.40 25.09 -2.33
CA TYR BA 186 21.16 25.06 -1.08
C TYR BA 186 21.73 26.43 -0.72
N GLY BA 187 21.78 27.36 -1.68
CA GLY BA 187 22.23 28.70 -1.37
C GLY BA 187 21.30 29.46 -0.45
N ALA BA 188 20.03 29.06 -0.38
CA ALA BA 188 19.12 29.68 0.58
C ALA BA 188 19.55 29.40 2.01
N TYR BA 189 20.14 28.24 2.25
CA TYR BA 189 20.67 27.92 3.57
C TYR BA 189 22.12 28.34 3.75
N LEU BA 190 22.92 28.29 2.69
CA LEU BA 190 24.35 28.54 2.78
C LEU BA 190 24.77 29.93 2.35
N ALA BA 191 24.23 30.45 1.26
CA ALA BA 191 24.64 31.74 0.75
C ALA BA 191 23.75 32.89 1.20
N GLN BA 192 22.46 32.65 1.34
CA GLN BA 192 21.53 33.73 1.71
C GLN BA 192 21.82 34.34 3.07
N PRO BA 193 22.14 33.59 4.14
CA PRO BA 193 22.49 34.25 5.41
C PRO BA 193 23.65 35.23 5.30
N LEU BA 194 24.69 34.91 4.53
CA LEU BA 194 25.82 35.82 4.40
C LEU BA 194 25.42 37.11 3.69
N LEU BA 195 24.68 36.98 2.59
CA LEU BA 195 24.21 38.15 1.86
C LEU BA 195 23.30 39.00 2.74
N ARG BA 196 22.43 38.35 3.50
CA ARG BA 196 21.51 39.07 4.37
C ARG BA 196 22.26 39.81 5.48
N GLU BA 197 23.29 39.18 6.05
CA GLU BA 197 24.08 39.85 7.07
C GLU BA 197 24.81 41.07 6.51
N VAL BA 198 25.41 40.92 5.33
CA VAL BA 198 26.11 42.05 4.72
C VAL BA 198 25.13 43.17 4.40
N LEU BA 199 23.96 42.83 3.85
CA LEU BA 199 22.97 43.84 3.54
C LEU BA 199 22.36 44.47 4.80
N GLU BA 200 22.37 43.75 5.91
CA GLU BA 200 21.93 44.34 7.18
C GLU BA 200 22.95 45.36 7.68
N LYS BA 201 24.24 45.02 7.62
CA LYS BA 201 25.25 45.98 8.02
C LYS BA 201 25.36 47.13 7.02
N GLN BA 202 25.31 46.82 5.72
CA GLN BA 202 25.43 47.83 4.66
C GLN BA 202 24.31 47.61 3.64
N PRO BA 203 23.19 48.33 3.76
CA PRO BA 203 22.07 48.12 2.83
C PRO BA 203 22.41 48.37 1.37
N VAL BA 204 23.32 49.29 1.09
CA VAL BA 204 23.67 49.67 -0.28
C VAL BA 204 25.10 49.23 -0.54
N LEU BA 205 25.30 48.41 -1.57
CA LEU BA 205 26.60 47.89 -1.93
C LEU BA 205 27.05 48.43 -3.28
N SER BA 206 28.36 48.51 -3.47
CA SER BA 206 28.92 48.85 -4.77
C SER BA 206 29.11 47.58 -5.60
N GLN BA 207 29.48 47.77 -6.86
CA GLN BA 207 29.64 46.63 -7.76
C GLN BA 207 30.79 45.73 -7.30
N THR BA 208 31.91 46.32 -6.89
CA THR BA 208 33.05 45.52 -6.45
C THR BA 208 32.74 44.75 -5.17
N GLU BA 209 32.08 45.40 -4.21
CA GLU BA 209 31.72 44.72 -2.98
C GLU BA 209 30.73 43.59 -3.25
N ALA BA 210 29.75 43.85 -4.12
CA ALA BA 210 28.79 42.80 -4.47
C ALA BA 210 29.48 41.62 -5.14
N ARG BA 211 30.42 41.89 -6.04
CA ARG BA 211 31.13 40.80 -6.71
C ARG BA 211 31.97 40.00 -5.72
N GLU BA 212 32.65 40.68 -4.79
CA GLU BA 212 33.45 39.98 -3.79
C GLU BA 212 32.57 39.10 -2.92
N LEU BA 213 31.43 39.63 -2.48
CA LEU BA 213 30.51 38.86 -1.65
C LEU BA 213 29.96 37.65 -2.42
N VAL BA 214 29.68 37.84 -3.71
CA VAL BA 214 29.20 36.74 -4.54
C VAL BA 214 30.26 35.65 -4.66
N GLU BA 215 31.53 36.05 -4.83
CA GLU BA 215 32.61 35.07 -4.88
C GLU BA 215 32.74 34.31 -3.56
N ARG BA 216 32.61 35.01 -2.44
CA ARG BA 216 32.66 34.34 -1.14
C ARG BA 216 31.53 33.32 -1.00
N CYS BA 217 30.31 33.71 -1.41
CA CYS BA 217 29.19 32.78 -1.33
C CYS BA 217 29.38 31.58 -2.25
N MET BA 218 29.95 31.80 -3.43
CA MET BA 218 30.24 30.69 -4.34
C MET BA 218 31.26 29.74 -3.73
N ARG BA 219 32.28 30.30 -3.07
CA ARG BA 219 33.27 29.46 -2.40
C ARG BA 219 32.63 28.63 -1.28
N VAL BA 220 31.74 29.25 -0.51
CA VAL BA 220 31.05 28.52 0.56
C VAL BA 220 30.20 27.39 -0.04
N LEU BA 221 29.49 27.69 -1.13
CA LEU BA 221 28.67 26.66 -1.77
C LEU BA 221 29.52 25.51 -2.29
N TYR BA 222 30.69 25.82 -2.86
CA TYR BA 222 31.60 24.77 -3.27
C TYR BA 222 32.07 23.94 -2.07
N TYR BA 223 32.32 24.60 -0.94
CA TYR BA 223 32.73 23.89 0.27
C TYR BA 223 31.66 22.91 0.75
N ARG BA 224 30.39 23.34 0.75
CA ARG BA 224 29.37 22.61 1.50
C ARG BA 224 28.25 22.00 0.66
N ASP BA 225 28.26 22.15 -0.66
CA ASP BA 225 27.22 21.56 -1.50
C ASP BA 225 27.83 20.45 -2.34
N ALA BA 226 27.24 19.26 -2.23
CA ALA BA 226 27.77 18.09 -2.94
C ALA BA 226 27.41 18.07 -4.41
N ARG BA 227 26.43 18.86 -4.84
CA ARG BA 227 26.03 18.92 -6.23
C ARG BA 227 26.61 20.13 -6.96
N SER BA 228 27.58 20.81 -6.35
CA SER BA 228 28.15 22.02 -6.92
C SER BA 228 29.48 21.72 -7.60
N TYR BA 229 29.97 22.72 -8.33
CA TYR BA 229 31.24 22.64 -9.03
C TYR BA 229 32.02 23.92 -8.80
N ASN BA 230 33.33 23.87 -9.03
CA ASN BA 230 34.18 25.03 -8.87
C ASN BA 230 34.44 25.75 -10.18
N ARG BA 231 33.43 25.77 -11.05
CA ARG BA 231 33.52 26.43 -12.36
C ARG BA 231 32.16 27.09 -12.57
N PHE BA 232 32.10 28.41 -12.36
CA PHE BA 232 30.85 29.13 -12.36
C PHE BA 232 30.94 30.36 -13.25
N GLN BA 233 29.78 30.98 -13.47
CA GLN BA 233 29.67 32.20 -14.26
C GLN BA 233 29.10 33.31 -13.40
N ILE BA 234 29.54 34.54 -13.67
CA ILE BA 234 29.03 35.72 -13.00
C ILE BA 234 28.49 36.65 -14.07
N ALA BA 235 27.20 36.99 -13.97
CA ALA BA 235 26.54 37.85 -14.93
C ALA BA 235 26.12 39.14 -14.24
N THR BA 236 26.37 40.27 -14.88
CA THR BA 236 26.04 41.58 -14.34
C THR BA 236 25.24 42.37 -15.36
N VAL BA 237 24.15 42.98 -14.91
CA VAL BA 237 23.36 43.91 -15.72
C VAL BA 237 23.54 45.29 -15.12
N THR BA 238 23.83 46.28 -15.97
CA THR BA 238 24.10 47.64 -15.53
C THR BA 238 23.44 48.59 -16.52
N GLU BA 239 23.83 49.87 -16.45
CA GLU BA 239 23.36 50.85 -17.42
C GLU BA 239 23.81 50.50 -18.84
N LYS BA 240 24.96 49.86 -18.97
CA LYS BA 240 25.52 49.54 -20.28
C LYS BA 240 25.05 48.21 -20.84
N GLY BA 241 24.29 47.42 -20.08
CA GLY BA 241 23.73 46.19 -20.60
C GLY BA 241 24.09 45.01 -19.72
N VAL BA 242 23.95 43.82 -20.30
CA VAL BA 242 24.20 42.57 -19.60
C VAL BA 242 25.55 42.01 -20.05
N GLU BA 243 26.42 41.72 -19.08
CA GLU BA 243 27.72 41.13 -19.33
C GLU BA 243 27.84 39.84 -18.55
N ILE BA 244 28.34 38.79 -19.20
CA ILE BA 244 28.49 37.47 -18.59
C ILE BA 244 29.97 37.13 -18.59
N GLU BA 245 30.48 36.74 -17.42
CA GLU BA 245 31.89 36.39 -17.24
C GLU BA 245 32.00 34.94 -16.81
N GLY BA 246 32.97 34.23 -17.37
CA GLY BA 246 33.22 32.86 -17.01
C GLY BA 246 34.13 32.15 -17.99
N PRO BA 247 34.59 30.95 -17.64
CA PRO BA 247 34.38 30.26 -16.35
C PRO BA 247 35.25 30.83 -15.24
N LEU BA 248 34.75 30.84 -14.01
CA LEU BA 248 35.50 31.35 -12.87
C LEU BA 248 35.60 30.28 -11.79
N SER BA 249 36.69 30.33 -11.03
CA SER BA 249 36.92 29.42 -9.92
C SER BA 249 37.26 30.21 -8.68
N ALA BA 250 36.81 29.69 -7.53
CA ALA BA 250 37.10 30.32 -6.25
C ALA BA 250 38.37 29.72 -5.66
N GLU BA 251 39.07 30.53 -4.86
CA GLU BA 251 40.26 30.08 -4.17
C GLU BA 251 39.85 29.32 -2.91
N THR BA 252 40.30 28.08 -2.78
CA THR BA 252 39.86 27.20 -1.71
C THR BA 252 40.99 26.94 -0.73
N ASN BA 253 40.63 26.83 0.55
CA ASN BA 253 41.57 26.53 1.62
C ASN BA 253 41.23 25.16 2.20
N TRP BA 254 42.25 24.31 2.33
CA TRP BA 254 42.08 22.95 2.83
C TRP BA 254 43.03 22.67 3.99
N ASP BA 255 43.37 23.71 4.76
CA ASP BA 255 44.33 23.57 5.85
C ASP BA 255 43.76 22.85 7.06
N ILE BA 256 42.43 22.80 7.20
CA ILE BA 256 41.83 22.06 8.30
C ILE BA 256 41.99 20.55 8.14
N ALA BA 257 42.46 20.08 6.98
CA ALA BA 257 42.70 18.66 6.80
C ALA BA 257 43.85 18.17 7.67
N HIS BA 258 44.78 19.06 8.03
CA HIS BA 258 45.90 18.71 8.89
C HIS BA 258 45.55 18.82 10.37
N MET BA 259 44.40 19.38 10.71
CA MET BA 259 44.01 19.53 12.10
C MET BA 259 43.34 18.25 12.63
N GLY CA 189 -0.63 -17.22 3.12
CA GLY CA 189 -1.51 -16.64 2.13
C GLY CA 189 -2.54 -17.62 1.62
N PRO CA 190 -2.12 -18.53 0.73
CA PRO CA 190 -3.06 -19.53 0.19
C PRO CA 190 -3.47 -20.58 1.21
N PHE CA 191 -2.92 -20.56 2.42
CA PHE CA 191 -3.32 -21.49 3.48
C PHE CA 191 -4.45 -20.92 4.33
N VAL CA 192 -5.52 -20.48 3.68
CA VAL CA 192 -6.70 -19.97 4.35
C VAL CA 192 -7.76 -21.06 4.37
N VAL CA 193 -8.48 -21.17 5.48
CA VAL CA 193 -9.43 -22.26 5.67
C VAL CA 193 -10.51 -21.83 6.64
N GLY CA 194 -11.76 -22.16 6.33
CA GLY CA 194 -12.87 -22.00 7.23
C GLY CA 194 -13.55 -20.65 7.20
N GLY CA 195 -12.99 -19.66 6.51
CA GLY CA 195 -13.60 -18.34 6.49
C GLY CA 195 -14.96 -18.33 5.82
N GLU CA 196 -15.03 -18.88 4.61
CA GLU CA 196 -16.29 -18.90 3.87
C GLU CA 196 -17.18 -20.09 4.23
N ASP CA 197 -16.66 -21.04 5.02
CA ASP CA 197 -17.42 -22.19 5.47
C ASP CA 197 -18.25 -21.91 6.71
N LEU CA 198 -18.06 -20.75 7.35
CA LEU CA 198 -18.77 -20.39 8.57
C LEU CA 198 -19.77 -19.26 8.39
N ASP CA 199 -19.51 -18.33 7.46
CA ASP CA 199 -20.38 -17.19 7.26
C ASP CA 199 -20.30 -16.76 5.80
N PRO CA 200 -21.45 -16.63 5.11
CA PRO CA 200 -21.41 -16.24 3.69
C PRO CA 200 -20.76 -14.90 3.43
N PHE CA 201 -20.91 -13.94 4.34
CA PHE CA 201 -20.32 -12.62 4.19
C PHE CA 201 -19.49 -12.28 5.42
N GLY CA 202 -18.33 -11.68 5.19
CA GLY CA 202 -17.37 -11.40 6.22
C GLY CA 202 -15.96 -11.42 5.67
N PRO CA 203 -15.03 -10.76 6.36
CA PRO CA 203 -13.65 -10.68 5.85
C PRO CA 203 -12.98 -12.04 5.69
N ARG CA 204 -13.28 -12.99 6.57
CA ARG CA 204 -12.61 -14.28 6.53
C ARG CA 204 -13.02 -15.06 5.28
N ARG CA 205 -12.05 -15.77 4.70
CA ARG CA 205 -12.26 -16.53 3.48
C ARG CA 205 -11.65 -17.91 3.64
N GLY CA 206 -12.13 -18.84 2.81
CA GLY CA 206 -11.61 -20.19 2.82
C GLY CA 206 -12.68 -21.25 3.05
N GLY CA 207 -12.48 -22.42 2.47
CA GLY CA 207 -13.40 -23.53 2.62
C GLY CA 207 -13.06 -24.40 3.82
N MET CA 208 -13.64 -25.59 3.82
CA MET CA 208 -13.41 -26.53 4.92
C MET CA 208 -12.03 -27.19 4.83
N ILE CA 209 -11.50 -27.36 3.63
CA ILE CA 209 -10.26 -28.09 3.40
C ILE CA 209 -9.19 -27.11 2.89
N VAL CA 210 -7.98 -27.26 3.43
CA VAL CA 210 -6.85 -26.47 2.96
C VAL CA 210 -6.37 -27.02 1.62
N ASP CA 211 -6.27 -26.15 0.63
CA ASP CA 211 -5.72 -26.52 -0.68
C ASP CA 211 -5.15 -25.26 -1.31
N PRO CA 212 -3.83 -25.08 -1.26
CA PRO CA 212 -3.24 -23.89 -1.89
C PRO CA 212 -3.57 -23.75 -3.36
N LEU CA 213 -3.61 -24.88 -4.09
CA LEU CA 213 -3.92 -24.81 -5.52
C LEU CA 213 -5.32 -24.27 -5.78
N ARG CA 214 -6.24 -24.46 -4.84
CA ARG CA 214 -7.60 -23.95 -4.96
C ARG CA 214 -7.78 -22.61 -4.25
N SER CA 215 -6.74 -22.06 -3.65
CA SER CA 215 -6.84 -20.79 -2.96
C SER CA 215 -5.83 -19.78 -3.49
N GLY CA 216 -5.62 -19.77 -4.80
CA GLY CA 216 -4.76 -18.79 -5.43
C GLY CA 216 -3.29 -18.91 -5.09
N PHE CA 217 -2.77 -20.12 -5.00
CA PHE CA 217 -1.33 -20.31 -4.93
C PHE CA 217 -0.73 -19.93 -6.29
N PRO CA 218 0.41 -19.25 -6.32
CA PRO CA 218 0.96 -18.81 -7.62
C PRO CA 218 1.25 -19.94 -8.59
N ARG CA 219 1.53 -21.15 -8.10
CA ARG CA 219 1.89 -22.30 -8.94
C ARG CA 219 3.14 -21.90 -9.73
N ALA CA 220 3.07 -21.73 -11.04
CA ALA CA 220 4.18 -21.17 -11.81
C ALA CA 220 3.88 -19.68 -12.02
N LEU CA 221 4.40 -18.86 -11.11
CA LEU CA 221 4.20 -17.41 -11.21
C LEU CA 221 5.20 -16.84 -12.21
N ILE CA 222 4.71 -16.35 -13.33
CA ILE CA 222 5.55 -15.76 -14.36
C ILE CA 222 5.07 -14.33 -14.62
N ASP CA 223 6.03 -13.42 -14.74
CA ASP CA 223 5.70 -12.05 -15.10
C ASP CA 223 5.21 -12.02 -16.55
N PRO CA 224 4.14 -11.26 -16.84
CA PRO CA 224 3.73 -11.11 -18.24
C PRO CA 224 4.80 -10.49 -19.12
N SER CA 225 5.71 -9.71 -18.55
CA SER CA 225 6.77 -9.05 -19.31
C SER CA 225 8.01 -9.91 -19.50
N SER CA 226 8.02 -11.13 -18.95
CA SER CA 226 9.18 -12.00 -19.09
C SER CA 226 9.49 -12.25 -20.56
N GLY CA 227 10.76 -12.12 -20.94
CA GLY CA 227 11.17 -12.26 -22.31
C GLY CA 227 11.05 -11.01 -23.16
N LEU CA 228 10.79 -9.86 -22.55
CA LEU CA 228 10.61 -8.61 -23.27
C LEU CA 228 11.67 -7.59 -22.87
N PRO CA 229 12.12 -6.75 -23.80
CA PRO CA 229 13.06 -5.68 -23.43
C PRO CA 229 12.42 -4.59 -22.58
N ASN CA 230 11.11 -4.50 -22.53
CA ASN CA 230 10.41 -3.47 -21.76
C ASN CA 230 9.31 -4.11 -20.92
N ARG CA 231 8.94 -3.43 -19.85
CA ARG CA 231 7.91 -3.92 -18.96
C ARG CA 231 6.52 -3.60 -19.51
N LEU CA 232 5.61 -4.54 -19.37
CA LEU CA 232 4.26 -4.38 -19.90
C LEU CA 232 3.46 -3.40 -19.03
N PRO CA 233 2.52 -2.67 -19.63
CA PRO CA 233 1.69 -1.76 -18.85
C PRO CA 233 0.77 -2.55 -17.93
N PRO CA 234 0.35 -1.97 -16.81
CA PRO CA 234 -0.57 -2.67 -15.90
C PRO CA 234 -1.94 -2.87 -16.53
N GLY CA 235 -2.38 -4.12 -16.59
CA GLY CA 235 -3.64 -4.45 -17.21
C GLY CA 235 -3.58 -4.76 -18.68
N ALA CA 236 -2.38 -5.01 -19.23
CA ALA CA 236 -2.26 -5.30 -20.66
C ALA CA 236 -2.96 -6.60 -21.01
N VAL CA 237 -2.81 -7.63 -20.18
CA VAL CA 237 -3.40 -8.94 -20.43
C VAL CA 237 -4.64 -9.05 -19.54
N PRO CA 238 -5.84 -9.12 -20.11
CA PRO CA 238 -7.04 -9.31 -19.29
C PRO CA 238 -7.05 -10.70 -18.68
N PRO CA 239 -7.47 -10.83 -17.43
CA PRO CA 239 -7.55 -12.16 -16.81
C PRO CA 239 -8.51 -13.06 -17.56
N GLY CA 240 -8.13 -14.33 -17.68
CA GLY CA 240 -8.93 -15.29 -18.41
C GLY CA 240 -8.65 -15.38 -19.90
N ALA CA 241 -7.75 -14.54 -20.41
CA ALA CA 241 -7.41 -14.55 -21.82
C ALA CA 241 -6.22 -15.47 -22.07
N ARG CA 242 -6.26 -16.18 -23.20
CA ARG CA 242 -5.16 -17.04 -23.58
C ARG CA 242 -3.89 -16.23 -23.77
N PHE CA 243 -2.90 -16.50 -22.92
CA PHE CA 243 -1.64 -15.79 -22.94
C PHE CA 243 -0.49 -16.77 -23.09
N ASP CA 244 0.48 -16.41 -23.93
CA ASP CA 244 1.69 -17.20 -24.12
C ASP CA 244 2.88 -16.39 -23.65
N PRO CA 245 3.62 -16.85 -22.64
CA PRO CA 245 4.77 -16.07 -22.16
C PRO CA 245 5.78 -15.81 -23.28
N PHE CA 246 6.33 -14.61 -23.28
CA PHE CA 246 7.34 -14.25 -24.27
C PHE CA 246 8.69 -14.91 -23.98
N GLY CA 247 8.87 -15.46 -22.78
CA GLY CA 247 10.09 -16.13 -22.42
C GLY CA 247 9.90 -16.92 -21.15
N PRO CA 248 10.94 -17.65 -20.74
CA PRO CA 248 10.86 -18.43 -19.50
C PRO CA 248 10.88 -17.52 -18.28
N ILE CA 249 10.67 -18.14 -17.12
CA ILE CA 249 10.70 -17.40 -15.86
C ILE CA 249 12.13 -16.95 -15.58
N GLY CA 250 12.26 -15.69 -15.14
CA GLY CA 250 13.55 -15.10 -14.86
C GLY CA 250 14.07 -14.15 -15.91
N THR CA 251 13.39 -14.04 -17.06
CA THR CA 251 13.79 -13.13 -18.12
C THR CA 251 13.00 -11.82 -18.09
N SER CA 252 12.46 -11.46 -16.94
CA SER CA 252 11.70 -10.22 -16.83
C SER CA 252 12.65 -9.03 -16.83
N PRO CA 253 12.36 -7.98 -17.62
CA PRO CA 253 13.22 -6.78 -17.68
C PRO CA 253 13.28 -6.03 -16.35
N GLY DA 189 -7.46 15.39 0.96
CA GLY DA 189 -6.75 15.26 2.23
C GLY DA 189 -6.69 16.56 3.00
N PRO DA 190 -5.78 17.45 2.60
CA PRO DA 190 -5.72 18.77 3.26
C PRO DA 190 -7.01 19.54 3.20
N PHE DA 191 -7.77 19.40 2.11
CA PHE DA 191 -9.06 20.08 1.94
C PHE DA 191 -10.16 19.02 1.99
N VAL DA 192 -10.59 18.68 3.20
CA VAL DA 192 -11.66 17.72 3.42
C VAL DA 192 -12.66 18.36 4.39
N VAL DA 193 -13.95 18.28 4.06
CA VAL DA 193 -14.96 19.08 4.74
C VAL DA 193 -16.27 18.29 4.82
N GLY DA 194 -16.98 18.45 5.94
CA GLY DA 194 -18.35 18.00 6.07
C GLY DA 194 -18.54 16.57 6.52
N GLY DA 195 -17.48 15.77 6.58
CA GLY DA 195 -17.62 14.38 6.94
C GLY DA 195 -18.06 14.15 8.37
N GLU DA 196 -17.35 14.75 9.32
CA GLU DA 196 -17.71 14.61 10.72
C GLU DA 196 -18.79 15.59 11.17
N ASP DA 197 -19.09 16.60 10.36
CA ASP DA 197 -20.17 17.53 10.68
C ASP DA 197 -21.54 16.98 10.30
N LEU DA 198 -21.59 15.93 9.49
CA LEU DA 198 -22.84 15.37 9.02
C LEU DA 198 -23.30 14.15 9.80
N ASP DA 199 -22.37 13.44 10.46
CA ASP DA 199 -22.68 12.26 11.25
C ASP DA 199 -21.47 11.83 12.06
N PRO DA 200 -21.65 11.21 13.23
CA PRO DA 200 -20.49 10.75 14.00
C PRO DA 200 -19.83 9.51 13.42
N PHE DA 201 -20.42 8.88 12.42
CA PHE DA 201 -19.91 7.66 11.82
C PHE DA 201 -19.52 7.92 10.36
N GLY DA 202 -19.12 6.85 9.68
CA GLY DA 202 -18.77 6.93 8.28
C GLY DA 202 -17.31 7.27 8.06
N PRO DA 203 -16.73 6.76 6.97
CA PRO DA 203 -15.33 7.07 6.66
C PRO DA 203 -15.08 8.53 6.36
N ARG DA 204 -16.10 9.29 5.98
CA ARG DA 204 -15.92 10.70 5.69
C ARG DA 204 -15.49 11.46 6.95
N ARG DA 205 -14.64 12.45 6.76
CA ARG DA 205 -14.08 13.21 7.86
C ARG DA 205 -14.12 14.70 7.51
N GLY DA 206 -14.02 15.54 8.54
CA GLY DA 206 -13.96 16.96 8.34
C GLY DA 206 -15.05 17.73 9.05
N GLY DA 207 -14.82 19.03 9.26
CA GLY DA 207 -15.77 19.89 9.92
C GLY DA 207 -16.60 20.69 8.94
N MET DA 208 -17.26 21.72 9.47
CA MET DA 208 -18.08 22.59 8.63
C MET DA 208 -17.22 23.50 7.76
N ILE DA 209 -16.05 23.89 8.24
CA ILE DA 209 -15.21 24.88 7.58
C ILE DA 209 -13.94 24.21 7.11
N VAL DA 210 -13.49 24.56 5.91
CA VAL DA 210 -12.25 24.04 5.36
C VAL DA 210 -11.08 24.82 5.97
N ASP DA 211 -10.11 24.10 6.53
CA ASP DA 211 -8.91 24.70 7.08
C ASP DA 211 -7.79 23.66 7.08
N PRO DA 212 -6.91 23.67 6.06
CA PRO DA 212 -5.82 22.68 6.05
C PRO DA 212 -4.94 22.72 7.28
N LEU DA 213 -4.64 23.91 7.81
CA LEU DA 213 -3.77 24.01 8.97
C LEU DA 213 -4.39 23.34 10.19
N ARG DA 214 -5.69 23.52 10.39
CA ARG DA 214 -6.35 22.89 11.53
C ARG DA 214 -6.53 21.39 11.29
N SER DA 215 -6.62 20.97 10.04
CA SER DA 215 -6.70 19.55 9.71
C SER DA 215 -5.29 18.95 9.60
N GLY DA 216 -5.19 17.74 9.07
CA GLY DA 216 -3.91 17.11 8.86
C GLY DA 216 -3.35 17.49 7.50
N PHE DA 217 -2.46 18.48 7.50
CA PHE DA 217 -1.87 19.02 6.29
C PHE DA 217 -0.40 19.24 6.62
N PRO DA 218 0.53 18.78 5.79
CA PRO DA 218 1.94 18.73 6.19
C PRO DA 218 2.53 20.06 6.63
N ARG DA 219 2.13 21.16 5.99
CA ARG DA 219 2.65 22.50 6.30
C ARG DA 219 4.16 22.45 6.11
N ALA DA 220 4.96 22.92 7.07
CA ALA DA 220 6.41 22.84 6.96
C ALA DA 220 6.89 21.48 7.48
N LEU DA 221 6.50 20.45 6.73
CA LEU DA 221 6.93 19.10 7.07
C LEU DA 221 8.44 18.96 6.94
N ILE DA 222 9.04 18.24 7.87
CA ILE DA 222 10.48 17.97 7.85
C ILE DA 222 10.69 16.50 8.15
N ASP DA 223 11.54 15.85 7.37
CA ASP DA 223 11.87 14.46 7.61
C ASP DA 223 12.66 14.34 8.92
N PRO DA 224 12.35 13.34 9.75
CA PRO DA 224 13.12 13.16 11.00
C PRO DA 224 14.58 12.88 10.77
N SER DA 225 14.97 12.42 9.58
CA SER DA 225 16.35 12.09 9.28
C SER DA 225 17.07 13.20 8.53
N SER DA 226 16.47 14.39 8.42
CA SER DA 226 17.14 15.50 7.78
C SER DA 226 18.39 15.89 8.54
N GLY DA 227 19.46 16.19 7.82
CA GLY DA 227 20.72 16.51 8.44
C GLY DA 227 21.42 15.34 9.07
N LEU DA 228 21.12 14.12 8.62
CA LEU DA 228 21.69 12.90 9.18
C LEU DA 228 22.33 12.07 8.08
N PRO DA 229 23.43 11.38 8.37
CA PRO DA 229 24.05 10.53 7.33
C PRO DA 229 23.23 9.30 6.99
N ASN DA 230 22.33 8.86 7.87
CA ASN DA 230 21.53 7.67 7.63
C ASN DA 230 20.12 7.89 8.16
N ARG DA 231 19.20 7.03 7.73
CA ARG DA 231 17.79 7.19 8.04
C ARG DA 231 17.49 6.61 9.43
N LEU DA 232 16.75 7.37 10.22
CA LEU DA 232 16.32 6.90 11.53
C LEU DA 232 15.34 5.74 11.37
N PRO DA 233 15.30 4.81 12.34
CA PRO DA 233 14.35 3.72 12.25
C PRO DA 233 12.92 4.22 12.34
N PRO DA 234 11.96 3.52 11.73
CA PRO DA 234 10.56 3.94 11.85
C PRO DA 234 10.10 3.91 13.30
N GLY DA 235 9.39 4.97 13.69
CA GLY DA 235 8.94 5.10 15.06
C GLY DA 235 9.99 5.55 16.05
N ALA DA 236 11.14 6.05 15.57
CA ALA DA 236 12.18 6.50 16.48
C ALA DA 236 11.73 7.69 17.31
N VAL DA 237 11.02 8.64 16.68
CA VAL DA 237 10.52 9.83 17.36
C VAL DA 237 9.04 9.60 17.66
N PRO DA 238 8.63 9.48 18.93
CA PRO DA 238 7.21 9.33 19.21
C PRO DA 238 6.44 10.58 18.83
N PRO DA 239 5.20 10.44 18.39
CA PRO DA 239 4.37 11.62 18.10
C PRO DA 239 4.16 12.46 19.36
N GLY DA 240 4.23 13.78 19.19
CA GLY DA 240 4.02 14.71 20.27
C GLY DA 240 5.26 15.01 21.09
N ALA DA 241 6.32 14.21 20.96
CA ALA DA 241 7.55 14.47 21.69
C ALA DA 241 8.27 15.69 21.11
N ARG DA 242 8.90 16.47 21.98
CA ARG DA 242 9.67 17.61 21.52
C ARG DA 242 10.87 17.11 20.71
N PHE DA 243 11.01 17.61 19.49
CA PHE DA 243 12.04 17.15 18.59
C PHE DA 243 12.67 18.33 17.88
N ASP DA 244 14.00 18.30 17.77
CA ASP DA 244 14.73 19.32 17.05
C ASP DA 244 15.31 18.71 15.78
N PRO DA 245 15.02 19.24 14.59
CA PRO DA 245 15.61 18.68 13.38
C PRO DA 245 17.14 18.72 13.43
N PHE DA 246 17.76 17.66 12.93
CA PHE DA 246 19.22 17.60 12.90
C PHE DA 246 19.77 18.57 11.85
N GLY DA 247 19.00 18.85 10.82
CA GLY DA 247 19.38 19.80 9.80
C GLY DA 247 18.15 20.39 9.13
N PRO DA 248 18.37 21.34 8.22
CA PRO DA 248 17.24 21.93 7.50
C PRO DA 248 16.65 20.96 6.49
N ILE DA 249 15.52 21.37 5.91
CA ILE DA 249 14.85 20.54 4.91
C ILE DA 249 15.76 20.33 3.71
N GLY DA 250 15.71 19.14 3.12
CA GLY DA 250 16.52 18.81 1.98
C GLY DA 250 17.84 18.16 2.29
N THR DA 251 18.19 18.01 3.57
CA THR DA 251 19.43 17.38 3.98
C THR DA 251 19.24 15.92 4.38
N SER DA 252 18.10 15.33 4.09
CA SER DA 252 17.86 13.94 4.42
C SER DA 252 18.67 13.02 3.49
N PRO DA 253 19.15 11.89 4.02
CA PRO DA 253 19.95 10.94 3.22
C PRO DA 253 19.09 10.08 2.29
#